data_7W8G
#
_entry.id   7W8G
#
_cell.length_a   1.00
_cell.length_b   1.00
_cell.length_c   1.00
_cell.angle_alpha   90.00
_cell.angle_beta   90.00
_cell.angle_gamma   90.00
#
_symmetry.space_group_name_H-M   'P 1'
#
loop_
_entity.id
_entity.type
_entity.pdbx_description
1 polymer 'DNA replication licensing factor MCM2'
2 polymer 'DNA replication licensing factor MCM3'
3 polymer 'DNA replication licensing factor MCM4'
4 polymer 'Minichromosome maintenance protein 5'
5 polymer 'DNA replication licensing factor MCM6'
6 polymer 'DNA replication licensing factor MCM7'
7 non-polymer 'PHOSPHOTHIOPHOSPHORIC ACID-ADENYLATE ESTER'
8 non-polymer 'MAGNESIUM ION'
9 non-polymer 'ZINC ION'
10 non-polymer "ADENOSINE-5'-DIPHOSPHATE"
#
loop_
_entity_poly.entity_id
_entity_poly.type
_entity_poly.pdbx_seq_one_letter_code
_entity_poly.pdbx_strand_id
1 'polypeptide(L)'
;MSDNRRRRREEDDSDSENELPPSSPQQHFRGGMNPVSSPIGSPDMINPEGDDNEVDDVPDIDEVEEQMNEVDLMDDNMYE
DYAADHNRDRYDPDQVDDREQQELSLSERRRIDAQLNERDRLLRNVAYIDDEDEEQEGAAQLDEMGLPVQRRRRRRQYED
LENSDDDLLSDMDIDPLREELTLESLSNVKANSYSEWITQPNVSRTIARELKSFLLEYTDETGRSVYGARIRTLGEMNSE
SLEVNYRHLAESKAILALFLAKCPEEMLKIFDLVAMEATELHYPDYARIHSEIHVRISDFPTIYSLRELRESNLSSLVRV
TGVVTRRTGVFPQLKYVKFNCLKCGSILGPFFQDSNEEIRISFCTNCKSKGPFRVNGEKTVYRNYQRVTLQEAPGTVPPG
RLPRHREVILLADLVDVSKPGEEVEVTGIYKNNYDGNLNAKNGFPVFATIIEANSIKRREGNTANEGEEGLDVFSWTEEE
EREFRKISRDRGIIDKIISSMAPSIYGHRDIKTAVACSLFGGVPKNVNGKHSIRGDINVLLLGDPGTAKSQILKYVEKTA
HRAVFATGQGASAVGLTASVRKDPITKEWTLEGGALVLADKGVCLIDEFDKMNDQDRTSIHEAMEQQSISISKAGIVTTL
QARCSIIAAANPNGGRYNSTLPLAQNVSLTEPILSRFDILCVVRDLVDEEADERLATFVVDSHVRSHPENDEDREGEELK
NNGESAIEQGEDEINEQLNARQRRLQRQRKKEEEISPIPQELLMKYIHYARTKIYPKLHQMDMDKVSRVYADLRRESIST
GSFPITVRHLESILRIAESFAKMRLSEFVSSYDLDRAIKVVVDSFVDAQKVSVRRQLRRSFAIYTLGH
;
2,B
2 'polypeptide(L)'
;MEGSTGFDGDATTFFAPDAVFGDRVRRFQEFLDTFTSYRDSVRSIQVYNSNNAANYNDDQDDADERDLLGDDDGDDLEKE
KKAASSTSLNILPHRIIISLDDLREFDRSFWSGILVEPAYFIPPAEKALTDLADSMDDVPHPNASAVSSRHPWKLSFKGS
FGAHALSPRTLTAQHLNKLVSVEGIVTKTSLVRPKLIRSVHYAAKTGRFHYRDYTDATTTLTTRIPTPAIYPTEDTEGNK
LTTEYGYSTFIDHQRITVQEMPEMAPAGQLPRSIDVILDDDLVDKTKPGDRVNVVGVFKSLGAGGMNQSNSNTLIGFKTL
ILGNTVYPLHARSTGVAARQMLTDFDIRNINKLSKKKDIFDILSQSLAPSIYGHDHIKKAILLMLMGGVEKNLENGSHLR
GDINILMVGDPSTAKSQLLRFVLNTASLAIATTGRGSSGVGLTAAVTTDRETGERRLEAGAMVLADRGVVCIDEFDKMTD
VDRVAIHEVMEQQTVTIAKAGIHTTLNARCSVIAAANPVFGQYDVNRDPHQNIALPDSLLSRFDLLFVVTDDINEIRDRS
ISEHVLRTHRYLPPGYLEGEPVRERLNLSLAVGEDADINPEEHSNSGAGVENEGEDDEDHVFEKFNPLLQAGAKLAKNKG
NYNGTEIPKLVTIPFLRKYVQYAKERVIPQLTQEAINVIVKNYTDLRNDDNTKKSPITARTLETLIRLATAHAKVRLSKT
VNKVDAKVAANLLRFALLGEDIGNDIDEEESEYEEALSKRSPQKSPKKRQRVRQPASNSGSPIKSTPRRSTASSVNATPS
SARRILRFQDDEQNAGEDDNDIMSPLPADEEAELQRRLQLGLRVSPRRREHLHAPEEGSSGPLTEVGTPRLPNVSSAGQD
DEQQQSVISFDNVEPGTISTGRLSLISGIIARLMQTEIFEEESYPVASLFERINEELPEEEKFSAQEYLAGLKIMSDRNN
LMVADDKVWRV
;
3,C
3 'polypeptide(L)'
;MSQQSSSPTKEDNNSSSPVVPNPDSVPPQLSSPALFYSSSSSQGDIYGRNNSQNLSQGEGNIRAAIGSSPLNFPSSSQRQ
NSDVFQSQGRQGRIRSSASASGRSRYHSDLRSDRALPTSSSSLGRNGQNRVHMRRNDIHTSDLSSPRRIVDFDTRSGVNT
LDTSSSSAPPSEASEPLRIIWGTNVSIQECTTNFRNFLMSFKYKFRKILDEREEFINNTTDEELYYIKQLNEMRELGTSN
LNLDARNLLAYKQTEDLYHQLLNYPQEVISIMDQTIKDCMVSLIVDNNLDYDLDEIETKFYKVRPYNVGSCKGMRELNPN
DIDKLINLKGLVLRSTPVIPDMKVAFFKCNVCDHTMAVEIDRGVIQEPARCERIDCNEPNSMSLIHNRCSFADKQVIKLQ
ETPDFVPDGQTPHSISLCVYDELVDSCRAGDRIEVTGTFRSIPIRANSRQRVLKSLYKTYVDVVHVKKVSDKRLDVDTST
IEQELMQNKVDHNEVEEVRQITDQDLAKIREVAAREDLYSLLARSIAPSIYELEDVKKGILLQLFGGTNKTFTKGGRYRG
DINILLCGDPSTSKSQILQYVHKITPRGVYTSGKGSSAVGLTAYITRDVDTKQLVLESGALVLSDGGVCCIDEFDKMSDS
TRSVLHEVMEQQTISIAKAGIITTLNARSSILASANPIGSRYNPNLPVTENIDLPPPLLSRFDLVYLVLDKVDEKNDREL
AKHLTNLYLEDKPEHISQDDVLPVEFLTMYISYAKEHIHPIITEAAKTELVRAYVGMRKMGDDSRSDEKRITATTRQLES
MIRLAEAHAKMKLKNVVELEDVQEAVRLIRSAIKDYATDPKTGKIDMNLVQTGKSVIQRKLQEDLSREIMNVLKDQASDS
MSFNELIKQINEHSQDRVESSDIQEALSRLQQEDKVIVLGEGVRRSVRLNNRV
;
4,D
4 'polypeptide(L)'
;MSFDRPEIYSAPVLQGESPNDDDNTEIIKSFKNFILEFRLDSQFIYRDQLRNNILVKNYSLTVNMEHLIGYNEDIYKKLS
DEPSDIIPLFETAITQVAKRISILSRAQSANNNDKDPENTSMDTDSLLLNSLPTFQLILNSNANQIPLRDLDSEHVSKIV
RLSGIIISTSVLSSRATYLSIMCRNCRHTTSITINNFNSITGNTVSLPRSCLSTIESESSMANESNIGDESTKKNCGPDP
YIIIHESSKFIDQQFLKLQEIPELVPVGEMPRNLTMTCDRYLTNKVIPGTRVTIVGIYSIYNSKNGAGSGRSGGGNGGSG
VAIRTPYIKILGIQSDVETSSIWNSVTMFTEEEEEEFLQLSRNPKLYEILTNSIAPSIFGNEDIKKAIVCLLMGGSKKIL
PDGMRLRGDINVLLLGDPGTAKSQLLKFVEKVSPIAVYTSGKGSSAAGLTASVQRDPMTREFYLEGGAMVLADGGVVCID
EFDKMRDEDRVAIHEAMEQQTISIAKAGITTVLNSRTSVLAAANPIYGRYDDLKSPGDNIDFQTTILSRFDMIFIVKDDH
NEERDISIANHVINIHTGNANAMQNQQEENGSEISIEKMKRYITYCRLKCAPRLSPQAAEKLSSNFVTIRKQLLINELES
TERSSIPITIRQLEAIIRITESLAKLELSPIAQERHVDEAIRLFQASTMDAASQDPIGGLNQASGTSLSEIRRFEQELKR
RLPIGWSTSYQTLRREFVDTHRFSQLALDKALYALEKHETIQLRHQGQNIYRSGV
;
5,E
5 'polypeptide(L)'
;MSSPFPADTPSSNRPSNSSPPPSSIGAGFGSSSGLDSQIGSRLHFPSSSQPHVSNSQTGPFVNDSTQFSSQRLQTDGSAT
NDMEGNEPARSFKSRALNHVKKVDDVTGEKVREAFEQFLEDFSVQSTDTGEVEKVYRAQIEFMKIYDLNTIYIDYQHLSM
RENGALAMAISEQYYRFLPFLQKGLRRVVRKYAPELLNTSDSLKRSEGDEGQADEDEQQDDDMNGSSLPRDSGSSAAPGN
GTSAMATRSITTSTSPEQTERVFQISFFNLPTVHRIRDIRSEKIGSLLSISGTVTRTSEVRPELYKASFTCDMCRAIVDN
VEQSFKYTEPTFCPNPSCENRAFWTLNVTRSRFLDWQKVRIQENANEIPTGSMPRTLDVILRGDSVERAKPGDRCKFTGV
EIVVPDVTQLGLPGVKPSSTLDTRGISKTTEGLNSGVTGLRSLGVRDLTYKISFLACHVISIGSNIGASSPDANSNNRET
ELQMAANLQANNVYQDNERDQEVFLNSLSSDEINELKEMVKDEHIYDKLVRSIAPAVFGHEAVKKGILLQMLGGVHKSTV
EGIKLRGDINICVVGDPSTSKSQFLKYVVGFAPRSVYTSGKASSAAGLTAAVVRDEEGGDYTIEAGALMLADNGICCIDE
FDKMDISDQVAIHEAMEQQTISIAKAGIHATLNARTSILAAANPVGGRYNRKLSLRGNLNMTAPIMSRFDLFFVILDDCN
EKIDTELASHIVDLHMKRDEAIEPPFSAEQLRRYIKYARTFKPILTKEARSYLVEKYKELRKDDAQGFSRSSYRITVRQL
ESMIRLSEAIARANCVDEITPSFIAEAYDLLRQSIIRVDVDDVEMDEEFDNIESQSHAASGNNDDNDDGTGSGVITSEPP
ADIEEGQSEATARPGTSEKKKTTVTYDKYVSMMNMIVRKIAEVDREGAEELTAVDIVDWYLLQKENDLGSLAEYWEERRL
AFKVIKRLVKDRILMEIHGTRHNLRDLENEENENNKTVYVIHPNCEVLDQLEPQDSS
;
6,F
6 'polypeptide(L)'
;MSAALPSIQLPVDYNNLFNEITDFLVTFKQDTLSSDATRNENEDENLDAENIEQHLLEKGPKYMAMLQKVANRELNSVII
DLDDILQYQNEKFLQGTQADDLVSAIQQNANHFTELFCRAIDNNMPLPTKEIDYKDDVLDVILNQRRLRNERMLSDRTNE
IRSENLMDTTMDPPSSMNDALREVVEDETELFPPNLTRRYFLYFKPLSQNCARRYRKKAISSKPLSVRQIKGDFLGQLIT
VRGIITRVSDVKPAVEVIAYTCDQCGYEVFQEVNSRTFTPLSECTSEECSQNQTKGQLFMSTRASKFSAFQECKIQELSQ
QVPVGHIPRSLNIHVNGTLVRSLSPGDIVDVTGIFLPAPYTGFKALKAGLLTETYLEAQFVRQHKKKFASFSLTSDVEER
VMELITSGDVYNRLAKSIAPEIYGNLDVKKALLLLLVGGVDKRVGDGMKIRGDINVCLMGDPGVAKSQLLKAICKISPRG
VYTTGKGSSGVGLTAAVMKDPVTDEMILEGGALVLADNGICCIDEFDKMDESDRTAIHEVMEQQTISISKAGINTTLNAR
TSILAAANPLYGRYNPRLSPLDNINLPAALLSRFDILFLMLDIPSRDDDEKLAEHVTYVHMHNKQPDLDFTPVEPSKMRE
YIAYAKTKRPVMSEAVNDYVVQAYIRLRQDSKREMDSKFSFGQATPRTLLGIIRLSQALAKLRLADMVDIDDVEEALRLV
RVSKESLYQETNKSKEDESPTTKIFTIIKKMLQETGKNTLSYENIVKTVRLRGFTMLQLSNCIQEYSYLNVWHLINEGNT
LKFVDDGTMDTDQEDSLVSTPKLAPQTTASANVSAQDSDIDLQDA
;
7,G
#
# COMPACT_ATOMS: atom_id res chain seq x y z
N LEU A 181 -52.16 22.01 -16.10
CA LEU A 181 -52.49 23.29 -15.48
C LEU A 181 -52.87 24.33 -16.52
N THR A 182 -52.91 25.59 -16.11
CA THR A 182 -53.27 26.70 -16.99
C THR A 182 -52.21 27.79 -16.90
N LEU A 183 -52.31 28.75 -17.83
CA LEU A 183 -51.36 29.86 -17.86
C LEU A 183 -51.50 30.74 -16.62
N GLU A 184 -52.74 30.99 -16.19
CA GLU A 184 -52.97 31.80 -14.99
C GLU A 184 -52.46 31.08 -13.75
N SER A 185 -52.61 29.75 -13.71
CA SER A 185 -52.04 28.98 -12.61
C SER A 185 -50.52 28.92 -12.71
N LEU A 186 -49.98 29.03 -13.93
CA LEU A 186 -48.54 29.10 -14.10
C LEU A 186 -47.99 30.43 -13.58
N SER A 187 -48.77 31.50 -13.71
CA SER A 187 -48.36 32.80 -13.20
C SER A 187 -48.23 32.79 -11.69
N ASN A 188 -49.19 32.18 -10.99
CA ASN A 188 -49.07 32.00 -9.55
C ASN A 188 -48.01 30.95 -9.25
N VAL A 189 -47.22 31.20 -8.21
CA VAL A 189 -46.06 30.38 -7.90
C VAL A 189 -46.20 29.87 -6.47
N LYS A 190 -45.91 28.59 -6.26
CA LYS A 190 -45.98 28.01 -4.93
C LYS A 190 -44.60 27.84 -4.32
N ALA A 191 -43.59 27.63 -5.15
CA ALA A 191 -42.23 27.41 -4.66
C ALA A 191 -41.59 28.70 -4.19
N ASN A 192 -40.40 28.57 -3.60
CA ASN A 192 -39.72 29.73 -3.03
C ASN A 192 -39.22 30.68 -4.11
N SER A 193 -38.63 30.13 -5.17
CA SER A 193 -38.11 30.93 -6.28
C SER A 193 -38.61 30.34 -7.59
N TYR A 194 -38.41 31.11 -8.67
CA TYR A 194 -38.95 30.72 -9.96
C TYR A 194 -38.25 29.49 -10.52
N SER A 195 -36.96 29.33 -10.19
CA SER A 195 -36.22 28.16 -10.65
C SER A 195 -36.78 26.87 -10.06
N GLU A 196 -37.01 26.84 -8.74
CA GLU A 196 -37.61 25.66 -8.13
C GLU A 196 -39.06 25.49 -8.56
N TRP A 197 -39.73 26.59 -8.92
CA TRP A 197 -41.10 26.50 -9.44
C TRP A 197 -41.13 25.77 -10.79
N ILE A 198 -40.27 26.19 -11.73
CA ILE A 198 -40.23 25.53 -13.03
C ILE A 198 -39.67 24.11 -12.89
N THR A 199 -38.83 23.89 -11.88
CA THR A 199 -38.23 22.58 -11.62
C THR A 199 -39.27 21.51 -11.27
N GLN A 200 -40.42 21.92 -10.69
CA GLN A 200 -41.45 20.95 -10.32
C GLN A 200 -41.97 20.21 -11.54
N PRO A 201 -42.23 18.90 -11.42
CA PRO A 201 -42.54 18.09 -12.63
C PRO A 201 -43.85 18.45 -13.29
N ASN A 202 -44.90 18.71 -12.51
CA ASN A 202 -46.18 19.13 -13.10
C ASN A 202 -46.04 20.47 -13.79
N VAL A 203 -45.34 21.42 -13.17
CA VAL A 203 -45.11 22.72 -13.77
C VAL A 203 -44.25 22.59 -15.02
N SER A 204 -43.25 21.71 -14.99
CA SER A 204 -42.38 21.51 -16.14
C SER A 204 -43.15 20.91 -17.32
N ARG A 205 -43.99 19.91 -17.07
CA ARG A 205 -44.73 19.32 -18.18
C ARG A 205 -45.83 20.26 -18.67
N THR A 206 -46.38 21.09 -17.79
CA THR A 206 -47.33 22.12 -18.22
C THR A 206 -46.64 23.13 -19.13
N ILE A 207 -45.43 23.57 -18.76
CA ILE A 207 -44.67 24.51 -19.57
C ILE A 207 -44.32 23.88 -20.92
N ALA A 208 -43.92 22.60 -20.91
CA ALA A 208 -43.60 21.91 -22.16
C ALA A 208 -44.81 21.80 -23.07
N ARG A 209 -45.97 21.46 -22.51
CA ARG A 209 -47.20 21.38 -23.29
C ARG A 209 -47.58 22.73 -23.88
N GLU A 210 -47.50 23.79 -23.07
CA GLU A 210 -47.88 25.12 -23.55
C GLU A 210 -46.89 25.62 -24.59
N LEU A 211 -45.61 25.30 -24.45
CA LEU A 211 -44.61 25.70 -25.43
C LEU A 211 -44.78 24.92 -26.74
N LYS A 212 -45.13 23.64 -26.65
CA LYS A 212 -45.43 22.88 -27.87
C LYS A 212 -46.65 23.45 -28.58
N SER A 213 -47.68 23.80 -27.82
CA SER A 213 -48.86 24.43 -28.41
C SER A 213 -48.50 25.75 -29.08
N PHE A 214 -47.70 26.58 -28.39
CA PHE A 214 -47.31 27.87 -28.95
C PHE A 214 -46.47 27.72 -30.19
N LEU A 215 -45.58 26.73 -30.21
CA LEU A 215 -44.75 26.50 -31.39
C LEU A 215 -45.59 26.01 -32.57
N LEU A 216 -46.65 25.25 -32.27
CA LEU A 216 -47.46 24.69 -33.35
C LEU A 216 -48.43 25.72 -33.93
N GLU A 217 -49.12 26.49 -33.09
CA GLU A 217 -50.30 27.20 -33.56
C GLU A 217 -50.02 28.65 -33.91
N TYR A 218 -48.83 29.16 -33.58
CA TYR A 218 -48.60 30.60 -33.67
C TYR A 218 -48.63 31.09 -35.12
N THR A 219 -49.38 32.16 -35.35
CA THR A 219 -49.47 32.84 -36.63
C THR A 219 -49.48 34.34 -36.40
N ASP A 220 -49.15 35.10 -37.44
CA ASP A 220 -49.24 36.55 -37.42
C ASP A 220 -50.52 37.07 -38.04
N GLU A 221 -51.59 36.27 -38.02
CA GLU A 221 -52.88 36.57 -38.64
C GLU A 221 -52.77 36.84 -40.14
N THR A 222 -51.78 36.23 -40.80
CA THR A 222 -51.62 36.33 -42.24
C THR A 222 -51.90 35.01 -42.95
N GLY A 223 -52.43 34.02 -42.24
CA GLY A 223 -52.66 32.71 -42.82
C GLY A 223 -51.44 31.83 -42.90
N ARG A 224 -50.32 32.25 -42.31
CA ARG A 224 -49.08 31.51 -42.36
C ARG A 224 -48.50 31.37 -40.96
N SER A 225 -47.99 30.18 -40.67
CA SER A 225 -47.27 29.92 -39.43
C SER A 225 -45.78 30.08 -39.71
N VAL A 226 -45.14 31.02 -39.02
CA VAL A 226 -43.73 31.27 -39.25
C VAL A 226 -42.87 30.14 -38.69
N TYR A 227 -43.30 29.54 -37.57
CA TYR A 227 -42.47 28.55 -36.90
C TYR A 227 -42.50 27.21 -37.62
N GLY A 228 -43.64 26.86 -38.23
CA GLY A 228 -43.67 25.68 -39.06
C GLY A 228 -42.75 25.79 -40.26
N ALA A 229 -42.73 26.98 -40.90
CA ALA A 229 -41.82 27.22 -42.00
C ALA A 229 -40.37 27.18 -41.54
N ARG A 230 -40.08 27.73 -40.36
CA ARG A 230 -38.71 27.69 -39.83
C ARG A 230 -38.27 26.26 -39.54
N ILE A 231 -39.17 25.45 -38.97
CA ILE A 231 -38.85 24.05 -38.70
C ILE A 231 -38.61 23.29 -40.00
N ARG A 232 -39.44 23.53 -41.02
CA ARG A 232 -39.24 22.88 -42.32
C ARG A 232 -37.92 23.30 -42.95
N THR A 233 -37.57 24.59 -42.87
CA THR A 233 -36.32 25.04 -43.46
C THR A 233 -35.11 24.45 -42.75
N LEU A 234 -35.13 24.43 -41.40
CA LEU A 234 -33.97 23.88 -40.68
C LEU A 234 -33.87 22.37 -40.89
N GLY A 235 -35.01 21.70 -41.07
CA GLY A 235 -34.97 20.29 -41.42
C GLY A 235 -34.41 20.04 -42.80
N GLU A 236 -34.75 20.92 -43.76
CA GLU A 236 -34.28 20.70 -45.12
C GLU A 236 -32.81 21.09 -45.29
N MET A 237 -32.31 22.01 -44.46
CA MET A 237 -30.90 22.38 -44.57
C MET A 237 -30.01 21.68 -43.55
N ASN A 238 -30.57 20.75 -42.77
CA ASN A 238 -29.85 19.96 -41.77
C ASN A 238 -29.15 20.86 -40.75
N SER A 239 -29.96 21.60 -40.02
CA SER A 239 -29.48 22.53 -39.01
C SER A 239 -30.00 22.13 -37.63
N GLU A 240 -29.20 22.43 -36.61
CA GLU A 240 -29.57 22.18 -35.23
C GLU A 240 -30.01 23.44 -34.51
N SER A 241 -30.29 24.52 -35.23
CA SER A 241 -30.66 25.79 -34.64
C SER A 241 -32.07 26.19 -35.08
N LEU A 242 -32.91 26.55 -34.12
CA LEU A 242 -34.23 27.10 -34.39
C LEU A 242 -34.29 28.52 -33.83
N GLU A 243 -34.42 29.50 -34.71
CA GLU A 243 -34.45 30.89 -34.31
C GLU A 243 -35.88 31.27 -33.92
N VAL A 244 -36.08 31.60 -32.64
CA VAL A 244 -37.39 31.89 -32.09
C VAL A 244 -37.41 33.34 -31.65
N ASN A 245 -38.36 34.11 -32.19
CA ASN A 245 -38.50 35.51 -31.80
C ASN A 245 -39.06 35.64 -30.40
N TYR A 246 -38.52 36.60 -29.64
CA TYR A 246 -39.00 36.80 -28.27
C TYR A 246 -40.33 37.54 -28.23
N ARG A 247 -40.58 38.45 -29.18
CA ARG A 247 -41.82 39.21 -29.19
C ARG A 247 -43.02 38.29 -29.42
N HIS A 248 -42.85 37.30 -30.29
CA HIS A 248 -43.94 36.35 -30.58
C HIS A 248 -44.31 35.56 -29.33
N LEU A 249 -43.32 35.11 -28.57
CA LEU A 249 -43.61 34.39 -27.34
C LEU A 249 -44.16 35.31 -26.27
N ALA A 250 -43.74 36.59 -26.29
CA ALA A 250 -44.19 37.54 -25.28
C ALA A 250 -45.65 37.92 -25.48
N GLU A 251 -46.07 38.12 -26.72
CA GLU A 251 -47.45 38.57 -26.96
C GLU A 251 -48.45 37.43 -26.73
N SER A 252 -48.03 36.19 -26.99
CA SER A 252 -48.95 35.07 -26.83
C SER A 252 -48.93 34.51 -25.42
N LYS A 253 -47.74 34.16 -24.92
CA LYS A 253 -47.58 33.54 -23.59
C LYS A 253 -46.61 34.41 -22.79
N ALA A 254 -47.15 35.42 -22.13
CA ALA A 254 -46.32 36.40 -21.44
C ALA A 254 -45.61 35.79 -20.23
N ILE A 255 -46.28 34.87 -19.53
CA ILE A 255 -45.67 34.26 -18.35
C ILE A 255 -44.50 33.37 -18.76
N LEU A 256 -44.61 32.71 -19.92
CA LEU A 256 -43.50 31.90 -20.42
C LEU A 256 -42.33 32.77 -20.85
N ALA A 257 -42.63 33.95 -21.41
CA ALA A 257 -41.57 34.90 -21.76
C ALA A 257 -40.86 35.42 -20.51
N LEU A 258 -41.63 35.70 -19.45
CA LEU A 258 -41.04 36.11 -18.18
C LEU A 258 -40.17 35.00 -17.59
N PHE A 259 -40.64 33.75 -17.67
CA PHE A 259 -39.87 32.62 -17.16
C PHE A 259 -38.58 32.44 -17.96
N LEU A 260 -38.65 32.64 -19.27
CA LEU A 260 -37.46 32.55 -20.11
C LEU A 260 -36.49 33.69 -19.81
N ALA A 261 -37.02 34.87 -19.52
CA ALA A 261 -36.14 36.01 -19.22
C ALA A 261 -35.44 35.84 -17.89
N LYS A 262 -36.16 35.37 -16.86
CA LYS A 262 -35.58 35.39 -15.52
C LYS A 262 -34.82 34.11 -15.21
N CYS A 263 -35.29 32.97 -15.68
CA CYS A 263 -34.63 31.68 -15.44
C CYS A 263 -34.44 30.98 -16.78
N PRO A 264 -33.41 31.38 -17.54
CA PRO A 264 -33.34 30.95 -18.94
C PRO A 264 -32.77 29.56 -19.16
N GLU A 265 -32.01 29.03 -18.21
CA GLU A 265 -31.27 27.78 -18.46
C GLU A 265 -32.22 26.59 -18.58
N GLU A 266 -32.98 26.32 -17.53
CA GLU A 266 -33.91 25.19 -17.56
C GLU A 266 -35.08 25.44 -18.51
N MET A 267 -35.48 26.71 -18.67
CA MET A 267 -36.52 27.03 -19.65
C MET A 267 -36.05 26.73 -21.07
N LEU A 268 -34.79 27.08 -21.38
CA LEU A 268 -34.24 26.79 -22.70
C LEU A 268 -34.05 25.29 -22.90
N LYS A 269 -33.69 24.57 -21.83
CA LYS A 269 -33.60 23.11 -21.92
C LYS A 269 -34.96 22.48 -22.25
N ILE A 270 -36.00 22.94 -21.55
CA ILE A 270 -37.36 22.43 -21.78
C ILE A 270 -37.80 22.75 -23.21
N PHE A 271 -37.57 23.98 -23.65
CA PHE A 271 -38.08 24.35 -24.97
C PHE A 271 -37.19 23.78 -26.09
N ASP A 272 -35.95 23.42 -25.77
CA ASP A 272 -35.13 22.64 -26.69
C ASP A 272 -35.70 21.25 -26.88
N LEU A 273 -36.14 20.61 -25.79
CA LEU A 273 -36.82 19.32 -25.91
C LEU A 273 -38.12 19.47 -26.71
N VAL A 274 -38.85 20.58 -26.48
CA VAL A 274 -40.09 20.84 -27.21
C VAL A 274 -39.82 20.99 -28.70
N ALA A 275 -38.79 21.77 -29.07
CA ALA A 275 -38.47 21.96 -30.48
C ALA A 275 -37.94 20.69 -31.10
N MET A 276 -37.25 19.86 -30.32
CA MET A 276 -36.80 18.57 -30.82
C MET A 276 -37.97 17.67 -31.14
N GLU A 277 -39.00 17.66 -30.28
CA GLU A 277 -40.21 16.89 -30.57
C GLU A 277 -40.93 17.44 -31.80
N ALA A 278 -40.99 18.78 -31.92
CA ALA A 278 -41.66 19.39 -33.07
C ALA A 278 -40.94 19.05 -34.37
N THR A 279 -39.61 19.00 -34.35
CA THR A 279 -38.86 18.59 -35.52
C THR A 279 -39.02 17.09 -35.78
N GLU A 280 -39.17 16.30 -34.71
CA GLU A 280 -39.38 14.87 -34.85
C GLU A 280 -40.70 14.55 -35.55
N LEU A 281 -41.75 15.32 -35.25
CA LEU A 281 -43.02 15.16 -35.96
C LEU A 281 -42.88 15.44 -37.45
N HIS A 282 -42.12 16.47 -37.81
CA HIS A 282 -41.90 16.76 -39.23
C HIS A 282 -41.02 15.71 -39.89
N TYR A 283 -39.90 15.37 -39.27
CA TYR A 283 -38.95 14.41 -39.82
C TYR A 283 -38.70 13.31 -38.78
N PRO A 284 -39.07 12.06 -39.06
CA PRO A 284 -38.90 11.01 -38.05
C PRO A 284 -37.46 10.57 -37.84
N ASP A 285 -36.65 10.55 -38.89
CA ASP A 285 -35.27 10.10 -38.81
C ASP A 285 -34.28 11.22 -38.53
N TYR A 286 -34.78 12.42 -38.23
CA TYR A 286 -33.90 13.54 -37.88
C TYR A 286 -33.22 13.30 -36.54
N ALA A 287 -33.86 12.52 -35.66
CA ALA A 287 -33.34 12.30 -34.32
C ALA A 287 -32.05 11.49 -34.33
N ARG A 288 -31.98 10.46 -35.17
CA ARG A 288 -30.76 9.66 -35.23
C ARG A 288 -29.63 10.44 -35.91
N ILE A 289 -29.98 11.40 -36.75
CA ILE A 289 -28.97 12.17 -37.46
C ILE A 289 -28.37 13.25 -36.56
N HIS A 290 -29.20 14.00 -35.86
CA HIS A 290 -28.74 15.15 -35.07
C HIS A 290 -28.88 14.98 -33.57
N SER A 291 -30.05 14.59 -33.07
CA SER A 291 -30.38 14.31 -31.66
C SER A 291 -30.23 15.54 -30.77
N GLU A 292 -30.17 16.75 -31.30
CA GLU A 292 -30.09 17.96 -30.49
C GLU A 292 -30.57 19.14 -31.31
N ILE A 293 -31.41 19.97 -30.70
CA ILE A 293 -31.91 21.20 -31.32
C ILE A 293 -31.68 22.34 -30.34
N HIS A 294 -30.98 23.37 -30.78
CA HIS A 294 -30.69 24.54 -29.96
C HIS A 294 -31.59 25.68 -30.41
N VAL A 295 -32.31 26.27 -29.45
CA VAL A 295 -33.22 27.38 -29.75
C VAL A 295 -32.48 28.69 -29.52
N ARG A 296 -32.49 29.55 -30.54
CA ARG A 296 -31.83 30.84 -30.49
C ARG A 296 -32.89 31.92 -30.30
N ILE A 297 -32.91 32.53 -29.12
CA ILE A 297 -33.85 33.60 -28.85
C ILE A 297 -33.40 34.86 -29.57
N SER A 298 -34.32 35.47 -30.33
CA SER A 298 -34.02 36.66 -31.10
C SER A 298 -34.89 37.81 -30.62
N ASP A 299 -34.35 39.02 -30.80
CA ASP A 299 -35.02 40.28 -30.50
C ASP A 299 -35.46 40.38 -29.04
N PHE A 300 -34.51 40.14 -28.14
CA PHE A 300 -34.75 40.40 -26.74
C PHE A 300 -34.86 41.91 -26.53
N PRO A 301 -35.86 42.39 -25.79
CA PRO A 301 -36.15 43.84 -25.83
C PRO A 301 -35.13 44.70 -25.11
N THR A 302 -34.75 44.34 -23.89
CA THR A 302 -33.84 45.17 -23.11
C THR A 302 -32.40 44.96 -23.57
N ILE A 303 -31.67 46.06 -23.72
CA ILE A 303 -30.29 46.03 -24.16
C ILE A 303 -29.43 46.66 -23.08
N TYR A 304 -28.47 45.90 -22.57
CA TYR A 304 -27.57 46.34 -21.53
C TYR A 304 -26.21 46.63 -22.14
N SER A 305 -25.50 47.60 -21.56
CA SER A 305 -24.09 47.74 -21.89
C SER A 305 -23.26 46.87 -20.94
N LEU A 306 -21.98 46.72 -21.27
CA LEU A 306 -21.12 45.87 -20.46
C LEU A 306 -20.80 46.52 -19.12
N ARG A 307 -20.90 47.85 -19.04
CA ARG A 307 -20.54 48.54 -17.81
C ARG A 307 -21.65 48.53 -16.79
N GLU A 308 -22.88 48.20 -17.19
CA GLU A 308 -24.02 48.25 -16.29
C GLU A 308 -24.50 46.87 -15.85
N LEU A 309 -23.71 45.83 -16.04
CA LEU A 309 -24.07 44.51 -15.54
C LEU A 309 -23.82 44.42 -14.04
N ARG A 310 -24.81 43.90 -13.31
CA ARG A 310 -24.74 43.78 -11.86
C ARG A 310 -25.08 42.34 -11.47
N GLU A 311 -25.18 42.07 -10.16
CA GLU A 311 -25.43 40.70 -9.74
C GLU A 311 -26.89 40.32 -9.90
N SER A 312 -27.77 41.32 -10.08
CA SER A 312 -29.17 41.04 -10.32
C SER A 312 -29.37 40.38 -11.68
N ASN A 313 -28.44 40.62 -12.61
CA ASN A 313 -28.50 40.01 -13.92
C ASN A 313 -27.96 38.58 -13.91
N LEU A 314 -27.40 38.12 -12.79
CA LEU A 314 -26.80 36.80 -12.74
C LEU A 314 -27.87 35.72 -12.87
N SER A 315 -27.54 34.67 -13.63
CA SER A 315 -28.44 33.55 -13.94
C SER A 315 -29.71 34.05 -14.63
N SER A 316 -29.57 35.07 -15.47
CA SER A 316 -30.69 35.63 -16.20
C SER A 316 -30.25 35.94 -17.62
N LEU A 317 -31.24 36.18 -18.48
CA LEU A 317 -30.97 36.44 -19.88
C LEU A 317 -30.68 37.92 -20.08
N VAL A 318 -29.60 38.21 -20.82
CA VAL A 318 -29.12 39.56 -21.02
C VAL A 318 -28.72 39.71 -22.48
N ARG A 319 -28.99 40.87 -23.05
CA ARG A 319 -28.59 41.22 -24.41
C ARG A 319 -27.62 42.39 -24.32
N VAL A 320 -26.38 42.18 -24.74
CA VAL A 320 -25.36 43.22 -24.66
C VAL A 320 -24.70 43.42 -26.02
N THR A 321 -24.25 44.65 -26.24
CA THR A 321 -23.54 45.04 -27.46
C THR A 321 -22.05 45.01 -27.19
N GLY A 322 -21.26 44.69 -28.21
CA GLY A 322 -19.83 44.81 -28.01
C GLY A 322 -19.04 44.47 -29.25
N VAL A 323 -17.76 44.84 -29.19
CA VAL A 323 -16.81 44.55 -30.27
C VAL A 323 -15.96 43.37 -29.83
N VAL A 324 -15.84 42.37 -30.71
CA VAL A 324 -15.01 41.21 -30.41
C VAL A 324 -13.55 41.59 -30.58
N THR A 325 -12.74 41.30 -29.55
CA THR A 325 -11.31 41.60 -29.60
C THR A 325 -10.47 40.37 -29.95
N ARG A 326 -10.71 39.24 -29.30
CA ARG A 326 -9.96 38.03 -29.57
C ARG A 326 -10.86 36.82 -29.35
N ARG A 327 -10.55 35.74 -30.05
CA ARG A 327 -11.26 34.49 -29.90
C ARG A 327 -10.26 33.35 -29.81
N THR A 328 -10.59 32.34 -29.03
CA THR A 328 -9.75 31.16 -28.91
C THR A 328 -10.00 30.19 -30.06
N GLY A 329 -9.22 29.11 -30.08
CA GLY A 329 -9.50 28.03 -31.00
C GLY A 329 -10.70 27.22 -30.56
N VAL A 330 -11.30 26.52 -31.53
CA VAL A 330 -12.44 25.66 -31.22
C VAL A 330 -11.96 24.40 -30.52
N PHE A 331 -12.53 24.13 -29.35
CA PHE A 331 -12.14 22.98 -28.55
C PHE A 331 -13.29 21.99 -28.45
N PRO A 332 -12.99 20.70 -28.33
CA PRO A 332 -14.03 19.71 -28.04
C PRO A 332 -14.39 19.71 -26.56
N GLN A 333 -15.68 19.87 -26.28
CA GLN A 333 -16.23 19.80 -24.93
C GLN A 333 -17.07 18.54 -24.84
N LEU A 334 -16.96 17.83 -23.72
CA LEU A 334 -17.71 16.59 -23.53
C LEU A 334 -19.21 16.86 -23.54
N LYS A 335 -19.95 16.08 -24.32
CA LYS A 335 -21.40 16.22 -24.41
C LYS A 335 -22.12 14.97 -23.92
N TYR A 336 -21.83 13.80 -24.51
CA TYR A 336 -22.33 12.52 -24.04
C TYR A 336 -21.13 11.69 -23.60
N VAL A 337 -20.89 11.67 -22.30
CA VAL A 337 -19.66 11.12 -21.73
C VAL A 337 -19.82 9.63 -21.54
N LYS A 338 -18.84 8.87 -22.02
CA LYS A 338 -18.83 7.42 -21.90
C LYS A 338 -17.60 7.02 -21.09
N PHE A 339 -17.79 6.13 -20.11
CA PHE A 339 -16.73 5.71 -19.21
C PHE A 339 -16.42 4.23 -19.44
N ASN A 340 -15.27 3.80 -18.93
CA ASN A 340 -14.94 2.38 -18.86
C ASN A 340 -14.34 2.06 -17.49
N CYS A 341 -14.71 0.90 -16.96
CA CYS A 341 -14.21 0.45 -15.66
C CYS A 341 -12.88 -0.25 -15.84
N LEU A 342 -11.92 0.07 -14.97
CA LEU A 342 -10.59 -0.53 -15.11
C LEU A 342 -10.57 -1.97 -14.60
N LYS A 343 -11.48 -2.31 -13.67
CA LYS A 343 -11.52 -3.68 -13.16
C LYS A 343 -12.11 -4.63 -14.20
N CYS A 344 -13.20 -4.23 -14.86
CA CYS A 344 -13.91 -5.11 -15.78
C CYS A 344 -13.55 -4.87 -17.24
N GLY A 345 -13.34 -3.62 -17.66
CA GLY A 345 -13.11 -3.30 -19.04
C GLY A 345 -14.35 -2.95 -19.83
N SER A 346 -15.54 -3.09 -19.23
CA SER A 346 -16.77 -2.79 -19.95
C SER A 346 -16.96 -1.30 -20.11
N ILE A 347 -17.65 -0.92 -21.19
CA ILE A 347 -17.94 0.47 -21.49
C ILE A 347 -19.34 0.77 -20.98
N LEU A 348 -19.45 1.74 -20.07
CA LEU A 348 -20.71 2.05 -19.42
C LEU A 348 -21.44 3.13 -20.20
N GLY A 349 -22.78 3.04 -20.24
CA GLY A 349 -23.61 3.84 -21.11
C GLY A 349 -23.43 5.34 -20.96
N PRO A 350 -23.74 6.07 -22.03
CA PRO A 350 -23.44 7.52 -22.05
C PRO A 350 -24.30 8.31 -21.08
N PHE A 351 -23.71 9.38 -20.54
CA PHE A 351 -24.43 10.33 -19.70
C PHE A 351 -24.27 11.73 -20.31
N PHE A 352 -25.34 12.51 -20.26
CA PHE A 352 -25.27 13.89 -20.72
C PHE A 352 -24.40 14.70 -19.77
N GLN A 353 -23.58 15.58 -20.34
CA GLN A 353 -22.70 16.44 -19.57
C GLN A 353 -23.32 17.83 -19.48
N ASP A 354 -23.55 18.29 -18.25
CA ASP A 354 -23.92 19.68 -18.05
C ASP A 354 -22.74 20.58 -18.36
N SER A 355 -23.02 21.71 -19.03
CA SER A 355 -21.95 22.62 -19.40
C SER A 355 -21.42 23.38 -18.19
N ASN A 356 -22.22 23.46 -17.13
CA ASN A 356 -21.83 24.26 -15.97
C ASN A 356 -20.76 23.57 -15.12
N GLU A 357 -20.88 22.26 -14.93
CA GLU A 357 -20.01 21.55 -14.00
C GLU A 357 -19.59 20.21 -14.57
N GLU A 358 -18.48 19.69 -14.04
CA GLU A 358 -18.00 18.36 -14.42
C GLU A 358 -18.89 17.29 -13.81
N ILE A 359 -19.10 16.20 -14.55
CA ILE A 359 -19.89 15.07 -14.08
C ILE A 359 -18.94 13.91 -13.78
N ARG A 360 -19.35 13.05 -12.85
CA ARG A 360 -18.55 11.92 -12.40
C ARG A 360 -19.45 10.70 -12.23
N ILE A 361 -18.81 9.55 -12.08
CA ILE A 361 -19.48 8.26 -12.02
C ILE A 361 -18.93 7.49 -10.82
N SER A 362 -19.81 6.78 -10.11
CA SER A 362 -19.43 6.06 -8.91
C SER A 362 -19.86 4.60 -8.89
N PHE A 363 -20.65 4.14 -9.84
CA PHE A 363 -21.15 2.76 -9.83
C PHE A 363 -20.97 2.16 -11.21
N CYS A 364 -20.75 0.84 -11.26
CA CYS A 364 -20.33 0.21 -12.51
C CYS A 364 -21.49 -0.45 -13.25
N THR A 365 -22.45 -1.03 -12.50
CA THR A 365 -23.59 -1.83 -12.97
C THR A 365 -23.17 -3.15 -13.60
N ASN A 366 -21.86 -3.41 -13.68
CA ASN A 366 -21.38 -4.70 -14.18
C ASN A 366 -20.48 -5.36 -13.13
N CYS A 367 -19.61 -4.57 -12.50
CA CYS A 367 -18.78 -5.02 -11.40
C CYS A 367 -19.42 -4.77 -10.05
N LYS A 368 -20.41 -3.88 -9.98
CA LYS A 368 -21.01 -3.37 -8.73
C LYS A 368 -19.91 -2.85 -7.80
N SER A 369 -19.04 -2.02 -8.35
CA SER A 369 -17.90 -1.49 -7.63
C SER A 369 -17.75 0.01 -7.89
N LYS A 370 -17.08 0.69 -6.95
CA LYS A 370 -16.78 2.11 -7.07
C LYS A 370 -15.37 2.34 -7.60
N GLY A 371 -14.86 1.43 -8.43
CA GLY A 371 -13.47 1.46 -8.84
C GLY A 371 -13.14 2.61 -9.76
N PRO A 372 -11.87 2.72 -10.13
CA PRO A 372 -11.45 3.82 -11.00
C PRO A 372 -12.04 3.69 -12.40
N PHE A 373 -12.77 4.72 -12.82
CA PHE A 373 -13.40 4.77 -14.12
C PHE A 373 -12.67 5.80 -14.97
N ARG A 374 -12.37 5.45 -16.21
CA ARG A 374 -11.64 6.32 -17.12
C ARG A 374 -12.53 6.75 -18.27
N VAL A 375 -12.36 8.00 -18.71
CA VAL A 375 -13.06 8.47 -19.90
C VAL A 375 -12.27 8.05 -21.14
N ASN A 376 -12.95 7.39 -22.07
CA ASN A 376 -12.36 7.08 -23.37
C ASN A 376 -12.95 8.03 -24.41
N GLY A 377 -12.07 8.76 -25.10
CA GLY A 377 -12.55 9.77 -26.03
C GLY A 377 -13.03 9.18 -27.34
N GLU A 378 -12.75 7.90 -27.57
CA GLU A 378 -13.17 7.25 -28.81
C GLU A 378 -14.68 7.11 -28.88
N LYS A 379 -15.33 6.79 -27.75
CA LYS A 379 -16.77 6.58 -27.76
C LYS A 379 -17.51 7.79 -27.22
N THR A 380 -16.80 8.75 -26.63
CA THR A 380 -17.40 9.95 -26.10
C THR A 380 -17.76 10.91 -27.24
N VAL A 381 -18.92 11.55 -27.11
CA VAL A 381 -19.42 12.51 -28.09
C VAL A 381 -19.10 13.92 -27.59
N TYR A 382 -18.77 14.81 -28.51
CA TYR A 382 -18.30 16.14 -28.18
C TYR A 382 -19.11 17.21 -28.90
N ARG A 383 -19.03 18.42 -28.36
CA ARG A 383 -19.61 19.62 -28.95
C ARG A 383 -18.51 20.68 -29.05
N ASN A 384 -18.74 21.66 -29.92
CA ASN A 384 -17.74 22.70 -30.10
C ASN A 384 -17.81 23.71 -28.96
N TYR A 385 -16.65 24.26 -28.60
CA TYR A 385 -16.55 25.25 -27.54
C TYR A 385 -15.63 26.35 -28.01
N GLN A 386 -16.00 27.61 -27.74
CA GLN A 386 -15.13 28.73 -28.05
C GLN A 386 -15.31 29.82 -27.00
N ARG A 387 -14.23 30.55 -26.75
CA ARG A 387 -14.25 31.71 -25.86
C ARG A 387 -13.96 32.96 -26.67
N VAL A 388 -14.76 33.99 -26.46
CA VAL A 388 -14.67 35.25 -27.20
C VAL A 388 -14.60 36.39 -26.21
N THR A 389 -13.60 37.25 -26.35
CA THR A 389 -13.51 38.44 -25.52
C THR A 389 -14.28 39.56 -26.20
N LEU A 390 -15.23 40.15 -25.47
CA LEU A 390 -16.09 41.20 -25.98
C LEU A 390 -15.87 42.45 -25.13
N GLN A 391 -15.55 43.57 -25.78
CA GLN A 391 -15.41 44.81 -25.04
C GLN A 391 -16.50 45.78 -25.46
N GLU A 392 -16.75 46.76 -24.60
CA GLU A 392 -17.66 47.84 -24.95
C GLU A 392 -17.10 48.63 -26.13
N ALA A 393 -17.97 48.92 -27.10
CA ALA A 393 -17.55 49.67 -28.27
C ALA A 393 -17.14 51.08 -27.88
N PRO A 394 -16.00 51.56 -28.40
CA PRO A 394 -15.43 52.83 -27.88
C PRO A 394 -16.31 54.05 -28.07
N GLY A 395 -17.23 54.02 -29.04
CA GLY A 395 -18.17 55.12 -29.19
C GLY A 395 -19.14 55.24 -28.04
N THR A 396 -19.58 54.10 -27.49
CA THR A 396 -20.59 54.13 -26.42
C THR A 396 -19.96 54.39 -25.05
N VAL A 397 -18.65 54.29 -24.93
CA VAL A 397 -17.99 54.45 -23.63
C VAL A 397 -18.06 55.90 -23.19
N PRO A 398 -18.36 56.18 -21.92
CA PRO A 398 -18.24 57.55 -21.41
C PRO A 398 -16.81 58.03 -21.50
N PRO A 399 -16.60 59.35 -21.53
CA PRO A 399 -15.26 59.87 -21.89
C PRO A 399 -14.13 59.47 -20.97
N GLY A 400 -14.23 59.73 -19.67
CA GLY A 400 -13.11 59.45 -18.79
C GLY A 400 -12.95 57.96 -18.49
N ARG A 401 -14.02 57.19 -18.65
CA ARG A 401 -13.99 55.79 -18.26
C ARG A 401 -13.35 54.91 -19.33
N LEU A 402 -12.89 53.71 -18.90
CA LEU A 402 -12.29 52.63 -19.68
C LEU A 402 -13.37 51.66 -20.16
N PRO A 403 -13.19 51.03 -21.32
CA PRO A 403 -14.18 50.07 -21.79
C PRO A 403 -14.12 48.77 -21.00
N ARG A 404 -15.28 48.33 -20.52
CA ARG A 404 -15.37 47.06 -19.81
C ARG A 404 -15.38 45.91 -20.80
N HIS A 405 -15.00 44.73 -20.32
CA HIS A 405 -14.94 43.55 -21.18
C HIS A 405 -15.52 42.35 -20.45
N ARG A 406 -16.01 41.40 -21.24
CA ARG A 406 -16.59 40.16 -20.75
C ARG A 406 -16.09 38.99 -21.59
N GLU A 407 -16.18 37.80 -21.02
CA GLU A 407 -15.91 36.56 -21.75
C GLU A 407 -17.23 35.92 -22.12
N VAL A 408 -17.36 35.57 -23.40
CA VAL A 408 -18.58 35.00 -23.96
C VAL A 408 -18.25 33.60 -24.45
N ILE A 409 -19.03 32.62 -24.00
CA ILE A 409 -18.82 31.22 -24.38
C ILE A 409 -19.79 30.87 -25.49
N LEU A 410 -19.23 30.44 -26.62
CA LEU A 410 -19.99 30.05 -27.81
C LEU A 410 -19.99 28.52 -27.91
N LEU A 411 -21.17 27.96 -28.14
CA LEU A 411 -21.38 26.53 -28.16
C LEU A 411 -21.27 26.01 -29.59
N ALA A 412 -21.81 24.81 -29.83
CA ALA A 412 -21.44 24.00 -31.00
C ALA A 412 -21.75 24.70 -32.33
N ASP A 413 -22.97 25.20 -32.49
CA ASP A 413 -23.32 25.83 -33.77
C ASP A 413 -22.83 27.26 -33.85
N LEU A 414 -22.43 27.84 -32.72
CA LEU A 414 -22.09 29.25 -32.67
C LEU A 414 -20.60 29.54 -32.80
N VAL A 415 -19.77 28.51 -33.01
CA VAL A 415 -18.33 28.75 -33.05
C VAL A 415 -17.94 29.39 -34.38
N ASP A 416 -16.95 30.28 -34.32
CA ASP A 416 -16.34 30.97 -35.45
C ASP A 416 -17.33 31.78 -36.28
N VAL A 417 -18.36 32.36 -35.66
CA VAL A 417 -19.29 33.20 -36.42
C VAL A 417 -18.87 34.66 -36.34
N SER A 418 -18.08 35.03 -35.34
CA SER A 418 -17.71 36.42 -35.10
C SER A 418 -16.20 36.58 -35.27
N LYS A 419 -15.81 37.26 -36.33
CA LYS A 419 -14.42 37.62 -36.57
C LYS A 419 -14.01 38.71 -35.59
N PRO A 420 -12.83 38.59 -34.96
CA PRO A 420 -12.36 39.67 -34.09
C PRO A 420 -12.21 40.99 -34.85
N GLY A 421 -12.60 42.06 -34.17
CA GLY A 421 -12.64 43.38 -34.77
C GLY A 421 -13.99 43.80 -35.31
N GLU A 422 -15.04 43.00 -35.12
CA GLU A 422 -16.37 43.33 -35.61
C GLU A 422 -17.32 43.50 -34.43
N GLU A 423 -18.35 44.32 -34.62
CA GLU A 423 -19.27 44.62 -33.52
C GLU A 423 -20.55 43.81 -33.67
N VAL A 424 -20.94 43.15 -32.57
CA VAL A 424 -22.06 42.23 -32.54
C VAL A 424 -22.95 42.54 -31.35
N GLU A 425 -24.12 41.90 -31.34
CA GLU A 425 -25.02 41.88 -30.20
C GLU A 425 -25.20 40.44 -29.77
N VAL A 426 -24.92 40.14 -28.50
CA VAL A 426 -25.00 38.79 -27.98
C VAL A 426 -26.08 38.72 -26.90
N THR A 427 -26.97 37.75 -27.05
CA THR A 427 -27.97 37.42 -26.05
C THR A 427 -27.54 36.12 -25.38
N GLY A 428 -27.58 36.09 -24.06
CA GLY A 428 -27.14 34.90 -23.35
C GLY A 428 -27.39 34.98 -21.87
N ILE A 429 -27.04 33.90 -21.18
CA ILE A 429 -27.22 33.84 -19.74
C ILE A 429 -25.98 34.40 -19.06
N TYR A 430 -26.19 35.37 -18.18
CA TYR A 430 -25.12 36.00 -17.41
C TYR A 430 -24.90 35.17 -16.15
N LYS A 431 -23.71 34.58 -16.02
CA LYS A 431 -23.47 33.64 -14.93
C LYS A 431 -22.06 33.81 -14.37
N ASN A 432 -21.81 33.07 -13.28
CA ASN A 432 -20.55 33.15 -12.56
C ASN A 432 -19.60 32.03 -12.97
N ASN A 433 -18.31 32.33 -13.03
CA ASN A 433 -17.29 31.29 -13.09
C ASN A 433 -17.06 30.71 -11.70
N TYR A 434 -16.89 29.40 -11.63
CA TYR A 434 -16.52 28.73 -10.40
C TYR A 434 -15.03 28.41 -10.45
N ASP A 435 -14.27 28.93 -9.48
CA ASP A 435 -12.84 28.71 -9.41
C ASP A 435 -12.46 28.23 -8.01
N GLY A 436 -11.38 27.48 -7.93
CA GLY A 436 -10.97 26.93 -6.65
C GLY A 436 -10.44 28.00 -5.72
N ASN A 437 -11.01 28.04 -4.51
CA ASN A 437 -10.60 28.93 -3.41
C ASN A 437 -10.72 30.41 -3.78
N LEU A 438 -11.58 30.71 -4.76
CA LEU A 438 -11.97 32.08 -5.15
C LEU A 438 -10.73 32.87 -5.57
N ASN A 439 -10.56 34.11 -5.13
CA ASN A 439 -9.41 34.94 -5.48
C ASN A 439 -8.67 35.28 -4.20
N ALA A 440 -7.40 34.89 -4.12
CA ALA A 440 -6.62 35.13 -2.91
C ALA A 440 -5.99 36.53 -2.91
N LYS A 441 -5.90 37.15 -4.08
CA LYS A 441 -5.31 38.49 -4.17
C LYS A 441 -6.21 39.54 -3.54
N ASN A 442 -7.52 39.43 -3.75
CA ASN A 442 -8.45 40.47 -3.32
C ASN A 442 -8.64 40.48 -1.80
N GLY A 443 -8.73 39.30 -1.20
CA GLY A 443 -9.15 39.19 0.18
C GLY A 443 -10.65 39.18 0.38
N PHE A 444 -11.42 39.13 -0.70
CA PHE A 444 -12.88 39.12 -0.69
C PHE A 444 -13.37 37.96 -1.53
N PRO A 445 -14.54 37.39 -1.20
CA PRO A 445 -15.05 36.27 -2.01
C PRO A 445 -15.66 36.76 -3.32
N VAL A 446 -14.79 37.03 -4.29
CA VAL A 446 -15.16 37.71 -5.53
C VAL A 446 -15.17 36.69 -6.66
N PHE A 447 -16.24 36.68 -7.44
CA PHE A 447 -16.46 35.71 -8.50
C PHE A 447 -16.28 36.38 -9.85
N ALA A 448 -15.67 35.65 -10.80
CA ALA A 448 -15.62 36.11 -12.17
C ALA A 448 -16.90 35.71 -12.92
N THR A 449 -17.28 36.53 -13.89
CA THR A 449 -18.53 36.34 -14.61
C THR A 449 -18.29 36.15 -16.09
N ILE A 450 -19.22 35.44 -16.73
CA ILE A 450 -19.22 35.18 -18.15
C ILE A 450 -20.63 35.30 -18.70
N ILE A 451 -20.72 35.33 -20.02
CA ILE A 451 -21.98 35.26 -20.75
C ILE A 451 -21.96 33.98 -21.58
N GLU A 452 -22.84 33.04 -21.22
CA GLU A 452 -23.05 31.84 -22.00
C GLU A 452 -24.02 32.18 -23.12
N ALA A 453 -23.50 32.26 -24.35
CA ALA A 453 -24.24 32.87 -25.46
C ALA A 453 -25.32 31.93 -25.95
N ASN A 454 -26.58 32.35 -25.83
CA ASN A 454 -27.65 31.63 -26.50
C ASN A 454 -27.70 31.98 -27.98
N SER A 455 -27.41 33.23 -28.33
CA SER A 455 -27.54 33.66 -29.71
C SER A 455 -26.55 34.78 -30.02
N ILE A 456 -26.08 34.80 -31.26
CA ILE A 456 -25.16 35.82 -31.77
C ILE A 456 -25.80 36.47 -32.98
N LYS A 457 -25.88 37.80 -32.98
CA LYS A 457 -26.35 38.55 -34.13
C LYS A 457 -25.33 39.63 -34.45
N ARG A 458 -25.03 39.78 -35.74
CA ARG A 458 -24.02 40.73 -36.20
C ARG A 458 -24.70 42.04 -36.56
N ARG A 459 -24.12 43.16 -36.13
CA ARG A 459 -24.62 44.48 -36.49
C ARG A 459 -24.05 44.93 -37.84
N VAL A 473 -19.30 40.03 -47.67
CA VAL A 473 -19.31 38.72 -48.32
C VAL A 473 -19.45 38.88 -49.82
N PHE A 474 -18.49 38.33 -50.57
CA PHE A 474 -18.49 38.46 -52.02
C PHE A 474 -19.08 37.19 -52.64
N SER A 475 -20.38 37.02 -52.42
CA SER A 475 -21.14 35.94 -53.01
C SER A 475 -22.16 36.53 -53.98
N TRP A 476 -22.15 36.04 -55.21
CA TRP A 476 -23.05 36.52 -56.25
C TRP A 476 -24.08 35.44 -56.54
N THR A 477 -25.33 35.85 -56.75
CA THR A 477 -26.35 34.92 -57.17
C THR A 477 -26.41 34.85 -58.69
N GLU A 478 -27.34 34.04 -59.20
CA GLU A 478 -27.51 33.92 -60.65
C GLU A 478 -28.07 35.20 -61.25
N GLU A 479 -28.97 35.87 -60.53
CA GLU A 479 -29.51 37.15 -61.01
C GLU A 479 -28.45 38.24 -60.96
N GLU A 480 -27.57 38.21 -59.96
CA GLU A 480 -26.51 39.21 -59.85
C GLU A 480 -25.52 39.08 -60.99
N GLU A 481 -25.24 37.85 -61.45
CA GLU A 481 -24.38 37.66 -62.61
C GLU A 481 -25.00 38.24 -63.87
N ARG A 482 -26.32 38.03 -64.06
CA ARG A 482 -27.00 38.61 -65.21
C ARG A 482 -27.00 40.13 -65.15
N GLU A 483 -27.15 40.69 -63.95
CA GLU A 483 -27.08 42.15 -63.81
C GLU A 483 -25.67 42.65 -64.09
N PHE A 484 -24.66 41.87 -63.71
CA PHE A 484 -23.28 42.22 -64.03
C PHE A 484 -23.03 42.24 -65.52
N ARG A 485 -23.56 41.24 -66.25
CA ARG A 485 -23.44 41.24 -67.70
C ARG A 485 -24.19 42.41 -68.32
N LYS A 486 -25.36 42.74 -67.76
CA LYS A 486 -26.14 43.86 -68.27
C LYS A 486 -25.40 45.18 -68.11
N ILE A 487 -24.75 45.38 -66.96
CA ILE A 487 -24.08 46.65 -66.73
C ILE A 487 -22.72 46.68 -67.45
N SER A 488 -22.13 45.50 -67.70
CA SER A 488 -20.86 45.47 -68.42
C SER A 488 -21.07 45.57 -69.92
N ARG A 489 -22.29 45.35 -70.40
CA ARG A 489 -22.57 45.53 -71.82
C ARG A 489 -22.53 47.00 -72.22
N ASP A 490 -22.71 47.91 -71.26
CA ASP A 490 -22.74 49.33 -71.55
C ASP A 490 -21.37 49.81 -72.01
N ARG A 491 -21.36 50.80 -72.91
CA ARG A 491 -20.12 51.28 -73.50
C ARG A 491 -19.27 52.03 -72.48
N GLY A 492 -19.89 52.84 -71.64
CA GLY A 492 -19.15 53.63 -70.67
C GLY A 492 -18.99 52.94 -69.33
N ILE A 493 -18.73 51.63 -69.36
CA ILE A 493 -18.59 50.87 -68.12
C ILE A 493 -17.30 51.25 -67.39
N ILE A 494 -16.21 51.48 -68.14
CA ILE A 494 -14.92 51.79 -67.54
C ILE A 494 -14.96 53.18 -66.91
N ASP A 495 -15.54 54.15 -67.61
CA ASP A 495 -15.71 55.50 -67.08
C ASP A 495 -16.55 55.49 -65.81
N LYS A 496 -17.63 54.69 -65.80
CA LYS A 496 -18.50 54.61 -64.64
C LYS A 496 -17.81 53.94 -63.46
N ILE A 497 -17.01 52.91 -63.73
CA ILE A 497 -16.25 52.25 -62.66
C ILE A 497 -15.23 53.21 -62.06
N ILE A 498 -14.51 53.95 -62.91
CA ILE A 498 -13.52 54.92 -62.44
C ILE A 498 -14.19 56.02 -61.63
N SER A 499 -15.36 56.50 -62.08
CA SER A 499 -16.10 57.50 -61.32
C SER A 499 -16.61 56.94 -60.00
N SER A 500 -16.86 55.62 -59.94
CA SER A 500 -17.33 55.03 -58.69
C SER A 500 -16.20 54.80 -57.71
N MET A 501 -14.95 54.90 -58.18
CA MET A 501 -13.79 54.76 -57.28
C MET A 501 -13.72 55.92 -56.31
N ALA A 502 -13.76 55.59 -55.01
CA ALA A 502 -13.54 56.54 -53.92
C ALA A 502 -14.43 57.80 -54.00
N PRO A 503 -15.72 57.67 -53.69
CA PRO A 503 -16.63 58.83 -53.80
C PRO A 503 -16.26 59.99 -52.90
N SER A 504 -15.59 59.74 -51.77
CA SER A 504 -15.20 60.83 -50.88
C SER A 504 -14.04 61.64 -51.46
N ILE A 505 -13.38 61.11 -52.49
CA ILE A 505 -12.24 61.77 -53.11
C ILE A 505 -12.74 62.55 -54.33
N TYR A 506 -12.33 63.81 -54.43
CA TYR A 506 -12.82 64.71 -55.48
C TYR A 506 -11.68 65.09 -56.40
N GLY A 507 -11.90 64.90 -57.70
CA GLY A 507 -11.05 65.48 -58.73
C GLY A 507 -9.82 64.70 -59.13
N HIS A 508 -9.51 63.60 -58.46
CA HIS A 508 -8.30 62.82 -58.76
C HIS A 508 -8.66 61.62 -59.66
N ARG A 509 -8.87 61.92 -60.94
CA ARG A 509 -9.32 60.90 -61.87
C ARG A 509 -8.20 59.93 -62.22
N ASP A 510 -6.96 60.43 -62.35
CA ASP A 510 -5.84 59.56 -62.71
C ASP A 510 -5.55 58.56 -61.60
N ILE A 511 -5.60 59.00 -60.34
CA ILE A 511 -5.43 58.09 -59.21
C ILE A 511 -6.53 57.05 -59.19
N LYS A 512 -7.77 57.47 -59.45
CA LYS A 512 -8.89 56.54 -59.43
C LYS A 512 -8.77 55.51 -60.55
N THR A 513 -8.25 55.93 -61.71
CA THR A 513 -7.98 54.99 -62.79
C THR A 513 -6.92 53.97 -62.40
N ALA A 514 -5.85 54.44 -61.75
CA ALA A 514 -4.80 53.53 -61.30
C ALA A 514 -5.32 52.55 -60.25
N VAL A 515 -6.19 53.03 -59.35
CA VAL A 515 -6.84 52.17 -58.36
C VAL A 515 -7.73 51.14 -59.05
N ALA A 516 -8.44 51.54 -60.09
CA ALA A 516 -9.28 50.59 -60.82
C ALA A 516 -8.45 49.50 -61.48
N CYS A 517 -7.33 49.87 -62.10
CA CYS A 517 -6.43 48.87 -62.68
C CYS A 517 -5.85 47.94 -61.62
N SER A 518 -5.46 48.51 -60.46
CA SER A 518 -4.88 47.68 -59.41
C SER A 518 -5.91 46.74 -58.79
N LEU A 519 -7.14 47.21 -58.61
CA LEU A 519 -8.18 46.36 -58.04
C LEU A 519 -8.59 45.25 -59.01
N PHE A 520 -8.73 45.57 -60.29
CA PHE A 520 -9.11 44.54 -61.24
C PHE A 520 -7.96 43.59 -61.55
N GLY A 521 -6.76 44.12 -61.75
CA GLY A 521 -5.59 43.29 -61.96
C GLY A 521 -5.51 42.69 -63.35
N GLY A 522 -4.34 42.14 -63.65
CA GLY A 522 -4.11 41.48 -64.92
C GLY A 522 -4.05 39.97 -64.74
N VAL A 523 -3.44 39.32 -65.72
CA VAL A 523 -3.31 37.86 -65.74
C VAL A 523 -1.85 37.50 -65.51
N PRO A 524 -1.50 36.86 -64.38
CA PRO A 524 -0.14 36.33 -64.22
C PRO A 524 0.05 35.11 -65.10
N LYS A 525 1.17 35.05 -65.81
CA LYS A 525 1.35 33.99 -66.78
C LYS A 525 2.71 33.31 -66.64
N ASN A 526 2.67 31.98 -66.55
CA ASN A 526 3.86 31.14 -66.51
C ASN A 526 3.95 30.40 -67.83
N VAL A 527 4.80 30.90 -68.73
CA VAL A 527 4.89 30.36 -70.08
C VAL A 527 5.88 29.20 -70.10
N ASN A 528 5.36 28.00 -70.37
CA ASN A 528 6.13 26.76 -70.49
C ASN A 528 6.91 26.45 -69.22
N GLY A 529 6.40 26.93 -68.08
CA GLY A 529 7.05 26.65 -66.79
C GLY A 529 8.28 27.46 -66.45
N LYS A 530 9.17 27.68 -67.44
CA LYS A 530 10.47 28.28 -67.16
C LYS A 530 10.36 29.78 -66.88
N HIS A 531 9.58 30.49 -67.68
CA HIS A 531 9.51 31.95 -67.63
C HIS A 531 8.21 32.37 -66.97
N SER A 532 8.30 33.30 -66.02
CA SER A 532 7.14 33.80 -65.30
C SER A 532 6.99 35.30 -65.49
N ILE A 533 5.75 35.74 -65.65
CA ILE A 533 5.43 37.15 -65.83
C ILE A 533 4.37 37.54 -64.81
N ARG A 534 4.67 38.56 -64.03
CA ARG A 534 3.77 39.08 -63.01
C ARG A 534 2.52 39.66 -63.66
N GLY A 535 1.37 39.42 -63.06
CA GLY A 535 0.10 39.88 -63.57
C GLY A 535 -0.74 40.71 -62.63
N ASP A 536 -0.14 41.46 -61.72
CA ASP A 536 -0.88 42.40 -60.89
C ASP A 536 -0.18 43.76 -60.85
N ILE A 537 -0.98 44.82 -60.83
CA ILE A 537 -0.48 46.17 -61.02
C ILE A 537 -0.05 46.76 -59.68
N ASN A 538 1.16 47.32 -59.66
CA ASN A 538 1.70 48.00 -58.48
C ASN A 538 1.62 49.51 -58.73
N VAL A 539 0.98 50.23 -57.83
CA VAL A 539 0.70 51.65 -57.97
C VAL A 539 1.37 52.40 -56.83
N LEU A 540 2.12 53.45 -57.16
CA LEU A 540 2.75 54.30 -56.15
C LEU A 540 2.22 55.72 -56.28
N LEU A 541 1.51 56.18 -55.23
CA LEU A 541 0.98 57.52 -55.13
C LEU A 541 2.02 58.38 -54.40
N LEU A 542 2.77 59.17 -55.15
CA LEU A 542 3.74 60.10 -54.58
C LEU A 542 3.11 61.49 -54.55
N GLY A 543 2.86 62.01 -53.36
CA GLY A 543 2.16 63.28 -53.28
C GLY A 543 2.54 64.10 -52.08
N ASP A 544 2.28 65.40 -52.20
CA ASP A 544 2.45 66.33 -51.09
C ASP A 544 1.40 66.06 -50.02
N PRO A 545 1.66 66.47 -48.77
CA PRO A 545 0.70 66.22 -47.69
C PRO A 545 -0.63 66.93 -47.94
N GLY A 546 -1.71 66.31 -47.47
CA GLY A 546 -3.04 66.83 -47.66
C GLY A 546 -3.66 66.51 -49.01
N THR A 547 -3.11 65.55 -49.74
CA THR A 547 -3.65 65.17 -51.05
C THR A 547 -4.53 63.93 -50.98
N ALA A 548 -4.95 63.52 -49.77
CA ALA A 548 -5.96 62.50 -49.53
C ALA A 548 -5.55 61.12 -50.05
N LYS A 549 -4.26 60.77 -49.89
CA LYS A 549 -3.82 59.43 -50.26
C LYS A 549 -4.28 58.40 -49.25
N SER A 550 -4.34 58.78 -47.97
CA SER A 550 -4.76 57.86 -46.92
C SER A 550 -6.22 57.45 -47.09
N GLN A 551 -7.07 58.40 -47.49
CA GLN A 551 -8.48 58.07 -47.72
C GLN A 551 -8.63 57.11 -48.89
N ILE A 552 -7.78 57.26 -49.92
CA ILE A 552 -7.79 56.34 -51.05
C ILE A 552 -7.38 54.94 -50.61
N LEU A 553 -6.34 54.85 -49.77
CA LEU A 553 -5.92 53.55 -49.25
C LEU A 553 -7.01 52.91 -48.39
N LYS A 554 -7.69 53.71 -47.57
CA LYS A 554 -8.79 53.19 -46.75
C LYS A 554 -9.94 52.72 -47.63
N TYR A 555 -10.23 53.43 -48.72
CA TYR A 555 -11.27 53.00 -49.64
C TYR A 555 -10.92 51.66 -50.28
N VAL A 556 -9.65 51.48 -50.66
CA VAL A 556 -9.24 50.20 -51.24
C VAL A 556 -9.35 49.09 -50.20
N GLU A 557 -9.01 49.39 -48.95
CA GLU A 557 -9.16 48.41 -47.88
C GLU A 557 -10.61 47.98 -47.69
N LYS A 558 -11.54 48.94 -47.72
CA LYS A 558 -12.95 48.57 -47.62
C LYS A 558 -13.43 47.85 -48.86
N THR A 559 -12.82 48.11 -50.02
CA THR A 559 -13.36 47.61 -51.27
C THR A 559 -12.81 46.22 -51.61
N ALA A 560 -11.50 46.02 -51.48
CA ALA A 560 -10.87 44.80 -51.96
C ALA A 560 -11.21 43.60 -51.09
N HIS A 561 -11.12 42.41 -51.70
CA HIS A 561 -11.44 41.18 -50.98
C HIS A 561 -10.46 40.93 -49.83
N ARG A 562 -9.16 40.95 -50.14
CA ARG A 562 -8.12 40.71 -49.15
C ARG A 562 -7.15 41.86 -49.25
N ALA A 563 -7.36 42.89 -48.43
CA ALA A 563 -6.52 44.06 -48.37
C ALA A 563 -5.89 44.15 -46.99
N VAL A 564 -4.57 44.23 -46.96
CA VAL A 564 -3.82 44.32 -45.70
C VAL A 564 -3.14 45.69 -45.65
N PHE A 565 -3.44 46.45 -44.60
CA PHE A 565 -2.86 47.77 -44.40
C PHE A 565 -1.58 47.64 -43.59
N ALA A 566 -0.50 48.24 -44.08
CA ALA A 566 0.76 48.31 -43.37
C ALA A 566 1.30 49.72 -43.48
N THR A 567 2.14 50.12 -42.53
CA THR A 567 2.77 51.43 -42.52
C THR A 567 4.24 51.31 -42.13
N GLY A 568 5.07 52.14 -42.77
CA GLY A 568 6.47 52.16 -42.41
C GLY A 568 6.74 52.94 -41.14
N GLN A 569 6.04 54.07 -40.96
CA GLN A 569 6.32 54.94 -39.84
C GLN A 569 5.66 54.44 -38.55
N GLY A 570 4.38 54.10 -38.61
CA GLY A 570 3.64 53.71 -37.43
C GLY A 570 3.94 52.30 -36.97
N ALA A 571 3.31 51.92 -35.88
CA ALA A 571 3.58 50.63 -35.22
C ALA A 571 2.36 49.74 -35.11
N SER A 572 1.15 50.30 -35.01
CA SER A 572 -0.06 49.51 -34.80
C SER A 572 -0.60 49.02 -36.15
N ALA A 573 0.15 48.09 -36.75
CA ALA A 573 -0.22 47.53 -38.04
C ALA A 573 0.47 46.19 -38.18
N VAL A 574 0.02 45.40 -39.17
CA VAL A 574 0.67 44.14 -39.49
C VAL A 574 2.02 44.43 -40.12
N GLY A 575 3.07 43.78 -39.62
CA GLY A 575 4.40 44.02 -40.13
C GLY A 575 4.58 43.51 -41.54
N LEU A 576 5.54 44.10 -42.25
CA LEU A 576 5.82 43.69 -43.62
C LEU A 576 6.81 42.54 -43.66
N THR A 577 7.59 42.36 -42.61
CA THR A 577 8.59 41.30 -42.57
C THR A 577 8.01 40.03 -41.97
N ALA A 578 8.29 38.90 -42.61
CA ALA A 578 7.93 37.61 -42.05
C ALA A 578 8.79 37.29 -40.84
N SER A 579 8.22 36.55 -39.89
CA SER A 579 8.93 36.24 -38.66
C SER A 579 8.41 34.96 -38.05
N VAL A 580 9.20 34.40 -37.14
CA VAL A 580 8.78 33.33 -36.25
C VAL A 580 8.91 33.87 -34.83
N ARG A 581 7.80 33.95 -34.11
CA ARG A 581 7.81 34.56 -32.79
C ARG A 581 7.19 33.64 -31.75
N LYS A 582 7.70 33.74 -30.54
CA LYS A 582 7.27 32.94 -29.41
C LYS A 582 6.37 33.80 -28.53
N ASP A 583 5.21 33.30 -28.18
CA ASP A 583 4.30 34.05 -27.33
C ASP A 583 4.88 34.07 -25.91
N PRO A 584 5.01 35.24 -25.29
CA PRO A 584 5.57 35.29 -23.92
C PRO A 584 4.72 34.60 -22.87
N ILE A 585 3.43 34.36 -23.15
CA ILE A 585 2.59 33.67 -22.18
C ILE A 585 2.42 32.21 -22.57
N THR A 586 2.06 31.96 -23.84
CA THR A 586 1.72 30.61 -24.28
C THR A 586 2.97 29.75 -24.43
N LYS A 587 4.13 30.38 -24.67
CA LYS A 587 5.41 29.70 -24.95
C LYS A 587 5.31 28.81 -26.19
N GLU A 588 4.51 29.22 -27.18
CA GLU A 588 4.28 28.44 -28.38
C GLU A 588 4.57 29.30 -29.60
N TRP A 589 5.36 28.77 -30.52
CA TRP A 589 5.85 29.58 -31.63
C TRP A 589 4.85 29.64 -32.77
N THR A 590 4.79 30.79 -33.43
CA THR A 590 3.97 31.00 -34.60
C THR A 590 4.82 31.57 -35.72
N LEU A 591 4.51 31.14 -36.94
CA LEU A 591 5.12 31.67 -38.16
C LEU A 591 4.13 32.63 -38.80
N GLU A 592 4.52 33.90 -38.89
CA GLU A 592 3.70 34.93 -39.54
C GLU A 592 4.42 35.38 -40.79
N GLY A 593 3.69 35.39 -41.92
CA GLY A 593 4.31 35.77 -43.18
C GLY A 593 4.46 37.26 -43.35
N GLY A 594 3.79 38.04 -42.51
CA GLY A 594 3.78 39.48 -42.67
C GLY A 594 2.64 39.93 -43.57
N ALA A 595 2.62 41.24 -43.81
CA ALA A 595 1.52 41.83 -44.59
C ALA A 595 1.58 41.41 -46.06
N LEU A 596 2.78 41.19 -46.59
CA LEU A 596 2.93 40.85 -48.00
C LEU A 596 2.46 39.42 -48.28
N VAL A 597 2.80 38.49 -47.40
CA VAL A 597 2.35 37.11 -47.56
C VAL A 597 0.85 37.01 -47.26
N LEU A 598 0.38 37.77 -46.26
CA LEU A 598 -1.03 37.70 -45.87
C LEU A 598 -1.94 38.26 -46.97
N ALA A 599 -1.42 39.18 -47.78
CA ALA A 599 -2.17 39.72 -48.90
C ALA A 599 -2.01 38.92 -50.18
N ASP A 600 -1.66 37.63 -50.08
CA ASP A 600 -1.51 36.79 -51.26
C ASP A 600 -2.84 36.65 -51.99
N LYS A 601 -2.78 36.78 -53.31
CA LYS A 601 -3.96 36.90 -54.18
C LYS A 601 -4.85 38.06 -53.71
N GLY A 602 -4.23 39.16 -53.33
CA GLY A 602 -4.97 40.28 -52.80
C GLY A 602 -4.22 41.58 -52.99
N VAL A 603 -4.41 42.49 -52.04
CA VAL A 603 -3.92 43.86 -52.12
C VAL A 603 -3.19 44.20 -50.83
N CYS A 604 -1.98 44.75 -50.95
CA CYS A 604 -1.23 45.27 -49.82
C CYS A 604 -1.12 46.78 -49.93
N LEU A 605 -1.64 47.48 -48.93
CA LEU A 605 -1.72 48.94 -48.91
C LEU A 605 -0.70 49.48 -47.93
N ILE A 606 0.35 50.11 -48.45
CA ILE A 606 1.46 50.56 -47.64
C ILE A 606 1.43 52.08 -47.56
N ASP A 607 1.17 52.59 -46.37
CA ASP A 607 1.20 54.02 -46.10
C ASP A 607 2.59 54.40 -45.57
N GLU A 608 3.00 55.63 -45.85
CA GLU A 608 4.33 56.15 -45.51
C GLU A 608 5.42 55.25 -46.09
N PHE A 609 5.45 55.17 -47.42
CA PHE A 609 6.38 54.28 -48.12
C PHE A 609 7.82 54.72 -47.95
N ASP A 610 8.05 56.03 -47.75
CA ASP A 610 9.42 56.54 -47.73
C ASP A 610 10.07 56.35 -46.36
N LYS A 611 9.28 56.04 -45.33
CA LYS A 611 9.80 56.01 -43.97
C LYS A 611 10.12 54.61 -43.46
N MET A 612 10.35 53.64 -44.35
CA MET A 612 10.68 52.30 -43.90
C MET A 612 12.10 52.19 -43.38
N ASN A 613 12.37 51.11 -42.66
CA ASN A 613 13.73 50.72 -42.31
C ASN A 613 14.24 49.71 -43.34
N ASP A 614 15.49 49.25 -43.12
CA ASP A 614 16.18 48.43 -44.11
C ASP A 614 15.50 47.07 -44.28
N GLN A 615 15.06 46.47 -43.17
CA GLN A 615 14.46 45.13 -43.22
C GLN A 615 13.16 45.14 -44.02
N ASP A 616 12.32 46.16 -43.81
CA ASP A 616 11.09 46.27 -44.60
C ASP A 616 11.41 46.53 -46.06
N ARG A 617 12.42 47.35 -46.35
CA ARG A 617 12.78 47.61 -47.74
C ARG A 617 13.22 46.34 -48.44
N THR A 618 13.99 45.49 -47.75
CA THR A 618 14.35 44.19 -48.30
C THR A 618 13.14 43.29 -48.49
N SER A 619 12.18 43.34 -47.56
CA SER A 619 10.99 42.49 -47.67
C SER A 619 10.13 42.85 -48.87
N ILE A 620 9.79 44.14 -49.02
CA ILE A 620 9.02 44.55 -50.20
C ILE A 620 9.83 44.42 -51.48
N HIS A 621 11.17 44.58 -51.42
CA HIS A 621 11.98 44.33 -52.60
C HIS A 621 11.88 42.87 -53.05
N GLU A 622 11.97 41.94 -52.11
CA GLU A 622 11.84 40.52 -52.46
C GLU A 622 10.44 40.20 -52.96
N ALA A 623 9.42 40.80 -52.33
CA ALA A 623 8.03 40.52 -52.73
C ALA A 623 7.73 41.06 -54.12
N MET A 624 8.26 42.22 -54.48
CA MET A 624 8.03 42.73 -55.83
C MET A 624 8.98 42.11 -56.84
N GLU A 625 10.05 41.47 -56.36
CA GLU A 625 10.99 40.86 -57.27
C GLU A 625 10.52 39.47 -57.69
N GLN A 626 10.32 38.56 -56.74
CA GLN A 626 9.94 37.20 -57.08
C GLN A 626 8.62 36.72 -56.49
N GLN A 627 7.81 37.62 -55.91
CA GLN A 627 6.47 37.31 -55.40
C GLN A 627 6.50 36.21 -54.35
N SER A 628 7.56 36.19 -53.55
CA SER A 628 7.69 35.21 -52.49
C SER A 628 8.58 35.78 -51.40
N ILE A 629 8.50 35.16 -50.22
CA ILE A 629 9.24 35.58 -49.05
C ILE A 629 9.95 34.36 -48.48
N SER A 630 11.27 34.42 -48.40
CA SER A 630 12.08 33.33 -47.88
C SER A 630 12.43 33.61 -46.42
N ILE A 631 12.21 32.62 -45.56
CA ILE A 631 12.52 32.74 -44.14
C ILE A 631 13.32 31.53 -43.70
N SER A 632 14.44 31.80 -43.01
CA SER A 632 15.27 30.77 -42.38
C SER A 632 15.51 31.20 -40.93
N LYS A 633 14.57 30.84 -40.06
CA LYS A 633 14.61 31.25 -38.66
C LYS A 633 14.06 30.13 -37.77
N ALA A 634 14.75 29.90 -36.65
CA ALA A 634 14.30 28.98 -35.58
C ALA A 634 14.07 27.57 -36.10
N GLY A 635 14.91 27.13 -37.04
CA GLY A 635 14.79 25.83 -37.62
C GLY A 635 13.82 25.73 -38.79
N ILE A 636 13.10 26.80 -39.09
CA ILE A 636 12.15 26.82 -40.20
C ILE A 636 12.85 27.43 -41.40
N VAL A 637 12.97 26.66 -42.47
CA VAL A 637 13.50 27.13 -43.75
C VAL A 637 12.42 26.91 -44.78
N THR A 638 11.80 28.00 -45.25
CA THR A 638 10.70 27.86 -46.19
C THR A 638 10.53 29.12 -47.01
N THR A 639 9.68 29.01 -48.02
CA THR A 639 9.31 30.10 -48.91
C THR A 639 7.80 30.21 -48.93
N LEU A 640 7.29 31.41 -48.65
CA LEU A 640 5.86 31.69 -48.61
C LEU A 640 5.48 32.50 -49.84
N GLN A 641 4.32 32.18 -50.42
CA GLN A 641 3.87 32.91 -51.60
C GLN A 641 3.45 34.33 -51.22
N ALA A 642 3.93 35.29 -52.00
CA ALA A 642 3.64 36.70 -51.78
C ALA A 642 3.25 37.37 -53.10
N ARG A 643 2.35 36.72 -53.84
CA ARG A 643 1.83 37.27 -55.08
C ARG A 643 0.74 38.29 -54.75
N CYS A 644 1.18 39.45 -54.29
CA CYS A 644 0.28 40.51 -53.87
C CYS A 644 0.51 41.75 -54.70
N SER A 645 -0.59 42.34 -55.18
CA SER A 645 -0.52 43.67 -55.75
C SER A 645 -0.27 44.68 -54.64
N ILE A 646 0.49 45.72 -54.95
CA ILE A 646 0.92 46.69 -53.95
C ILE A 646 0.44 48.06 -54.36
N ILE A 647 -0.25 48.74 -53.45
CA ILE A 647 -0.59 50.16 -53.61
C ILE A 647 0.06 50.90 -52.44
N ALA A 648 0.88 51.89 -52.77
CA ALA A 648 1.70 52.56 -51.77
C ALA A 648 1.46 54.07 -51.85
N ALA A 649 1.69 54.73 -50.72
CA ALA A 649 1.60 56.18 -50.63
C ALA A 649 2.89 56.72 -50.03
N ALA A 650 3.46 57.75 -50.67
CA ALA A 650 4.73 58.32 -50.25
C ALA A 650 4.69 59.84 -50.40
N ASN A 651 5.62 60.50 -49.72
CA ASN A 651 5.79 61.94 -49.74
C ASN A 651 7.16 62.28 -50.31
N PRO A 652 7.27 63.40 -51.04
CA PRO A 652 8.57 63.79 -51.57
C PRO A 652 9.50 64.29 -50.47
N ASN A 653 10.79 64.38 -50.80
CA ASN A 653 11.77 64.89 -49.86
C ASN A 653 11.53 66.37 -49.59
N GLY A 654 11.65 66.76 -48.33
CA GLY A 654 11.40 68.13 -47.92
C GLY A 654 9.95 68.49 -47.75
N GLY A 655 9.02 67.55 -47.96
CA GLY A 655 7.61 67.80 -47.83
C GLY A 655 6.95 68.39 -49.06
N ARG A 656 7.70 68.67 -50.11
CA ARG A 656 7.15 69.27 -51.32
C ARG A 656 7.85 68.69 -52.54
N TYR A 657 7.06 68.40 -53.57
CA TYR A 657 7.60 67.92 -54.84
C TYR A 657 8.23 69.05 -55.62
N ASN A 658 9.34 68.75 -56.30
CA ASN A 658 10.07 69.71 -57.10
C ASN A 658 9.97 69.30 -58.56
N SER A 659 9.51 70.23 -59.41
CA SER A 659 9.31 69.92 -60.81
C SER A 659 10.62 69.89 -61.58
N THR A 660 11.57 70.75 -61.20
CA THR A 660 12.85 70.80 -61.91
C THR A 660 13.67 69.54 -61.68
N LEU A 661 13.59 68.97 -60.48
CA LEU A 661 14.23 67.70 -60.20
C LEU A 661 13.36 66.56 -60.72
N PRO A 662 13.97 65.44 -61.14
CA PRO A 662 13.15 64.31 -61.59
C PRO A 662 12.69 63.43 -60.43
N LEU A 663 12.12 62.28 -60.79
CA LEU A 663 11.44 61.46 -59.80
C LEU A 663 12.42 60.79 -58.83
N ALA A 664 13.60 60.39 -59.33
CA ALA A 664 14.54 59.68 -58.48
C ALA A 664 15.09 60.58 -57.38
N GLN A 665 15.26 61.88 -57.68
CA GLN A 665 15.77 62.81 -56.68
C GLN A 665 14.69 63.21 -55.68
N ASN A 666 13.42 63.07 -56.07
CA ASN A 666 12.33 63.56 -55.22
C ASN A 666 12.01 62.58 -54.10
N VAL A 667 12.48 61.34 -54.20
CA VAL A 667 12.22 60.34 -53.18
C VAL A 667 13.53 59.72 -52.73
N SER A 668 13.49 59.14 -51.52
CA SER A 668 14.62 58.36 -51.04
C SER A 668 14.65 56.97 -51.65
N LEU A 669 13.61 56.61 -52.40
CA LEU A 669 13.52 55.31 -53.02
C LEU A 669 14.58 55.14 -54.10
N THR A 670 15.32 54.04 -54.04
CA THR A 670 16.36 53.76 -55.01
C THR A 670 15.70 53.27 -56.30
N GLU A 671 16.41 53.43 -57.43
CA GLU A 671 15.84 53.15 -58.75
C GLU A 671 15.26 51.74 -58.95
N PRO A 672 15.88 50.63 -58.48
CA PRO A 672 15.23 49.32 -58.69
C PRO A 672 13.87 49.15 -58.04
N ILE A 673 13.63 49.77 -56.88
CA ILE A 673 12.31 49.63 -56.27
C ILE A 673 11.31 50.57 -56.95
N LEU A 674 11.79 51.63 -57.59
CA LEU A 674 10.92 52.49 -58.38
C LEU A 674 10.55 51.83 -59.70
N SER A 675 11.42 50.95 -60.21
CA SER A 675 11.16 50.30 -61.49
C SER A 675 10.07 49.24 -61.38
N ARG A 676 9.88 48.68 -60.18
CA ARG A 676 8.95 47.58 -60.04
C ARG A 676 7.50 48.05 -60.07
N PHE A 677 7.26 49.34 -59.86
CA PHE A 677 5.91 49.87 -59.90
C PHE A 677 5.45 50.05 -61.35
N ASP A 678 4.20 49.65 -61.62
CA ASP A 678 3.64 49.81 -62.96
C ASP A 678 3.13 51.23 -63.18
N ILE A 679 2.37 51.77 -62.24
CA ILE A 679 1.79 53.10 -62.35
C ILE A 679 2.41 53.98 -61.26
N LEU A 680 2.90 55.14 -61.68
CA LEU A 680 3.61 56.08 -60.82
C LEU A 680 2.87 57.40 -60.85
N CYS A 681 2.00 57.62 -59.87
CA CYS A 681 1.11 58.78 -59.85
C CYS A 681 1.75 59.89 -59.02
N VAL A 682 2.27 60.90 -59.70
CA VAL A 682 2.82 62.09 -59.07
C VAL A 682 1.69 63.09 -58.90
N VAL A 683 1.47 63.54 -57.67
CA VAL A 683 0.36 64.42 -57.36
C VAL A 683 0.92 65.64 -56.65
N ARG A 684 0.66 66.82 -57.22
CA ARG A 684 1.06 68.09 -56.64
C ARG A 684 -0.16 69.01 -56.61
N ASP A 685 -0.32 69.74 -55.50
CA ASP A 685 -1.46 70.64 -55.34
C ASP A 685 -1.05 72.06 -55.74
N LEU A 686 -0.96 72.25 -57.05
CA LEU A 686 -0.71 73.58 -57.59
C LEU A 686 -1.89 74.49 -57.31
N VAL A 687 -1.60 75.72 -56.89
CA VAL A 687 -2.64 76.64 -56.45
C VAL A 687 -3.38 77.17 -57.66
N ASP A 688 -4.52 76.57 -57.97
CA ASP A 688 -5.45 77.07 -58.98
C ASP A 688 -6.74 77.47 -58.26
N GLU A 689 -7.18 78.70 -58.49
CA GLU A 689 -8.34 79.22 -57.76
C GLU A 689 -9.61 78.45 -58.09
N GLU A 690 -9.80 78.09 -59.35
CA GLU A 690 -11.00 77.36 -59.74
C GLU A 690 -11.02 75.96 -59.14
N ALA A 691 -9.86 75.28 -59.11
CA ALA A 691 -9.80 73.94 -58.50
C ALA A 691 -9.99 74.03 -57.00
N ASP A 692 -9.37 75.02 -56.36
CA ASP A 692 -9.52 75.20 -54.92
C ASP A 692 -10.96 75.52 -54.54
N GLU A 693 -11.67 76.22 -55.43
CA GLU A 693 -13.07 76.56 -55.15
C GLU A 693 -13.94 75.30 -55.08
N ARG A 694 -13.84 74.43 -56.09
CA ARG A 694 -14.66 73.20 -56.07
C ARG A 694 -14.20 72.26 -54.97
N LEU A 695 -12.90 72.20 -54.70
CA LEU A 695 -12.40 71.35 -53.62
C LEU A 695 -12.91 71.82 -52.26
N ALA A 696 -12.88 73.13 -52.01
CA ALA A 696 -13.38 73.68 -50.76
C ALA A 696 -14.89 73.50 -50.65
N THR A 697 -15.61 73.66 -51.76
CA THR A 697 -17.06 73.43 -51.76
C THR A 697 -17.38 71.98 -51.41
N PHE A 698 -16.62 71.04 -51.98
CA PHE A 698 -16.81 69.63 -51.68
C PHE A 698 -16.55 69.33 -50.20
N VAL A 699 -15.46 69.88 -49.65
CA VAL A 699 -15.14 69.63 -48.25
C VAL A 699 -16.19 70.24 -47.32
N VAL A 700 -16.64 71.47 -47.62
CA VAL A 700 -17.63 72.12 -46.76
C VAL A 700 -18.97 71.42 -46.86
N ASP A 701 -19.35 70.95 -48.05
CA ASP A 701 -20.60 70.20 -48.19
C ASP A 701 -20.54 68.88 -47.45
N SER A 702 -19.38 68.23 -47.44
CA SER A 702 -19.22 67.03 -46.61
C SER A 702 -19.36 67.36 -45.13
N HIS A 703 -18.77 68.48 -44.70
CA HIS A 703 -18.83 68.89 -43.30
C HIS A 703 -20.26 69.20 -42.87
N VAL A 704 -21.03 69.88 -43.72
CA VAL A 704 -22.39 70.27 -43.39
C VAL A 704 -23.31 69.06 -43.30
N ARG A 705 -23.21 68.15 -44.27
CA ARG A 705 -24.03 66.95 -44.25
C ARG A 705 -23.61 66.00 -43.14
N SER A 706 -22.35 66.11 -42.68
CA SER A 706 -21.86 65.20 -41.65
C SER A 706 -22.28 65.64 -40.25
N HIS A 707 -22.89 66.82 -40.14
CA HIS A 707 -23.24 67.35 -38.84
C HIS A 707 -24.38 66.53 -38.23
N PRO A 708 -24.26 66.10 -36.96
CA PRO A 708 -25.34 65.31 -36.33
C PRO A 708 -26.68 66.04 -36.25
N GLU A 709 -26.66 67.36 -36.05
CA GLU A 709 -27.91 68.08 -35.90
C GLU A 709 -28.64 68.22 -37.23
N ASN A 710 -27.92 68.10 -38.34
CA ASN A 710 -28.52 68.18 -39.67
C ASN A 710 -29.28 66.90 -39.99
N SER A 756 -24.91 58.03 -62.13
CA SER A 756 -23.63 57.60 -62.69
C SER A 756 -22.84 56.57 -61.82
N PRO A 757 -22.60 56.81 -60.52
CA PRO A 757 -21.75 55.88 -59.78
C PRO A 757 -22.47 54.58 -59.45
N ILE A 758 -21.75 53.47 -59.64
CA ILE A 758 -22.21 52.16 -59.17
C ILE A 758 -22.24 52.18 -57.64
N PRO A 759 -23.31 51.71 -57.00
CA PRO A 759 -23.27 51.56 -55.54
C PRO A 759 -22.26 50.52 -55.12
N GLN A 760 -21.64 50.76 -53.95
CA GLN A 760 -20.39 50.09 -53.60
C GLN A 760 -20.60 48.60 -53.35
N GLU A 761 -21.76 48.21 -52.82
CA GLU A 761 -22.03 46.81 -52.56
C GLU A 761 -22.06 46.00 -53.85
N LEU A 762 -22.58 46.59 -54.93
CA LEU A 762 -22.60 45.91 -56.22
C LEU A 762 -21.21 45.92 -56.85
N LEU A 763 -20.49 47.03 -56.70
CA LEU A 763 -19.17 47.17 -57.30
C LEU A 763 -18.17 46.20 -56.69
N MET A 764 -18.28 45.95 -55.39
CA MET A 764 -17.39 45.02 -54.70
C MET A 764 -17.52 43.61 -55.25
N LYS A 765 -18.75 43.13 -55.42
CA LYS A 765 -18.96 41.81 -56.01
C LYS A 765 -18.62 41.78 -57.49
N TYR A 766 -18.81 42.89 -58.21
CA TYR A 766 -18.40 42.96 -59.60
C TYR A 766 -16.88 42.81 -59.74
N ILE A 767 -16.13 43.52 -58.89
CA ILE A 767 -14.68 43.41 -58.86
C ILE A 767 -14.21 42.02 -58.50
N HIS A 768 -14.84 41.39 -57.50
CA HIS A 768 -14.49 40.02 -57.14
C HIS A 768 -14.81 39.02 -58.24
N TYR A 769 -15.93 39.18 -58.95
CA TYR A 769 -16.30 38.31 -60.05
C TYR A 769 -15.31 38.43 -61.22
N ALA A 770 -14.92 39.67 -61.54
CA ALA A 770 -13.98 39.90 -62.64
C ALA A 770 -12.61 39.32 -62.38
N ARG A 771 -12.14 39.33 -61.13
CA ARG A 771 -10.83 38.80 -60.79
C ARG A 771 -10.75 37.29 -60.87
N THR A 772 -11.89 36.59 -60.77
CA THR A 772 -11.89 35.13 -60.73
C THR A 772 -12.56 34.47 -61.92
N LYS A 773 -13.22 35.23 -62.81
CA LYS A 773 -13.97 34.61 -63.89
C LYS A 773 -13.46 34.93 -65.29
N ILE A 774 -12.78 36.05 -65.49
CA ILE A 774 -12.59 36.55 -66.85
C ILE A 774 -11.33 36.01 -67.50
N TYR A 775 -10.15 36.36 -66.94
CA TYR A 775 -8.83 36.06 -67.49
C TYR A 775 -8.73 36.47 -68.96
N PRO A 776 -8.65 37.76 -69.26
CA PRO A 776 -8.65 38.20 -70.67
C PRO A 776 -7.38 37.78 -71.39
N LYS A 777 -7.51 37.59 -72.70
CA LYS A 777 -6.42 37.19 -73.58
C LYS A 777 -6.36 38.12 -74.78
N LEU A 778 -5.25 38.05 -75.52
CA LEU A 778 -5.09 38.85 -76.74
C LEU A 778 -4.56 37.96 -77.85
N HIS A 779 -4.83 38.38 -79.08
CA HIS A 779 -4.55 37.57 -80.27
C HIS A 779 -3.32 38.12 -81.00
N GLN A 780 -2.88 37.37 -82.02
CA GLN A 780 -1.61 37.61 -82.68
C GLN A 780 -1.65 38.75 -83.69
N MET A 781 -2.82 39.15 -84.19
CA MET A 781 -2.86 40.21 -85.18
C MET A 781 -2.86 41.61 -84.57
N ASP A 782 -2.92 41.70 -83.24
CA ASP A 782 -2.85 42.99 -82.56
C ASP A 782 -1.39 43.38 -82.34
N MET A 783 -0.45 42.49 -82.71
CA MET A 783 0.98 42.66 -82.48
C MET A 783 1.59 43.84 -83.21
N ASP A 784 1.19 44.11 -84.45
CA ASP A 784 1.87 45.07 -85.31
C ASP A 784 1.75 46.52 -84.83
N LYS A 785 0.87 46.79 -83.87
CA LYS A 785 0.71 48.14 -83.32
C LYS A 785 1.57 48.39 -82.10
N VAL A 786 1.64 47.44 -81.17
CA VAL A 786 2.38 47.63 -79.93
C VAL A 786 3.88 47.75 -80.19
N SER A 787 4.42 46.95 -81.11
CA SER A 787 5.81 47.14 -81.52
C SER A 787 5.99 48.47 -82.23
N ARG A 788 4.93 48.99 -82.85
CA ARG A 788 5.00 50.29 -83.51
C ARG A 788 5.14 51.42 -82.50
N VAL A 789 4.29 51.44 -81.48
CA VAL A 789 4.34 52.54 -80.51
C VAL A 789 5.58 52.46 -79.62
N TYR A 790 5.97 51.25 -79.20
CA TYR A 790 7.11 51.08 -78.30
C TYR A 790 8.41 51.55 -78.94
N ALA A 791 8.61 51.23 -80.23
CA ALA A 791 9.75 51.78 -80.96
C ALA A 791 9.66 53.29 -81.06
N ASP A 792 8.45 53.83 -81.19
CA ASP A 792 8.29 55.29 -81.18
C ASP A 792 8.44 55.84 -79.76
N LEU A 793 8.35 54.98 -78.75
CA LEU A 793 8.58 55.42 -77.39
C LEU A 793 10.07 55.63 -77.13
N ARG A 794 10.86 54.56 -77.29
CA ARG A 794 12.24 54.52 -76.80
C ARG A 794 13.10 55.59 -77.44
N ARG A 795 12.99 55.79 -78.76
CA ARG A 795 13.84 56.75 -79.43
C ARG A 795 13.57 58.16 -78.95
N GLU A 796 12.33 58.45 -78.54
CA GLU A 796 12.05 59.77 -77.99
C GLU A 796 12.73 59.93 -76.64
N SER A 797 12.79 58.84 -75.86
CA SER A 797 13.57 58.87 -74.62
C SER A 797 15.06 59.04 -74.92
N ILE A 798 15.50 58.63 -76.12
CA ILE A 798 16.86 58.91 -76.54
C ILE A 798 17.04 60.39 -76.85
N SER A 799 15.99 61.05 -77.32
CA SER A 799 16.11 62.42 -77.80
C SER A 799 16.41 63.40 -76.67
N THR A 800 15.81 63.19 -75.50
CA THR A 800 15.93 64.14 -74.40
C THR A 800 16.89 63.68 -73.31
N GLY A 801 17.37 62.43 -73.37
CA GLY A 801 18.32 61.96 -72.38
C GLY A 801 17.74 61.67 -71.02
N SER A 802 16.44 61.42 -70.92
CA SER A 802 15.82 61.06 -69.65
C SER A 802 16.08 59.58 -69.33
N PHE A 803 15.50 59.12 -68.23
CA PHE A 803 15.64 57.72 -67.88
C PHE A 803 14.83 56.87 -68.87
N PRO A 804 15.36 55.71 -69.27
CA PRO A 804 14.88 55.09 -70.51
C PRO A 804 13.54 54.38 -70.36
N ILE A 805 12.91 54.13 -71.50
CA ILE A 805 11.78 53.22 -71.59
C ILE A 805 12.36 51.81 -71.74
N THR A 806 12.15 50.97 -70.72
CA THR A 806 12.65 49.60 -70.77
C THR A 806 11.54 48.66 -71.24
N VAL A 807 11.81 47.36 -71.17
CA VAL A 807 10.81 46.35 -71.50
C VAL A 807 9.69 46.33 -70.46
N ARG A 808 9.99 46.79 -69.23
CA ARG A 808 8.98 46.82 -68.18
C ARG A 808 7.82 47.73 -68.53
N HIS A 809 8.08 48.79 -69.29
CA HIS A 809 7.00 49.68 -69.69
C HIS A 809 6.08 49.00 -70.70
N LEU A 810 6.64 48.23 -71.63
CA LEU A 810 5.82 47.44 -72.55
C LEU A 810 5.01 46.40 -71.80
N GLU A 811 5.62 45.74 -70.82
CA GLU A 811 4.89 44.74 -70.06
C GLU A 811 3.81 45.38 -69.18
N SER A 812 4.05 46.59 -68.69
CA SER A 812 3.03 47.33 -67.96
C SER A 812 1.88 47.72 -68.88
N ILE A 813 2.18 48.08 -70.14
CA ILE A 813 1.14 48.33 -71.12
C ILE A 813 0.30 47.08 -71.34
N LEU A 814 0.96 45.94 -71.51
CA LEU A 814 0.24 44.70 -71.82
C LEU A 814 -0.49 44.15 -70.60
N ARG A 815 -0.08 44.57 -69.40
CA ARG A 815 -0.72 44.11 -68.17
C ARG A 815 -1.90 44.99 -67.79
N ILE A 816 -1.77 46.31 -67.97
CA ILE A 816 -2.84 47.23 -67.65
C ILE A 816 -4.01 47.04 -68.63
N ALA A 817 -3.70 46.75 -69.90
CA ALA A 817 -4.71 46.45 -70.90
C ALA A 817 -5.52 45.20 -70.57
N GLU A 818 -4.93 44.22 -69.89
CA GLU A 818 -5.66 43.05 -69.44
C GLU A 818 -6.53 43.32 -68.23
N SER A 819 -6.36 44.48 -67.57
CA SER A 819 -7.26 44.90 -66.52
C SER A 819 -8.40 45.77 -67.02
N PHE A 820 -8.19 46.52 -68.10
CA PHE A 820 -9.25 47.24 -68.79
C PHE A 820 -10.25 46.30 -69.46
N ALA A 821 -9.78 45.15 -69.96
CA ALA A 821 -10.65 44.13 -70.52
C ALA A 821 -11.38 43.35 -69.44
N LYS A 822 -10.92 43.43 -68.19
CA LYS A 822 -11.64 42.85 -67.06
C LYS A 822 -12.77 43.74 -66.56
N MET A 823 -12.63 45.05 -66.69
CA MET A 823 -13.72 45.96 -66.37
C MET A 823 -14.87 45.80 -67.36
N ARG A 824 -14.56 45.54 -68.63
CA ARG A 824 -15.55 45.25 -69.64
C ARG A 824 -16.09 43.83 -69.54
N LEU A 825 -15.53 43.00 -68.66
CA LEU A 825 -15.85 41.58 -68.53
C LEU A 825 -15.66 40.85 -69.85
N SER A 826 -14.64 41.23 -70.62
CA SER A 826 -14.43 40.72 -71.96
C SER A 826 -13.31 39.68 -71.97
N GLU A 827 -13.56 38.57 -72.66
CA GLU A 827 -12.58 37.50 -72.77
C GLU A 827 -11.42 37.86 -73.69
N PHE A 828 -11.57 38.88 -74.55
CA PHE A 828 -10.50 39.34 -75.42
C PHE A 828 -10.09 40.74 -75.01
N VAL A 829 -8.86 41.10 -75.36
CA VAL A 829 -8.36 42.45 -75.13
C VAL A 829 -8.49 43.24 -76.43
N SER A 830 -9.29 44.29 -76.41
CA SER A 830 -9.61 45.07 -77.59
C SER A 830 -8.53 46.11 -77.84
N SER A 831 -8.63 46.79 -78.98
CA SER A 831 -7.68 47.85 -79.30
C SER A 831 -7.95 49.10 -78.47
N TYR A 832 -9.20 49.29 -78.04
CA TYR A 832 -9.51 50.47 -77.23
C TYR A 832 -8.96 50.35 -75.82
N ASP A 833 -9.07 49.16 -75.23
CA ASP A 833 -8.45 48.91 -73.93
C ASP A 833 -6.94 49.03 -74.01
N LEU A 834 -6.35 48.54 -75.11
CA LEU A 834 -4.90 48.66 -75.31
C LEU A 834 -4.48 50.12 -75.45
N ASP A 835 -5.27 50.91 -76.19
CA ASP A 835 -4.95 52.33 -76.33
C ASP A 835 -5.08 53.07 -75.01
N ARG A 836 -6.10 52.71 -74.21
CA ARG A 836 -6.26 53.34 -72.91
C ARG A 836 -5.10 52.96 -71.97
N ALA A 837 -4.63 51.71 -72.05
CA ALA A 837 -3.45 51.30 -71.28
C ALA A 837 -2.21 52.05 -71.72
N ILE A 838 -2.04 52.24 -73.03
CA ILE A 838 -0.92 53.03 -73.54
C ILE A 838 -1.00 54.46 -73.01
N LYS A 839 -2.22 55.02 -72.97
CA LYS A 839 -2.42 56.36 -72.42
C LYS A 839 -2.01 56.42 -70.95
N VAL A 840 -2.42 55.44 -70.16
CA VAL A 840 -2.10 55.44 -68.73
C VAL A 840 -0.59 55.33 -68.51
N VAL A 841 0.07 54.43 -69.25
CA VAL A 841 1.50 54.22 -69.07
C VAL A 841 2.29 55.44 -69.52
N VAL A 842 1.91 56.04 -70.66
CA VAL A 842 2.61 57.22 -71.17
C VAL A 842 2.40 58.40 -70.22
N ASP A 843 1.18 58.60 -69.73
CA ASP A 843 0.92 59.66 -68.77
C ASP A 843 1.70 59.49 -67.48
N SER A 844 1.80 58.26 -66.97
CA SER A 844 2.64 58.00 -65.80
C SER A 844 4.12 58.22 -66.08
N PHE A 845 4.59 57.96 -67.30
CA PHE A 845 5.99 58.16 -67.64
C PHE A 845 6.34 59.64 -67.76
N VAL A 846 5.46 60.42 -68.40
CA VAL A 846 5.72 61.84 -68.62
C VAL A 846 5.65 62.62 -67.31
N ASP A 847 4.69 62.26 -66.43
CA ASP A 847 4.53 62.96 -65.16
C ASP A 847 5.74 62.76 -64.25
N ALA A 848 6.48 61.66 -64.45
CA ALA A 848 7.66 61.39 -63.64
C ALA A 848 8.88 62.18 -64.08
N GLN A 849 8.79 62.92 -65.18
CA GLN A 849 9.96 63.60 -65.73
C GLN A 849 10.18 64.95 -65.05
N LYS A 850 11.37 65.49 -65.27
CA LYS A 850 11.68 66.87 -64.92
C LYS A 850 10.96 67.83 -65.88
N VAL A 851 10.96 69.11 -65.53
CA VAL A 851 10.15 70.09 -66.25
C VAL A 851 10.68 70.31 -67.67
N SER A 852 12.00 70.19 -67.86
CA SER A 852 12.56 70.37 -69.19
C SER A 852 12.21 69.20 -70.10
N VAL A 853 12.29 67.97 -69.57
CA VAL A 853 11.99 66.79 -70.35
C VAL A 853 10.49 66.69 -70.64
N ARG A 854 9.65 67.08 -69.67
CA ARG A 854 8.21 66.90 -69.79
C ARG A 854 7.61 67.71 -70.93
N ARG A 855 8.08 68.94 -71.12
CA ARG A 855 7.52 69.79 -72.17
C ARG A 855 7.87 69.27 -73.56
N GLN A 856 9.03 68.63 -73.70
CA GLN A 856 9.39 68.02 -74.97
C GLN A 856 8.63 66.70 -75.18
N LEU A 857 8.40 65.96 -74.11
CA LEU A 857 7.76 64.64 -74.23
C LEU A 857 6.26 64.77 -74.46
N ARG A 858 5.67 65.91 -74.06
CA ARG A 858 4.23 66.05 -74.18
C ARG A 858 3.78 66.21 -75.62
N ARG A 859 4.55 66.96 -76.44
CA ARG A 859 4.13 67.19 -77.82
C ARG A 859 4.35 65.95 -78.68
N SER A 860 5.37 65.14 -78.35
CA SER A 860 5.69 63.99 -79.19
C SER A 860 4.69 62.86 -78.98
N PHE A 861 4.20 62.69 -77.76
CA PHE A 861 3.26 61.63 -77.42
C PHE A 861 1.84 62.14 -77.30
N ALA A 862 1.54 63.29 -77.91
CA ALA A 862 0.18 63.84 -77.84
C ALA A 862 -0.82 62.96 -78.59
N ILE A 863 -0.33 62.17 -79.55
CA ILE A 863 -1.20 61.23 -80.26
C ILE A 863 -1.68 60.14 -79.31
N TYR A 864 -0.78 59.63 -78.46
CA TYR A 864 -1.16 58.55 -77.56
C TYR A 864 -1.96 59.07 -76.37
N THR A 865 -1.64 60.28 -75.89
CA THR A 865 -2.35 60.82 -74.73
C THR A 865 -3.73 61.33 -75.12
N LEU A 866 -3.86 61.88 -76.32
CA LEU A 866 -5.11 62.51 -76.82
C LEU A 866 -5.63 63.58 -75.87
N PRO B 17 25.95 -17.49 -9.05
CA PRO B 17 26.83 -18.00 -10.10
C PRO B 17 26.05 -18.43 -11.35
N ASP B 18 26.33 -17.76 -12.47
CA ASP B 18 25.65 -18.01 -13.73
C ASP B 18 26.58 -18.72 -14.69
N ALA B 19 26.09 -19.81 -15.30
CA ALA B 19 26.96 -20.66 -16.12
C ALA B 19 27.36 -19.98 -17.42
N VAL B 20 26.41 -19.30 -18.09
CA VAL B 20 26.75 -18.64 -19.35
C VAL B 20 27.68 -17.46 -19.10
N PHE B 21 27.53 -16.80 -17.94
CA PHE B 21 28.49 -15.77 -17.53
C PHE B 21 29.90 -16.33 -17.40
N GLY B 22 30.04 -17.48 -16.75
CA GLY B 22 31.34 -18.12 -16.61
C GLY B 22 31.92 -18.57 -17.92
N ASP B 23 31.07 -19.08 -18.83
CA ASP B 23 31.53 -19.48 -20.14
C ASP B 23 32.05 -18.27 -20.92
N ARG B 24 31.35 -17.14 -20.83
CA ARG B 24 31.81 -15.93 -21.50
C ARG B 24 33.10 -15.41 -20.87
N VAL B 25 33.24 -15.54 -19.54
CA VAL B 25 34.48 -15.17 -18.87
C VAL B 25 35.64 -16.01 -19.37
N ARG B 26 35.43 -17.33 -19.52
CA ARG B 26 36.48 -18.20 -20.01
C ARG B 26 36.82 -17.91 -21.47
N ARG B 27 35.82 -17.56 -22.27
CA ARG B 27 36.09 -17.20 -23.67
C ARG B 27 36.91 -15.93 -23.76
N PHE B 28 36.64 -14.95 -22.89
CA PHE B 28 37.45 -13.74 -22.92
C PHE B 28 38.85 -13.98 -22.33
N GLN B 29 38.98 -14.94 -21.41
CA GLN B 29 40.31 -15.45 -21.04
C GLN B 29 41.06 -15.98 -22.23
N GLU B 30 40.40 -16.78 -23.07
CA GLU B 30 41.07 -17.31 -24.27
C GLU B 30 41.46 -16.19 -25.23
N PHE B 31 40.59 -15.19 -25.40
CA PHE B 31 40.91 -14.07 -26.28
C PHE B 31 42.08 -13.26 -25.74
N LEU B 32 42.14 -13.04 -24.42
CA LEU B 32 43.22 -12.27 -23.83
C LEU B 32 44.53 -13.04 -23.87
N ASP B 33 44.46 -14.38 -23.76
CA ASP B 33 45.66 -15.19 -23.86
C ASP B 33 46.18 -15.23 -25.29
N THR B 34 45.27 -15.17 -26.27
CA THR B 34 45.69 -15.23 -27.67
C THR B 34 46.40 -13.95 -28.10
N PHE B 35 45.83 -12.80 -27.76
CA PHE B 35 46.41 -11.51 -28.12
C PHE B 35 47.22 -10.98 -26.94
N THR B 36 48.54 -11.00 -27.09
CA THR B 36 49.43 -10.73 -25.96
C THR B 36 49.64 -9.23 -25.75
N SER B 37 49.14 -8.40 -26.66
CA SER B 37 49.31 -6.96 -26.52
C SER B 37 48.57 -6.43 -25.29
N TYR B 38 47.35 -6.94 -25.05
CA TYR B 38 46.60 -6.51 -23.88
C TYR B 38 47.23 -7.05 -22.60
N ARG B 39 47.79 -8.26 -22.67
CA ARG B 39 48.55 -8.81 -21.56
C ARG B 39 49.75 -7.94 -21.22
N ASP B 40 50.43 -7.42 -22.23
CA ASP B 40 51.56 -6.54 -21.99
C ASP B 40 51.11 -5.17 -21.48
N SER B 41 49.95 -4.69 -21.96
CA SER B 41 49.46 -3.39 -21.55
C SER B 41 49.04 -3.38 -20.08
N VAL B 42 48.39 -4.45 -19.62
CA VAL B 42 48.03 -4.56 -18.20
C VAL B 42 49.28 -4.55 -17.33
N ARG B 43 50.28 -5.33 -17.72
CA ARG B 43 51.54 -5.40 -17.00
C ARG B 43 52.27 -4.05 -17.01
N SER B 44 52.26 -3.35 -18.14
CA SER B 44 52.89 -2.03 -18.24
C SER B 44 52.21 -1.01 -17.35
N ILE B 45 50.89 -1.04 -17.25
CA ILE B 45 50.19 -0.18 -16.29
C ILE B 45 50.59 -0.51 -14.87
N GLN B 46 50.66 -1.81 -14.56
CA GLN B 46 50.97 -2.24 -13.20
C GLN B 46 52.39 -1.86 -12.78
N VAL B 47 53.38 -2.00 -13.67
CA VAL B 47 54.74 -1.62 -13.30
C VAL B 47 54.88 -0.10 -13.14
N TYR B 48 54.14 0.68 -13.93
CA TYR B 48 54.17 2.13 -13.75
C TYR B 48 53.58 2.51 -12.39
N ASN B 49 52.45 1.91 -12.04
CA ASN B 49 51.82 2.23 -10.75
C ASN B 49 52.69 1.77 -9.57
N SER B 50 53.29 0.58 -9.68
CA SER B 50 54.13 0.08 -8.59
C SER B 50 55.42 0.87 -8.48
N ASN B 51 55.99 1.32 -9.61
CA ASN B 51 57.19 2.13 -9.57
C ASN B 51 56.92 3.50 -8.95
N ASN B 52 55.76 4.09 -9.27
CA ASN B 52 55.39 5.36 -8.64
C ASN B 52 55.13 5.18 -7.15
N ALA B 53 54.51 4.06 -6.76
CA ALA B 53 54.31 3.79 -5.34
C ALA B 53 55.64 3.59 -4.62
N ALA B 54 56.58 2.90 -5.26
CA ALA B 54 57.89 2.69 -4.64
C ALA B 54 58.68 4.00 -4.58
N ASN B 55 58.49 4.88 -5.56
CA ASN B 55 59.12 6.20 -5.50
C ASN B 55 58.53 7.04 -4.37
N TYR B 56 57.21 6.95 -4.16
CA TYR B 56 56.60 7.68 -3.07
C TYR B 56 57.00 7.09 -1.71
N ASN B 57 57.28 5.78 -1.68
CA ASN B 57 57.75 5.16 -0.45
C ASN B 57 59.19 5.55 -0.15
N ASP B 58 60.06 5.54 -1.18
CA ASP B 58 61.46 5.93 -0.99
C ASP B 58 61.58 7.44 -0.83
N ASP B 59 61.19 8.19 -1.85
CA ASP B 59 61.15 9.64 -1.76
C ASP B 59 59.80 10.10 -1.24
N LEU B 89 54.25 13.03 -9.13
CA LEU B 89 53.91 11.62 -9.33
C LEU B 89 52.64 11.50 -10.15
N ASN B 90 52.30 10.27 -10.55
CA ASN B 90 51.11 10.03 -11.34
C ASN B 90 50.68 8.57 -11.14
N ILE B 91 49.41 8.31 -11.43
CA ILE B 91 48.83 6.97 -11.33
C ILE B 91 48.06 6.71 -12.62
N LEU B 92 48.15 5.48 -13.12
CA LEU B 92 47.42 5.14 -14.33
C LEU B 92 46.12 4.41 -13.98
N PRO B 93 45.04 4.75 -14.66
CA PRO B 93 43.77 4.06 -14.43
C PRO B 93 43.80 2.62 -14.95
N HIS B 94 42.92 1.81 -14.37
CA HIS B 94 42.86 0.38 -14.69
C HIS B 94 41.80 0.14 -15.77
N ARG B 95 42.16 0.52 -17.00
CA ARG B 95 41.33 0.19 -18.15
C ARG B 95 42.22 -0.06 -19.37
N ILE B 96 41.73 -0.90 -20.28
CA ILE B 96 42.49 -1.38 -21.42
C ILE B 96 41.73 -1.07 -22.69
N ILE B 97 42.44 -0.54 -23.69
CA ILE B 97 41.90 -0.31 -25.01
C ILE B 97 41.80 -1.66 -25.71
N ILE B 98 40.62 -2.00 -26.20
CA ILE B 98 40.38 -3.27 -26.90
C ILE B 98 39.99 -2.98 -28.34
N SER B 99 40.67 -3.64 -29.27
CA SER B 99 40.33 -3.51 -30.68
C SER B 99 39.18 -4.44 -31.03
N LEU B 100 38.14 -3.88 -31.64
CA LEU B 100 36.96 -4.67 -31.99
C LEU B 100 37.25 -5.58 -33.18
N ASP B 101 38.17 -5.17 -34.06
CA ASP B 101 38.52 -6.00 -35.21
C ASP B 101 39.24 -7.27 -34.79
N ASP B 102 40.12 -7.17 -33.79
CA ASP B 102 40.80 -8.35 -33.26
C ASP B 102 39.83 -9.32 -32.63
N LEU B 103 38.85 -8.80 -31.88
CA LEU B 103 37.82 -9.65 -31.28
C LEU B 103 36.95 -10.30 -32.36
N ARG B 104 36.64 -9.55 -33.42
CA ARG B 104 35.87 -10.11 -34.53
C ARG B 104 36.61 -11.24 -35.21
N GLU B 105 37.93 -11.09 -35.39
CA GLU B 105 38.71 -12.16 -36.00
C GLU B 105 38.81 -13.37 -35.08
N PHE B 106 38.97 -13.13 -33.78
CA PHE B 106 39.06 -14.24 -32.83
C PHE B 106 37.72 -14.94 -32.64
N ASP B 107 36.65 -14.18 -32.40
CA ASP B 107 35.36 -14.77 -32.04
C ASP B 107 34.27 -13.83 -32.51
N ARG B 108 33.61 -14.19 -33.62
CA ARG B 108 32.57 -13.33 -34.17
C ARG B 108 31.34 -13.30 -33.27
N SER B 109 31.05 -14.41 -32.59
CA SER B 109 29.90 -14.45 -31.69
C SER B 109 30.10 -13.53 -30.49
N PHE B 110 31.29 -13.52 -29.91
CA PHE B 110 31.54 -12.64 -28.78
C PHE B 110 31.59 -11.18 -29.22
N TRP B 111 32.10 -10.92 -30.42
CA TRP B 111 32.15 -9.56 -30.95
C TRP B 111 30.74 -9.02 -31.21
N SER B 112 29.88 -9.85 -31.80
CA SER B 112 28.50 -9.44 -32.02
C SER B 112 27.74 -9.34 -30.71
N GLY B 113 28.12 -10.14 -29.71
CA GLY B 113 27.55 -9.98 -28.39
C GLY B 113 27.95 -8.67 -27.73
N ILE B 114 29.23 -8.28 -27.89
CA ILE B 114 29.71 -7.01 -27.37
C ILE B 114 28.95 -5.84 -28.00
N LEU B 115 28.77 -5.91 -29.32
CA LEU B 115 28.10 -4.81 -30.01
C LEU B 115 26.60 -4.79 -29.71
N VAL B 116 25.93 -5.94 -29.75
CA VAL B 116 24.48 -5.96 -29.81
C VAL B 116 23.88 -6.08 -28.40
N GLU B 117 24.47 -6.91 -27.54
CA GLU B 117 24.04 -7.01 -26.14
C GLU B 117 25.22 -6.77 -25.22
N PRO B 118 25.67 -5.52 -25.08
CA PRO B 118 26.83 -5.25 -24.21
C PRO B 118 26.58 -5.53 -22.73
N ALA B 119 25.32 -5.54 -22.30
CA ALA B 119 25.02 -5.80 -20.89
C ALA B 119 25.34 -7.25 -20.51
N TYR B 120 25.27 -8.16 -21.47
CA TYR B 120 25.52 -9.57 -21.16
C TYR B 120 26.96 -9.97 -21.48
N PHE B 121 27.71 -9.12 -22.17
CA PHE B 121 29.03 -9.51 -22.66
C PHE B 121 30.16 -8.67 -22.11
N ILE B 122 29.95 -7.37 -21.88
CA ILE B 122 30.97 -6.51 -21.30
C ILE B 122 31.29 -6.87 -19.84
N PRO B 123 30.32 -7.11 -18.94
CA PRO B 123 30.70 -7.52 -17.56
C PRO B 123 31.49 -8.83 -17.49
N PRO B 124 31.18 -9.88 -18.29
CA PRO B 124 32.10 -11.04 -18.28
C PRO B 124 33.51 -10.71 -18.75
N ALA B 125 33.65 -9.84 -19.75
CA ALA B 125 34.97 -9.49 -20.25
C ALA B 125 35.75 -8.66 -19.24
N GLU B 126 35.06 -7.76 -18.53
CA GLU B 126 35.71 -6.99 -17.48
C GLU B 126 36.10 -7.87 -16.30
N LYS B 127 35.27 -8.86 -15.97
CA LYS B 127 35.63 -9.84 -14.95
C LYS B 127 36.85 -10.65 -15.37
N ALA B 128 36.91 -11.03 -16.64
CA ALA B 128 38.07 -11.75 -17.16
C ALA B 128 39.34 -10.91 -17.08
N LEU B 129 39.24 -9.63 -17.44
CA LEU B 129 40.39 -8.73 -17.37
C LEU B 129 40.84 -8.54 -15.94
N THR B 130 39.88 -8.42 -15.01
CA THR B 130 40.23 -8.30 -13.59
C THR B 130 40.91 -9.57 -13.08
N ASP B 131 40.45 -10.74 -13.53
CA ASP B 131 41.08 -12.00 -13.13
C ASP B 131 42.52 -12.08 -13.64
N LEU B 132 42.74 -11.68 -14.89
CA LEU B 132 44.09 -11.68 -15.45
C LEU B 132 45.01 -10.72 -14.70
N ALA B 133 44.52 -9.50 -14.43
CA ALA B 133 45.34 -8.51 -13.75
C ALA B 133 45.61 -8.90 -12.30
N ASP B 134 44.65 -9.58 -11.66
CA ASP B 134 44.86 -10.02 -10.30
C ASP B 134 45.81 -11.21 -10.24
N SER B 135 45.80 -12.05 -11.29
CA SER B 135 46.73 -13.16 -11.34
C SER B 135 48.15 -12.67 -11.56
N MET B 136 48.31 -11.54 -12.25
CA MET B 136 49.67 -11.06 -12.49
C MET B 136 50.14 -10.12 -11.39
N ASP B 137 49.21 -9.47 -10.68
CA ASP B 137 49.55 -8.47 -9.68
C ASP B 137 49.58 -9.03 -8.27
N ASP B 138 49.48 -10.36 -8.12
CA ASP B 138 49.59 -10.98 -6.80
C ASP B 138 50.99 -10.80 -6.21
N VAL B 139 52.02 -10.89 -7.05
CA VAL B 139 53.39 -10.69 -6.56
C VAL B 139 53.63 -9.26 -6.10
N PRO B 140 53.30 -8.20 -6.88
CA PRO B 140 53.56 -6.89 -6.26
C PRO B 140 52.50 -6.50 -5.24
N ARG B 150 43.49 -3.22 -6.55
CA ARG B 150 42.28 -3.70 -5.89
C ARG B 150 41.03 -3.27 -6.64
N HIS B 151 41.12 -2.14 -7.33
CA HIS B 151 39.98 -1.65 -8.10
C HIS B 151 39.79 -2.51 -9.35
N PRO B 152 38.55 -2.89 -9.67
CA PRO B 152 38.32 -3.76 -10.84
C PRO B 152 38.66 -3.05 -12.14
N TRP B 153 39.12 -3.83 -13.11
CA TRP B 153 39.58 -3.27 -14.37
C TRP B 153 38.42 -2.99 -15.31
N LYS B 154 38.59 -1.96 -16.15
CA LYS B 154 37.56 -1.52 -17.06
C LYS B 154 38.00 -1.76 -18.50
N LEU B 155 37.09 -1.53 -19.43
CA LEU B 155 37.32 -1.81 -20.85
C LEU B 155 36.99 -0.60 -21.69
N SER B 156 37.82 -0.36 -22.70
CA SER B 156 37.57 0.62 -23.74
C SER B 156 37.63 -0.09 -25.09
N PHE B 157 36.98 0.52 -26.08
CA PHE B 157 36.82 -0.12 -27.38
C PHE B 157 37.23 0.82 -28.50
N LYS B 158 37.95 0.27 -29.48
CA LYS B 158 38.32 0.98 -30.69
C LYS B 158 38.05 0.08 -31.89
N GLY B 159 38.14 0.66 -33.07
CA GLY B 159 37.98 -0.08 -34.31
C GLY B 159 36.70 0.32 -35.03
N SER B 160 36.42 -0.43 -36.09
CA SER B 160 35.21 -0.19 -36.88
C SER B 160 33.98 -0.68 -36.11
N PHE B 161 32.93 0.15 -36.13
CA PHE B 161 31.67 -0.21 -35.51
C PHE B 161 30.58 -0.56 -36.51
N GLY B 162 30.76 -0.18 -37.79
CA GLY B 162 29.78 -0.48 -38.82
C GLY B 162 28.51 0.33 -38.68
N ALA B 163 27.38 -0.35 -38.45
CA ALA B 163 26.11 0.33 -38.27
C ALA B 163 26.00 1.03 -36.93
N HIS B 164 26.94 0.82 -36.01
CA HIS B 164 26.92 1.44 -34.70
C HIS B 164 27.76 2.71 -34.65
N ALA B 165 28.37 3.10 -35.76
CA ALA B 165 29.06 4.39 -35.86
C ALA B 165 28.02 5.44 -36.28
N LEU B 166 27.55 6.21 -35.31
CA LEU B 166 26.37 7.04 -35.51
C LEU B 166 26.66 8.48 -35.09
N SER B 167 25.65 9.32 -35.25
CA SER B 167 25.66 10.73 -34.86
C SER B 167 24.48 10.95 -33.93
N PRO B 168 24.44 12.05 -33.16
CA PRO B 168 23.27 12.29 -32.29
C PRO B 168 21.94 12.38 -33.03
N ARG B 169 21.96 12.80 -34.29
CA ARG B 169 20.74 12.72 -35.10
C ARG B 169 20.41 11.27 -35.47
N THR B 170 21.44 10.46 -35.70
CA THR B 170 21.22 9.10 -36.20
C THR B 170 20.91 8.13 -35.07
N LEU B 171 21.17 8.53 -33.82
CA LEU B 171 20.78 7.72 -32.68
C LEU B 171 19.27 7.60 -32.57
N THR B 172 18.79 6.36 -32.60
CA THR B 172 17.37 6.07 -32.54
C THR B 172 17.14 5.03 -31.45
N ALA B 173 15.88 4.65 -31.26
CA ALA B 173 15.54 3.76 -30.15
C ALA B 173 15.86 2.30 -30.48
N GLN B 174 16.17 2.00 -31.73
CA GLN B 174 16.62 0.66 -32.06
C GLN B 174 18.04 0.42 -31.55
N HIS B 175 18.78 1.49 -31.30
CA HIS B 175 20.16 1.38 -30.80
C HIS B 175 20.22 1.31 -29.28
N LEU B 176 19.08 1.31 -28.60
CA LEU B 176 19.08 1.20 -27.15
C LEU B 176 19.60 -0.17 -26.72
N ASN B 177 20.31 -0.19 -25.59
CA ASN B 177 20.97 -1.38 -25.05
C ASN B 177 21.97 -1.97 -26.04
N LYS B 178 22.65 -1.08 -26.78
CA LYS B 178 23.69 -1.49 -27.71
C LYS B 178 24.90 -0.60 -27.54
N LEU B 179 26.07 -1.14 -27.89
CA LEU B 179 27.29 -0.35 -27.86
C LEU B 179 27.39 0.49 -29.12
N VAL B 180 27.47 1.81 -28.94
CA VAL B 180 27.46 2.74 -30.07
C VAL B 180 28.65 3.67 -29.96
N SER B 181 29.17 4.06 -31.12
CA SER B 181 30.22 5.05 -31.25
C SER B 181 29.62 6.29 -31.90
N VAL B 182 29.64 7.41 -31.19
CA VAL B 182 28.92 8.61 -31.59
C VAL B 182 29.90 9.77 -31.66
N GLU B 183 30.02 10.38 -32.84
CA GLU B 183 30.89 11.53 -33.02
C GLU B 183 30.05 12.80 -33.12
N GLY B 184 30.56 13.87 -32.53
CA GLY B 184 29.84 15.13 -32.49
C GLY B 184 30.70 16.22 -31.91
N ILE B 185 30.04 17.26 -31.41
CA ILE B 185 30.69 18.37 -30.74
C ILE B 185 30.16 18.46 -29.32
N VAL B 186 31.06 18.73 -28.38
CA VAL B 186 30.67 18.96 -26.99
C VAL B 186 30.19 20.40 -26.86
N THR B 187 28.94 20.58 -26.45
CA THR B 187 28.36 21.90 -26.28
C THR B 187 28.29 22.31 -24.81
N LYS B 188 27.82 21.43 -23.95
CA LYS B 188 27.69 21.69 -22.54
C LYS B 188 28.43 20.62 -21.75
N THR B 189 29.12 21.03 -20.69
CA THR B 189 29.70 20.08 -19.75
C THR B 189 29.26 20.49 -18.36
N SER B 190 29.02 19.51 -17.51
CA SER B 190 28.56 19.81 -16.16
C SER B 190 29.75 19.99 -15.21
N LEU B 191 29.44 20.45 -14.02
CA LEU B 191 30.44 20.49 -12.96
C LEU B 191 30.81 19.06 -12.57
N VAL B 192 32.11 18.84 -12.36
CA VAL B 192 32.59 17.55 -11.89
C VAL B 192 32.14 17.36 -10.45
N ARG B 193 31.36 16.33 -10.20
CA ARG B 193 30.82 16.16 -8.87
C ARG B 193 31.23 14.81 -8.31
N PRO B 194 31.72 14.76 -7.07
CA PRO B 194 31.96 13.46 -6.44
C PRO B 194 30.65 12.77 -6.10
N LYS B 195 30.68 11.45 -6.17
CA LYS B 195 29.55 10.60 -5.85
C LYS B 195 29.98 9.63 -4.78
N LEU B 196 29.26 9.59 -3.68
CA LEU B 196 29.58 8.70 -2.57
C LEU B 196 29.33 7.26 -2.99
N ILE B 197 30.36 6.41 -2.84
CA ILE B 197 30.28 5.00 -3.15
C ILE B 197 30.22 4.15 -1.88
N ARG B 198 31.11 4.43 -0.93
CA ARG B 198 31.09 3.80 0.37
C ARG B 198 31.27 4.87 1.43
N SER B 199 30.34 4.94 2.37
CA SER B 199 30.44 5.85 3.50
C SER B 199 30.97 5.09 4.71
N VAL B 200 31.95 5.68 5.38
CA VAL B 200 32.58 5.11 6.56
C VAL B 200 32.19 5.96 7.76
N HIS B 201 31.77 5.31 8.83
CA HIS B 201 31.25 5.97 10.03
C HIS B 201 31.97 5.41 11.25
N TYR B 202 32.03 6.22 12.30
CA TYR B 202 32.67 5.84 13.55
C TYR B 202 31.65 5.90 14.67
N ALA B 203 31.61 4.83 15.47
CA ALA B 203 30.82 4.78 16.69
C ALA B 203 31.79 4.94 17.85
N ALA B 204 31.68 6.07 18.54
CA ALA B 204 32.62 6.39 19.62
C ALA B 204 32.32 5.60 20.87
N LYS B 205 31.06 5.20 21.07
CA LYS B 205 30.69 4.43 22.25
C LYS B 205 31.33 3.04 22.22
N THR B 206 31.25 2.36 21.09
CA THR B 206 31.93 1.08 20.91
C THR B 206 33.31 1.24 20.30
N GLY B 207 33.62 2.43 19.78
CA GLY B 207 34.91 2.67 19.15
C GLY B 207 35.14 1.85 17.90
N ARG B 208 34.12 1.67 17.08
CA ARG B 208 34.23 0.81 15.90
C ARG B 208 33.81 1.55 14.64
N PHE B 209 34.38 1.12 13.51
CA PHE B 209 34.10 1.72 12.22
C PHE B 209 33.13 0.84 11.45
N HIS B 210 32.06 1.45 10.94
CA HIS B 210 31.08 0.80 10.09
C HIS B 210 31.15 1.40 8.70
N TYR B 211 30.54 0.74 7.73
CA TYR B 211 30.52 1.25 6.38
C TYR B 211 29.25 0.80 5.67
N ARG B 212 28.88 1.55 4.64
CA ARG B 212 27.74 1.24 3.79
C ARG B 212 28.07 1.56 2.34
N ASP B 213 27.72 0.65 1.44
CA ASP B 213 27.99 0.79 0.02
C ASP B 213 26.72 1.27 -0.68
N TYR B 214 26.89 2.16 -1.66
CA TYR B 214 25.78 2.71 -2.42
C TYR B 214 26.03 2.50 -3.90
N THR B 215 24.99 2.10 -4.63
CA THR B 215 25.04 1.93 -6.07
C THR B 215 23.82 2.59 -6.69
N ASP B 216 23.95 2.95 -7.97
CA ASP B 216 22.85 3.49 -8.73
C ASP B 216 22.78 2.78 -10.08
N ALA B 217 21.76 3.12 -10.87
CA ALA B 217 21.48 2.37 -12.09
C ALA B 217 22.51 2.64 -13.17
N THR B 218 23.18 3.79 -13.12
CA THR B 218 24.17 4.11 -14.14
C THR B 218 25.48 3.37 -13.93
N THR B 219 25.68 2.79 -12.74
CA THR B 219 26.95 2.10 -12.47
C THR B 219 27.02 0.75 -13.15
N THR B 220 25.90 0.04 -13.24
CA THR B 220 25.86 -1.30 -13.79
C THR B 220 25.15 -1.31 -15.15
N LEU B 221 25.69 -2.09 -16.08
CA LEU B 221 25.03 -2.26 -17.37
C LEU B 221 23.73 -3.04 -17.24
N THR B 222 23.73 -4.07 -16.41
CA THR B 222 22.52 -4.85 -16.15
C THR B 222 21.71 -4.17 -15.05
N THR B 223 20.39 -4.22 -15.19
CA THR B 223 19.53 -3.68 -14.14
C THR B 223 19.58 -4.57 -12.91
N ARG B 224 19.35 -3.96 -11.76
CA ARG B 224 19.28 -4.68 -10.50
C ARG B 224 18.07 -4.21 -9.74
N ILE B 225 17.67 -5.00 -8.74
CA ILE B 225 16.58 -4.55 -7.86
C ILE B 225 17.06 -3.34 -7.07
N PRO B 226 16.40 -2.19 -7.18
CA PRO B 226 16.87 -0.99 -6.48
C PRO B 226 16.58 -1.10 -4.98
N THR B 227 17.64 -1.27 -4.20
CA THR B 227 17.53 -1.30 -2.75
C THR B 227 18.11 -0.01 -2.19
N PRO B 228 17.30 1.03 -1.99
CA PRO B 228 17.85 2.29 -1.50
C PRO B 228 18.12 2.25 0.00
N ALA B 229 19.39 2.12 0.37
CA ALA B 229 19.81 2.08 1.76
C ALA B 229 20.14 3.50 2.22
N ILE B 230 19.47 3.95 3.28
CA ILE B 230 19.63 5.33 3.72
C ILE B 230 21.02 5.54 4.31
N TYR B 231 21.37 6.81 4.49
CA TYR B 231 22.63 7.16 5.11
C TYR B 231 22.56 6.85 6.60
N PRO B 232 23.40 5.96 7.12
CA PRO B 232 23.24 5.52 8.51
C PRO B 232 23.74 6.57 9.49
N THR B 233 22.88 6.91 10.44
CA THR B 233 23.24 7.76 11.57
C THR B 233 23.20 7.04 12.90
N GLU B 234 22.58 5.86 12.95
CA GLU B 234 22.63 4.97 14.09
C GLU B 234 23.43 3.74 13.68
N ASP B 235 24.04 3.07 14.65
CA ASP B 235 24.38 1.69 14.39
C ASP B 235 23.17 0.82 14.71
N THR B 236 23.38 -0.50 14.70
CA THR B 236 22.26 -1.40 14.98
C THR B 236 21.84 -1.36 16.44
N GLU B 237 22.69 -0.85 17.33
CA GLU B 237 22.37 -0.77 18.75
C GLU B 237 21.92 0.62 19.18
N GLY B 238 21.87 1.59 18.28
CA GLY B 238 21.39 2.91 18.59
C GLY B 238 22.46 3.94 18.93
N ASN B 239 23.74 3.56 18.92
CA ASN B 239 24.81 4.52 19.19
C ASN B 239 24.97 5.50 18.04
N LYS B 240 25.32 6.74 18.38
CA LYS B 240 25.48 7.78 17.38
C LYS B 240 26.71 7.51 16.51
N LEU B 241 26.54 7.73 15.21
CA LEU B 241 27.62 7.57 14.25
C LEU B 241 28.10 8.94 13.78
N THR B 242 29.41 9.09 13.62
CA THR B 242 29.98 10.29 13.03
C THR B 242 30.60 9.92 11.69
N THR B 243 30.39 10.76 10.69
CA THR B 243 30.94 10.51 9.36
C THR B 243 32.45 10.67 9.38
N GLU B 244 33.14 9.69 8.79
CA GLU B 244 34.59 9.73 8.64
C GLU B 244 34.90 10.16 7.21
N TYR B 245 34.89 11.48 6.99
CA TYR B 245 35.32 12.06 5.72
C TYR B 245 36.80 11.77 5.53
N GLY B 246 37.17 11.34 4.34
CA GLY B 246 38.53 10.92 4.08
C GLY B 246 38.75 9.44 4.14
N TYR B 247 37.93 8.71 4.90
CA TYR B 247 37.90 7.25 4.82
C TYR B 247 36.80 6.76 3.89
N SER B 248 35.78 7.58 3.67
CA SER B 248 34.77 7.32 2.66
C SER B 248 35.37 7.49 1.27
N THR B 249 34.76 6.83 0.29
CA THR B 249 35.23 6.91 -1.09
C THR B 249 34.20 7.62 -1.96
N PHE B 250 34.70 8.57 -2.76
CA PHE B 250 33.90 9.36 -3.67
C PHE B 250 34.50 9.22 -5.07
N ILE B 251 33.68 8.83 -6.03
CA ILE B 251 34.10 8.67 -7.42
C ILE B 251 33.62 9.88 -8.21
N ASP B 252 34.52 10.44 -9.02
CA ASP B 252 34.17 11.61 -9.82
C ASP B 252 33.12 11.24 -10.87
N HIS B 253 32.19 12.17 -11.10
CA HIS B 253 31.10 11.94 -12.04
C HIS B 253 30.91 13.21 -12.86
N GLN B 254 30.68 13.03 -14.16
CA GLN B 254 30.42 14.15 -15.04
C GLN B 254 29.33 13.78 -16.02
N ARG B 255 28.61 14.79 -16.52
CA ARG B 255 27.69 14.62 -17.62
C ARG B 255 27.98 15.68 -18.67
N ILE B 256 28.14 15.25 -19.91
CA ILE B 256 28.38 16.16 -21.01
C ILE B 256 27.23 16.02 -22.00
N THR B 257 27.12 17.00 -22.90
CA THR B 257 26.13 16.98 -23.97
C THR B 257 26.89 16.95 -25.29
N VAL B 258 26.60 15.97 -26.12
CA VAL B 258 27.25 15.85 -27.41
C VAL B 258 26.23 16.14 -28.52
N GLN B 259 26.39 17.28 -29.16
CA GLN B 259 25.56 17.65 -30.30
C GLN B 259 26.29 17.28 -31.59
N GLU B 260 25.52 16.97 -32.63
CA GLU B 260 26.10 16.65 -33.92
C GLU B 260 26.88 17.83 -34.48
N MET B 261 27.97 17.52 -35.19
CA MET B 261 28.91 18.55 -35.64
C MET B 261 28.25 19.52 -36.62
N PRO B 262 28.52 20.81 -36.48
CA PRO B 262 27.89 21.82 -37.34
C PRO B 262 28.24 21.71 -38.82
N GLU B 263 29.33 21.02 -39.16
CA GLU B 263 29.64 20.69 -40.54
C GLU B 263 29.00 19.40 -41.02
N MET B 264 28.67 18.49 -40.12
CA MET B 264 27.90 17.29 -40.45
C MET B 264 26.40 17.44 -40.16
N ALA B 265 25.97 18.63 -39.72
CA ALA B 265 24.56 18.87 -39.45
C ALA B 265 23.90 19.55 -40.65
N PRO B 266 22.61 19.35 -40.86
CA PRO B 266 21.91 20.08 -41.93
C PRO B 266 21.88 21.58 -41.63
N ALA B 267 21.89 22.36 -42.71
CA ALA B 267 22.20 23.78 -42.58
C ALA B 267 21.05 24.61 -42.01
N GLY B 268 19.83 24.09 -42.00
CA GLY B 268 18.72 24.88 -41.52
C GLY B 268 18.06 24.36 -40.27
N GLN B 269 18.27 23.09 -39.97
CA GLN B 269 17.54 22.41 -38.91
C GLN B 269 18.14 22.70 -37.54
N LEU B 270 17.30 22.60 -36.51
CA LEU B 270 17.78 22.62 -35.15
C LEU B 270 18.61 21.37 -34.85
N PRO B 271 19.70 21.50 -34.10
CA PRO B 271 20.59 20.35 -33.89
C PRO B 271 20.03 19.36 -32.89
N ARG B 272 20.50 18.11 -32.96
CA ARG B 272 20.13 17.07 -32.02
C ARG B 272 21.35 16.71 -31.17
N SER B 273 21.09 16.43 -29.89
CA SER B 273 22.15 16.18 -28.93
C SER B 273 21.78 14.98 -28.06
N ILE B 274 22.74 14.55 -27.24
CA ILE B 274 22.53 13.46 -26.30
C ILE B 274 23.45 13.66 -25.11
N ASP B 275 22.98 13.25 -23.93
CA ASP B 275 23.77 13.28 -22.71
C ASP B 275 24.66 12.05 -22.63
N VAL B 276 25.88 12.25 -22.16
CA VAL B 276 26.85 11.20 -21.94
C VAL B 276 27.30 11.30 -20.49
N ILE B 277 27.23 10.21 -19.75
CA ILE B 277 27.68 10.16 -18.37
C ILE B 277 29.08 9.56 -18.34
N LEU B 278 30.01 10.26 -17.71
CA LEU B 278 31.39 9.82 -17.57
C LEU B 278 31.72 9.59 -16.10
N ASP B 279 32.57 8.59 -15.89
CA ASP B 279 32.91 8.11 -14.56
C ASP B 279 34.40 8.39 -14.34
N ASP B 280 34.94 7.85 -13.24
CA ASP B 280 36.13 8.37 -12.55
C ASP B 280 37.25 8.82 -13.47
N ASP B 281 37.76 7.92 -14.31
CA ASP B 281 38.91 8.22 -15.14
C ASP B 281 38.56 8.86 -16.48
N LEU B 282 37.29 8.88 -16.86
CA LEU B 282 36.88 9.54 -18.09
C LEU B 282 36.46 10.99 -17.86
N VAL B 283 36.55 11.47 -16.62
CA VAL B 283 36.15 12.81 -16.26
C VAL B 283 37.18 13.81 -16.78
N ASP B 284 36.69 14.93 -17.32
CA ASP B 284 37.50 16.10 -17.68
C ASP B 284 38.50 15.78 -18.81
N LYS B 285 38.08 14.90 -19.70
CA LYS B 285 38.82 14.65 -20.94
C LYS B 285 38.32 15.54 -22.07
N THR B 286 37.34 16.40 -21.80
CA THR B 286 36.74 17.25 -22.82
C THR B 286 36.55 18.65 -22.26
N LYS B 287 36.52 19.62 -23.16
CA LYS B 287 36.03 20.95 -22.89
C LYS B 287 34.93 21.28 -23.89
N PRO B 288 34.05 22.23 -23.57
CA PRO B 288 33.02 22.63 -24.55
C PRO B 288 33.65 23.17 -25.83
N GLY B 289 33.06 22.80 -26.95
CA GLY B 289 33.60 23.13 -28.25
C GLY B 289 34.45 22.05 -28.88
N ASP B 290 34.84 21.01 -28.13
CA ASP B 290 35.62 19.93 -28.71
C ASP B 290 34.78 19.10 -29.65
N ARG B 291 35.42 18.61 -30.71
CA ARG B 291 34.88 17.50 -31.48
C ARG B 291 35.30 16.22 -30.79
N VAL B 292 34.34 15.31 -30.59
CA VAL B 292 34.57 14.10 -29.82
C VAL B 292 33.99 12.89 -30.53
N ASN B 293 34.55 11.73 -30.22
CA ASN B 293 33.93 10.44 -30.50
C ASN B 293 33.80 9.71 -29.17
N VAL B 294 32.56 9.47 -28.74
CA VAL B 294 32.28 8.79 -27.49
C VAL B 294 31.76 7.41 -27.81
N VAL B 295 32.39 6.39 -27.24
CA VAL B 295 31.97 5.01 -27.35
C VAL B 295 31.34 4.61 -26.03
N GLY B 296 30.12 4.09 -26.08
CA GLY B 296 29.44 3.71 -24.86
C GLY B 296 28.12 3.02 -25.14
N VAL B 297 27.48 2.60 -24.06
CA VAL B 297 26.22 1.88 -24.18
C VAL B 297 25.06 2.86 -24.16
N PHE B 298 24.24 2.83 -25.20
CA PHE B 298 23.04 3.65 -25.28
C PHE B 298 21.98 3.01 -24.38
N LYS B 299 21.76 3.63 -23.22
CA LYS B 299 20.95 3.02 -22.18
C LYS B 299 19.61 3.74 -22.00
N SER B 300 18.62 2.96 -21.57
CA SER B 300 17.34 3.49 -21.11
C SER B 300 17.27 3.31 -19.60
N LEU B 301 16.74 4.32 -18.91
CA LEU B 301 16.78 4.35 -17.46
C LEU B 301 15.38 4.55 -16.90
N GLY B 302 15.15 3.98 -15.72
CA GLY B 302 13.95 4.22 -14.97
C GLY B 302 12.69 3.66 -15.61
N ALA B 303 11.57 4.30 -15.29
CA ALA B 303 10.28 4.02 -15.89
C ALA B 303 9.75 5.28 -16.54
N GLY B 304 9.35 5.18 -17.79
CA GLY B 304 8.87 6.34 -18.52
C GLY B 304 7.44 6.71 -18.18
N GLY B 305 7.19 7.02 -16.91
CA GLY B 305 5.88 7.41 -16.45
C GLY B 305 4.91 6.27 -16.20
N MET B 306 5.36 5.01 -16.28
CA MET B 306 4.44 3.89 -16.13
C MET B 306 4.09 3.63 -14.68
N ASN B 307 4.87 4.18 -13.74
CA ASN B 307 4.52 4.04 -12.33
C ASN B 307 3.38 4.98 -11.96
N GLN B 308 2.70 4.67 -10.86
CA GLN B 308 1.53 5.44 -10.46
C GLN B 308 1.91 6.85 -10.00
N SER B 309 3.02 6.97 -9.27
CA SER B 309 3.46 8.28 -8.80
C SER B 309 3.84 9.19 -9.96
N ASN B 310 4.54 8.65 -10.96
CA ASN B 310 4.93 9.47 -12.11
C ASN B 310 3.73 9.84 -12.97
N SER B 311 2.85 8.88 -13.25
CA SER B 311 1.65 9.05 -14.06
C SER B 311 1.94 9.64 -15.45
N THR B 313 2.83 11.67 -18.01
CA THR B 313 3.85 12.49 -18.68
C THR B 313 4.51 11.73 -19.83
N LEU B 314 4.91 12.47 -20.86
CA LEU B 314 5.60 11.87 -22.00
C LEU B 314 6.97 12.49 -22.26
N ILE B 315 7.82 12.57 -21.25
CA ILE B 315 9.26 12.68 -21.52
C ILE B 315 9.75 11.40 -22.19
N GLY B 316 9.03 10.29 -21.97
CA GLY B 316 9.46 8.98 -22.40
C GLY B 316 10.41 8.37 -21.40
N PHE B 317 11.03 7.27 -21.83
CA PHE B 317 12.15 6.74 -21.07
C PHE B 317 13.37 7.63 -21.29
N LYS B 318 13.99 8.04 -20.20
CA LYS B 318 15.18 8.86 -20.30
C LYS B 318 16.34 8.03 -20.84
N THR B 319 17.03 8.58 -21.83
CA THR B 319 18.07 7.87 -22.57
C THR B 319 19.37 8.65 -22.50
N LEU B 320 20.48 7.92 -22.34
CA LEU B 320 21.80 8.51 -22.31
C LEU B 320 22.81 7.44 -22.66
N ILE B 321 24.04 7.87 -22.93
CA ILE B 321 25.14 6.97 -23.24
C ILE B 321 26.01 6.83 -22.00
N LEU B 322 26.15 5.60 -21.51
CA LEU B 322 27.13 5.28 -20.48
C LEU B 322 28.48 5.15 -21.16
N GLY B 323 29.26 6.24 -21.15
CA GLY B 323 30.49 6.28 -21.92
C GLY B 323 31.55 5.37 -21.36
N ASN B 324 32.14 4.56 -22.24
CA ASN B 324 33.35 3.80 -21.92
C ASN B 324 34.59 4.49 -22.45
N THR B 325 34.49 5.21 -23.57
CA THR B 325 35.65 5.72 -24.26
C THR B 325 35.37 7.11 -24.77
N VAL B 326 36.31 8.03 -24.59
CA VAL B 326 36.20 9.39 -25.12
C VAL B 326 37.47 9.68 -25.93
N TYR B 327 37.31 9.87 -27.24
CA TYR B 327 38.41 10.30 -28.11
C TYR B 327 38.19 11.75 -28.51
N PRO B 328 39.01 12.69 -28.03
CA PRO B 328 39.01 14.02 -28.65
C PRO B 328 39.54 13.94 -30.07
N LEU B 329 38.83 14.59 -30.98
CA LEU B 329 39.16 14.58 -32.40
C LEU B 329 39.65 15.94 -32.84
N HIS B 330 40.64 15.94 -33.72
CA HIS B 330 41.13 17.17 -34.32
C HIS B 330 40.35 17.45 -35.60
N ALA B 331 39.66 18.59 -35.63
CA ALA B 331 39.02 19.07 -36.83
C ALA B 331 39.62 20.41 -37.19
N ARG B 332 39.31 20.87 -38.40
CA ARG B 332 39.86 22.12 -38.89
C ARG B 332 39.28 23.31 -38.12
N SER B 333 40.18 24.19 -37.65
CA SER B 333 39.83 25.41 -36.93
C SER B 333 39.03 25.12 -35.66
N THR B 334 39.55 24.18 -34.85
CA THR B 334 38.94 23.84 -33.57
C THR B 334 39.99 23.94 -32.48
N GLY B 335 39.54 23.77 -31.23
CA GLY B 335 40.43 23.95 -30.09
C GLY B 335 41.27 22.73 -29.79
N VAL B 336 40.97 21.60 -30.42
CA VAL B 336 41.75 20.39 -30.21
C VAL B 336 42.98 20.44 -31.10
N ALA B 337 44.15 20.21 -30.50
CA ALA B 337 45.42 20.25 -31.23
C ALA B 337 45.68 18.90 -31.88
N ALA B 338 46.14 18.93 -33.13
CA ALA B 338 46.48 17.71 -33.84
C ALA B 338 47.81 17.16 -33.34
N ARG B 339 47.82 15.87 -33.03
CA ARG B 339 49.02 15.17 -32.60
C ARG B 339 49.17 13.88 -33.38
N GLN B 340 50.41 13.49 -33.63
CA GLN B 340 50.73 12.28 -34.35
C GLN B 340 51.65 11.41 -33.52
N MET B 341 51.37 10.11 -33.50
CA MET B 341 52.20 9.15 -32.78
C MET B 341 53.48 8.91 -33.58
N LEU B 342 54.62 9.22 -32.97
CA LEU B 342 55.92 9.11 -33.63
C LEU B 342 56.48 7.71 -33.41
N THR B 343 56.68 6.97 -34.50
CA THR B 343 57.42 5.73 -34.44
C THR B 343 58.92 6.01 -34.43
N ASP B 344 59.71 4.97 -34.17
CA ASP B 344 61.16 5.10 -34.20
C ASP B 344 61.70 5.43 -35.59
N PHE B 345 61.08 4.87 -36.64
CA PHE B 345 61.57 5.10 -38.00
C PHE B 345 61.40 6.56 -38.40
N ASP B 346 60.28 7.18 -38.02
CA ASP B 346 60.08 8.60 -38.26
C ASP B 346 61.06 9.48 -37.50
N ILE B 347 61.42 9.10 -36.27
CA ILE B 347 62.39 9.85 -35.47
C ILE B 347 63.76 9.76 -36.14
N ARG B 348 64.12 8.56 -36.60
CA ARG B 348 65.40 8.41 -37.31
C ARG B 348 65.42 9.21 -38.61
N ASN B 349 64.31 9.24 -39.34
CA ASN B 349 64.22 10.08 -40.53
C ASN B 349 64.37 11.57 -40.23
N ILE B 350 63.73 12.04 -39.16
CA ILE B 350 63.84 13.44 -38.76
C ILE B 350 65.28 13.79 -38.38
N ASN B 351 65.93 12.89 -37.61
CA ASN B 351 67.32 13.15 -37.21
C ASN B 351 68.29 13.07 -38.39
N LYS B 352 68.05 12.19 -39.36
CA LYS B 352 68.97 12.16 -40.50
C LYS B 352 68.75 13.34 -41.44
N LEU B 353 67.54 13.88 -41.50
CA LEU B 353 67.36 15.15 -42.20
C LEU B 353 67.98 16.33 -41.44
N SER B 354 68.02 16.25 -40.11
CA SER B 354 68.55 17.34 -39.30
C SER B 354 70.02 17.61 -39.54
N LYS B 355 70.80 16.59 -39.89
CA LYS B 355 72.24 16.75 -40.09
C LYS B 355 72.59 17.40 -41.42
N LYS B 356 71.63 17.53 -42.33
CA LYS B 356 71.89 18.09 -43.64
C LYS B 356 72.07 19.60 -43.53
N LYS B 357 72.61 20.20 -44.60
CA LYS B 357 72.86 21.64 -44.66
C LYS B 357 71.73 22.38 -45.35
N ASP B 358 70.95 21.70 -46.20
CA ASP B 358 69.88 22.34 -46.95
C ASP B 358 68.50 22.07 -46.36
N ILE B 359 68.42 21.68 -45.08
CA ILE B 359 67.14 21.36 -44.47
C ILE B 359 66.23 22.58 -44.36
N PHE B 360 66.78 23.78 -44.25
CA PHE B 360 65.95 24.97 -44.18
C PHE B 360 65.35 25.33 -45.54
N ASP B 361 66.05 25.01 -46.63
CA ASP B 361 65.55 25.28 -47.97
C ASP B 361 64.81 24.08 -48.55
N ILE B 362 64.68 23.00 -47.77
CA ILE B 362 63.94 21.82 -48.19
C ILE B 362 62.55 21.78 -47.58
N LEU B 363 62.44 22.07 -46.28
CA LEU B 363 61.14 22.15 -45.64
C LEU B 363 60.35 23.36 -46.10
N SER B 364 61.02 24.48 -46.38
CA SER B 364 60.32 25.69 -46.78
C SER B 364 59.65 25.53 -48.14
N GLN B 365 60.38 25.03 -49.13
CA GLN B 365 59.81 24.84 -50.47
C GLN B 365 58.78 23.72 -50.52
N SER B 366 58.73 22.87 -49.49
CA SER B 366 57.79 21.76 -49.45
C SER B 366 56.53 22.10 -48.66
N LEU B 367 56.38 23.35 -48.23
CA LEU B 367 55.16 23.75 -47.53
C LEU B 367 53.99 23.77 -48.51
N ALA B 368 54.04 24.69 -49.47
CA ALA B 368 53.00 24.79 -50.49
C ALA B 368 53.72 24.80 -51.83
N PRO B 369 54.11 23.63 -52.34
CA PRO B 369 54.78 23.58 -53.65
C PRO B 369 53.85 23.94 -54.80
N SER B 370 52.54 23.94 -54.59
CA SER B 370 51.58 24.33 -55.62
C SER B 370 51.43 25.84 -55.74
N ILE B 371 52.16 26.61 -54.94
CA ILE B 371 52.21 28.07 -55.05
C ILE B 371 53.58 28.43 -55.62
N TYR B 372 53.59 29.11 -56.75
CA TYR B 372 54.84 29.56 -57.33
C TYR B 372 55.38 30.77 -56.56
N GLY B 373 56.69 30.78 -56.33
CA GLY B 373 57.32 31.90 -55.67
C GLY B 373 57.00 31.95 -54.18
N HIS B 374 57.09 33.16 -53.63
CA HIS B 374 56.89 33.44 -52.20
C HIS B 374 57.81 32.58 -51.34
N ASP B 375 59.05 32.39 -51.81
CA ASP B 375 60.02 31.53 -51.13
C ASP B 375 60.38 32.03 -49.75
N HIS B 376 60.56 33.34 -49.57
CA HIS B 376 60.84 33.90 -48.27
C HIS B 376 59.66 33.83 -47.32
N ILE B 377 58.43 33.89 -47.85
CA ILE B 377 57.24 33.74 -47.02
C ILE B 377 57.11 32.31 -46.49
N LYS B 378 57.47 31.31 -47.30
CA LYS B 378 57.48 29.92 -46.83
C LYS B 378 58.46 29.72 -45.69
N LYS B 379 59.63 30.35 -45.77
CA LYS B 379 60.60 30.29 -44.67
C LYS B 379 60.05 30.94 -43.41
N ALA B 380 59.36 32.07 -43.54
CA ALA B 380 58.76 32.74 -42.39
C ALA B 380 57.67 31.89 -41.76
N ILE B 381 56.84 31.24 -42.60
CA ILE B 381 55.81 30.34 -42.09
C ILE B 381 56.41 29.14 -41.37
N LEU B 382 57.49 28.56 -41.91
CA LEU B 382 58.18 27.48 -41.22
C LEU B 382 58.76 27.90 -39.88
N LEU B 383 59.43 29.05 -39.83
CA LEU B 383 59.97 29.55 -38.56
C LEU B 383 58.89 29.89 -37.55
N MET B 384 57.75 30.41 -38.02
CA MET B 384 56.60 30.60 -37.16
C MET B 384 56.05 29.30 -36.61
N LEU B 385 55.97 28.26 -37.45
CA LEU B 385 55.54 26.95 -36.98
C LEU B 385 56.51 26.35 -35.98
N MET B 386 57.80 26.66 -36.08
CA MET B 386 58.76 26.31 -35.02
C MET B 386 58.44 27.11 -33.76
N GLY B 387 58.31 28.41 -33.89
CA GLY B 387 57.70 29.24 -32.88
C GLY B 387 58.57 29.80 -31.76
N GLY B 388 59.89 29.63 -31.83
CA GLY B 388 60.75 30.24 -30.83
C GLY B 388 60.62 29.64 -29.44
N VAL B 389 61.25 30.30 -28.47
CA VAL B 389 61.22 29.88 -27.07
C VAL B 389 60.71 31.04 -26.22
N GLU B 390 59.70 30.77 -25.40
CA GLU B 390 59.11 31.74 -24.50
C GLU B 390 59.91 31.82 -23.21
N LYS B 391 60.17 33.05 -22.75
CA LYS B 391 60.94 33.27 -21.53
C LYS B 391 60.04 33.76 -20.41
N ASN B 392 60.18 33.13 -19.24
CA ASN B 392 59.45 33.53 -18.02
C ASN B 392 60.51 33.79 -16.96
N LEU B 393 60.66 35.05 -16.59
CA LEU B 393 61.70 35.45 -15.64
C LEU B 393 61.27 35.15 -14.21
N GLU B 394 62.19 35.37 -13.27
CA GLU B 394 61.96 35.04 -11.88
C GLU B 394 60.99 35.99 -11.20
N ASN B 395 60.79 37.19 -11.74
CA ASN B 395 59.88 38.17 -11.17
C ASN B 395 58.51 38.17 -11.84
N GLY B 396 58.22 37.14 -12.64
CA GLY B 396 56.95 37.02 -13.30
C GLY B 396 56.82 37.74 -14.62
N SER B 397 57.87 38.44 -15.06
CA SER B 397 57.83 39.15 -16.34
C SER B 397 57.92 38.15 -17.49
N HIS B 398 57.13 38.38 -18.53
CA HIS B 398 56.99 37.46 -19.64
C HIS B 398 57.63 38.03 -20.90
N LEU B 399 58.26 37.17 -21.69
CA LEU B 399 58.85 37.55 -22.97
C LEU B 399 58.28 36.64 -24.06
N ARG B 400 57.95 37.24 -25.20
CA ARG B 400 57.33 36.52 -26.30
C ARG B 400 58.27 35.49 -26.91
N GLY B 401 57.69 34.42 -27.45
CA GLY B 401 58.46 33.45 -28.18
C GLY B 401 58.02 33.29 -29.63
N ASP B 402 56.73 33.47 -29.87
CA ASP B 402 56.13 33.19 -31.17
C ASP B 402 56.23 34.37 -32.13
N ILE B 403 56.10 34.07 -33.42
CA ILE B 403 56.40 34.99 -34.51
C ILE B 403 55.09 35.39 -35.19
N ASN B 404 54.92 36.68 -35.42
CA ASN B 404 53.74 37.20 -36.12
C ASN B 404 54.11 37.69 -37.51
N ILE B 405 53.31 37.29 -38.50
CA ILE B 405 53.56 37.58 -39.90
C ILE B 405 52.36 38.31 -40.48
N LEU B 406 52.60 39.47 -41.08
CA LEU B 406 51.61 40.18 -41.87
C LEU B 406 51.99 40.13 -43.33
N MET B 407 51.01 39.84 -44.18
CA MET B 407 51.19 39.87 -45.62
C MET B 407 50.22 40.87 -46.22
N VAL B 408 50.73 41.77 -47.06
CA VAL B 408 49.89 42.78 -47.70
C VAL B 408 50.33 42.91 -49.15
N GLY B 409 49.37 43.12 -50.03
CA GLY B 409 49.73 43.34 -51.42
C GLY B 409 48.54 43.12 -52.33
N ASP B 410 48.85 42.89 -53.60
CA ASP B 410 47.89 42.85 -54.68
C ASP B 410 46.97 41.65 -54.55
N PRO B 411 45.76 41.72 -55.10
CA PRO B 411 44.87 40.56 -55.12
C PRO B 411 45.41 39.45 -56.01
N SER B 412 44.87 38.24 -55.78
CA SER B 412 45.24 37.02 -56.51
C SER B 412 46.73 36.73 -56.40
N THR B 413 47.28 36.90 -55.20
CA THR B 413 48.68 36.59 -54.92
C THR B 413 48.85 35.46 -53.92
N ALA B 414 47.87 34.55 -53.84
CA ALA B 414 47.90 33.35 -53.01
C ALA B 414 48.04 33.63 -51.52
N LYS B 415 47.57 34.79 -51.05
CA LYS B 415 47.59 35.06 -49.62
C LYS B 415 46.54 34.23 -48.88
N SER B 416 45.32 34.21 -49.40
CA SER B 416 44.26 33.41 -48.77
C SER B 416 44.56 31.91 -48.90
N GLN B 417 45.21 31.52 -50.01
CA GLN B 417 45.60 30.13 -50.16
C GLN B 417 46.67 29.75 -49.13
N LEU B 418 47.60 30.67 -48.86
CA LEU B 418 48.60 30.43 -47.82
C LEU B 418 47.95 30.35 -46.44
N LEU B 419 46.97 31.22 -46.18
CA LEU B 419 46.23 31.15 -44.93
C LEU B 419 45.52 29.80 -44.79
N ARG B 420 44.90 29.33 -45.87
CA ARG B 420 44.20 28.06 -45.83
C ARG B 420 45.16 26.90 -45.69
N PHE B 421 46.38 27.04 -46.23
CA PHE B 421 47.40 26.02 -46.02
C PHE B 421 47.85 25.95 -44.57
N VAL B 422 48.12 27.10 -43.95
CA VAL B 422 48.49 27.13 -42.53
C VAL B 422 47.36 26.60 -41.66
N LEU B 423 46.10 26.85 -42.05
CA LEU B 423 44.97 26.27 -41.34
C LEU B 423 44.96 24.75 -41.41
N ASN B 424 45.43 24.17 -42.51
CA ASN B 424 45.41 22.72 -42.69
C ASN B 424 46.66 22.03 -42.15
N THR B 425 47.81 22.71 -42.10
CA THR B 425 49.07 22.06 -41.77
C THR B 425 49.53 22.31 -40.34
N ALA B 426 48.95 23.27 -39.64
CA ALA B 426 49.33 23.55 -38.27
C ALA B 426 48.48 22.72 -37.31
N SER B 427 49.05 22.43 -36.15
CA SER B 427 48.38 21.61 -35.14
C SER B 427 47.17 22.29 -34.52
N LEU B 428 47.24 23.59 -34.26
CA LEU B 428 46.19 24.31 -33.55
C LEU B 428 45.88 25.65 -34.24
N ALA B 429 45.60 25.60 -35.53
CA ALA B 429 45.25 26.79 -36.30
C ALA B 429 43.75 27.04 -36.27
N ILE B 430 43.38 28.31 -36.11
CA ILE B 430 42.00 28.76 -36.13
C ILE B 430 41.88 29.91 -37.12
N ALA B 431 40.92 29.82 -38.04
CA ALA B 431 40.75 30.80 -39.09
C ALA B 431 39.67 31.80 -38.73
N THR B 432 39.98 33.09 -38.88
CA THR B 432 39.05 34.17 -38.63
C THR B 432 39.05 35.11 -39.83
N THR B 433 37.97 35.87 -39.98
CA THR B 433 37.86 36.88 -41.02
C THR B 433 37.80 38.26 -40.38
N GLY B 434 37.82 39.28 -41.23
CA GLY B 434 37.95 40.65 -40.73
C GLY B 434 36.70 41.14 -40.02
N ARG B 435 35.64 41.39 -40.78
CA ARG B 435 34.44 41.96 -40.18
C ARG B 435 33.54 40.86 -39.63
N GLY B 436 33.76 39.62 -40.05
CA GLY B 436 32.97 38.50 -39.56
C GLY B 436 33.17 38.24 -38.08
N SER B 437 34.41 38.33 -37.61
CA SER B 437 34.68 38.23 -36.19
C SER B 437 34.61 39.61 -35.54
N SER B 438 34.35 39.62 -34.23
CA SER B 438 34.18 40.87 -33.50
C SER B 438 35.12 40.87 -32.30
N GLY B 439 34.95 41.87 -31.43
CA GLY B 439 35.79 41.98 -30.25
C GLY B 439 35.58 40.83 -29.27
N VAL B 440 34.32 40.49 -29.02
CA VAL B 440 34.03 39.34 -28.17
C VAL B 440 34.21 38.04 -28.95
N GLY B 441 34.25 38.13 -30.27
CA GLY B 441 34.46 36.94 -31.08
C GLY B 441 35.85 36.36 -30.92
N LEU B 442 36.86 37.22 -30.81
CA LEU B 442 38.24 36.75 -30.71
C LEU B 442 38.68 36.54 -29.27
N THR B 443 38.27 37.41 -28.35
CA THR B 443 38.87 37.44 -27.03
C THR B 443 38.06 36.56 -26.09
N ALA B 444 36.83 36.92 -25.75
CA ALA B 444 36.05 36.23 -24.73
C ALA B 444 34.69 36.90 -24.63
N ALA B 445 33.77 36.19 -23.97
CA ALA B 445 32.46 36.75 -23.64
C ALA B 445 31.99 36.17 -22.32
N VAL B 446 30.96 36.77 -21.76
CA VAL B 446 30.40 36.35 -20.47
C VAL B 446 28.96 35.92 -20.67
N THR B 447 28.65 34.70 -20.26
CA THR B 447 27.30 34.17 -20.33
C THR B 447 26.90 33.67 -18.94
N THR B 448 25.70 33.10 -18.85
CA THR B 448 25.18 32.59 -17.60
C THR B 448 24.75 31.13 -17.79
N ASP B 449 25.21 30.26 -16.88
CA ASP B 449 24.82 28.86 -16.94
C ASP B 449 23.54 28.63 -16.15
N ARG B 450 22.86 27.53 -16.46
CA ARG B 450 21.49 27.34 -15.96
C ARG B 450 21.48 26.92 -14.49
N GLU B 451 22.43 26.07 -14.08
CA GLU B 451 22.35 25.45 -12.76
C GLU B 451 22.70 26.44 -11.66
N THR B 452 23.94 26.93 -11.65
CA THR B 452 24.38 27.79 -10.56
C THR B 452 23.83 29.20 -10.71
N GLY B 453 23.64 29.66 -11.94
CA GLY B 453 23.15 31.02 -12.17
C GLY B 453 24.22 32.08 -12.14
N GLU B 454 25.47 31.73 -11.89
CA GLU B 454 26.57 32.68 -11.87
C GLU B 454 27.16 32.82 -13.27
N ARG B 455 27.83 33.95 -13.50
CA ARG B 455 28.40 34.22 -14.81
C ARG B 455 29.67 33.40 -15.04
N ARG B 456 29.81 32.89 -16.26
CA ARG B 456 31.00 32.18 -16.68
C ARG B 456 31.46 32.67 -18.04
N LEU B 457 32.64 32.21 -18.45
CA LEU B 457 33.33 32.71 -19.62
C LEU B 457 33.19 31.77 -20.82
N GLU B 458 33.02 32.36 -21.99
CA GLU B 458 33.09 31.67 -23.27
C GLU B 458 34.34 32.16 -23.99
N ALA B 459 35.20 31.24 -24.39
CA ALA B 459 36.52 31.56 -24.90
C ALA B 459 36.43 31.93 -26.38
N GLY B 460 37.00 33.07 -26.75
CA GLY B 460 37.06 33.49 -28.12
C GLY B 460 38.14 32.75 -28.89
N ALA B 461 38.32 33.17 -30.15
CA ALA B 461 39.24 32.48 -31.04
C ALA B 461 40.68 32.59 -30.58
N MET B 462 41.07 33.76 -30.07
CA MET B 462 42.45 33.93 -29.60
C MET B 462 42.74 33.08 -28.37
N VAL B 463 41.80 33.00 -27.43
CA VAL B 463 41.99 32.16 -26.26
C VAL B 463 41.97 30.68 -26.65
N LEU B 464 41.08 30.32 -27.59
CA LEU B 464 41.02 28.93 -28.06
C LEU B 464 42.29 28.53 -28.80
N ALA B 465 42.98 29.49 -29.41
CA ALA B 465 44.23 29.22 -30.10
C ALA B 465 45.46 29.47 -29.22
N ASP B 466 45.34 29.27 -27.92
CA ASP B 466 46.49 29.36 -27.03
C ASP B 466 47.51 28.27 -27.39
N ARG B 467 48.79 28.65 -27.42
CA ARG B 467 49.88 27.82 -27.92
C ARG B 467 49.61 27.32 -29.33
N GLY B 468 49.01 28.17 -30.15
CA GLY B 468 48.57 27.77 -31.48
C GLY B 468 48.73 28.86 -32.52
N VAL B 469 47.86 28.84 -33.52
CA VAL B 469 47.98 29.68 -34.70
C VAL B 469 46.63 30.36 -34.96
N VAL B 470 46.66 31.67 -35.19
CA VAL B 470 45.49 32.42 -35.63
C VAL B 470 45.74 32.91 -37.05
N CYS B 471 44.88 32.52 -37.98
CA CYS B 471 44.97 32.95 -39.37
C CYS B 471 43.84 33.95 -39.62
N ILE B 472 44.18 35.23 -39.71
CA ILE B 472 43.19 36.29 -39.86
C ILE B 472 43.22 36.76 -41.31
N ASP B 473 42.14 36.50 -42.04
CA ASP B 473 41.98 37.02 -43.38
C ASP B 473 41.23 38.35 -43.35
N GLU B 474 41.48 39.17 -44.37
CA GLU B 474 41.01 40.56 -44.43
C GLU B 474 41.34 41.34 -43.16
N PHE B 475 42.65 41.46 -42.88
CA PHE B 475 43.08 42.16 -41.67
C PHE B 475 42.80 43.65 -41.74
N ASP B 476 42.70 44.21 -42.94
CA ASP B 476 42.55 45.67 -43.07
C ASP B 476 41.14 46.12 -42.70
N LYS B 477 40.13 45.26 -42.86
CA LYS B 477 38.74 45.65 -42.67
C LYS B 477 38.24 45.42 -41.26
N MET B 478 39.12 45.43 -40.25
CA MET B 478 38.71 45.09 -38.91
C MET B 478 38.39 46.35 -38.11
N THR B 479 37.46 46.21 -37.16
CA THR B 479 37.05 47.36 -36.35
C THR B 479 38.10 47.70 -35.31
N ASP B 480 38.11 48.98 -34.92
CA ASP B 480 39.19 49.51 -34.07
C ASP B 480 39.13 48.95 -32.65
N VAL B 481 37.93 48.65 -32.14
CA VAL B 481 37.81 48.01 -30.83
C VAL B 481 38.50 46.66 -30.85
N ASP B 482 38.28 45.88 -31.91
CA ASP B 482 38.93 44.59 -32.01
C ASP B 482 40.42 44.74 -32.29
N ARG B 483 40.82 45.82 -32.97
CA ARG B 483 42.24 46.15 -33.10
C ARG B 483 42.89 46.33 -31.75
N VAL B 484 42.33 47.20 -30.89
CA VAL B 484 42.98 47.50 -29.62
C VAL B 484 42.85 46.31 -28.66
N ALA B 485 41.90 45.40 -28.94
CA ALA B 485 41.94 44.10 -28.28
C ALA B 485 43.14 43.30 -28.73
N ILE B 486 43.46 43.34 -30.02
CA ILE B 486 44.54 42.55 -30.60
C ILE B 486 45.92 43.11 -30.21
N HIS B 487 46.01 44.42 -29.92
CA HIS B 487 47.26 44.99 -29.42
C HIS B 487 47.76 44.28 -28.16
N GLU B 488 46.86 43.99 -27.22
CA GLU B 488 47.29 43.31 -26.01
C GLU B 488 47.64 41.84 -26.28
N VAL B 489 46.93 41.22 -27.21
CA VAL B 489 47.13 39.80 -27.46
C VAL B 489 48.48 39.56 -28.15
N MET B 490 48.85 40.41 -29.10
CA MET B 490 50.05 40.14 -29.88
C MET B 490 51.34 40.43 -29.13
N GLU B 491 51.31 41.19 -28.04
CA GLU B 491 52.53 41.45 -27.28
C GLU B 491 52.51 40.88 -25.87
N GLN B 492 51.50 41.24 -25.07
CA GLN B 492 51.44 40.74 -23.70
C GLN B 492 50.98 39.29 -23.65
N GLN B 493 50.41 38.79 -24.75
CA GLN B 493 50.05 37.38 -24.94
C GLN B 493 48.96 36.95 -23.94
N THR B 494 48.16 37.92 -23.50
CA THR B 494 47.09 37.68 -22.53
C THR B 494 45.87 38.49 -22.94
N VAL B 495 44.72 38.09 -22.43
CA VAL B 495 43.45 38.80 -22.64
C VAL B 495 42.92 39.15 -21.25
N THR B 496 42.71 40.44 -21.00
CA THR B 496 42.16 40.90 -19.74
C THR B 496 40.70 41.26 -19.94
N ILE B 497 39.82 40.60 -19.18
CA ILE B 497 38.38 40.87 -19.21
C ILE B 497 38.01 41.55 -17.91
N ALA B 498 37.46 42.76 -18.02
CA ALA B 498 36.93 43.50 -16.88
C ALA B 498 35.49 43.90 -17.20
N LYS B 499 34.57 42.98 -16.98
CA LYS B 499 33.16 43.23 -17.23
C LYS B 499 32.44 43.47 -15.90
N ALA B 500 31.10 43.50 -15.97
CA ALA B 500 30.30 43.72 -14.79
C ALA B 500 30.43 42.52 -13.83
N GLY B 501 31.26 42.68 -12.82
CA GLY B 501 31.44 41.67 -11.79
C GLY B 501 32.62 40.72 -11.97
N ILE B 502 33.04 40.48 -13.20
CA ILE B 502 34.08 39.50 -13.50
C ILE B 502 35.36 40.24 -13.90
N HIS B 503 36.48 39.77 -13.39
CA HIS B 503 37.80 40.31 -13.72
C HIS B 503 38.77 39.16 -13.86
N THR B 504 39.16 38.84 -15.09
CA THR B 504 39.88 37.61 -15.36
C THR B 504 40.98 37.88 -16.37
N THR B 505 42.07 37.12 -16.25
CA THR B 505 43.16 37.13 -17.23
C THR B 505 43.28 35.76 -17.85
N LEU B 506 43.19 35.70 -19.18
CA LEU B 506 43.24 34.45 -19.93
C LEU B 506 44.52 34.41 -20.76
N ASN B 507 45.08 33.21 -20.92
CA ASN B 507 46.26 33.05 -21.77
C ASN B 507 45.86 33.10 -23.23
N ALA B 508 46.61 33.88 -24.02
CA ALA B 508 46.39 34.00 -25.46
C ALA B 508 47.73 33.95 -26.18
N ARG B 509 48.54 32.95 -25.85
CA ARG B 509 49.86 32.77 -26.44
C ARG B 509 49.67 32.22 -27.86
N CYS B 510 49.71 33.12 -28.85
CA CYS B 510 49.31 32.81 -30.21
C CYS B 510 50.32 33.32 -31.23
N SER B 511 50.45 32.58 -32.32
CA SER B 511 51.01 33.10 -33.55
C SER B 511 49.88 33.62 -34.43
N VAL B 512 50.14 34.73 -35.11
CA VAL B 512 49.14 35.43 -35.91
C VAL B 512 49.67 35.56 -37.33
N ILE B 513 48.88 35.10 -38.32
CA ILE B 513 49.18 35.36 -39.72
C ILE B 513 48.08 36.29 -40.21
N ALA B 514 48.46 37.42 -40.80
CA ALA B 514 47.46 38.35 -41.29
C ALA B 514 47.67 38.62 -42.77
N ALA B 515 46.54 38.69 -43.49
CA ALA B 515 46.53 39.06 -44.89
C ALA B 515 45.73 40.34 -45.03
N ALA B 516 46.35 41.38 -45.56
CA ALA B 516 45.72 42.68 -45.74
C ALA B 516 45.84 43.11 -47.20
N ASN B 517 45.12 44.17 -47.56
CA ASN B 517 45.17 44.76 -48.88
C ASN B 517 45.46 46.24 -48.75
N PRO B 518 46.11 46.84 -49.73
CA PRO B 518 46.31 48.29 -49.72
C PRO B 518 44.99 49.02 -49.91
N VAL B 519 44.96 50.27 -49.45
CA VAL B 519 43.73 51.07 -49.48
C VAL B 519 43.29 51.41 -50.90
N PHE B 520 44.20 51.39 -51.87
CA PHE B 520 43.83 51.62 -53.26
C PHE B 520 43.51 50.34 -54.00
N GLY B 521 43.63 49.18 -53.35
CA GLY B 521 43.37 47.89 -53.96
C GLY B 521 44.58 47.28 -54.64
N GLN B 522 45.54 48.12 -55.00
CA GLN B 522 46.77 47.69 -55.66
C GLN B 522 47.94 48.47 -55.07
N TYR B 523 49.07 47.78 -54.88
CA TYR B 523 50.23 48.42 -54.28
C TYR B 523 50.92 49.33 -55.30
N ASP B 524 51.40 50.48 -54.82
CA ASP B 524 52.05 51.47 -55.67
C ASP B 524 53.49 51.66 -55.21
N VAL B 525 54.43 51.52 -56.15
CA VAL B 525 55.85 51.64 -55.82
C VAL B 525 56.21 53.09 -55.51
N ASN B 526 55.67 54.03 -56.30
CA ASN B 526 56.05 55.43 -56.16
C ASN B 526 55.50 56.05 -54.89
N ARG B 527 54.38 55.54 -54.39
CA ARG B 527 53.80 56.07 -53.18
C ARG B 527 54.55 55.58 -51.94
N ASP B 528 54.35 56.30 -50.84
CA ASP B 528 54.91 55.93 -49.55
C ASP B 528 54.29 54.61 -49.10
N PRO B 529 55.11 53.62 -48.70
CA PRO B 529 54.52 52.37 -48.17
C PRO B 529 53.67 52.56 -46.92
N HIS B 530 53.94 53.60 -46.13
CA HIS B 530 53.04 53.94 -45.03
C HIS B 530 51.69 54.41 -45.56
N GLN B 531 51.70 55.14 -46.69
CA GLN B 531 50.46 55.51 -47.34
C GLN B 531 49.79 54.31 -47.99
N ASN B 532 50.58 53.35 -48.49
CA ASN B 532 50.03 52.18 -49.15
C ASN B 532 49.31 51.27 -48.16
N ILE B 533 49.97 50.95 -47.05
CA ILE B 533 49.37 50.04 -46.07
C ILE B 533 48.30 50.75 -45.25
N ALA B 534 48.61 51.96 -44.76
CA ALA B 534 47.71 52.78 -43.95
C ALA B 534 47.21 52.02 -42.72
N LEU B 535 48.14 51.34 -42.06
CA LEU B 535 47.90 50.66 -40.81
C LEU B 535 48.67 51.40 -39.71
N PRO B 536 48.11 51.49 -38.50
CA PRO B 536 48.77 52.28 -37.45
C PRO B 536 50.11 51.68 -37.04
N ASP B 537 50.95 52.55 -36.47
CA ASP B 537 52.33 52.19 -36.14
C ASP B 537 52.39 51.07 -35.11
N SER B 538 51.50 51.10 -34.13
CA SER B 538 51.55 50.13 -33.04
C SER B 538 51.25 48.71 -33.53
N LEU B 539 50.28 48.56 -34.44
CA LEU B 539 50.04 47.25 -35.05
C LEU B 539 51.20 46.83 -35.93
N LEU B 540 51.81 47.77 -36.65
CA LEU B 540 52.95 47.45 -37.50
C LEU B 540 54.12 46.91 -36.68
N SER B 541 54.31 47.47 -35.48
CA SER B 541 55.41 47.02 -34.63
C SER B 541 55.16 45.64 -34.05
N ARG B 542 53.89 45.27 -33.83
CA ARG B 542 53.59 43.97 -33.26
C ARG B 542 54.00 42.82 -34.18
N PHE B 543 53.77 42.97 -35.47
CA PHE B 543 54.07 41.91 -36.42
C PHE B 543 55.58 41.77 -36.59
N ASP B 544 56.06 40.52 -36.47
CA ASP B 544 57.50 40.28 -36.56
C ASP B 544 58.00 40.47 -37.98
N LEU B 545 57.27 39.97 -38.97
CA LEU B 545 57.67 40.07 -40.37
C LEU B 545 56.51 40.58 -41.21
N LEU B 546 56.74 41.63 -41.98
CA LEU B 546 55.73 42.20 -42.87
C LEU B 546 56.21 42.03 -44.31
N PHE B 547 55.39 41.38 -45.13
CA PHE B 547 55.75 41.07 -46.51
C PHE B 547 54.82 41.80 -47.46
N VAL B 548 55.40 42.63 -48.33
CA VAL B 548 54.68 43.28 -49.41
C VAL B 548 54.82 42.42 -50.65
N VAL B 549 53.69 41.99 -51.21
CA VAL B 549 53.65 41.08 -52.34
C VAL B 549 52.96 41.83 -53.48
N THR B 550 53.74 42.38 -54.39
CA THR B 550 53.19 43.10 -55.53
C THR B 550 53.05 42.15 -56.71
N ASP B 551 52.00 42.34 -57.51
CA ASP B 551 51.78 41.53 -58.70
C ASP B 551 52.38 42.23 -59.92
N ASP B 552 53.68 42.48 -59.83
CA ASP B 552 54.43 42.93 -60.99
C ASP B 552 54.50 41.79 -62.00
N ILE B 553 54.33 42.12 -63.28
CA ILE B 553 54.23 41.12 -64.32
C ILE B 553 55.40 41.26 -65.29
N ASN B 554 56.08 40.14 -65.53
CA ASN B 554 57.13 40.03 -66.53
C ASN B 554 56.81 38.84 -67.41
N GLU B 555 57.35 38.84 -68.63
CA GLU B 555 57.00 37.82 -69.61
C GLU B 555 57.47 36.43 -69.16
N ILE B 556 58.72 36.34 -68.69
CA ILE B 556 59.25 35.05 -68.26
C ILE B 556 58.55 34.57 -66.99
N ARG B 557 58.28 35.49 -66.06
CA ARG B 557 57.62 35.11 -64.82
C ARG B 557 56.17 34.69 -65.06
N ASP B 558 55.46 35.42 -65.92
CA ASP B 558 54.09 35.02 -66.26
C ASP B 558 54.07 33.68 -66.99
N ARG B 559 55.04 33.47 -67.88
CA ARG B 559 55.17 32.17 -68.55
C ARG B 559 55.37 31.04 -67.54
N SER B 560 56.28 31.24 -66.58
CA SER B 560 56.58 30.20 -65.60
C SER B 560 55.40 29.94 -64.67
N ILE B 561 54.73 30.99 -64.19
CA ILE B 561 53.56 30.80 -63.34
C ILE B 561 52.43 30.13 -64.10
N SER B 562 52.23 30.51 -65.37
CA SER B 562 51.21 29.87 -66.19
C SER B 562 51.50 28.38 -66.40
N GLU B 563 52.75 28.03 -66.67
CA GLU B 563 53.09 26.62 -66.81
C GLU B 563 52.91 25.87 -65.50
N HIS B 564 53.29 26.49 -64.38
CA HIS B 564 53.17 25.83 -63.07
C HIS B 564 51.71 25.58 -62.70
N VAL B 565 50.84 26.57 -62.92
CA VAL B 565 49.43 26.41 -62.55
C VAL B 565 48.74 25.41 -63.48
N LEU B 566 49.05 25.45 -64.78
CA LEU B 566 48.50 24.49 -65.72
C LEU B 566 48.95 23.06 -65.44
N ARG B 567 50.22 22.86 -65.07
CA ARG B 567 50.66 21.53 -64.70
C ARG B 567 50.18 21.12 -63.33
N THR B 568 49.77 22.07 -62.49
CA THR B 568 49.18 21.76 -61.19
C THR B 568 47.73 21.29 -61.32
N HIS B 569 46.99 21.82 -62.30
CA HIS B 569 45.62 21.43 -62.55
C HIS B 569 45.51 20.09 -63.28
N ARG B 570 46.64 19.49 -63.67
CA ARG B 570 46.66 18.20 -64.33
C ARG B 570 47.08 17.07 -63.39
N TYR B 571 46.62 17.13 -62.14
CA TYR B 571 46.98 16.14 -61.14
C TYR B 571 45.85 15.15 -60.92
N LEU B 572 46.19 13.87 -60.78
CA LEU B 572 45.23 12.86 -60.39
C LEU B 572 45.69 12.19 -59.10
N PRO B 573 44.82 11.99 -58.13
CA PRO B 573 45.18 11.23 -56.94
C PRO B 573 45.38 9.76 -57.29
N PRO B 574 46.20 9.04 -56.52
CA PRO B 574 46.37 7.60 -56.77
C PRO B 574 45.08 6.83 -56.55
N GLY B 575 44.87 5.80 -57.36
CA GLY B 575 43.67 5.00 -57.27
C GLY B 575 42.43 5.63 -57.87
N TYR B 576 42.59 6.71 -58.64
CA TYR B 576 41.45 7.42 -59.22
C TYR B 576 41.47 7.27 -60.73
N LEU B 577 40.30 7.02 -61.30
CA LEU B 577 40.17 6.93 -62.75
C LEU B 577 40.30 8.31 -63.38
N GLU B 578 40.53 8.32 -64.70
CA GLU B 578 40.77 9.57 -65.42
C GLU B 578 39.55 10.48 -65.40
N GLY B 579 38.36 9.91 -65.59
CA GLY B 579 37.17 10.73 -65.69
C GLY B 579 36.46 10.94 -64.38
N GLU B 580 36.81 10.14 -63.36
CA GLU B 580 36.08 10.16 -62.10
C GLU B 580 36.40 11.43 -61.32
N PRO B 581 35.39 11.99 -60.62
CA PRO B 581 35.66 13.17 -59.77
C PRO B 581 36.19 12.77 -58.40
N VAL B 582 37.12 13.57 -57.86
CA VAL B 582 37.66 13.27 -56.54
C VAL B 582 36.60 13.57 -55.49
N ARG B 583 36.42 12.63 -54.56
CA ARG B 583 35.45 12.79 -53.50
C ARG B 583 36.08 13.51 -52.31
N GLU B 584 35.24 14.22 -51.57
CA GLU B 584 35.68 14.99 -50.42
C GLU B 584 35.28 14.27 -49.14
N ARG B 585 36.27 13.85 -48.37
CA ARG B 585 36.06 13.25 -47.06
C ARG B 585 36.67 14.18 -46.02
N LEU B 586 35.86 14.60 -45.05
CA LEU B 586 36.33 15.55 -44.06
C LEU B 586 37.27 14.86 -43.07
N ASN B 587 38.37 15.54 -42.74
CA ASN B 587 39.48 14.94 -42.02
C ASN B 587 39.28 15.14 -40.52
N LEU B 588 38.96 14.05 -39.83
CA LEU B 588 38.94 14.00 -38.37
C LEU B 588 40.05 13.08 -37.91
N SER B 589 41.08 13.67 -37.30
CA SER B 589 42.28 12.94 -36.90
C SER B 589 42.29 12.78 -35.39
N LEU B 590 42.64 11.58 -34.93
CA LEU B 590 42.72 11.31 -33.50
C LEU B 590 43.94 12.00 -32.90
N ALA B 591 43.71 12.74 -31.82
CA ALA B 591 44.76 13.47 -31.12
C ALA B 591 45.24 12.62 -29.94
N VAL B 592 46.46 12.10 -30.04
CA VAL B 592 47.00 11.22 -29.01
C VAL B 592 47.75 12.06 -27.98
N GLY B 593 47.86 11.52 -26.77
CA GLY B 593 48.59 12.17 -25.70
C GLY B 593 47.91 13.43 -25.18
N GLY B 640 57.60 21.93 -59.16
CA GLY B 640 56.51 21.29 -58.46
C GLY B 640 56.27 19.85 -58.89
N ASN B 641 56.78 18.91 -58.10
CA ASN B 641 56.64 17.49 -58.37
C ASN B 641 55.65 16.86 -57.40
N TYR B 642 54.77 16.00 -57.94
CA TYR B 642 53.77 15.35 -57.11
C TYR B 642 54.38 14.24 -56.27
N ASN B 643 55.26 13.44 -56.88
CA ASN B 643 55.74 12.21 -56.26
C ASN B 643 56.78 12.55 -55.20
N GLY B 644 56.30 13.01 -54.04
CA GLY B 644 57.13 13.09 -52.85
C GLY B 644 56.70 12.00 -51.90
N THR B 645 57.59 11.04 -51.63
CA THR B 645 57.26 9.85 -50.84
C THR B 645 58.33 9.67 -49.77
N GLU B 646 58.08 10.25 -48.59
CA GLU B 646 58.94 10.10 -47.42
C GLU B 646 60.37 10.56 -47.70
N ILE B 647 60.53 11.89 -47.79
CA ILE B 647 61.76 12.69 -47.90
C ILE B 647 62.67 12.37 -49.10
N PRO B 648 62.16 12.16 -50.34
CA PRO B 648 63.10 11.97 -51.46
C PRO B 648 63.86 13.24 -51.83
N LYS B 649 63.14 14.32 -52.16
CA LYS B 649 63.73 15.63 -52.32
C LYS B 649 63.07 16.62 -51.36
N LEU B 650 61.75 16.69 -51.40
CA LEU B 650 60.97 17.59 -50.54
C LEU B 650 59.93 16.76 -49.80
N VAL B 651 59.72 17.10 -48.53
CA VAL B 651 58.99 16.20 -47.64
C VAL B 651 57.49 16.30 -47.90
N THR B 652 56.77 15.27 -47.45
CA THR B 652 55.32 15.31 -47.47
C THR B 652 54.80 16.16 -46.31
N ILE B 653 53.59 16.67 -46.48
CA ILE B 653 52.91 17.44 -45.43
C ILE B 653 52.66 16.59 -44.19
N PRO B 654 52.21 15.31 -44.28
CA PRO B 654 52.14 14.50 -43.05
C PRO B 654 53.49 14.30 -42.37
N PHE B 655 54.59 14.19 -43.12
CA PHE B 655 55.88 14.05 -42.46
C PHE B 655 56.38 15.39 -41.93
N LEU B 656 56.05 16.49 -42.64
CA LEU B 656 56.56 17.80 -42.25
C LEU B 656 56.02 18.24 -40.89
N ARG B 657 54.77 17.91 -40.59
CA ARG B 657 54.20 18.21 -39.28
C ARG B 657 54.59 17.19 -38.23
N LYS B 658 55.17 16.06 -38.62
CA LYS B 658 55.88 15.22 -37.67
C LYS B 658 57.20 15.87 -37.25
N TYR B 659 57.91 16.42 -38.22
CA TYR B 659 59.15 17.17 -37.97
C TYR B 659 58.90 18.38 -37.08
N VAL B 660 57.85 19.15 -37.39
CA VAL B 660 57.55 20.36 -36.61
C VAL B 660 57.16 19.98 -35.19
N GLN B 661 56.35 18.94 -35.03
CA GLN B 661 55.95 18.47 -33.71
C GLN B 661 57.17 18.03 -32.89
N TYR B 662 58.07 17.26 -33.53
CA TYR B 662 59.27 16.78 -32.86
C TYR B 662 60.17 17.94 -32.44
N ALA B 663 60.37 18.90 -33.33
CA ALA B 663 61.22 20.04 -33.01
C ALA B 663 60.60 20.90 -31.92
N LYS B 664 59.29 20.96 -31.85
CA LYS B 664 58.64 21.76 -30.81
C LYS B 664 58.75 21.10 -29.45
N GLU B 665 58.53 19.77 -29.38
CA GLU B 665 58.54 19.14 -28.06
C GLU B 665 59.96 18.93 -27.56
N ARG B 666 60.91 18.67 -28.47
CA ARG B 666 62.18 18.10 -28.03
C ARG B 666 63.21 19.19 -27.73
N VAL B 667 63.56 20.01 -28.71
CA VAL B 667 64.70 20.92 -28.60
C VAL B 667 64.23 22.28 -28.08
N ILE B 668 64.98 22.83 -27.13
CA ILE B 668 64.77 24.18 -26.62
C ILE B 668 66.10 24.90 -26.76
N PRO B 669 66.40 25.50 -27.92
CA PRO B 669 67.73 26.08 -28.14
C PRO B 669 68.01 27.28 -27.25
N GLN B 670 69.27 27.43 -26.87
CA GLN B 670 69.70 28.51 -25.98
C GLN B 670 70.63 29.44 -26.75
N LEU B 671 70.44 30.74 -26.55
CA LEU B 671 71.21 31.75 -27.26
C LEU B 671 72.66 31.73 -26.80
N THR B 672 73.57 32.07 -27.72
CA THR B 672 75.00 32.11 -27.43
C THR B 672 75.61 33.40 -27.95
N GLN B 673 76.88 33.61 -27.59
CA GLN B 673 77.55 34.89 -27.85
C GLN B 673 77.76 35.12 -29.34
N GLU B 674 78.03 34.05 -30.10
CA GLU B 674 78.32 34.21 -31.52
C GLU B 674 77.08 34.63 -32.31
N ALA B 675 75.90 34.21 -31.86
CA ALA B 675 74.67 34.72 -32.46
C ALA B 675 74.34 36.10 -31.93
N ILE B 676 74.69 36.37 -30.67
CA ILE B 676 74.39 37.63 -30.02
C ILE B 676 75.11 38.78 -30.70
N ASN B 677 76.38 38.57 -31.05
CA ASN B 677 77.14 39.62 -31.74
C ASN B 677 76.51 39.97 -33.08
N VAL B 678 76.08 38.95 -33.82
CA VAL B 678 75.47 39.16 -35.13
C VAL B 678 74.16 39.92 -35.00
N ILE B 679 73.31 39.51 -34.06
CA ILE B 679 72.00 40.15 -33.95
C ILE B 679 72.15 41.57 -33.39
N VAL B 680 73.14 41.80 -32.52
CA VAL B 680 73.37 43.15 -32.00
C VAL B 680 73.86 44.07 -33.12
N LYS B 681 74.81 43.60 -33.93
CA LYS B 681 75.32 44.40 -35.04
C LYS B 681 74.23 44.70 -36.06
N ASN B 682 73.42 43.70 -36.39
CA ASN B 682 72.36 43.90 -37.38
C ASN B 682 71.25 44.80 -36.84
N TYR B 683 70.95 44.70 -35.54
CA TYR B 683 69.94 45.58 -34.94
C TYR B 683 70.42 47.03 -34.93
N THR B 684 71.69 47.25 -34.58
CA THR B 684 72.23 48.61 -34.61
C THR B 684 72.23 49.18 -36.03
N ASP B 685 72.60 48.34 -37.01
CA ASP B 685 72.61 48.79 -38.40
C ASP B 685 71.20 49.11 -38.88
N LEU B 686 70.22 48.31 -38.47
CA LEU B 686 68.84 48.57 -38.89
C LEU B 686 68.27 49.80 -38.20
N ARG B 687 68.67 50.04 -36.95
CA ARG B 687 68.22 51.25 -36.26
C ARG B 687 68.82 52.50 -36.90
N ASN B 688 70.07 52.42 -37.36
CA ASN B 688 70.74 53.57 -37.94
C ASN B 688 70.85 53.51 -39.45
N ASP B 689 69.97 52.77 -40.12
CA ASP B 689 69.98 52.71 -41.58
C ASP B 689 69.36 53.97 -42.17
N ASP B 690 69.90 54.42 -43.30
CA ASP B 690 69.35 55.59 -43.98
C ASP B 690 68.20 55.19 -44.91
N ASN B 691 68.05 53.90 -45.18
CA ASN B 691 67.06 53.44 -46.14
C ASN B 691 65.65 53.52 -45.57
N THR B 692 64.68 53.64 -46.47
CA THR B 692 63.28 53.57 -46.08
C THR B 692 62.83 52.11 -46.02
N LYS B 693 62.03 51.80 -45.00
CA LYS B 693 61.62 50.42 -44.73
C LYS B 693 60.10 50.32 -44.76
N LYS B 694 59.62 49.13 -45.14
CA LYS B 694 58.18 48.86 -45.04
C LYS B 694 57.73 48.84 -43.60
N SER B 695 58.54 48.28 -42.70
CA SER B 695 58.21 48.15 -41.29
C SER B 695 59.06 49.11 -40.47
N PRO B 696 58.48 49.79 -39.48
CA PRO B 696 59.28 50.68 -38.61
C PRO B 696 60.22 49.87 -37.72
N ILE B 697 61.26 50.54 -37.23
CA ILE B 697 62.30 49.88 -36.47
C ILE B 697 62.22 50.31 -35.01
N THR B 698 62.00 49.35 -34.12
CA THR B 698 61.92 49.60 -32.69
C THR B 698 62.76 48.55 -31.98
N ALA B 699 62.61 48.45 -30.65
CA ALA B 699 63.27 47.40 -29.91
C ALA B 699 62.60 46.05 -30.15
N ARG B 700 61.41 46.06 -30.76
CA ARG B 700 60.71 44.83 -31.07
C ARG B 700 61.41 44.05 -32.18
N THR B 701 62.13 44.75 -33.06
CA THR B 701 62.86 44.09 -34.14
C THR B 701 64.01 43.27 -33.58
N LEU B 702 64.61 43.71 -32.47
CA LEU B 702 65.67 42.95 -31.83
C LEU B 702 65.15 41.61 -31.30
N GLU B 703 64.02 41.64 -30.59
CA GLU B 703 63.43 40.39 -30.13
C GLU B 703 62.90 39.55 -31.28
N THR B 704 62.48 40.18 -32.37
CA THR B 704 62.17 39.44 -33.60
C THR B 704 63.38 38.70 -34.13
N LEU B 705 64.55 39.34 -34.13
CA LEU B 705 65.79 38.67 -34.53
C LEU B 705 66.11 37.50 -33.63
N ILE B 706 65.95 37.68 -32.31
CA ILE B 706 66.20 36.58 -31.38
C ILE B 706 65.23 35.42 -31.60
N ARG B 707 63.93 35.71 -31.78
CA ARG B 707 62.96 34.66 -32.04
C ARG B 707 63.22 33.94 -33.36
N LEU B 708 63.60 34.67 -34.40
CA LEU B 708 63.88 34.03 -35.69
C LEU B 708 65.14 33.18 -35.64
N ALA B 709 66.18 33.63 -34.94
CA ALA B 709 67.38 32.81 -34.76
C ALA B 709 67.07 31.54 -33.98
N THR B 710 66.28 31.66 -32.91
CA THR B 710 65.87 30.50 -32.13
C THR B 710 65.00 29.55 -32.95
N ALA B 711 64.10 30.08 -33.77
CA ALA B 711 63.27 29.24 -34.64
C ALA B 711 64.10 28.51 -35.69
N HIS B 712 65.12 29.17 -36.26
CA HIS B 712 66.00 28.48 -37.20
C HIS B 712 66.81 27.40 -36.49
N ALA B 713 67.23 27.65 -35.25
CA ALA B 713 67.91 26.61 -34.48
C ALA B 713 66.99 25.44 -34.19
N LYS B 714 65.69 25.70 -34.05
CA LYS B 714 64.72 24.63 -33.87
C LYS B 714 64.63 23.76 -35.12
N VAL B 715 64.80 24.36 -36.30
CA VAL B 715 64.76 23.60 -37.55
C VAL B 715 65.91 22.60 -37.61
N ARG B 716 67.09 23.02 -37.16
CA ARG B 716 68.29 22.20 -37.19
C ARG B 716 68.34 21.18 -36.06
N LEU B 717 67.33 21.19 -35.17
CA LEU B 717 67.30 20.38 -33.95
C LEU B 717 68.55 20.59 -33.10
N SER B 718 68.97 21.85 -33.00
CA SER B 718 70.16 22.24 -32.26
C SER B 718 69.74 22.75 -30.89
N LYS B 719 70.47 22.32 -29.85
CA LYS B 719 70.22 22.85 -28.51
C LYS B 719 70.89 24.20 -28.32
N THR B 720 71.71 24.62 -29.27
CA THR B 720 72.42 25.89 -29.19
C THR B 720 72.11 26.75 -30.41
N VAL B 721 72.00 28.06 -30.19
CA VAL B 721 71.80 28.98 -31.31
C VAL B 721 73.16 29.46 -31.81
N ASN B 722 73.40 29.31 -33.10
CA ASN B 722 74.71 29.53 -33.69
C ASN B 722 74.74 30.82 -34.49
N LYS B 723 75.94 31.16 -34.97
CA LYS B 723 76.13 32.33 -35.82
C LYS B 723 75.37 32.17 -37.14
N VAL B 724 75.36 30.96 -37.70
CA VAL B 724 74.69 30.72 -38.98
C VAL B 724 73.17 30.87 -38.81
N ASP B 725 72.66 30.61 -37.61
CA ASP B 725 71.25 30.86 -37.33
C ASP B 725 70.95 32.35 -37.30
N ALA B 726 71.83 33.12 -36.65
CA ALA B 726 71.63 34.56 -36.51
C ALA B 726 71.71 35.26 -37.86
N LYS B 727 72.62 34.84 -38.73
CA LYS B 727 72.77 35.52 -40.02
C LYS B 727 71.59 35.25 -40.95
N VAL B 728 71.06 34.03 -40.92
CA VAL B 728 69.89 33.74 -41.77
C VAL B 728 68.65 34.42 -41.20
N ALA B 729 68.54 34.49 -39.86
CA ALA B 729 67.47 35.26 -39.26
C ALA B 729 67.58 36.75 -39.56
N ALA B 730 68.79 37.28 -39.68
CA ALA B 730 69.00 38.68 -40.00
C ALA B 730 68.70 39.02 -41.44
N ASN B 731 69.13 38.19 -42.41
CA ASN B 731 68.85 38.52 -43.80
C ASN B 731 67.48 38.04 -44.27
N LEU B 732 66.77 37.22 -43.48
CA LEU B 732 65.36 37.04 -43.73
C LEU B 732 64.57 38.29 -43.38
N LEU B 733 64.97 38.98 -42.30
CA LEU B 733 64.33 40.23 -41.91
C LEU B 733 64.56 41.34 -42.94
N ARG B 734 65.72 41.33 -43.60
CA ARG B 734 66.05 42.39 -44.56
C ARG B 734 65.15 42.33 -45.78
N PHE B 735 64.74 41.14 -46.20
CA PHE B 735 63.83 41.02 -47.33
C PHE B 735 62.46 41.62 -47.01
N ALA B 736 61.95 41.37 -45.80
CA ALA B 736 60.68 41.91 -45.37
C ALA B 736 60.72 43.41 -45.14
N LEU B 737 61.91 44.00 -45.04
CA LEU B 737 62.08 45.43 -44.87
C LEU B 737 62.48 46.15 -46.15
N LEU B 738 63.13 45.49 -47.09
CA LEU B 738 63.55 46.13 -48.33
C LEU B 738 62.92 45.43 -49.53
N PRO C 176 21.33 37.35 48.10
CA PRO C 176 22.37 38.32 47.71
C PRO C 176 21.93 39.23 46.57
N LEU C 177 22.56 39.06 45.41
CA LEU C 177 22.30 39.90 44.24
C LEU C 177 21.59 39.07 43.18
N ARG C 178 20.43 39.55 42.74
CA ARG C 178 19.63 38.85 41.75
C ARG C 178 19.96 39.36 40.35
N ILE C 179 20.29 38.43 39.46
CA ILE C 179 20.77 38.74 38.12
C ILE C 179 19.86 38.07 37.10
N ILE C 180 19.44 38.83 36.10
CA ILE C 180 18.69 38.27 34.99
C ILE C 180 19.57 37.28 34.24
N TRP C 181 19.02 36.10 33.95
CA TRP C 181 19.78 35.04 33.30
C TRP C 181 20.23 35.46 31.91
N GLY C 182 21.52 35.24 31.62
CA GLY C 182 22.12 35.67 30.39
C GLY C 182 22.68 37.08 30.41
N THR C 183 22.46 37.84 31.49
CA THR C 183 22.96 39.18 31.62
C THR C 183 23.88 39.26 32.83
N ASN C 184 24.44 40.44 33.07
CA ASN C 184 25.01 40.79 34.37
C ASN C 184 24.18 41.88 35.06
N VAL C 185 22.92 42.01 34.68
CA VAL C 185 22.07 43.12 35.08
C VAL C 185 21.27 42.73 36.32
N SER C 186 21.37 43.56 37.35
CA SER C 186 20.51 43.48 38.52
C SER C 186 19.49 44.60 38.42
N ILE C 187 18.20 44.26 38.53
CA ILE C 187 17.14 45.24 38.35
C ILE C 187 17.20 46.31 39.43
N GLN C 188 17.37 45.90 40.69
CA GLN C 188 17.37 46.86 41.80
C GLN C 188 18.60 47.76 41.74
N GLU C 189 19.77 47.19 41.45
CA GLU C 189 20.98 47.97 41.33
C GLU C 189 20.91 48.97 40.19
N CYS C 190 20.36 48.53 39.04
CA CYS C 190 20.22 49.43 37.90
C CYS C 190 19.23 50.55 38.18
N THR C 191 18.11 50.23 38.86
CA THR C 191 17.14 51.27 39.20
C THR C 191 17.76 52.30 40.16
N THR C 192 18.49 51.83 41.17
CA THR C 192 19.11 52.78 42.10
C THR C 192 20.16 53.64 41.42
N ASN C 193 21.00 53.04 40.58
CA ASN C 193 22.05 53.80 39.89
C ASN C 193 21.44 54.82 38.94
N PHE C 194 20.41 54.42 38.18
CA PHE C 194 19.81 55.34 37.21
C PHE C 194 19.02 56.44 37.90
N ARG C 195 18.37 56.13 39.03
CA ARG C 195 17.66 57.17 39.77
C ARG C 195 18.63 58.17 40.38
N ASN C 196 19.77 57.68 40.89
CA ASN C 196 20.78 58.59 41.41
C ASN C 196 21.38 59.44 40.29
N PHE C 197 21.53 58.84 39.10
CA PHE C 197 22.01 59.60 37.94
C PHE C 197 21.01 60.68 37.56
N LEU C 198 19.72 60.37 37.58
CA LEU C 198 18.70 61.36 37.23
C LEU C 198 18.67 62.49 38.26
N MET C 199 18.83 62.17 39.54
CA MET C 199 18.74 63.18 40.57
C MET C 199 20.01 64.03 40.67
N SER C 200 21.17 63.48 40.31
CA SER C 200 22.42 64.13 40.66
C SER C 200 23.29 64.54 39.47
N PHE C 201 22.88 64.26 38.23
CA PHE C 201 23.75 64.59 37.10
C PHE C 201 23.73 66.09 36.81
N LYS C 202 24.90 66.63 36.53
CA LYS C 202 25.07 68.00 36.04
C LYS C 202 25.90 67.96 34.78
N TYR C 203 25.68 68.92 33.88
CA TYR C 203 26.39 68.92 32.62
C TYR C 203 27.88 69.26 32.78
N LYS C 204 28.28 69.79 33.93
CA LYS C 204 29.69 70.01 34.19
C LYS C 204 30.45 68.69 34.26
N PHE C 205 29.78 67.60 34.65
CA PHE C 205 30.39 66.28 34.60
C PHE C 205 30.67 65.88 33.16
N ARG C 206 29.74 66.18 32.25
CA ARG C 206 29.99 65.94 30.83
C ARG C 206 31.13 66.79 30.31
N LYS C 207 31.22 68.05 30.76
CA LYS C 207 32.31 68.93 30.33
C LYS C 207 33.67 68.42 30.81
N ILE C 208 33.75 67.95 32.06
CA ILE C 208 35.05 67.49 32.56
C ILE C 208 35.36 66.10 32.03
N LEU C 209 34.34 65.36 31.59
CA LEU C 209 34.60 64.09 30.90
C LEU C 209 35.24 64.33 29.54
N ASP C 210 34.74 65.31 28.80
CA ASP C 210 35.23 65.61 27.46
C ASP C 210 36.49 66.47 27.46
N GLU C 211 37.11 66.68 28.62
CA GLU C 211 38.29 67.53 28.79
C GLU C 211 38.03 68.95 28.30
N ARG C 212 36.90 69.52 28.74
CA ARG C 212 36.50 70.88 28.39
C ARG C 212 36.32 71.65 29.70
N GLU C 213 37.42 72.24 30.19
CA GLU C 213 37.37 72.92 31.48
C GLU C 213 37.12 74.42 31.31
N GLU C 214 37.67 75.02 30.25
CA GLU C 214 37.52 76.46 30.06
C GLU C 214 36.11 76.81 29.58
N PHE C 215 35.38 75.82 29.05
CA PHE C 215 34.03 76.07 28.56
C PHE C 215 32.98 75.90 29.64
N ILE C 216 33.38 75.63 30.89
CA ILE C 216 32.40 75.44 31.96
C ILE C 216 31.85 76.79 32.41
N ASN C 217 30.53 76.91 32.41
CA ASN C 217 29.85 78.08 32.93
C ASN C 217 28.85 77.64 33.98
N ASN C 218 28.60 78.50 34.96
CA ASN C 218 27.82 78.08 36.12
C ASN C 218 26.34 77.93 35.79
N THR C 219 25.78 78.91 35.05
CA THR C 219 24.33 79.03 34.94
C THR C 219 23.72 77.88 34.14
N THR C 220 24.50 77.24 33.28
CA THR C 220 23.98 76.11 32.52
C THR C 220 24.38 74.79 33.15
N ASP C 221 25.64 74.68 33.57
CA ASP C 221 26.17 73.39 34.00
C ASP C 221 25.73 73.03 35.42
N GLU C 222 25.62 74.02 36.32
CA GLU C 222 25.44 73.71 37.72
C GLU C 222 24.01 73.25 38.02
N GLU C 223 23.05 73.62 37.19
CA GLU C 223 21.68 73.21 37.41
C GLU C 223 21.50 71.73 37.08
N LEU C 224 20.53 71.10 37.75
CA LEU C 224 20.26 69.68 37.53
C LEU C 224 19.63 69.47 36.16
N TYR C 225 20.37 68.82 35.27
CA TYR C 225 20.00 68.74 33.87
C TYR C 225 18.78 67.85 33.65
N TYR C 226 18.80 66.64 34.21
CA TYR C 226 17.69 65.72 33.96
C TYR C 226 16.49 66.09 34.81
N ILE C 227 16.70 66.77 35.93
CA ILE C 227 15.56 67.28 36.72
C ILE C 227 14.79 68.33 35.93
N LYS C 228 15.50 69.27 35.29
CA LYS C 228 14.79 70.30 34.53
C LYS C 228 14.18 69.73 33.26
N GLN C 229 14.82 68.73 32.64
CA GLN C 229 14.15 68.08 31.51
C GLN C 229 12.91 67.30 31.93
N LEU C 230 12.95 66.66 33.11
CA LEU C 230 11.75 66.01 33.62
C LEU C 230 10.66 67.02 33.93
N ASN C 231 11.03 68.17 34.48
CA ASN C 231 10.05 69.22 34.78
C ASN C 231 9.40 69.75 33.51
N GLU C 232 10.19 70.08 32.48
CA GLU C 232 9.61 70.58 31.25
C GLU C 232 8.86 69.49 30.49
N MET C 233 9.28 68.24 30.68
CA MET C 233 8.58 67.12 30.07
C MET C 233 7.21 66.91 30.70
N ARG C 234 7.10 67.14 32.01
CA ARG C 234 5.80 67.15 32.65
C ARG C 234 4.96 68.34 32.19
N GLU C 235 5.58 69.52 32.07
CA GLU C 235 4.84 70.73 31.71
C GLU C 235 4.27 70.66 30.30
N LEU C 236 5.06 70.19 29.33
CA LEU C 236 4.54 70.05 27.98
C LEU C 236 3.74 68.77 27.77
N GLY C 237 3.75 67.86 28.74
CA GLY C 237 2.99 66.63 28.61
C GLY C 237 3.62 65.58 27.72
N THR C 238 4.88 65.74 27.35
CA THR C 238 5.57 64.76 26.52
C THR C 238 5.94 63.53 27.35
N SER C 239 6.14 62.41 26.65
CA SER C 239 6.46 61.15 27.32
C SER C 239 7.84 60.61 26.96
N ASN C 240 8.56 61.25 26.03
CA ASN C 240 9.85 60.75 25.60
C ASN C 240 10.98 61.54 26.24
N LEU C 241 11.96 60.84 26.78
CA LEU C 241 13.18 61.45 27.29
C LEU C 241 14.34 61.03 26.41
N ASN C 242 15.11 62.02 25.94
CA ASN C 242 16.32 61.77 25.16
C ASN C 242 17.50 61.70 26.12
N LEU C 243 18.16 60.54 26.16
CA LEU C 243 19.27 60.30 27.07
C LEU C 243 20.55 60.19 26.26
N ASP C 244 21.51 61.05 26.55
CA ASP C 244 22.84 60.93 25.98
C ASP C 244 23.62 59.89 26.78
N ALA C 245 24.03 58.81 26.12
CA ALA C 245 24.70 57.72 26.82
C ALA C 245 26.09 58.12 27.27
N ARG C 246 26.66 59.13 26.63
CA ARG C 246 27.96 59.65 27.04
C ARG C 246 27.88 60.29 28.42
N ASN C 247 26.71 60.83 28.76
CA ASN C 247 26.49 61.38 30.10
C ASN C 247 26.52 60.30 31.17
N LEU C 248 26.07 59.09 30.83
CA LEU C 248 26.16 57.96 31.76
C LEU C 248 27.60 57.63 32.06
N LEU C 249 28.46 57.69 31.04
CA LEU C 249 29.88 57.44 31.23
C LEU C 249 30.54 58.59 31.98
N ALA C 250 29.95 59.79 31.90
CA ALA C 250 30.46 60.92 32.68
C ALA C 250 30.28 60.69 34.18
N TYR C 251 29.10 60.20 34.58
CA TYR C 251 28.84 59.95 35.99
C TYR C 251 29.61 58.73 36.48
N LYS C 252 30.04 58.79 37.75
CA LYS C 252 30.91 57.74 38.28
C LYS C 252 30.15 56.45 38.56
N GLN C 253 28.97 56.55 39.18
CA GLN C 253 28.26 55.34 39.59
C GLN C 253 27.64 54.61 38.40
N THR C 254 27.33 55.32 37.32
CA THR C 254 26.69 54.70 36.17
C THR C 254 27.68 54.39 35.04
N GLU C 255 28.96 54.23 35.35
CA GLU C 255 29.90 53.80 34.33
C GLU C 255 29.63 52.36 33.89
N ASP C 256 29.23 51.50 34.82
CA ASP C 256 28.86 50.14 34.47
C ASP C 256 27.50 50.12 33.77
N LEU C 257 26.63 51.07 34.12
CA LEU C 257 25.30 51.13 33.50
C LEU C 257 25.39 51.47 32.02
N TYR C 258 26.41 52.22 31.62
CA TYR C 258 26.62 52.51 30.21
C TYR C 258 26.90 51.23 29.43
N HIS C 259 27.80 50.39 29.94
CA HIS C 259 28.12 49.13 29.28
C HIS C 259 26.94 48.17 29.33
N GLN C 260 26.15 48.22 30.41
CA GLN C 260 24.96 47.37 30.48
C GLN C 260 23.90 47.82 29.48
N LEU C 261 23.75 49.14 29.29
CA LEU C 261 22.81 49.64 28.30
C LEU C 261 23.23 49.28 26.89
N LEU C 262 24.53 49.36 26.60
CA LEU C 262 25.01 48.95 25.28
C LEU C 262 24.83 47.45 25.07
N ASN C 263 25.22 46.65 26.07
CA ASN C 263 25.22 45.20 25.91
C ASN C 263 23.82 44.63 26.03
N TYR C 264 22.99 45.16 26.92
CA TYR C 264 21.68 44.59 27.21
C TYR C 264 20.60 45.68 27.16
N PRO C 265 20.32 46.22 25.97
CA PRO C 265 19.35 47.33 25.92
C PRO C 265 17.92 46.93 26.23
N GLN C 266 17.55 45.67 25.98
CA GLN C 266 16.16 45.25 26.14
C GLN C 266 15.72 45.32 27.60
N GLU C 267 16.59 44.91 28.52
CA GLU C 267 16.24 44.94 29.94
C GLU C 267 16.53 46.31 30.55
N VAL C 268 17.66 46.91 30.17
CA VAL C 268 18.09 48.18 30.77
C VAL C 268 17.16 49.30 30.37
N ILE C 269 16.67 49.29 29.12
CA ILE C 269 15.76 50.34 28.67
C ILE C 269 14.42 50.25 29.42
N SER C 270 13.91 49.04 29.63
CA SER C 270 12.68 48.87 30.41
C SER C 270 12.87 49.32 31.86
N ILE C 271 14.03 48.99 32.45
CA ILE C 271 14.36 49.45 33.79
C ILE C 271 14.40 50.97 33.83
N MET C 272 14.98 51.59 32.80
CA MET C 272 15.06 53.04 32.73
C MET C 272 13.69 53.68 32.59
N ASP C 273 12.78 53.06 31.81
CA ASP C 273 11.42 53.57 31.70
C ASP C 273 10.71 53.51 33.04
N GLN C 274 10.87 52.41 33.78
CA GLN C 274 10.27 52.32 35.11
C GLN C 274 10.84 53.38 36.06
N THR C 275 12.15 53.62 35.98
CA THR C 275 12.77 54.63 36.82
C THR C 275 12.30 56.04 36.45
N ILE C 276 12.10 56.31 35.15
CA ILE C 276 11.54 57.59 34.72
C ILE C 276 10.14 57.78 35.28
N LYS C 277 9.32 56.73 35.24
CA LYS C 277 7.97 56.85 35.81
C LYS C 277 8.00 57.07 37.32
N ASP C 278 8.92 56.40 38.01
CA ASP C 278 9.08 56.60 39.45
C ASP C 278 9.52 58.03 39.77
N CYS C 279 10.44 58.58 38.98
CA CYS C 279 10.87 59.96 39.19
C CYS C 279 9.75 60.94 38.85
N MET C 280 8.94 60.60 37.85
CA MET C 280 7.78 61.43 37.50
C MET C 280 6.79 61.53 38.65
N VAL C 281 6.49 60.40 39.30
CA VAL C 281 5.55 60.47 40.41
C VAL C 281 6.22 61.08 41.65
N SER C 282 7.53 60.87 41.82
CA SER C 282 8.22 61.39 43.00
C SER C 282 8.37 62.90 42.94
N LEU C 283 8.53 63.46 41.73
CA LEU C 283 8.72 64.90 41.60
C LEU C 283 7.45 65.65 41.98
N ILE C 284 6.28 65.05 41.76
CA ILE C 284 5.03 65.74 42.07
C ILE C 284 4.57 65.42 43.50
N VAL C 285 4.91 64.24 44.01
CA VAL C 285 4.59 63.95 45.42
C VAL C 285 5.49 64.77 46.34
N ASP C 286 6.79 64.85 46.02
CA ASP C 286 7.75 65.51 46.91
C ASP C 286 7.51 67.01 46.97
N ASN C 287 7.32 67.66 45.82
CA ASN C 287 7.14 69.10 45.78
C ASN C 287 5.71 69.54 46.03
N ASN C 288 4.79 68.57 46.22
CA ASN C 288 3.36 68.83 46.47
C ASN C 288 2.75 69.68 45.36
N LEU C 289 3.10 69.35 44.12
CA LEU C 289 2.58 70.10 42.98
C LEU C 289 1.10 69.76 42.75
N ASP C 290 0.44 70.62 41.96
CA ASP C 290 -0.99 70.48 41.75
C ASP C 290 -1.31 69.42 40.70
N TYR C 291 -0.29 68.88 40.04
CA TYR C 291 -0.49 67.86 39.01
C TYR C 291 -1.07 66.59 39.60
N ASP C 292 -2.07 66.04 38.92
CA ASP C 292 -2.76 64.86 39.42
C ASP C 292 -1.92 63.61 39.19
N LEU C 293 -1.92 62.70 40.17
CA LEU C 293 -1.10 61.50 40.09
C LEU C 293 -1.68 60.48 39.11
N ASP C 294 -3.01 60.46 38.97
CA ASP C 294 -3.67 59.48 38.11
C ASP C 294 -3.32 59.72 36.65
N GLU C 295 -3.19 60.98 36.24
CA GLU C 295 -2.86 61.28 34.85
C GLU C 295 -1.42 60.89 34.53
N ILE C 296 -0.51 61.05 35.49
CA ILE C 296 0.87 60.64 35.29
C ILE C 296 0.98 59.11 35.26
N GLU C 297 0.26 58.43 36.16
CA GLU C 297 0.36 56.98 36.26
C GLU C 297 -0.19 56.28 35.02
N THR C 298 -1.21 56.86 34.38
CA THR C 298 -1.79 56.24 33.20
C THR C 298 -0.86 56.34 32.00
N LYS C 299 -0.01 57.36 31.98
CA LYS C 299 0.93 57.54 30.87
C LYS C 299 2.03 56.49 30.93
N PHE C 300 2.51 56.09 29.76
CA PHE C 300 3.67 55.21 29.62
C PHE C 300 4.86 56.04 29.20
N TYR C 301 5.91 56.04 30.02
CA TYR C 301 7.12 56.79 29.76
C TYR C 301 8.16 55.85 29.18
N LYS C 302 8.88 56.33 28.16
CA LYS C 302 9.96 55.55 27.55
C LYS C 302 11.12 56.49 27.27
N VAL C 303 12.34 55.98 27.43
CA VAL C 303 13.55 56.77 27.23
C VAL C 303 14.15 56.39 25.88
N ARG C 304 14.73 57.36 25.19
CA ARG C 304 15.41 57.10 23.94
C ARG C 304 16.89 57.40 24.10
N PRO C 305 17.73 56.39 24.33
CA PRO C 305 19.18 56.63 24.34
C PRO C 305 19.69 56.97 22.96
N TYR C 306 20.77 57.75 22.91
CA TYR C 306 21.47 58.06 21.68
C TYR C 306 22.92 58.37 22.02
N ASN C 307 23.73 58.53 20.97
CA ASN C 307 25.18 58.72 21.06
C ASN C 307 25.80 57.59 21.89
N VAL C 308 25.45 56.36 21.53
CA VAL C 308 25.83 55.17 22.29
C VAL C 308 27.25 54.71 21.99
N GLY C 309 27.92 55.32 21.03
CA GLY C 309 29.26 54.89 20.66
C GLY C 309 29.60 55.42 19.29
N SER C 310 30.76 54.97 18.79
CA SER C 310 31.19 55.36 17.46
C SER C 310 30.35 54.66 16.40
N CYS C 311 30.14 55.35 15.28
CA CYS C 311 29.43 54.79 14.13
C CYS C 311 30.34 53.81 13.40
N LYS C 312 30.43 52.61 13.95
CA LYS C 312 31.19 51.54 13.31
C LYS C 312 30.45 51.08 12.06
N GLY C 313 31.18 50.46 11.14
CA GLY C 313 30.56 49.95 9.93
C GLY C 313 29.57 48.85 10.24
N MET C 314 28.46 48.86 9.50
CA MET C 314 27.43 47.84 9.69
C MET C 314 27.94 46.47 9.27
N ARG C 315 28.76 46.42 8.22
CA ARG C 315 29.32 45.15 7.79
C ARG C 315 30.50 44.70 8.65
N GLU C 316 31.01 45.56 9.52
CA GLU C 316 32.05 45.17 10.47
C GLU C 316 31.47 44.54 11.74
N LEU C 317 30.15 44.51 11.88
CA LEU C 317 29.55 43.89 13.04
C LEU C 317 29.58 42.37 12.92
N ASN C 318 29.71 41.70 14.05
CA ASN C 318 29.80 40.27 14.16
C ASN C 318 28.52 39.70 14.77
N PRO C 319 28.29 38.38 14.67
CA PRO C 319 27.11 37.80 15.34
C PRO C 319 27.09 37.94 16.85
N ASN C 320 28.23 38.20 17.49
CA ASN C 320 28.22 38.45 18.92
C ASN C 320 27.71 39.86 19.24
N ASP C 321 27.53 40.69 18.22
CA ASP C 321 26.96 42.03 18.41
C ASP C 321 25.45 42.04 18.27
N ILE C 322 24.81 40.87 18.11
CA ILE C 322 23.36 40.81 18.01
C ILE C 322 22.73 41.23 19.35
N ASP C 323 21.64 41.99 19.26
CA ASP C 323 20.90 42.53 20.40
C ASP C 323 21.74 43.53 21.21
N LYS C 324 22.57 44.29 20.53
CA LYS C 324 23.35 45.37 21.12
C LYS C 324 22.94 46.71 20.50
N LEU C 325 23.16 47.78 21.24
CA LEU C 325 22.86 49.14 20.79
C LEU C 325 23.96 49.62 19.86
N ILE C 326 23.58 50.14 18.69
CA ILE C 326 24.54 50.63 17.71
C ILE C 326 24.08 51.96 17.15
N ASN C 327 25.05 52.73 16.67
CA ASN C 327 24.86 53.96 15.91
C ASN C 327 25.21 53.72 14.46
N LEU C 328 24.38 54.25 13.56
CA LEU C 328 24.62 54.21 12.12
C LEU C 328 24.25 55.57 11.53
N LYS C 329 25.16 56.14 10.74
CA LYS C 329 24.85 57.28 9.89
C LYS C 329 24.32 56.74 8.57
N GLY C 330 23.34 57.42 8.00
CA GLY C 330 22.82 56.94 6.75
C GLY C 330 21.98 57.93 5.98
N LEU C 331 21.69 57.56 4.75
CA LEU C 331 20.79 58.28 3.86
C LEU C 331 19.57 57.41 3.61
N VAL C 332 18.38 57.98 3.79
CA VAL C 332 17.13 57.25 3.59
C VAL C 332 16.83 57.23 2.09
N LEU C 333 16.65 56.02 1.56
CA LEU C 333 16.29 55.89 0.15
C LEU C 333 14.78 55.78 -0.03
N ARG C 334 14.13 54.92 0.75
CA ARG C 334 12.69 54.76 0.68
C ARG C 334 12.18 54.10 1.95
N SER C 335 10.86 54.12 2.12
CA SER C 335 10.20 53.50 3.26
C SER C 335 8.94 52.81 2.77
N THR C 336 8.58 51.72 3.45
CA THR C 336 7.34 51.02 3.16
C THR C 336 6.15 51.83 3.66
N PRO C 337 4.95 51.55 3.16
CA PRO C 337 3.75 52.07 3.82
C PRO C 337 3.60 51.48 5.22
N VAL C 338 2.72 52.11 6.01
CA VAL C 338 2.54 51.70 7.39
C VAL C 338 1.93 50.30 7.44
N ILE C 339 2.55 49.43 8.22
CA ILE C 339 2.19 48.02 8.30
C ILE C 339 1.49 47.79 9.63
N PRO C 340 0.32 47.16 9.65
CA PRO C 340 -0.35 46.82 10.92
C PRO C 340 0.25 45.56 11.52
N ASP C 341 0.81 45.69 12.73
CA ASP C 341 1.42 44.58 13.45
C ASP C 341 0.51 44.24 14.62
N MET C 342 0.03 43.00 14.66
CA MET C 342 -1.04 42.64 15.58
C MET C 342 -0.49 42.52 17.01
N LYS C 343 -1.14 43.20 17.95
CA LYS C 343 -0.76 43.17 19.36
C LYS C 343 -1.79 42.48 20.24
N VAL C 344 -3.08 42.73 20.04
CA VAL C 344 -4.14 42.01 20.71
C VAL C 344 -5.00 41.36 19.64
N ALA C 345 -5.35 40.10 19.84
CA ALA C 345 -6.18 39.35 18.90
C ALA C 345 -7.58 39.21 19.49
N PHE C 346 -8.59 39.42 18.65
CA PHE C 346 -9.98 39.42 19.07
C PHE C 346 -10.66 38.17 18.53
N PHE C 347 -11.13 37.32 19.42
CA PHE C 347 -11.82 36.09 19.06
C PHE C 347 -13.30 36.19 19.45
N LYS C 348 -14.15 35.61 18.61
CA LYS C 348 -15.58 35.58 18.86
C LYS C 348 -16.09 34.16 18.59
N CYS C 349 -16.98 33.67 19.44
CA CYS C 349 -17.58 32.37 19.21
C CYS C 349 -18.65 32.47 18.12
N ASN C 350 -18.69 31.47 17.24
CA ASN C 350 -19.62 31.51 16.12
C ASN C 350 -21.05 31.23 16.57
N VAL C 351 -21.22 30.52 17.68
CA VAL C 351 -22.55 30.04 18.05
C VAL C 351 -23.16 30.90 19.14
N CYS C 352 -22.35 31.40 20.09
CA CYS C 352 -22.88 32.12 21.23
C CYS C 352 -22.40 33.56 21.30
N ASP C 353 -21.60 34.01 20.33
CA ASP C 353 -21.14 35.40 20.21
C ASP C 353 -20.38 35.86 21.45
N HIS C 354 -19.64 34.94 22.06
CA HIS C 354 -18.80 35.25 23.21
C HIS C 354 -17.42 35.67 22.71
N THR C 355 -16.97 36.82 23.17
CA THR C 355 -15.75 37.45 22.66
C THR C 355 -14.68 37.47 23.73
N MET C 356 -13.43 37.26 23.32
CA MET C 356 -12.27 37.47 24.18
C MET C 356 -11.17 38.20 23.41
N ALA C 357 -10.25 38.77 24.16
CA ALA C 357 -9.08 39.44 23.62
C ALA C 357 -7.84 38.86 24.26
N VAL C 358 -6.90 38.40 23.43
CA VAL C 358 -5.67 37.77 23.92
C VAL C 358 -4.49 38.63 23.49
N GLU C 359 -3.59 38.88 24.44
CA GLU C 359 -2.46 39.76 24.19
C GLU C 359 -1.27 38.95 23.71
N ILE C 360 -0.55 39.46 22.71
CA ILE C 360 0.49 38.71 22.03
C ILE C 360 1.67 38.46 22.98
N ASP C 361 2.32 37.32 22.80
CA ASP C 361 3.47 36.94 23.63
C ASP C 361 4.60 36.50 22.71
N ARG C 362 5.58 37.39 22.53
CA ARG C 362 6.81 37.11 21.78
C ARG C 362 6.50 36.67 20.34
N GLY C 363 5.57 37.36 19.71
CA GLY C 363 5.21 37.09 18.33
C GLY C 363 4.25 35.93 18.13
N VAL C 364 3.68 35.37 19.20
CA VAL C 364 2.81 34.19 19.11
C VAL C 364 1.50 34.50 19.80
N ILE C 365 0.39 34.20 19.14
CA ILE C 365 -0.95 34.31 19.70
C ILE C 365 -1.55 32.91 19.78
N GLN C 366 -2.00 32.54 20.99
CA GLN C 366 -2.58 31.22 21.23
C GLN C 366 -4.09 31.29 20.98
N GLU C 367 -4.55 30.62 19.93
CA GLU C 367 -5.98 30.49 19.70
C GLU C 367 -6.60 29.56 20.76
N PRO C 368 -7.68 29.98 21.41
CA PRO C 368 -8.41 29.07 22.29
C PRO C 368 -9.07 27.96 21.47
N ALA C 369 -8.82 26.71 21.89
CA ALA C 369 -9.37 25.58 21.15
C ALA C 369 -10.86 25.41 21.41
N ARG C 370 -11.33 25.89 22.56
CA ARG C 370 -12.73 25.76 22.95
C ARG C 370 -13.20 27.08 23.56
N CYS C 371 -14.52 27.24 23.61
CA CYS C 371 -15.10 28.46 24.17
C CYS C 371 -14.88 28.51 25.67
N GLU C 372 -14.51 29.70 26.16
CA GLU C 372 -14.13 29.85 27.57
C GLU C 372 -15.36 29.82 28.48
N ARG C 373 -16.52 30.24 27.97
CA ARG C 373 -17.72 30.33 28.78
C ARG C 373 -18.16 28.95 29.28
N ILE C 374 -18.74 28.91 30.47
CA ILE C 374 -19.13 27.63 31.07
C ILE C 374 -20.30 27.02 30.32
N ASP C 375 -21.14 27.86 29.70
CA ASP C 375 -22.32 27.34 29.00
C ASP C 375 -21.95 26.69 27.68
N CYS C 376 -21.06 27.31 26.91
CA CYS C 376 -20.69 26.85 25.57
C CYS C 376 -19.31 26.23 25.59
N ASN C 377 -19.19 25.02 25.07
CA ASN C 377 -17.92 24.31 25.06
C ASN C 377 -17.65 23.68 23.70
N GLU C 378 -18.06 24.36 22.64
CA GLU C 378 -17.88 23.81 21.30
C GLU C 378 -16.42 23.93 20.88
N PRO C 379 -15.77 22.83 20.51
CA PRO C 379 -14.38 22.92 20.04
C PRO C 379 -14.29 23.55 18.66
N ASN C 380 -13.18 24.24 18.42
CA ASN C 380 -12.90 24.93 17.15
C ASN C 380 -14.01 25.91 16.78
N SER C 381 -14.53 26.62 17.79
CA SER C 381 -15.62 27.55 17.59
C SER C 381 -15.21 29.01 17.69
N MET C 382 -14.00 29.31 18.14
CA MET C 382 -13.52 30.67 18.25
C MET C 382 -12.90 31.09 16.92
N SER C 383 -13.45 32.12 16.29
CA SER C 383 -12.92 32.67 15.06
C SER C 383 -12.33 34.04 15.34
N LEU C 384 -11.16 34.31 14.78
CA LEU C 384 -10.53 35.61 14.98
C LEU C 384 -11.15 36.63 14.04
N ILE C 385 -11.53 37.78 14.61
CA ILE C 385 -12.08 38.89 13.83
C ILE C 385 -10.95 39.89 13.61
N HIS C 386 -10.57 40.06 12.34
CA HIS C 386 -9.36 40.82 12.02
C HIS C 386 -9.54 42.32 12.22
N ASN C 387 -10.77 42.82 12.10
CA ASN C 387 -10.96 44.27 12.18
C ASN C 387 -11.30 44.72 13.59
N ARG C 388 -11.77 43.80 14.44
CA ARG C 388 -12.04 44.14 15.83
C ARG C 388 -10.75 44.22 16.63
N CYS C 389 -9.75 43.42 16.26
CA CYS C 389 -8.52 43.33 17.04
C CYS C 389 -7.62 44.54 16.79
N SER C 390 -6.76 44.82 17.76
CA SER C 390 -5.94 46.02 17.72
C SER C 390 -4.59 45.77 17.08
N PHE C 391 -4.02 46.82 16.51
CA PHE C 391 -2.76 46.76 15.78
C PHE C 391 -1.86 47.90 16.22
N ALA C 392 -0.58 47.77 15.89
CA ALA C 392 0.43 48.81 16.11
C ALA C 392 1.10 49.14 14.78
N ASP C 393 1.66 50.34 14.70
CA ASP C 393 2.30 50.76 13.47
C ASP C 393 3.73 50.21 13.37
N LYS C 394 4.06 49.65 12.22
CA LYS C 394 5.40 49.16 11.94
C LYS C 394 5.81 49.62 10.54
N GLN C 395 7.02 50.17 10.42
CA GLN C 395 7.49 50.63 9.13
C GLN C 395 8.91 50.15 8.89
N VAL C 396 9.20 49.79 7.65
CA VAL C 396 10.52 49.35 7.23
C VAL C 396 11.11 50.40 6.31
N ILE C 397 12.32 50.86 6.63
CA ILE C 397 12.98 51.94 5.89
C ILE C 397 14.32 51.42 5.40
N LYS C 398 14.60 51.64 4.12
CA LYS C 398 15.89 51.26 3.54
C LYS C 398 16.86 52.42 3.73
N LEU C 399 17.96 52.16 4.44
CA LEU C 399 18.94 53.17 4.77
C LEU C 399 20.26 52.84 4.10
N GLN C 400 20.83 53.82 3.42
CA GLN C 400 22.11 53.68 2.73
C GLN C 400 23.19 54.19 3.66
N GLU C 401 23.98 53.27 4.22
CA GLU C 401 24.94 53.64 5.25
C GLU C 401 26.07 54.49 4.68
N THR C 402 26.49 55.48 5.46
CA THR C 402 27.65 56.31 5.14
C THR C 402 28.60 56.28 6.34
N PRO C 403 29.36 55.19 6.50
CA PRO C 403 30.23 55.07 7.68
C PRO C 403 31.44 55.97 7.57
N ASP C 404 32.04 56.26 8.73
CA ASP C 404 33.23 57.10 8.78
C ASP C 404 34.43 56.39 8.15
N PHE C 405 34.60 55.11 8.46
CA PHE C 405 35.73 54.33 7.95
C PHE C 405 35.22 53.30 6.96
N VAL C 406 35.88 53.22 5.80
CA VAL C 406 35.53 52.28 4.75
C VAL C 406 36.78 51.46 4.44
N PRO C 407 36.72 50.13 4.52
CA PRO C 407 37.88 49.31 4.18
C PRO C 407 38.16 49.26 2.68
N ASP C 408 39.14 48.43 2.32
CA ASP C 408 39.60 48.36 0.94
C ASP C 408 38.55 47.72 0.05
N GLY C 409 38.22 48.42 -1.04
CA GLY C 409 37.33 47.88 -2.06
C GLY C 409 35.93 47.60 -1.61
N GLN C 410 35.39 48.42 -0.71
CA GLN C 410 34.04 48.23 -0.18
C GLN C 410 33.09 49.15 -0.93
N THR C 411 31.96 48.60 -1.35
CA THR C 411 30.89 49.32 -2.02
C THR C 411 29.78 49.66 -1.03
N PRO C 412 29.08 50.78 -1.21
CA PRO C 412 28.03 51.16 -0.25
C PRO C 412 26.87 50.16 -0.26
N HIS C 413 26.28 49.97 0.92
CA HIS C 413 25.23 48.97 1.10
C HIS C 413 23.98 49.64 1.65
N SER C 414 22.85 48.97 1.49
CA SER C 414 21.60 49.38 2.10
C SER C 414 21.15 48.34 3.11
N ILE C 415 20.73 48.80 4.27
CA ILE C 415 20.19 47.95 5.32
C ILE C 415 18.72 48.29 5.54
N SER C 416 17.99 47.35 6.10
CA SER C 416 16.62 47.61 6.51
C SER C 416 16.59 47.98 7.99
N LEU C 417 15.86 49.04 8.31
CA LEU C 417 15.64 49.43 9.70
C LEU C 417 14.15 49.50 9.98
N CYS C 418 13.75 48.99 11.14
CA CYS C 418 12.35 48.93 11.51
C CYS C 418 12.05 49.96 12.58
N VAL C 419 11.06 50.81 12.31
CA VAL C 419 10.57 51.77 13.29
C VAL C 419 9.16 51.37 13.69
N TYR C 420 8.79 51.70 14.92
CA TYR C 420 7.54 51.27 15.50
C TYR C 420 6.86 52.44 16.17
N ASP C 421 5.52 52.39 16.17
CA ASP C 421 4.64 53.27 16.96
C ASP C 421 4.85 54.71 16.51
N GLU C 422 5.37 55.60 17.35
CA GLU C 422 5.38 57.02 17.03
C GLU C 422 6.47 57.35 16.01
N LEU C 423 7.51 56.53 15.91
CA LEU C 423 8.61 56.82 15.01
C LEU C 423 8.29 56.49 13.56
N VAL C 424 7.12 55.90 13.28
CA VAL C 424 6.72 55.59 11.92
C VAL C 424 6.48 56.89 11.16
N ASP C 425 6.99 56.95 9.93
CA ASP C 425 6.91 58.07 8.98
C ASP C 425 7.62 59.32 9.48
N SER C 426 8.55 59.20 10.44
CA SER C 426 9.33 60.35 10.87
C SER C 426 10.43 60.69 9.88
N CYS C 427 10.90 59.70 9.13
CA CYS C 427 12.04 59.85 8.23
C CYS C 427 11.55 59.85 6.79
N ARG C 428 11.91 60.89 6.04
CA ARG C 428 11.57 60.96 4.63
C ARG C 428 12.75 60.50 3.77
N ALA C 429 12.45 60.17 2.52
CA ALA C 429 13.49 59.74 1.59
C ALA C 429 14.40 60.91 1.23
N GLY C 430 15.71 60.65 1.30
CA GLY C 430 16.68 61.65 0.90
C GLY C 430 17.30 62.45 2.01
N ASP C 431 16.93 62.21 3.26
CA ASP C 431 17.50 62.92 4.40
C ASP C 431 18.58 62.08 5.09
N ARG C 432 19.55 62.77 5.67
CA ARG C 432 20.67 62.11 6.33
C ARG C 432 20.41 62.06 7.83
N ILE C 433 20.43 60.85 8.39
CA ILE C 433 20.04 60.67 9.79
C ILE C 433 21.07 59.86 10.56
N GLU C 434 21.04 60.07 11.88
CA GLU C 434 21.74 59.28 12.88
C GLU C 434 20.73 58.34 13.52
N VAL C 435 20.88 57.04 13.28
CA VAL C 435 19.99 56.04 13.84
C VAL C 435 20.73 55.31 14.94
N THR C 436 20.13 55.26 16.13
CA THR C 436 20.60 54.34 17.16
C THR C 436 19.50 53.34 17.46
N GLY C 437 19.91 52.07 17.54
CA GLY C 437 18.95 51.00 17.71
C GLY C 437 19.64 49.69 17.99
N THR C 438 18.83 48.67 18.27
CA THR C 438 19.37 47.36 18.61
C THR C 438 19.57 46.50 17.36
N PHE C 439 20.69 45.79 17.33
CA PHE C 439 21.08 45.00 16.17
C PHE C 439 20.43 43.62 16.26
N ARG C 440 19.47 43.36 15.37
CA ARG C 440 18.62 42.20 15.46
C ARG C 440 18.87 41.24 14.31
N SER C 441 18.60 39.95 14.54
CA SER C 441 18.66 38.93 13.51
C SER C 441 17.44 38.02 13.63
N ILE C 442 16.88 37.67 12.48
CA ILE C 442 15.76 36.72 12.44
C ILE C 442 16.01 35.68 11.37
N PRO C 443 15.49 34.48 11.57
CA PRO C 443 15.45 33.51 10.48
C PRO C 443 14.30 33.79 9.53
N ILE C 444 14.53 33.52 8.25
CA ILE C 444 13.57 33.77 7.19
C ILE C 444 13.03 32.43 6.71
N ARG C 445 11.72 32.35 6.55
CA ARG C 445 11.09 31.16 5.97
C ARG C 445 11.55 30.97 4.54
N ALA C 446 11.97 29.75 4.21
CA ALA C 446 12.45 29.45 2.86
C ALA C 446 11.29 29.47 1.87
N ASN C 447 10.11 29.01 2.27
CA ASN C 447 8.94 28.98 1.42
C ASN C 447 7.75 29.53 2.17
N SER C 448 6.76 30.03 1.42
CA SER C 448 5.57 30.59 2.04
C SER C 448 4.70 29.50 2.64
N ARG C 449 4.53 28.38 1.94
CA ARG C 449 3.68 27.31 2.46
C ARG C 449 4.39 26.49 3.54
N GLN C 450 5.72 26.45 3.51
CA GLN C 450 6.46 25.64 4.47
C GLN C 450 6.86 26.47 5.68
N ARG C 451 7.00 25.79 6.82
CA ARG C 451 7.50 26.40 8.04
C ARG C 451 9.00 26.21 8.22
N VAL C 452 9.68 25.68 7.21
CA VAL C 452 11.12 25.51 7.26
C VAL C 452 11.80 26.87 7.15
N LEU C 453 12.71 27.14 8.08
CA LEU C 453 13.44 28.39 8.12
C LEU C 453 14.84 28.22 7.55
N LYS C 454 15.41 29.32 7.08
CA LYS C 454 16.78 29.29 6.58
C LYS C 454 17.77 29.45 7.73
N SER C 455 18.88 28.70 7.65
CA SER C 455 19.86 28.70 8.73
C SER C 455 20.63 30.02 8.78
N LEU C 456 20.88 30.62 7.62
CA LEU C 456 21.56 31.91 7.58
C LEU C 456 20.57 33.01 7.91
N TYR C 457 20.88 33.79 8.94
CA TYR C 457 19.94 34.76 9.46
C TYR C 457 20.02 36.09 8.70
N LYS C 458 18.92 36.83 8.73
CA LYS C 458 18.84 38.16 8.14
C LYS C 458 18.98 39.19 9.24
N THR C 459 19.88 40.15 9.05
CA THR C 459 20.18 41.16 10.05
C THR C 459 19.46 42.46 9.72
N TYR C 460 19.05 43.18 10.77
CA TYR C 460 18.37 44.46 10.65
C TYR C 460 18.51 45.21 11.97
N VAL C 461 18.04 46.45 11.97
CA VAL C 461 18.14 47.33 13.14
C VAL C 461 16.73 47.72 13.57
N ASP C 462 16.41 47.45 14.83
CA ASP C 462 15.17 47.94 15.43
C ASP C 462 15.46 49.31 16.04
N VAL C 463 14.88 50.35 15.44
CA VAL C 463 15.29 51.71 15.73
C VAL C 463 14.73 52.17 17.06
N VAL C 464 15.58 52.74 17.89
CA VAL C 464 15.19 53.33 19.16
C VAL C 464 15.11 54.85 19.07
N HIS C 465 16.13 55.49 18.48
CA HIS C 465 16.15 56.95 18.38
C HIS C 465 16.69 57.37 17.02
N VAL C 466 16.12 58.45 16.50
CA VAL C 466 16.53 59.06 15.24
C VAL C 466 16.92 60.50 15.50
N LYS C 467 18.10 60.89 15.02
CA LYS C 467 18.57 62.27 15.06
C LYS C 467 18.62 62.80 13.64
N LYS C 468 17.91 63.90 13.39
CA LYS C 468 17.89 64.55 12.09
C LYS C 468 18.61 65.87 12.08
N VAL C 469 19.31 66.23 13.16
CA VAL C 469 19.95 67.51 13.31
C VAL C 469 21.45 67.30 13.47
N SER C 470 22.24 67.98 12.65
CA SER C 470 23.69 68.00 12.77
C SER C 470 24.14 69.45 12.93
N ASP C 471 25.08 69.68 13.84
CA ASP C 471 25.60 71.03 14.05
C ASP C 471 26.51 71.47 12.90
N LYS C 472 27.04 70.50 12.13
CA LYS C 472 27.96 70.84 11.06
C LYS C 472 27.23 71.35 9.82
N ARG C 473 25.98 70.93 9.62
CA ARG C 473 25.24 71.26 8.41
C ARG C 473 23.96 72.00 8.76
N LEU C 474 23.33 72.55 7.72
CA LEU C 474 22.07 73.25 7.88
C LEU C 474 20.94 72.28 8.19
N ASP C 475 19.84 72.82 8.67
CA ASP C 475 18.63 72.05 8.91
C ASP C 475 17.72 72.15 7.70
N VAL C 476 16.70 71.30 7.68
CA VAL C 476 15.80 71.23 6.52
C VAL C 476 14.95 72.49 6.46
N ASP C 477 14.59 72.87 5.23
CA ASP C 477 13.71 74.02 5.04
C ASP C 477 12.29 73.66 5.45
N THR C 478 11.76 74.39 6.42
CA THR C 478 10.49 74.00 7.04
C THR C 478 9.31 74.29 6.14
N SER C 479 9.50 75.13 5.12
CA SER C 479 8.42 75.40 4.16
C SER C 479 8.10 74.15 3.33
N THR C 480 9.05 73.21 3.24
CA THR C 480 8.80 71.97 2.53
C THR C 480 8.18 70.90 3.43
N ILE C 481 8.18 71.11 4.75
CA ILE C 481 7.67 70.10 5.67
C ILE C 481 6.66 70.67 6.66
N GLU C 482 5.92 71.73 6.27
CA GLU C 482 4.93 72.32 7.16
C GLU C 482 3.86 71.30 7.56
N GLN C 483 3.29 70.61 6.56
CA GLN C 483 2.30 69.58 6.84
C GLN C 483 2.94 68.38 7.55
N GLU C 484 4.21 68.11 7.27
CA GLU C 484 4.92 67.05 7.99
C GLU C 484 5.15 67.42 9.44
N LEU C 485 5.39 68.71 9.71
CA LEU C 485 5.47 69.17 11.10
C LEU C 485 4.13 69.04 11.80
N MET C 486 3.05 69.34 11.09
CA MET C 486 1.71 69.17 11.67
C MET C 486 1.43 67.71 12.01
N GLN C 487 1.79 66.80 11.11
CA GLN C 487 1.58 65.37 11.38
C GLN C 487 2.53 64.86 12.46
N ASN C 488 3.71 65.49 12.59
CA ASN C 488 4.60 65.16 13.70
C ASN C 488 3.97 65.55 15.03
N LYS C 489 3.34 66.74 15.07
CA LYS C 489 2.64 67.15 16.28
C LYS C 489 1.46 66.24 16.59
N VAL C 490 0.74 65.80 15.56
CA VAL C 490 -0.39 64.89 15.76
C VAL C 490 0.10 63.54 16.29
N ASP C 491 1.17 63.00 15.70
CA ASP C 491 1.64 61.67 16.07
C ASP C 491 2.35 61.65 17.42
N HIS C 492 2.75 62.82 17.92
CA HIS C 492 3.49 62.97 19.18
C HIS C 492 4.78 62.16 19.18
N ASN C 493 5.50 62.16 18.04
CA ASN C 493 6.74 61.41 17.95
C ASN C 493 7.87 62.08 18.71
N GLU C 494 7.80 63.41 18.87
CA GLU C 494 8.80 64.22 19.57
C GLU C 494 10.19 64.05 18.96
N VAL C 495 10.25 64.01 17.63
CA VAL C 495 11.50 64.03 16.88
C VAL C 495 11.68 65.43 16.33
N GLU C 496 12.90 65.96 16.44
CA GLU C 496 13.19 67.34 16.08
C GLU C 496 13.79 67.41 14.68
N GLU C 497 13.15 68.17 13.80
CA GLU C 497 13.70 68.40 12.48
C GLU C 497 14.66 69.60 12.48
N VAL C 498 14.48 70.52 13.41
CA VAL C 498 15.25 71.75 13.47
C VAL C 498 15.96 71.82 14.82
N ARG C 499 17.12 72.49 14.83
CA ARG C 499 17.84 72.71 16.08
C ARG C 499 17.19 73.85 16.87
N GLN C 500 17.30 73.77 18.19
CA GLN C 500 16.71 74.80 19.03
C GLN C 500 17.68 75.97 19.22
N ILE C 501 17.13 77.17 19.13
CA ILE C 501 17.89 78.40 19.24
C ILE C 501 17.67 78.96 20.64
N THR C 502 18.74 79.01 21.43
CA THR C 502 18.64 79.56 22.78
C THR C 502 18.75 81.08 22.73
N ASP C 503 18.51 81.70 23.88
CA ASP C 503 18.43 83.16 23.93
C ASP C 503 19.79 83.81 23.76
N GLN C 504 20.83 83.22 24.36
CA GLN C 504 22.16 83.81 24.29
C GLN C 504 22.73 83.74 22.87
N ASP C 505 22.54 82.59 22.21
CA ASP C 505 23.03 82.46 20.85
C ASP C 505 22.16 83.23 19.85
N LEU C 506 20.88 83.42 20.17
CA LEU C 506 20.06 84.32 19.35
C LEU C 506 20.53 85.77 19.50
N ALA C 507 20.92 86.16 20.71
CA ALA C 507 21.50 87.49 20.92
C ALA C 507 22.81 87.63 20.16
N LYS C 508 23.61 86.57 20.13
CA LYS C 508 24.84 86.58 19.34
C LYS C 508 24.53 86.70 17.85
N ILE C 509 23.47 86.04 17.38
CA ILE C 509 23.06 86.14 15.98
C ILE C 509 22.66 87.57 15.64
N ARG C 510 21.87 88.19 16.52
CA ARG C 510 21.48 89.59 16.33
C ARG C 510 22.66 90.55 16.41
N GLU C 511 23.68 90.23 17.20
CA GLU C 511 24.84 91.09 17.30
C GLU C 511 25.72 90.95 16.06
N VAL C 512 25.89 89.72 15.55
CA VAL C 512 26.70 89.49 14.36
C VAL C 512 26.02 90.10 13.13
N ALA C 513 24.68 90.08 13.10
CA ALA C 513 23.97 90.68 11.97
C ALA C 513 24.13 92.20 11.94
N ALA C 514 24.54 92.80 13.06
CA ALA C 514 24.74 94.24 13.10
C ALA C 514 26.11 94.67 12.60
N ARG C 515 26.99 93.71 12.26
CA ARG C 515 28.32 94.06 11.78
C ARG C 515 28.26 94.70 10.40
N GLU C 516 29.13 95.69 10.18
CA GLU C 516 29.16 96.37 8.89
C GLU C 516 29.81 95.49 7.82
N ASP C 517 30.70 94.59 8.22
CA ASP C 517 31.37 93.67 7.31
C ASP C 517 30.68 92.31 7.25
N LEU C 518 29.36 92.27 7.43
CA LEU C 518 28.64 91.01 7.57
C LEU C 518 28.71 90.17 6.30
N TYR C 519 28.59 90.81 5.14
CA TYR C 519 28.63 90.10 3.86
C TYR C 519 29.99 89.46 3.63
N SER C 520 31.07 90.24 3.81
CA SER C 520 32.41 89.71 3.63
C SER C 520 32.75 88.67 4.69
N LEU C 521 32.28 88.86 5.92
CA LEU C 521 32.55 87.89 6.98
C LEU C 521 31.84 86.57 6.70
N LEU C 522 30.60 86.62 6.23
CA LEU C 522 29.87 85.38 5.96
C LEU C 522 30.40 84.67 4.73
N ALA C 523 30.78 85.42 3.69
CA ALA C 523 31.32 84.80 2.49
C ALA C 523 32.72 84.26 2.73
N ARG C 524 33.51 84.95 3.55
CA ARG C 524 34.87 84.50 3.84
C ARG C 524 34.88 83.25 4.69
N SER C 525 33.86 83.05 5.52
CA SER C 525 33.79 81.90 6.41
C SER C 525 33.14 80.70 5.73
N ILE C 526 32.81 80.81 4.44
CA ILE C 526 32.24 79.67 3.73
C ILE C 526 33.28 78.56 3.58
N ALA C 527 34.34 78.83 2.85
CA ALA C 527 35.37 77.83 2.60
C ALA C 527 36.71 78.42 2.98
N PRO C 528 37.12 78.29 4.25
CA PRO C 528 38.44 78.81 4.65
C PRO C 528 39.60 78.15 3.93
N SER C 529 39.48 76.87 3.57
CA SER C 529 40.54 76.20 2.83
C SER C 529 40.70 76.76 1.42
N ILE C 530 39.60 77.23 0.84
CA ILE C 530 39.65 77.82 -0.50
C ILE C 530 40.00 79.29 -0.40
N TYR C 531 41.00 79.71 -1.16
CA TYR C 531 41.55 81.05 -1.01
C TYR C 531 40.96 81.99 -2.06
N GLU C 532 40.53 83.17 -1.60
CA GLU C 532 39.81 84.19 -2.39
C GLU C 532 38.55 83.56 -2.99
N LEU C 533 38.28 83.73 -4.28
CA LEU C 533 36.98 83.44 -4.89
C LEU C 533 35.86 84.14 -4.12
N GLU C 534 36.02 85.44 -3.91
CA GLU C 534 35.13 86.21 -3.05
C GLU C 534 33.72 86.28 -3.64
N ASP C 535 33.61 86.62 -4.93
CA ASP C 535 32.29 86.72 -5.55
C ASP C 535 31.63 85.36 -5.69
N VAL C 536 32.42 84.32 -5.95
CA VAL C 536 31.88 82.96 -6.00
C VAL C 536 31.34 82.55 -4.64
N LYS C 537 32.09 82.85 -3.57
CA LYS C 537 31.63 82.52 -2.23
C LYS C 537 30.39 83.33 -1.84
N LYS C 538 30.32 84.58 -2.30
CA LYS C 538 29.15 85.40 -2.07
C LYS C 538 27.92 84.81 -2.76
N GLY C 539 28.07 84.36 -4.00
CA GLY C 539 26.97 83.70 -4.69
C GLY C 539 26.56 82.40 -4.04
N ILE C 540 27.54 81.62 -3.58
CA ILE C 540 27.25 80.37 -2.87
C ILE C 540 26.49 80.65 -1.58
N LEU C 541 26.89 81.68 -0.85
CA LEU C 541 26.21 82.07 0.38
C LEU C 541 24.78 82.51 0.10
N LEU C 542 24.58 83.29 -0.98
CA LEU C 542 23.22 83.70 -1.32
C LEU C 542 22.36 82.52 -1.76
N GLN C 543 22.97 81.53 -2.43
CA GLN C 543 22.25 80.31 -2.76
C GLN C 543 21.85 79.55 -1.50
N LEU C 544 22.74 79.52 -0.50
CA LEU C 544 22.41 78.87 0.76
C LEU C 544 21.28 79.60 1.49
N PHE C 545 21.29 80.94 1.45
CA PHE C 545 20.21 81.70 2.07
C PHE C 545 18.91 81.53 1.31
N GLY C 546 18.95 81.68 -0.01
CA GLY C 546 17.76 81.55 -0.83
C GLY C 546 16.89 82.80 -0.82
N GLY C 547 16.05 82.91 -1.84
CA GLY C 547 15.06 83.95 -1.90
C GLY C 547 13.82 83.54 -1.14
N THR C 548 12.91 84.48 -0.97
CA THR C 548 11.69 84.19 -0.24
C THR C 548 10.76 83.30 -1.08
N ASN C 549 10.02 82.44 -0.40
CA ASN C 549 9.08 81.52 -1.05
C ASN C 549 7.68 82.11 -0.96
N LYS C 550 7.06 82.30 -2.11
CA LYS C 550 5.73 82.87 -2.19
C LYS C 550 4.76 81.83 -2.74
N THR C 551 3.71 81.54 -1.98
CA THR C 551 2.66 80.60 -2.39
C THR C 551 1.36 81.38 -2.55
N PHE C 552 0.84 81.40 -3.76
CA PHE C 552 -0.39 82.11 -4.06
C PHE C 552 -1.58 81.43 -3.39
N THR C 553 -2.54 82.23 -2.94
CA THR C 553 -3.78 81.68 -2.41
C THR C 553 -4.59 81.02 -3.51
N LYS C 554 -4.49 81.55 -4.74
CA LYS C 554 -5.16 80.93 -5.89
C LYS C 554 -4.60 79.55 -6.19
N GLY C 555 -3.29 79.37 -6.06
CA GLY C 555 -2.69 78.08 -6.34
C GLY C 555 -1.31 78.15 -6.96
N GLY C 556 -0.88 79.34 -7.33
CA GLY C 556 0.46 79.51 -7.85
C GLY C 556 1.52 79.37 -6.76
N ARG C 557 2.76 79.17 -7.18
CA ARG C 557 3.86 78.96 -6.25
C ARG C 557 5.15 79.50 -6.85
N TYR C 558 5.83 80.36 -6.08
CA TYR C 558 7.15 80.87 -6.44
C TYR C 558 8.15 80.41 -5.40
N ARG C 559 9.28 79.87 -5.86
CA ARG C 559 10.33 79.38 -4.99
C ARG C 559 11.56 80.26 -5.16
N GLY C 560 12.20 80.62 -4.04
CA GLY C 560 13.41 81.41 -4.09
C GLY C 560 14.67 80.58 -4.17
N ASP C 561 14.73 79.66 -5.13
CA ASP C 561 15.86 78.76 -5.31
C ASP C 561 16.78 79.35 -6.35
N ILE C 562 18.06 79.49 -6.00
CA ILE C 562 19.07 80.09 -6.88
C ILE C 562 19.92 78.97 -7.48
N ASN C 563 20.01 78.97 -8.80
CA ASN C 563 20.85 78.03 -9.54
C ASN C 563 22.12 78.74 -9.96
N ILE C 564 23.26 78.10 -9.75
CA ILE C 564 24.57 78.67 -10.04
C ILE C 564 25.33 77.72 -10.95
N LEU C 565 25.93 78.28 -12.01
CA LEU C 565 26.87 77.57 -12.85
C LEU C 565 28.26 78.15 -12.60
N LEU C 566 29.26 77.28 -12.46
CA LEU C 566 30.66 77.68 -12.31
C LEU C 566 31.42 77.11 -13.50
N CYS C 567 31.56 77.92 -14.54
CA CYS C 567 32.36 77.55 -15.70
C CYS C 567 33.77 78.09 -15.50
N GLY C 568 34.75 77.21 -15.57
CA GLY C 568 36.09 77.68 -15.23
C GLY C 568 37.21 76.85 -15.81
N ASP C 569 38.41 77.40 -15.69
CA ASP C 569 39.62 76.69 -16.04
C ASP C 569 39.87 75.57 -15.02
N PRO C 570 40.70 74.58 -15.38
CA PRO C 570 41.07 73.56 -14.40
C PRO C 570 41.84 74.16 -13.24
N SER C 571 41.74 73.48 -12.09
CA SER C 571 42.42 73.88 -10.85
C SER C 571 41.96 75.26 -10.37
N THR C 572 40.65 75.39 -10.17
CA THR C 572 40.06 76.63 -9.67
C THR C 572 39.22 76.40 -8.42
N SER C 573 39.32 75.22 -7.81
CA SER C 573 38.69 74.79 -6.56
C SER C 573 37.16 74.80 -6.62
N LYS C 574 36.56 74.68 -7.81
CA LYS C 574 35.09 74.67 -7.87
C LYS C 574 34.54 73.31 -7.47
N SER C 575 35.29 72.23 -7.69
CA SER C 575 34.89 70.92 -7.17
C SER C 575 34.95 70.90 -5.65
N GLN C 576 35.93 71.59 -5.06
CA GLN C 576 35.96 71.73 -3.61
C GLN C 576 34.76 72.53 -3.11
N ILE C 577 34.34 73.54 -3.88
CA ILE C 577 33.15 74.31 -3.54
C ILE C 577 31.91 73.43 -3.57
N LEU C 578 31.77 72.60 -4.60
CA LEU C 578 30.63 71.69 -4.68
C LEU C 578 30.66 70.68 -3.54
N GLN C 579 31.85 70.18 -3.18
CA GLN C 579 31.98 69.26 -2.05
C GLN C 579 31.57 69.93 -0.74
N TYR C 580 32.00 71.18 -0.54
CA TYR C 580 31.60 71.90 0.68
C TYR C 580 30.09 72.11 0.73
N VAL C 581 29.49 72.49 -0.39
CA VAL C 581 28.04 72.72 -0.41
C VAL C 581 27.29 71.41 -0.16
N HIS C 582 27.79 70.31 -0.73
CA HIS C 582 27.18 69.00 -0.48
C HIS C 582 27.29 68.62 0.98
N LYS C 583 28.39 68.97 1.64
CA LYS C 583 28.51 68.69 3.07
C LYS C 583 27.63 69.61 3.91
N ILE C 584 27.38 70.83 3.45
CA ILE C 584 26.73 71.81 4.30
C ILE C 584 25.20 71.71 4.20
N THR C 585 24.69 71.17 3.09
CA THR C 585 23.24 71.14 2.90
C THR C 585 22.62 69.99 3.68
N PRO C 586 21.37 70.13 4.13
CA PRO C 586 20.76 69.04 4.90
C PRO C 586 20.47 67.79 4.09
N ARG C 587 19.98 67.91 2.86
CA ARG C 587 19.56 66.73 2.12
C ARG C 587 19.84 66.79 0.62
N GLY C 588 20.94 67.39 0.19
CA GLY C 588 21.27 67.41 -1.23
C GLY C 588 21.92 66.13 -1.71
N VAL C 589 22.10 66.05 -3.02
CA VAL C 589 22.72 64.91 -3.70
C VAL C 589 23.84 65.42 -4.61
N TYR C 590 24.99 64.76 -4.57
CA TYR C 590 26.13 65.10 -5.42
C TYR C 590 26.22 64.09 -6.56
N THR C 591 26.22 64.58 -7.80
CA THR C 591 26.28 63.76 -9.00
C THR C 591 27.35 64.27 -9.94
N SER C 592 27.69 63.45 -10.92
CA SER C 592 28.76 63.73 -11.88
C SER C 592 28.23 63.66 -13.30
N GLY C 593 28.94 64.32 -14.23
CA GLY C 593 28.58 64.23 -15.63
C GLY C 593 28.91 62.87 -16.21
N LYS C 594 27.94 62.28 -16.92
CA LYS C 594 27.91 60.96 -17.52
C LYS C 594 27.91 59.83 -16.49
N GLY C 595 27.97 60.13 -15.20
CA GLY C 595 27.68 59.17 -14.16
C GLY C 595 26.21 59.15 -13.78
N SER C 596 25.38 59.91 -14.46
CA SER C 596 23.95 59.98 -14.16
C SER C 596 23.15 59.90 -15.45
N SER C 597 21.93 59.37 -15.33
CA SER C 597 21.01 59.26 -16.45
C SER C 597 19.75 60.04 -16.13
N ALA C 598 18.90 60.19 -17.16
CA ALA C 598 17.64 60.90 -16.98
C ALA C 598 16.71 60.15 -16.02
N VAL C 599 16.67 58.82 -16.12
CA VAL C 599 15.83 58.03 -15.24
C VAL C 599 16.38 58.06 -13.81
N GLY C 600 17.70 58.03 -13.67
CA GLY C 600 18.30 58.00 -12.34
C GLY C 600 18.22 59.35 -11.63
N LEU C 601 17.88 60.41 -12.37
CA LEU C 601 17.75 61.72 -11.73
C LEU C 601 16.35 61.93 -11.20
N THR C 602 15.33 61.37 -11.86
CA THR C 602 13.95 61.67 -11.47
C THR C 602 13.36 60.63 -10.52
N ALA C 603 13.17 59.40 -11.03
CA ALA C 603 12.46 58.34 -10.31
C ALA C 603 12.55 57.08 -11.13
N TYR C 604 12.44 55.94 -10.45
CA TYR C 604 12.48 54.67 -11.17
C TYR C 604 11.74 53.62 -10.37
N ILE C 605 11.70 52.41 -10.92
CA ILE C 605 11.04 51.26 -10.31
C ILE C 605 12.09 50.19 -10.08
N THR C 606 12.16 49.70 -8.84
CA THR C 606 13.10 48.64 -8.48
C THR C 606 12.35 47.47 -7.87
N ARG C 607 12.97 46.30 -7.89
CA ARG C 607 12.40 45.13 -7.23
C ARG C 607 12.95 45.06 -5.82
N ASP C 608 12.07 45.10 -4.83
CA ASP C 608 12.49 45.00 -3.44
C ASP C 608 13.00 43.60 -3.13
N VAL C 609 14.07 43.52 -2.35
CA VAL C 609 14.65 42.22 -2.02
C VAL C 609 13.77 41.47 -1.01
N ASP C 610 13.17 42.19 -0.06
CA ASP C 610 12.42 41.53 1.00
C ASP C 610 11.08 41.02 0.51
N THR C 611 10.39 41.81 -0.31
CA THR C 611 9.01 41.53 -0.68
C THR C 611 8.84 41.03 -2.11
N LYS C 612 9.90 41.11 -2.93
CA LYS C 612 9.86 40.73 -4.36
C LYS C 612 8.79 41.51 -5.11
N GLN C 613 8.61 42.77 -4.75
CA GLN C 613 7.61 43.65 -5.33
C GLN C 613 8.28 44.79 -6.07
N LEU C 614 7.58 45.33 -7.06
CA LEU C 614 8.03 46.54 -7.74
C LEU C 614 7.68 47.75 -6.89
N VAL C 615 8.69 48.53 -6.52
CA VAL C 615 8.54 49.68 -5.64
C VAL C 615 9.10 50.90 -6.34
N LEU C 616 8.49 52.05 -6.05
CA LEU C 616 8.92 53.31 -6.61
C LEU C 616 10.06 53.88 -5.76
N GLU C 617 11.11 54.35 -6.42
CA GLU C 617 12.23 54.93 -5.69
C GLU C 617 12.66 56.23 -6.35
N SER C 618 12.94 57.23 -5.51
CA SER C 618 13.24 58.56 -5.99
C SER C 618 14.62 58.64 -6.60
N GLY C 619 14.76 59.45 -7.65
CA GLY C 619 16.05 59.74 -8.24
C GLY C 619 16.77 60.86 -7.50
N ALA C 620 17.89 61.30 -8.09
CA ALA C 620 18.78 62.23 -7.41
C ALA C 620 18.13 63.60 -7.20
N LEU C 621 17.35 64.07 -8.18
CA LEU C 621 16.75 65.40 -8.07
C LEU C 621 15.64 65.43 -7.02
N VAL C 622 14.84 64.36 -6.95
CA VAL C 622 13.78 64.29 -5.96
C VAL C 622 14.35 64.09 -4.57
N LEU C 623 15.43 63.31 -4.46
CA LEU C 623 16.09 63.12 -3.16
C LEU C 623 16.70 64.41 -2.66
N SER C 624 17.15 65.28 -3.57
CA SER C 624 17.80 66.53 -3.21
C SER C 624 16.81 67.67 -3.02
N ASP C 625 15.51 67.39 -3.07
CA ASP C 625 14.49 68.41 -2.85
C ASP C 625 14.60 68.98 -1.45
N GLY C 626 14.49 70.31 -1.35
CA GLY C 626 14.74 70.98 -0.09
C GLY C 626 16.20 71.23 0.20
N GLY C 627 17.09 70.99 -0.75
CA GLY C 627 18.50 71.18 -0.56
C GLY C 627 19.14 71.64 -1.86
N VAL C 628 20.42 71.33 -2.01
CA VAL C 628 21.18 71.70 -3.20
C VAL C 628 21.67 70.44 -3.90
N CYS C 629 21.32 70.31 -5.17
CA CYS C 629 21.86 69.27 -6.03
C CYS C 629 23.12 69.80 -6.70
N CYS C 630 24.25 69.21 -6.37
CA CYS C 630 25.54 69.59 -6.95
C CYS C 630 25.83 68.65 -8.11
N ILE C 631 26.16 69.21 -9.26
CA ILE C 631 26.47 68.45 -10.47
C ILE C 631 27.87 68.85 -10.93
N ASP C 632 28.82 67.96 -10.76
CA ASP C 632 30.17 68.15 -11.28
C ASP C 632 30.23 67.64 -12.72
N GLU C 633 31.15 68.23 -13.48
CA GLU C 633 31.33 67.95 -14.91
C GLU C 633 30.03 68.14 -15.68
N PHE C 634 29.40 69.31 -15.46
CA PHE C 634 28.12 69.61 -16.09
C PHE C 634 28.26 69.75 -17.60
N ASP C 635 29.45 70.13 -18.07
CA ASP C 635 29.69 70.25 -19.51
C ASP C 635 29.63 68.88 -20.19
N LYS C 636 29.95 67.83 -19.44
CA LYS C 636 30.08 66.50 -20.04
C LYS C 636 28.77 65.74 -20.05
N MET C 637 27.72 66.29 -19.42
CA MET C 637 26.44 65.61 -19.36
C MET C 637 25.79 65.53 -20.74
N SER C 638 25.07 64.45 -20.99
CA SER C 638 24.33 64.31 -22.25
C SER C 638 23.19 65.31 -22.32
N ASP C 639 22.83 65.69 -23.56
CA ASP C 639 21.76 66.67 -23.77
C ASP C 639 20.41 66.13 -23.33
N SER C 640 20.16 64.83 -23.54
CA SER C 640 18.93 64.24 -23.04
C SER C 640 18.90 64.23 -21.52
N THR C 641 20.06 63.99 -20.88
CA THR C 641 20.13 64.07 -19.43
C THR C 641 20.07 65.52 -18.95
N ARG C 642 20.63 66.45 -19.74
CA ARG C 642 20.50 67.87 -19.43
C ARG C 642 19.06 68.33 -19.43
N SER C 643 18.26 67.84 -20.39
CA SER C 643 16.94 68.41 -20.64
C SER C 643 15.94 68.07 -19.54
N VAL C 644 16.32 67.16 -18.63
CA VAL C 644 15.51 66.92 -17.43
C VAL C 644 15.52 68.16 -16.53
N LEU C 645 16.63 68.90 -16.52
CA LEU C 645 16.83 69.96 -15.55
C LEU C 645 15.99 71.20 -15.83
N HIS C 646 15.35 71.28 -17.00
CA HIS C 646 14.59 72.49 -17.36
C HIS C 646 13.43 72.73 -16.40
N GLU C 647 12.60 71.70 -16.18
CA GLU C 647 11.45 71.84 -15.30
C GLU C 647 11.89 72.01 -13.85
N VAL C 648 13.01 71.39 -13.46
CA VAL C 648 13.52 71.55 -12.11
C VAL C 648 13.97 72.99 -11.87
N MET C 649 14.66 73.57 -12.85
CA MET C 649 15.18 74.92 -12.67
C MET C 649 14.07 75.96 -12.73
N GLU C 650 13.01 75.71 -13.52
CA GLU C 650 12.03 76.78 -13.68
C GLU C 650 10.84 76.61 -12.74
N GLN C 651 10.26 75.41 -12.64
CA GLN C 651 9.10 75.18 -11.79
C GLN C 651 9.40 74.49 -10.47
N GLN C 652 10.64 74.06 -10.24
CA GLN C 652 11.05 73.29 -9.06
C GLN C 652 10.20 72.03 -8.90
N THR C 653 9.92 71.36 -10.01
CA THR C 653 9.15 70.12 -9.98
C THR C 653 9.44 69.32 -11.24
N ILE C 654 9.05 68.05 -11.21
CA ILE C 654 9.18 67.14 -12.34
C ILE C 654 7.81 66.51 -12.57
N SER C 655 7.30 66.61 -13.81
CA SER C 655 6.00 66.05 -14.16
C SER C 655 6.20 64.75 -14.92
N ILE C 656 6.10 63.63 -14.21
CA ILE C 656 6.43 62.30 -14.73
C ILE C 656 5.15 61.68 -15.27
N ALA C 657 5.23 61.12 -16.49
CA ALA C 657 4.16 60.29 -17.05
C ALA C 657 4.78 58.99 -17.58
N LYS C 658 4.92 58.00 -16.70
CA LYS C 658 5.49 56.71 -17.06
C LYS C 658 4.50 55.61 -16.76
N ALA C 659 4.94 54.36 -16.98
CA ALA C 659 4.07 53.20 -16.85
C ALA C 659 3.62 53.00 -15.41
N GLY C 660 4.52 53.19 -14.45
CA GLY C 660 4.14 53.00 -13.06
C GLY C 660 3.59 54.26 -12.42
N ILE C 661 4.23 55.40 -12.68
CA ILE C 661 3.88 56.66 -12.03
C ILE C 661 3.49 57.69 -13.08
N ILE C 662 2.36 58.36 -12.83
CA ILE C 662 1.94 59.54 -13.57
C ILE C 662 1.52 60.57 -12.53
N THR C 663 2.43 61.50 -12.22
CA THR C 663 2.21 62.46 -11.15
C THR C 663 3.20 63.61 -11.28
N THR C 664 3.00 64.63 -10.46
CA THR C 664 3.88 65.77 -10.36
C THR C 664 4.62 65.70 -9.03
N LEU C 665 5.95 65.64 -9.09
CA LEU C 665 6.80 65.49 -7.92
C LEU C 665 7.55 66.79 -7.66
N ASN C 666 7.54 67.24 -6.42
CA ASN C 666 8.28 68.44 -6.07
C ASN C 666 9.77 68.15 -6.06
N ALA C 667 10.53 68.96 -6.80
CA ALA C 667 11.98 68.96 -6.73
C ALA C 667 12.44 70.40 -6.51
N ARG C 668 12.36 70.84 -5.25
CA ARG C 668 12.74 72.20 -4.88
C ARG C 668 14.21 72.21 -4.47
N SER C 669 15.05 71.84 -5.44
CA SER C 669 16.47 71.75 -5.23
C SER C 669 17.17 72.86 -6.00
N SER C 670 17.95 73.66 -5.30
CA SER C 670 18.84 74.61 -5.95
C SER C 670 19.96 73.84 -6.62
N ILE C 671 20.25 74.16 -7.87
CA ILE C 671 21.23 73.41 -8.64
C ILE C 671 22.54 74.19 -8.67
N LEU C 672 23.61 73.55 -8.22
CA LEU C 672 24.96 74.09 -8.31
C LEU C 672 25.78 73.20 -9.24
N ALA C 673 26.12 73.73 -10.41
CA ALA C 673 26.77 72.96 -11.45
C ALA C 673 28.18 73.51 -11.68
N SER C 674 29.10 72.62 -12.03
CA SER C 674 30.48 72.98 -12.35
C SER C 674 30.81 72.49 -13.75
N ALA C 675 31.51 73.30 -14.52
CA ALA C 675 31.75 72.99 -15.93
C ALA C 675 33.08 73.58 -16.40
N ASN C 676 33.54 73.04 -17.52
CA ASN C 676 34.75 73.45 -18.23
C ASN C 676 34.38 73.97 -19.61
N PRO C 677 35.26 74.74 -20.25
CA PRO C 677 35.04 75.11 -21.65
C PRO C 677 35.23 73.92 -22.59
N ILE C 678 35.02 74.19 -23.89
CA ILE C 678 35.11 73.13 -24.90
C ILE C 678 36.54 72.61 -25.01
N GLY C 679 37.51 73.52 -25.08
CA GLY C 679 38.89 73.12 -25.20
C GLY C 679 39.56 72.77 -23.90
N SER C 680 38.77 72.61 -22.84
CA SER C 680 39.13 72.31 -21.45
C SER C 680 39.76 73.51 -20.76
N ARG C 681 40.04 74.58 -21.49
CA ARG C 681 40.59 75.81 -20.94
C ARG C 681 39.90 76.96 -21.65
N TYR C 682 39.77 78.08 -20.95
CA TYR C 682 39.10 79.24 -21.54
C TYR C 682 39.94 79.83 -22.67
N ASN C 683 39.29 80.04 -23.82
CA ASN C 683 39.95 80.61 -24.99
C ASN C 683 39.51 82.05 -25.16
N PRO C 684 40.39 83.03 -24.99
CA PRO C 684 40.00 84.43 -25.19
C PRO C 684 39.60 84.75 -26.62
N ASN C 685 40.01 83.93 -27.59
CA ASN C 685 39.63 84.17 -28.97
C ASN C 685 38.15 83.94 -29.22
N LEU C 686 37.56 82.99 -28.49
CA LEU C 686 36.15 82.69 -28.67
C LEU C 686 35.30 83.52 -27.72
N PRO C 687 34.05 83.79 -28.08
CA PRO C 687 33.16 84.53 -27.17
C PRO C 687 32.74 83.70 -25.97
N VAL C 688 32.00 84.36 -25.06
CA VAL C 688 31.60 83.75 -23.80
C VAL C 688 30.64 82.59 -24.05
N THR C 689 29.68 82.77 -24.97
CA THR C 689 28.68 81.75 -25.22
C THR C 689 29.29 80.48 -25.80
N GLU C 690 30.26 80.64 -26.72
CA GLU C 690 30.94 79.48 -27.28
C GLU C 690 31.78 78.76 -26.21
N ASN C 691 32.44 79.52 -25.34
CA ASN C 691 33.23 78.90 -24.28
C ASN C 691 32.36 78.13 -23.31
N ILE C 692 31.21 78.70 -22.93
CA ILE C 692 30.30 77.98 -22.03
C ILE C 692 29.70 76.76 -22.73
N ASP C 693 29.29 76.93 -23.99
CA ASP C 693 28.73 75.86 -24.82
C ASP C 693 27.51 75.23 -24.17
N LEU C 694 26.55 76.07 -23.78
CA LEU C 694 25.28 75.58 -23.31
C LEU C 694 24.18 76.13 -24.18
N PRO C 695 23.12 75.36 -24.44
CA PRO C 695 21.95 75.90 -25.14
C PRO C 695 21.32 77.02 -24.33
N PRO C 696 20.81 78.05 -25.00
CA PRO C 696 20.24 79.22 -24.29
C PRO C 696 19.07 78.87 -23.38
N PRO C 697 18.18 77.92 -23.72
CA PRO C 697 17.16 77.54 -22.71
C PRO C 697 17.73 77.03 -21.40
N LEU C 698 18.82 76.26 -21.45
CA LEU C 698 19.41 75.76 -20.21
C LEU C 698 20.17 76.86 -19.48
N LEU C 699 20.92 77.68 -20.22
CA LEU C 699 21.80 78.65 -19.59
C LEU C 699 21.02 79.85 -19.05
N SER C 700 19.83 80.10 -19.60
CA SER C 700 19.01 81.20 -19.09
C SER C 700 18.43 80.88 -17.73
N ARG C 701 18.33 79.59 -17.39
CA ARG C 701 17.69 79.20 -16.13
C ARG C 701 18.66 79.31 -14.95
N PHE C 702 19.94 79.53 -15.22
CA PHE C 702 20.89 79.76 -14.16
C PHE C 702 20.81 81.20 -13.68
N ASP C 703 20.64 81.38 -12.37
CA ASP C 703 20.60 82.73 -11.81
C ASP C 703 21.96 83.40 -11.88
N LEU C 704 23.03 82.67 -11.55
CA LEU C 704 24.37 83.20 -11.56
C LEU C 704 25.25 82.29 -12.42
N VAL C 705 26.00 82.89 -13.34
CA VAL C 705 26.97 82.18 -14.16
C VAL C 705 28.33 82.79 -13.88
N TYR C 706 29.23 81.99 -13.31
CA TYR C 706 30.54 82.45 -12.87
C TYR C 706 31.59 81.96 -13.86
N LEU C 707 32.27 82.91 -14.50
CA LEU C 707 33.44 82.60 -15.30
C LEU C 707 34.67 82.73 -14.41
N VAL C 708 35.18 81.59 -13.94
CA VAL C 708 36.30 81.56 -13.03
C VAL C 708 37.56 81.36 -13.85
N LEU C 709 38.43 82.36 -13.87
CA LEU C 709 39.55 82.39 -14.79
C LEU C 709 40.86 82.37 -14.03
N ASP C 710 41.90 81.85 -14.70
CA ASP C 710 43.23 81.74 -14.12
C ASP C 710 44.11 82.80 -14.77
N LYS C 711 44.31 83.91 -14.07
CA LYS C 711 45.23 84.96 -14.51
C LYS C 711 46.50 84.85 -13.68
N VAL C 712 47.64 84.77 -14.36
CA VAL C 712 48.91 84.60 -13.68
C VAL C 712 49.47 85.96 -13.29
N ASP C 713 49.72 86.14 -11.99
CA ASP C 713 50.31 87.34 -11.42
C ASP C 713 51.38 86.93 -10.42
N GLU C 714 52.29 87.85 -10.11
CA GLU C 714 53.27 87.58 -9.07
C GLU C 714 52.61 87.44 -7.71
N LYS C 715 51.82 88.44 -7.32
CA LYS C 715 51.27 88.48 -5.96
C LYS C 715 50.19 87.43 -5.77
N ASN C 716 49.38 87.19 -6.80
CA ASN C 716 48.29 86.23 -6.66
C ASN C 716 48.81 84.80 -6.58
N ASP C 717 49.77 84.45 -7.44
CA ASP C 717 50.37 83.13 -7.38
C ASP C 717 51.16 82.93 -6.09
N ARG C 718 51.87 83.97 -5.64
CA ARG C 718 52.59 83.87 -4.37
C ARG C 718 51.63 83.64 -3.21
N GLU C 719 50.53 84.38 -3.16
CA GLU C 719 49.57 84.24 -2.09
C GLU C 719 48.90 82.87 -2.12
N LEU C 720 48.52 82.38 -3.32
CA LEU C 720 47.90 81.07 -3.42
C LEU C 720 48.86 79.97 -3.02
N ALA C 721 50.13 80.07 -3.44
CA ALA C 721 51.12 79.07 -3.08
C ALA C 721 51.38 79.06 -1.58
N LYS C 722 51.47 80.24 -0.97
CA LYS C 722 51.62 80.30 0.49
C LYS C 722 50.42 79.69 1.20
N HIS C 723 49.20 80.01 0.72
CA HIS C 723 48.00 79.48 1.35
C HIS C 723 47.94 77.97 1.25
N LEU C 724 48.34 77.42 0.11
CA LEU C 724 48.36 75.97 -0.05
C LEU C 724 49.44 75.32 0.80
N THR C 725 50.57 76.02 1.01
CA THR C 725 51.65 75.40 1.77
C THR C 725 51.46 75.54 3.29
N ASN C 726 50.64 76.50 3.74
CA ASN C 726 50.37 76.56 5.17
C ASN C 726 49.56 75.37 5.66
N LEU C 727 48.86 74.68 4.76
CA LEU C 727 48.06 73.52 5.18
C LEU C 727 48.95 72.39 5.68
N TYR C 728 50.11 72.18 5.05
CA TYR C 728 50.97 71.05 5.36
C TYR C 728 52.03 71.35 6.42
N LEU C 729 51.98 72.52 7.09
CA LEU C 729 52.90 72.74 8.19
C LEU C 729 52.62 71.81 9.36
N GLU C 730 51.35 71.57 9.66
CA GLU C 730 50.95 70.73 10.78
C GLU C 730 50.08 69.59 10.28
N ASP C 731 49.98 68.54 11.10
CA ASP C 731 49.21 67.37 10.73
C ASP C 731 47.72 67.69 10.65
N LYS C 732 47.21 68.48 11.60
CA LYS C 732 45.81 68.87 11.61
C LYS C 732 45.71 70.39 11.51
N PRO C 733 45.29 70.93 10.37
CA PRO C 733 45.15 72.38 10.19
C PRO C 733 43.75 72.88 10.52
N ASP C 739 42.47 86.55 8.60
CA ASP C 739 41.35 87.27 9.20
C ASP C 739 40.58 86.38 10.16
N ASP C 740 39.35 86.79 10.49
CA ASP C 740 38.50 86.05 11.41
C ASP C 740 37.29 85.51 10.65
N VAL C 741 37.01 84.22 10.83
CA VAL C 741 35.89 83.55 10.19
C VAL C 741 34.97 83.03 11.27
N LEU C 742 33.68 82.94 10.96
CA LEU C 742 32.73 82.39 11.91
C LEU C 742 32.83 80.86 11.89
N PRO C 743 32.59 80.19 13.03
CA PRO C 743 32.62 78.74 13.04
C PRO C 743 31.46 78.16 12.25
N VAL C 744 31.64 76.91 11.80
CA VAL C 744 30.66 76.29 10.90
C VAL C 744 29.32 76.07 11.63
N GLU C 745 29.38 75.83 12.94
CA GLU C 745 28.14 75.67 13.71
C GLU C 745 27.36 76.97 13.78
N PHE C 746 28.05 78.07 14.08
CA PHE C 746 27.38 79.37 14.14
C PHE C 746 26.92 79.82 12.76
N LEU C 747 27.71 79.53 11.73
CA LEU C 747 27.30 79.83 10.36
C LEU C 747 26.03 79.10 9.99
N THR C 748 25.96 77.80 10.29
CA THR C 748 24.79 77.01 9.95
C THR C 748 23.57 77.47 10.71
N MET C 749 23.72 77.79 12.01
CA MET C 749 22.55 78.20 12.78
C MET C 749 22.10 79.61 12.40
N TYR C 750 23.04 80.48 11.98
CA TYR C 750 22.66 81.81 11.53
C TYR C 750 21.89 81.75 10.23
N ILE C 751 22.37 80.95 9.26
CA ILE C 751 21.65 80.78 8.00
C ILE C 751 20.30 80.11 8.26
N SER C 752 20.27 79.16 9.20
CA SER C 752 19.02 78.49 9.54
C SER C 752 17.99 79.46 10.11
N TYR C 753 18.42 80.32 11.05
CA TYR C 753 17.50 81.31 11.62
C TYR C 753 17.01 82.27 10.56
N ALA C 754 17.91 82.72 9.66
CA ALA C 754 17.50 83.66 8.63
C ALA C 754 16.52 83.02 7.65
N LYS C 755 16.72 81.76 7.29
CA LYS C 755 15.80 81.09 6.40
C LYS C 755 14.45 80.85 7.07
N GLU C 756 14.47 80.55 8.39
CA GLU C 756 13.22 80.24 9.08
C GLU C 756 12.39 81.48 9.36
N HIS C 757 13.02 82.59 9.74
CA HIS C 757 12.30 83.70 10.35
C HIS C 757 12.28 84.98 9.52
N ILE C 758 13.00 85.04 8.40
CA ILE C 758 13.07 86.26 7.60
C ILE C 758 12.47 85.96 6.23
N HIS C 759 11.44 86.72 5.87
CA HIS C 759 10.77 86.60 4.57
C HIS C 759 10.64 88.00 3.98
N PRO C 760 11.71 88.53 3.39
CA PRO C 760 11.70 89.93 2.96
C PRO C 760 10.77 90.17 1.77
N ILE C 761 10.26 91.39 1.67
CA ILE C 761 9.33 91.79 0.61
C ILE C 761 9.96 92.92 -0.19
N ILE C 762 9.55 93.01 -1.46
CA ILE C 762 10.07 94.07 -2.34
C ILE C 762 9.28 95.34 -2.10
N THR C 763 9.98 96.47 -2.06
CA THR C 763 9.34 97.78 -1.92
C THR C 763 9.36 98.50 -3.27
N GLU C 764 8.78 99.71 -3.27
CA GLU C 764 8.69 100.49 -4.49
C GLU C 764 10.07 100.92 -4.99
N ALA C 765 10.95 101.33 -4.07
CA ALA C 765 12.28 101.78 -4.46
C ALA C 765 13.11 100.63 -5.01
N ALA C 766 12.85 99.41 -4.52
CA ALA C 766 13.49 98.23 -5.11
C ALA C 766 12.86 97.88 -6.45
N LYS C 767 11.55 98.09 -6.58
CA LYS C 767 10.85 97.77 -7.83
C LYS C 767 11.35 98.64 -8.98
N THR C 768 11.49 99.95 -8.75
CA THR C 768 11.96 100.84 -9.81
C THR C 768 13.41 100.55 -10.16
N GLU C 769 14.22 100.15 -9.18
CA GLU C 769 15.62 99.82 -9.47
C GLU C 769 15.72 98.52 -10.26
N LEU C 770 14.90 97.53 -9.92
CA LEU C 770 14.85 96.28 -10.66
C LEU C 770 14.43 96.52 -12.11
N VAL C 771 13.40 97.34 -12.30
CA VAL C 771 12.92 97.65 -13.64
C VAL C 771 13.99 98.37 -14.44
N ARG C 772 14.66 99.36 -13.82
CA ARG C 772 15.66 100.13 -14.54
C ARG C 772 16.85 99.25 -14.92
N ALA C 773 17.26 98.34 -14.02
CA ALA C 773 18.38 97.45 -14.33
C ALA C 773 18.03 96.48 -15.46
N TYR C 774 16.81 95.92 -15.42
CA TYR C 774 16.41 95.00 -16.48
C TYR C 774 16.30 95.71 -17.82
N VAL C 775 15.72 96.91 -17.84
CA VAL C 775 15.62 97.67 -19.07
C VAL C 775 17.01 98.04 -19.59
N GLY C 776 17.92 98.41 -18.69
CA GLY C 776 19.27 98.78 -19.10
C GLY C 776 20.03 97.62 -19.73
N MET C 777 19.95 96.44 -19.12
CA MET C 777 20.66 95.30 -19.71
C MET C 777 19.97 94.77 -20.96
N ARG C 778 18.65 94.93 -21.07
CA ARG C 778 17.98 94.64 -22.35
C ARG C 778 18.44 95.60 -23.44
N LYS C 779 18.68 96.87 -23.08
CA LYS C 779 19.24 97.82 -24.04
C LYS C 779 20.68 97.46 -24.41
N MET C 780 21.45 96.95 -23.45
CA MET C 780 22.80 96.48 -23.76
C MET C 780 22.76 95.28 -24.70
N GLY C 781 21.73 94.43 -24.56
CA GLY C 781 21.57 93.29 -25.45
C GLY C 781 21.11 93.66 -26.86
N ASP C 782 20.74 94.92 -27.08
CA ASP C 782 20.32 95.35 -28.41
C ASP C 782 21.48 95.33 -29.41
N ASP C 783 22.70 95.54 -28.92
CA ASP C 783 23.86 95.58 -29.79
C ASP C 783 24.19 94.19 -30.32
N SER C 784 24.64 94.15 -31.57
CA SER C 784 24.99 92.89 -32.21
C SER C 784 26.31 92.34 -31.67
N GLU C 788 24.67 83.17 -29.65
CA GLU C 788 25.38 84.17 -30.44
C GLU C 788 26.73 84.50 -29.81
N LYS C 789 27.18 85.74 -30.00
CA LYS C 789 28.44 86.16 -29.40
C LYS C 789 28.26 86.46 -27.91
N ARG C 790 27.13 87.04 -27.54
CA ARG C 790 26.89 87.47 -26.17
C ARG C 790 25.62 86.82 -25.63
N ILE C 791 25.50 86.78 -24.31
CA ILE C 791 24.29 86.31 -23.65
C ILE C 791 23.39 87.52 -23.45
N THR C 792 22.30 87.57 -24.19
CA THR C 792 21.39 88.71 -24.09
C THR C 792 20.55 88.60 -22.83
N ALA C 793 20.01 89.74 -22.40
CA ALA C 793 19.15 89.77 -21.22
C ALA C 793 17.81 89.12 -21.53
N THR C 794 17.25 88.44 -20.54
CA THR C 794 16.01 87.71 -20.68
C THR C 794 15.27 87.83 -19.36
N THR C 795 13.96 87.57 -19.38
CA THR C 795 13.10 87.74 -18.20
C THR C 795 13.55 86.89 -17.01
N ARG C 796 14.15 85.73 -17.28
CA ARG C 796 14.65 84.90 -16.19
C ARG C 796 15.77 85.61 -15.41
N GLN C 797 16.50 86.51 -16.07
CA GLN C 797 17.47 87.31 -15.33
C GLN C 797 16.79 88.34 -14.42
N LEU C 798 15.61 88.82 -14.81
CA LEU C 798 14.84 89.67 -13.90
C LEU C 798 14.36 88.88 -12.69
N GLU C 799 13.90 87.64 -12.92
CA GLU C 799 13.52 86.77 -11.81
C GLU C 799 14.72 86.48 -10.91
N SER C 800 15.89 86.28 -11.51
CA SER C 800 17.09 86.01 -10.74
C SER C 800 17.52 87.24 -9.93
N MET C 801 17.34 88.44 -10.50
CA MET C 801 17.61 89.66 -9.74
C MET C 801 16.71 89.76 -8.52
N ILE C 802 15.41 89.44 -8.70
CA ILE C 802 14.48 89.46 -7.58
C ILE C 802 14.91 88.45 -6.51
N ARG C 803 15.26 87.23 -6.93
CA ARG C 803 15.63 86.19 -5.98
C ARG C 803 16.92 86.53 -5.24
N LEU C 804 17.91 87.08 -5.94
CA LEU C 804 19.18 87.43 -5.30
C LEU C 804 19.02 88.62 -4.36
N ALA C 805 18.17 89.58 -4.73
CA ALA C 805 17.88 90.70 -3.83
C ALA C 805 17.17 90.22 -2.56
N GLU C 806 16.22 89.29 -2.72
CA GLU C 806 15.56 88.72 -1.54
C GLU C 806 16.54 87.95 -0.67
N ALA C 807 17.48 87.22 -1.28
CA ALA C 807 18.49 86.50 -0.51
C ALA C 807 19.41 87.45 0.24
N HIS C 808 19.81 88.55 -0.40
CA HIS C 808 20.67 89.53 0.26
C HIS C 808 19.95 90.22 1.41
N ALA C 809 18.65 90.50 1.24
CA ALA C 809 17.88 91.07 2.33
C ALA C 809 17.71 90.07 3.47
N LYS C 810 17.50 88.79 3.13
CA LYS C 810 17.37 87.75 4.16
C LYS C 810 18.66 87.56 4.93
N MET C 811 19.80 87.77 4.26
CA MET C 811 21.10 87.65 4.92
C MET C 811 21.25 88.63 6.08
N LYS C 812 20.88 89.89 5.88
CA LYS C 812 21.06 90.93 6.88
C LYS C 812 19.91 91.01 7.87
N LEU C 813 19.03 90.00 7.89
CA LEU C 813 17.86 89.83 8.75
C LEU C 813 16.82 90.91 8.50
N LYS C 814 16.89 91.64 7.39
CA LYS C 814 15.91 92.67 7.08
C LYS C 814 14.67 92.05 6.46
N ASN C 815 13.50 92.55 6.87
CA ASN C 815 12.21 92.05 6.40
C ASN C 815 11.72 92.76 5.15
N VAL C 816 12.51 93.67 4.59
CA VAL C 816 12.17 94.37 3.37
C VAL C 816 13.36 94.34 2.43
N VAL C 817 13.08 94.30 1.12
CA VAL C 817 14.11 94.39 0.10
C VAL C 817 14.10 95.83 -0.39
N GLU C 818 15.14 96.59 -0.03
CA GLU C 818 15.26 97.96 -0.49
C GLU C 818 16.34 98.06 -1.58
N LEU C 819 16.71 99.29 -1.93
CA LEU C 819 17.44 99.57 -3.17
C LEU C 819 18.85 98.95 -3.15
N GLU C 820 19.54 98.99 -2.00
CA GLU C 820 20.93 98.54 -1.97
C GLU C 820 21.03 97.02 -2.15
N ASP C 821 20.01 96.28 -1.71
CA ASP C 821 20.01 94.83 -1.96
C ASP C 821 19.90 94.54 -3.45
N VAL C 822 19.06 95.29 -4.17
CA VAL C 822 18.93 95.12 -5.61
C VAL C 822 20.22 95.53 -6.31
N GLN C 823 20.86 96.60 -5.83
CA GLN C 823 22.14 97.02 -6.41
C GLN C 823 23.22 95.97 -6.21
N GLU C 824 23.26 95.34 -5.03
CA GLU C 824 24.24 94.27 -4.79
C GLU C 824 23.94 93.05 -5.66
N ALA C 825 22.66 92.72 -5.86
CA ALA C 825 22.30 91.61 -6.73
C ALA C 825 22.75 91.86 -8.17
N VAL C 826 22.51 93.09 -8.65
CA VAL C 826 22.93 93.47 -10.00
C VAL C 826 24.45 93.43 -10.12
N ARG C 827 25.15 93.94 -9.09
CA ARG C 827 26.60 93.95 -9.08
C ARG C 827 27.16 92.53 -9.12
N LEU C 828 26.56 91.62 -8.36
CA LEU C 828 27.02 90.23 -8.35
C LEU C 828 26.78 89.56 -9.69
N ILE C 829 25.64 89.86 -10.33
CA ILE C 829 25.36 89.31 -11.65
C ILE C 829 26.36 89.80 -12.68
N ARG C 830 26.69 91.10 -12.63
CA ARG C 830 27.68 91.66 -13.55
C ARG C 830 29.06 91.07 -13.31
N SER C 831 29.46 90.93 -12.04
CA SER C 831 30.82 90.48 -11.74
C SER C 831 30.99 88.98 -11.95
N ALA C 832 29.90 88.20 -11.86
CA ALA C 832 30.01 86.76 -12.03
C ALA C 832 30.39 86.39 -13.45
N ILE C 833 29.72 86.99 -14.44
CA ILE C 833 30.03 86.74 -15.84
C ILE C 833 31.21 87.58 -16.31
N LYS C 834 31.74 88.46 -15.45
CA LYS C 834 32.79 89.42 -15.79
C LYS C 834 32.36 90.30 -16.97
N ASP C 835 31.22 90.97 -16.81
CA ASP C 835 30.69 91.81 -17.87
C ASP C 835 31.53 93.07 -18.04
N TYR C 836 32.23 93.49 -16.99
CA TYR C 836 33.12 94.64 -17.10
C TYR C 836 34.34 94.31 -17.95
N ALA C 837 34.79 93.05 -17.90
CA ALA C 837 35.98 92.66 -18.63
C ALA C 837 35.70 92.47 -20.11
N THR C 838 34.52 91.97 -20.45
CA THR C 838 34.21 91.67 -21.84
C THR C 838 33.86 92.93 -22.62
N ASP C 839 34.12 92.88 -23.92
CA ASP C 839 33.73 93.94 -24.85
C ASP C 839 32.31 93.70 -25.34
N PRO C 840 31.42 94.68 -25.24
CA PRO C 840 30.01 94.45 -25.64
C PRO C 840 29.83 94.07 -27.10
N LYS C 841 30.65 94.61 -28.00
CA LYS C 841 30.44 94.38 -29.43
C LYS C 841 30.95 93.00 -29.84
N THR C 842 32.20 92.68 -29.53
CA THR C 842 32.77 91.41 -29.95
C THR C 842 32.28 90.26 -29.07
N GLY C 843 32.13 90.51 -27.77
CA GLY C 843 31.85 89.45 -26.82
C GLY C 843 33.08 88.75 -26.27
N LYS C 844 34.27 89.12 -26.73
CA LYS C 844 35.51 88.52 -26.28
C LYS C 844 35.90 89.05 -24.92
N ILE C 845 36.78 88.32 -24.23
CA ILE C 845 37.32 88.71 -22.94
C ILE C 845 38.83 88.82 -23.07
N ASP C 846 39.38 89.96 -22.66
CA ASP C 846 40.82 90.18 -22.64
C ASP C 846 41.31 90.12 -21.20
N MET C 847 42.39 89.36 -20.98
CA MET C 847 42.83 89.04 -19.63
C MET C 847 43.54 90.20 -18.95
N ASN C 848 44.28 90.99 -19.72
CA ASN C 848 45.19 91.95 -19.10
C ASN C 848 44.49 93.27 -18.77
N LEU C 849 43.64 93.76 -19.68
CA LEU C 849 43.33 95.18 -19.70
C LEU C 849 42.34 95.60 -18.61
N VAL C 850 41.49 94.67 -18.14
CA VAL C 850 40.62 94.98 -17.02
C VAL C 850 40.78 94.02 -15.84
N GLN C 851 41.09 92.74 -16.07
CA GLN C 851 40.89 91.71 -15.04
C GLN C 851 41.86 91.88 -13.88
N THR C 852 41.33 91.69 -12.66
CA THR C 852 42.09 91.84 -11.42
C THR C 852 41.91 90.56 -10.58
N GLY C 853 42.95 89.74 -10.53
CA GLY C 853 42.92 88.53 -9.75
C GLY C 853 43.51 88.71 -8.36
N SER D 2 6.33 -29.84 -6.18
CA SER D 2 7.17 -28.89 -6.89
C SER D 2 6.85 -28.90 -8.38
N PHE D 3 5.57 -28.92 -8.72
CA PHE D 3 5.14 -29.17 -10.08
C PHE D 3 5.15 -27.90 -10.93
N ASP D 4 5.05 -28.10 -12.23
CA ASP D 4 5.15 -27.03 -13.22
C ASP D 4 3.79 -26.38 -13.47
N ARG D 5 3.75 -25.49 -14.45
CA ARG D 5 2.47 -24.91 -14.84
C ARG D 5 1.63 -25.94 -15.58
N PRO D 6 0.34 -25.98 -15.33
CA PRO D 6 -0.59 -26.57 -16.30
C PRO D 6 -0.61 -25.72 -17.57
N GLU D 7 -0.82 -26.40 -18.70
CA GLU D 7 -0.86 -25.75 -20.00
C GLU D 7 -2.27 -25.75 -20.57
N ILE D 8 -2.70 -24.59 -21.06
CA ILE D 8 -3.98 -24.44 -21.75
C ILE D 8 -3.70 -24.30 -23.24
N TYR D 9 -4.39 -25.11 -24.04
CA TYR D 9 -4.23 -25.09 -25.50
C TYR D 9 -5.54 -25.51 -26.14
N SER D 10 -5.69 -25.15 -27.42
CA SER D 10 -6.95 -25.37 -28.13
C SER D 10 -6.66 -25.89 -29.53
N ALA D 11 -7.70 -26.47 -30.14
CA ALA D 11 -7.63 -26.99 -31.50
C ALA D 11 -9.01 -26.87 -32.14
N PRO D 12 -9.07 -26.41 -33.40
CA PRO D 12 -10.36 -26.26 -34.06
C PRO D 12 -10.96 -27.61 -34.44
N VAL D 13 -12.22 -27.81 -34.07
CA VAL D 13 -12.90 -29.07 -34.33
C VAL D 13 -14.17 -28.84 -35.13
N LEU D 14 -15.11 -28.10 -34.56
CA LEU D 14 -16.39 -27.89 -35.21
C LEU D 14 -16.42 -26.55 -35.94
N GLN D 15 -17.46 -26.36 -36.76
CA GLN D 15 -17.58 -25.14 -37.53
C GLN D 15 -17.89 -23.95 -36.64
N GLY D 16 -18.67 -24.16 -35.58
CA GLY D 16 -19.06 -23.07 -34.71
C GLY D 16 -20.20 -22.25 -35.32
N GLU D 17 -20.43 -21.10 -34.71
CA GLU D 17 -21.47 -20.20 -35.21
C GLU D 17 -21.03 -19.56 -36.53
N SER D 18 -22.00 -19.07 -37.28
CA SER D 18 -21.70 -18.46 -38.57
C SER D 18 -20.92 -17.15 -38.36
N PRO D 19 -19.98 -16.84 -39.25
CA PRO D 19 -19.17 -15.63 -39.08
C PRO D 19 -20.00 -14.36 -39.20
N ASN D 20 -19.57 -13.33 -38.49
CA ASN D 20 -20.24 -12.03 -38.47
C ASN D 20 -19.29 -10.98 -39.03
N ASP D 21 -19.85 -10.02 -39.76
CA ASP D 21 -19.02 -8.99 -40.38
C ASP D 21 -18.36 -8.07 -39.35
N ASP D 22 -19.03 -7.86 -38.22
CA ASP D 22 -18.47 -6.99 -37.18
C ASP D 22 -17.46 -7.73 -36.30
N ASP D 23 -17.30 -9.03 -36.47
CA ASP D 23 -16.31 -9.77 -35.70
C ASP D 23 -14.90 -9.39 -36.14
N ASN D 24 -13.98 -9.38 -35.17
CA ASN D 24 -12.61 -8.94 -35.45
C ASN D 24 -11.89 -9.89 -36.42
N THR D 25 -12.13 -11.21 -36.27
CA THR D 25 -11.45 -12.19 -37.11
C THR D 25 -11.85 -12.03 -38.58
N GLU D 26 -13.13 -11.77 -38.84
CA GLU D 26 -13.58 -11.60 -40.21
C GLU D 26 -13.03 -10.31 -40.82
N ILE D 27 -12.89 -9.26 -40.01
CA ILE D 27 -12.29 -8.02 -40.49
C ILE D 27 -10.82 -8.23 -40.82
N ILE D 28 -10.11 -9.00 -39.97
CA ILE D 28 -8.72 -9.33 -40.23
C ILE D 28 -8.58 -10.16 -41.51
N LYS D 29 -9.48 -11.12 -41.70
CA LYS D 29 -9.45 -11.95 -42.91
C LYS D 29 -9.73 -11.12 -44.16
N SER D 30 -10.68 -10.19 -44.09
CA SER D 30 -10.96 -9.33 -45.23
C SER D 30 -9.78 -8.42 -45.55
N PHE D 31 -9.10 -7.91 -44.51
CA PHE D 31 -7.90 -7.12 -44.71
C PHE D 31 -6.78 -7.95 -45.35
N LYS D 32 -6.63 -9.19 -44.90
CA LYS D 32 -5.63 -10.10 -45.47
C LYS D 32 -5.92 -10.39 -46.93
N ASN D 33 -7.19 -10.62 -47.26
CA ASN D 33 -7.58 -10.84 -48.66
C ASN D 33 -7.33 -9.59 -49.50
N PHE D 34 -7.57 -8.41 -48.93
CA PHE D 34 -7.26 -7.17 -49.65
C PHE D 34 -5.77 -7.03 -49.92
N ILE D 35 -4.94 -7.40 -48.94
CA ILE D 35 -3.49 -7.33 -49.14
C ILE D 35 -3.05 -8.31 -50.22
N LEU D 36 -3.58 -9.53 -50.19
CA LEU D 36 -3.09 -10.56 -51.09
C LEU D 36 -3.62 -10.40 -52.52
N GLU D 37 -4.87 -9.98 -52.67
CA GLU D 37 -5.53 -10.14 -53.97
C GLU D 37 -5.75 -8.84 -54.72
N PHE D 38 -5.33 -7.69 -54.19
CA PHE D 38 -5.62 -6.43 -54.87
C PHE D 38 -4.75 -6.27 -56.12
N ARG D 39 -5.35 -5.79 -57.19
CA ARG D 39 -4.67 -5.53 -58.45
C ARG D 39 -4.83 -4.05 -58.80
N LEU D 40 -3.71 -3.39 -59.09
CA LEU D 40 -3.79 -2.01 -59.56
C LEU D 40 -4.03 -1.96 -61.06
N ASP D 41 -3.07 -2.45 -61.85
CA ASP D 41 -3.28 -2.61 -63.29
C ASP D 41 -3.23 -4.08 -63.66
N SER D 42 -2.09 -4.72 -63.36
CA SER D 42 -1.92 -6.15 -63.56
C SER D 42 -1.10 -6.81 -62.47
N GLN D 43 -0.70 -6.09 -61.43
CA GLN D 43 0.21 -6.58 -60.42
C GLN D 43 -0.40 -6.45 -59.03
N PHE D 44 -0.04 -7.39 -58.15
CA PHE D 44 -0.39 -7.30 -56.73
C PHE D 44 0.58 -6.32 -56.07
N ILE D 45 0.18 -5.06 -56.03
CA ILE D 45 1.08 -3.99 -55.62
C ILE D 45 1.40 -4.06 -54.14
N TYR D 46 0.40 -4.36 -53.31
CA TYR D 46 0.63 -4.41 -51.86
C TYR D 46 1.39 -5.65 -51.44
N ARG D 47 1.14 -6.78 -52.10
CA ARG D 47 1.89 -8.00 -51.79
C ARG D 47 3.37 -7.85 -52.15
N ASP D 48 3.64 -7.33 -53.35
CA ASP D 48 5.02 -7.11 -53.78
C ASP D 48 5.69 -6.02 -52.94
N GLN D 49 4.94 -4.98 -52.58
CA GLN D 49 5.47 -3.96 -51.69
C GLN D 49 5.84 -4.53 -50.33
N LEU D 50 5.00 -5.43 -49.80
CA LEU D 50 5.30 -6.05 -48.51
C LEU D 50 6.54 -6.93 -48.60
N ARG D 51 6.69 -7.68 -49.69
CA ARG D 51 7.90 -8.48 -49.88
C ARG D 51 9.14 -7.60 -49.97
N ASN D 52 9.08 -6.52 -50.74
CA ASN D 52 10.22 -5.61 -50.88
C ASN D 52 10.55 -4.94 -49.55
N ASN D 53 9.52 -4.57 -48.78
CA ASN D 53 9.73 -3.94 -47.49
C ASN D 53 10.38 -4.91 -46.51
N ILE D 54 10.02 -6.19 -46.58
CA ILE D 54 10.66 -7.19 -45.73
C ILE D 54 12.11 -7.38 -46.15
N LEU D 55 12.39 -7.34 -47.47
CA LEU D 55 13.77 -7.43 -47.94
C LEU D 55 14.61 -6.26 -47.46
N VAL D 56 14.05 -5.05 -47.48
CA VAL D 56 14.73 -3.85 -46.98
C VAL D 56 14.66 -3.77 -45.45
N LYS D 57 13.93 -4.69 -44.80
CA LYS D 57 13.69 -4.70 -43.35
C LYS D 57 12.95 -3.43 -42.90
N ASN D 58 12.02 -2.97 -43.74
CA ASN D 58 11.11 -1.89 -43.39
C ASN D 58 9.79 -2.53 -42.98
N TYR D 59 9.53 -2.58 -41.67
CA TYR D 59 8.37 -3.30 -41.15
C TYR D 59 7.15 -2.38 -41.11
N SER D 60 6.72 -1.98 -42.30
CA SER D 60 5.52 -1.18 -42.45
C SER D 60 4.95 -1.42 -43.84
N LEU D 61 3.67 -1.12 -44.00
CA LEU D 61 3.00 -1.20 -45.29
C LEU D 61 2.33 0.13 -45.59
N THR D 62 2.53 0.61 -46.81
CA THR D 62 1.91 1.85 -47.26
C THR D 62 0.73 1.52 -48.16
N VAL D 63 -0.45 1.98 -47.77
CA VAL D 63 -1.71 1.60 -48.43
C VAL D 63 -2.43 2.86 -48.89
N ASN D 64 -2.82 2.89 -50.16
CA ASN D 64 -3.68 3.96 -50.65
C ASN D 64 -5.12 3.71 -50.20
N MET D 65 -5.75 4.73 -49.63
CA MET D 65 -7.10 4.60 -49.10
C MET D 65 -8.16 4.50 -50.18
N GLU D 66 -7.96 5.12 -51.34
CA GLU D 66 -8.96 5.03 -52.41
C GLU D 66 -8.96 3.64 -53.04
N HIS D 67 -7.89 2.87 -52.83
CA HIS D 67 -7.91 1.45 -53.23
C HIS D 67 -8.89 0.65 -52.39
N LEU D 68 -9.07 1.05 -51.13
CA LEU D 68 -10.04 0.39 -50.26
C LEU D 68 -11.47 0.65 -50.73
N ILE D 69 -11.70 1.80 -51.36
CA ILE D 69 -12.96 2.04 -52.08
C ILE D 69 -13.15 1.01 -53.17
N GLY D 70 -12.10 0.77 -53.97
CA GLY D 70 -12.23 -0.13 -55.10
C GLY D 70 -12.42 -1.58 -54.68
N TYR D 71 -11.90 -1.94 -53.50
CA TYR D 71 -11.94 -3.33 -53.10
C TYR D 71 -13.19 -3.66 -52.30
N ASN D 72 -13.40 -2.98 -51.16
CA ASN D 72 -14.49 -3.36 -50.26
C ASN D 72 -14.95 -2.13 -49.48
N GLU D 73 -16.24 -1.80 -49.59
CA GLU D 73 -16.75 -0.56 -49.01
C GLU D 73 -16.90 -0.64 -47.49
N ASP D 74 -17.35 -1.79 -46.97
CA ASP D 74 -17.75 -1.86 -45.57
C ASP D 74 -16.57 -1.68 -44.62
N ILE D 75 -15.44 -2.34 -44.93
CA ILE D 75 -14.25 -2.20 -44.11
C ILE D 75 -13.62 -0.82 -44.26
N TYR D 76 -13.83 -0.16 -45.40
CA TYR D 76 -13.45 1.25 -45.51
C TYR D 76 -14.28 2.12 -44.58
N LYS D 77 -15.59 1.86 -44.53
CA LYS D 77 -16.47 2.61 -43.63
C LYS D 77 -16.09 2.38 -42.18
N LYS D 78 -15.75 1.13 -41.83
CA LYS D 78 -15.33 0.81 -40.47
C LYS D 78 -14.01 1.50 -40.13
N LEU D 79 -13.07 1.54 -41.08
CA LEU D 79 -11.80 2.21 -40.84
C LEU D 79 -11.97 3.72 -40.69
N SER D 80 -12.85 4.33 -41.49
CA SER D 80 -13.05 5.76 -41.42
C SER D 80 -13.78 6.16 -40.15
N ASP D 81 -14.82 5.41 -39.77
CA ASP D 81 -15.68 5.81 -38.66
C ASP D 81 -15.00 5.60 -37.31
N GLU D 82 -14.35 4.45 -37.10
CA GLU D 82 -13.66 4.16 -35.86
C GLU D 82 -12.29 3.56 -36.18
N PRO D 83 -11.31 4.42 -36.51
CA PRO D 83 -9.98 3.88 -36.87
C PRO D 83 -9.23 3.25 -35.72
N SER D 84 -9.53 3.64 -34.47
CA SER D 84 -8.73 3.19 -33.34
C SER D 84 -8.88 1.70 -33.09
N ASP D 85 -10.01 1.12 -33.51
CA ASP D 85 -10.21 -0.32 -33.34
C ASP D 85 -9.87 -1.08 -34.61
N ILE D 86 -9.96 -0.42 -35.76
CA ILE D 86 -9.80 -1.12 -37.03
C ILE D 86 -8.33 -1.17 -37.44
N ILE D 87 -7.57 -0.11 -37.13
CA ILE D 87 -6.15 -0.09 -37.50
C ILE D 87 -5.33 -1.21 -36.85
N PRO D 88 -5.49 -1.55 -35.55
CA PRO D 88 -4.80 -2.74 -35.04
C PRO D 88 -5.15 -4.03 -35.77
N LEU D 89 -6.39 -4.18 -36.24
CA LEU D 89 -6.75 -5.35 -37.03
C LEU D 89 -6.02 -5.42 -38.36
N PHE D 90 -5.90 -4.30 -39.08
CA PHE D 90 -5.17 -4.33 -40.34
C PHE D 90 -3.68 -4.50 -40.11
N GLU D 91 -3.15 -3.94 -39.02
CA GLU D 91 -1.75 -4.19 -38.66
C GLU D 91 -1.51 -5.65 -38.31
N THR D 92 -2.44 -6.30 -37.62
CA THR D 92 -2.39 -7.74 -37.40
C THR D 92 -2.41 -8.52 -38.70
N ALA D 93 -3.25 -8.13 -39.65
CA ALA D 93 -3.27 -8.76 -40.97
C ALA D 93 -1.95 -8.60 -41.72
N ILE D 94 -1.35 -7.41 -41.68
CA ILE D 94 -0.05 -7.22 -42.33
C ILE D 94 1.01 -8.11 -41.67
N THR D 95 1.03 -8.13 -40.33
CA THR D 95 1.98 -8.96 -39.60
C THR D 95 1.78 -10.45 -39.85
N GLN D 96 0.55 -10.89 -40.06
CA GLN D 96 0.27 -12.28 -40.37
C GLN D 96 0.67 -12.65 -41.80
N VAL D 97 0.44 -11.77 -42.77
CA VAL D 97 0.91 -12.04 -44.13
C VAL D 97 2.44 -12.04 -44.17
N ALA D 98 3.06 -11.07 -43.49
CA ALA D 98 4.51 -10.90 -43.49
C ALA D 98 5.23 -12.08 -42.85
N LYS D 99 4.61 -12.76 -41.89
CA LYS D 99 5.22 -13.95 -41.31
C LYS D 99 5.35 -15.07 -42.34
N ARG D 100 4.36 -15.23 -43.21
CA ARG D 100 4.48 -16.17 -44.33
C ARG D 100 5.57 -15.78 -45.32
N ILE D 101 5.90 -14.50 -45.41
CA ILE D 101 6.93 -14.05 -46.35
C ILE D 101 8.28 -14.12 -45.67
N SER D 102 8.31 -13.90 -44.35
CA SER D 102 9.54 -13.89 -43.58
C SER D 102 10.03 -15.30 -43.24
N ILE D 103 9.30 -16.33 -43.63
CA ILE D 103 9.72 -17.72 -43.47
C ILE D 103 10.04 -18.36 -44.81
N LEU D 104 9.19 -18.13 -45.82
CA LEU D 104 9.33 -18.76 -47.11
C LEU D 104 10.37 -18.10 -48.00
N SER D 105 10.99 -17.00 -47.57
CA SER D 105 11.98 -16.30 -48.39
C SER D 105 13.40 -16.52 -47.90
N ARG D 106 13.67 -16.24 -46.62
CA ARG D 106 15.03 -16.36 -46.09
C ARG D 106 15.50 -17.81 -46.00
N ALA D 107 14.58 -18.77 -46.00
CA ALA D 107 14.93 -20.18 -45.97
C ALA D 107 15.16 -20.75 -47.36
N GLN D 108 15.03 -19.95 -48.41
CA GLN D 108 15.16 -20.43 -49.78
C GLN D 108 16.21 -19.70 -50.60
N SER D 109 16.54 -18.46 -50.27
CA SER D 109 17.49 -17.66 -51.04
C SER D 109 18.88 -17.67 -50.44
N ALA D 110 19.28 -18.76 -49.81
CA ALA D 110 20.61 -18.87 -49.21
C ALA D 110 21.66 -19.11 -50.29
N LEU D 129 18.06 -16.80 -34.49
CA LEU D 129 16.61 -16.70 -34.70
C LEU D 129 16.23 -15.29 -35.15
N ASN D 130 15.06 -15.18 -35.79
CA ASN D 130 14.56 -13.91 -36.30
C ASN D 130 13.24 -13.58 -35.62
N SER D 131 13.14 -12.38 -35.06
CA SER D 131 11.94 -11.91 -34.40
C SER D 131 11.31 -10.81 -35.25
N LEU D 132 10.01 -10.93 -35.51
CA LEU D 132 9.32 -10.04 -36.42
C LEU D 132 8.30 -9.20 -35.66
N PRO D 133 8.43 -7.88 -35.64
CA PRO D 133 7.50 -7.05 -34.87
C PRO D 133 6.17 -6.86 -35.56
N THR D 134 5.24 -6.21 -34.85
CA THR D 134 3.99 -5.81 -35.45
C THR D 134 4.22 -4.69 -36.46
N PHE D 135 3.68 -4.87 -37.66
CA PHE D 135 3.91 -3.91 -38.73
C PHE D 135 3.10 -2.64 -38.50
N GLN D 136 3.58 -1.54 -39.07
CA GLN D 136 2.93 -0.24 -38.96
C GLN D 136 2.07 -0.01 -40.20
N LEU D 137 0.85 0.45 -39.98
CA LEU D 137 -0.03 0.87 -41.07
C LEU D 137 0.23 2.34 -41.37
N ILE D 138 0.71 2.59 -42.58
CA ILE D 138 0.81 3.95 -43.14
C ILE D 138 -0.18 4.01 -44.29
N LEU D 139 -1.08 4.99 -44.24
CA LEU D 139 -2.12 5.05 -45.26
C LEU D 139 -2.26 6.47 -45.79
N ASN D 140 -2.28 6.58 -47.12
CA ASN D 140 -2.35 7.84 -47.83
C ASN D 140 -3.71 7.97 -48.50
N SER D 141 -4.21 9.20 -48.56
CA SER D 141 -5.49 9.48 -49.20
C SER D 141 -5.33 10.65 -50.16
N ASN D 142 -6.14 10.63 -51.22
CA ASN D 142 -6.23 11.73 -52.18
C ASN D 142 -7.56 12.45 -52.10
N ALA D 143 -8.34 12.22 -51.05
CA ALA D 143 -9.66 12.80 -50.94
C ALA D 143 -9.58 14.25 -50.50
N ASN D 144 -10.74 14.82 -50.15
CA ASN D 144 -10.84 16.23 -49.81
C ASN D 144 -10.08 16.53 -48.53
N GLN D 145 -9.34 17.65 -48.56
CA GLN D 145 -8.48 18.05 -47.46
C GLN D 145 -9.23 19.05 -46.59
N ILE D 146 -9.44 18.69 -45.33
CA ILE D 146 -10.14 19.60 -44.41
C ILE D 146 -9.18 20.74 -44.02
N PRO D 147 -9.61 21.99 -44.07
CA PRO D 147 -8.80 23.06 -43.50
C PRO D 147 -8.71 22.93 -41.98
N LEU D 148 -7.62 23.47 -41.43
CA LEU D 148 -7.34 23.30 -40.00
C LEU D 148 -8.40 23.96 -39.13
N ARG D 149 -8.87 25.14 -39.53
CA ARG D 149 -9.88 25.84 -38.74
C ARG D 149 -11.30 25.36 -39.02
N ASP D 150 -11.50 24.48 -39.99
CA ASP D 150 -12.80 23.85 -40.20
C ASP D 150 -12.92 22.52 -39.48
N LEU D 151 -11.95 22.15 -38.65
CA LEU D 151 -12.07 20.95 -37.83
C LEU D 151 -13.15 21.14 -36.78
N ASP D 152 -13.86 20.06 -36.47
CA ASP D 152 -15.08 20.13 -35.70
C ASP D 152 -15.09 18.99 -34.71
N SER D 153 -16.05 19.02 -33.78
CA SER D 153 -16.24 17.91 -32.86
C SER D 153 -16.80 16.68 -33.56
N GLU D 154 -17.36 16.85 -34.76
CA GLU D 154 -17.83 15.71 -35.53
C GLU D 154 -16.68 14.89 -36.10
N HIS D 155 -15.49 15.47 -36.14
CA HIS D 155 -14.31 14.76 -36.66
C HIS D 155 -13.55 14.02 -35.56
N VAL D 156 -14.00 14.11 -34.31
CA VAL D 156 -13.29 13.49 -33.20
C VAL D 156 -13.30 11.97 -33.36
N SER D 157 -12.13 11.35 -33.18
CA SER D 157 -11.89 9.92 -33.29
C SER D 157 -12.18 9.39 -34.69
N LYS D 158 -11.95 10.20 -35.72
CA LYS D 158 -12.17 9.80 -37.10
C LYS D 158 -10.96 10.22 -37.93
N ILE D 159 -10.79 9.52 -39.05
CA ILE D 159 -9.68 9.82 -39.95
C ILE D 159 -9.98 11.12 -40.69
N VAL D 160 -9.05 12.06 -40.59
CA VAL D 160 -9.13 13.35 -41.25
C VAL D 160 -7.93 13.51 -42.14
N ARG D 161 -8.16 14.08 -43.32
CA ARG D 161 -7.11 14.50 -44.24
C ARG D 161 -7.06 16.01 -44.20
N LEU D 162 -5.87 16.55 -43.93
CA LEU D 162 -5.75 17.98 -43.71
C LEU D 162 -4.37 18.47 -44.13
N SER D 163 -4.26 19.76 -44.35
CA SER D 163 -3.06 20.34 -44.94
C SER D 163 -2.54 21.46 -44.06
N GLY D 164 -1.26 21.76 -44.21
CA GLY D 164 -0.68 22.86 -43.47
C GLY D 164 0.82 22.91 -43.65
N ILE D 165 1.45 23.72 -42.81
CA ILE D 165 2.90 23.84 -42.76
C ILE D 165 3.36 23.42 -41.36
N ILE D 166 4.48 22.70 -41.33
CA ILE D 166 5.06 22.22 -40.09
C ILE D 166 6.07 23.23 -39.60
N ILE D 167 5.89 23.68 -38.36
CA ILE D 167 6.69 24.77 -37.81
C ILE D 167 7.70 24.27 -36.79
N SER D 168 7.47 23.09 -36.21
CA SER D 168 8.44 22.52 -35.28
C SER D 168 8.32 21.00 -35.29
N THR D 169 9.48 20.34 -35.21
CA THR D 169 9.58 18.91 -35.00
C THR D 169 10.40 18.70 -33.74
N SER D 170 9.87 17.92 -32.80
CA SER D 170 10.55 17.74 -31.52
C SER D 170 11.64 16.68 -31.65
N VAL D 171 12.35 16.44 -30.54
CA VAL D 171 13.31 15.35 -30.51
C VAL D 171 12.57 14.02 -30.33
N LEU D 172 13.26 12.94 -30.69
CA LEU D 172 12.69 11.60 -30.63
C LEU D 172 12.65 11.14 -29.18
N SER D 173 11.46 10.78 -28.72
CA SER D 173 11.32 10.10 -27.43
C SER D 173 11.27 8.59 -27.65
N SER D 174 11.57 7.85 -26.58
CA SER D 174 11.62 6.39 -26.64
C SER D 174 10.46 5.82 -25.84
N ARG D 175 9.53 5.16 -26.54
CA ARG D 175 8.43 4.47 -25.91
C ARG D 175 8.67 2.96 -25.94
N ALA D 176 8.11 2.26 -24.96
CA ALA D 176 8.31 0.83 -24.82
C ALA D 176 7.28 0.08 -25.65
N THR D 177 7.76 -0.84 -26.50
CA THR D 177 6.90 -1.79 -27.19
C THR D 177 6.82 -3.11 -26.45
N TYR D 178 7.96 -3.75 -26.25
CA TYR D 178 8.06 -4.94 -25.41
C TYR D 178 8.94 -4.59 -24.24
N LEU D 179 8.47 -4.84 -23.02
CA LEU D 179 9.29 -4.67 -21.83
C LEU D 179 9.12 -5.87 -20.92
N SER D 180 10.23 -6.38 -20.40
CA SER D 180 10.24 -7.49 -19.47
C SER D 180 10.38 -6.91 -18.06
N ILE D 181 9.46 -7.27 -17.18
CA ILE D 181 9.36 -6.71 -15.84
C ILE D 181 9.53 -7.83 -14.83
N MET D 182 10.05 -7.48 -13.66
CA MET D 182 10.30 -8.45 -12.60
C MET D 182 9.82 -7.87 -11.27
N CYS D 183 9.17 -8.68 -10.46
CA CYS D 183 8.70 -8.23 -9.15
C CYS D 183 9.88 -7.97 -8.23
N ARG D 184 9.74 -6.96 -7.36
CA ARG D 184 10.85 -6.47 -6.56
C ARG D 184 11.35 -7.51 -5.58
N ASN D 185 10.46 -8.07 -4.77
CA ASN D 185 10.82 -9.08 -3.78
C ASN D 185 10.32 -10.46 -4.15
N CYS D 186 9.19 -10.51 -4.85
CA CYS D 186 8.62 -11.78 -5.29
C CYS D 186 9.44 -12.42 -6.40
N ARG D 187 10.09 -11.60 -7.23
CA ARG D 187 10.87 -11.98 -8.40
C ARG D 187 10.05 -12.71 -9.46
N HIS D 188 8.75 -12.43 -9.53
CA HIS D 188 7.91 -12.93 -10.59
C HIS D 188 8.22 -12.19 -11.89
N THR D 189 8.41 -12.92 -12.98
CA THR D 189 8.83 -12.35 -14.25
C THR D 189 7.65 -12.33 -15.22
N THR D 190 7.44 -11.17 -15.85
CA THR D 190 6.28 -10.94 -16.71
C THR D 190 6.78 -10.15 -17.91
N SER D 191 6.05 -10.22 -19.02
CA SER D 191 6.36 -9.39 -20.18
C SER D 191 5.10 -8.63 -20.61
N ILE D 192 5.28 -7.38 -21.00
CA ILE D 192 4.20 -6.55 -21.52
C ILE D 192 4.55 -6.14 -22.95
N THR D 193 3.60 -6.34 -23.86
CA THR D 193 3.74 -5.99 -25.26
C THR D 193 2.79 -4.83 -25.56
N ILE D 194 3.33 -3.75 -26.11
CA ILE D 194 2.54 -2.57 -26.48
C ILE D 194 2.61 -2.40 -28.00
N ASN D 195 1.45 -2.35 -28.64
CA ASN D 195 1.34 -2.05 -30.05
C ASN D 195 0.62 -0.73 -30.30
N ASN D 196 0.15 -0.05 -29.25
CA ASN D 196 -0.63 1.17 -29.38
C ASN D 196 0.20 2.30 -28.79
N PHE D 197 0.52 3.29 -29.62
CA PHE D 197 1.27 4.47 -29.18
C PHE D 197 0.52 5.75 -29.50
N ASN D 198 -0.80 5.66 -29.67
CA ASN D 198 -1.58 6.77 -30.16
C ASN D 198 -1.83 7.81 -29.08
N SER D 199 -1.79 7.39 -27.82
CA SER D 199 -2.14 8.27 -26.71
C SER D 199 -1.08 9.32 -26.47
N ILE D 200 -1.53 10.51 -26.04
CA ILE D 200 -0.65 11.59 -25.63
C ILE D 200 -1.04 11.97 -24.20
N THR D 201 -0.07 12.53 -23.45
CA THR D 201 -0.11 12.86 -22.01
C THR D 201 -0.78 11.79 -21.15
N GLY D 202 -0.66 10.53 -21.55
CA GLY D 202 -1.31 9.46 -20.84
C GLY D 202 -0.57 8.14 -20.99
N ASN D 203 -0.51 7.40 -19.90
CA ASN D 203 -0.01 6.03 -19.91
C ASN D 203 -1.19 5.07 -19.99
N THR D 204 -1.67 4.88 -21.22
CA THR D 204 -2.81 4.00 -21.45
C THR D 204 -2.44 2.54 -21.15
N VAL D 205 -1.15 2.20 -21.23
CA VAL D 205 -0.62 0.94 -20.76
C VAL D 205 0.52 1.25 -19.81
N SER D 206 0.47 0.67 -18.61
CA SER D 206 1.46 0.94 -17.59
C SER D 206 1.83 -0.36 -16.87
N LEU D 207 2.70 -0.24 -15.88
CA LEU D 207 3.04 -1.38 -15.05
C LEU D 207 1.85 -1.73 -14.15
N PRO D 208 1.62 -3.02 -13.92
CA PRO D 208 0.49 -3.42 -13.07
C PRO D 208 0.70 -2.97 -11.62
N ARG D 209 -0.42 -2.71 -10.94
CA ARG D 209 -0.41 -2.09 -9.62
C ARG D 209 -0.08 -3.08 -8.52
N SER D 210 -0.15 -4.37 -8.80
CA SER D 210 0.18 -5.41 -7.83
C SER D 210 0.77 -6.59 -8.57
N CYS D 211 1.45 -7.45 -7.82
CA CYS D 211 2.11 -8.61 -8.43
C CYS D 211 1.08 -9.58 -9.00
N LEU D 212 1.37 -10.10 -10.19
CA LEU D 212 0.48 -10.99 -10.90
C LEU D 212 0.74 -12.46 -10.59
N SER D 213 1.65 -12.77 -9.67
CA SER D 213 1.95 -14.16 -9.37
C SER D 213 0.81 -14.82 -8.61
N THR D 214 0.15 -14.07 -7.71
CA THR D 214 -0.86 -14.66 -6.84
C THR D 214 -2.14 -15.01 -7.61
N ILE D 215 -2.60 -14.10 -8.48
CA ILE D 215 -3.85 -14.34 -9.20
C ILE D 215 -3.67 -15.44 -10.24
N GLU D 216 -2.47 -15.54 -10.81
CA GLU D 216 -2.20 -16.60 -11.77
C GLU D 216 -2.20 -17.97 -11.10
N SER D 217 -1.57 -18.08 -9.94
CA SER D 217 -1.42 -19.34 -9.19
C SER D 217 -0.80 -20.43 -10.07
N GLU D 218 0.34 -20.11 -10.68
CA GLU D 218 0.88 -20.98 -11.72
C GLU D 218 1.56 -22.22 -11.12
N SER D 219 2.20 -22.06 -9.97
CA SER D 219 2.93 -23.16 -9.34
C SER D 219 2.04 -23.84 -8.31
N SER D 220 2.24 -25.15 -8.15
CA SER D 220 1.39 -25.91 -7.23
C SER D 220 1.71 -25.59 -5.77
N MET D 221 2.98 -25.27 -5.47
CA MET D 221 3.35 -25.00 -4.09
C MET D 221 2.81 -23.66 -3.62
N ALA D 222 2.95 -22.61 -4.44
CA ALA D 222 2.54 -21.24 -4.12
C ALA D 222 3.17 -20.76 -2.81
N ASN D 223 4.49 -20.84 -2.74
CA ASN D 223 5.24 -20.42 -1.55
C ASN D 223 5.17 -18.91 -1.36
N LYS D 233 -0.05 -14.24 5.06
CA LYS D 233 -0.38 -13.47 3.86
C LYS D 233 0.83 -12.69 3.37
N LYS D 234 1.24 -12.97 2.13
CA LYS D 234 2.40 -12.33 1.53
C LYS D 234 1.92 -11.37 0.45
N ASN D 235 2.30 -10.10 0.58
CA ASN D 235 1.93 -9.07 -0.38
C ASN D 235 3.19 -8.35 -0.84
N CYS D 236 3.37 -8.29 -2.17
CA CYS D 236 4.60 -7.73 -2.72
C CYS D 236 4.61 -6.21 -2.64
N GLY D 237 3.43 -5.58 -2.58
CA GLY D 237 3.34 -4.14 -2.43
C GLY D 237 2.79 -3.46 -3.66
N PRO D 238 2.42 -2.18 -3.52
CA PRO D 238 1.99 -1.42 -4.69
C PRO D 238 3.16 -1.12 -5.62
N ASP D 239 2.90 -1.27 -6.92
CA ASP D 239 3.87 -1.12 -8.01
C ASP D 239 5.16 -1.90 -7.75
N PRO D 240 5.11 -3.23 -7.64
CA PRO D 240 6.34 -3.96 -7.29
C PRO D 240 7.23 -4.25 -8.48
N TYR D 241 6.78 -3.98 -9.70
CA TYR D 241 7.52 -4.42 -10.87
C TYR D 241 8.60 -3.41 -11.26
N ILE D 242 9.72 -3.95 -11.71
CA ILE D 242 10.88 -3.20 -12.18
C ILE D 242 11.13 -3.60 -13.62
N ILE D 243 11.34 -2.61 -14.49
CA ILE D 243 11.62 -2.85 -15.89
C ILE D 243 13.05 -3.33 -16.05
N ILE D 244 13.23 -4.45 -16.76
CA ILE D 244 14.54 -4.96 -17.11
C ILE D 244 14.88 -4.36 -18.47
N HIS D 245 15.75 -3.36 -18.47
CA HIS D 245 15.98 -2.54 -19.66
C HIS D 245 16.80 -3.25 -20.72
N GLU D 246 17.73 -4.12 -20.32
CA GLU D 246 18.58 -4.80 -21.29
C GLU D 246 17.81 -5.83 -22.12
N SER D 247 16.61 -6.21 -21.70
CA SER D 247 15.77 -7.12 -22.46
C SER D 247 14.46 -6.48 -22.90
N SER D 248 14.33 -5.16 -22.79
CA SER D 248 13.15 -4.46 -23.24
C SER D 248 13.39 -3.83 -24.61
N LYS D 249 12.30 -3.60 -25.35
CA LYS D 249 12.35 -3.09 -26.71
C LYS D 249 11.64 -1.74 -26.79
N PHE D 250 12.12 -0.88 -27.69
CA PHE D 250 11.65 0.50 -27.75
C PHE D 250 11.50 0.95 -29.19
N ILE D 251 10.66 1.97 -29.39
CA ILE D 251 10.55 2.66 -30.68
C ILE D 251 10.70 4.16 -30.48
N ASP D 252 10.58 4.90 -31.57
CA ASP D 252 10.77 6.34 -31.59
C ASP D 252 9.42 7.02 -31.74
N GLN D 253 9.20 8.05 -30.93
CA GLN D 253 8.01 8.87 -31.02
C GLN D 253 8.45 10.32 -31.25
N GLN D 254 7.74 11.02 -32.12
CA GLN D 254 8.06 12.40 -32.44
C GLN D 254 6.81 13.25 -32.35
N PHE D 255 6.99 14.45 -31.79
CA PHE D 255 5.96 15.47 -31.75
C PHE D 255 6.21 16.47 -32.87
N LEU D 256 5.18 16.73 -33.66
CA LEU D 256 5.23 17.75 -34.69
C LEU D 256 4.19 18.81 -34.36
N LYS D 257 4.38 20.00 -34.92
CA LYS D 257 3.37 21.05 -34.80
C LYS D 257 3.01 21.54 -36.19
N LEU D 258 1.74 21.45 -36.54
CA LEU D 258 1.24 21.88 -37.84
C LEU D 258 0.50 23.20 -37.70
N GLN D 259 0.86 24.16 -38.52
CA GLN D 259 0.19 25.45 -38.56
C GLN D 259 -0.53 25.59 -39.89
N GLU D 260 -1.65 26.31 -39.88
CA GLU D 260 -2.30 26.69 -41.13
C GLU D 260 -1.38 27.60 -41.92
N ILE D 261 -1.49 27.53 -43.24
CA ILE D 261 -0.54 28.27 -44.09
C ILE D 261 -0.76 29.77 -43.91
N PRO D 262 0.30 30.58 -43.85
CA PRO D 262 0.12 32.00 -43.54
C PRO D 262 -0.48 32.81 -44.67
N GLU D 263 -0.57 32.25 -45.88
CA GLU D 263 -1.15 32.99 -47.00
C GLU D 263 -2.64 33.20 -46.80
N LEU D 264 -3.34 32.23 -46.19
CA LEU D 264 -4.76 32.33 -45.93
C LEU D 264 -4.99 32.29 -44.41
N VAL D 265 -4.86 33.45 -43.79
CA VAL D 265 -5.08 33.66 -42.36
C VAL D 265 -5.84 34.97 -42.24
N PRO D 266 -6.85 35.08 -41.38
CA PRO D 266 -7.49 36.39 -41.14
C PRO D 266 -6.49 37.40 -40.60
N VAL D 267 -6.71 38.67 -40.96
CA VAL D 267 -5.70 39.71 -40.78
C VAL D 267 -5.45 39.98 -39.29
N GLY D 268 -6.51 40.02 -38.50
CA GLY D 268 -6.35 40.31 -37.09
C GLY D 268 -6.15 39.11 -36.19
N GLU D 269 -5.99 37.92 -36.73
CA GLU D 269 -5.97 36.69 -35.95
C GLU D 269 -4.60 36.02 -35.99
N MET D 270 -4.20 35.48 -34.85
CA MET D 270 -3.02 34.62 -34.80
C MET D 270 -3.33 33.31 -35.51
N PRO D 271 -2.43 32.81 -36.36
CA PRO D 271 -2.69 31.52 -37.02
C PRO D 271 -2.78 30.38 -36.02
N ARG D 272 -3.68 29.45 -36.31
CA ARG D 272 -3.99 28.36 -35.38
C ARG D 272 -3.22 27.10 -35.78
N ASN D 273 -2.78 26.35 -34.77
CA ASN D 273 -1.91 25.21 -34.94
C ASN D 273 -2.39 24.01 -34.11
N LEU D 274 -1.84 22.85 -34.43
CA LEU D 274 -2.18 21.60 -33.80
C LEU D 274 -0.94 20.79 -33.50
N THR D 275 -0.93 20.14 -32.33
CA THR D 275 0.10 19.19 -31.95
C THR D 275 -0.22 17.83 -32.55
N MET D 276 0.79 17.18 -33.11
CA MET D 276 0.62 15.89 -33.75
C MET D 276 1.69 14.92 -33.27
N THR D 277 1.36 13.63 -33.30
CA THR D 277 2.27 12.58 -32.85
C THR D 277 2.48 11.59 -33.98
N CYS D 278 3.74 11.23 -34.22
CA CYS D 278 4.05 10.14 -35.14
C CYS D 278 5.02 9.18 -34.46
N ASP D 279 5.04 7.94 -34.93
CA ASP D 279 5.91 6.93 -34.35
C ASP D 279 6.49 6.04 -35.45
N ARG D 280 7.60 5.38 -35.11
CA ARG D 280 8.26 4.36 -35.93
C ARG D 280 8.70 4.98 -37.25
N TYR D 281 8.23 4.48 -38.40
CA TYR D 281 8.77 4.93 -39.68
C TYR D 281 8.20 6.28 -40.10
N LEU D 282 7.21 6.79 -39.36
CA LEU D 282 6.68 8.10 -39.70
C LEU D 282 7.52 9.23 -39.11
N THR D 283 8.44 8.90 -38.21
CA THR D 283 9.31 9.93 -37.63
C THR D 283 10.43 10.31 -38.58
N ASN D 284 10.89 11.56 -38.46
CA ASN D 284 12.03 12.10 -39.21
C ASN D 284 11.84 12.07 -40.72
N LYS D 285 10.58 12.09 -41.17
CA LYS D 285 10.28 12.14 -42.59
C LYS D 285 9.96 13.54 -43.08
N VAL D 286 10.02 14.55 -42.21
CA VAL D 286 9.65 15.90 -42.58
C VAL D 286 10.44 16.87 -41.69
N ILE D 287 10.83 17.99 -42.28
CA ILE D 287 11.56 19.03 -41.57
C ILE D 287 10.63 20.23 -41.39
N PRO D 288 10.84 21.09 -40.40
CA PRO D 288 10.00 22.30 -40.27
C PRO D 288 10.16 23.21 -41.49
N GLY D 289 9.05 23.83 -41.88
CA GLY D 289 8.99 24.61 -43.09
C GLY D 289 8.36 23.89 -44.27
N THR D 290 8.20 22.57 -44.19
CA THR D 290 7.63 21.80 -45.28
C THR D 290 6.10 21.86 -45.24
N ARG D 291 5.51 22.10 -46.41
CA ARG D 291 4.06 22.09 -46.58
C ARG D 291 3.62 20.67 -46.83
N VAL D 292 2.71 20.17 -45.99
CA VAL D 292 2.35 18.76 -45.99
C VAL D 292 0.84 18.59 -46.02
N THR D 293 0.44 17.46 -46.59
CA THR D 293 -0.87 16.85 -46.38
C THR D 293 -0.68 15.72 -45.39
N ILE D 294 -1.61 15.56 -44.46
CA ILE D 294 -1.49 14.59 -43.38
C ILE D 294 -2.81 13.87 -43.21
N VAL D 295 -2.74 12.54 -43.19
CA VAL D 295 -3.87 11.69 -42.84
C VAL D 295 -3.65 11.26 -41.40
N GLY D 296 -4.65 11.50 -40.55
CA GLY D 296 -4.47 11.13 -39.16
C GLY D 296 -5.79 11.10 -38.42
N ILE D 297 -5.73 10.68 -37.16
CA ILE D 297 -6.92 10.59 -36.31
C ILE D 297 -7.01 11.86 -35.47
N TYR D 298 -8.09 12.60 -35.65
CA TYR D 298 -8.38 13.73 -34.78
C TYR D 298 -8.76 13.23 -33.40
N SER D 299 -7.86 13.45 -32.43
CA SER D 299 -7.97 12.79 -31.14
C SER D 299 -7.99 13.81 -30.01
N ILE D 300 -8.01 13.27 -28.79
CA ILE D 300 -8.40 13.99 -27.58
C ILE D 300 -7.36 13.76 -26.49
N TYR D 301 -6.98 14.82 -25.78
CA TYR D 301 -6.29 14.69 -24.50
C TYR D 301 -6.71 15.78 -23.54
N ASN D 302 -6.53 15.49 -22.25
CA ASN D 302 -6.79 16.41 -21.16
C ASN D 302 -5.46 16.91 -20.60
N SER D 303 -5.30 18.22 -20.55
CA SER D 303 -4.07 18.84 -20.08
C SER D 303 -4.34 19.55 -18.76
N LYS D 304 -3.59 19.19 -17.73
CA LYS D 304 -3.76 19.80 -16.41
C LYS D 304 -2.64 20.80 -16.12
N SER D 319 -10.63 27.41 -17.53
CA SER D 319 -10.86 27.49 -18.97
C SER D 319 -11.91 26.50 -19.44
N GLY D 320 -12.91 26.27 -18.60
CA GLY D 320 -13.97 25.31 -18.93
C GLY D 320 -13.87 24.05 -18.10
N VAL D 321 -15.05 23.57 -17.68
CA VAL D 321 -15.10 22.44 -16.76
C VAL D 321 -14.69 21.14 -17.45
N ALA D 322 -15.13 20.92 -18.68
CA ALA D 322 -14.79 19.72 -19.45
C ALA D 322 -14.31 20.14 -20.83
N ILE D 323 -13.04 20.55 -20.91
CA ILE D 323 -12.43 21.01 -22.15
C ILE D 323 -11.20 20.16 -22.41
N ARG D 324 -11.12 19.63 -23.62
CA ARG D 324 -10.00 18.80 -24.04
C ARG D 324 -9.27 19.47 -25.19
N THR D 325 -7.96 19.37 -25.18
CA THR D 325 -7.17 19.93 -26.27
C THR D 325 -7.13 18.95 -27.43
N PRO D 326 -7.42 19.38 -28.65
CA PRO D 326 -7.32 18.47 -29.80
C PRO D 326 -5.88 18.19 -30.19
N TYR D 327 -5.68 17.01 -30.77
CA TYR D 327 -4.40 16.63 -31.35
C TYR D 327 -4.64 15.57 -32.42
N ILE D 328 -3.61 15.33 -33.22
CA ILE D 328 -3.69 14.41 -34.35
C ILE D 328 -2.69 13.27 -34.12
N LYS D 329 -3.16 12.04 -34.22
CA LYS D 329 -2.27 10.89 -34.31
C LYS D 329 -2.00 10.64 -35.78
N ILE D 330 -0.75 10.87 -36.21
CA ILE D 330 -0.42 10.86 -37.63
C ILE D 330 -0.48 9.44 -38.16
N LEU D 331 -1.20 9.25 -39.25
CA LEU D 331 -1.22 7.96 -39.93
C LEU D 331 -0.41 7.98 -41.22
N GLY D 332 -0.30 9.15 -41.83
CA GLY D 332 0.47 9.29 -43.07
C GLY D 332 0.83 10.73 -43.33
N ILE D 333 2.03 10.94 -43.85
CA ILE D 333 2.55 12.26 -44.20
C ILE D 333 2.85 12.27 -45.69
N GLN D 334 2.37 13.29 -46.38
CA GLN D 334 2.65 13.49 -47.80
C GLN D 334 3.28 14.86 -47.95
N SER D 335 4.49 14.91 -48.50
CA SER D 335 5.18 16.17 -48.75
C SER D 335 4.74 16.68 -50.12
N ASP D 336 4.08 17.84 -50.13
CA ASP D 336 3.56 18.41 -51.37
C ASP D 336 4.68 18.78 -52.32
N VAL D 337 5.72 19.43 -51.81
CA VAL D 337 6.94 19.69 -52.56
C VAL D 337 8.13 19.26 -51.71
N GLU D 338 9.24 18.94 -52.36
CA GLU D 338 10.43 18.46 -51.69
C GLU D 338 11.54 19.49 -51.82
N THR D 339 12.04 19.97 -50.69
CA THR D 339 13.13 20.93 -50.70
C THR D 339 14.42 20.27 -51.14
N SER D 340 15.32 21.07 -51.70
CA SER D 340 16.54 20.58 -52.31
C SER D 340 17.75 21.01 -51.49
N SER D 341 18.59 20.05 -51.13
CA SER D 341 19.82 20.30 -50.39
C SER D 341 20.74 19.12 -50.62
N ILE D 342 21.92 19.18 -50.00
CA ILE D 342 22.89 18.10 -50.12
C ILE D 342 22.37 16.83 -49.43
N TRP D 343 21.65 17.01 -48.31
CA TRP D 343 21.17 15.85 -47.57
C TRP D 343 20.00 15.16 -48.27
N ASN D 344 19.12 15.96 -48.88
CA ASN D 344 17.97 15.42 -49.60
C ASN D 344 18.28 15.10 -51.06
N SER D 345 19.52 15.31 -51.51
CA SER D 345 19.90 14.99 -52.87
C SER D 345 19.94 13.48 -53.07
N VAL D 346 19.62 13.05 -54.28
CA VAL D 346 19.58 11.63 -54.64
C VAL D 346 20.74 11.36 -55.58
N THR D 347 21.46 10.27 -55.32
CA THR D 347 22.60 9.89 -56.16
C THR D 347 22.26 8.71 -57.06
N MET D 348 21.17 8.00 -56.75
CA MET D 348 20.82 6.82 -57.52
C MET D 348 20.23 7.22 -58.87
N PHE D 349 20.57 6.44 -59.90
CA PHE D 349 20.08 6.66 -61.26
C PHE D 349 19.61 5.34 -61.84
N THR D 350 18.46 5.38 -62.51
CA THR D 350 17.96 4.21 -63.19
C THR D 350 18.70 4.02 -64.53
N GLU D 351 18.53 2.83 -65.12
CA GLU D 351 19.30 2.50 -66.32
C GLU D 351 18.77 3.24 -67.54
N GLU D 352 17.45 3.48 -67.61
CA GLU D 352 16.89 4.11 -68.80
C GLU D 352 17.27 5.58 -68.89
N GLU D 353 17.28 6.29 -67.77
CA GLU D 353 17.71 7.69 -67.79
C GLU D 353 19.22 7.80 -67.94
N GLU D 354 19.95 6.80 -67.44
CA GLU D 354 21.40 6.75 -67.65
C GLU D 354 21.73 6.60 -69.12
N GLU D 355 21.01 5.73 -69.83
CA GLU D 355 21.26 5.59 -71.26
C GLU D 355 20.77 6.79 -72.05
N GLU D 356 19.61 7.35 -71.67
CA GLU D 356 19.06 8.54 -72.29
C GLU D 356 19.98 9.75 -72.18
N PHE D 357 20.65 9.91 -71.04
CA PHE D 357 21.64 10.96 -70.87
C PHE D 357 22.92 10.71 -71.65
N LEU D 358 23.25 9.44 -71.91
CA LEU D 358 24.37 9.13 -72.80
C LEU D 358 24.04 9.44 -74.26
N GLN D 359 22.78 9.26 -74.67
CA GLN D 359 22.41 9.70 -76.02
C GLN D 359 22.49 11.22 -76.17
N LEU D 360 22.40 11.98 -75.07
CA LEU D 360 22.59 13.41 -75.16
C LEU D 360 24.04 13.78 -75.45
N SER D 361 24.99 13.07 -74.85
CA SER D 361 26.40 13.46 -74.97
C SER D 361 26.96 13.19 -76.35
N ARG D 362 26.36 12.26 -77.10
CA ARG D 362 26.84 11.94 -78.44
C ARG D 362 26.40 12.98 -79.47
N ASN D 363 25.49 13.88 -79.12
CA ASN D 363 25.05 14.89 -80.06
C ASN D 363 26.14 15.94 -80.21
N PRO D 364 26.65 16.18 -81.43
CA PRO D 364 27.64 17.25 -81.61
C PRO D 364 27.08 18.64 -81.35
N LYS D 365 25.78 18.83 -81.50
CA LYS D 365 25.14 20.11 -81.20
C LYS D 365 24.43 20.09 -79.84
N LEU D 366 24.99 19.36 -78.87
CA LEU D 366 24.45 19.39 -77.52
C LEU D 366 24.65 20.76 -76.88
N TYR D 367 25.79 21.40 -77.17
CA TYR D 367 26.06 22.75 -76.68
C TYR D 367 25.01 23.74 -77.17
N GLU D 368 24.67 23.68 -78.46
CA GLU D 368 23.70 24.62 -79.01
C GLU D 368 22.30 24.40 -78.43
N ILE D 369 21.88 23.15 -78.29
CA ILE D 369 20.53 22.89 -77.78
C ILE D 369 20.46 23.22 -76.29
N LEU D 370 21.56 23.03 -75.56
CA LEU D 370 21.56 23.41 -74.15
C LEU D 370 21.53 24.92 -73.98
N THR D 371 22.24 25.66 -74.85
CA THR D 371 22.19 27.11 -74.77
C THR D 371 20.83 27.65 -75.18
N ASN D 372 20.19 27.02 -76.18
CA ASN D 372 18.84 27.44 -76.55
C ASN D 372 17.83 27.09 -75.47
N SER D 373 18.08 26.02 -74.72
CA SER D 373 17.17 25.63 -73.65
C SER D 373 17.29 26.57 -72.45
N ILE D 374 18.42 27.25 -72.31
CA ILE D 374 18.61 28.22 -71.23
C ILE D 374 17.83 29.48 -71.56
N ALA D 375 16.79 29.74 -70.76
CA ALA D 375 15.94 30.92 -70.88
C ALA D 375 15.41 31.12 -72.31
N PRO D 376 14.50 30.27 -72.78
CA PRO D 376 14.01 30.41 -74.16
C PRO D 376 13.24 31.70 -74.41
N SER D 377 12.61 32.24 -73.38
CA SER D 377 11.83 33.47 -73.50
C SER D 377 12.65 34.72 -73.30
N ILE D 378 13.97 34.64 -73.46
CA ILE D 378 14.86 35.79 -73.38
C ILE D 378 15.53 35.96 -74.74
N PHE D 379 15.40 37.14 -75.31
CA PHE D 379 15.91 37.42 -76.66
C PHE D 379 17.34 37.95 -76.56
N GLY D 380 18.23 37.37 -77.35
CA GLY D 380 19.62 37.77 -77.33
C GLY D 380 20.38 37.18 -76.16
N ASN D 381 21.52 37.82 -75.86
CA ASN D 381 22.42 37.44 -74.76
C ASN D 381 22.88 35.98 -74.89
N GLU D 382 23.33 35.61 -76.10
CA GLU D 382 23.74 34.22 -76.34
C GLU D 382 25.03 33.90 -75.59
N ASP D 383 25.96 34.85 -75.51
CA ASP D 383 27.19 34.63 -74.75
C ASP D 383 26.90 34.45 -73.27
N ILE D 384 25.95 35.22 -72.73
CA ILE D 384 25.56 35.07 -71.33
C ILE D 384 24.91 33.71 -71.11
N LYS D 385 24.12 33.24 -72.06
CA LYS D 385 23.50 31.92 -71.94
C LYS D 385 24.54 30.81 -72.02
N LYS D 386 25.58 30.99 -72.84
CA LYS D 386 26.69 30.03 -72.86
C LYS D 386 27.44 30.02 -71.53
N ALA D 387 27.69 31.21 -70.97
CA ALA D 387 28.34 31.30 -69.67
C ALA D 387 27.51 30.68 -68.56
N ILE D 388 26.18 30.81 -68.63
CA ILE D 388 25.30 30.14 -67.69
C ILE D 388 25.36 28.63 -67.82
N VAL D 389 25.44 28.10 -69.04
CA VAL D 389 25.66 26.67 -69.24
C VAL D 389 26.97 26.23 -68.60
N CYS D 390 28.05 27.01 -68.80
CA CYS D 390 29.33 26.68 -68.17
C CYS D 390 29.26 26.77 -66.64
N LEU D 391 28.52 27.75 -66.12
CA LEU D 391 28.38 27.91 -64.67
C LEU D 391 27.60 26.76 -64.04
N LEU D 392 26.56 26.28 -64.73
CA LEU D 392 25.72 25.23 -64.17
C LEU D 392 26.46 23.91 -64.02
N MET D 393 27.38 23.61 -64.94
CA MET D 393 28.15 22.38 -64.87
C MET D 393 29.24 22.42 -63.81
N GLY D 394 29.85 23.58 -63.61
CA GLY D 394 31.02 23.67 -62.77
C GLY D 394 32.23 23.09 -63.46
N GLY D 395 33.30 22.88 -62.72
CA GLY D 395 34.50 22.30 -63.31
C GLY D 395 35.08 21.21 -62.44
N SER D 396 36.18 20.62 -62.87
CA SER D 396 36.82 19.58 -62.08
C SER D 396 37.53 20.19 -60.88
N LYS D 397 37.19 19.68 -59.70
CA LYS D 397 37.78 20.14 -58.45
C LYS D 397 39.03 19.32 -58.17
N LYS D 398 40.08 20.01 -57.70
CA LYS D 398 41.38 19.39 -57.49
C LYS D 398 41.72 19.44 -56.00
N ILE D 399 42.09 18.29 -55.45
CA ILE D 399 42.69 18.20 -54.12
C ILE D 399 44.11 17.70 -54.28
N LEU D 400 45.06 18.46 -53.79
CA LEU D 400 46.47 18.28 -54.07
C LEU D 400 47.17 17.60 -52.88
N PRO D 401 48.31 16.93 -53.12
CA PRO D 401 48.99 16.24 -52.01
C PRO D 401 49.47 17.16 -50.90
N ASP D 402 49.71 18.45 -51.16
CA ASP D 402 50.03 19.39 -50.11
C ASP D 402 48.80 19.91 -49.38
N GLY D 403 47.61 19.55 -49.85
CA GLY D 403 46.38 19.92 -49.21
C GLY D 403 45.70 21.15 -49.75
N MET D 404 46.32 21.86 -50.68
CA MET D 404 45.75 23.12 -51.16
C MET D 404 44.64 22.80 -52.16
N ARG D 405 43.42 23.17 -51.83
CA ARG D 405 42.25 22.79 -52.62
C ARG D 405 42.01 23.80 -53.74
N LEU D 406 41.83 23.29 -54.95
CA LEU D 406 41.56 24.11 -56.13
C LEU D 406 40.09 23.97 -56.50
N ARG D 407 39.39 25.10 -56.59
CA ARG D 407 37.97 25.10 -56.85
C ARG D 407 37.68 24.93 -58.34
N GLY D 408 36.48 24.42 -58.62
CA GLY D 408 36.08 24.20 -59.99
C GLY D 408 34.80 24.94 -60.36
N ASP D 409 34.13 25.51 -59.36
CA ASP D 409 32.91 26.25 -59.58
C ASP D 409 33.20 27.61 -60.20
N ILE D 410 32.32 28.03 -61.10
CA ILE D 410 32.51 29.26 -61.87
C ILE D 410 31.55 30.32 -61.33
N ASN D 411 32.09 31.51 -61.04
CA ASN D 411 31.29 32.66 -60.61
C ASN D 411 31.21 33.66 -61.75
N VAL D 412 30.00 34.11 -62.06
CA VAL D 412 29.75 35.01 -63.18
C VAL D 412 29.02 36.25 -62.66
N LEU D 413 29.51 37.43 -63.03
CA LEU D 413 28.89 38.71 -62.70
C LEU D 413 28.25 39.29 -63.95
N LEU D 414 27.07 39.88 -63.79
CA LEU D 414 26.32 40.53 -64.87
C LEU D 414 26.05 41.97 -64.44
N LEU D 415 26.83 42.91 -64.95
CA LEU D 415 26.64 44.33 -64.70
C LEU D 415 25.86 44.89 -65.88
N GLY D 416 24.90 45.77 -65.61
CA GLY D 416 24.22 46.35 -66.76
C GLY D 416 23.04 47.23 -66.43
N ASP D 417 22.46 47.77 -67.49
CA ASP D 417 21.35 48.71 -67.38
C ASP D 417 20.08 48.00 -66.92
N PRO D 418 19.18 48.71 -66.25
CA PRO D 418 17.91 48.10 -65.84
C PRO D 418 17.06 47.67 -67.03
N GLY D 419 16.26 46.62 -66.81
CA GLY D 419 15.36 46.13 -67.82
C GLY D 419 15.99 45.29 -68.90
N THR D 420 17.12 44.63 -68.61
CA THR D 420 17.83 43.82 -69.59
C THR D 420 17.85 42.34 -69.25
N ALA D 421 16.86 41.87 -68.49
CA ALA D 421 16.59 40.44 -68.28
C ALA D 421 17.72 39.72 -67.54
N LYS D 422 18.53 40.44 -66.77
CA LYS D 422 19.53 39.75 -65.95
C LYS D 422 18.89 39.12 -64.71
N SER D 423 17.88 39.79 -64.14
CA SER D 423 17.16 39.21 -63.02
C SER D 423 16.36 37.98 -63.45
N GLN D 424 15.79 38.02 -64.66
CA GLN D 424 15.09 36.84 -65.18
C GLN D 424 16.06 35.70 -65.44
N LEU D 425 17.29 36.01 -65.85
CA LEU D 425 18.30 34.97 -65.98
C LEU D 425 18.64 34.36 -64.63
N LEU D 426 18.74 35.19 -63.59
CA LEU D 426 18.96 34.67 -62.24
C LEU D 426 17.82 33.77 -61.78
N LYS D 427 16.57 34.19 -62.03
CA LYS D 427 15.43 33.37 -61.65
C LYS D 427 15.39 32.05 -62.42
N PHE D 428 15.74 32.08 -63.71
CA PHE D 428 15.76 30.84 -64.48
C PHE D 428 16.85 29.90 -63.98
N VAL D 429 18.02 30.45 -63.61
CA VAL D 429 19.07 29.61 -63.06
C VAL D 429 18.65 29.03 -61.72
N GLU D 430 17.90 29.82 -60.93
CA GLU D 430 17.36 29.30 -59.67
C GLU D 430 16.38 28.15 -59.92
N LYS D 431 15.57 28.26 -60.97
CA LYS D 431 14.61 27.20 -61.29
C LYS D 431 15.31 25.95 -61.82
N VAL D 432 16.30 26.12 -62.70
CA VAL D 432 16.83 24.98 -63.44
C VAL D 432 17.88 24.24 -62.62
N SER D 433 18.52 24.91 -61.67
CA SER D 433 19.57 24.26 -60.92
C SER D 433 18.97 23.28 -59.92
N PRO D 434 19.58 22.10 -59.74
CA PRO D 434 19.07 21.15 -58.74
C PRO D 434 19.07 21.70 -57.33
N ILE D 435 20.13 22.42 -56.95
CA ILE D 435 20.17 23.15 -55.69
C ILE D 435 20.50 24.60 -56.03
N ALA D 436 19.64 25.51 -55.59
CA ALA D 436 19.81 26.93 -55.91
C ALA D 436 19.09 27.78 -54.89
N VAL D 437 19.66 28.93 -54.59
CA VAL D 437 19.05 29.92 -53.72
C VAL D 437 19.14 31.29 -54.38
N TYR D 438 18.00 31.94 -54.56
CA TYR D 438 17.94 33.29 -55.10
C TYR D 438 17.74 34.27 -53.96
N THR D 439 18.69 35.19 -53.79
CA THR D 439 18.58 36.24 -52.78
C THR D 439 19.07 37.56 -53.35
N SER D 440 18.82 38.63 -52.60
CA SER D 440 19.39 39.92 -52.91
C SER D 440 20.75 40.06 -52.23
N GLY D 441 21.38 41.23 -52.42
CA GLY D 441 22.67 41.48 -51.79
C GLY D 441 22.56 41.56 -50.28
N LYS D 442 21.47 42.12 -49.77
CA LYS D 442 21.22 42.19 -48.34
C LYS D 442 20.47 40.97 -47.82
N GLY D 443 20.23 39.98 -48.67
CA GLY D 443 19.55 38.77 -48.25
C GLY D 443 18.07 38.78 -48.59
N SER D 444 17.29 38.04 -47.82
CA SER D 444 15.85 37.95 -48.00
C SER D 444 15.15 38.68 -46.86
N SER D 445 13.82 38.57 -46.85
CA SER D 445 13.02 39.23 -45.82
C SER D 445 13.35 38.70 -44.43
N ALA D 446 13.48 37.37 -44.29
CA ALA D 446 13.87 36.80 -43.02
C ALA D 446 14.90 35.68 -43.18
N ALA D 447 15.55 35.60 -44.33
CA ALA D 447 16.64 34.67 -44.57
C ALA D 447 17.88 35.47 -44.92
N GLY D 448 18.92 35.35 -44.09
CA GLY D 448 20.12 36.11 -44.31
C GLY D 448 21.00 35.55 -45.42
N LEU D 449 22.04 36.31 -45.74
CA LEU D 449 23.06 35.87 -46.66
C LEU D 449 24.19 35.18 -45.91
N THR D 450 24.99 34.42 -46.66
CA THR D 450 26.23 33.75 -46.18
C THR D 450 25.84 32.76 -45.08
N ALA D 451 26.24 32.97 -43.83
CA ALA D 451 25.98 32.02 -42.76
C ALA D 451 25.56 32.76 -41.50
N SER D 452 24.54 32.22 -40.83
CA SER D 452 24.03 32.78 -39.58
C SER D 452 24.16 31.71 -38.49
N VAL D 453 24.90 32.03 -37.44
CA VAL D 453 25.10 31.12 -36.31
C VAL D 453 24.46 31.77 -35.10
N GLN D 454 23.28 31.28 -34.73
CA GLN D 454 22.54 31.75 -33.58
C GLN D 454 22.38 30.61 -32.59
N ARG D 455 21.70 30.91 -31.47
CA ARG D 455 21.53 29.93 -30.42
C ARG D 455 20.24 29.15 -30.61
N ASP D 456 20.23 27.93 -30.09
CA ASP D 456 19.05 27.06 -30.16
C ASP D 456 17.91 27.70 -29.38
N PRO D 457 16.73 27.84 -29.96
CA PRO D 457 15.60 28.45 -29.22
C PRO D 457 15.21 27.73 -27.94
N MET D 458 15.50 26.44 -27.80
CA MET D 458 15.17 25.74 -26.56
C MET D 458 16.38 25.59 -25.66
N THR D 459 17.51 25.11 -26.20
CA THR D 459 18.65 24.74 -25.38
C THR D 459 19.74 25.81 -25.30
N ARG D 460 19.57 26.95 -25.97
CA ARG D 460 20.50 28.07 -26.00
C ARG D 460 21.88 27.70 -26.52
N GLU D 461 22.01 26.63 -27.30
CA GLU D 461 23.29 26.24 -27.84
C GLU D 461 23.43 26.69 -29.28
N PHE D 462 24.67 26.94 -29.69
CA PHE D 462 24.94 27.48 -31.02
C PHE D 462 24.58 26.49 -32.11
N TYR D 463 23.93 27.00 -33.15
CA TYR D 463 23.56 26.20 -34.31
C TYR D 463 23.52 27.12 -35.52
N LEU D 464 23.49 26.50 -36.70
CA LEU D 464 23.51 27.25 -37.95
C LEU D 464 22.07 27.50 -38.37
N GLU D 465 21.63 28.76 -38.23
CA GLU D 465 20.24 29.09 -38.51
C GLU D 465 19.93 29.02 -40.00
N GLY D 466 20.87 29.46 -40.83
CA GLY D 466 20.64 29.43 -42.25
C GLY D 466 21.61 30.36 -42.96
N GLY D 467 21.21 30.78 -44.14
CA GLY D 467 22.04 31.63 -44.98
C GLY D 467 22.04 31.15 -46.40
N ALA D 468 22.10 32.08 -47.35
CA ALA D 468 21.95 31.73 -48.76
C ALA D 468 23.10 30.87 -49.26
N MET D 469 24.34 31.20 -48.88
CA MET D 469 25.49 30.54 -49.46
C MET D 469 25.69 29.15 -48.88
N VAL D 470 25.10 28.89 -47.71
CA VAL D 470 25.32 27.62 -47.03
C VAL D 470 24.19 26.65 -47.37
N LEU D 471 22.96 27.15 -47.44
CA LEU D 471 21.82 26.31 -47.80
C LEU D 471 21.94 25.80 -49.23
N ALA D 472 22.62 26.54 -50.10
CA ALA D 472 22.85 26.12 -51.48
C ALA D 472 24.22 25.51 -51.69
N ASP D 473 24.75 24.79 -50.70
CA ASP D 473 26.01 24.09 -50.87
C ASP D 473 25.88 23.00 -51.92
N GLY D 474 26.88 22.90 -52.79
CA GLY D 474 26.77 22.02 -53.94
C GLY D 474 25.80 22.52 -54.99
N GLY D 475 25.52 23.81 -55.02
CA GLY D 475 24.59 24.38 -55.98
C GLY D 475 24.95 25.77 -56.44
N VAL D 476 23.94 26.60 -56.70
CA VAL D 476 24.13 27.95 -57.23
C VAL D 476 23.46 28.94 -56.30
N VAL D 477 24.14 30.05 -56.03
CA VAL D 477 23.57 31.18 -55.32
C VAL D 477 23.44 32.33 -56.31
N CYS D 478 22.21 32.78 -56.52
CA CYS D 478 21.91 33.88 -57.42
C CYS D 478 21.70 35.15 -56.59
N ILE D 479 22.67 36.05 -56.65
CA ILE D 479 22.68 37.28 -55.86
C ILE D 479 22.30 38.43 -56.76
N ASP D 480 21.08 38.92 -56.61
CA ASP D 480 20.62 40.12 -57.30
C ASP D 480 21.01 41.34 -56.49
N GLU D 481 21.22 42.46 -57.19
CA GLU D 481 21.67 43.72 -56.58
C GLU D 481 22.94 43.50 -55.77
N PHE D 482 23.97 43.00 -56.45
CA PHE D 482 25.20 42.58 -55.78
C PHE D 482 25.98 43.77 -55.22
N ASP D 483 25.75 44.96 -55.77
CA ASP D 483 26.48 46.14 -55.34
C ASP D 483 26.11 46.55 -53.91
N LYS D 484 24.83 46.47 -53.57
CA LYS D 484 24.35 46.85 -52.23
C LYS D 484 24.45 45.64 -51.32
N MET D 485 25.44 45.65 -50.42
CA MET D 485 25.70 44.55 -49.51
C MET D 485 26.29 45.09 -48.22
N ARG D 486 26.05 44.36 -47.12
CA ARG D 486 26.67 44.70 -45.86
C ARG D 486 28.15 44.30 -45.86
N ASP D 487 28.88 44.85 -44.88
CA ASP D 487 30.34 44.69 -44.86
C ASP D 487 30.74 43.27 -44.46
N GLU D 488 30.08 42.70 -43.45
CA GLU D 488 30.40 41.34 -43.04
C GLU D 488 30.03 40.34 -44.13
N ASP D 489 28.91 40.60 -44.82
CA ASP D 489 28.51 39.75 -45.93
C ASP D 489 29.52 39.82 -47.06
N ARG D 490 30.16 40.98 -47.27
CA ARG D 490 31.13 41.11 -48.34
C ARG D 490 32.33 40.19 -48.14
N VAL D 491 32.91 40.20 -46.92
CA VAL D 491 34.09 39.37 -46.66
C VAL D 491 33.70 37.89 -46.63
N ALA D 492 32.49 37.58 -46.13
CA ALA D 492 32.05 36.19 -46.14
C ALA D 492 31.83 35.70 -47.58
N ILE D 493 31.27 36.55 -48.45
CA ILE D 493 31.07 36.21 -49.86
C ILE D 493 32.41 36.01 -50.55
N HIS D 494 33.40 36.85 -50.24
CA HIS D 494 34.73 36.71 -50.84
C HIS D 494 35.37 35.38 -50.46
N GLU D 495 35.38 35.06 -49.16
CA GLU D 495 35.95 33.80 -48.70
C GLU D 495 35.21 32.62 -49.29
N ALA D 496 33.88 32.69 -49.33
CA ALA D 496 33.08 31.57 -49.81
C ALA D 496 33.18 31.42 -51.33
N MET D 497 33.51 32.50 -52.05
CA MET D 497 33.80 32.35 -53.48
C MET D 497 35.13 31.66 -53.68
N GLU D 498 36.17 32.09 -52.95
CA GLU D 498 37.49 31.63 -53.32
C GLU D 498 37.85 30.29 -52.68
N GLN D 499 37.80 30.21 -51.35
CA GLN D 499 38.12 28.98 -50.64
C GLN D 499 36.95 28.00 -50.57
N GLN D 500 35.76 28.42 -51.00
CA GLN D 500 34.55 27.59 -51.00
C GLN D 500 34.17 27.14 -49.59
N THR D 501 34.60 27.91 -48.59
CA THR D 501 34.32 27.63 -47.19
C THR D 501 33.97 28.94 -46.49
N ILE D 502 33.34 28.83 -45.33
CA ILE D 502 33.02 29.98 -44.50
C ILE D 502 33.61 29.72 -43.12
N SER D 503 34.44 30.65 -42.65
CA SER D 503 35.04 30.55 -41.34
C SER D 503 34.20 31.35 -40.33
N ILE D 504 33.79 30.68 -39.26
CA ILE D 504 32.97 31.29 -38.23
C ILE D 504 33.70 31.13 -36.91
N ALA D 505 34.00 32.25 -36.25
CA ALA D 505 34.72 32.26 -34.98
C ALA D 505 34.01 33.18 -34.02
N LYS D 506 33.04 32.63 -33.28
CA LYS D 506 32.37 33.36 -32.23
C LYS D 506 32.91 32.95 -30.87
N ALA D 507 32.33 33.52 -29.81
CA ALA D 507 32.83 33.27 -28.46
C ALA D 507 32.47 31.86 -28.01
N GLY D 508 31.47 31.25 -28.63
CA GLY D 508 31.09 29.90 -28.25
C GLY D 508 31.63 28.84 -29.19
N ILE D 509 31.55 29.10 -30.49
CA ILE D 509 31.82 28.09 -31.51
C ILE D 509 32.81 28.62 -32.53
N THR D 510 33.78 27.77 -32.90
CA THR D 510 34.69 28.03 -34.00
C THR D 510 34.62 26.86 -34.97
N THR D 511 34.44 27.17 -36.25
CA THR D 511 34.30 26.14 -37.26
C THR D 511 34.64 26.72 -38.63
N VAL D 512 34.93 25.83 -39.56
CA VAL D 512 35.04 26.15 -40.98
C VAL D 512 34.09 25.21 -41.69
N LEU D 513 33.07 25.76 -42.33
CA LEU D 513 31.99 24.96 -42.90
C LEU D 513 31.90 25.15 -44.40
N ASN D 514 31.37 24.13 -45.08
CA ASN D 514 31.40 24.09 -46.54
C ASN D 514 30.37 25.04 -47.14
N SER D 515 30.82 25.80 -48.15
CA SER D 515 29.97 26.66 -48.94
C SER D 515 30.36 26.50 -50.41
N ARG D 516 30.50 25.25 -50.85
CA ARG D 516 30.98 24.93 -52.18
C ARG D 516 29.86 25.17 -53.20
N THR D 517 29.72 26.43 -53.57
CA THR D 517 28.63 26.86 -54.44
C THR D 517 29.11 27.88 -55.45
N SER D 518 28.53 27.85 -56.64
CA SER D 518 28.85 28.82 -57.67
C SER D 518 27.98 30.06 -57.53
N VAL D 519 28.59 31.23 -57.73
CA VAL D 519 27.94 32.51 -57.53
C VAL D 519 27.58 33.09 -58.89
N LEU D 520 26.30 33.38 -59.07
CA LEU D 520 25.83 34.15 -60.23
C LEU D 520 25.23 35.45 -59.71
N ALA D 521 25.89 36.56 -60.00
CA ALA D 521 25.55 37.85 -59.42
C ALA D 521 25.11 38.81 -60.51
N ALA D 522 24.21 39.73 -60.16
CA ALA D 522 23.74 40.76 -61.08
C ALA D 522 23.74 42.11 -60.38
N ALA D 523 24.09 43.16 -61.11
CA ALA D 523 24.17 44.49 -60.53
C ALA D 523 23.96 45.57 -61.58
N ASN D 524 23.62 46.76 -61.10
CA ASN D 524 23.42 47.96 -61.90
C ASN D 524 24.53 48.95 -61.59
N PRO D 525 24.91 49.80 -62.54
CA PRO D 525 25.93 50.81 -62.24
C PRO D 525 25.33 52.08 -61.67
N ILE D 526 26.21 52.99 -61.25
CA ILE D 526 25.77 54.25 -60.65
C ILE D 526 25.19 55.17 -61.71
N TYR D 527 24.45 56.18 -61.24
CA TYR D 527 23.79 57.19 -62.08
C TYR D 527 22.85 56.53 -63.10
N GLY D 528 22.17 55.48 -62.66
CA GLY D 528 21.21 54.82 -63.55
C GLY D 528 21.92 53.97 -64.58
N ARG D 529 21.89 54.42 -65.83
CA ARG D 529 22.43 53.62 -66.92
C ARG D 529 23.95 53.63 -66.91
N TYR D 530 24.53 52.65 -67.59
CA TYR D 530 25.98 52.61 -67.76
C TYR D 530 26.44 53.75 -68.66
N ASP D 531 27.57 54.34 -68.33
CA ASP D 531 28.13 55.47 -69.05
C ASP D 531 29.37 55.04 -69.81
N ASP D 532 29.41 55.34 -71.11
CA ASP D 532 30.57 54.96 -71.92
C ASP D 532 31.79 55.80 -71.58
N LEU D 533 31.58 57.05 -71.18
CA LEU D 533 32.70 57.92 -70.83
C LEU D 533 33.38 57.45 -69.56
N LYS D 534 32.61 56.98 -68.59
CA LYS D 534 33.17 56.52 -67.32
C LYS D 534 33.82 55.14 -67.50
N SER D 535 34.75 54.84 -66.60
CA SER D 535 35.40 53.54 -66.57
C SER D 535 34.44 52.48 -66.06
N PRO D 536 34.65 51.21 -66.42
CA PRO D 536 33.86 50.13 -65.81
C PRO D 536 33.98 50.07 -64.30
N GLY D 537 35.16 50.35 -63.75
CA GLY D 537 35.29 50.43 -62.31
C GLY D 537 34.69 51.69 -61.73
N ASP D 538 34.57 52.74 -62.55
CA ASP D 538 33.94 53.96 -62.09
C ASP D 538 32.42 53.81 -62.06
N ASN D 539 31.88 52.92 -62.88
CA ASN D 539 30.42 52.75 -62.94
C ASN D 539 29.91 51.94 -61.76
N ILE D 540 30.71 50.97 -61.28
CA ILE D 540 30.26 50.11 -60.19
C ILE D 540 30.36 50.83 -58.86
N ASP D 541 29.41 50.57 -57.97
CA ASP D 541 29.43 51.13 -56.63
C ASP D 541 30.04 50.16 -55.61
N PHE D 542 31.22 49.63 -55.94
CA PHE D 542 31.98 48.78 -55.03
C PHE D 542 33.42 48.73 -55.50
N GLN D 543 34.25 48.04 -54.73
CA GLN D 543 35.69 48.02 -54.99
C GLN D 543 36.01 47.28 -56.27
N THR D 544 37.06 47.74 -56.96
CA THR D 544 37.43 47.14 -58.24
C THR D 544 38.06 45.77 -58.06
N THR D 545 38.57 45.48 -56.85
CA THR D 545 39.16 44.18 -56.59
C THR D 545 38.11 43.09 -56.51
N ILE D 546 36.85 43.46 -56.29
CA ILE D 546 35.76 42.50 -56.29
C ILE D 546 35.58 41.92 -57.70
N LEU D 547 35.82 42.75 -58.73
CA LEU D 547 35.69 42.28 -60.11
C LEU D 547 36.68 41.17 -60.43
N SER D 548 37.86 41.19 -59.82
CA SER D 548 38.86 40.17 -60.09
C SER D 548 38.44 38.81 -59.57
N ARG D 549 37.55 38.77 -58.57
CA ARG D 549 37.14 37.50 -57.99
C ARG D 549 36.14 36.76 -58.87
N PHE D 550 35.53 37.44 -59.83
CA PHE D 550 34.57 36.80 -60.72
C PHE D 550 35.27 36.26 -61.96
N ASP D 551 34.88 35.05 -62.37
CA ASP D 551 35.52 34.39 -63.50
C ASP D 551 35.14 35.05 -64.82
N MET D 552 33.85 35.31 -65.04
CA MET D 552 33.36 35.98 -66.22
C MET D 552 32.47 37.13 -65.82
N ILE D 553 32.78 38.32 -66.35
CA ILE D 553 32.02 39.53 -66.11
C ILE D 553 31.39 39.95 -67.43
N PHE D 554 30.10 40.20 -67.43
CA PHE D 554 29.41 40.70 -68.62
C PHE D 554 28.94 42.12 -68.37
N ILE D 555 29.09 42.97 -69.39
CA ILE D 555 28.59 44.33 -69.39
C ILE D 555 27.46 44.39 -70.39
N VAL D 556 26.23 44.45 -69.91
CA VAL D 556 25.06 44.39 -70.78
C VAL D 556 24.74 45.82 -71.22
N LYS D 557 24.52 45.99 -72.52
CA LYS D 557 24.43 47.30 -73.14
C LYS D 557 23.00 47.61 -73.55
N ASP D 558 22.63 48.89 -73.44
CA ASP D 558 21.42 49.40 -74.05
C ASP D 558 21.75 49.80 -75.49
N ASP D 559 21.33 48.96 -76.44
CA ASP D 559 21.68 49.10 -77.85
C ASP D 559 21.12 50.38 -78.47
N HIS D 560 19.88 50.75 -78.09
CA HIS D 560 19.20 51.94 -78.60
C HIS D 560 19.09 51.92 -80.12
N ASN D 561 18.71 50.77 -80.68
CA ASN D 561 18.56 50.58 -82.10
C ASN D 561 17.11 50.25 -82.42
N GLU D 562 16.64 50.71 -83.59
CA GLU D 562 15.24 50.53 -83.96
C GLU D 562 14.94 49.07 -84.28
N GLU D 563 15.81 48.43 -85.07
CA GLU D 563 15.53 47.07 -85.52
C GLU D 563 15.66 46.06 -84.39
N ARG D 564 16.51 46.34 -83.41
CA ARG D 564 16.60 45.47 -82.24
C ARG D 564 15.40 45.67 -81.33
N ASP D 565 14.94 46.92 -81.20
CA ASP D 565 13.77 47.20 -80.37
C ASP D 565 12.51 46.58 -80.93
N ILE D 566 12.36 46.60 -82.27
CA ILE D 566 11.22 45.97 -82.91
C ILE D 566 11.22 44.46 -82.65
N SER D 567 12.40 43.83 -82.78
CA SER D 567 12.50 42.39 -82.59
C SER D 567 12.23 42.00 -81.14
N ILE D 568 12.77 42.76 -80.18
CA ILE D 568 12.56 42.42 -78.78
C ILE D 568 11.10 42.67 -78.38
N ALA D 569 10.47 43.70 -78.94
CA ALA D 569 9.05 43.93 -78.68
C ALA D 569 8.20 42.81 -79.25
N ASN D 570 8.54 42.35 -80.47
CA ASN D 570 7.85 41.22 -81.06
C ASN D 570 8.00 39.96 -80.21
N HIS D 571 9.20 39.74 -79.67
CA HIS D 571 9.44 38.57 -78.82
C HIS D 571 8.61 38.64 -77.54
N VAL D 572 8.55 39.81 -76.90
CA VAL D 572 7.79 39.93 -75.65
C VAL D 572 6.30 39.77 -75.91
N ILE D 573 5.81 40.29 -77.05
CA ILE D 573 4.41 40.10 -77.40
C ILE D 573 4.12 38.64 -77.74
N ASN D 574 5.11 37.94 -78.33
CA ASN D 574 4.98 36.50 -78.53
C ASN D 574 4.84 35.77 -77.19
N ILE D 575 5.62 36.18 -76.19
CA ILE D 575 5.52 35.56 -74.87
C ILE D 575 4.16 35.83 -74.24
N HIS D 576 3.68 37.07 -74.33
CA HIS D 576 2.42 37.42 -73.68
C HIS D 576 1.22 36.81 -74.40
N THR D 577 1.31 36.64 -75.72
CA THR D 577 0.18 36.10 -76.47
C THR D 577 0.01 34.61 -76.22
N GLY D 578 1.10 33.87 -76.12
CA GLY D 578 1.07 32.43 -76.04
C GLY D 578 1.66 31.72 -77.24
N ASN D 579 2.09 32.46 -78.26
CA ASN D 579 2.78 31.84 -79.38
C ASN D 579 4.14 31.29 -78.96
N ALA D 580 4.77 31.94 -77.98
CA ALA D 580 6.06 31.45 -77.47
C ALA D 580 5.92 30.10 -76.79
N ASN D 581 4.82 29.89 -76.05
CA ASN D 581 4.60 28.60 -75.42
C ASN D 581 4.45 27.48 -76.44
N ALA D 582 3.67 27.72 -77.49
CA ALA D 582 3.49 26.73 -78.54
C ALA D 582 4.78 26.47 -79.30
N MET D 583 5.55 27.53 -79.59
CA MET D 583 6.81 27.36 -80.30
C MET D 583 7.81 26.60 -79.45
N GLN D 584 7.85 26.89 -78.14
CA GLN D 584 8.76 26.18 -77.25
C GLN D 584 8.37 24.71 -77.11
N ASN D 585 7.06 24.43 -77.06
CA ASN D 585 6.61 23.04 -77.02
C ASN D 585 6.96 22.30 -78.31
N GLN D 586 6.81 22.98 -79.46
CA GLN D 586 7.17 22.36 -80.73
C GLN D 586 8.67 22.08 -80.80
N GLN D 587 9.49 23.00 -80.31
CA GLN D 587 10.94 22.79 -80.33
C GLN D 587 11.36 21.74 -79.32
N GLU D 588 10.62 21.60 -78.21
CA GLU D 588 10.92 20.55 -77.24
C GLU D 588 10.54 19.18 -77.79
N GLU D 589 9.46 19.11 -78.57
CA GLU D 589 9.16 17.89 -79.30
C GLU D 589 10.23 17.60 -80.35
N ASN D 590 10.71 18.65 -81.02
CA ASN D 590 11.77 18.48 -82.02
C ASN D 590 13.08 18.05 -81.37
N GLY D 591 13.42 18.64 -80.22
CA GLY D 591 14.64 18.33 -79.54
C GLY D 591 15.70 19.42 -79.54
N SER D 592 15.42 20.56 -80.17
CA SER D 592 16.39 21.66 -80.13
C SER D 592 16.35 22.39 -78.80
N GLU D 593 15.27 22.23 -78.04
CA GLU D 593 15.18 22.70 -76.67
C GLU D 593 14.85 21.53 -75.76
N ILE D 594 15.54 21.45 -74.63
CA ILE D 594 15.32 20.37 -73.68
C ILE D 594 14.48 20.90 -72.52
N SER D 595 13.86 19.99 -71.77
CA SER D 595 13.00 20.38 -70.67
C SER D 595 13.83 20.83 -69.46
N ILE D 596 13.20 21.63 -68.60
CA ILE D 596 13.91 22.19 -67.45
C ILE D 596 14.21 21.11 -66.41
N GLU D 597 13.25 20.23 -66.15
CA GLU D 597 13.48 19.13 -65.21
C GLU D 597 14.50 18.15 -65.76
N LYS D 598 14.44 17.90 -67.07
CA LYS D 598 15.41 16.99 -67.70
C LYS D 598 16.81 17.59 -67.68
N MET D 599 16.91 18.92 -67.90
CA MET D 599 18.20 19.59 -67.76
C MET D 599 18.72 19.53 -66.32
N LYS D 600 17.83 19.70 -65.34
CA LYS D 600 18.24 19.65 -63.94
C LYS D 600 18.80 18.27 -63.59
N ARG D 601 18.11 17.22 -64.02
CA ARG D 601 18.55 15.86 -63.75
C ARG D 601 19.85 15.55 -64.52
N TYR D 602 19.97 16.08 -65.74
CA TYR D 602 21.19 15.90 -66.53
C TYR D 602 22.38 16.61 -65.90
N ILE D 603 22.15 17.81 -65.35
CA ILE D 603 23.21 18.55 -64.68
C ILE D 603 23.69 17.80 -63.45
N THR D 604 22.74 17.25 -62.68
CA THR D 604 23.11 16.41 -61.54
C THR D 604 23.93 15.20 -61.98
N TYR D 605 23.48 14.53 -63.04
CA TYR D 605 24.18 13.35 -63.53
C TYR D 605 25.60 13.68 -63.97
N CYS D 606 25.77 14.75 -64.74
CA CYS D 606 27.10 15.09 -65.24
C CYS D 606 27.99 15.62 -64.11
N ARG D 607 27.40 16.21 -63.07
CA ARG D 607 28.20 16.68 -61.95
C ARG D 607 28.74 15.51 -61.13
N LEU D 608 27.93 14.48 -60.91
CA LEU D 608 28.42 13.32 -60.17
C LEU D 608 29.32 12.42 -61.02
N LYS D 609 29.10 12.34 -62.33
CA LYS D 609 29.85 11.35 -63.11
C LYS D 609 31.17 11.90 -63.65
N CYS D 610 31.15 13.07 -64.29
CA CYS D 610 32.26 13.51 -65.12
C CYS D 610 33.07 14.59 -64.43
N ALA D 611 34.40 14.52 -64.56
CA ALA D 611 35.32 15.57 -64.13
C ALA D 611 36.48 15.59 -65.12
N PRO D 612 36.40 16.42 -66.16
CA PRO D 612 37.39 16.35 -67.24
C PRO D 612 38.78 16.83 -66.81
N ARG D 613 39.78 16.31 -67.50
CA ARG D 613 41.17 16.73 -67.36
C ARG D 613 41.62 17.37 -68.65
N LEU D 614 42.41 18.44 -68.54
CA LEU D 614 43.01 19.07 -69.70
C LEU D 614 44.14 18.22 -70.26
N SER D 615 44.23 18.16 -71.58
CA SER D 615 45.31 17.43 -72.22
C SER D 615 46.59 18.25 -72.19
N PRO D 616 47.75 17.59 -72.24
CA PRO D 616 49.03 18.35 -72.32
C PRO D 616 49.15 19.23 -73.54
N GLN D 617 48.57 18.85 -74.68
CA GLN D 617 48.59 19.69 -75.86
C GLN D 617 47.66 20.89 -75.75
N ALA D 618 46.75 20.87 -74.77
CA ALA D 618 45.87 22.00 -74.52
C ALA D 618 46.43 22.98 -73.50
N ALA D 619 47.61 22.70 -72.94
CA ALA D 619 48.20 23.57 -71.93
C ALA D 619 49.02 24.70 -72.54
N GLU D 620 49.81 24.45 -73.58
CA GLU D 620 50.68 25.49 -74.11
C GLU D 620 49.89 26.62 -74.78
N LYS D 621 48.73 26.30 -75.37
CA LYS D 621 47.89 27.33 -75.94
C LYS D 621 47.30 28.25 -74.87
N LEU D 622 46.88 27.68 -73.74
CA LEU D 622 46.41 28.50 -72.63
C LEU D 622 47.52 29.35 -72.06
N SER D 623 48.73 28.79 -71.94
CA SER D 623 49.86 29.56 -71.44
C SER D 623 50.30 30.65 -72.41
N SER D 624 50.01 30.50 -73.71
CA SER D 624 50.31 31.58 -74.64
C SER D 624 49.23 32.66 -74.61
N ASN D 625 47.96 32.23 -74.62
CA ASN D 625 46.82 33.14 -74.64
C ASN D 625 46.62 33.87 -73.32
N PHE D 626 47.24 33.39 -72.24
CA PHE D 626 47.26 34.09 -70.97
C PHE D 626 48.36 35.13 -70.89
N VAL D 627 49.52 34.86 -71.49
CA VAL D 627 50.65 35.77 -71.41
C VAL D 627 50.55 36.88 -72.46
N THR D 628 49.84 36.66 -73.57
CA THR D 628 49.67 37.77 -74.52
C THR D 628 48.77 38.88 -73.97
N ILE D 629 47.76 38.53 -73.16
CA ILE D 629 46.92 39.54 -72.51
C ILE D 629 47.75 40.40 -71.56
N ARG D 630 48.61 39.77 -70.77
CA ARG D 630 49.49 40.51 -69.88
C ARG D 630 50.56 41.29 -70.63
N LYS D 631 51.01 40.82 -71.79
CA LYS D 631 51.92 41.59 -72.62
C LYS D 631 51.27 42.87 -73.11
N GLN D 632 50.00 42.79 -73.53
CA GLN D 632 49.29 44.00 -73.93
C GLN D 632 49.04 44.92 -72.74
N LEU D 633 48.61 44.34 -71.60
CA LEU D 633 48.29 45.11 -70.41
C LEU D 633 49.51 45.82 -69.83
N LEU D 634 50.68 45.18 -69.84
CA LEU D 634 51.89 45.77 -69.31
C LEU D 634 52.30 47.01 -70.10
N ILE D 635 52.30 46.92 -71.43
CA ILE D 635 52.71 48.07 -72.23
C ILE D 635 51.65 49.16 -72.18
N ASN D 636 50.36 48.79 -72.08
CA ASN D 636 49.33 49.81 -71.91
C ASN D 636 49.49 50.56 -70.59
N GLU D 637 49.76 49.83 -69.50
CA GLU D 637 49.89 50.46 -68.20
C GLU D 637 51.22 51.21 -68.08
N LEU D 638 52.22 50.80 -68.86
CA LEU D 638 53.48 51.54 -68.86
C LEU D 638 53.35 52.84 -69.65
N GLU D 639 52.62 52.82 -70.77
CA GLU D 639 52.40 54.04 -71.52
C GLU D 639 51.50 55.01 -70.77
N SER D 640 50.42 54.51 -70.17
CA SER D 640 49.46 55.38 -69.52
C SER D 640 49.97 55.89 -68.17
N THR D 641 50.83 55.09 -67.51
CA THR D 641 51.34 55.28 -66.13
C THR D 641 50.22 55.31 -65.10
N GLU D 642 49.02 54.88 -65.47
CA GLU D 642 47.89 54.74 -64.55
C GLU D 642 47.44 53.29 -64.60
N ARG D 643 47.18 52.71 -63.43
CA ARG D 643 46.79 51.31 -63.37
C ARG D 643 45.37 51.13 -63.89
N SER D 644 45.16 50.02 -64.60
CA SER D 644 43.85 49.73 -65.16
C SER D 644 42.85 49.38 -64.06
N SER D 645 41.60 49.81 -64.25
CA SER D 645 40.59 49.59 -63.24
C SER D 645 40.12 48.14 -63.21
N ILE D 646 40.27 47.43 -64.32
CA ILE D 646 39.98 45.99 -64.38
C ILE D 646 41.28 45.22 -64.54
N PRO D 647 41.64 44.36 -63.57
CA PRO D 647 42.91 43.64 -63.67
C PRO D 647 42.78 42.26 -64.29
N ILE D 648 43.87 41.75 -64.85
CA ILE D 648 43.97 40.38 -65.32
C ILE D 648 45.00 39.68 -64.44
N THR D 649 44.59 38.57 -63.82
CA THR D 649 45.41 37.91 -62.82
C THR D 649 45.45 36.40 -63.07
N ILE D 650 46.15 35.69 -62.18
CA ILE D 650 46.26 34.24 -62.25
C ILE D 650 44.90 33.59 -61.98
N ARG D 651 44.06 34.24 -61.18
CA ARG D 651 42.71 33.75 -60.95
C ARG D 651 41.91 33.73 -62.26
N GLN D 652 42.22 34.64 -63.18
CA GLN D 652 41.60 34.58 -64.51
C GLN D 652 42.11 33.39 -65.32
N LEU D 653 43.39 33.01 -65.12
CA LEU D 653 43.89 31.81 -65.76
C LEU D 653 43.15 30.57 -65.25
N GLU D 654 42.96 30.49 -63.94
CA GLU D 654 42.20 29.36 -63.38
C GLU D 654 40.74 29.42 -63.81
N ALA D 655 40.23 30.63 -64.05
CA ALA D 655 38.88 30.78 -64.59
C ALA D 655 38.76 30.20 -65.99
N ILE D 656 39.74 30.47 -66.86
CA ILE D 656 39.72 29.90 -68.20
C ILE D 656 39.88 28.39 -68.14
N ILE D 657 40.69 27.90 -67.19
CA ILE D 657 40.80 26.46 -66.95
C ILE D 657 39.44 25.86 -66.59
N ARG D 658 38.72 26.54 -65.69
CA ARG D 658 37.41 26.07 -65.25
C ARG D 658 36.41 26.07 -66.40
N ILE D 659 36.42 27.10 -67.24
CA ILE D 659 35.55 27.15 -68.40
C ILE D 659 35.87 26.00 -69.36
N THR D 660 37.17 25.76 -69.60
CA THR D 660 37.57 24.69 -70.51
C THR D 660 37.12 23.32 -70.00
N GLU D 661 37.33 23.04 -68.72
CA GLU D 661 36.91 21.77 -68.15
C GLU D 661 35.41 21.69 -67.94
N SER D 662 34.70 22.83 -67.99
CA SER D 662 33.25 22.85 -67.96
C SER D 662 32.63 22.54 -69.30
N LEU D 663 33.24 23.00 -70.40
CA LEU D 663 32.73 22.67 -71.72
C LEU D 663 32.85 21.18 -72.03
N ALA D 664 33.92 20.54 -71.56
CA ALA D 664 34.10 19.10 -71.77
C ALA D 664 33.18 18.27 -70.89
N LYS D 665 32.69 18.83 -69.78
CA LYS D 665 31.78 18.11 -68.90
C LYS D 665 30.41 17.93 -69.53
N LEU D 666 30.06 18.79 -70.50
CA LEU D 666 28.82 18.63 -71.25
C LEU D 666 28.79 17.34 -72.05
N GLU D 667 29.91 17.00 -72.68
CA GLU D 667 30.00 15.86 -73.59
C GLU D 667 30.24 14.55 -72.85
N LEU D 668 30.31 14.58 -71.52
CA LEU D 668 30.75 13.45 -70.70
C LEU D 668 32.11 12.95 -71.13
N SER D 669 32.97 13.90 -71.49
CA SER D 669 34.32 13.71 -71.97
C SER D 669 35.32 13.81 -70.83
N PRO D 670 36.04 12.72 -70.52
CA PRO D 670 37.07 12.77 -69.49
C PRO D 670 38.30 13.60 -69.87
N ILE D 671 38.44 13.98 -71.13
CA ILE D 671 39.61 14.71 -71.61
C ILE D 671 39.14 16.02 -72.21
N ALA D 672 39.74 17.13 -71.77
CA ALA D 672 39.50 18.43 -72.40
C ALA D 672 40.49 18.62 -73.53
N GLN D 673 39.98 18.90 -74.73
CA GLN D 673 40.78 18.95 -75.93
C GLN D 673 41.08 20.39 -76.33
N GLU D 674 41.71 20.56 -77.49
CA GLU D 674 42.03 21.89 -78.00
C GLU D 674 40.76 22.62 -78.46
N ARG D 675 39.78 21.88 -78.96
CA ARG D 675 38.52 22.49 -79.40
C ARG D 675 37.74 23.12 -78.25
N HIS D 676 37.90 22.62 -77.03
CA HIS D 676 37.32 23.27 -75.87
C HIS D 676 38.09 24.51 -75.45
N VAL D 677 39.42 24.49 -75.62
CA VAL D 677 40.26 25.63 -75.27
C VAL D 677 39.91 26.85 -76.11
N ASP D 678 39.73 26.67 -77.42
CA ASP D 678 39.38 27.77 -78.30
C ASP D 678 38.02 28.38 -77.95
N GLU D 679 37.04 27.54 -77.62
CA GLU D 679 35.75 28.06 -77.18
C GLU D 679 35.85 28.78 -75.84
N ALA D 680 36.72 28.30 -74.94
CA ALA D 680 36.94 28.98 -73.67
C ALA D 680 37.58 30.35 -73.88
N ILE D 681 38.57 30.44 -74.78
CA ILE D 681 39.17 31.74 -75.11
C ILE D 681 38.13 32.66 -75.73
N ARG D 682 37.29 32.14 -76.63
CA ARG D 682 36.26 32.98 -77.24
C ARG D 682 35.26 33.49 -76.21
N LEU D 683 34.88 32.63 -75.25
CA LEU D 683 33.97 33.05 -74.19
C LEU D 683 34.62 34.09 -73.28
N PHE D 684 35.92 33.94 -73.00
CA PHE D 684 36.62 34.93 -72.19
C PHE D 684 36.76 36.25 -72.92
N GLN D 685 36.96 36.20 -74.25
CA GLN D 685 36.98 37.42 -75.05
C GLN D 685 35.62 38.11 -75.03
N ALA D 686 34.54 37.32 -75.09
CA ALA D 686 33.21 37.90 -75.20
C ALA D 686 32.77 38.55 -73.90
N SER D 687 33.36 38.13 -72.77
CA SER D 687 32.91 38.64 -71.48
C SER D 687 33.93 39.54 -70.79
N THR D 688 35.12 39.03 -70.48
CA THR D 688 36.03 39.81 -69.66
C THR D 688 36.86 40.76 -70.51
N MET D 689 37.24 40.34 -71.72
CA MET D 689 38.18 41.12 -72.51
C MET D 689 37.53 42.33 -73.16
N ASP D 690 36.27 42.21 -73.61
CA ASP D 690 35.63 43.39 -74.17
C ASP D 690 35.24 44.38 -73.08
N ALA D 691 34.91 43.89 -71.89
CA ALA D 691 34.73 44.75 -70.73
C ALA D 691 36.04 45.45 -70.36
N ALA D 692 37.16 44.76 -70.51
CA ALA D 692 38.46 45.38 -70.28
C ALA D 692 38.79 46.40 -71.35
N SER D 693 38.36 46.16 -72.59
CA SER D 693 38.58 47.13 -73.66
C SER D 693 37.68 48.34 -73.49
N GLN D 694 36.56 48.18 -72.77
CA GLN D 694 35.74 49.33 -72.41
C GLN D 694 36.48 50.27 -71.47
N ASP D 695 37.37 49.71 -70.65
CA ASP D 695 38.29 50.53 -69.88
C ASP D 695 39.32 51.15 -70.83
N PRO D 696 39.44 52.49 -70.86
CA PRO D 696 40.45 53.11 -71.75
C PRO D 696 41.88 52.70 -71.44
N ILE D 697 42.19 52.41 -70.18
CA ILE D 697 43.53 51.96 -69.82
C ILE D 697 43.77 50.55 -70.36
N GLY D 698 42.75 49.69 -70.28
CA GLY D 698 42.91 48.32 -70.77
C GLY D 698 42.85 48.23 -72.28
N GLY D 699 42.46 49.31 -72.95
CA GLY D 699 42.42 49.33 -74.39
C GLY D 699 43.69 49.88 -75.01
N LEU D 700 43.58 51.01 -75.70
CA LEU D 700 44.70 51.70 -76.37
C LEU D 700 45.46 50.79 -77.32
N LYS E 101 -27.83 30.02 24.83
CA LYS E 101 -28.30 31.27 24.22
C LYS E 101 -27.13 32.21 23.91
N LYS E 102 -27.32 33.04 22.89
CA LYS E 102 -26.30 34.01 22.52
C LYS E 102 -26.26 35.15 23.53
N VAL E 103 -25.06 35.67 23.76
CA VAL E 103 -24.87 36.85 24.61
C VAL E 103 -24.85 38.07 23.70
N ASP E 104 -25.40 39.18 24.19
CA ASP E 104 -25.50 40.39 23.40
C ASP E 104 -24.44 41.41 23.80
N ASP E 105 -24.34 42.47 23.00
CA ASP E 105 -23.46 43.60 23.29
C ASP E 105 -24.30 44.74 23.83
N VAL E 106 -24.13 45.04 25.12
CA VAL E 106 -24.95 46.04 25.79
C VAL E 106 -24.70 47.43 25.21
N THR E 107 -23.42 47.77 25.00
CA THR E 107 -23.07 49.02 24.34
C THR E 107 -23.60 49.07 22.91
N GLY E 108 -23.52 47.95 22.19
CA GLY E 108 -24.11 47.88 20.86
C GLY E 108 -25.62 48.05 20.88
N GLU E 109 -26.27 47.52 21.93
CA GLU E 109 -27.71 47.70 22.07
C GLU E 109 -28.06 49.17 22.28
N LYS E 110 -27.29 49.87 23.13
CA LYS E 110 -27.55 51.30 23.33
C LYS E 110 -27.26 52.10 22.06
N VAL E 111 -26.22 51.72 21.31
CA VAL E 111 -25.96 52.39 20.03
C VAL E 111 -27.12 52.17 19.06
N ARG E 112 -27.66 50.94 19.00
CA ARG E 112 -28.80 50.68 18.13
C ARG E 112 -30.02 51.47 18.55
N GLU E 113 -30.29 51.55 19.86
CA GLU E 113 -31.44 52.33 20.34
C GLU E 113 -31.28 53.81 20.02
N ALA E 114 -30.10 54.37 20.27
CA ALA E 114 -29.87 55.78 20.00
C ALA E 114 -29.92 56.08 18.51
N PHE E 115 -29.43 55.16 17.67
CA PHE E 115 -29.44 55.39 16.23
C PHE E 115 -30.84 55.30 15.66
N GLU E 116 -31.65 54.34 16.15
CA GLU E 116 -33.01 54.24 15.65
C GLU E 116 -33.89 55.36 16.20
N GLN E 117 -33.50 55.94 17.35
CA GLN E 117 -34.17 57.15 17.81
C GLN E 117 -33.73 58.35 16.97
N PHE E 118 -32.47 58.37 16.56
CA PHE E 118 -31.95 59.42 15.68
C PHE E 118 -32.64 59.43 14.32
N LEU E 119 -32.90 58.26 13.76
CA LEU E 119 -33.47 58.18 12.41
C LEU E 119 -34.88 58.75 12.37
N GLU E 120 -35.57 58.78 13.50
CA GLU E 120 -36.95 59.24 13.55
C GLU E 120 -37.09 60.62 14.17
N ASP E 121 -36.25 60.94 15.15
CA ASP E 121 -36.44 62.13 15.97
C ASP E 121 -35.76 63.38 15.40
N PHE E 122 -34.71 63.23 14.61
CA PHE E 122 -33.93 64.38 14.17
C PHE E 122 -34.72 65.21 13.16
N SER E 123 -34.69 66.53 13.34
CA SER E 123 -35.40 67.46 12.49
C SER E 123 -34.62 68.76 12.42
N VAL E 124 -34.84 69.51 11.34
CA VAL E 124 -34.23 70.83 11.16
C VAL E 124 -35.33 71.81 10.76
N GLN E 125 -35.10 73.09 11.02
CA GLN E 125 -36.03 74.12 10.57
C GLN E 125 -35.84 74.37 9.08
N SER E 126 -36.94 74.69 8.40
CA SER E 126 -36.88 74.96 6.97
C SER E 126 -36.23 76.31 6.70
N THR E 127 -35.45 76.39 5.61
CA THR E 127 -34.81 77.65 5.27
C THR E 127 -35.82 78.64 4.69
N ASP E 128 -36.71 78.18 3.82
CA ASP E 128 -37.64 79.07 3.15
C ASP E 128 -38.76 79.53 4.09
N THR E 129 -39.30 78.61 4.89
CA THR E 129 -40.46 78.89 5.71
C THR E 129 -40.19 78.83 7.21
N GLY E 130 -39.35 77.92 7.68
CA GLY E 130 -39.17 77.71 9.09
C GLY E 130 -39.92 76.53 9.66
N GLU E 131 -40.53 75.71 8.81
CA GLU E 131 -41.21 74.51 9.27
C GLU E 131 -40.22 73.48 9.80
N VAL E 132 -40.64 72.75 10.82
CA VAL E 132 -39.82 71.72 11.45
C VAL E 132 -40.03 70.43 10.68
N GLU E 133 -39.08 70.10 9.80
CA GLU E 133 -39.16 68.90 8.99
C GLU E 133 -38.08 67.90 9.40
N LYS E 134 -38.44 66.62 9.34
CA LYS E 134 -37.56 65.52 9.73
C LYS E 134 -36.90 64.97 8.47
N VAL E 135 -35.59 65.16 8.35
CA VAL E 135 -34.91 64.91 7.08
C VAL E 135 -34.79 63.41 6.80
N TYR E 136 -34.70 62.58 7.84
CA TYR E 136 -34.43 61.17 7.59
C TYR E 136 -35.72 60.36 7.43
N ARG E 137 -36.81 60.77 8.07
CA ARG E 137 -38.10 60.21 7.69
C ARG E 137 -38.44 60.58 6.26
N ALA E 138 -38.14 61.82 5.85
CA ALA E 138 -38.28 62.22 4.46
C ALA E 138 -37.38 61.42 3.55
N GLN E 139 -36.17 61.10 4.01
CA GLN E 139 -35.23 60.29 3.22
C GLN E 139 -35.75 58.88 3.00
N ILE E 140 -36.28 58.25 4.06
CA ILE E 140 -36.83 56.90 3.93
C ILE E 140 -38.06 56.89 3.05
N GLU E 141 -38.97 57.86 3.22
CA GLU E 141 -40.17 57.86 2.37
C GLU E 141 -39.81 58.22 0.94
N PHE E 142 -38.72 58.96 0.73
CA PHE E 142 -38.26 59.26 -0.63
C PHE E 142 -37.62 58.03 -1.26
N MET E 143 -36.93 57.22 -0.46
CA MET E 143 -36.41 55.93 -0.93
C MET E 143 -37.55 54.98 -1.25
N LYS E 144 -38.70 55.17 -0.62
CA LYS E 144 -39.83 54.26 -0.82
C LYS E 144 -40.36 54.27 -2.26
N ILE E 145 -40.40 55.43 -2.91
CA ILE E 145 -40.89 55.46 -4.29
C ILE E 145 -39.83 54.91 -5.24
N TYR E 146 -38.59 55.35 -5.11
CA TYR E 146 -37.59 55.18 -6.17
C TYR E 146 -36.74 53.93 -5.99
N ASP E 147 -37.12 53.02 -5.09
CA ASP E 147 -36.51 51.70 -4.91
C ASP E 147 -35.02 51.82 -4.57
N LEU E 148 -34.66 52.72 -3.66
CA LEU E 148 -33.26 52.92 -3.33
C LEU E 148 -32.84 51.98 -2.20
N ASN E 149 -31.56 51.62 -2.21
CA ASN E 149 -30.98 50.76 -1.18
C ASN E 149 -30.11 51.52 -0.20
N THR E 150 -29.76 52.77 -0.50
CA THR E 150 -28.77 53.52 0.25
C THR E 150 -29.43 54.72 0.92
N ILE E 151 -29.20 54.87 2.22
CA ILE E 151 -29.60 56.05 2.98
C ILE E 151 -28.34 56.86 3.29
N TYR E 152 -28.41 58.17 3.07
CA TYR E 152 -27.28 59.06 3.29
C TYR E 152 -27.52 59.85 4.56
N ILE E 153 -26.58 59.73 5.51
CA ILE E 153 -26.69 60.39 6.80
C ILE E 153 -25.53 61.37 6.95
N ASP E 154 -25.86 62.63 7.20
CA ASP E 154 -24.83 63.64 7.48
C ASP E 154 -24.20 63.36 8.84
N TYR E 155 -22.87 63.50 8.91
CA TYR E 155 -22.18 63.21 10.16
C TYR E 155 -22.40 64.32 11.20
N GLN E 156 -22.59 65.56 10.74
CA GLN E 156 -22.85 66.65 11.67
C GLN E 156 -24.22 66.49 12.34
N HIS E 157 -25.20 65.98 11.60
CA HIS E 157 -26.53 65.74 12.16
C HIS E 157 -26.46 64.70 13.27
N LEU E 158 -25.66 63.65 13.07
CA LEU E 158 -25.43 62.67 14.13
C LEU E 158 -24.61 63.29 15.26
N SER E 159 -23.78 64.29 14.93
CA SER E 159 -22.88 64.87 15.91
C SER E 159 -23.63 65.77 16.89
N MET E 160 -24.68 66.45 16.43
CA MET E 160 -25.41 67.35 17.33
C MET E 160 -26.19 66.58 18.40
N ARG E 161 -26.44 65.28 18.17
CA ARG E 161 -27.23 64.49 19.10
C ARG E 161 -26.51 64.27 20.42
N GLU E 162 -27.28 64.37 21.51
CA GLU E 162 -26.81 64.21 22.90
C GLU E 162 -25.70 65.23 23.13
N ASN E 163 -24.59 64.86 23.75
CA ASN E 163 -23.43 65.72 23.89
C ASN E 163 -22.35 65.38 22.87
N GLY E 164 -22.67 64.54 21.88
CA GLY E 164 -21.70 64.06 20.92
C GLY E 164 -21.17 62.67 21.19
N ALA E 165 -21.73 61.95 22.16
CA ALA E 165 -21.20 60.63 22.50
C ALA E 165 -21.57 59.60 21.44
N LEU E 166 -22.74 59.73 20.83
CA LEU E 166 -23.17 58.76 19.82
C LEU E 166 -22.28 58.85 18.58
N ALA E 167 -21.93 60.06 18.16
CA ALA E 167 -21.05 60.22 17.01
C ALA E 167 -19.65 59.65 17.28
N MET E 168 -19.11 59.90 18.47
CA MET E 168 -17.79 59.36 18.82
C MET E 168 -17.84 57.83 18.90
N ALA E 169 -18.91 57.28 19.46
CA ALA E 169 -19.03 55.83 19.56
C ALA E 169 -19.17 55.20 18.17
N ILE E 170 -19.91 55.84 17.28
CA ILE E 170 -20.08 55.31 15.93
C ILE E 170 -18.78 55.42 15.14
N SER E 171 -18.09 56.56 15.26
CA SER E 171 -16.87 56.76 14.48
C SER E 171 -15.71 55.89 14.99
N GLU E 172 -15.61 55.71 16.30
CA GLU E 172 -14.47 54.99 16.86
C GLU E 172 -14.53 53.50 16.57
N GLN E 173 -15.72 52.91 16.65
CA GLN E 173 -15.91 51.46 16.57
C GLN E 173 -16.96 51.16 15.51
N TYR E 174 -16.76 51.72 14.31
CA TYR E 174 -17.73 51.59 13.23
C TYR E 174 -17.92 50.14 12.81
N TYR E 175 -16.82 49.38 12.74
CA TYR E 175 -16.93 47.98 12.33
C TYR E 175 -17.72 47.16 13.35
N ARG E 176 -17.52 47.44 14.64
CA ARG E 176 -18.27 46.73 15.68
C ARG E 176 -19.74 47.11 15.66
N PHE E 177 -20.04 48.40 15.55
CA PHE E 177 -21.40 48.90 15.72
C PHE E 177 -22.22 48.90 14.44
N LEU E 178 -21.62 48.59 13.29
CA LEU E 178 -22.34 48.64 12.03
C LEU E 178 -23.53 47.67 11.93
N PRO E 179 -23.44 46.38 12.33
CA PRO E 179 -24.66 45.55 12.30
C PRO E 179 -25.78 46.05 13.21
N PHE E 180 -25.43 46.70 14.32
CA PHE E 180 -26.46 47.32 15.15
C PHE E 180 -27.13 48.49 14.43
N LEU E 181 -26.35 49.25 13.66
CA LEU E 181 -26.94 50.28 12.81
C LEU E 181 -27.87 49.67 11.77
N GLN E 182 -27.48 48.51 11.21
CA GLN E 182 -28.35 47.80 10.27
C GLN E 182 -29.67 47.41 10.93
N LYS E 183 -29.60 46.84 12.13
CA LYS E 183 -30.82 46.42 12.82
C LYS E 183 -31.71 47.61 13.17
N GLY E 184 -31.11 48.71 13.62
CA GLY E 184 -31.88 49.91 13.91
C GLY E 184 -32.55 50.49 12.68
N LEU E 185 -31.83 50.51 11.55
CA LEU E 185 -32.41 51.01 10.32
C LEU E 185 -33.54 50.11 9.83
N ARG E 186 -33.36 48.78 9.97
CA ARG E 186 -34.41 47.85 9.58
C ARG E 186 -35.67 48.03 10.42
N ARG E 187 -35.50 48.24 11.73
CA ARG E 187 -36.68 48.46 12.58
C ARG E 187 -37.37 49.78 12.25
N VAL E 188 -36.60 50.84 11.99
CA VAL E 188 -37.19 52.13 11.64
C VAL E 188 -37.94 52.05 10.31
N VAL E 189 -37.35 51.35 9.33
CA VAL E 189 -38.00 51.19 8.03
C VAL E 189 -39.25 50.31 8.17
N ARG E 190 -39.20 49.29 9.03
CA ARG E 190 -40.37 48.45 9.27
C ARG E 190 -41.51 49.25 9.89
N LYS E 191 -41.18 50.20 10.76
CA LYS E 191 -42.21 51.02 11.40
C LYS E 191 -42.88 51.95 10.40
N TYR E 192 -42.17 52.35 9.35
CA TYR E 192 -42.73 53.39 8.47
C TYR E 192 -43.00 52.87 7.05
N ALA E 193 -42.03 52.22 6.42
CA ALA E 193 -42.13 51.82 5.02
C ALA E 193 -41.87 50.32 4.90
N PRO E 194 -42.87 49.49 5.18
CA PRO E 194 -42.61 48.03 5.26
C PRO E 194 -42.28 47.37 3.94
N GLU E 195 -42.56 48.00 2.80
CA GLU E 195 -42.37 47.34 1.52
C GLU E 195 -40.89 47.25 1.15
N LEU E 196 -40.05 48.08 1.77
CA LEU E 196 -38.62 48.07 1.47
C LEU E 196 -37.96 46.79 1.95
N LEU E 197 -38.51 46.17 3.00
CA LEU E 197 -37.90 44.97 3.54
C LEU E 197 -38.12 43.76 2.64
N ASN E 198 -39.14 43.84 1.77
CA ASN E 198 -39.61 42.66 1.05
C ASN E 198 -38.62 42.22 -0.02
N THR E 199 -38.10 43.16 -0.80
CA THR E 199 -37.23 42.82 -1.93
C THR E 199 -35.79 43.27 -1.68
N GLU E 260 -34.79 39.43 1.34
CA GLU E 260 -34.57 40.63 2.14
C GLU E 260 -33.65 41.61 1.43
N ARG E 261 -34.00 42.89 1.50
CA ARG E 261 -33.20 43.93 0.86
C ARG E 261 -31.96 44.24 1.70
N VAL E 262 -30.84 44.47 1.02
CA VAL E 262 -29.60 44.84 1.68
C VAL E 262 -29.52 46.36 1.75
N PHE E 263 -29.47 46.89 2.97
CA PHE E 263 -29.44 48.32 3.22
C PHE E 263 -28.01 48.77 3.50
N GLN E 264 -27.64 49.94 2.98
CA GLN E 264 -26.32 50.50 3.17
C GLN E 264 -26.45 51.93 3.66
N ILE E 265 -25.72 52.26 4.72
CA ILE E 265 -25.67 53.61 5.26
C ILE E 265 -24.39 54.28 4.77
N SER E 266 -24.55 55.42 4.11
CA SER E 266 -23.41 56.22 3.67
C SER E 266 -23.31 57.46 4.53
N PHE E 267 -22.17 57.61 5.21
CA PHE E 267 -21.87 58.80 6.00
C PHE E 267 -21.04 59.74 5.15
N PHE E 268 -21.25 61.04 5.33
CA PHE E 268 -20.50 62.05 4.60
C PHE E 268 -20.36 63.27 5.49
N ASN E 269 -19.65 64.28 4.96
CA ASN E 269 -19.39 65.54 5.65
C ASN E 269 -18.70 65.33 6.99
N LEU E 270 -17.67 64.49 7.01
CA LEU E 270 -16.82 64.35 8.17
C LEU E 270 -16.04 65.64 8.40
N PRO E 271 -15.78 66.01 9.67
CA PRO E 271 -15.12 67.30 9.93
C PRO E 271 -13.73 67.42 9.35
N THR E 272 -12.97 66.32 9.32
CA THR E 272 -11.61 66.33 8.80
C THR E 272 -11.45 65.25 7.74
N VAL E 273 -10.60 65.53 6.75
CA VAL E 273 -10.22 64.55 5.74
C VAL E 273 -8.74 64.23 5.95
N HIS E 274 -8.42 62.95 5.95
CA HIS E 274 -7.06 62.51 6.25
C HIS E 274 -6.29 62.18 4.98
N ARG E 275 -5.01 62.55 4.98
CA ARG E 275 -4.11 62.21 3.89
C ARG E 275 -3.84 60.71 3.89
N ILE E 276 -3.46 60.19 2.73
CA ILE E 276 -3.20 58.76 2.59
C ILE E 276 -2.01 58.33 3.45
N ARG E 277 -1.11 59.26 3.77
CA ARG E 277 0.01 58.92 4.64
C ARG E 277 -0.31 59.10 6.12
N ASP E 278 -1.47 59.67 6.44
CA ASP E 278 -1.85 59.78 7.85
C ASP E 278 -2.54 58.54 8.35
N ILE E 279 -2.67 57.50 7.51
CA ILE E 279 -3.33 56.28 7.93
C ILE E 279 -2.44 55.54 8.92
N ARG E 280 -3.01 55.23 10.08
CA ARG E 280 -2.29 54.56 11.16
C ARG E 280 -3.10 53.35 11.61
N SER E 281 -2.44 52.46 12.35
CA SER E 281 -3.08 51.22 12.77
C SER E 281 -4.12 51.45 13.87
N GLU E 282 -4.09 52.61 14.53
CA GLU E 282 -5.07 52.89 15.58
C GLU E 282 -6.46 53.10 15.01
N LYS E 283 -6.55 53.48 13.73
CA LYS E 283 -7.82 53.79 13.10
C LYS E 283 -8.46 52.59 12.42
N ILE E 284 -7.90 51.38 12.58
CA ILE E 284 -8.49 50.21 11.94
C ILE E 284 -9.81 49.89 12.60
N GLY E 285 -10.86 49.75 11.78
CA GLY E 285 -12.19 49.53 12.28
C GLY E 285 -12.94 50.78 12.66
N SER E 286 -12.54 51.94 12.13
CA SER E 286 -13.13 53.21 12.50
C SER E 286 -13.59 53.96 11.26
N LEU E 287 -14.65 54.75 11.43
CA LEU E 287 -15.13 55.60 10.35
C LEU E 287 -14.16 56.77 10.15
N LEU E 288 -13.85 57.05 8.88
CA LEU E 288 -12.79 57.99 8.56
C LEU E 288 -12.94 58.42 7.11
N SER E 289 -12.36 59.59 6.80
CA SER E 289 -12.40 60.15 5.45
C SER E 289 -11.00 60.32 4.91
N ILE E 290 -10.79 59.93 3.65
CA ILE E 290 -9.53 60.10 2.94
C ILE E 290 -9.82 60.79 1.62
N SER E 291 -8.78 61.34 1.01
CA SER E 291 -8.86 61.89 -0.34
C SER E 291 -7.72 61.32 -1.16
N GLY E 292 -7.94 61.14 -2.46
CA GLY E 292 -6.90 60.59 -3.31
C GLY E 292 -7.25 60.65 -4.77
N THR E 293 -6.24 60.47 -5.61
CA THR E 293 -6.44 60.46 -7.05
C THR E 293 -6.64 59.04 -7.54
N VAL E 294 -7.75 58.80 -8.23
CA VAL E 294 -8.09 57.47 -8.73
C VAL E 294 -7.21 57.21 -9.94
N THR E 295 -6.41 56.14 -9.87
CA THR E 295 -5.54 55.80 -10.99
C THR E 295 -6.03 54.57 -11.74
N ARG E 296 -6.55 53.58 -11.01
CA ARG E 296 -7.06 52.36 -11.62
C ARG E 296 -8.40 52.01 -11.00
N THR E 297 -9.31 51.53 -11.84
CA THR E 297 -10.60 51.04 -11.41
C THR E 297 -10.83 49.66 -12.04
N SER E 298 -11.56 48.81 -11.32
CA SER E 298 -11.77 47.45 -11.76
C SER E 298 -13.19 47.26 -12.26
N GLU E 299 -13.41 46.11 -12.88
CA GLU E 299 -14.74 45.70 -13.30
C GLU E 299 -15.63 45.50 -12.07
N VAL E 300 -16.91 45.86 -12.21
CA VAL E 300 -17.86 45.58 -11.14
C VAL E 300 -18.10 44.07 -11.09
N ARG E 301 -17.90 43.50 -9.91
CA ARG E 301 -17.87 42.05 -9.72
C ARG E 301 -18.84 41.67 -8.62
N PRO E 302 -19.34 40.43 -8.65
CA PRO E 302 -20.22 39.96 -7.56
C PRO E 302 -19.40 39.45 -6.39
N GLU E 303 -19.82 39.82 -5.18
CA GLU E 303 -19.20 39.39 -3.95
C GLU E 303 -20.17 38.52 -3.15
N LEU E 304 -19.66 37.43 -2.61
CA LEU E 304 -20.46 36.46 -1.86
C LEU E 304 -20.87 37.09 -0.53
N TYR E 305 -22.11 37.61 -0.51
CA TYR E 305 -22.64 38.19 0.71
C TYR E 305 -23.26 37.14 1.61
N LYS E 306 -24.31 36.46 1.12
CA LYS E 306 -25.07 35.46 1.88
C LYS E 306 -25.05 34.16 1.10
N ALA E 307 -24.13 33.26 1.46
CA ALA E 307 -23.94 32.05 0.69
C ALA E 307 -24.95 30.97 1.07
N SER E 308 -25.08 29.98 0.19
CA SER E 308 -25.89 28.78 0.44
C SER E 308 -25.01 27.56 0.25
N PHE E 309 -25.02 26.67 1.23
CA PHE E 309 -24.24 25.45 1.19
C PHE E 309 -25.16 24.24 1.31
N THR E 310 -24.64 23.10 0.87
CA THR E 310 -25.24 21.81 1.19
C THR E 310 -24.18 20.95 1.88
N CYS E 311 -24.57 20.32 2.99
CA CYS E 311 -23.70 19.37 3.65
C CYS E 311 -23.51 18.16 2.74
N ASP E 312 -22.27 17.64 2.69
CA ASP E 312 -21.91 16.69 1.64
C ASP E 312 -22.64 15.37 1.78
N MET E 313 -22.89 14.93 3.01
CA MET E 313 -23.51 13.63 3.21
C MET E 313 -24.97 13.77 3.67
N CYS E 314 -25.31 14.90 4.29
CA CYS E 314 -26.73 15.20 4.53
C CYS E 314 -27.45 15.50 3.22
N ARG E 315 -26.84 16.31 2.36
CA ARG E 315 -27.40 16.77 1.09
C ARG E 315 -28.72 17.50 1.25
N ALA E 316 -28.84 18.32 2.28
CA ALA E 316 -29.95 19.24 2.46
C ALA E 316 -29.42 20.67 2.34
N ILE E 317 -30.29 21.57 1.88
CA ILE E 317 -29.88 22.93 1.56
C ILE E 317 -29.99 23.82 2.80
N VAL E 318 -29.03 24.71 2.96
CA VAL E 318 -29.07 25.76 3.97
C VAL E 318 -28.68 27.06 3.28
N ASP E 319 -29.15 28.19 3.81
CA ASP E 319 -28.96 29.47 3.16
C ASP E 319 -28.76 30.57 4.19
N ASN E 320 -28.44 31.77 3.67
CA ASN E 320 -28.29 33.00 4.45
C ASN E 320 -27.21 32.86 5.52
N VAL E 321 -26.05 32.35 5.13
CA VAL E 321 -24.88 32.29 6.00
C VAL E 321 -24.01 33.50 5.72
N GLU E 322 -23.82 34.35 6.72
CA GLU E 322 -23.08 35.59 6.52
C GLU E 322 -21.61 35.31 6.28
N GLN E 323 -21.00 36.13 5.41
CA GLN E 323 -19.58 36.01 5.07
C GLN E 323 -18.84 37.20 5.65
N SER E 324 -17.79 36.93 6.41
CA SER E 324 -16.97 37.95 7.05
C SER E 324 -15.65 38.05 6.29
N PHE E 325 -15.62 38.88 5.25
CA PHE E 325 -14.47 39.07 4.35
C PHE E 325 -14.12 37.72 3.74
N LYS E 326 -13.00 37.10 4.10
CA LYS E 326 -12.56 35.87 3.44
C LYS E 326 -13.59 34.75 3.60
N TYR E 327 -13.55 33.81 2.66
CA TYR E 327 -14.63 32.84 2.50
C TYR E 327 -14.73 31.91 3.70
N THR E 328 -15.94 31.76 4.23
CA THR E 328 -16.21 30.96 5.42
C THR E 328 -17.18 29.84 5.09
N GLU E 329 -17.10 28.78 5.88
CA GLU E 329 -18.05 27.68 5.84
C GLU E 329 -18.63 27.45 7.23
N PRO E 330 -19.91 27.10 7.33
CA PRO E 330 -20.53 26.90 8.64
C PRO E 330 -20.09 25.59 9.26
N THR E 331 -20.09 25.54 10.59
CA THR E 331 -19.81 24.32 11.34
C THR E 331 -20.99 23.87 12.19
N PHE E 332 -22.12 24.59 12.12
CA PHE E 332 -23.27 24.23 12.95
C PHE E 332 -24.00 23.02 12.38
N CYS E 333 -24.49 23.14 11.14
CA CYS E 333 -25.29 22.12 10.47
C CYS E 333 -26.48 21.66 11.32
N PRO E 334 -27.55 22.47 11.36
CA PRO E 334 -28.70 22.08 12.20
C PRO E 334 -29.46 20.87 11.70
N ASN E 335 -29.09 20.32 10.54
CA ASN E 335 -29.64 19.06 10.10
C ASN E 335 -29.20 17.93 11.04
N PRO E 336 -30.12 17.08 11.48
CA PRO E 336 -29.73 16.04 12.46
C PRO E 336 -29.10 14.82 11.81
N SER E 337 -29.00 14.80 10.48
CA SER E 337 -28.53 13.60 9.79
C SER E 337 -27.04 13.36 10.01
N CYS E 338 -26.23 14.42 10.00
CA CYS E 338 -24.79 14.25 10.01
C CYS E 338 -24.25 14.23 11.43
N GLU E 339 -23.00 13.80 11.56
CA GLU E 339 -22.18 14.08 12.73
C GLU E 339 -20.87 14.74 12.34
N ASN E 340 -20.78 15.30 11.13
CA ASN E 340 -19.57 15.92 10.61
C ASN E 340 -19.86 17.39 10.32
N ARG E 341 -18.99 18.28 10.82
CA ARG E 341 -19.24 19.71 10.68
C ARG E 341 -18.46 20.32 9.51
N ALA E 342 -17.27 19.78 9.23
CA ALA E 342 -16.33 20.48 8.36
C ALA E 342 -16.70 20.39 6.89
N PHE E 343 -17.24 19.26 6.46
CA PHE E 343 -17.39 18.96 5.03
C PHE E 343 -18.68 19.56 4.50
N TRP E 344 -18.54 20.48 3.54
CA TRP E 344 -19.65 21.12 2.86
C TRP E 344 -19.31 21.31 1.38
N THR E 345 -20.32 21.74 0.62
CA THR E 345 -20.07 22.27 -0.71
C THR E 345 -20.96 23.50 -0.92
N LEU E 346 -20.50 24.39 -1.79
CA LEU E 346 -21.14 25.67 -2.04
C LEU E 346 -21.68 25.70 -3.46
N ASN E 347 -22.92 26.15 -3.61
CA ASN E 347 -23.53 26.36 -4.92
C ASN E 347 -23.59 27.87 -5.19
N VAL E 348 -23.26 28.25 -6.44
CA VAL E 348 -23.14 29.66 -6.76
C VAL E 348 -24.48 30.25 -7.19
N THR E 349 -25.40 29.40 -7.65
CA THR E 349 -26.67 29.91 -8.17
C THR E 349 -27.60 30.37 -7.06
N ARG E 350 -27.72 29.60 -5.99
CA ARG E 350 -28.65 29.96 -4.93
C ARG E 350 -28.06 31.02 -3.99
N SER E 351 -26.77 31.30 -4.14
CA SER E 351 -26.10 32.25 -3.26
C SER E 351 -26.53 33.67 -3.59
N ARG E 352 -26.32 34.57 -2.63
CA ARG E 352 -26.65 35.97 -2.77
C ARG E 352 -25.37 36.80 -2.87
N PHE E 353 -25.36 37.78 -3.77
CA PHE E 353 -24.15 38.50 -4.11
C PHE E 353 -24.37 40.01 -4.00
N LEU E 354 -23.28 40.76 -4.10
CA LEU E 354 -23.29 42.20 -3.94
C LEU E 354 -22.34 42.84 -4.95
N ASP E 355 -22.56 44.12 -5.23
CA ASP E 355 -21.59 44.91 -6.01
C ASP E 355 -20.26 44.96 -5.28
N TRP E 356 -19.17 44.82 -6.04
CA TRP E 356 -17.82 44.91 -5.50
C TRP E 356 -16.93 45.54 -6.56
N GLN E 357 -16.22 46.59 -6.18
CA GLN E 357 -15.25 47.22 -7.07
C GLN E 357 -14.02 47.61 -6.27
N LYS E 358 -12.85 47.27 -6.78
CA LYS E 358 -11.60 47.70 -6.17
C LYS E 358 -11.03 48.83 -7.01
N VAL E 359 -10.92 50.01 -6.41
CA VAL E 359 -10.32 51.14 -7.10
C VAL E 359 -9.05 51.55 -6.37
N ARG E 360 -7.99 51.77 -7.14
CA ARG E 360 -6.69 52.13 -6.61
C ARG E 360 -6.55 53.63 -6.63
N ILE E 361 -6.17 54.21 -5.49
CA ILE E 361 -6.00 55.63 -5.37
C ILE E 361 -4.56 55.92 -4.98
N GLN E 362 -4.14 57.13 -5.29
CA GLN E 362 -2.76 57.57 -5.14
C GLN E 362 -2.77 58.87 -4.35
N GLU E 363 -1.63 59.16 -3.73
CA GLU E 363 -1.43 60.44 -3.07
C GLU E 363 -1.59 61.58 -4.05
N ASN E 364 -2.24 62.65 -3.60
CA ASN E 364 -2.32 63.87 -4.40
C ASN E 364 -0.95 64.52 -4.50
N ALA E 365 -0.77 65.33 -5.54
CA ALA E 365 0.54 65.93 -5.81
C ALA E 365 0.97 66.88 -4.70
N ASN E 366 0.03 67.68 -4.17
CA ASN E 366 0.39 68.63 -3.12
C ASN E 366 0.56 67.94 -1.78
N GLU E 367 0.01 66.73 -1.63
CA GLU E 367 0.10 66.03 -0.35
C GLU E 367 1.41 65.27 -0.20
N ILE E 368 2.13 65.08 -1.30
CA ILE E 368 3.35 64.26 -1.33
C ILE E 368 4.46 64.96 -0.54
N PRO E 369 5.17 64.25 0.34
CA PRO E 369 6.26 64.87 1.10
C PRO E 369 7.46 65.21 0.22
N THR E 370 8.51 65.70 0.88
CA THR E 370 9.58 66.43 0.20
C THR E 370 10.38 65.54 -0.75
N GLY E 371 10.69 64.31 -0.36
CA GLY E 371 11.51 63.47 -1.20
C GLY E 371 10.89 62.11 -1.48
N SER E 372 9.71 61.89 -0.92
CA SER E 372 9.10 60.57 -0.98
C SER E 372 8.40 60.35 -2.32
N MET E 373 8.27 59.08 -2.69
CA MET E 373 7.48 58.70 -3.83
C MET E 373 6.01 58.59 -3.42
N PRO E 374 5.06 58.78 -4.35
CA PRO E 374 3.65 58.58 -3.99
C PRO E 374 3.37 57.12 -3.66
N ARG E 375 2.46 56.91 -2.71
CA ARG E 375 2.06 55.57 -2.30
C ARG E 375 0.58 55.39 -2.57
N THR E 376 0.20 54.16 -2.88
CA THR E 376 -1.16 53.86 -3.32
C THR E 376 -1.94 53.14 -2.22
N LEU E 377 -3.26 53.04 -2.44
CA LEU E 377 -4.17 52.39 -1.53
C LEU E 377 -5.34 51.83 -2.33
N ASP E 378 -5.71 50.59 -2.01
CA ASP E 378 -6.83 49.92 -2.68
C ASP E 378 -8.06 50.06 -1.81
N VAL E 379 -9.08 50.77 -2.32
CA VAL E 379 -10.31 51.01 -1.60
C VAL E 379 -11.46 50.30 -2.31
N ILE E 380 -12.30 49.63 -1.52
CA ILE E 380 -13.37 48.77 -2.02
C ILE E 380 -14.69 49.55 -1.94
N LEU E 381 -15.41 49.56 -3.06
CA LEU E 381 -16.72 50.17 -3.16
C LEU E 381 -17.76 49.07 -3.32
N ARG E 382 -18.88 49.21 -2.61
CA ARG E 382 -19.93 48.21 -2.62
C ARG E 382 -21.29 48.89 -2.78
N GLY E 383 -22.23 48.14 -3.35
CA GLY E 383 -23.60 48.63 -3.46
C GLY E 383 -23.73 49.74 -4.48
N ASP E 384 -24.34 50.86 -4.06
CA ASP E 384 -24.60 51.94 -5.01
C ASP E 384 -23.36 52.79 -5.24
N SER E 385 -22.31 52.57 -4.44
CA SER E 385 -21.13 53.42 -4.54
C SER E 385 -20.23 53.01 -5.70
N VAL E 386 -20.50 51.87 -6.35
CA VAL E 386 -19.63 51.40 -7.41
C VAL E 386 -19.78 52.31 -8.63
N GLU E 387 -18.71 52.40 -9.41
CA GLU E 387 -18.59 53.17 -10.66
C GLU E 387 -18.72 54.66 -10.47
N ARG E 388 -18.75 55.17 -9.24
CA ARG E 388 -18.73 56.59 -8.98
C ARG E 388 -17.32 57.15 -8.94
N ALA E 389 -16.31 56.29 -9.08
CA ALA E 389 -14.92 56.70 -9.18
C ALA E 389 -14.40 56.40 -10.57
N LYS E 390 -13.70 57.36 -11.15
CA LYS E 390 -13.22 57.33 -12.52
C LYS E 390 -11.72 57.60 -12.52
N PRO E 391 -10.95 56.94 -13.38
CA PRO E 391 -9.51 57.16 -13.40
C PRO E 391 -9.14 58.60 -13.73
N GLY E 392 -8.25 59.15 -12.90
CA GLY E 392 -7.71 60.48 -13.15
C GLY E 392 -8.39 61.63 -12.45
N ASP E 393 -9.30 61.37 -11.51
CA ASP E 393 -9.93 62.44 -10.77
C ASP E 393 -9.65 62.32 -9.28
N ARG E 394 -9.91 63.40 -8.56
CA ARG E 394 -9.68 63.45 -7.12
C ARG E 394 -10.98 63.15 -6.39
N CYS E 395 -10.96 62.11 -5.56
CA CYS E 395 -12.17 61.64 -4.89
C CYS E 395 -11.93 61.64 -3.39
N LYS E 396 -12.99 61.99 -2.67
CA LYS E 396 -13.04 61.90 -1.22
C LYS E 396 -13.87 60.69 -0.83
N PHE E 397 -13.24 59.72 -0.18
CA PHE E 397 -13.90 58.49 0.26
C PHE E 397 -14.14 58.56 1.76
N THR E 398 -15.36 58.26 2.17
CA THR E 398 -15.70 58.09 3.57
C THR E 398 -16.02 56.62 3.81
N GLY E 399 -15.36 56.03 4.79
CA GLY E 399 -15.57 54.63 5.05
C GLY E 399 -14.77 54.12 6.21
N VAL E 400 -14.67 52.81 6.31
CA VAL E 400 -14.01 52.14 7.43
C VAL E 400 -12.62 51.69 6.98
N GLU E 401 -11.64 51.92 7.85
CA GLU E 401 -10.31 51.39 7.62
C GLU E 401 -10.26 49.91 8.01
N ILE E 402 -10.06 49.05 7.03
CA ILE E 402 -10.07 47.61 7.24
C ILE E 402 -8.66 47.07 7.05
N VAL E 403 -8.51 45.78 7.33
CA VAL E 403 -7.21 45.15 7.28
C VAL E 403 -7.35 43.86 6.46
N VAL E 404 -6.37 43.57 5.62
CA VAL E 404 -6.47 42.55 4.59
C VAL E 404 -5.26 41.63 4.66
N PRO E 405 -5.43 40.30 4.61
CA PRO E 405 -4.28 39.40 4.71
C PRO E 405 -3.30 39.59 3.55
N ASP E 406 -2.02 39.50 3.87
CA ASP E 406 -0.94 39.86 2.94
C ASP E 406 0.22 38.89 3.11
N VAL E 407 0.45 38.05 2.09
CA VAL E 407 1.57 37.11 2.11
C VAL E 407 2.87 37.77 1.68
N THR E 408 2.82 39.02 1.23
CA THR E 408 4.00 39.77 0.80
C THR E 408 5.02 39.99 1.92
N GLN E 409 4.59 40.12 3.16
CA GLN E 409 5.44 40.50 4.28
C GLN E 409 6.31 39.36 4.81
N LEU E 410 6.44 38.26 4.06
CA LEU E 410 7.18 37.10 4.54
C LEU E 410 8.66 37.41 4.72
N GLY E 411 9.27 38.10 3.75
CA GLY E 411 10.69 38.36 3.79
C GLY E 411 11.08 39.65 4.48
N LEU E 412 10.12 40.35 5.07
CA LEU E 412 10.41 41.61 5.73
C LEU E 412 11.15 41.37 7.05
N PRO E 413 12.01 42.31 7.46
CA PRO E 413 12.64 42.19 8.77
C PRO E 413 11.65 42.44 9.89
N GLY E 414 11.98 41.90 11.06
CA GLY E 414 11.11 42.02 12.21
C GLY E 414 10.33 40.74 12.47
N VAL E 415 9.86 40.61 13.72
CA VAL E 415 9.10 39.43 14.09
C VAL E 415 7.67 39.57 13.59
N LYS E 416 7.23 38.60 12.79
CA LYS E 416 5.88 38.58 12.27
C LYS E 416 5.01 37.74 13.19
N PRO E 417 3.86 38.26 13.63
CA PRO E 417 2.99 37.47 14.52
C PRO E 417 2.47 36.22 13.85
N SER E 418 2.46 35.14 14.63
CA SER E 418 1.92 33.85 14.20
C SER E 418 0.79 33.47 15.13
N SER E 419 0.08 32.40 14.79
CA SER E 419 -1.11 32.00 15.50
C SER E 419 -1.10 30.48 15.72
N THR E 420 -0.66 30.07 16.89
CA THR E 420 -0.69 28.66 17.25
C THR E 420 -1.98 28.31 17.98
N LEU E 421 -2.46 27.09 17.78
CA LEU E 421 -3.58 26.60 18.55
C LEU E 421 -3.12 26.21 19.96
N ASP E 422 -3.85 26.66 20.97
CA ASP E 422 -3.48 26.41 22.36
C ASP E 422 -3.97 25.03 22.77
N THR E 423 -3.07 24.23 23.34
CA THR E 423 -3.37 22.87 23.79
C THR E 423 -3.05 22.75 25.28
N ARG E 424 -4.02 23.14 26.11
CA ARG E 424 -3.91 22.98 27.55
C ARG E 424 -5.05 22.19 28.16
N GLY E 425 -6.22 22.19 27.54
CA GLY E 425 -7.37 21.47 28.05
C GLY E 425 -7.76 20.27 27.20
N ILE E 426 -6.78 19.66 26.54
CA ILE E 426 -6.99 18.49 25.70
C ILE E 426 -6.29 17.31 26.35
N SER E 427 -7.06 16.29 26.71
CA SER E 427 -6.49 15.05 27.22
C SER E 427 -5.95 14.21 26.06
N LYS E 428 -4.75 13.67 26.26
CA LYS E 428 -4.05 12.93 25.21
C LYS E 428 -3.53 11.62 25.77
N THR E 429 -3.30 10.65 24.89
CA THR E 429 -2.65 9.39 25.24
C THR E 429 -1.52 9.12 24.27
N THR E 430 -0.45 8.48 24.75
CA THR E 430 0.69 8.11 23.92
C THR E 430 0.54 6.67 23.45
N GLU E 431 -0.63 6.39 22.86
CA GLU E 431 -0.92 5.05 22.36
C GLU E 431 -0.07 4.72 21.14
N GLY E 432 0.18 5.70 20.28
CA GLY E 432 1.03 5.50 19.11
C GLY E 432 0.27 4.97 17.91
N LEU E 433 0.99 4.89 16.80
CA LEU E 433 0.43 4.43 15.53
C LEU E 433 1.47 3.70 14.70
N ARG E 441 1.70 13.81 16.13
CA ARG E 441 2.17 15.04 16.77
C ARG E 441 2.34 16.15 15.75
N SER E 442 1.26 16.48 15.05
CA SER E 442 1.25 17.52 14.03
C SER E 442 0.23 18.59 14.41
N LEU E 443 0.62 19.85 14.28
CA LEU E 443 -0.25 20.98 14.60
C LEU E 443 -0.15 22.03 13.51
N GLY E 444 -1.20 22.84 13.38
CA GLY E 444 -1.30 23.85 12.34
C GLY E 444 -1.13 25.24 12.91
N VAL E 445 -0.26 26.03 12.27
CA VAL E 445 0.00 27.41 12.65
C VAL E 445 -0.14 28.29 11.40
N ARG E 446 -0.75 29.45 11.58
CA ARG E 446 -1.03 30.36 10.47
C ARG E 446 -0.46 31.75 10.77
N ASP E 447 -0.04 32.44 9.72
CA ASP E 447 0.63 33.73 9.85
C ASP E 447 -0.39 34.85 9.95
N LEU E 448 -0.08 35.84 10.77
CA LEU E 448 -0.93 37.02 10.93
C LEU E 448 -0.18 38.20 10.32
N THR E 449 -0.25 38.32 9.00
CA THR E 449 0.39 39.40 8.27
C THR E 449 -0.66 40.10 7.44
N TYR E 450 -0.69 41.42 7.51
CA TYR E 450 -1.80 42.19 7.00
C TYR E 450 -1.32 43.51 6.40
N LYS E 451 -2.16 44.06 5.54
CA LYS E 451 -1.98 45.39 4.98
C LYS E 451 -3.27 46.17 5.15
N ILE E 452 -3.15 47.49 5.27
CA ILE E 452 -4.30 48.33 5.55
C ILE E 452 -5.02 48.66 4.24
N SER E 453 -6.33 48.43 4.22
CA SER E 453 -7.16 48.81 3.08
C SER E 453 -8.31 49.67 3.58
N PHE E 454 -9.15 50.11 2.65
CA PHE E 454 -10.27 50.98 2.95
C PHE E 454 -11.53 50.40 2.34
N LEU E 455 -12.64 50.50 3.05
CA LEU E 455 -13.95 50.12 2.55
C LEU E 455 -14.85 51.35 2.63
N ALA E 456 -15.10 51.98 1.49
CA ALA E 456 -15.78 53.26 1.43
C ALA E 456 -17.27 53.05 1.21
N CYS E 457 -18.08 53.64 2.09
CA CYS E 457 -19.52 53.61 1.90
C CYS E 457 -20.00 54.77 1.04
N HIS E 458 -19.26 55.88 1.07
CA HIS E 458 -19.62 57.08 0.33
C HIS E 458 -18.45 57.52 -0.54
N VAL E 459 -18.76 57.91 -1.78
CA VAL E 459 -17.77 58.42 -2.71
C VAL E 459 -18.27 59.75 -3.27
N ILE E 460 -17.46 60.79 -3.16
CA ILE E 460 -17.75 62.09 -3.76
C ILE E 460 -16.52 62.52 -4.56
N SER E 461 -16.75 63.04 -5.76
CA SER E 461 -15.67 63.39 -6.67
C SER E 461 -15.40 64.90 -6.60
N ILE E 462 -14.32 65.26 -5.92
CA ILE E 462 -13.84 66.64 -5.95
C ILE E 462 -13.32 66.95 -7.35
N GLY E 463 -13.40 68.23 -7.72
CA GLY E 463 -12.88 68.64 -9.01
C GLY E 463 -11.38 68.47 -9.10
N SER E 464 -10.92 67.98 -10.26
CA SER E 464 -9.48 67.84 -10.49
C SER E 464 -8.82 69.20 -10.58
N ASN E 465 -9.57 70.23 -10.96
CA ASN E 465 -9.11 71.60 -10.97
C ASN E 465 -8.95 72.12 -9.54
N ILE E 466 -8.27 73.26 -9.41
CA ILE E 466 -8.04 73.87 -8.10
C ILE E 466 -9.35 74.33 -7.49
N GLY E 467 -10.19 74.98 -8.28
CA GLY E 467 -11.48 75.46 -7.80
C GLY E 467 -12.56 74.40 -7.80
N GLU E 498 -24.48 64.79 -19.41
CA GLU E 498 -24.15 66.16 -19.06
C GLU E 498 -23.91 67.00 -20.32
N ARG E 499 -24.10 66.38 -21.48
CA ARG E 499 -23.92 67.08 -22.74
C ARG E 499 -25.10 68.01 -23.03
N ASP E 500 -26.31 67.57 -22.66
CA ASP E 500 -27.50 68.39 -22.88
C ASP E 500 -27.50 69.60 -21.97
N GLN E 501 -27.91 70.75 -22.52
CA GLN E 501 -27.90 71.98 -21.74
C GLN E 501 -29.02 72.00 -20.72
N GLU E 502 -30.12 71.28 -21.00
CA GLU E 502 -31.23 71.22 -20.05
C GLU E 502 -30.83 70.49 -18.78
N VAL E 503 -30.01 69.46 -18.91
CA VAL E 503 -29.46 68.78 -17.74
C VAL E 503 -28.55 69.69 -16.94
N PHE E 504 -27.66 70.44 -17.61
CA PHE E 504 -26.71 71.32 -16.97
C PHE E 504 -27.36 72.49 -16.25
N LEU E 505 -28.38 73.11 -16.85
CA LEU E 505 -29.01 74.28 -16.23
C LEU E 505 -29.81 73.89 -15.00
N ASN E 506 -30.29 72.64 -14.95
CA ASN E 506 -31.07 72.19 -13.78
C ASN E 506 -30.18 72.07 -12.56
N SER E 507 -28.89 71.76 -12.75
CA SER E 507 -27.99 71.66 -11.61
C SER E 507 -27.71 73.01 -10.99
N LEU E 508 -27.59 74.05 -11.81
CA LEU E 508 -27.36 75.40 -11.29
C LEU E 508 -28.63 75.94 -10.64
N SER E 509 -28.46 76.67 -9.56
CA SER E 509 -29.59 77.38 -8.97
C SER E 509 -29.93 78.62 -9.80
N SER E 510 -31.13 79.14 -9.57
CA SER E 510 -31.65 80.24 -10.40
C SER E 510 -30.78 81.48 -10.28
N ASP E 511 -30.23 81.73 -9.09
CA ASP E 511 -29.39 82.91 -8.90
C ASP E 511 -28.14 82.83 -9.76
N GLU E 512 -27.50 81.66 -9.82
CA GLU E 512 -26.29 81.51 -10.63
C GLU E 512 -26.61 81.50 -12.12
N ILE E 513 -27.78 80.98 -12.48
CA ILE E 513 -28.29 81.15 -13.83
C ILE E 513 -28.43 82.62 -14.18
N ASN E 514 -28.74 83.46 -13.19
CA ASN E 514 -28.85 84.90 -13.47
C ASN E 514 -27.51 85.51 -13.88
N GLU E 515 -26.39 85.20 -13.19
CA GLU E 515 -25.11 85.72 -13.68
C GLU E 515 -24.67 85.04 -14.97
N LEU E 516 -25.05 83.76 -15.18
CA LEU E 516 -24.71 83.10 -16.43
C LEU E 516 -25.36 83.80 -17.62
N LYS E 517 -26.67 84.07 -17.53
CA LYS E 517 -27.34 84.79 -18.59
C LYS E 517 -26.86 86.24 -18.69
N GLU E 518 -26.47 86.82 -17.55
CA GLU E 518 -25.93 88.18 -17.57
C GLU E 518 -24.62 88.24 -18.35
N MET E 519 -23.78 87.22 -18.22
CA MET E 519 -22.62 87.09 -19.09
C MET E 519 -23.04 86.84 -20.54
N VAL E 520 -24.17 86.16 -20.75
CA VAL E 520 -24.63 85.90 -22.10
C VAL E 520 -24.99 87.20 -22.83
N LYS E 521 -25.70 88.13 -22.16
CA LYS E 521 -26.13 89.33 -22.89
C LYS E 521 -24.97 90.28 -23.20
N ASP E 522 -23.81 90.07 -22.60
CA ASP E 522 -22.72 91.02 -22.76
C ASP E 522 -22.23 91.05 -24.21
N GLU E 523 -22.20 92.24 -24.80
CA GLU E 523 -21.81 92.38 -26.20
C GLU E 523 -20.30 92.26 -26.38
N HIS E 524 -19.54 92.55 -25.33
CA HIS E 524 -18.09 92.40 -25.34
C HIS E 524 -17.64 91.13 -24.63
N ILE E 525 -18.43 90.06 -24.72
CA ILE E 525 -18.12 88.83 -23.97
C ILE E 525 -16.84 88.19 -24.49
N TYR E 526 -16.59 88.28 -25.80
CA TYR E 526 -15.37 87.70 -26.37
C TYR E 526 -14.12 88.38 -25.83
N ASP E 527 -14.15 89.71 -25.72
CA ASP E 527 -13.01 90.45 -25.17
C ASP E 527 -12.77 90.11 -23.71
N LYS E 528 -13.85 89.92 -22.94
CA LYS E 528 -13.71 89.54 -21.54
C LYS E 528 -13.13 88.13 -21.42
N LEU E 529 -13.58 87.21 -22.28
CA LEU E 529 -13.07 85.84 -22.22
C LEU E 529 -11.59 85.79 -22.58
N VAL E 530 -11.17 86.48 -23.64
CA VAL E 530 -9.79 86.36 -24.09
C VAL E 530 -8.84 87.10 -23.15
N ARG E 531 -9.38 88.04 -22.36
CA ARG E 531 -8.55 88.70 -21.36
C ARG E 531 -8.57 87.93 -20.04
N SER E 532 -9.56 87.06 -19.84
CA SER E 532 -9.62 86.30 -18.60
C SER E 532 -8.76 85.03 -18.67
N ILE E 533 -8.30 84.68 -19.86
CA ILE E 533 -7.45 83.49 -20.01
C ILE E 533 -6.02 83.84 -19.61
N ALA E 534 -5.50 83.12 -18.62
CA ALA E 534 -4.13 83.26 -18.14
C ALA E 534 -3.76 84.71 -17.79
N PRO E 535 -4.29 85.26 -16.70
CA PRO E 535 -3.99 86.66 -16.37
C PRO E 535 -2.56 86.88 -15.93
N ALA E 536 -1.85 85.82 -15.54
CA ALA E 536 -0.44 85.96 -15.16
C ALA E 536 0.42 86.31 -16.36
N VAL E 537 0.02 85.86 -17.55
CA VAL E 537 0.76 86.19 -18.76
C VAL E 537 0.37 87.57 -19.25
N PHE E 538 1.37 88.40 -19.52
CA PHE E 538 1.21 89.75 -20.05
C PHE E 538 1.31 89.68 -21.56
N GLY E 539 0.30 90.22 -22.25
CA GLY E 539 0.29 90.17 -23.70
C GLY E 539 -0.13 88.81 -24.23
N HIS E 540 0.27 88.55 -25.48
CA HIS E 540 -0.01 87.29 -26.19
C HIS E 540 -1.51 87.00 -26.26
N GLU E 541 -2.24 87.91 -26.94
CA GLU E 541 -3.68 87.76 -27.03
C GLU E 541 -4.08 86.64 -27.98
N ALA E 542 -3.25 86.39 -29.01
CA ALA E 542 -3.56 85.34 -29.97
C ALA E 542 -3.48 83.95 -29.33
N VAL E 543 -2.48 83.74 -28.47
CA VAL E 543 -2.37 82.47 -27.78
C VAL E 543 -3.53 82.27 -26.81
N LYS E 544 -3.96 83.34 -26.13
CA LYS E 544 -5.10 83.25 -25.25
C LYS E 544 -6.39 82.95 -26.02
N LYS E 545 -6.53 83.54 -27.21
CA LYS E 545 -7.64 83.21 -28.09
C LYS E 545 -7.63 81.73 -28.47
N GLY E 546 -6.46 81.23 -28.87
CA GLY E 546 -6.35 79.82 -29.25
C GLY E 546 -6.62 78.88 -28.10
N ILE E 547 -6.17 79.24 -26.90
CA ILE E 547 -6.39 78.40 -25.73
C ILE E 547 -7.85 78.40 -25.34
N LEU E 548 -8.52 79.55 -25.42
CA LEU E 548 -9.96 79.61 -25.16
C LEU E 548 -10.74 78.76 -26.16
N LEU E 549 -10.36 78.83 -27.44
CA LEU E 549 -11.04 78.01 -28.45
C LEU E 549 -10.74 76.53 -28.26
N GLN E 550 -9.54 76.21 -27.77
CA GLN E 550 -9.20 74.82 -27.46
C GLN E 550 -10.04 74.30 -26.31
N MET E 551 -10.27 75.12 -25.29
CA MET E 551 -11.13 74.72 -24.18
C MET E 551 -12.57 74.59 -24.63
N LEU E 552 -12.99 75.40 -25.60
CA LEU E 552 -14.34 75.26 -26.14
C LEU E 552 -14.42 74.11 -27.14
N GLY E 553 -13.54 74.10 -28.14
CA GLY E 553 -13.50 73.01 -29.10
C GLY E 553 -14.58 73.09 -30.15
N GLY E 554 -14.58 72.07 -31.02
CA GLY E 554 -15.56 71.98 -32.08
C GLY E 554 -16.39 70.73 -31.93
N VAL E 555 -17.34 70.57 -32.86
CA VAL E 555 -18.24 69.43 -32.81
C VAL E 555 -17.60 68.24 -33.51
N HIS E 556 -17.95 67.03 -33.05
CA HIS E 556 -17.45 65.79 -33.64
C HIS E 556 -18.49 65.28 -34.64
N LYS E 557 -18.08 65.10 -35.89
CA LYS E 557 -18.98 64.73 -36.96
C LYS E 557 -18.55 63.41 -37.59
N SER E 558 -19.52 62.65 -38.07
CA SER E 558 -19.27 61.35 -38.70
C SER E 558 -20.07 61.26 -39.99
N THR E 559 -19.41 60.80 -41.06
CA THR E 559 -20.07 60.72 -42.35
C THR E 559 -20.83 59.41 -42.49
N VAL E 560 -21.42 59.20 -43.68
CA VAL E 560 -22.13 57.96 -43.95
C VAL E 560 -21.14 56.84 -44.25
N GLU E 561 -19.90 57.19 -44.59
CA GLU E 561 -18.86 56.19 -44.81
C GLU E 561 -18.45 55.53 -43.50
N GLY E 562 -18.49 56.29 -42.41
CA GLY E 562 -18.05 55.82 -41.11
C GLY E 562 -16.81 56.52 -40.59
N ILE E 563 -16.19 57.40 -41.38
CA ILE E 563 -15.01 58.12 -40.91
C ILE E 563 -15.46 59.24 -39.98
N LYS E 564 -14.61 59.55 -38.99
CA LYS E 564 -14.95 60.50 -37.95
C LYS E 564 -14.18 61.80 -38.18
N LEU E 565 -14.88 62.92 -38.06
CA LEU E 565 -14.23 64.23 -38.18
C LEU E 565 -13.95 64.79 -36.79
N ARG E 566 -12.69 65.13 -36.56
CA ARG E 566 -12.21 65.51 -35.24
C ARG E 566 -12.68 66.92 -34.90
N GLY E 567 -13.27 67.07 -33.71
CA GLY E 567 -13.65 68.41 -33.26
C GLY E 567 -12.64 69.02 -32.31
N ASP E 568 -11.68 68.22 -31.84
CA ASP E 568 -10.64 68.73 -30.94
C ASP E 568 -9.67 69.61 -31.71
N ILE E 569 -9.25 70.69 -31.06
CA ILE E 569 -8.31 71.66 -31.64
C ILE E 569 -6.97 71.51 -30.93
N ASN E 570 -5.92 71.27 -31.71
CA ASN E 570 -4.57 71.07 -31.17
C ASN E 570 -3.75 72.33 -31.40
N ILE E 571 -3.09 72.79 -30.35
CA ILE E 571 -2.30 74.02 -30.37
C ILE E 571 -0.85 73.67 -30.07
N CYS E 572 0.08 74.27 -30.82
CA CYS E 572 1.50 74.14 -30.53
C CYS E 572 2.12 75.52 -30.43
N VAL E 573 2.86 75.76 -29.35
CA VAL E 573 3.50 77.04 -29.09
C VAL E 573 5.01 76.86 -29.20
N VAL E 574 5.62 77.58 -30.12
CA VAL E 574 7.05 77.50 -30.41
C VAL E 574 7.61 78.91 -30.29
N GLY E 575 8.84 79.04 -29.80
CA GLY E 575 9.44 80.36 -29.84
C GLY E 575 10.72 80.43 -29.04
N ASP E 576 11.18 81.67 -28.86
CA ASP E 576 12.41 81.95 -28.14
C ASP E 576 12.26 81.56 -26.67
N PRO E 577 13.37 81.27 -25.98
CA PRO E 577 13.29 80.88 -24.57
C PRO E 577 12.71 81.97 -23.68
N SER E 578 12.03 81.53 -22.62
CA SER E 578 11.44 82.40 -21.60
C SER E 578 10.46 83.41 -22.19
N THR E 579 9.59 82.93 -23.06
CA THR E 579 8.50 83.73 -23.59
C THR E 579 7.14 83.29 -23.04
N SER E 580 7.12 82.75 -21.83
CA SER E 580 5.91 82.36 -21.09
C SER E 580 5.10 81.26 -21.78
N LYS E 581 5.74 80.38 -22.54
CA LYS E 581 5.00 79.27 -23.15
C LYS E 581 4.58 78.24 -22.11
N SER E 582 5.43 77.99 -21.11
CA SER E 582 5.08 77.03 -20.07
C SER E 582 4.01 77.59 -19.13
N GLN E 583 3.92 78.93 -19.04
CA GLN E 583 2.90 79.55 -18.20
C GLN E 583 1.51 79.24 -18.71
N PHE E 584 1.33 79.20 -20.03
CA PHE E 584 0.04 78.84 -20.62
C PHE E 584 -0.36 77.42 -20.24
N LEU E 585 0.58 76.48 -20.33
CA LEU E 585 0.29 75.09 -20.00
C LEU E 585 -0.01 74.92 -18.52
N LYS E 586 0.74 75.60 -17.66
CA LYS E 586 0.47 75.52 -16.23
C LYS E 586 -0.87 76.16 -15.87
N TYR E 587 -1.26 77.22 -16.58
CA TYR E 587 -2.57 77.79 -16.37
C TYR E 587 -3.67 76.82 -16.80
N VAL E 588 -3.48 76.15 -17.93
CA VAL E 588 -4.51 75.26 -18.46
C VAL E 588 -4.70 74.05 -17.56
N VAL E 589 -3.60 73.44 -17.10
CA VAL E 589 -3.73 72.24 -16.28
C VAL E 589 -4.33 72.58 -14.92
N GLY E 590 -4.02 73.76 -14.39
CA GLY E 590 -4.62 74.17 -13.12
C GLY E 590 -6.06 74.63 -13.27
N PHE E 591 -6.43 75.06 -14.47
CA PHE E 591 -7.76 75.64 -14.67
C PHE E 591 -8.73 74.63 -15.27
N ALA E 592 -8.40 74.04 -16.41
CA ALA E 592 -9.32 73.21 -17.16
C ALA E 592 -9.56 71.88 -16.44
N PRO E 593 -10.80 71.40 -16.43
CA PRO E 593 -11.06 70.07 -15.87
C PRO E 593 -10.61 68.97 -16.81
N ARG E 594 -10.27 67.82 -16.21
CA ARG E 594 -9.78 66.64 -16.92
C ARG E 594 -8.56 66.97 -17.79
N SER E 595 -7.60 67.66 -17.19
CA SER E 595 -6.39 68.08 -17.87
C SER E 595 -5.16 67.58 -17.12
N VAL E 596 -4.18 67.08 -17.87
CA VAL E 596 -2.93 66.60 -17.30
C VAL E 596 -1.79 67.39 -17.91
N TYR E 597 -0.72 67.54 -17.13
CA TYR E 597 0.50 68.23 -17.56
C TYR E 597 1.63 67.23 -17.58
N THR E 598 2.27 67.08 -18.73
CA THR E 598 3.39 66.16 -18.90
C THR E 598 4.57 66.90 -19.50
N SER E 599 5.76 66.40 -19.21
CA SER E 599 6.98 66.85 -19.85
C SER E 599 7.38 65.87 -20.94
N GLY E 600 8.06 66.38 -21.96
CA GLY E 600 8.46 65.53 -23.08
C GLY E 600 9.49 64.48 -22.69
N LYS E 601 10.47 64.87 -21.87
CA LYS E 601 11.50 63.92 -21.46
C LYS E 601 10.98 62.96 -20.40
N ALA E 602 10.14 63.44 -19.49
CA ALA E 602 9.71 62.61 -18.38
C ALA E 602 8.60 61.64 -18.79
N SER E 603 8.07 61.80 -20.00
CA SER E 603 6.99 60.93 -20.46
C SER E 603 7.55 59.66 -21.11
N SER E 604 6.66 58.69 -21.28
CA SER E 604 6.96 57.46 -21.98
C SER E 604 5.76 57.08 -22.83
N ALA E 605 5.98 56.19 -23.80
CA ALA E 605 4.91 55.79 -24.71
C ALA E 605 3.79 55.08 -23.96
N ALA E 606 4.14 54.23 -23.00
CA ALA E 606 3.11 53.59 -22.17
C ALA E 606 2.54 54.57 -21.16
N GLY E 607 3.35 55.53 -20.70
CA GLY E 607 2.86 56.50 -19.73
C GLY E 607 1.96 57.55 -20.34
N LEU E 608 2.06 57.74 -21.66
CA LEU E 608 1.22 58.72 -22.33
C LEU E 608 -0.12 58.16 -22.78
N THR E 609 -0.18 56.90 -23.19
CA THR E 609 -1.41 56.35 -23.77
C THR E 609 -2.07 55.36 -22.81
N ALA E 610 -1.39 54.25 -22.49
CA ALA E 610 -1.90 53.21 -21.61
C ALA E 610 -0.79 52.18 -21.43
N ALA E 611 -0.76 51.54 -20.26
CA ALA E 611 0.28 50.57 -19.97
C ALA E 611 -0.34 49.28 -19.45
N VAL E 612 0.20 48.15 -19.91
CA VAL E 612 -0.12 46.85 -19.35
C VAL E 612 0.87 46.58 -18.22
N VAL E 613 0.33 46.29 -17.03
CA VAL E 613 1.11 46.25 -15.80
C VAL E 613 0.98 44.88 -15.16
N ARG E 614 2.13 44.33 -14.77
CA ARG E 614 2.25 43.14 -13.94
C ARG E 614 2.09 43.56 -12.48
N ASP E 615 1.25 42.84 -11.74
CA ASP E 615 0.95 43.21 -10.35
C ASP E 615 1.36 42.07 -9.41
N GLU E 616 2.30 42.37 -8.52
CA GLU E 616 2.74 41.46 -7.45
C GLU E 616 3.25 40.13 -7.98
N GLU E 617 3.79 40.15 -9.20
CA GLU E 617 4.26 38.95 -9.91
C GLU E 617 3.15 37.89 -10.00
N GLY E 618 1.92 38.35 -10.15
CA GLY E 618 0.77 37.47 -10.24
C GLY E 618 0.31 37.35 -11.68
N GLY E 619 -0.36 36.22 -11.97
CA GLY E 619 -0.67 35.88 -13.36
C GLY E 619 -1.62 36.86 -14.04
N ASP E 620 -2.35 37.65 -13.27
CA ASP E 620 -3.22 38.66 -13.85
C ASP E 620 -2.40 39.82 -14.39
N TYR E 621 -2.90 40.43 -15.47
CA TYR E 621 -2.35 41.67 -16.01
C TYR E 621 -3.43 42.75 -15.92
N THR E 622 -2.99 44.00 -15.82
CA THR E 622 -3.96 45.09 -15.75
C THR E 622 -3.58 46.19 -16.73
N ILE E 623 -4.51 47.12 -16.94
CA ILE E 623 -4.28 48.29 -17.77
C ILE E 623 -4.39 49.51 -16.88
N GLU E 624 -3.38 50.38 -16.93
CA GLU E 624 -3.49 51.68 -16.29
C GLU E 624 -3.52 52.73 -17.41
N ALA E 625 -4.41 53.71 -17.25
CA ALA E 625 -4.60 54.72 -18.29
C ALA E 625 -3.43 55.70 -18.31
N GLY E 626 -2.94 56.00 -19.50
CA GLY E 626 -1.89 56.98 -19.67
C GLY E 626 -2.43 58.39 -19.64
N ALA E 627 -1.55 59.34 -19.97
CA ALA E 627 -1.88 60.75 -19.85
C ALA E 627 -3.01 61.17 -20.78
N LEU E 628 -3.03 60.65 -22.00
CA LEU E 628 -4.07 61.04 -22.95
C LEU E 628 -5.43 60.45 -22.59
N MET E 629 -5.45 59.31 -21.90
CA MET E 629 -6.72 58.77 -21.44
C MET E 629 -7.24 59.54 -20.23
N LEU E 630 -6.34 59.97 -19.34
CA LEU E 630 -6.74 60.79 -18.20
C LEU E 630 -7.23 62.17 -18.64
N ALA E 631 -6.84 62.62 -19.82
CA ALA E 631 -7.29 63.88 -20.38
C ALA E 631 -8.30 63.71 -21.50
N ASP E 632 -9.03 62.59 -21.50
CA ASP E 632 -10.02 62.35 -22.54
C ASP E 632 -11.17 63.33 -22.39
N ASN E 633 -11.60 63.91 -23.51
CA ASN E 633 -12.52 65.07 -23.55
C ASN E 633 -11.97 66.20 -22.68
N GLY E 634 -10.66 66.40 -22.77
CA GLY E 634 -9.95 67.45 -22.07
C GLY E 634 -8.73 67.87 -22.84
N ILE E 635 -7.74 68.46 -22.16
CA ILE E 635 -6.52 68.92 -22.80
C ILE E 635 -5.33 68.22 -22.15
N CYS E 636 -4.49 67.63 -22.98
CA CYS E 636 -3.20 67.10 -22.56
C CYS E 636 -2.14 68.14 -22.86
N CYS E 637 -1.46 68.62 -21.83
CA CYS E 637 -0.45 69.66 -21.95
C CYS E 637 0.92 69.00 -21.96
N ILE E 638 1.59 69.04 -23.11
CA ILE E 638 2.89 68.42 -23.26
C ILE E 638 3.96 69.50 -23.41
N ASP E 639 4.69 69.74 -22.33
CA ASP E 639 5.79 70.70 -22.37
C ASP E 639 7.06 70.01 -22.86
N GLU E 640 7.91 70.79 -23.53
CA GLU E 640 9.16 70.33 -24.14
C GLU E 640 8.89 69.17 -25.11
N PHE E 641 8.07 69.45 -26.12
CA PHE E 641 7.69 68.43 -27.09
C PHE E 641 8.87 67.99 -27.95
N ASP E 642 9.84 68.88 -28.16
CA ASP E 642 11.01 68.55 -28.97
C ASP E 642 11.90 67.54 -28.27
N LYS E 643 11.89 67.52 -26.94
CA LYS E 643 12.74 66.61 -26.19
C LYS E 643 12.20 65.19 -26.16
N MET E 644 10.96 64.99 -26.59
CA MET E 644 10.39 63.65 -26.65
C MET E 644 11.02 62.84 -27.78
N ASP E 645 11.42 61.61 -27.48
CA ASP E 645 12.09 60.78 -28.48
C ASP E 645 11.09 60.29 -29.53
N ILE E 646 11.63 59.72 -30.61
CA ILE E 646 10.85 59.49 -31.82
C ILE E 646 9.82 58.38 -31.61
N SER E 647 10.11 57.41 -30.75
CA SER E 647 9.19 56.30 -30.53
C SER E 647 7.92 56.78 -29.83
N ASP E 648 8.07 57.63 -28.82
CA ASP E 648 6.91 58.19 -28.14
C ASP E 648 6.11 59.10 -29.05
N GLN E 649 6.80 59.82 -29.95
CA GLN E 649 6.10 60.66 -30.92
C GLN E 649 5.26 59.81 -31.87
N VAL E 650 5.79 58.67 -32.31
CA VAL E 650 5.01 57.76 -33.15
C VAL E 650 3.81 57.22 -32.37
N ALA E 651 4.05 56.78 -31.13
CA ALA E 651 2.98 56.20 -30.33
C ALA E 651 1.91 57.22 -30.00
N ILE E 652 2.25 58.51 -29.99
CA ILE E 652 1.23 59.50 -29.66
C ILE E 652 0.53 59.99 -30.92
N HIS E 653 1.21 60.02 -32.08
CA HIS E 653 0.46 60.46 -33.25
C HIS E 653 -0.49 59.37 -33.73
N GLU E 654 -0.20 58.11 -33.40
CA GLU E 654 -1.19 57.06 -33.67
C GLU E 654 -2.53 57.40 -33.00
N ALA E 655 -2.48 57.92 -31.78
CA ALA E 655 -3.69 58.41 -31.13
C ALA E 655 -4.16 59.73 -31.73
N MET E 656 -3.25 60.51 -32.33
CA MET E 656 -3.66 61.78 -32.91
C MET E 656 -4.53 61.60 -34.16
N GLU E 657 -4.13 60.70 -35.09
CA GLU E 657 -5.07 60.36 -36.15
C GLU E 657 -6.23 59.54 -35.65
N GLN E 658 -5.96 58.40 -34.99
CA GLN E 658 -7.02 57.41 -34.85
C GLN E 658 -8.01 57.75 -33.75
N GLN E 659 -7.67 58.72 -32.88
CA GLN E 659 -8.42 59.12 -31.69
C GLN E 659 -8.60 57.95 -30.73
N THR E 660 -7.82 56.88 -30.88
CA THR E 660 -7.93 55.67 -30.09
C THR E 660 -6.54 55.13 -29.82
N ILE E 661 -6.46 54.25 -28.82
CA ILE E 661 -5.23 53.59 -28.42
C ILE E 661 -5.45 52.09 -28.53
N SER E 662 -4.56 51.42 -29.25
CA SER E 662 -4.63 49.98 -29.45
C SER E 662 -3.64 49.30 -28.52
N ILE E 663 -4.11 48.26 -27.83
CA ILE E 663 -3.28 47.45 -26.96
C ILE E 663 -3.34 46.00 -27.45
N ALA E 664 -2.18 45.46 -27.81
CA ALA E 664 -2.05 44.06 -28.19
C ALA E 664 -0.93 43.38 -27.42
N LYS E 665 -0.37 44.03 -26.41
CA LYS E 665 0.73 43.44 -25.66
C LYS E 665 0.22 42.30 -24.79
N ALA E 666 0.97 41.20 -24.81
CA ALA E 666 0.73 39.99 -24.02
C ALA E 666 -0.67 39.46 -24.34
N GLY E 667 -1.46 39.06 -23.36
CA GLY E 667 -2.79 38.52 -23.58
C GLY E 667 -3.91 39.53 -23.58
N ILE E 668 -3.60 40.82 -23.59
CA ILE E 668 -4.61 41.88 -23.52
C ILE E 668 -4.74 42.52 -24.90
N HIS E 669 -5.96 42.46 -25.46
CA HIS E 669 -6.29 43.11 -26.73
C HIS E 669 -7.46 44.06 -26.45
N ALA E 670 -7.20 45.36 -26.61
CA ALA E 670 -8.22 46.35 -26.26
C ALA E 670 -8.05 47.60 -27.11
N THR E 671 -9.18 48.26 -27.35
CA THR E 671 -9.22 49.56 -28.00
C THR E 671 -9.77 50.57 -27.00
N LEU E 672 -9.04 51.64 -26.76
CA LEU E 672 -9.38 52.63 -25.74
C LEU E 672 -9.56 53.98 -26.40
N ASN E 673 -10.40 54.82 -25.79
CA ASN E 673 -10.68 56.14 -26.34
C ASN E 673 -9.57 57.12 -25.98
N ALA E 674 -9.21 57.97 -26.94
CA ALA E 674 -8.19 58.99 -26.75
C ALA E 674 -8.66 60.29 -27.39
N ARG E 675 -9.93 60.63 -27.16
CA ARG E 675 -10.52 61.85 -27.71
C ARG E 675 -10.09 63.03 -26.85
N THR E 676 -8.84 63.44 -27.06
CA THR E 676 -8.22 64.49 -26.26
C THR E 676 -7.62 65.54 -27.16
N SER E 677 -7.68 66.79 -26.72
CA SER E 677 -6.96 67.87 -27.38
C SER E 677 -5.53 67.92 -26.85
N ILE E 678 -4.64 68.48 -27.66
CA ILE E 678 -3.22 68.52 -27.32
C ILE E 678 -2.77 69.97 -27.34
N LEU E 679 -2.24 70.44 -26.22
CA LEU E 679 -1.56 71.73 -26.11
C LEU E 679 -0.09 71.45 -25.86
N ALA E 680 0.74 71.72 -26.86
CA ALA E 680 2.15 71.36 -26.81
C ALA E 680 3.00 72.62 -26.80
N ALA E 681 4.10 72.57 -26.06
CA ALA E 681 5.10 73.63 -26.08
C ALA E 681 6.41 73.03 -26.58
N ALA E 682 7.02 73.69 -27.56
CA ALA E 682 8.22 73.18 -28.20
C ALA E 682 9.29 74.25 -28.24
N ASN E 683 10.54 73.81 -28.29
CA ASN E 683 11.68 74.68 -28.47
C ASN E 683 12.33 74.42 -29.81
N PRO E 684 12.77 75.44 -30.53
CA PRO E 684 13.39 75.22 -31.83
C PRO E 684 14.79 74.63 -31.70
N VAL E 685 15.30 74.15 -32.83
CA VAL E 685 16.66 73.60 -32.85
C VAL E 685 17.66 74.73 -32.61
N GLY E 686 18.56 74.50 -31.66
CA GLY E 686 19.53 75.51 -31.28
C GLY E 686 19.07 76.50 -30.25
N GLY E 687 17.86 76.33 -29.71
CA GLY E 687 17.36 77.23 -28.69
C GLY E 687 16.55 78.39 -29.23
N ARG E 688 17.20 79.25 -30.00
CA ARG E 688 16.53 80.40 -30.58
C ARG E 688 15.75 79.98 -31.83
N TYR E 689 14.66 80.70 -32.08
CA TYR E 689 13.90 80.49 -33.31
C TYR E 689 14.59 81.21 -34.46
N ASN E 690 14.89 80.48 -35.52
CA ASN E 690 15.59 81.02 -36.68
C ASN E 690 14.57 81.64 -37.62
N ARG E 691 14.73 82.94 -37.90
CA ARG E 691 13.83 83.62 -38.82
C ARG E 691 14.05 83.15 -40.25
N LYS E 692 15.29 82.76 -40.58
CA LYS E 692 15.62 82.42 -41.95
C LYS E 692 14.97 81.10 -42.38
N LEU E 693 14.85 80.16 -41.45
CA LEU E 693 14.31 78.85 -41.78
C LEU E 693 12.79 78.85 -41.72
N SER E 694 12.21 77.76 -42.23
CA SER E 694 10.77 77.57 -42.16
C SER E 694 10.39 76.98 -40.80
N LEU E 695 9.09 76.70 -40.66
CA LEU E 695 8.61 76.09 -39.42
C LEU E 695 9.11 74.66 -39.28
N ARG E 696 9.20 73.93 -40.40
CA ARG E 696 9.67 72.55 -40.34
C ARG E 696 11.17 72.48 -40.05
N GLY E 697 11.93 73.51 -40.45
CA GLY E 697 13.34 73.53 -40.16
C GLY E 697 13.64 73.69 -38.68
N ASN E 698 12.82 74.48 -37.98
CA ASN E 698 13.05 74.76 -36.57
C ASN E 698 12.64 73.58 -35.69
N LEU E 699 11.66 72.79 -36.13
CA LEU E 699 11.08 71.78 -35.26
C LEU E 699 11.59 70.39 -35.57
N ASN E 700 11.91 69.63 -34.52
CA ASN E 700 12.33 68.24 -34.64
C ASN E 700 11.18 67.26 -34.68
N MET E 701 9.94 67.73 -34.52
CA MET E 701 8.79 66.86 -34.56
C MET E 701 8.53 66.36 -35.98
N THR E 702 7.89 65.19 -36.06
CA THR E 702 7.61 64.57 -37.35
C THR E 702 6.50 65.32 -38.09
N ALA E 703 6.44 65.11 -39.40
CA ALA E 703 5.34 65.65 -40.18
C ALA E 703 3.97 65.14 -39.74
N PRO E 704 3.77 63.87 -39.37
CA PRO E 704 2.49 63.51 -38.73
C PRO E 704 2.16 64.29 -37.46
N ILE E 705 3.17 64.65 -36.66
CA ILE E 705 2.91 65.57 -35.55
C ILE E 705 2.47 66.94 -36.06
N MET E 706 3.20 67.48 -37.05
CA MET E 706 3.05 68.88 -37.41
C MET E 706 1.76 69.13 -38.18
N SER E 707 1.29 68.14 -38.95
CA SER E 707 0.12 68.37 -39.78
C SER E 707 -1.16 68.41 -38.96
N ARG E 708 -1.18 67.73 -37.80
CA ARG E 708 -2.43 67.63 -37.06
C ARG E 708 -2.62 68.78 -36.08
N PHE E 709 -1.60 69.62 -35.91
CA PHE E 709 -1.78 70.82 -35.10
C PHE E 709 -2.55 71.86 -35.90
N ASP E 710 -3.65 72.34 -35.31
CA ASP E 710 -4.48 73.33 -35.98
C ASP E 710 -3.79 74.68 -36.01
N LEU E 711 -3.16 75.08 -34.90
CA LEU E 711 -2.52 76.38 -34.80
C LEU E 711 -1.10 76.21 -34.30
N PHE E 712 -0.18 76.92 -34.96
CA PHE E 712 1.20 77.08 -34.51
C PHE E 712 1.42 78.53 -34.14
N PHE E 713 1.69 78.78 -32.87
CA PHE E 713 1.94 80.14 -32.38
C PHE E 713 3.44 80.31 -32.14
N VAL E 714 4.08 81.11 -32.99
CA VAL E 714 5.50 81.42 -32.87
C VAL E 714 5.63 82.74 -32.12
N ILE E 715 6.19 82.67 -30.91
CA ILE E 715 6.37 83.83 -30.05
C ILE E 715 7.84 84.22 -30.10
N LEU E 716 8.12 85.41 -30.61
CA LEU E 716 9.48 85.87 -30.80
C LEU E 716 9.83 86.91 -29.76
N ASP E 717 11.09 86.87 -29.31
CA ASP E 717 11.60 87.81 -28.33
C ASP E 717 12.32 88.94 -29.04
N ASP E 718 11.77 90.15 -28.94
CA ASP E 718 12.39 91.34 -29.50
C ASP E 718 12.60 92.36 -28.38
N CYS E 719 13.81 92.93 -28.32
CA CYS E 719 14.18 93.85 -27.26
C CYS E 719 13.76 95.27 -27.66
N ASN E 720 12.63 95.72 -27.11
CA ASN E 720 12.19 97.10 -27.21
C ASN E 720 12.11 97.67 -25.80
N GLU E 721 12.44 98.96 -25.65
CA GLU E 721 12.50 99.55 -24.31
C GLU E 721 11.14 99.59 -23.66
N LYS E 722 10.10 99.98 -24.40
CA LYS E 722 8.78 100.16 -23.80
C LYS E 722 8.19 98.83 -23.36
N ILE E 723 8.06 97.88 -24.29
CA ILE E 723 7.39 96.61 -24.00
C ILE E 723 8.13 95.86 -22.89
N ASP E 724 9.46 95.93 -22.88
CA ASP E 724 10.23 95.40 -21.77
C ASP E 724 9.93 96.14 -20.47
N THR E 725 9.68 97.46 -20.54
CA THR E 725 9.43 98.22 -19.32
C THR E 725 8.11 97.81 -18.68
N GLU E 726 7.01 97.79 -19.45
CA GLU E 726 5.75 97.33 -18.85
C GLU E 726 5.77 95.86 -18.51
N LEU E 727 6.51 95.03 -19.25
CA LEU E 727 6.60 93.62 -18.89
C LEU E 727 7.32 93.43 -17.57
N ALA E 728 8.44 94.12 -17.37
CA ALA E 728 9.18 94.04 -16.12
C ALA E 728 8.35 94.60 -14.98
N SER E 729 7.63 95.70 -15.21
CA SER E 729 6.77 96.26 -14.18
C SER E 729 5.68 95.29 -13.79
N HIS E 730 5.08 94.61 -14.78
CA HIS E 730 4.04 93.62 -14.48
C HIS E 730 4.58 92.45 -13.68
N ILE E 731 5.77 91.96 -14.03
CA ILE E 731 6.31 90.78 -13.35
C ILE E 731 6.73 91.12 -11.93
N VAL E 732 7.40 92.25 -11.73
CA VAL E 732 7.78 92.65 -10.38
C VAL E 732 6.53 92.97 -9.56
N ASP E 733 5.49 93.52 -10.19
CA ASP E 733 4.23 93.76 -9.48
C ASP E 733 3.57 92.46 -9.06
N LEU E 734 3.65 91.42 -9.91
CA LEU E 734 3.20 90.09 -9.49
C LEU E 734 3.95 89.62 -8.25
N HIS E 735 5.28 89.72 -8.28
CA HIS E 735 6.08 89.25 -7.15
C HIS E 735 5.81 90.05 -5.88
N MET E 736 5.48 91.33 -6.02
CA MET E 736 5.18 92.16 -4.86
C MET E 736 3.78 91.90 -4.31
N LYS E 737 2.79 91.68 -5.19
CA LYS E 737 1.40 91.81 -4.79
C LYS E 737 0.62 90.50 -4.78
N ARG E 738 1.20 89.40 -5.27
CA ARG E 738 0.63 88.05 -5.15
C ARG E 738 -0.70 88.01 -5.90
N ASP E 739 -1.83 87.76 -5.24
CA ASP E 739 -3.08 87.55 -5.96
C ASP E 739 -3.67 88.84 -6.51
N GLU E 740 -3.51 89.97 -5.80
CA GLU E 740 -4.24 91.16 -6.21
C GLU E 740 -3.53 91.90 -7.33
N ALA E 741 -2.37 91.41 -7.77
CA ALA E 741 -1.80 91.84 -9.04
C ALA E 741 -2.43 91.12 -10.23
N ILE E 742 -3.34 90.19 -9.97
CA ILE E 742 -4.11 89.50 -11.00
C ILE E 742 -5.53 90.03 -10.97
N GLU E 743 -5.97 90.65 -12.08
CA GLU E 743 -7.29 91.26 -12.18
C GLU E 743 -8.00 90.83 -13.46
N PRO E 744 -8.50 89.59 -13.51
CA PRO E 744 -9.22 89.14 -14.69
C PRO E 744 -10.61 89.72 -14.72
N PRO E 745 -11.21 89.91 -15.89
CA PRO E 745 -12.63 90.30 -15.95
C PRO E 745 -13.56 89.28 -15.32
N PHE E 746 -13.26 87.99 -15.46
CA PHE E 746 -14.05 86.93 -14.88
C PHE E 746 -13.19 86.12 -13.92
N SER E 747 -13.79 85.68 -12.81
CA SER E 747 -13.11 84.76 -11.93
C SER E 747 -13.04 83.37 -12.56
N ALA E 748 -12.22 82.50 -11.97
CA ALA E 748 -12.00 81.17 -12.54
C ALA E 748 -13.27 80.33 -12.47
N GLU E 749 -14.04 80.46 -11.38
CA GLU E 749 -15.26 79.68 -11.21
C GLU E 749 -16.31 80.04 -12.25
N GLN E 750 -16.57 81.34 -12.43
CA GLN E 750 -17.56 81.73 -13.42
C GLN E 750 -17.07 81.49 -14.85
N LEU E 751 -15.76 81.53 -15.07
CA LEU E 751 -15.23 81.20 -16.40
C LEU E 751 -15.42 79.72 -16.71
N ARG E 752 -15.17 78.85 -15.73
CA ARG E 752 -15.45 77.42 -15.93
C ARG E 752 -16.93 77.18 -16.13
N ARG E 753 -17.78 77.90 -15.40
CA ARG E 753 -19.23 77.77 -15.57
C ARG E 753 -19.65 78.18 -16.97
N TYR E 754 -19.09 79.29 -17.49
CA TYR E 754 -19.45 79.74 -18.83
C TYR E 754 -18.94 78.78 -19.90
N ILE E 755 -17.74 78.23 -19.71
CA ILE E 755 -17.22 77.27 -20.68
C ILE E 755 -18.04 75.99 -20.68
N LYS E 756 -18.44 75.52 -19.49
CA LYS E 756 -19.27 74.33 -19.39
C LYS E 756 -20.65 74.57 -20.00
N TYR E 757 -21.17 75.78 -19.85
CA TYR E 757 -22.42 76.13 -20.53
C TYR E 757 -22.26 76.17 -22.04
N ALA E 758 -21.13 76.73 -22.51
CA ALA E 758 -20.96 76.95 -23.94
C ALA E 758 -20.66 75.66 -24.68
N ARG E 759 -20.09 74.67 -23.98
CA ARG E 759 -19.77 73.40 -24.64
C ARG E 759 -21.03 72.61 -25.01
N THR E 760 -22.17 72.97 -24.42
CA THR E 760 -23.40 72.26 -24.73
C THR E 760 -23.94 72.63 -26.12
N PHE E 761 -23.63 73.83 -26.60
CA PHE E 761 -24.10 74.27 -27.90
C PHE E 761 -23.38 73.53 -29.02
N LYS E 762 -24.11 73.21 -30.08
CA LYS E 762 -23.54 72.59 -31.26
C LYS E 762 -23.79 73.48 -32.47
N PRO E 763 -22.85 74.35 -32.84
CA PRO E 763 -23.09 75.27 -33.96
C PRO E 763 -23.19 74.54 -35.30
N ILE E 764 -23.98 75.13 -36.20
CA ILE E 764 -24.13 74.62 -37.56
C ILE E 764 -23.84 75.75 -38.52
N LEU E 765 -23.29 75.41 -39.68
CA LEU E 765 -22.99 76.42 -40.70
C LEU E 765 -24.26 76.86 -41.42
N THR E 766 -24.29 78.11 -41.84
CA THR E 766 -25.39 78.68 -42.60
C THR E 766 -25.03 78.75 -44.08
N LYS E 767 -25.99 79.21 -44.88
CA LYS E 767 -25.80 79.27 -46.33
C LYS E 767 -24.73 80.28 -46.72
N GLU E 768 -24.75 81.47 -46.10
CA GLU E 768 -23.74 82.48 -46.39
C GLU E 768 -22.39 82.08 -45.81
N ALA E 769 -22.41 81.35 -44.70
CA ALA E 769 -21.18 80.95 -44.02
C ALA E 769 -20.33 80.04 -44.90
N ARG E 770 -20.97 79.10 -45.61
CA ARG E 770 -20.23 78.19 -46.48
C ARG E 770 -19.53 78.93 -47.61
N SER E 771 -20.22 79.87 -48.24
CA SER E 771 -19.63 80.64 -49.33
C SER E 771 -18.48 81.52 -48.84
N TYR E 772 -18.68 82.17 -47.69
CA TYR E 772 -17.61 83.00 -47.13
C TYR E 772 -16.40 82.17 -46.74
N LEU E 773 -16.65 80.96 -46.22
CA LEU E 773 -15.59 80.04 -45.85
C LEU E 773 -14.79 79.58 -47.05
N VAL E 774 -15.47 79.26 -48.16
CA VAL E 774 -14.79 78.87 -49.38
C VAL E 774 -13.95 80.01 -49.92
N GLU E 775 -14.49 81.23 -49.92
CA GLU E 775 -13.73 82.38 -50.41
C GLU E 775 -12.52 82.65 -49.53
N LYS E 776 -12.65 82.48 -48.21
CA LYS E 776 -11.52 82.68 -47.32
C LYS E 776 -10.43 81.65 -47.55
N TYR E 777 -10.82 80.39 -47.81
CA TYR E 777 -9.83 79.36 -48.13
C TYR E 777 -9.11 79.68 -49.45
N LYS E 778 -9.86 80.17 -50.44
CA LYS E 778 -9.23 80.57 -51.70
C LYS E 778 -8.25 81.72 -51.50
N GLU E 779 -8.60 82.67 -50.64
CA GLU E 779 -7.68 83.77 -50.34
C GLU E 779 -6.42 83.26 -49.64
N LEU E 780 -6.56 82.31 -48.71
CA LEU E 780 -5.39 81.71 -48.07
C LEU E 780 -4.48 81.04 -49.09
N ARG E 781 -5.06 80.26 -49.99
CA ARG E 781 -4.27 79.56 -51.00
C ARG E 781 -3.57 80.55 -51.94
N LYS E 782 -4.27 81.61 -52.34
CA LYS E 782 -3.67 82.60 -53.23
C LYS E 782 -2.56 83.38 -52.51
N ASP E 783 -2.73 83.65 -51.22
CA ASP E 783 -1.68 84.31 -50.45
C ASP E 783 -0.43 83.46 -50.37
N ASP E 784 -0.58 82.14 -50.14
CA ASP E 784 0.61 81.28 -50.15
C ASP E 784 1.22 81.18 -51.54
N ALA E 785 0.39 81.17 -52.59
CA ALA E 785 0.90 81.10 -53.95
C ALA E 785 1.72 82.33 -54.28
N GLN E 786 1.28 83.51 -53.83
CA GLN E 786 2.06 84.72 -54.05
C GLN E 786 3.29 84.78 -53.15
N GLY E 787 3.19 84.23 -51.93
CA GLY E 787 4.30 84.32 -50.99
C GLY E 787 5.46 83.42 -51.35
N PHE E 788 5.16 82.20 -51.84
CA PHE E 788 6.16 81.16 -52.14
C PHE E 788 6.90 80.82 -50.85
N SER E 789 8.22 80.99 -50.79
CA SER E 789 8.98 80.51 -49.64
C SER E 789 8.91 81.47 -48.46
N ARG E 790 8.29 82.64 -48.64
CA ARG E 790 8.17 83.58 -47.53
C ARG E 790 7.19 83.10 -46.47
N SER E 791 6.32 82.16 -46.83
CA SER E 791 5.38 81.61 -45.87
C SER E 791 6.06 80.61 -44.95
N SER E 792 5.62 80.58 -43.68
CA SER E 792 6.15 79.61 -42.73
C SER E 792 5.74 78.19 -43.09
N TYR E 793 4.47 78.00 -43.45
CA TYR E 793 3.99 76.71 -43.93
C TYR E 793 2.79 76.91 -44.84
N ARG E 794 2.63 76.00 -45.79
CA ARG E 794 1.62 76.14 -46.82
C ARG E 794 0.26 75.67 -46.33
N ILE E 795 -0.78 76.38 -46.78
CA ILE E 795 -2.17 76.00 -46.49
C ILE E 795 -2.56 74.82 -47.35
N THR E 796 -3.10 73.78 -46.70
CA THR E 796 -3.69 72.63 -47.38
C THR E 796 -5.17 72.56 -47.00
N VAL E 797 -5.83 71.45 -47.36
CA VAL E 797 -7.22 71.24 -46.96
C VAL E 797 -7.36 71.12 -45.45
N ARG E 798 -6.32 70.59 -44.78
CA ARG E 798 -6.38 70.43 -43.33
C ARG E 798 -6.49 71.77 -42.62
N GLN E 799 -5.90 72.83 -43.21
CA GLN E 799 -6.06 74.15 -42.63
C GLN E 799 -7.46 74.70 -42.86
N LEU E 800 -8.11 74.30 -43.96
CA LEU E 800 -9.52 74.64 -44.13
C LEU E 800 -10.40 73.95 -43.08
N GLU E 801 -10.11 72.68 -42.80
CA GLU E 801 -10.84 71.97 -41.76
C GLU E 801 -10.59 72.58 -40.38
N SER E 802 -9.36 73.01 -40.12
CA SER E 802 -9.05 73.67 -38.86
C SER E 802 -9.76 75.02 -38.76
N MET E 803 -9.90 75.71 -39.90
CA MET E 803 -10.65 76.98 -39.90
C MET E 803 -12.13 76.75 -39.62
N ILE E 804 -12.69 75.67 -40.17
CA ILE E 804 -14.07 75.28 -39.83
C ILE E 804 -14.20 75.00 -38.34
N ARG E 805 -13.26 74.24 -37.79
CA ARG E 805 -13.28 73.90 -36.36
C ARG E 805 -13.16 75.14 -35.49
N LEU E 806 -12.29 76.07 -35.87
CA LEU E 806 -12.12 77.30 -35.11
C LEU E 806 -13.34 78.19 -35.19
N SER E 807 -14.01 78.21 -36.35
CA SER E 807 -15.25 78.96 -36.47
C SER E 807 -16.35 78.37 -35.59
N GLU E 808 -16.41 77.04 -35.51
CA GLU E 808 -17.36 76.40 -34.60
C GLU E 808 -17.03 76.73 -33.15
N ALA E 809 -15.75 76.76 -32.79
CA ALA E 809 -15.37 77.14 -31.43
C ALA E 809 -15.73 78.58 -31.11
N ILE E 810 -15.54 79.49 -32.08
CA ILE E 810 -15.88 80.89 -31.89
C ILE E 810 -17.39 81.05 -31.74
N ALA E 811 -18.17 80.29 -32.52
CA ALA E 811 -19.61 80.30 -32.37
C ALA E 811 -20.04 79.74 -31.02
N ARG E 812 -19.28 78.79 -30.48
CA ARG E 812 -19.53 78.31 -29.13
C ARG E 812 -19.22 79.39 -28.09
N ALA E 813 -18.21 80.22 -28.37
CA ALA E 813 -17.83 81.27 -27.42
C ALA E 813 -18.94 82.29 -27.23
N ASN E 814 -19.68 82.59 -28.30
CA ASN E 814 -20.77 83.56 -28.25
C ASN E 814 -22.12 82.89 -27.97
N CYS E 815 -22.13 81.59 -27.74
CA CYS E 815 -23.33 80.82 -27.38
C CYS E 815 -24.44 80.94 -28.42
N VAL E 816 -24.08 80.73 -29.69
CA VAL E 816 -25.03 80.76 -30.79
C VAL E 816 -25.05 79.39 -31.45
N ASP E 817 -26.21 79.03 -32.02
CA ASP E 817 -26.34 77.71 -32.63
C ASP E 817 -26.02 77.74 -34.11
N GLU E 818 -25.81 78.93 -34.67
CA GLU E 818 -25.52 79.10 -36.09
C GLU E 818 -24.28 79.95 -36.26
N ILE E 819 -23.42 79.54 -37.20
CA ILE E 819 -22.15 80.24 -37.41
C ILE E 819 -22.35 81.44 -38.33
N THR E 820 -21.89 82.59 -37.87
CA THR E 820 -21.96 83.86 -38.58
C THR E 820 -20.73 83.98 -39.47
N PRO E 821 -20.87 84.60 -40.65
CA PRO E 821 -19.67 84.88 -41.46
C PRO E 821 -18.63 85.74 -40.76
N SER E 822 -19.05 86.57 -39.80
CA SER E 822 -18.08 87.33 -39.01
C SER E 822 -17.24 86.42 -38.13
N PHE E 823 -17.85 85.35 -37.60
CA PHE E 823 -17.10 84.40 -36.79
C PHE E 823 -16.09 83.64 -37.64
N ILE E 824 -16.48 83.30 -38.87
CA ILE E 824 -15.55 82.68 -39.81
C ILE E 824 -14.42 83.63 -40.15
N ALA E 825 -14.74 84.93 -40.29
CA ALA E 825 -13.70 85.92 -40.57
C ALA E 825 -12.73 86.05 -39.39
N GLU E 826 -13.24 85.98 -38.16
CA GLU E 826 -12.37 86.04 -36.99
C GLU E 826 -11.48 84.81 -36.90
N ALA E 827 -12.03 83.63 -37.20
CA ALA E 827 -11.21 82.42 -37.25
C ALA E 827 -10.15 82.51 -38.35
N TYR E 828 -10.52 83.08 -39.50
CA TYR E 828 -9.58 83.31 -40.59
C TYR E 828 -8.46 84.24 -40.17
N ASP E 829 -8.81 85.32 -39.45
CA ASP E 829 -7.79 86.27 -39.00
C ASP E 829 -6.86 85.62 -37.97
N LEU E 830 -7.41 84.82 -37.07
CA LEU E 830 -6.58 84.13 -36.08
C LEU E 830 -5.61 83.16 -36.75
N LEU E 831 -6.09 82.38 -37.73
CA LEU E 831 -5.22 81.46 -38.44
C LEU E 831 -4.22 82.20 -39.33
N ARG E 832 -4.59 83.39 -39.81
CA ARG E 832 -3.70 84.17 -40.66
C ARG E 832 -2.55 84.77 -39.87
N GLN E 833 -2.84 85.37 -38.71
CA GLN E 833 -1.76 85.92 -37.89
C GLN E 833 -1.06 84.83 -37.09
N SER E 834 -1.59 83.61 -37.10
CA SER E 834 -0.82 82.47 -36.59
C SER E 834 0.42 82.23 -37.45
N ILE E 835 0.28 82.37 -38.77
CA ILE E 835 1.43 82.22 -39.67
C ILE E 835 2.20 83.52 -39.72
N ILE E 836 3.53 83.41 -39.65
CA ILE E 836 4.42 84.57 -39.72
C ILE E 836 5.20 84.46 -41.03
N ARG E 837 5.67 85.61 -41.54
CA ARG E 837 6.42 85.62 -42.79
C ARG E 837 7.89 85.34 -42.55
N VAL E 838 8.47 84.47 -43.38
CA VAL E 838 9.88 84.12 -43.24
C VAL E 838 10.72 85.25 -43.84
N ASP E 839 11.70 85.72 -43.06
CA ASP E 839 12.63 86.73 -43.56
C ASP E 839 13.62 86.10 -44.55
N VAL E 840 13.91 86.84 -45.61
CA VAL E 840 14.87 86.41 -46.64
C VAL E 840 15.98 87.43 -46.71
N ASP E 841 17.23 86.96 -46.75
CA ASP E 841 18.37 87.84 -46.91
C ASP E 841 18.37 88.49 -48.28
N ASP E 842 18.84 89.73 -48.34
CA ASP E 842 18.89 90.47 -49.60
C ASP E 842 19.94 89.87 -50.53
N VAL E 843 19.66 89.93 -51.84
CA VAL E 843 20.57 89.40 -52.84
C VAL E 843 21.43 90.52 -53.42
N SER F 2 24.32 -6.16 13.40
CA SER F 2 23.69 -6.86 12.29
C SER F 2 24.58 -6.85 11.05
N ALA F 3 24.12 -7.50 9.99
CA ALA F 3 24.84 -7.49 8.73
C ALA F 3 24.53 -6.27 7.89
N ALA F 4 23.58 -5.44 8.30
CA ALA F 4 23.24 -4.24 7.56
C ALA F 4 24.34 -3.20 7.64
N LEU F 5 24.94 -3.04 8.81
CA LEU F 5 26.10 -2.16 8.99
C LEU F 5 27.26 -3.03 9.44
N PRO F 6 27.98 -3.63 8.50
CA PRO F 6 29.17 -4.40 8.86
C PRO F 6 30.29 -3.49 9.32
N SER F 7 31.19 -4.06 10.10
CA SER F 7 32.32 -3.33 10.64
C SER F 7 33.56 -3.52 9.77
N ILE F 8 34.45 -2.55 9.82
CA ILE F 8 35.72 -2.61 9.13
C ILE F 8 36.81 -2.21 10.11
N GLN F 9 38.02 -2.72 9.88
CA GLN F 9 39.17 -2.41 10.72
C GLN F 9 40.03 -1.38 10.02
N LEU F 10 40.23 -0.25 10.68
CA LEU F 10 41.05 0.82 10.14
C LEU F 10 42.31 0.99 10.97
N PRO F 11 43.43 1.39 10.36
CA PRO F 11 44.67 1.59 11.14
C PRO F 11 44.57 2.68 12.17
N VAL F 12 43.64 3.63 12.01
CA VAL F 12 43.50 4.72 12.96
C VAL F 12 42.87 4.22 14.25
N ASP F 13 43.43 4.65 15.38
CA ASP F 13 42.88 4.39 16.70
C ASP F 13 42.78 5.70 17.45
N TYR F 14 41.56 6.07 17.86
CA TYR F 14 41.30 7.39 18.42
C TYR F 14 41.55 7.47 19.91
N ASN F 15 41.99 6.39 20.53
CA ASN F 15 42.31 6.38 21.96
C ASN F 15 43.72 6.86 22.24
N ASN F 16 44.73 6.28 21.60
CA ASN F 16 46.11 6.69 21.79
C ASN F 16 46.47 7.93 20.98
N LEU F 17 45.63 8.29 20.01
CA LEU F 17 45.76 9.58 19.33
C LEU F 17 45.26 10.74 20.18
N PHE F 18 44.17 10.53 20.92
CA PHE F 18 43.72 11.55 21.87
C PHE F 18 44.73 11.72 23.01
N ASN F 19 45.30 10.63 23.50
CA ASN F 19 46.34 10.70 24.52
C ASN F 19 47.60 11.37 24.00
N GLU F 20 47.96 11.12 22.73
CA GLU F 20 49.07 11.83 22.10
C GLU F 20 48.78 13.31 21.92
N ILE F 21 47.55 13.68 21.56
CA ILE F 21 47.16 15.08 21.43
C ILE F 21 47.26 15.78 22.79
N THR F 22 46.72 15.14 23.83
CA THR F 22 46.73 15.69 25.18
C THR F 22 48.15 15.89 25.70
N ASP F 23 49.04 14.91 25.51
CA ASP F 23 50.42 15.05 25.93
C ASP F 23 51.18 16.06 25.09
N PHE F 24 50.80 16.24 23.82
CA PHE F 24 51.43 17.24 22.96
C PHE F 24 51.15 18.66 23.46
N LEU F 25 49.92 18.92 23.90
CA LEU F 25 49.54 20.28 24.29
C LEU F 25 50.15 20.72 25.61
N VAL F 26 50.60 19.80 26.46
CA VAL F 26 51.16 20.13 27.76
C VAL F 26 52.67 20.05 27.78
N THR F 27 53.28 19.35 26.82
CA THR F 27 54.71 19.12 26.84
C THR F 27 55.46 19.75 25.69
N PHE F 28 54.79 20.38 24.73
CA PHE F 28 55.50 21.00 23.62
C PHE F 28 56.09 22.32 24.07
N LYS F 29 57.41 22.34 24.23
CA LYS F 29 58.16 23.53 24.60
C LYS F 29 59.02 23.90 23.39
N GLN F 30 58.59 24.91 22.65
CA GLN F 30 59.29 25.31 21.43
C GLN F 30 60.65 25.91 21.77
N ASP F 31 61.62 25.67 20.90
CA ASP F 31 62.98 26.16 21.10
C ASP F 31 63.70 26.33 19.77
N LYS F 59 56.83 31.47 28.00
CA LYS F 59 56.83 30.93 29.35
C LYS F 59 56.20 29.54 29.39
N GLY F 60 57.04 28.53 29.62
CA GLY F 60 56.58 27.16 29.72
C GLY F 60 56.11 26.61 28.39
N PRO F 61 55.14 25.70 28.44
CA PRO F 61 54.59 25.14 27.20
C PRO F 61 53.83 26.19 26.39
N LYS F 62 53.88 26.01 25.07
CA LYS F 62 53.34 26.98 24.14
C LYS F 62 51.82 27.03 24.20
N TYR F 63 51.17 25.89 23.99
CA TYR F 63 49.72 25.83 23.96
C TYR F 63 49.09 25.91 25.34
N MET F 64 49.85 25.65 26.40
CA MET F 64 49.38 25.92 27.75
C MET F 64 49.39 27.39 28.09
N ALA F 65 50.37 28.15 27.61
CA ALA F 65 50.35 29.61 27.74
C ALA F 65 49.31 30.25 26.83
N MET F 66 49.07 29.68 25.65
CA MET F 66 48.01 30.16 24.76
C MET F 66 46.62 29.94 25.36
N LEU F 67 46.40 28.80 26.02
CA LEU F 67 45.10 28.56 26.63
C LEU F 67 44.86 29.44 27.84
N GLN F 68 45.92 29.94 28.47
CA GLN F 68 45.76 30.93 29.53
C GLN F 68 45.22 32.24 28.97
N LYS F 69 45.72 32.65 27.80
CA LYS F 69 45.20 33.85 27.15
C LYS F 69 43.77 33.62 26.67
N VAL F 70 43.47 32.40 26.23
CA VAL F 70 42.09 32.07 25.86
C VAL F 70 41.17 32.17 27.07
N ALA F 71 41.61 31.66 28.22
CA ALA F 71 40.78 31.70 29.43
C ALA F 71 40.66 33.11 29.99
N ASN F 72 41.62 33.98 29.72
CA ASN F 72 41.58 35.36 30.19
C ASN F 72 40.80 36.28 29.27
N ARG F 73 40.09 35.73 28.28
CA ARG F 73 39.29 36.45 27.29
C ARG F 73 40.12 37.38 26.42
N GLU F 74 41.44 37.19 26.36
CA GLU F 74 42.28 38.02 25.52
C GLU F 74 42.58 37.38 24.17
N LEU F 75 42.25 36.10 23.99
CA LEU F 75 42.48 35.42 22.72
C LEU F 75 41.23 34.66 22.33
N ASN F 76 40.90 34.73 21.04
CA ASN F 76 39.65 34.22 20.54
C ASN F 76 39.83 32.96 19.70
N SER F 77 40.98 32.78 19.06
CA SER F 77 41.21 31.64 18.18
C SER F 77 42.46 30.89 18.61
N VAL F 78 42.40 29.57 18.47
CA VAL F 78 43.52 28.68 18.76
C VAL F 78 43.99 28.10 17.43
N ILE F 79 45.25 28.34 17.09
CA ILE F 79 45.83 27.86 15.84
C ILE F 79 46.76 26.71 16.18
N ILE F 80 46.42 25.52 15.69
CA ILE F 80 47.24 24.33 15.87
C ILE F 80 48.13 24.19 14.64
N ASP F 81 49.43 24.31 14.84
CA ASP F 81 50.40 24.23 13.75
C ASP F 81 50.91 22.80 13.64
N LEU F 82 50.83 22.24 12.43
CA LEU F 82 51.30 20.87 12.21
C LEU F 82 52.82 20.79 12.25
N ASP F 83 53.51 21.92 12.07
CA ASP F 83 54.95 21.95 12.26
C ASP F 83 55.32 21.64 13.71
N ASP F 84 54.55 22.18 14.65
CA ASP F 84 54.76 21.88 16.07
C ASP F 84 54.55 20.39 16.36
N ILE F 85 53.53 19.80 15.75
CA ILE F 85 53.26 18.38 15.96
C ILE F 85 54.36 17.52 15.33
N LEU F 86 54.86 17.93 14.16
CA LEU F 86 55.97 17.21 13.54
C LEU F 86 57.24 17.28 14.39
N GLN F 87 57.52 18.46 14.97
CA GLN F 87 58.67 18.59 15.86
C GLN F 87 58.49 17.76 17.13
N TYR F 88 57.26 17.71 17.65
CA TYR F 88 56.94 16.86 18.80
C TYR F 88 57.18 15.39 18.49
N GLN F 89 56.76 14.95 17.30
CA GLN F 89 57.00 13.57 16.89
C GLN F 89 58.49 13.29 16.71
N ASN F 90 59.24 14.26 16.20
CA ASN F 90 60.70 14.10 16.07
C ASN F 90 61.35 13.94 17.43
N GLU F 91 60.94 14.76 18.40
CA GLU F 91 61.50 14.63 19.74
C GLU F 91 61.13 13.30 20.39
N LYS F 92 59.88 12.85 20.18
CA LYS F 92 59.48 11.55 20.71
C LYS F 92 60.27 10.42 20.07
N PHE F 93 60.58 10.55 18.77
CA PHE F 93 61.37 9.53 18.09
C PHE F 93 62.81 9.53 18.58
N LEU F 94 63.37 10.71 18.82
CA LEU F 94 64.74 10.79 19.35
C LEU F 94 64.81 10.27 20.78
N GLN F 95 63.74 10.43 21.55
CA GLN F 95 63.67 9.85 22.87
C GLN F 95 63.62 8.32 22.81
N GLY F 96 63.10 7.77 21.72
CA GLY F 96 62.98 6.34 21.56
C GLY F 96 61.59 5.79 21.79
N THR F 97 60.70 6.55 22.40
CA THR F 97 59.33 6.08 22.61
C THR F 97 58.57 6.09 21.28
N GLN F 98 57.53 5.26 21.23
CA GLN F 98 56.74 5.10 20.01
C GLN F 98 55.58 6.08 20.00
N ALA F 99 55.47 6.85 18.92
CA ALA F 99 54.39 7.81 18.75
C ALA F 99 53.69 7.57 17.43
N ASP F 100 52.37 7.68 17.46
CA ASP F 100 51.59 7.57 16.23
C ASP F 100 51.84 8.77 15.34
N ASP F 101 51.62 8.59 14.04
CA ASP F 101 51.77 9.68 13.07
C ASP F 101 50.53 10.56 13.20
N LEU F 102 50.60 11.54 14.10
CA LEU F 102 49.46 12.42 14.31
C LEU F 102 49.30 13.40 13.15
N VAL F 103 50.40 13.81 12.53
CA VAL F 103 50.34 14.76 11.42
C VAL F 103 49.59 14.16 10.24
N SER F 104 49.94 12.92 9.87
CA SER F 104 49.26 12.26 8.76
C SER F 104 47.79 11.98 9.09
N ALA F 105 47.50 11.55 10.31
CA ALA F 105 46.13 11.26 10.70
C ALA F 105 45.26 12.51 10.69
N ILE F 106 45.83 13.65 11.11
CA ILE F 106 45.12 14.93 10.99
C ILE F 106 44.93 15.28 9.52
N GLN F 107 45.94 15.00 8.69
CA GLN F 107 45.84 15.35 7.27
C GLN F 107 44.74 14.58 6.57
N GLN F 108 44.53 13.30 6.90
CA GLN F 108 43.51 12.53 6.20
C GLN F 108 42.10 12.81 6.73
N ASN F 109 41.96 13.09 8.03
CA ASN F 109 40.66 13.07 8.69
C ASN F 109 40.50 14.29 9.62
N ALA F 110 40.75 15.50 9.09
CA ALA F 110 40.88 16.69 9.93
C ALA F 110 39.58 17.06 10.62
N ASN F 111 38.43 16.70 10.03
CA ASN F 111 37.14 17.07 10.61
C ASN F 111 36.92 16.38 11.96
N HIS F 112 37.41 15.15 12.11
CA HIS F 112 37.34 14.47 13.40
C HIS F 112 38.34 15.07 14.39
N PHE F 113 39.54 15.43 13.90
CA PHE F 113 40.58 15.89 14.81
C PHE F 113 40.34 17.30 15.31
N THR F 114 39.49 18.08 14.64
CA THR F 114 39.03 19.34 15.21
C THR F 114 38.30 19.11 16.53
N GLU F 115 37.35 18.16 16.53
CA GLU F 115 36.62 17.87 17.75
C GLU F 115 37.50 17.19 18.79
N LEU F 116 38.43 16.33 18.34
CA LEU F 116 39.36 15.72 19.29
C LEU F 116 40.24 16.75 19.99
N PHE F 117 40.77 17.72 19.23
CA PHE F 117 41.58 18.77 19.81
C PHE F 117 40.77 19.67 20.72
N CYS F 118 39.50 19.93 20.37
CA CYS F 118 38.64 20.71 21.24
C CYS F 118 38.37 20.00 22.56
N ARG F 119 38.16 18.68 22.50
CA ARG F 119 37.99 17.88 23.71
C ARG F 119 39.26 17.92 24.57
N ALA F 120 40.42 17.76 23.95
CA ALA F 120 41.68 17.79 24.69
C ALA F 120 41.91 19.15 25.33
N ILE F 121 41.60 20.23 24.61
CA ILE F 121 41.75 21.58 25.15
C ILE F 121 40.80 21.81 26.32
N ASP F 122 39.54 21.38 26.17
CA ASP F 122 38.57 21.56 27.24
C ASP F 122 38.90 20.73 28.47
N ASN F 123 39.60 19.60 28.27
CA ASN F 123 40.03 18.80 29.41
C ASN F 123 41.08 19.51 30.24
N ASN F 124 41.99 20.23 29.59
CA ASN F 124 43.05 20.95 30.29
C ASN F 124 42.98 22.45 29.98
N MET F 125 42.07 23.13 30.67
CA MET F 125 41.87 24.55 30.48
C MET F 125 42.25 25.27 31.76
N PRO F 126 43.22 26.17 31.74
CA PRO F 126 43.61 26.88 32.96
C PRO F 126 42.50 27.80 33.45
N LEU F 127 42.48 28.01 34.76
CA LEU F 127 41.56 28.96 35.34
C LEU F 127 41.93 30.38 34.93
N PRO F 128 40.95 31.24 34.72
CA PRO F 128 41.26 32.64 34.37
C PRO F 128 41.84 33.39 35.56
N THR F 129 42.98 34.03 35.34
CA THR F 129 43.57 34.88 36.38
C THR F 129 42.72 36.13 36.58
N LYS F 130 42.15 36.66 35.50
CA LYS F 130 41.30 37.85 35.59
C LYS F 130 39.90 37.48 36.02
N GLU F 131 39.24 38.43 36.68
CA GLU F 131 37.84 38.31 37.03
C GLU F 131 36.98 39.06 36.03
N ILE F 132 35.75 38.59 35.85
CA ILE F 132 34.85 39.18 34.87
C ILE F 132 34.25 40.47 35.40
N ASP F 133 34.34 41.54 34.61
CA ASP F 133 33.76 42.83 34.95
C ASP F 133 32.68 43.18 33.92
N TYR F 134 32.19 44.41 34.01
CA TYR F 134 31.07 44.82 33.16
C TYR F 134 31.52 45.19 31.75
N LYS F 135 32.82 45.18 31.47
CA LYS F 135 33.34 45.47 30.15
C LYS F 135 33.60 44.22 29.32
N ASP F 136 33.23 43.04 29.81
CA ASP F 136 33.43 41.81 29.08
C ASP F 136 32.30 41.59 28.06
N ASP F 137 32.52 40.61 27.19
CA ASP F 137 31.55 40.31 26.15
C ASP F 137 30.32 39.61 26.73
N VAL F 138 29.20 39.72 26.02
CA VAL F 138 27.96 39.06 26.46
C VAL F 138 28.10 37.55 26.34
N LEU F 139 28.85 37.08 25.35
CA LEU F 139 29.08 35.64 25.19
C LEU F 139 29.91 35.10 26.35
N ASP F 140 30.87 35.88 26.83
CA ASP F 140 31.71 35.45 27.93
C ASP F 140 30.90 35.30 29.22
N VAL F 141 30.01 36.25 29.51
CA VAL F 141 29.24 36.15 30.74
C VAL F 141 28.17 35.07 30.62
N ILE F 142 27.67 34.83 29.40
CA ILE F 142 26.75 33.72 29.19
C ILE F 142 27.45 32.39 29.45
N LEU F 143 28.66 32.23 28.94
CA LEU F 143 29.41 30.99 29.15
C LEU F 143 29.81 30.81 30.60
N ASN F 144 30.15 31.91 31.27
CA ASN F 144 30.47 31.86 32.70
C ASN F 144 29.26 31.44 33.52
N GLN F 145 28.08 31.98 33.19
CA GLN F 145 26.86 31.59 33.89
C GLN F 145 26.51 30.14 33.62
N ARG F 146 26.78 29.65 32.40
CA ARG F 146 26.54 28.24 32.10
C ARG F 146 27.46 27.32 32.89
N ARG F 147 28.73 27.71 33.02
CA ARG F 147 29.68 26.92 33.81
C ARG F 147 29.29 26.91 35.29
N LEU F 148 28.89 28.07 35.81
CA LEU F 148 28.45 28.14 37.20
C LEU F 148 27.18 27.32 37.42
N ARG F 149 26.26 27.35 36.45
CA ARG F 149 25.06 26.52 36.51
C ARG F 149 25.40 25.04 36.53
N ASN F 150 26.34 24.62 35.68
CA ASN F 150 26.74 23.21 35.65
C ASN F 150 27.31 22.77 36.99
N GLU F 151 28.17 23.62 37.57
CA GLU F 151 28.73 23.33 38.90
C GLU F 151 27.65 23.24 39.96
N ARG F 152 26.67 24.15 39.92
CA ARG F 152 25.62 24.16 40.93
C ARG F 152 24.72 22.94 40.83
N MET F 153 24.36 22.53 39.60
CA MET F 153 23.56 21.31 39.46
C MET F 153 24.33 20.08 39.92
N LEU F 154 25.63 19.99 39.59
CA LEU F 154 26.42 18.85 40.05
C LEU F 154 26.45 18.79 41.58
N SER F 155 26.71 19.94 42.22
CA SER F 155 26.76 19.98 43.68
C SER F 155 25.42 19.66 44.32
N ASP F 156 24.32 20.19 43.74
CA ASP F 156 23.00 19.94 44.30
C ASP F 156 22.63 18.46 44.18
N ARG F 157 22.96 17.84 43.04
CA ARG F 157 22.64 16.43 42.85
C ARG F 157 23.41 15.56 43.83
N THR F 158 24.71 15.80 43.97
CA THR F 158 25.49 14.96 44.89
C THR F 158 25.09 15.24 46.34
N ASN F 159 24.65 16.46 46.64
CA ASN F 159 24.23 16.76 48.01
C ASN F 159 22.93 16.06 48.35
N GLU F 160 21.95 16.05 47.43
CA GLU F 160 20.69 15.41 47.80
C GLU F 160 20.84 13.88 47.78
N ILE F 161 21.71 13.36 46.91
CA ILE F 161 21.98 11.92 46.91
C ILE F 161 22.67 11.51 48.21
N ARG F 162 23.61 12.33 48.71
CA ARG F 162 24.19 12.08 50.02
C ARG F 162 23.14 12.21 51.12
N SER F 163 22.16 13.11 50.93
CA SER F 163 21.10 13.25 51.91
C SER F 163 20.18 12.03 51.93
N GLU F 164 20.12 11.30 50.82
CA GLU F 164 19.32 10.07 50.81
C GLU F 164 19.92 9.01 51.75
N ASN F 165 21.23 8.77 51.64
CA ASN F 165 21.93 7.70 52.38
C ASN F 165 21.22 6.35 52.18
N LEU F 166 21.23 5.90 50.93
CA LEU F 166 20.34 4.82 50.53
C LEU F 166 20.91 3.45 50.86
N MET F 167 22.12 3.40 51.41
CA MET F 167 22.73 2.16 51.86
C MET F 167 23.12 2.16 53.32
N ASP F 168 23.34 3.35 53.92
CA ASP F 168 23.86 3.49 55.29
C ASP F 168 25.18 2.76 55.46
N THR F 169 26.03 2.81 54.44
CA THR F 169 27.32 2.13 54.46
C THR F 169 28.45 3.13 54.35
N PRO F 173 34.65 2.30 53.06
CA PRO F 173 35.18 2.68 51.74
C PRO F 173 34.71 4.07 51.30
N PRO F 174 35.36 5.12 51.79
CA PRO F 174 34.92 6.47 51.41
C PRO F 174 35.24 6.83 49.96
N SER F 175 36.46 6.55 49.50
CA SER F 175 36.88 6.99 48.17
C SER F 175 36.13 6.26 47.05
N SER F 176 35.90 4.96 47.20
CA SER F 176 35.10 4.22 46.23
C SER F 176 33.67 4.73 46.23
N MET F 177 33.16 5.11 47.40
CA MET F 177 31.82 5.69 47.48
C MET F 177 31.76 7.02 46.73
N ASN F 178 32.79 7.85 46.87
CA ASN F 178 32.81 9.12 46.15
C ASN F 178 32.95 8.90 44.64
N ASP F 179 33.69 7.88 44.23
CA ASP F 179 33.82 7.59 42.81
C ASP F 179 32.48 7.14 42.22
N ALA F 180 31.78 6.22 42.91
CA ALA F 180 30.46 5.82 42.44
C ALA F 180 29.46 6.97 42.53
N LEU F 181 29.65 7.86 43.50
CA LEU F 181 28.78 9.01 43.66
C LEU F 181 28.92 9.98 42.48
N ARG F 182 30.15 10.34 42.12
CA ARG F 182 30.34 11.21 40.96
C ARG F 182 29.91 10.52 39.69
N GLU F 183 30.09 9.19 39.61
CA GLU F 183 29.63 8.44 38.44
C GLU F 183 28.12 8.52 38.26
N VAL F 184 27.35 8.39 39.35
CA VAL F 184 25.90 8.44 39.20
C VAL F 184 25.42 9.88 39.02
N VAL F 185 26.09 10.84 39.65
CA VAL F 185 25.66 12.24 39.54
C VAL F 185 25.89 12.77 38.12
N GLU F 186 27.04 12.49 37.53
CA GLU F 186 27.30 12.99 36.18
C GLU F 186 26.45 12.26 35.15
N ASP F 187 25.86 11.12 35.52
CA ASP F 187 25.00 10.40 34.59
C ASP F 187 23.54 10.84 34.73
N GLU F 188 23.14 11.35 35.89
CA GLU F 188 21.74 11.73 36.06
C GLU F 188 21.44 13.12 35.52
N THR F 189 22.24 14.12 35.89
CA THR F 189 21.92 15.50 35.55
C THR F 189 22.15 15.82 34.08
N GLU F 190 21.42 16.82 33.60
CA GLU F 190 21.58 17.38 32.27
C GLU F 190 22.38 18.66 32.39
N LEU F 191 23.54 18.71 31.74
CA LEU F 191 24.43 19.86 31.79
C LEU F 191 24.43 20.56 30.44
N PHE F 192 24.94 21.78 30.46
CA PHE F 192 25.35 22.42 29.22
C PHE F 192 26.57 21.68 28.68
N PRO F 193 26.52 21.14 27.47
CA PRO F 193 27.67 20.38 26.94
C PRO F 193 28.83 21.30 26.64
N PRO F 194 30.04 20.75 26.46
CA PRO F 194 31.21 21.61 26.16
C PRO F 194 31.08 22.41 24.87
N ASN F 195 30.23 21.97 23.94
CA ASN F 195 29.97 22.75 22.73
C ASN F 195 29.30 24.09 23.06
N LEU F 196 28.56 24.14 24.15
CA LEU F 196 27.88 25.35 24.59
C LEU F 196 28.70 26.20 25.55
N THR F 197 29.89 25.76 25.95
CA THR F 197 30.73 26.52 26.88
C THR F 197 32.08 26.86 26.30
N ARG F 198 32.25 26.78 24.98
CA ARG F 198 33.52 27.08 24.34
C ARG F 198 33.52 28.51 23.81
N ARG F 199 34.56 29.26 24.14
CA ARG F 199 34.70 30.64 23.69
C ARG F 199 35.77 30.79 22.60
N TYR F 200 36.28 29.69 22.08
CA TYR F 200 37.41 29.72 21.17
C TYR F 200 37.08 29.01 19.87
N PHE F 201 37.78 29.41 18.82
CA PHE F 201 37.74 28.74 17.53
C PHE F 201 39.07 28.05 17.28
N LEU F 202 39.02 26.85 16.72
CA LEU F 202 40.22 26.04 16.54
C LEU F 202 40.48 25.85 15.05
N TYR F 203 41.71 26.14 14.64
CA TYR F 203 42.11 26.06 13.24
C TYR F 203 43.42 25.31 13.11
N PHE F 204 43.60 24.66 11.96
CA PHE F 204 44.80 23.87 11.68
C PHE F 204 45.67 24.63 10.69
N LYS F 205 46.80 25.12 11.16
CA LYS F 205 47.79 25.69 10.26
C LYS F 205 48.55 24.56 9.58
N PRO F 206 48.69 24.59 8.25
CA PRO F 206 49.40 23.50 7.56
C PRO F 206 50.88 23.50 7.90
N LEU F 207 51.47 22.31 7.90
CA LEU F 207 52.91 22.19 8.07
C LEU F 207 53.62 22.77 6.85
N SER F 208 54.72 23.48 7.09
CA SER F 208 55.43 24.13 6.01
C SER F 208 56.22 23.11 5.20
N GLN F 209 56.54 23.48 3.96
CA GLN F 209 57.38 22.63 3.11
C GLN F 209 58.80 22.57 3.66
N ASN F 210 59.31 23.69 4.16
CA ASN F 210 60.69 23.74 4.66
C ASN F 210 60.88 22.86 5.88
N CYS F 211 59.92 22.90 6.81
CA CYS F 211 59.99 22.04 7.99
C CYS F 211 59.80 20.58 7.61
N ALA F 212 58.97 20.31 6.60
CA ALA F 212 58.76 18.94 6.16
C ALA F 212 60.00 18.38 5.46
N ARG F 213 60.82 19.26 4.88
CA ARG F 213 62.05 18.81 4.22
C ARG F 213 63.07 18.31 5.23
N ARG F 214 63.06 18.88 6.45
CA ARG F 214 64.07 18.51 7.44
C ARG F 214 63.93 17.06 7.89
N TYR F 215 62.70 16.61 8.07
CA TYR F 215 62.43 15.30 8.68
C TYR F 215 62.09 14.24 7.64
N ARG F 216 62.33 14.52 6.35
CA ARG F 216 61.97 13.65 5.23
C ARG F 216 60.48 13.32 5.24
N LYS F 217 59.67 14.31 5.62
CA LYS F 217 58.22 14.18 5.61
C LYS F 217 57.68 14.81 4.33
N LYS F 218 56.72 14.15 3.71
CA LYS F 218 56.17 14.58 2.43
C LYS F 218 54.77 15.12 2.66
N ALA F 219 54.63 16.43 2.58
CA ALA F 219 53.42 17.15 2.99
C ALA F 219 52.57 17.45 1.76
N ILE F 220 51.57 16.61 1.52
CA ILE F 220 50.57 16.92 0.50
C ILE F 220 49.68 18.07 0.96
N SER F 221 49.56 18.25 2.28
CA SER F 221 48.80 19.36 2.84
C SER F 221 49.45 20.70 2.50
N SER F 222 50.77 20.75 2.48
CA SER F 222 51.47 22.00 2.18
C SER F 222 51.40 22.34 0.70
N LYS F 223 51.36 21.31 -0.16
CA LYS F 223 51.51 21.54 -1.59
C LYS F 223 50.29 22.27 -2.14
N PRO F 224 50.47 23.46 -2.74
CA PRO F 224 49.31 24.21 -3.23
C PRO F 224 48.78 23.60 -4.52
N LEU F 225 47.50 23.27 -4.50
CA LEU F 225 46.82 22.65 -5.63
C LEU F 225 46.00 23.69 -6.38
N SER F 226 45.82 23.46 -7.67
CA SER F 226 44.86 24.23 -8.44
C SER F 226 43.47 23.61 -8.31
N VAL F 227 42.46 24.32 -8.82
CA VAL F 227 41.09 23.84 -8.74
C VAL F 227 40.90 22.62 -9.65
N ARG F 228 41.72 22.50 -10.71
CA ARG F 228 41.72 21.29 -11.53
C ARG F 228 42.01 20.04 -10.70
N GLN F 229 42.98 20.12 -9.79
CA GLN F 229 43.52 18.93 -9.15
C GLN F 229 42.81 18.55 -7.86
N ILE F 230 41.76 19.27 -7.46
CA ILE F 230 41.01 18.93 -6.25
C ILE F 230 39.89 17.99 -6.69
N LYS F 231 40.16 16.70 -6.62
CA LYS F 231 39.20 15.70 -7.04
C LYS F 231 38.52 15.07 -5.83
N GLY F 232 37.70 14.05 -6.09
CA GLY F 232 36.89 13.47 -5.03
C GLY F 232 37.69 12.71 -4.00
N ASP F 233 38.88 12.23 -4.36
CA ASP F 233 39.71 11.50 -3.42
C ASP F 233 40.41 12.41 -2.40
N PHE F 234 40.32 13.73 -2.57
CA PHE F 234 40.84 14.67 -1.58
C PHE F 234 39.81 15.07 -0.54
N LEU F 235 38.60 14.51 -0.61
CA LEU F 235 37.55 14.89 0.33
C LEU F 235 37.88 14.41 1.74
N GLY F 236 37.62 15.28 2.71
CA GLY F 236 37.96 15.00 4.09
C GLY F 236 39.38 15.34 4.48
N GLN F 237 40.22 15.75 3.54
CA GLN F 237 41.61 16.01 3.81
C GLN F 237 41.86 17.50 4.05
N LEU F 238 42.95 17.78 4.75
CA LEU F 238 43.43 19.15 4.94
C LEU F 238 44.36 19.49 3.78
N ILE F 239 43.92 20.36 2.88
CA ILE F 239 44.65 20.67 1.67
C ILE F 239 44.75 22.18 1.49
N THR F 240 45.74 22.59 0.70
CA THR F 240 46.01 24.00 0.42
C THR F 240 45.78 24.27 -1.06
N VAL F 241 45.03 25.33 -1.37
CA VAL F 241 44.72 25.75 -2.73
C VAL F 241 45.23 27.17 -2.92
N ARG F 242 45.99 27.40 -3.99
CA ARG F 242 46.37 28.76 -4.34
C ARG F 242 45.50 29.25 -5.48
N GLY F 243 45.07 30.50 -5.37
CA GLY F 243 44.26 31.08 -6.41
C GLY F 243 43.86 32.49 -6.08
N ILE F 244 43.18 33.13 -7.01
CA ILE F 244 42.72 34.51 -6.85
C ILE F 244 41.28 34.49 -6.33
N ILE F 245 41.01 35.32 -5.34
CA ILE F 245 39.66 35.44 -4.79
C ILE F 245 38.86 36.35 -5.71
N THR F 246 37.70 35.88 -6.16
CA THR F 246 36.86 36.64 -7.07
C THR F 246 35.66 37.27 -6.37
N ARG F 247 34.95 36.52 -5.54
CA ARG F 247 33.76 37.01 -4.87
C ARG F 247 33.81 36.65 -3.40
N VAL F 248 33.41 37.60 -2.55
CA VAL F 248 33.33 37.39 -1.11
C VAL F 248 31.94 37.85 -0.65
N SER F 249 31.21 36.96 0.01
CA SER F 249 29.91 37.32 0.54
C SER F 249 30.08 38.16 1.81
N ASP F 250 28.99 38.79 2.22
CA ASP F 250 29.02 39.55 3.45
C ASP F 250 28.89 38.62 4.65
N VAL F 251 29.48 39.05 5.77
CA VAL F 251 29.46 38.24 6.98
C VAL F 251 28.04 38.16 7.52
N LYS F 252 27.56 36.94 7.75
CA LYS F 252 26.21 36.74 8.23
C LYS F 252 26.23 35.75 9.39
N PRO F 253 25.27 35.85 10.31
CA PRO F 253 25.20 34.87 11.40
C PRO F 253 24.56 33.57 10.95
N ALA F 254 25.36 32.51 10.91
CA ALA F 254 24.86 31.17 10.64
C ALA F 254 24.68 30.45 11.96
N VAL F 255 23.46 30.02 12.24
CA VAL F 255 23.14 29.41 13.52
C VAL F 255 23.67 27.97 13.53
N GLU F 256 24.39 27.62 14.59
CA GLU F 256 24.91 26.26 14.70
C GLU F 256 24.04 25.42 15.62
N VAL F 257 23.59 26.01 16.71
CA VAL F 257 22.60 25.39 17.60
C VAL F 257 21.64 26.47 18.06
N ILE F 258 20.35 26.14 18.06
CA ILE F 258 19.27 27.07 18.39
C ILE F 258 18.84 26.81 19.82
N ALA F 259 18.68 27.88 20.59
CA ALA F 259 18.22 27.81 21.96
C ALA F 259 16.76 28.24 22.07
N TYR F 260 15.99 27.44 22.79
CA TYR F 260 14.60 27.71 23.10
C TYR F 260 14.42 27.72 24.61
N THR F 261 13.52 28.56 25.08
CA THR F 261 13.11 28.57 26.47
C THR F 261 11.69 28.01 26.58
N CYS F 262 11.46 27.24 27.64
CA CYS F 262 10.14 26.73 27.98
C CYS F 262 9.67 27.39 29.27
N ASP F 263 8.47 27.98 29.22
CA ASP F 263 7.92 28.60 30.42
C ASP F 263 7.39 27.55 31.38
N GLN F 264 6.99 26.38 30.85
CA GLN F 264 6.37 25.36 31.68
C GLN F 264 7.38 24.73 32.64
N CYS F 265 8.54 24.34 32.14
CA CYS F 265 9.50 23.60 32.96
C CYS F 265 10.73 24.41 33.32
N GLY F 266 11.00 25.52 32.63
CA GLY F 266 12.17 26.32 32.87
C GLY F 266 13.44 25.82 32.23
N TYR F 267 13.37 24.75 31.44
CA TYR F 267 14.56 24.23 30.76
C TYR F 267 14.87 25.09 29.53
N GLU F 268 16.13 25.01 29.11
CA GLU F 268 16.54 25.54 27.81
C GLU F 268 16.86 24.37 26.89
N VAL F 269 16.17 24.31 25.75
CA VAL F 269 16.29 23.23 24.78
C VAL F 269 17.17 23.72 23.62
N PHE F 270 18.16 22.91 23.25
CA PHE F 270 19.08 23.28 22.19
C PHE F 270 19.00 22.25 21.08
N GLN F 271 18.81 22.72 19.85
CA GLN F 271 18.79 21.84 18.69
C GLN F 271 19.91 22.22 17.72
N GLU F 272 20.72 21.24 17.34
CA GLU F 272 21.83 21.51 16.44
C GLU F 272 21.33 21.77 15.03
N VAL F 273 22.12 22.50 14.26
CA VAL F 273 21.82 22.80 12.86
C VAL F 273 23.09 22.59 12.05
N ASN F 274 23.02 21.71 11.05
CA ASN F 274 24.15 21.43 10.18
C ASN F 274 23.78 21.51 8.71
N SER F 275 22.62 22.09 8.38
CA SER F 275 22.18 22.20 7.00
C SER F 275 21.80 23.65 6.72
N ARG F 276 21.47 23.90 5.45
CA ARG F 276 21.12 25.25 5.03
C ARG F 276 19.73 25.65 5.54
N THR F 277 18.91 24.66 5.89
CA THR F 277 17.55 24.90 6.36
C THR F 277 17.27 24.00 7.57
N PHE F 278 16.34 24.46 8.39
CA PHE F 278 15.94 23.72 9.59
C PHE F 278 14.45 23.93 9.83
N THR F 279 13.89 23.05 10.66
CA THR F 279 12.52 23.19 11.14
C THR F 279 12.54 23.55 12.61
N PRO F 280 11.93 24.66 13.02
CA PRO F 280 11.96 25.05 14.43
C PRO F 280 11.14 24.10 15.31
N LEU F 281 11.56 24.01 16.56
CA LEU F 281 10.85 23.20 17.54
C LEU F 281 9.66 23.97 18.10
N SER F 282 8.52 23.29 18.22
CA SER F 282 7.31 23.90 18.74
C SER F 282 7.00 23.44 20.17
N GLU F 283 6.88 22.13 20.38
CA GLU F 283 6.58 21.60 21.70
C GLU F 283 7.86 21.23 22.42
N CYS F 284 7.85 21.38 23.74
CA CYS F 284 9.05 21.16 24.53
C CYS F 284 9.40 19.69 24.62
N THR F 285 10.70 19.39 24.52
CA THR F 285 11.20 18.02 24.58
C THR F 285 12.15 17.80 25.74
N SER F 286 12.07 18.62 26.79
CA SER F 286 12.92 18.43 27.94
C SER F 286 12.47 17.20 28.73
N GLU F 287 13.26 16.86 29.76
CA GLU F 287 12.95 15.69 30.57
C GLU F 287 11.65 15.87 31.34
N GLU F 288 11.38 17.09 31.80
CA GLU F 288 10.17 17.32 32.59
C GLU F 288 8.92 17.29 31.71
N CYS F 289 8.93 17.98 30.56
CA CYS F 289 7.71 18.06 29.76
C CYS F 289 7.45 16.79 28.97
N SER F 290 8.47 15.94 28.80
CA SER F 290 8.25 14.65 28.14
C SER F 290 7.35 13.75 28.97
N GLN F 291 7.55 13.72 30.29
CA GLN F 291 6.74 12.86 31.14
C GLN F 291 5.37 13.46 31.42
N ASN F 292 5.29 14.79 31.50
CA ASN F 292 4.04 15.43 31.85
C ASN F 292 3.05 15.40 30.68
N GLN F 293 1.77 15.44 31.02
CA GLN F 293 0.72 15.40 30.00
C GLN F 293 0.61 16.74 29.28
N THR F 294 0.99 17.83 29.92
CA THR F 294 0.94 19.16 29.33
C THR F 294 2.36 19.57 28.93
N LYS F 295 2.60 19.69 27.63
CA LYS F 295 3.89 20.11 27.12
C LYS F 295 3.89 21.63 26.94
N GLY F 296 4.97 22.27 27.38
CA GLY F 296 5.11 23.70 27.20
C GLY F 296 5.42 24.07 25.77
N GLN F 297 5.29 25.35 25.46
CA GLN F 297 5.59 25.88 24.15
C GLN F 297 6.96 26.55 24.16
N LEU F 298 7.82 26.15 23.22
CA LEU F 298 9.17 26.66 23.15
C LEU F 298 9.20 28.00 22.42
N PHE F 299 9.94 28.95 22.99
CA PHE F 299 10.18 30.24 22.35
C PHE F 299 11.67 30.40 22.14
N MET F 300 12.06 30.63 20.88
CA MET F 300 13.48 30.72 20.57
C MET F 300 14.07 32.03 21.09
N SER F 301 15.30 31.94 21.59
CA SER F 301 16.04 33.10 22.09
C SER F 301 17.34 33.22 21.31
N THR F 302 17.57 34.42 20.75
CA THR F 302 18.72 34.61 19.88
C THR F 302 20.01 34.69 20.67
N ARG F 303 19.98 35.33 21.84
CA ARG F 303 21.21 35.56 22.60
C ARG F 303 21.74 34.26 23.22
N ALA F 304 20.84 33.34 23.60
CA ALA F 304 21.30 32.08 24.15
C ALA F 304 21.74 31.10 23.07
N SER F 305 21.33 31.32 21.82
CA SER F 305 21.72 30.42 20.74
C SER F 305 23.11 30.76 20.23
N LYS F 306 23.73 29.79 19.57
CA LYS F 306 25.12 29.90 19.13
C LYS F 306 25.17 30.18 17.63
N PHE F 307 25.93 31.21 17.26
CA PHE F 307 26.09 31.60 15.87
C PHE F 307 27.57 31.59 15.51
N SER F 308 27.83 31.39 14.23
CA SER F 308 29.15 31.58 13.66
C SER F 308 29.07 32.69 12.63
N ALA F 309 30.09 33.55 12.65
CA ALA F 309 30.29 34.50 11.56
C ALA F 309 30.61 33.71 10.30
N PHE F 310 29.80 33.88 9.27
CA PHE F 310 29.88 33.03 8.09
C PHE F 310 30.09 33.88 6.86
N GLN F 311 31.01 33.44 6.01
CA GLN F 311 31.27 34.03 4.71
C GLN F 311 31.43 32.92 3.69
N GLU F 312 30.94 33.15 2.48
CA GLU F 312 31.17 32.26 1.35
C GLU F 312 32.00 33.00 0.31
N CYS F 313 33.10 32.38 -0.13
CA CYS F 313 34.02 32.99 -1.05
C CYS F 313 34.21 32.09 -2.26
N LYS F 314 34.61 32.70 -3.36
CA LYS F 314 34.96 32.00 -4.58
C LYS F 314 36.43 32.19 -4.85
N ILE F 315 37.15 31.09 -5.06
CA ILE F 315 38.55 31.16 -5.45
C ILE F 315 38.68 30.63 -6.88
N GLN F 316 39.44 31.34 -7.70
CA GLN F 316 39.60 31.04 -9.11
C GLN F 316 41.05 30.66 -9.38
N GLU F 317 41.25 29.82 -10.39
CA GLU F 317 42.59 29.41 -10.78
C GLU F 317 43.39 30.59 -11.30
N LEU F 318 44.69 30.58 -10.99
CA LEU F 318 45.62 31.51 -11.58
C LEU F 318 45.83 31.17 -13.06
N SER F 319 46.28 32.16 -13.82
CA SER F 319 46.42 31.98 -15.27
C SER F 319 47.48 30.94 -15.61
N GLN F 320 48.52 30.81 -14.78
CA GLN F 320 49.53 29.80 -15.03
C GLN F 320 49.03 28.40 -14.67
N GLN F 321 48.02 28.30 -13.82
CA GLN F 321 47.47 26.99 -13.44
C GLN F 321 46.58 26.43 -14.53
N VAL F 322 45.94 27.29 -15.30
CA VAL F 322 44.94 26.84 -16.29
C VAL F 322 45.66 26.15 -17.44
N PRO F 323 45.23 24.95 -17.84
CA PRO F 323 45.84 24.30 -18.99
C PRO F 323 45.52 25.02 -20.29
N VAL F 324 46.16 24.56 -21.37
CA VAL F 324 46.10 25.26 -22.64
C VAL F 324 44.72 25.15 -23.26
N GLY F 325 44.14 26.29 -23.61
CA GLY F 325 42.84 26.33 -24.23
C GLY F 325 41.67 26.10 -23.30
N HIS F 326 41.88 26.25 -21.99
CA HIS F 326 40.84 25.99 -21.01
C HIS F 326 40.42 27.28 -20.32
N ILE F 327 39.27 27.22 -19.66
CA ILE F 327 38.70 28.33 -18.91
C ILE F 327 38.99 28.08 -17.43
N PRO F 328 39.39 29.10 -16.66
CA PRO F 328 39.65 28.89 -15.23
C PRO F 328 38.39 28.46 -14.48
N ARG F 329 38.57 27.58 -13.51
CA ARG F 329 37.47 27.07 -12.70
C ARG F 329 37.53 27.65 -11.29
N SER F 330 36.43 27.51 -10.57
CA SER F 330 36.26 28.13 -9.28
C SER F 330 35.89 27.09 -8.22
N LEU F 331 36.24 27.42 -6.99
CA LEU F 331 35.96 26.59 -5.83
C LEU F 331 35.29 27.43 -4.75
N ASN F 332 34.32 26.85 -4.06
CA ASN F 332 33.65 27.48 -2.93
C ASN F 332 34.47 27.32 -1.67
N ILE F 333 34.67 28.41 -0.94
CA ILE F 333 35.35 28.40 0.35
C ILE F 333 34.37 28.88 1.40
N HIS F 334 34.21 28.09 2.46
CA HIS F 334 33.40 28.44 3.61
C HIS F 334 34.31 28.98 4.70
N VAL F 335 34.04 30.19 5.17
CA VAL F 335 34.83 30.85 6.19
C VAL F 335 33.96 31.04 7.42
N ASN F 336 34.41 30.52 8.55
CA ASN F 336 33.66 30.57 9.80
C ASN F 336 34.54 31.10 10.92
N GLY F 337 33.89 31.73 11.89
CA GLY F 337 34.58 32.12 13.11
C GLY F 337 35.46 33.33 12.92
N THR F 338 36.69 33.24 13.43
CA THR F 338 37.59 34.39 13.46
C THR F 338 38.15 34.70 12.07
N LEU F 339 38.16 33.73 11.17
CA LEU F 339 38.82 33.90 9.88
C LEU F 339 38.05 34.80 8.92
N VAL F 340 36.85 35.27 9.30
CA VAL F 340 36.07 36.09 8.39
C VAL F 340 36.75 37.43 8.18
N ARG F 341 36.47 38.04 7.02
CA ARG F 341 37.04 39.29 6.54
C ARG F 341 38.53 39.22 6.30
N SER F 342 39.11 38.02 6.26
CA SER F 342 40.52 37.86 5.88
C SER F 342 40.71 37.60 4.39
N LEU F 343 39.61 37.46 3.64
CA LEU F 343 39.67 37.28 2.20
C LEU F 343 38.96 38.45 1.51
N SER F 344 39.61 39.01 0.51
CA SER F 344 39.10 40.13 -0.26
C SER F 344 39.18 39.79 -1.74
N PRO F 345 38.27 40.31 -2.56
CA PRO F 345 38.32 40.03 -4.00
C PRO F 345 39.59 40.57 -4.63
N GLY F 346 40.18 39.77 -5.53
CA GLY F 346 41.41 40.12 -6.18
C GLY F 346 42.68 39.67 -5.48
N ASP F 347 42.58 39.09 -4.29
CA ASP F 347 43.75 38.64 -3.57
C ASP F 347 44.19 37.27 -4.06
N ILE F 348 45.48 37.13 -4.36
CA ILE F 348 46.07 35.85 -4.70
C ILE F 348 46.58 35.20 -3.42
N VAL F 349 45.97 34.08 -3.04
CA VAL F 349 46.13 33.53 -1.71
C VAL F 349 46.40 32.03 -1.75
N ASP F 350 47.01 31.56 -0.65
CA ASP F 350 47.07 30.15 -0.27
C ASP F 350 46.05 29.94 0.84
N VAL F 351 44.93 29.29 0.50
CA VAL F 351 43.89 28.95 1.46
C VAL F 351 44.02 27.47 1.80
N THR F 352 44.31 27.19 3.06
CA THR F 352 44.37 25.83 3.58
C THR F 352 43.07 25.55 4.32
N GLY F 353 42.43 24.44 3.98
CA GLY F 353 41.22 24.05 4.66
C GLY F 353 40.88 22.59 4.42
N ILE F 354 39.79 22.17 5.04
CA ILE F 354 39.31 20.80 4.92
C ILE F 354 38.33 20.71 3.77
N PHE F 355 38.62 19.84 2.82
CA PHE F 355 37.77 19.63 1.65
C PHE F 355 36.59 18.73 2.04
N LEU F 356 35.38 19.27 2.01
CA LEU F 356 34.22 18.59 2.54
C LEU F 356 33.11 18.52 1.52
N PRO F 357 32.27 17.49 1.58
CA PRO F 357 31.12 17.43 0.67
C PRO F 357 29.91 18.16 1.23
N ALA F 358 29.00 18.50 0.33
CA ALA F 358 27.79 19.24 0.64
C ALA F 358 26.63 18.55 -0.05
N PRO F 359 25.40 18.75 0.44
CA PRO F 359 24.24 18.18 -0.26
C PRO F 359 24.09 18.73 -1.67
N TYR F 360 23.56 17.87 -2.55
CA TYR F 360 23.54 18.17 -3.99
C TYR F 360 22.63 19.35 -4.29
N THR F 361 23.15 20.29 -5.08
CA THR F 361 22.37 21.39 -5.64
C THR F 361 22.37 21.23 -7.15
N GLY F 362 21.21 21.37 -7.75
CA GLY F 362 21.07 21.17 -9.18
C GLY F 362 19.75 20.48 -9.48
N PHE F 363 19.55 20.22 -10.77
CA PHE F 363 18.33 19.56 -11.20
C PHE F 363 18.30 18.11 -10.74
N LYS F 364 17.12 17.67 -10.28
CA LYS F 364 16.97 16.31 -9.78
C LYS F 364 17.08 15.29 -10.90
N ALA F 365 16.61 15.65 -12.10
CA ALA F 365 16.69 14.73 -13.23
C ALA F 365 18.13 14.48 -13.67
N LEU F 366 18.99 15.48 -13.48
CA LEU F 366 20.37 15.35 -13.95
C LEU F 366 21.21 14.50 -12.99
N LYS F 367 20.81 14.40 -11.73
CA LYS F 367 21.61 13.66 -10.78
C LYS F 367 21.46 12.15 -10.98
N ALA F 368 22.56 11.43 -10.79
CA ALA F 368 22.57 9.98 -11.03
C ALA F 368 22.48 9.18 -9.74
N GLY F 369 23.45 9.37 -8.84
CA GLY F 369 23.46 8.63 -7.60
C GLY F 369 23.54 9.54 -6.38
N LEU F 370 24.54 9.30 -5.53
CA LEU F 370 24.73 10.12 -4.33
C LEU F 370 25.71 11.25 -4.63
N LEU F 371 25.28 12.11 -5.57
CA LEU F 371 26.10 13.25 -5.96
C LEU F 371 26.15 14.28 -4.86
N THR F 372 27.31 14.91 -4.71
CA THR F 372 27.53 15.92 -3.68
C THR F 372 28.18 17.15 -4.28
N GLU F 373 27.84 18.31 -3.72
CA GLU F 373 28.61 19.52 -3.97
C GLU F 373 29.84 19.52 -3.08
N THR F 374 30.79 20.39 -3.39
CA THR F 374 32.03 20.49 -2.65
C THR F 374 32.26 21.91 -2.18
N TYR F 375 32.96 22.04 -1.05
CA TYR F 375 33.40 23.32 -0.54
C TYR F 375 34.66 23.10 0.30
N LEU F 376 35.38 24.18 0.56
CA LEU F 376 36.57 24.15 1.39
C LEU F 376 36.26 24.94 2.66
N GLU F 377 36.27 24.25 3.79
CA GLU F 377 36.11 24.90 5.10
C GLU F 377 37.46 25.48 5.50
N ALA F 378 37.59 26.80 5.42
CA ALA F 378 38.89 27.45 5.54
C ALA F 378 39.47 27.32 6.93
N GLN F 379 40.77 27.05 6.99
CA GLN F 379 41.51 26.91 8.23
C GLN F 379 42.64 27.93 8.37
N PHE F 380 43.29 28.28 7.26
CA PHE F 380 44.41 29.21 7.30
C PHE F 380 44.51 29.92 5.96
N VAL F 381 44.94 31.18 5.99
CA VAL F 381 45.12 31.98 4.79
C VAL F 381 46.52 32.57 4.81
N ARG F 382 47.25 32.44 3.71
CA ARG F 382 48.52 33.12 3.52
C ARG F 382 48.43 34.00 2.28
N GLN F 383 48.87 35.25 2.41
CA GLN F 383 48.82 36.22 1.33
C GLN F 383 50.13 36.18 0.55
N HIS F 384 50.05 36.03 -0.77
CA HIS F 384 51.24 36.17 -1.61
C HIS F 384 51.75 37.60 -1.59
N LYS F 385 50.84 38.57 -1.62
CA LYS F 385 51.17 39.98 -1.46
C LYS F 385 50.59 40.46 -0.15
N LYS F 386 51.44 40.98 0.73
CA LYS F 386 51.02 41.49 2.02
C LYS F 386 50.48 42.90 1.86
N LYS F 387 49.33 43.17 2.49
CA LYS F 387 48.73 44.49 2.40
C LYS F 387 49.54 45.51 3.21
N PHE F 388 49.53 46.75 2.73
CA PHE F 388 50.28 47.80 3.39
C PHE F 388 49.69 48.16 4.75
N ALA F 389 48.36 48.08 4.87
CA ALA F 389 47.71 48.40 6.14
C ALA F 389 47.98 47.32 7.19
N SER F 390 48.25 46.10 6.75
CA SER F 390 48.52 45.00 7.67
C SER F 390 49.97 45.00 8.17
N PHE F 391 50.78 45.94 7.70
CA PHE F 391 52.18 45.99 8.11
C PHE F 391 52.30 46.38 9.57
N SER F 392 53.11 45.63 10.31
CA SER F 392 53.41 45.91 11.70
C SER F 392 54.91 45.78 11.93
N LEU F 393 55.42 46.57 12.88
CA LEU F 393 56.85 46.58 13.17
C LEU F 393 57.20 45.41 14.09
N THR F 394 57.18 44.22 13.50
CA THR F 394 57.67 43.04 14.20
C THR F 394 59.19 43.04 14.23
N SER F 395 59.75 42.18 15.08
CA SER F 395 61.20 42.15 15.28
C SER F 395 61.94 41.73 14.02
N ASP F 396 61.41 40.74 13.30
CA ASP F 396 62.11 40.21 12.13
C ASP F 396 62.12 41.20 10.97
N VAL F 397 61.10 42.05 10.89
CA VAL F 397 61.05 43.07 9.84
C VAL F 397 62.13 44.12 10.05
N GLU F 398 62.40 44.46 11.32
CA GLU F 398 63.27 45.57 11.66
C GLU F 398 64.70 45.36 11.17
N GLU F 399 65.23 44.14 11.30
CA GLU F 399 66.62 43.93 10.88
C GLU F 399 66.75 44.00 9.36
N ARG F 400 65.73 43.55 8.62
CA ARG F 400 65.77 43.69 7.16
C ARG F 400 65.68 45.16 6.75
N VAL F 401 64.84 45.93 7.43
CA VAL F 401 64.73 47.36 7.13
C VAL F 401 66.05 48.07 7.45
N MET F 402 66.66 47.74 8.60
CA MET F 402 67.96 48.33 8.95
C MET F 402 69.04 47.93 7.97
N GLU F 403 69.00 46.68 7.48
CA GLU F 403 69.98 46.25 6.48
C GLU F 403 69.83 47.02 5.18
N LEU F 404 68.58 47.23 4.74
CA LEU F 404 68.34 47.98 3.52
C LEU F 404 68.76 49.44 3.68
N ILE F 405 68.56 50.02 4.87
CA ILE F 405 69.00 51.40 5.12
C ILE F 405 70.52 51.48 5.15
N THR F 406 71.17 50.57 5.88
CA THR F 406 72.62 50.65 6.07
C THR F 406 73.37 50.25 4.80
N SER F 407 72.70 49.57 3.87
CA SER F 407 73.28 49.41 2.54
C SER F 407 73.43 50.76 1.85
N GLY F 408 72.53 51.69 2.15
CA GLY F 408 72.62 53.04 1.62
C GLY F 408 72.10 53.13 0.20
N ASP F 409 71.93 54.38 -0.26
CA ASP F 409 71.48 54.69 -1.61
C ASP F 409 70.15 54.01 -1.92
N VAL F 410 69.20 54.12 -0.97
CA VAL F 410 67.99 53.31 -1.00
C VAL F 410 67.07 53.73 -2.14
N TYR F 411 67.01 55.04 -2.42
CA TYR F 411 66.09 55.55 -3.44
C TYR F 411 66.44 55.01 -4.82
N ASN F 412 67.71 55.16 -5.23
CA ASN F 412 68.19 54.62 -6.49
C ASN F 412 68.15 53.11 -6.54
N ARG F 413 68.50 52.43 -5.43
CA ARG F 413 68.48 50.97 -5.40
C ARG F 413 67.07 50.43 -5.60
N LEU F 414 66.08 51.02 -4.93
CA LEU F 414 64.69 50.59 -5.10
C LEU F 414 64.15 50.94 -6.47
N ALA F 415 64.48 52.13 -6.99
CA ALA F 415 63.99 52.53 -8.31
C ALA F 415 64.56 51.66 -9.42
N LYS F 416 65.86 51.36 -9.39
CA LYS F 416 66.51 50.61 -10.45
C LYS F 416 66.17 49.12 -10.39
N SER F 417 65.61 48.64 -9.27
CA SER F 417 65.27 47.24 -9.11
C SER F 417 63.79 46.98 -9.30
N ILE F 418 63.04 47.94 -9.83
CA ILE F 418 61.60 47.76 -10.04
C ILE F 418 61.34 46.81 -11.21
N ALA F 419 61.88 47.14 -12.38
CA ALA F 419 61.75 46.28 -13.55
C ALA F 419 63.14 46.10 -14.12
N PRO F 420 63.99 45.27 -13.50
CA PRO F 420 65.41 45.28 -13.86
C PRO F 420 65.68 44.66 -15.22
N GLU F 421 64.72 43.92 -15.78
CA GLU F 421 64.89 43.39 -17.14
C GLU F 421 64.69 44.49 -18.18
N ILE F 422 64.16 45.64 -17.77
CA ILE F 422 64.06 46.78 -18.66
C ILE F 422 65.29 47.66 -18.50
N TYR F 423 66.00 47.88 -19.59
CA TYR F 423 67.23 48.68 -19.56
C TYR F 423 66.89 50.16 -19.47
N GLY F 424 67.65 50.88 -18.65
CA GLY F 424 67.50 52.33 -18.60
C GLY F 424 66.20 52.74 -17.94
N ASN F 425 65.68 53.88 -18.39
CA ASN F 425 64.43 54.47 -17.88
C ASN F 425 64.49 54.69 -16.38
N LEU F 426 65.61 55.23 -15.91
CA LEU F 426 65.82 55.38 -14.47
C LEU F 426 64.87 56.38 -13.85
N ASP F 427 64.65 57.52 -14.52
CA ASP F 427 63.75 58.54 -13.97
C ASP F 427 62.30 58.07 -13.99
N VAL F 428 61.93 57.32 -15.04
CA VAL F 428 60.59 56.73 -15.10
C VAL F 428 60.37 55.79 -13.93
N LYS F 429 61.37 54.94 -13.64
CA LYS F 429 61.25 54.02 -12.52
C LYS F 429 61.27 54.74 -11.18
N LYS F 430 61.98 55.87 -11.10
CA LYS F 430 61.96 56.69 -9.90
C LYS F 430 60.56 57.23 -9.62
N ALA F 431 59.92 57.76 -10.67
CA ALA F 431 58.55 58.25 -10.51
C ALA F 431 57.58 57.10 -10.26
N LEU F 432 57.89 55.91 -10.76
CA LEU F 432 57.06 54.75 -10.47
C LEU F 432 57.18 54.33 -9.02
N LEU F 433 58.38 54.43 -8.45
CA LEU F 433 58.54 54.16 -7.02
C LEU F 433 57.81 55.19 -6.18
N LEU F 434 57.86 56.46 -6.57
CA LEU F 434 57.09 57.48 -5.88
C LEU F 434 55.59 57.27 -6.05
N LEU F 435 55.19 56.70 -7.19
CA LEU F 435 53.82 56.26 -7.41
C LEU F 435 53.42 55.20 -6.40
N LEU F 436 54.31 54.22 -6.19
CA LEU F 436 54.04 53.15 -5.23
C LEU F 436 53.94 53.68 -3.81
N VAL F 437 54.81 54.63 -3.45
CA VAL F 437 54.82 55.14 -2.08
C VAL F 437 53.69 56.14 -1.86
N GLY F 438 53.63 57.16 -2.70
CA GLY F 438 52.60 58.18 -2.58
C GLY F 438 52.94 59.26 -1.58
N GLY F 439 52.18 60.34 -1.64
CA GLY F 439 52.40 61.46 -0.75
C GLY F 439 51.47 61.46 0.45
N VAL F 440 51.40 62.58 1.16
CA VAL F 440 50.57 62.66 2.36
C VAL F 440 49.14 62.98 1.99
N ASP F 441 48.23 62.12 2.42
CA ASP F 441 46.80 62.40 2.27
C ASP F 441 46.39 63.44 3.32
N LYS F 442 45.75 64.52 2.85
CA LYS F 442 45.51 65.69 3.68
C LYS F 442 44.05 65.78 4.06
N ARG F 443 43.78 65.94 5.35
CA ARG F 443 42.46 66.24 5.88
C ARG F 443 42.45 67.62 6.48
N VAL F 444 41.46 68.43 6.10
CA VAL F 444 41.27 69.74 6.67
C VAL F 444 40.11 69.63 7.66
N GLY F 445 40.19 70.43 8.74
CA GLY F 445 39.14 70.40 9.74
C GLY F 445 37.79 70.83 9.22
N ASP F 446 37.77 71.54 8.09
CA ASP F 446 36.54 71.84 7.38
C ASP F 446 35.95 70.62 6.69
N GLY F 447 36.68 69.51 6.63
CA GLY F 447 36.25 68.33 5.92
C GLY F 447 36.78 68.21 4.50
N MET F 448 37.40 69.27 3.99
CA MET F 448 37.92 69.24 2.62
C MET F 448 39.18 68.39 2.56
N LYS F 449 39.32 67.66 1.45
CA LYS F 449 40.35 66.65 1.33
C LYS F 449 41.24 66.94 0.13
N ILE F 450 42.55 66.80 0.35
CA ILE F 450 43.53 66.81 -0.73
C ILE F 450 44.19 65.44 -0.76
N ARG F 451 44.16 64.81 -1.93
CA ARG F 451 44.64 63.44 -2.06
C ARG F 451 46.16 63.37 -1.90
N GLY F 452 46.61 62.29 -1.28
CA GLY F 452 48.03 61.99 -1.23
C GLY F 452 48.52 61.07 -2.31
N ASP F 453 47.60 60.51 -3.11
CA ASP F 453 47.99 59.60 -4.16
C ASP F 453 48.54 60.36 -5.36
N ILE F 454 49.57 59.80 -5.97
CA ILE F 454 50.23 60.37 -7.14
C ILE F 454 49.71 59.62 -8.37
N ASN F 455 49.50 60.34 -9.46
CA ASN F 455 49.07 59.75 -10.73
C ASN F 455 50.15 59.98 -11.78
N VAL F 456 50.48 58.93 -12.54
CA VAL F 456 51.57 58.98 -13.49
C VAL F 456 51.06 58.53 -14.86
N CYS F 457 51.36 59.32 -15.89
CA CYS F 457 51.13 58.94 -17.27
C CYS F 457 52.47 58.69 -17.94
N LEU F 458 52.53 57.62 -18.73
CA LEU F 458 53.71 57.21 -19.49
C LEU F 458 53.27 57.16 -20.95
N MET F 459 53.58 58.20 -21.70
CA MET F 459 53.17 58.25 -23.10
C MET F 459 54.40 58.29 -23.99
N GLY F 460 54.42 57.44 -25.01
CA GLY F 460 55.58 57.38 -25.86
C GLY F 460 55.38 56.55 -27.10
N ASP F 461 56.48 56.42 -27.84
CA ASP F 461 56.49 55.66 -29.08
C ASP F 461 56.31 54.17 -28.79
N PRO F 462 55.78 53.40 -29.73
CA PRO F 462 55.64 51.95 -29.52
C PRO F 462 56.99 51.28 -29.36
N GLY F 463 57.03 50.27 -28.49
CA GLY F 463 58.25 49.51 -28.25
C GLY F 463 59.20 50.11 -27.25
N VAL F 464 58.72 50.92 -26.31
CA VAL F 464 59.58 51.48 -25.28
C VAL F 464 59.32 50.77 -23.95
N ALA F 465 58.63 49.63 -24.04
CA ALA F 465 58.33 48.76 -22.90
C ALA F 465 57.56 49.46 -21.79
N LYS F 466 56.57 50.28 -22.14
CA LYS F 466 55.75 50.90 -21.11
C LYS F 466 54.74 49.91 -20.53
N SER F 467 54.25 48.98 -21.36
CA SER F 467 53.38 47.92 -20.87
C SER F 467 54.12 46.99 -19.91
N GLN F 468 55.39 46.73 -20.20
CA GLN F 468 56.22 45.95 -19.27
C GLN F 468 56.37 46.65 -17.93
N LEU F 469 56.54 47.98 -17.95
CA LEU F 469 56.68 48.74 -16.71
C LEU F 469 55.37 48.74 -15.92
N LEU F 470 54.23 48.92 -16.60
CA LEU F 470 52.94 48.83 -15.92
C LEU F 470 52.74 47.45 -15.30
N LYS F 471 53.07 46.39 -16.03
CA LYS F 471 52.93 45.04 -15.48
C LYS F 471 53.87 44.83 -14.29
N ALA F 472 55.08 45.38 -14.35
CA ALA F 472 56.02 45.23 -13.24
C ALA F 472 55.53 45.94 -11.98
N ILE F 473 55.16 47.22 -12.11
CA ILE F 473 54.55 47.96 -10.99
C ILE F 473 53.34 47.24 -10.46
N CYS F 474 52.56 46.64 -11.35
CA CYS F 474 51.20 46.33 -11.00
C CYS F 474 51.12 44.89 -10.51
N LYS F 475 52.20 44.13 -10.69
CA LYS F 475 52.46 42.96 -9.88
C LYS F 475 53.11 43.32 -8.55
N ILE F 476 53.95 44.36 -8.53
CA ILE F 476 54.62 44.75 -7.28
C ILE F 476 53.61 45.21 -6.24
N SER F 477 52.67 46.07 -6.62
CA SER F 477 51.72 46.62 -5.66
C SER F 477 50.73 45.55 -5.23
N PRO F 478 50.39 45.49 -3.93
CA PRO F 478 49.50 44.41 -3.46
C PRO F 478 48.08 44.50 -3.98
N ARG F 479 47.61 45.68 -4.39
CA ARG F 479 46.25 45.87 -4.87
C ARG F 479 46.30 46.53 -6.26
N GLY F 480 47.12 45.96 -7.14
CA GLY F 480 47.26 46.45 -8.50
C GLY F 480 46.31 45.71 -9.44
N VAL F 481 45.58 46.50 -10.23
CA VAL F 481 44.60 45.96 -11.18
C VAL F 481 44.97 46.46 -12.57
N TYR F 482 45.24 45.53 -13.48
CA TYR F 482 45.67 45.86 -14.84
C TYR F 482 44.46 45.87 -15.77
N THR F 483 44.31 46.95 -16.53
CA THR F 483 43.15 47.13 -17.39
C THR F 483 43.63 47.47 -18.80
N THR F 484 42.70 47.35 -19.75
CA THR F 484 42.94 47.67 -21.15
C THR F 484 41.95 48.78 -21.52
N GLY F 485 42.30 49.55 -22.55
CA GLY F 485 41.51 50.72 -22.90
C GLY F 485 40.07 50.40 -23.27
N LYS F 486 39.87 49.38 -24.12
CA LYS F 486 38.52 48.96 -24.48
C LYS F 486 38.14 47.61 -23.90
N GLY F 487 39.09 46.85 -23.36
CA GLY F 487 38.75 45.60 -22.69
C GLY F 487 38.00 45.82 -21.39
N SER F 488 38.21 46.97 -20.76
CA SER F 488 37.52 47.34 -19.52
C SER F 488 36.47 48.40 -19.86
N SER F 489 35.20 48.02 -19.75
CA SER F 489 34.11 48.93 -20.07
C SER F 489 33.79 49.84 -18.88
N GLY F 490 32.73 50.63 -19.04
CA GLY F 490 32.30 51.51 -17.96
C GLY F 490 31.78 50.74 -16.76
N VAL F 491 30.95 49.73 -16.99
CA VAL F 491 30.43 48.92 -15.90
C VAL F 491 31.52 48.04 -15.32
N GLY F 492 32.57 47.78 -16.09
CA GLY F 492 33.71 47.06 -15.56
C GLY F 492 34.66 47.97 -14.78
N LEU F 493 34.39 49.28 -14.79
CA LEU F 493 35.20 50.20 -14.01
C LEU F 493 34.52 50.60 -12.71
N THR F 494 33.23 50.95 -12.77
CA THR F 494 32.62 51.59 -11.62
C THR F 494 31.91 50.63 -10.68
N ALA F 495 30.80 50.03 -11.12
CA ALA F 495 29.93 49.26 -10.24
C ALA F 495 28.78 48.65 -11.02
N ALA F 496 28.14 47.66 -10.41
CA ALA F 496 26.92 47.05 -10.93
C ALA F 496 26.10 46.50 -9.78
N VAL F 497 24.78 46.60 -9.90
CA VAL F 497 23.87 46.16 -8.86
C VAL F 497 23.53 44.70 -9.10
N MET F 498 24.17 43.79 -8.36
CA MET F 498 24.05 42.36 -8.59
C MET F 498 23.44 41.67 -7.39
N LYS F 499 22.72 40.59 -7.63
CA LYS F 499 22.14 39.81 -6.55
C LYS F 499 23.15 38.81 -6.01
N ASP F 500 23.28 38.76 -4.69
CA ASP F 500 24.09 37.78 -3.99
C ASP F 500 23.15 36.73 -3.40
N PRO F 501 23.19 35.49 -3.90
CA PRO F 501 22.16 34.52 -3.52
C PRO F 501 22.40 33.87 -2.15
N VAL F 502 23.66 33.78 -1.72
CA VAL F 502 23.94 33.12 -0.45
C VAL F 502 23.43 33.96 0.73
N THR F 503 23.59 35.28 0.65
CA THR F 503 22.98 36.18 1.61
C THR F 503 21.63 36.70 1.13
N ASP F 504 21.26 36.40 -0.12
CA ASP F 504 19.94 36.67 -0.70
C ASP F 504 19.62 38.16 -0.70
N GLU F 505 20.58 38.99 -1.10
CA GLU F 505 20.40 40.43 -1.11
C GLU F 505 21.05 41.02 -2.35
N MET F 506 20.47 42.10 -2.87
CA MET F 506 21.06 42.86 -3.96
C MET F 506 22.10 43.81 -3.40
N ILE F 507 23.34 43.67 -3.85
CA ILE F 507 24.46 44.45 -3.36
C ILE F 507 25.20 45.06 -4.55
N LEU F 508 25.94 46.13 -4.27
CA LEU F 508 26.74 46.76 -5.30
C LEU F 508 28.09 46.06 -5.41
N GLU F 509 28.42 45.62 -6.62
CA GLU F 509 29.64 44.89 -6.89
C GLU F 509 30.54 45.78 -7.73
N GLY F 510 31.76 46.02 -7.25
CA GLY F 510 32.64 46.99 -7.85
C GLY F 510 33.35 46.57 -9.11
N GLY F 511 33.78 47.54 -9.90
CA GLY F 511 34.56 47.29 -11.09
C GLY F 511 36.04 47.29 -10.81
N ALA F 512 36.81 47.66 -11.84
CA ALA F 512 38.27 47.63 -11.72
C ALA F 512 38.79 48.69 -10.77
N LEU F 513 38.16 49.87 -10.75
CA LEU F 513 38.61 50.94 -9.87
C LEU F 513 38.32 50.60 -8.40
N VAL F 514 37.21 49.93 -8.13
CA VAL F 514 36.93 49.48 -6.76
C VAL F 514 37.89 48.39 -6.34
N LEU F 515 38.26 47.51 -7.27
CA LEU F 515 39.22 46.45 -6.97
C LEU F 515 40.60 47.01 -6.64
N ALA F 516 40.94 48.17 -7.18
CA ALA F 516 42.22 48.81 -6.92
C ALA F 516 42.15 49.88 -5.85
N ASP F 517 41.12 49.82 -4.98
CA ASP F 517 40.96 50.83 -3.94
C ASP F 517 42.11 50.77 -2.95
N ASN F 518 42.71 51.94 -2.70
CA ASN F 518 43.99 52.07 -1.99
C ASN F 518 45.06 51.19 -2.62
N GLY F 519 45.08 51.17 -3.96
CA GLY F 519 46.07 50.46 -4.74
C GLY F 519 46.33 51.26 -6.00
N ILE F 520 46.81 50.58 -7.02
CA ILE F 520 47.16 51.21 -8.29
C ILE F 520 46.32 50.60 -9.40
N CYS F 521 45.65 51.46 -10.17
CA CYS F 521 44.88 51.04 -11.34
C CYS F 521 45.77 51.26 -12.57
N CYS F 522 45.88 50.22 -13.38
CA CYS F 522 46.97 50.07 -14.34
C CYS F 522 46.36 50.15 -15.74
N ILE F 523 46.22 51.35 -16.28
CA ILE F 523 45.42 51.56 -17.50
C ILE F 523 46.36 51.60 -18.71
N ASP F 524 46.45 50.47 -19.40
CA ASP F 524 47.14 50.43 -20.68
C ASP F 524 46.23 50.89 -21.81
N GLU F 525 46.85 51.40 -22.88
CA GLU F 525 46.14 51.97 -24.03
C GLU F 525 45.19 53.08 -23.58
N PHE F 526 45.77 54.13 -23.01
CA PHE F 526 44.99 55.18 -22.36
C PHE F 526 44.19 56.00 -23.37
N ASP F 527 44.76 56.24 -24.55
CA ASP F 527 44.10 57.09 -25.54
C ASP F 527 42.99 56.34 -26.26
N LYS F 528 42.94 55.02 -26.11
CA LYS F 528 41.92 54.23 -26.81
C LYS F 528 40.61 54.18 -26.04
N MET F 529 40.56 54.75 -24.85
CA MET F 529 39.36 54.65 -24.02
C MET F 529 38.25 55.54 -24.53
N ASP F 530 37.02 55.10 -24.31
CA ASP F 530 35.85 55.91 -24.65
C ASP F 530 35.67 57.03 -23.62
N GLU F 531 34.71 57.92 -23.92
CA GLU F 531 34.60 59.16 -23.14
C GLU F 531 33.97 58.90 -21.77
N SER F 532 33.11 57.88 -21.66
CA SER F 532 32.47 57.59 -20.37
C SER F 532 33.48 57.12 -19.34
N ASP F 533 34.40 56.25 -19.73
CA ASP F 533 35.47 55.81 -18.84
C ASP F 533 36.40 56.98 -18.51
N ARG F 534 36.58 57.89 -19.46
CA ARG F 534 37.36 59.09 -19.20
C ARG F 534 36.69 59.98 -18.15
N THR F 535 35.36 60.08 -18.18
CA THR F 535 34.67 60.84 -17.14
C THR F 535 34.77 60.13 -15.79
N ALA F 536 34.68 58.80 -15.78
CA ALA F 536 34.81 58.05 -14.53
C ALA F 536 36.19 58.26 -13.91
N ILE F 537 37.26 58.14 -14.69
CA ILE F 537 38.59 58.36 -14.14
C ILE F 537 38.81 59.85 -13.87
N HIS F 538 38.08 60.72 -14.55
CA HIS F 538 38.16 62.15 -14.29
C HIS F 538 37.67 62.46 -12.88
N GLU F 539 36.59 61.79 -12.47
CA GLU F 539 36.14 61.93 -11.08
C GLU F 539 37.07 61.21 -10.11
N VAL F 540 37.67 60.09 -10.55
CA VAL F 540 38.52 59.30 -9.66
C VAL F 540 39.83 60.03 -9.35
N MET F 541 40.42 60.67 -10.36
CA MET F 541 41.80 61.15 -10.29
C MET F 541 41.98 62.25 -9.26
N GLU F 542 40.93 63.03 -8.99
CA GLU F 542 41.02 64.15 -8.05
C GLU F 542 40.17 63.95 -6.82
N GLN F 543 38.87 63.67 -6.97
CA GLN F 543 37.97 63.53 -5.84
C GLN F 543 38.04 62.16 -5.19
N GLN F 544 38.63 61.17 -5.86
CA GLN F 544 38.78 59.80 -5.36
C GLN F 544 37.43 59.15 -5.02
N THR F 545 36.39 59.56 -5.74
CA THR F 545 35.06 58.99 -5.58
C THR F 545 34.44 58.77 -6.95
N ILE F 546 33.48 57.85 -7.02
CA ILE F 546 32.66 57.64 -8.19
C ILE F 546 31.21 57.88 -7.80
N SER F 547 30.57 58.84 -8.46
CA SER F 547 29.18 59.16 -8.21
C SER F 547 28.32 58.59 -9.32
N ILE F 548 27.46 57.64 -8.98
CA ILE F 548 26.60 56.94 -9.92
C ILE F 548 25.16 57.27 -9.56
N SER F 549 24.41 57.82 -10.53
CA SER F 549 22.99 58.08 -10.36
C SER F 549 22.24 57.52 -11.56
N LYS F 550 21.97 56.22 -11.52
CA LYS F 550 21.27 55.54 -12.60
C LYS F 550 19.94 54.98 -12.07
N ALA F 551 19.25 54.25 -12.94
CA ALA F 551 18.01 53.59 -12.53
C ALA F 551 18.28 52.56 -11.45
N GLY F 552 19.41 51.86 -11.54
CA GLY F 552 19.74 50.86 -10.54
C GLY F 552 20.07 51.45 -9.18
N ILE F 553 20.82 52.55 -9.15
CA ILE F 553 21.53 52.94 -7.94
C ILE F 553 21.71 54.45 -7.88
N ASN F 554 21.73 55.00 -6.66
CA ASN F 554 22.05 56.41 -6.39
C ASN F 554 23.10 56.43 -5.27
N THR F 555 24.37 56.31 -5.63
CA THR F 555 25.43 56.24 -4.62
C THR F 555 26.64 57.08 -5.02
N THR F 556 27.47 57.32 -4.01
CA THR F 556 28.86 57.71 -4.17
C THR F 556 29.70 56.63 -3.50
N LEU F 557 30.71 56.15 -4.21
CA LEU F 557 31.56 55.07 -3.72
C LEU F 557 33.02 55.49 -3.75
N ASN F 558 33.78 54.98 -2.79
CA ASN F 558 35.18 55.35 -2.64
C ASN F 558 36.04 54.63 -3.66
N ALA F 559 36.77 55.40 -4.47
CA ALA F 559 37.74 54.88 -5.41
C ALA F 559 39.03 55.66 -5.18
N ARG F 560 39.83 55.20 -4.23
CA ARG F 560 41.04 55.89 -3.81
C ARG F 560 42.27 55.41 -4.57
N THR F 561 42.11 55.11 -5.86
CA THR F 561 43.19 54.52 -6.63
C THR F 561 44.23 55.57 -7.01
N SER F 562 45.50 55.16 -6.95
CA SER F 562 46.53 55.85 -7.69
C SER F 562 46.58 55.26 -9.10
N ILE F 563 46.62 56.13 -10.10
CA ILE F 563 46.41 55.72 -11.48
C ILE F 563 47.73 55.80 -12.25
N LEU F 564 48.09 54.70 -12.90
CA LEU F 564 49.25 54.65 -13.78
C LEU F 564 48.75 54.33 -15.19
N ALA F 565 48.87 55.30 -16.10
CA ALA F 565 48.32 55.19 -17.44
C ALA F 565 49.47 55.08 -18.43
N ALA F 566 49.22 54.35 -19.52
CA ALA F 566 50.19 54.20 -20.60
C ALA F 566 49.52 54.57 -21.92
N ALA F 567 50.20 55.37 -22.73
CA ALA F 567 49.57 55.93 -23.92
C ALA F 567 50.59 56.14 -25.04
N ASN F 568 50.07 56.32 -26.23
CA ASN F 568 50.75 56.65 -27.47
C ASN F 568 50.32 58.03 -27.95
N PRO F 569 51.13 58.72 -28.75
CA PRO F 569 50.69 59.98 -29.34
C PRO F 569 49.56 59.78 -30.35
N LEU F 570 49.03 60.91 -30.83
CA LEU F 570 47.86 60.89 -31.70
C LEU F 570 48.16 60.19 -33.03
N TYR F 571 49.33 60.47 -33.61
CA TYR F 571 49.72 59.83 -34.86
C TYR F 571 50.26 58.42 -34.64
N GLY F 572 50.41 57.99 -33.40
CA GLY F 572 51.05 56.74 -33.07
C GLY F 572 52.55 56.84 -32.92
N ARG F 573 53.21 57.69 -33.71
CA ARG F 573 54.63 57.98 -33.59
C ARG F 573 54.77 59.47 -33.34
N TYR F 574 55.62 59.83 -32.38
CA TYR F 574 55.84 61.23 -32.05
C TYR F 574 56.58 61.92 -33.20
N ASN F 575 56.13 63.11 -33.55
CA ASN F 575 56.76 63.92 -34.58
C ASN F 575 57.10 65.30 -34.03
N PRO F 576 58.33 65.78 -34.22
CA PRO F 576 58.69 67.11 -33.69
C PRO F 576 58.03 68.27 -34.39
N ARG F 577 57.43 68.06 -35.57
CA ARG F 577 56.79 69.15 -36.29
C ARG F 577 55.60 69.71 -35.52
N LEU F 578 54.79 68.83 -34.94
CA LEU F 578 53.63 69.28 -34.18
C LEU F 578 54.04 69.72 -32.78
N SER F 579 53.16 70.50 -32.16
CA SER F 579 53.35 70.87 -30.77
C SER F 579 53.14 69.64 -29.88
N PRO F 580 53.83 69.55 -28.75
CA PRO F 580 53.54 68.45 -27.82
C PRO F 580 52.14 68.51 -27.22
N LEU F 581 51.45 69.65 -27.28
CA LEU F 581 50.01 69.62 -27.02
C LEU F 581 49.25 69.02 -28.20
N ASP F 582 49.73 69.26 -29.42
CA ASP F 582 48.96 68.87 -30.60
C ASP F 582 48.95 67.36 -30.80
N ASN F 583 50.11 66.72 -30.70
CA ASN F 583 50.17 65.28 -30.95
C ASN F 583 49.80 64.46 -29.72
N ILE F 584 49.59 65.09 -28.57
CA ILE F 584 49.06 64.43 -27.38
C ILE F 584 47.57 64.74 -27.34
N ASN F 585 46.75 63.72 -27.60
CA ASN F 585 45.30 63.91 -27.69
C ASN F 585 44.68 63.81 -26.29
N LEU F 586 45.05 64.77 -25.45
CA LEU F 586 44.66 64.74 -24.05
C LEU F 586 44.14 66.12 -23.64
N PRO F 587 42.93 66.20 -23.08
CA PRO F 587 42.39 67.50 -22.67
C PRO F 587 43.16 68.09 -21.49
N ALA F 588 43.04 69.41 -21.33
CA ALA F 588 43.82 70.13 -20.33
C ALA F 588 43.42 69.75 -18.90
N ALA F 589 42.12 69.54 -18.66
CA ALA F 589 41.68 69.15 -17.33
C ALA F 589 42.20 67.76 -16.96
N LEU F 590 42.18 66.82 -17.90
CA LEU F 590 42.72 65.50 -17.63
C LEU F 590 44.25 65.52 -17.60
N LEU F 591 44.86 66.43 -18.35
CA LEU F 591 46.30 66.61 -18.30
C LEU F 591 46.76 67.10 -16.94
N SER F 592 45.98 68.01 -16.33
CA SER F 592 46.39 68.59 -15.05
C SER F 592 46.29 67.59 -13.92
N ARG F 593 45.44 66.57 -14.06
CA ARG F 593 45.30 65.57 -12.99
C ARG F 593 46.56 64.73 -12.84
N PHE F 594 47.25 64.45 -13.94
CA PHE F 594 48.47 63.65 -13.87
C PHE F 594 49.59 64.46 -13.23
N ASP F 595 50.11 63.95 -12.10
CA ASP F 595 51.20 64.64 -11.42
C ASP F 595 52.48 64.61 -12.24
N ILE F 596 52.76 63.48 -12.90
CA ILE F 596 53.93 63.33 -13.75
C ILE F 596 53.45 62.75 -15.06
N LEU F 597 53.83 63.37 -16.18
CA LEU F 597 53.69 62.77 -17.50
C LEU F 597 55.08 62.61 -18.07
N PHE F 598 55.44 61.38 -18.41
CA PHE F 598 56.71 61.07 -19.07
C PHE F 598 56.48 60.89 -20.56
N LEU F 599 57.02 61.81 -21.34
CA LEU F 599 57.27 61.54 -22.75
C LEU F 599 58.43 60.56 -22.84
N MET F 600 58.21 59.47 -23.58
CA MET F 600 59.23 58.43 -23.72
C MET F 600 59.51 58.26 -25.20
N LEU F 601 60.56 58.93 -25.67
CA LEU F 601 60.88 59.01 -27.09
C LEU F 601 61.80 57.86 -27.49
N ASP F 602 61.50 57.25 -28.64
CA ASP F 602 62.35 56.20 -29.21
C ASP F 602 63.18 56.86 -30.31
N ILE F 603 64.36 57.36 -29.93
CA ILE F 603 65.25 58.08 -30.83
C ILE F 603 66.43 57.15 -31.15
N PRO F 604 66.63 56.78 -32.42
CA PRO F 604 67.71 55.85 -32.75
C PRO F 604 69.07 56.52 -32.61
N SER F 605 70.02 55.77 -32.04
CA SER F 605 71.40 56.21 -31.92
C SER F 605 72.30 54.97 -31.94
N ARG F 606 73.56 55.17 -32.32
CA ARG F 606 74.45 54.02 -32.47
C ARG F 606 74.91 53.51 -31.10
N ASP F 607 75.12 54.41 -30.14
CA ASP F 607 75.66 53.98 -28.85
C ASP F 607 74.58 53.51 -27.89
N ASP F 608 73.43 54.20 -27.85
CA ASP F 608 72.41 53.85 -26.86
C ASP F 608 71.67 52.59 -27.24
N ASP F 609 71.48 52.33 -28.54
CA ASP F 609 70.83 51.11 -28.98
C ASP F 609 71.70 49.87 -28.73
N GLU F 610 73.02 50.01 -28.77
CA GLU F 610 73.89 48.85 -28.55
C GLU F 610 73.82 48.37 -27.10
N LYS F 611 73.73 49.31 -26.16
CA LYS F 611 73.59 48.94 -24.75
C LYS F 611 72.26 48.24 -24.51
N LEU F 612 71.19 48.74 -25.13
CA LEU F 612 69.89 48.07 -25.08
C LEU F 612 69.97 46.66 -25.68
N ALA F 613 70.68 46.53 -26.79
CA ALA F 613 70.78 45.23 -27.47
C ALA F 613 71.53 44.22 -26.61
N GLU F 614 72.65 44.63 -26.01
CA GLU F 614 73.38 43.68 -25.17
C GLU F 614 72.62 43.36 -23.90
N HIS F 615 71.88 44.34 -23.34
CA HIS F 615 71.04 44.07 -22.18
C HIS F 615 69.97 43.03 -22.49
N VAL F 616 69.27 43.21 -23.62
CA VAL F 616 68.17 42.32 -23.98
C VAL F 616 68.69 40.93 -24.34
N THR F 617 69.82 40.86 -25.05
CA THR F 617 70.38 39.55 -25.39
C THR F 617 70.86 38.81 -24.15
N TYR F 618 71.45 39.53 -23.18
CA TYR F 618 71.86 38.88 -21.95
C TYR F 618 70.65 38.36 -21.19
N VAL F 619 69.56 39.14 -21.16
CA VAL F 619 68.34 38.71 -20.49
C VAL F 619 67.75 37.48 -21.18
N HIS F 620 67.81 37.45 -22.51
CA HIS F 620 67.28 36.30 -23.23
C HIS F 620 68.17 35.07 -23.07
N MET F 621 69.45 35.26 -22.77
CA MET F 621 70.36 34.12 -22.72
C MET F 621 70.49 33.52 -21.32
N HIS F 622 70.78 34.35 -20.31
CA HIS F 622 70.87 33.86 -18.93
C HIS F 622 69.59 34.00 -18.12
N ASN F 623 68.49 34.47 -18.71
CA ASN F 623 67.18 34.54 -18.06
C ASN F 623 67.20 35.44 -16.83
N LYS F 624 68.11 36.41 -16.81
CA LYS F 624 68.27 37.31 -15.66
C LYS F 624 68.98 38.58 -16.11
N GLN F 625 69.34 39.40 -15.13
CA GLN F 625 69.75 40.77 -15.40
C GLN F 625 71.25 40.86 -15.67
N PRO F 626 71.68 41.80 -16.51
CA PRO F 626 73.12 41.87 -16.86
C PRO F 626 74.04 42.31 -15.75
N ASP F 627 73.78 43.45 -15.12
CA ASP F 627 74.78 44.07 -14.26
C ASP F 627 74.90 43.33 -12.93
N LEU F 628 76.08 42.79 -12.66
CA LEU F 628 76.35 42.03 -11.45
C LEU F 628 76.96 42.87 -10.35
N ASP F 629 77.01 44.19 -10.52
CA ASP F 629 77.50 45.09 -9.49
C ASP F 629 76.40 45.54 -8.53
N PHE F 630 75.16 45.11 -8.72
CA PHE F 630 74.09 45.42 -7.78
C PHE F 630 73.11 44.26 -7.74
N THR F 631 72.54 44.01 -6.57
CA THR F 631 71.52 42.98 -6.42
C THR F 631 70.14 43.62 -6.34
N PRO F 632 69.23 43.26 -7.25
CA PRO F 632 67.86 43.78 -7.16
C PRO F 632 67.19 43.41 -5.85
N VAL F 633 66.41 44.34 -5.32
CA VAL F 633 65.60 44.06 -4.14
C VAL F 633 64.44 43.16 -4.53
N GLU F 634 64.19 42.13 -3.71
CA GLU F 634 63.08 41.23 -3.97
C GLU F 634 61.75 41.96 -3.79
N PRO F 635 60.73 41.57 -4.56
CA PRO F 635 59.44 42.28 -4.48
C PRO F 635 58.80 42.24 -3.10
N SER F 636 58.99 41.17 -2.34
CA SER F 636 58.47 41.14 -0.97
C SER F 636 59.23 42.10 -0.06
N LYS F 637 60.56 42.15 -0.22
CA LYS F 637 61.37 43.07 0.57
C LYS F 637 61.03 44.51 0.20
N MET F 638 60.87 44.78 -1.10
CA MET F 638 60.43 46.09 -1.56
C MET F 638 59.05 46.43 -1.00
N ARG F 639 58.15 45.45 -0.96
CA ARG F 639 56.81 45.68 -0.44
C ARG F 639 56.85 46.06 1.04
N GLU F 640 57.66 45.38 1.85
CA GLU F 640 57.66 45.73 3.26
C GLU F 640 58.37 47.05 3.50
N TYR F 641 59.41 47.38 2.71
CA TYR F 641 60.05 48.68 2.86
C TYR F 641 59.09 49.80 2.46
N ILE F 642 58.33 49.60 1.38
CA ILE F 642 57.34 50.60 0.96
C ILE F 642 56.23 50.72 2.00
N ALA F 643 55.86 49.61 2.64
CA ALA F 643 54.87 49.67 3.72
C ALA F 643 55.38 50.51 4.90
N TYR F 644 56.63 50.28 5.30
CA TYR F 644 57.21 51.09 6.37
C TYR F 644 57.33 52.55 5.97
N ALA F 645 57.60 52.81 4.68
CA ALA F 645 57.61 54.18 4.19
C ALA F 645 56.23 54.81 4.24
N LYS F 646 55.19 54.01 3.96
CA LYS F 646 53.82 54.53 3.95
C LYS F 646 53.32 54.76 5.37
N THR F 647 53.94 54.12 6.36
CA THR F 647 53.58 54.41 7.75
C THR F 647 54.01 55.82 8.15
N LYS F 648 55.03 56.36 7.50
CA LYS F 648 55.57 57.67 7.89
C LYS F 648 54.66 58.80 7.43
N ARG F 649 54.67 59.89 8.20
CA ARG F 649 53.81 61.05 7.96
C ARG F 649 54.67 62.31 8.02
N PRO F 650 55.37 62.66 6.93
CA PRO F 650 56.23 63.85 6.95
C PRO F 650 55.43 65.13 6.90
N VAL F 651 56.04 66.21 7.40
CA VAL F 651 55.46 67.56 7.38
C VAL F 651 56.51 68.52 6.83
N MET F 652 56.07 69.68 6.37
CA MET F 652 56.98 70.63 5.74
C MET F 652 57.24 71.82 6.66
N SER F 653 58.46 72.35 6.59
CA SER F 653 58.87 73.50 7.39
C SER F 653 58.73 74.80 6.59
N GLU F 654 59.21 75.88 7.20
CA GLU F 654 59.07 77.21 6.58
C GLU F 654 60.00 77.37 5.38
N ALA F 655 61.23 76.86 5.48
CA ALA F 655 62.20 77.05 4.42
C ALA F 655 61.82 76.29 3.16
N VAL F 656 61.40 75.03 3.32
CA VAL F 656 60.98 74.24 2.16
C VAL F 656 59.71 74.83 1.56
N ASN F 657 58.84 75.40 2.39
CA ASN F 657 57.64 76.06 1.88
C ASN F 657 58.00 77.28 1.04
N ASP F 658 58.96 78.09 1.51
CA ASP F 658 59.40 79.24 0.73
C ASP F 658 60.03 78.82 -0.59
N TYR F 659 60.87 77.78 -0.56
CA TYR F 659 61.50 77.29 -1.77
C TYR F 659 60.48 76.75 -2.76
N VAL F 660 59.46 76.03 -2.25
CA VAL F 660 58.39 75.51 -3.08
C VAL F 660 57.58 76.63 -3.70
N VAL F 661 57.28 77.68 -2.92
CA VAL F 661 56.53 78.83 -3.42
C VAL F 661 57.29 79.53 -4.55
N GLN F 662 58.59 79.73 -4.34
CA GLN F 662 59.41 80.38 -5.37
C GLN F 662 59.48 79.52 -6.63
N ALA F 663 59.61 78.20 -6.47
CA ALA F 663 59.64 77.30 -7.61
C ALA F 663 58.33 77.33 -8.39
N TYR F 664 57.20 77.39 -7.67
CA TYR F 664 55.89 77.45 -8.32
C TYR F 664 55.73 78.76 -9.10
N ILE F 665 56.19 79.88 -8.51
CA ILE F 665 56.13 81.16 -9.21
C ILE F 665 56.95 81.13 -10.48
N ARG F 666 58.17 80.58 -10.40
CA ARG F 666 59.02 80.47 -11.58
C ARG F 666 58.40 79.57 -12.64
N LEU F 667 57.76 78.48 -12.21
CA LEU F 667 57.11 77.57 -13.15
C LEU F 667 55.95 78.25 -13.86
N ARG F 668 55.15 79.04 -13.13
CA ARG F 668 54.02 79.74 -13.73
C ARG F 668 54.48 80.77 -14.75
N GLN F 669 55.50 81.56 -14.39
CA GLN F 669 56.02 82.56 -15.33
C GLN F 669 56.64 81.90 -16.56
N ASP F 670 57.36 80.80 -16.36
CA ASP F 670 57.99 80.09 -17.47
C ASP F 670 56.92 79.53 -18.40
N SER F 671 55.84 78.99 -17.84
CA SER F 671 54.76 78.46 -18.69
C SER F 671 54.07 79.58 -19.46
N LYS F 672 53.87 80.75 -18.82
CA LYS F 672 53.32 81.89 -19.54
C LYS F 672 54.22 82.32 -20.69
N ARG F 673 55.54 82.27 -20.49
CA ARG F 673 56.44 82.58 -21.59
C ARG F 673 56.36 81.53 -22.70
N GLU F 674 56.27 80.24 -22.33
CA GLU F 674 56.25 79.19 -23.33
C GLU F 674 54.92 79.05 -24.05
N MET F 675 53.86 79.73 -23.58
CA MET F 675 52.52 79.50 -24.12
C MET F 675 52.42 79.79 -25.61
N ASP F 676 53.03 80.89 -26.07
CA ASP F 676 52.96 81.21 -27.50
C ASP F 676 53.87 80.30 -28.33
N SER F 677 54.94 79.81 -27.73
CA SER F 677 55.92 79.02 -28.46
C SER F 677 55.46 77.57 -28.60
N LYS F 678 56.20 76.81 -29.41
CA LYS F 678 55.92 75.39 -29.59
C LYS F 678 56.45 74.56 -28.42
N PHE F 679 57.25 75.17 -27.55
CA PHE F 679 57.86 74.42 -26.46
C PHE F 679 56.88 74.15 -25.32
N SER F 680 55.67 74.73 -25.40
CA SER F 680 54.70 74.63 -24.31
C SER F 680 54.28 73.19 -24.05
N PHE F 681 54.24 72.82 -22.77
CA PHE F 681 53.71 71.54 -22.33
C PHE F 681 52.39 71.69 -21.58
N GLY F 682 51.75 72.85 -21.67
CA GLY F 682 50.53 73.14 -20.97
C GLY F 682 50.68 74.42 -20.19
N GLN F 683 49.75 74.66 -19.26
CA GLN F 683 49.85 75.77 -18.33
C GLN F 683 50.00 75.21 -16.92
N ALA F 684 50.94 75.79 -16.18
CA ALA F 684 51.11 75.41 -14.78
C ALA F 684 49.89 75.83 -13.97
N THR F 685 49.45 74.94 -13.09
CA THR F 685 48.23 75.11 -12.32
C THR F 685 48.56 74.92 -10.84
N PRO F 686 47.64 75.22 -9.91
CA PRO F 686 47.86 74.81 -8.51
C PRO F 686 48.02 73.31 -8.33
N ARG F 687 47.48 72.51 -9.25
CA ARG F 687 47.68 71.08 -9.21
C ARG F 687 49.15 70.71 -9.42
N THR F 688 49.88 71.50 -10.21
CA THR F 688 51.31 71.30 -10.34
C THR F 688 52.03 71.53 -9.02
N LEU F 689 51.64 72.57 -8.29
CA LEU F 689 52.19 72.85 -6.97
C LEU F 689 51.89 71.71 -5.99
N LEU F 690 50.65 71.21 -6.01
CA LEU F 690 50.29 70.11 -5.13
C LEU F 690 51.01 68.82 -5.51
N GLY F 691 51.25 68.62 -6.80
CA GLY F 691 52.03 67.46 -7.22
C GLY F 691 53.48 67.55 -6.77
N ILE F 692 54.05 68.74 -6.82
CA ILE F 692 55.41 68.94 -6.31
C ILE F 692 55.48 68.63 -4.82
N ILE F 693 54.50 69.13 -4.06
CA ILE F 693 54.44 68.86 -2.61
C ILE F 693 54.28 67.36 -2.35
N ARG F 694 53.40 66.70 -3.13
CA ARG F 694 53.16 65.28 -2.97
C ARG F 694 54.40 64.44 -3.26
N LEU F 695 55.13 64.78 -4.33
CA LEU F 695 56.38 64.09 -4.65
C LEU F 695 57.44 64.31 -3.58
N SER F 696 57.53 65.53 -3.05
CA SER F 696 58.47 65.81 -1.97
C SER F 696 58.14 64.98 -0.73
N GLN F 697 56.85 64.86 -0.40
CA GLN F 697 56.45 64.06 0.74
C GLN F 697 56.73 62.58 0.52
N ALA F 698 56.54 62.10 -0.71
CA ALA F 698 56.88 60.71 -1.01
C ALA F 698 58.38 60.45 -0.87
N LEU F 699 59.20 61.39 -1.35
CA LEU F 699 60.65 61.25 -1.22
C LEU F 699 61.08 61.32 0.24
N ALA F 700 60.39 62.12 1.05
CA ALA F 700 60.65 62.13 2.49
C ALA F 700 60.24 60.82 3.13
N LYS F 701 59.16 60.21 2.63
CA LYS F 701 58.70 58.92 3.13
C LYS F 701 59.72 57.81 2.85
N LEU F 702 60.37 57.87 1.68
CA LEU F 702 61.39 56.87 1.36
C LEU F 702 62.58 56.95 2.32
N ARG F 703 62.94 58.14 2.76
CA ARG F 703 64.03 58.28 3.73
C ARG F 703 63.58 58.04 5.15
N LEU F 704 62.30 57.71 5.36
CA LEU F 704 61.71 57.45 6.68
C LEU F 704 61.89 58.63 7.62
N ALA F 705 61.76 59.84 7.08
CA ALA F 705 61.92 61.07 7.84
C ALA F 705 60.56 61.70 8.12
N ASP F 706 60.45 62.38 9.25
CA ASP F 706 59.23 63.08 9.62
C ASP F 706 59.18 64.51 9.08
N MET F 707 60.19 64.92 8.32
CA MET F 707 60.23 66.26 7.74
C MET F 707 60.69 66.17 6.29
N VAL F 708 60.32 67.20 5.51
CA VAL F 708 60.70 67.29 4.11
C VAL F 708 61.90 68.21 4.00
N ASP F 709 62.91 67.78 3.25
CA ASP F 709 64.14 68.54 3.12
C ASP F 709 64.16 69.35 1.82
N ILE F 710 65.19 70.19 1.69
CA ILE F 710 65.43 70.91 0.44
C ILE F 710 65.75 69.94 -0.69
N ASP F 711 66.56 68.91 -0.39
CA ASP F 711 67.03 68.00 -1.43
C ASP F 711 65.89 67.16 -2.00
N ASP F 712 64.93 66.79 -1.16
CA ASP F 712 63.76 66.06 -1.65
C ASP F 712 62.93 66.92 -2.60
N VAL F 713 62.76 68.20 -2.27
CA VAL F 713 62.03 69.11 -3.15
C VAL F 713 62.78 69.30 -4.46
N GLU F 714 64.11 69.43 -4.41
CA GLU F 714 64.89 69.59 -5.64
C GLU F 714 64.83 68.33 -6.50
N GLU F 715 64.80 67.15 -5.86
CA GLU F 715 64.65 65.91 -6.61
C GLU F 715 63.27 65.83 -7.27
N ALA F 716 62.23 66.27 -6.56
CA ALA F 716 60.90 66.30 -7.15
C ALA F 716 60.86 67.26 -8.34
N LEU F 717 61.48 68.44 -8.19
CA LEU F 717 61.51 69.42 -9.27
C LEU F 717 62.28 68.89 -10.48
N ARG F 718 63.40 68.21 -10.25
CA ARG F 718 64.18 67.70 -11.38
C ARG F 718 63.47 66.53 -12.05
N LEU F 719 62.71 65.73 -11.28
CA LEU F 719 61.88 64.69 -11.89
C LEU F 719 60.81 65.28 -12.78
N VAL F 720 60.15 66.34 -12.30
CA VAL F 720 59.12 67.01 -13.09
C VAL F 720 59.73 67.62 -14.36
N ARG F 721 60.94 68.19 -14.25
CA ARG F 721 61.55 68.82 -15.41
C ARG F 721 62.04 67.81 -16.44
N VAL F 722 62.64 66.70 -16.00
CA VAL F 722 63.13 65.72 -16.97
C VAL F 722 62.01 64.81 -17.43
N SER F 723 60.82 64.96 -16.84
CA SER F 723 59.67 64.20 -17.31
C SER F 723 59.28 64.59 -18.74
N LYS F 724 59.17 65.88 -19.02
CA LYS F 724 58.70 66.36 -20.32
C LYS F 724 59.74 67.19 -21.06
N GLU F 725 60.29 68.24 -20.43
CA GLU F 725 61.05 69.24 -21.17
C GLU F 725 62.39 68.70 -21.66
N SER F 726 63.07 67.92 -20.83
CA SER F 726 64.46 67.53 -21.10
C SER F 726 64.55 66.61 -22.31
N LEU F 727 63.66 65.61 -22.40
CA LEU F 727 63.75 64.67 -23.52
C LEU F 727 63.27 65.30 -24.82
N TYR F 728 62.28 66.19 -24.74
CA TYR F 728 61.81 66.87 -25.94
C TYR F 728 62.85 67.86 -26.46
N GLN F 729 63.62 68.47 -25.56
CA GLN F 729 64.67 69.38 -25.99
C GLN F 729 65.78 68.63 -26.73
N GLU F 730 66.12 67.43 -26.29
CA GLU F 730 67.16 66.63 -26.92
C GLU F 730 66.71 66.10 -28.28
N LEU G 181 -48.38 22.97 24.38
CA LEU G 181 -49.64 22.41 23.88
C LEU G 181 -50.51 21.93 25.04
N THR G 182 -51.53 21.13 24.70
CA THR G 182 -52.48 20.61 25.69
C THR G 182 -52.60 19.10 25.52
N LEU G 183 -53.25 18.48 26.50
CA LEU G 183 -53.45 17.03 26.47
C LEU G 183 -54.37 16.62 25.32
N GLU G 184 -55.43 17.40 25.08
CA GLU G 184 -56.34 17.11 23.99
C GLU G 184 -55.64 17.28 22.63
N SER G 185 -54.75 18.28 22.54
CA SER G 185 -53.95 18.43 21.32
C SER G 185 -52.90 17.33 21.22
N LEU G 186 -52.46 16.79 22.36
CA LEU G 186 -51.54 15.65 22.33
C LEU G 186 -52.24 14.41 21.82
N SER G 187 -53.53 14.25 22.14
CA SER G 187 -54.29 13.10 21.66
C SER G 187 -54.41 13.10 20.14
N ASN G 188 -54.67 14.27 19.55
CA ASN G 188 -54.66 14.38 18.09
C ASN G 188 -53.24 14.29 17.58
N VAL G 189 -53.06 13.57 16.47
CA VAL G 189 -51.74 13.25 15.94
C VAL G 189 -51.65 13.84 14.52
N LYS G 190 -50.53 14.50 14.24
CA LYS G 190 -50.33 15.06 12.91
C LYS G 190 -49.36 14.20 12.09
N ALA G 191 -48.41 13.54 12.77
CA ALA G 191 -47.42 12.74 12.09
C ALA G 191 -48.02 11.41 11.62
N ASN G 192 -47.22 10.65 10.87
CA ASN G 192 -47.70 9.40 10.29
C ASN G 192 -47.94 8.34 11.35
N SER G 193 -47.01 8.20 12.31
CA SER G 193 -47.12 7.21 13.36
C SER G 193 -46.86 7.87 14.71
N TYR G 194 -47.07 7.08 15.77
CA TYR G 194 -46.92 7.59 17.13
C TYR G 194 -45.47 7.94 17.43
N SER G 195 -44.53 7.17 16.90
CA SER G 195 -43.11 7.39 17.16
C SER G 195 -42.65 8.73 16.59
N GLU G 196 -42.99 9.01 15.32
CA GLU G 196 -42.62 10.30 14.73
C GLU G 196 -43.38 11.44 15.39
N TRP G 197 -44.58 11.17 15.89
CA TRP G 197 -45.35 12.19 16.60
C TRP G 197 -44.66 12.60 17.90
N ILE G 198 -44.27 11.63 18.72
CA ILE G 198 -43.59 11.94 19.98
C ILE G 198 -42.20 12.50 19.70
N THR G 199 -41.59 12.07 18.59
CA THR G 199 -40.26 12.54 18.21
C THR G 199 -40.23 14.04 17.90
N GLN G 200 -41.36 14.63 17.50
CA GLN G 200 -41.40 16.05 17.18
C GLN G 200 -41.06 16.89 18.40
N PRO G 201 -40.25 17.95 18.24
CA PRO G 201 -39.69 18.64 19.42
C PRO G 201 -40.73 19.37 20.25
N ASN G 202 -41.72 20.00 19.62
CA ASN G 202 -42.78 20.65 20.39
C ASN G 202 -43.60 19.62 21.17
N VAL G 203 -43.91 18.49 20.52
CA VAL G 203 -44.62 17.41 21.20
C VAL G 203 -43.75 16.81 22.29
N SER G 204 -42.44 16.71 22.03
CA SER G 204 -41.52 16.16 23.03
C SER G 204 -41.46 17.04 24.28
N ARG G 205 -41.34 18.36 24.10
CA ARG G 205 -41.28 19.23 25.27
C ARG G 205 -42.64 19.33 25.97
N THR G 206 -43.73 19.22 25.20
CA THR G 206 -45.05 19.17 25.82
C THR G 206 -45.22 17.92 26.69
N ILE G 207 -44.77 16.77 26.18
CA ILE G 207 -44.84 15.53 26.93
C ILE G 207 -43.96 15.60 28.16
N ALA G 208 -42.76 16.16 28.03
CA ALA G 208 -41.87 16.30 29.18
C ALA G 208 -42.46 17.21 30.25
N ARG G 209 -43.07 18.34 29.82
CA ARG G 209 -43.70 19.25 30.77
C ARG G 209 -44.88 18.59 31.48
N GLU G 210 -45.71 17.86 30.74
CA GLU G 210 -46.88 17.22 31.34
C GLU G 210 -46.48 16.09 32.27
N LEU G 211 -45.41 15.36 31.92
CA LEU G 211 -44.91 14.29 32.79
C LEU G 211 -44.27 14.86 34.04
N LYS G 212 -43.56 15.99 33.92
CA LYS G 212 -43.03 16.67 35.10
C LYS G 212 -44.15 17.13 36.02
N SER G 213 -45.21 17.69 35.44
CA SER G 213 -46.37 18.10 36.23
C SER G 213 -46.99 16.90 36.94
N PHE G 214 -47.18 15.79 36.22
CA PHE G 214 -47.79 14.59 36.81
C PHE G 214 -46.92 14.04 37.93
N LEU G 215 -45.60 14.04 37.74
CA LEU G 215 -44.70 13.54 38.76
C LEU G 215 -44.73 14.44 40.00
N LEU G 216 -44.96 15.74 39.81
CA LEU G 216 -44.91 16.64 40.94
C LEU G 216 -46.22 16.66 41.73
N GLU G 217 -47.37 16.71 41.04
CA GLU G 217 -48.60 17.08 41.74
C GLU G 217 -49.46 15.88 42.11
N TYR G 218 -49.10 14.67 41.66
CA TYR G 218 -50.02 13.53 41.81
C TYR G 218 -50.21 13.16 43.27
N THR G 219 -51.46 12.98 43.66
CA THR G 219 -51.86 12.52 44.98
C THR G 219 -53.01 11.53 44.84
N ASP G 220 -53.21 10.71 45.87
CA ASP G 220 -54.33 9.81 45.95
C ASP G 220 -55.48 10.37 46.77
N GLU G 221 -55.59 11.69 46.86
CA GLU G 221 -56.58 12.42 47.65
C GLU G 221 -56.51 12.06 49.13
N THR G 222 -55.34 11.69 49.63
CA THR G 222 -55.11 11.41 51.05
C THR G 222 -54.23 12.46 51.72
N GLY G 223 -53.96 13.57 51.04
CA GLY G 223 -53.07 14.58 51.58
C GLY G 223 -51.60 14.29 51.42
N ARG G 224 -51.24 13.23 50.69
CA ARG G 224 -49.86 12.81 50.51
C ARG G 224 -49.59 12.59 49.03
N SER G 225 -48.44 13.06 48.58
CA SER G 225 -47.94 12.79 47.24
C SER G 225 -47.04 11.56 47.32
N VAL G 226 -47.43 10.49 46.63
CA VAL G 226 -46.68 9.25 46.70
C VAL G 226 -45.34 9.38 45.98
N TYR G 227 -45.31 10.09 44.84
CA TYR G 227 -44.11 10.13 44.02
C TYR G 227 -43.03 11.02 44.64
N GLY G 228 -43.44 12.03 45.40
CA GLY G 228 -42.48 12.79 46.17
C GLY G 228 -41.78 11.94 47.22
N ALA G 229 -42.55 11.06 47.89
CA ALA G 229 -41.96 10.13 48.83
C ALA G 229 -41.04 9.13 48.13
N ARG G 230 -41.43 8.66 46.94
CA ARG G 230 -40.56 7.76 46.19
C ARG G 230 -39.25 8.44 45.80
N ILE G 231 -39.32 9.71 45.37
CA ILE G 231 -38.10 10.43 45.00
C ILE G 231 -37.22 10.66 46.21
N ARG G 232 -37.83 11.00 47.36
CA ARG G 232 -37.05 11.19 48.58
C ARG G 232 -36.38 9.91 49.04
N THR G 233 -37.09 8.78 48.98
CA THR G 233 -36.48 7.50 49.34
C THR G 233 -35.37 7.12 48.37
N LEU G 234 -35.58 7.39 47.07
CA LEU G 234 -34.55 7.13 46.06
C LEU G 234 -33.29 7.93 46.35
N GLY G 235 -33.45 9.21 46.70
CA GLY G 235 -32.30 10.02 47.05
C GLY G 235 -31.62 9.57 48.33
N GLU G 236 -32.41 9.10 49.30
CA GLU G 236 -31.84 8.74 50.59
C GLU G 236 -31.10 7.40 50.54
N MET G 237 -31.53 6.49 49.66
CA MET G 237 -30.84 5.19 49.60
C MET G 237 -29.87 5.08 48.43
N ASN G 238 -29.67 6.17 47.67
CA ASN G 238 -28.74 6.22 46.54
C ASN G 238 -29.06 5.16 45.50
N SER G 239 -30.25 5.31 44.92
CA SER G 239 -30.76 4.38 43.92
C SER G 239 -30.98 5.10 42.60
N GLU G 240 -30.87 4.35 41.51
CA GLU G 240 -31.12 4.86 40.17
C GLU G 240 -32.42 4.35 39.58
N SER G 241 -33.27 3.71 40.38
CA SER G 241 -34.53 3.13 39.90
C SER G 241 -35.70 3.81 40.59
N LEU G 242 -36.57 4.42 39.80
CA LEU G 242 -37.80 5.06 40.30
C LEU G 242 -38.99 4.23 39.87
N GLU G 243 -39.66 3.60 40.83
CA GLU G 243 -40.81 2.75 40.55
C GLU G 243 -42.05 3.62 40.37
N VAL G 244 -42.62 3.61 39.18
CA VAL G 244 -43.76 4.44 38.83
C VAL G 244 -44.93 3.54 38.46
N ASN G 245 -46.06 3.72 39.16
CA ASN G 245 -47.24 2.90 38.90
C ASN G 245 -47.91 3.31 37.60
N TYR G 246 -48.40 2.32 36.85
CA TYR G 246 -49.04 2.60 35.58
C TYR G 246 -50.47 3.10 35.75
N ARG G 247 -51.19 2.63 36.78
CA ARG G 247 -52.56 3.08 36.99
C ARG G 247 -52.61 4.57 37.32
N HIS G 248 -51.63 5.05 38.10
CA HIS G 248 -51.59 6.45 38.48
C HIS G 248 -51.40 7.35 37.25
N LEU G 249 -50.53 6.94 36.34
CA LEU G 249 -50.34 7.71 35.12
C LEU G 249 -51.54 7.57 34.20
N ALA G 250 -52.22 6.42 34.24
CA ALA G 250 -53.36 6.19 33.35
C ALA G 250 -54.56 7.02 33.75
N GLU G 251 -54.85 7.10 35.06
CA GLU G 251 -56.05 7.80 35.50
C GLU G 251 -55.90 9.31 35.35
N SER G 252 -54.67 9.82 35.49
CA SER G 252 -54.45 11.26 35.42
C SER G 252 -54.23 11.71 33.97
N LYS G 253 -53.27 11.08 33.29
CA LYS G 253 -52.89 11.47 31.93
C LYS G 253 -53.01 10.22 31.04
N ALA G 254 -54.21 9.99 30.53
CA ALA G 254 -54.50 8.76 29.79
C ALA G 254 -53.74 8.71 28.47
N ILE G 255 -53.59 9.86 27.81
CA ILE G 255 -52.88 9.89 26.53
C ILE G 255 -51.39 9.59 26.73
N LEU G 256 -50.82 10.02 27.86
CA LEU G 256 -49.43 9.72 28.13
C LEU G 256 -49.24 8.24 28.44
N ALA G 257 -50.19 7.62 29.13
CA ALA G 257 -50.15 6.18 29.36
C ALA G 257 -50.28 5.41 28.05
N LEU G 258 -51.15 5.88 27.15
CA LEU G 258 -51.28 5.27 25.84
C LEU G 258 -49.98 5.38 25.04
N PHE G 259 -49.33 6.55 25.11
CA PHE G 259 -48.07 6.75 24.40
C PHE G 259 -46.98 5.88 24.99
N LEU G 260 -46.98 5.69 26.31
CA LEU G 260 -46.02 4.80 26.95
C LEU G 260 -46.26 3.35 26.56
N ALA G 261 -47.53 2.95 26.41
CA ALA G 261 -47.84 1.58 26.03
C ALA G 261 -47.46 1.31 24.58
N LYS G 262 -47.72 2.26 23.68
CA LYS G 262 -47.54 2.00 22.26
C LYS G 262 -46.09 2.20 21.84
N CYS G 263 -45.44 3.27 22.29
CA CYS G 263 -44.06 3.58 21.91
C CYS G 263 -43.24 3.80 23.17
N PRO G 264 -42.80 2.72 23.81
CA PRO G 264 -42.25 2.85 25.17
C PRO G 264 -40.83 3.35 25.23
N GLU G 265 -40.04 3.20 24.16
CA GLU G 265 -38.61 3.48 24.25
C GLU G 265 -38.34 4.96 24.42
N GLU G 266 -38.77 5.78 23.46
CA GLU G 266 -38.54 7.21 23.55
C GLU G 266 -39.37 7.87 24.66
N MET G 267 -40.55 7.31 24.96
CA MET G 267 -41.33 7.80 26.09
C MET G 267 -40.61 7.57 27.41
N LEU G 268 -40.00 6.38 27.57
CA LEU G 268 -39.24 6.09 28.77
C LEU G 268 -37.98 6.94 28.84
N LYS G 269 -37.35 7.22 27.70
CA LYS G 269 -36.20 8.12 27.69
C LYS G 269 -36.59 9.52 28.16
N ILE G 270 -37.71 10.04 27.64
CA ILE G 270 -38.18 11.37 28.03
C ILE G 270 -38.52 11.40 29.52
N PHE G 271 -39.20 10.37 30.00
CA PHE G 271 -39.65 10.42 31.40
C PHE G 271 -38.49 10.08 32.34
N ASP G 272 -37.44 9.42 31.83
CA ASP G 272 -36.20 9.28 32.58
C ASP G 272 -35.52 10.62 32.75
N LEU G 273 -35.49 11.43 31.70
CA LEU G 273 -34.97 12.80 31.83
C LEU G 273 -35.83 13.62 32.81
N VAL G 274 -37.15 13.43 32.76
CA VAL G 274 -38.06 14.11 33.67
C VAL G 274 -37.77 13.72 35.13
N ALA G 275 -37.63 12.43 35.39
CA ALA G 275 -37.34 11.97 36.75
C ALA G 275 -35.95 12.41 37.19
N MET G 276 -35.01 12.52 36.25
CA MET G 276 -33.70 13.06 36.57
C MET G 276 -33.79 14.51 37.03
N GLU G 277 -34.59 15.32 36.34
CA GLU G 277 -34.78 16.71 36.75
C GLU G 277 -35.49 16.80 38.09
N ALA G 278 -36.48 15.92 38.31
CA ALA G 278 -37.20 15.92 39.58
C ALA G 278 -36.30 15.53 40.74
N THR G 279 -35.40 14.57 40.52
CA THR G 279 -34.45 14.19 41.56
C THR G 279 -33.40 15.28 41.76
N GLU G 280 -33.02 15.97 40.68
CA GLU G 280 -32.09 17.08 40.78
C GLU G 280 -32.67 18.22 41.62
N LEU G 281 -33.98 18.44 41.52
CA LEU G 281 -34.63 19.47 42.35
C LEU G 281 -34.47 19.18 43.83
N HIS G 282 -34.68 17.92 44.23
CA HIS G 282 -34.55 17.55 45.64
C HIS G 282 -33.09 17.57 46.08
N TYR G 283 -32.21 16.97 45.30
CA TYR G 283 -30.79 16.86 45.63
C TYR G 283 -29.96 17.44 44.50
N PRO G 284 -29.25 18.54 44.71
CA PRO G 284 -28.52 19.17 43.60
C PRO G 284 -27.27 18.40 43.17
N ASP G 285 -26.59 17.74 44.10
CA ASP G 285 -25.35 17.04 43.79
C ASP G 285 -25.58 15.56 43.46
N TYR G 286 -26.84 15.15 43.30
CA TYR G 286 -27.13 13.78 42.90
C TYR G 286 -26.70 13.51 41.47
N ALA G 287 -26.67 14.56 40.64
CA ALA G 287 -26.35 14.41 39.23
C ALA G 287 -24.91 13.99 39.01
N ARG G 288 -23.97 14.57 39.77
CA ARG G 288 -22.57 14.19 39.60
C ARG G 288 -22.32 12.79 40.15
N ILE G 289 -23.15 12.36 41.11
CA ILE G 289 -22.95 11.05 41.71
C ILE G 289 -23.47 9.94 40.81
N HIS G 290 -24.69 10.10 40.28
CA HIS G 290 -25.34 9.04 39.52
C HIS G 290 -25.51 9.34 38.04
N SER G 291 -26.06 10.51 37.69
CA SER G 291 -26.27 11.01 36.34
C SER G 291 -27.21 10.14 35.50
N GLU G 292 -28.00 9.26 36.12
CA GLU G 292 -28.94 8.44 35.38
C GLU G 292 -30.02 7.95 36.35
N ILE G 293 -31.28 8.10 35.95
CA ILE G 293 -32.42 7.58 36.69
C ILE G 293 -33.25 6.73 35.75
N HIS G 294 -33.48 5.48 36.12
CA HIS G 294 -34.29 4.56 35.34
C HIS G 294 -35.67 4.47 35.97
N VAL G 295 -36.70 4.57 35.15
CA VAL G 295 -38.08 4.48 35.62
C VAL G 295 -38.61 3.07 35.38
N ARG G 296 -39.11 2.45 36.44
CA ARG G 296 -39.64 1.09 36.39
C ARG G 296 -41.16 1.19 36.40
N ILE G 297 -41.78 0.89 35.25
CA ILE G 297 -43.23 0.88 35.17
C ILE G 297 -43.76 -0.35 35.90
N SER G 298 -44.71 -0.12 36.80
CA SER G 298 -45.26 -1.19 37.63
C SER G 298 -46.74 -1.33 37.35
N ASP G 299 -47.23 -2.57 37.50
CA ASP G 299 -48.64 -2.93 37.39
C ASP G 299 -49.21 -2.55 36.02
N PHE G 300 -48.54 -3.03 34.97
CA PHE G 300 -49.10 -2.91 33.63
C PHE G 300 -50.33 -3.81 33.54
N PRO G 301 -51.45 -3.34 32.99
CA PRO G 301 -52.71 -4.08 33.17
C PRO G 301 -52.78 -5.37 32.35
N THR G 302 -52.44 -5.33 31.07
CA THR G 302 -52.57 -6.51 30.23
C THR G 302 -51.40 -7.46 30.48
N ILE G 303 -51.72 -8.75 30.60
CA ILE G 303 -50.73 -9.78 30.85
C ILE G 303 -50.78 -10.78 29.70
N TYR G 304 -49.66 -10.95 29.02
CA TYR G 304 -49.53 -11.86 27.90
C TYR G 304 -48.76 -13.10 28.35
N SER G 305 -49.08 -14.24 27.74
CA SER G 305 -48.21 -15.39 27.89
C SER G 305 -47.16 -15.38 26.78
N LEU G 306 -46.16 -16.23 26.93
CA LEU G 306 -45.07 -16.25 25.96
C LEU G 306 -45.53 -16.85 24.64
N ARG G 307 -46.56 -17.70 24.68
CA ARG G 307 -47.01 -18.36 23.46
C ARG G 307 -47.88 -17.43 22.60
N GLU G 308 -48.42 -16.37 23.17
CA GLU G 308 -49.32 -15.48 22.43
C GLU G 308 -48.66 -14.18 22.00
N LEU G 309 -47.34 -14.06 22.11
CA LEU G 309 -46.65 -12.91 21.55
C LEU G 309 -46.66 -12.98 20.03
N ARG G 310 -47.04 -11.88 19.39
CA ARG G 310 -47.18 -11.81 17.94
C ARG G 310 -46.38 -10.62 17.41
N GLU G 311 -46.46 -10.41 16.09
CA GLU G 311 -45.70 -9.34 15.46
C GLU G 311 -46.28 -7.96 15.78
N SER G 312 -47.57 -7.90 16.15
CA SER G 312 -48.19 -6.63 16.50
C SER G 312 -47.64 -6.09 17.81
N ASN G 313 -47.11 -6.97 18.67
CA ASN G 313 -46.57 -6.55 19.95
C ASN G 313 -45.18 -5.97 19.83
N LEU G 314 -44.58 -6.01 18.64
CA LEU G 314 -43.21 -5.55 18.47
C LEU G 314 -43.09 -4.04 18.71
N SER G 315 -41.97 -3.66 19.35
CA SER G 315 -41.69 -2.27 19.72
C SER G 315 -42.78 -1.68 20.61
N SER G 316 -43.33 -2.51 21.49
CA SER G 316 -44.37 -2.08 22.41
C SER G 316 -44.11 -2.69 23.79
N LEU G 317 -44.81 -2.16 24.78
CA LEU G 317 -44.64 -2.60 26.14
C LEU G 317 -45.51 -3.82 26.40
N VAL G 318 -44.91 -4.86 26.97
CA VAL G 318 -45.57 -6.13 27.20
C VAL G 318 -45.22 -6.63 28.59
N ARG G 319 -46.20 -7.22 29.27
CA ARG G 319 -46.01 -7.84 30.57
C ARG G 319 -46.25 -9.33 30.43
N VAL G 320 -45.21 -10.14 30.65
CA VAL G 320 -45.33 -11.57 30.50
C VAL G 320 -44.87 -12.28 31.76
N THR G 321 -45.48 -13.44 32.01
CA THR G 321 -45.15 -14.31 33.14
C THR G 321 -44.18 -15.37 32.65
N GLY G 322 -43.27 -15.79 33.53
CA GLY G 322 -42.42 -16.91 33.13
C GLY G 322 -41.53 -17.37 34.26
N VAL G 323 -41.02 -18.59 34.09
CA VAL G 323 -40.05 -19.17 35.01
C VAL G 323 -38.66 -18.90 34.43
N VAL G 324 -37.77 -18.37 35.28
CA VAL G 324 -36.41 -18.10 34.85
C VAL G 324 -35.66 -19.42 34.72
N THR G 325 -35.08 -19.64 33.55
CA THR G 325 -34.44 -20.90 33.20
C THR G 325 -32.94 -20.87 33.40
N ARG G 326 -32.25 -19.93 32.77
CA ARG G 326 -30.82 -19.76 32.94
C ARG G 326 -30.47 -18.30 32.74
N ARG G 327 -29.37 -17.87 33.34
CA ARG G 327 -28.89 -16.51 33.21
C ARG G 327 -27.39 -16.52 32.92
N THR G 328 -26.96 -15.54 32.13
CA THR G 328 -25.54 -15.39 31.83
C THR G 328 -24.84 -14.64 32.95
N GLY G 329 -23.53 -14.48 32.78
CA GLY G 329 -22.78 -13.61 33.67
C GLY G 329 -23.03 -12.15 33.36
N VAL G 330 -22.75 -11.30 34.35
CA VAL G 330 -22.92 -9.87 34.15
C VAL G 330 -21.76 -9.33 33.31
N PHE G 331 -22.11 -8.65 32.21
CA PHE G 331 -21.10 -8.12 31.31
C PHE G 331 -21.13 -6.60 31.30
N PRO G 332 -19.99 -5.95 31.07
CA PRO G 332 -19.99 -4.50 30.87
C PRO G 332 -20.42 -4.13 29.46
N GLN G 333 -21.43 -3.27 29.36
CA GLN G 333 -21.91 -2.74 28.10
C GLN G 333 -21.56 -1.26 28.04
N LEU G 334 -21.11 -0.80 26.87
CA LEU G 334 -20.71 0.59 26.70
C LEU G 334 -21.91 1.52 26.92
N LYS G 335 -21.72 2.55 27.75
CA LYS G 335 -22.77 3.53 28.01
C LYS G 335 -22.37 4.92 27.55
N TYR G 336 -21.25 5.45 28.04
CA TYR G 336 -20.68 6.71 27.57
C TYR G 336 -19.34 6.39 26.92
N VAL G 337 -19.34 6.30 25.60
CA VAL G 337 -18.20 5.79 24.84
C VAL G 337 -17.22 6.92 24.58
N LYS G 338 -15.95 6.68 24.90
CA LYS G 338 -14.90 7.66 24.68
C LYS G 338 -13.89 7.06 23.70
N PHE G 339 -13.50 7.86 22.71
CA PHE G 339 -12.61 7.40 21.65
C PHE G 339 -11.28 8.14 21.74
N ASN G 340 -10.27 7.61 21.05
CA ASN G 340 -9.01 8.31 20.85
C ASN G 340 -8.57 8.16 19.39
N CYS G 341 -7.99 9.23 18.85
CA CYS G 341 -7.52 9.25 17.47
C CYS G 341 -6.10 8.72 17.41
N LEU G 342 -5.82 7.86 16.43
CA LEU G 342 -4.49 7.29 16.32
C LEU G 342 -3.50 8.28 15.72
N LYS G 343 -3.99 9.24 14.93
CA LYS G 343 -3.10 10.23 14.35
C LYS G 343 -2.61 11.23 15.39
N CYS G 344 -3.53 11.71 16.25
CA CYS G 344 -3.20 12.75 17.21
C CYS G 344 -2.95 12.24 18.62
N GLY G 345 -3.70 11.22 19.07
CA GLY G 345 -3.60 10.75 20.43
C GLY G 345 -4.57 11.40 21.40
N SER G 346 -5.32 12.41 20.96
CA SER G 346 -6.25 13.08 21.85
C SER G 346 -7.48 12.21 22.13
N ILE G 347 -8.06 12.41 23.30
CA ILE G 347 -9.24 11.67 23.73
C ILE G 347 -10.46 12.53 23.44
N LEU G 348 -11.37 12.01 22.62
CA LEU G 348 -12.51 12.78 22.15
C LEU G 348 -13.70 12.54 23.07
N GLY G 349 -14.49 13.60 23.29
CA GLY G 349 -15.54 13.63 24.30
C GLY G 349 -16.54 12.50 24.23
N PRO G 350 -17.12 12.17 25.38
CA PRO G 350 -17.97 10.97 25.45
C PRO G 350 -19.28 11.15 24.68
N PHE G 351 -19.76 10.04 24.12
CA PHE G 351 -21.04 9.98 23.44
C PHE G 351 -21.90 8.91 24.09
N PHE G 352 -23.20 9.17 24.21
CA PHE G 352 -24.10 8.16 24.75
C PHE G 352 -24.27 7.03 23.75
N GLN G 353 -24.30 5.80 24.26
CA GLN G 353 -24.45 4.62 23.44
C GLN G 353 -25.90 4.15 23.51
N ASP G 354 -26.56 4.09 22.36
CA ASP G 354 -27.87 3.47 22.27
C ASP G 354 -27.74 1.97 22.50
N SER G 355 -28.70 1.41 23.25
CA SER G 355 -28.65 -0.02 23.52
C SER G 355 -28.98 -0.84 22.29
N ASN G 356 -29.71 -0.25 21.34
CA ASN G 356 -30.18 -1.01 20.19
C ASN G 356 -29.07 -1.29 19.18
N GLU G 357 -28.21 -0.30 18.92
CA GLU G 357 -27.24 -0.42 17.84
C GLU G 357 -25.90 0.14 18.27
N GLU G 358 -24.85 -0.31 17.59
CA GLU G 358 -23.50 0.20 17.81
C GLU G 358 -23.36 1.61 17.27
N ILE G 359 -22.58 2.44 17.96
CA ILE G 359 -22.31 3.81 17.54
C ILE G 359 -20.88 3.90 17.06
N ARG G 360 -20.62 4.83 16.15
CA ARG G 360 -19.32 5.02 15.53
C ARG G 360 -19.03 6.51 15.42
N ILE G 361 -17.77 6.83 15.13
CA ILE G 361 -17.29 8.20 15.07
C ILE G 361 -16.52 8.38 13.77
N SER G 362 -16.67 9.55 13.13
CA SER G 362 -16.04 9.81 11.85
C SER G 362 -15.24 11.10 11.78
N PHE G 363 -15.28 11.94 12.82
CA PHE G 363 -14.60 13.22 12.79
C PHE G 363 -13.85 13.42 14.10
N CYS G 364 -12.73 14.16 14.05
CA CYS G 364 -11.80 14.17 15.17
C CYS G 364 -11.94 15.42 16.02
N THR G 365 -12.26 16.57 15.39
CA THR G 365 -12.33 17.93 15.98
C THR G 365 -10.97 18.45 16.44
N ASN G 366 -9.91 17.64 16.32
CA ASN G 366 -8.58 18.10 16.64
C ASN G 366 -7.65 17.94 15.44
N CYS G 367 -7.75 16.81 14.75
CA CYS G 367 -7.02 16.57 13.51
C CYS G 367 -7.81 16.97 12.28
N LYS G 368 -9.12 17.12 12.42
CA LYS G 368 -10.05 17.30 11.29
C LYS G 368 -9.86 16.20 10.24
N SER G 369 -9.83 14.97 10.72
CA SER G 369 -9.59 13.81 9.89
C SER G 369 -10.57 12.69 10.22
N LYS G 370 -10.79 11.81 9.25
CA LYS G 370 -11.63 10.63 9.42
C LYS G 370 -10.82 9.39 9.76
N GLY G 371 -9.67 9.56 10.43
CA GLY G 371 -8.74 8.49 10.64
C GLY G 371 -9.25 7.42 11.58
N PRO G 372 -8.44 6.37 11.80
CA PRO G 372 -8.86 5.29 12.68
C PRO G 372 -8.97 5.74 14.12
N PHE G 373 -10.14 5.53 14.70
CA PHE G 373 -10.43 5.88 16.09
C PHE G 373 -10.59 4.59 16.88
N ARG G 374 -9.98 4.54 18.06
CA ARG G 374 -10.02 3.34 18.89
C ARG G 374 -10.76 3.64 20.20
N VAL G 375 -11.53 2.66 20.67
CA VAL G 375 -12.16 2.79 21.98
C VAL G 375 -11.18 2.41 23.06
N ASN G 376 -10.98 3.31 24.02
CA ASN G 376 -10.17 3.02 25.20
C ASN G 376 -11.12 2.75 26.37
N GLY G 377 -10.98 1.57 26.98
CA GLY G 377 -11.91 1.18 28.02
C GLY G 377 -11.63 1.85 29.35
N GLU G 378 -10.48 2.50 29.47
CA GLU G 378 -10.11 3.15 30.72
C GLU G 378 -10.99 4.36 31.00
N LYS G 379 -11.34 5.12 29.97
CA LYS G 379 -12.14 6.33 30.17
C LYS G 379 -13.60 6.10 29.79
N THR G 380 -13.90 4.97 29.17
CA THR G 380 -15.28 4.64 28.80
C THR G 380 -16.07 4.20 30.03
N VAL G 381 -17.32 4.63 30.10
CA VAL G 381 -18.23 4.30 31.19
C VAL G 381 -19.13 3.16 30.73
N TYR G 382 -19.45 2.25 31.65
CA TYR G 382 -20.19 1.05 31.34
C TYR G 382 -21.41 0.89 32.24
N ARG G 383 -22.35 0.09 31.77
CA ARG G 383 -23.49 -0.35 32.55
C ARG G 383 -23.54 -1.87 32.54
N ASN G 384 -24.28 -2.44 33.49
CA ASN G 384 -24.37 -3.89 33.57
C ASN G 384 -25.32 -4.44 32.52
N TYR G 385 -25.01 -5.63 32.03
CA TYR G 385 -25.82 -6.30 31.02
C TYR G 385 -25.96 -7.76 31.43
N GLN G 386 -27.17 -8.29 31.32
CA GLN G 386 -27.39 -9.71 31.57
C GLN G 386 -28.46 -10.23 30.63
N ARG G 387 -28.33 -11.51 30.26
CA ARG G 387 -29.30 -12.21 29.45
C ARG G 387 -29.93 -13.31 30.29
N VAL G 388 -31.26 -13.37 30.29
CA VAL G 388 -32.02 -14.34 31.09
C VAL G 388 -32.97 -15.07 30.16
N THR G 389 -32.91 -16.40 30.19
CA THR G 389 -33.88 -17.22 29.47
C THR G 389 -35.13 -17.32 30.32
N LEU G 390 -36.28 -17.04 29.72
CA LEU G 390 -37.57 -17.14 30.41
C LEU G 390 -38.44 -18.12 29.66
N GLN G 391 -38.92 -19.17 30.34
CA GLN G 391 -39.81 -20.11 29.69
C GLN G 391 -41.21 -19.97 30.28
N GLU G 392 -42.19 -20.45 29.53
CA GLU G 392 -43.55 -20.50 30.04
C GLU G 392 -43.64 -21.48 31.20
N ALA G 393 -44.32 -21.07 32.26
CA ALA G 393 -44.49 -21.92 33.43
C ALA G 393 -45.31 -23.15 33.06
N PRO G 394 -44.85 -24.35 33.45
CA PRO G 394 -45.48 -25.58 32.93
C PRO G 394 -46.94 -25.76 33.31
N GLY G 395 -47.39 -25.13 34.38
CA GLY G 395 -48.80 -25.17 34.72
C GLY G 395 -49.69 -24.45 33.71
N THR G 396 -49.21 -23.34 33.16
CA THR G 396 -50.03 -22.55 32.25
C THR G 396 -50.01 -23.11 30.84
N VAL G 397 -49.09 -24.01 30.53
CA VAL G 397 -48.94 -24.53 29.15
C VAL G 397 -50.13 -25.42 28.82
N PRO G 398 -50.70 -25.31 27.62
CA PRO G 398 -51.71 -26.26 27.19
C PRO G 398 -51.13 -27.66 27.10
N PRO G 399 -51.96 -28.70 27.20
CA PRO G 399 -51.44 -30.07 27.40
C PRO G 399 -50.48 -30.59 26.34
N GLY G 400 -50.91 -30.63 25.08
CA GLY G 400 -50.07 -31.24 24.05
C GLY G 400 -48.93 -30.35 23.62
N ARG G 401 -48.99 -29.07 23.94
CA ARG G 401 -48.02 -28.11 23.44
C ARG G 401 -46.79 -28.03 24.34
N LEU G 402 -45.66 -27.54 23.76
CA LEU G 402 -44.37 -27.28 24.38
C LEU G 402 -44.33 -25.86 24.94
N PRO G 403 -43.59 -25.64 26.03
CA PRO G 403 -43.47 -24.28 26.56
C PRO G 403 -42.57 -23.41 25.70
N ARG G 404 -43.06 -22.23 25.37
CA ARG G 404 -42.28 -21.28 24.61
C ARG G 404 -41.29 -20.58 25.52
N HIS G 405 -40.24 -20.03 24.92
CA HIS G 405 -39.21 -19.33 25.68
C HIS G 405 -38.81 -18.05 24.96
N ARG G 406 -38.33 -17.09 25.75
CA ARG G 406 -37.85 -15.80 25.25
C ARG G 406 -36.54 -15.46 25.94
N GLU G 407 -35.80 -14.54 25.33
CA GLU G 407 -34.60 -13.96 25.93
C GLU G 407 -34.94 -12.58 26.45
N VAL G 408 -34.61 -12.33 27.72
CA VAL G 408 -34.89 -11.08 28.40
C VAL G 408 -33.57 -10.42 28.74
N ILE G 409 -33.39 -9.17 28.32
CA ILE G 409 -32.17 -8.42 28.57
C ILE G 409 -32.38 -7.52 29.76
N LEU G 410 -31.54 -7.69 30.78
CA LEU G 410 -31.58 -6.90 32.01
C LEU G 410 -30.43 -5.91 31.99
N LEU G 411 -30.76 -4.64 32.25
CA LEU G 411 -29.79 -3.56 32.28
C LEU G 411 -29.22 -3.40 33.69
N ALA G 412 -28.61 -2.24 33.94
CA ALA G 412 -27.62 -2.08 35.01
C ALA G 412 -28.18 -2.40 36.40
N ASP G 413 -29.32 -1.82 36.75
CA ASP G 413 -29.84 -2.02 38.10
C ASP G 413 -30.59 -3.33 38.21
N LEU G 414 -30.92 -3.97 37.08
CA LEU G 414 -31.76 -5.16 37.11
C LEU G 414 -30.98 -6.46 37.04
N VAL G 415 -29.65 -6.41 37.06
CA VAL G 415 -28.88 -7.64 36.91
C VAL G 415 -28.90 -8.43 38.21
N ASP G 416 -28.93 -9.77 38.07
CA ASP G 416 -28.88 -10.75 39.15
C ASP G 416 -30.00 -10.59 40.17
N VAL G 417 -31.20 -10.21 39.74
CA VAL G 417 -32.32 -10.13 40.67
C VAL G 417 -33.14 -11.42 40.64
N SER G 418 -33.07 -12.17 39.55
CA SER G 418 -33.88 -13.37 39.35
C SER G 418 -32.96 -14.58 39.27
N LYS G 419 -33.06 -15.45 40.25
CA LYS G 419 -32.29 -16.70 40.29
C LYS G 419 -33.02 -17.75 39.47
N PRO G 420 -32.28 -18.57 38.70
CA PRO G 420 -32.92 -19.55 37.82
C PRO G 420 -33.78 -20.56 38.57
N GLY G 421 -34.92 -20.87 37.98
CA GLY G 421 -35.89 -21.75 38.61
C GLY G 421 -36.97 -21.06 39.40
N GLU G 422 -37.02 -19.73 39.39
CA GLU G 422 -38.04 -18.97 40.11
C GLU G 422 -38.97 -18.31 39.09
N GLU G 423 -40.22 -18.09 39.50
CA GLU G 423 -41.21 -17.54 38.60
C GLU G 423 -41.38 -16.04 38.82
N VAL G 424 -41.30 -15.29 37.72
CA VAL G 424 -41.33 -13.83 37.76
C VAL G 424 -42.32 -13.31 36.73
N GLU G 425 -42.64 -12.02 36.85
CA GLU G 425 -43.36 -11.28 35.84
C GLU G 425 -42.47 -10.16 35.36
N VAL G 426 -42.23 -10.10 34.05
CA VAL G 426 -41.35 -9.10 33.45
C VAL G 426 -42.17 -8.19 32.54
N THR G 427 -42.02 -6.89 32.76
CA THR G 427 -42.56 -5.86 31.89
C THR G 427 -41.40 -5.28 31.09
N GLY G 428 -41.58 -5.15 29.78
CA GLY G 428 -40.50 -4.64 28.96
C GLY G 428 -40.92 -4.43 27.53
N ILE G 429 -39.98 -3.93 26.74
CA ILE G 429 -40.22 -3.66 25.34
C ILE G 429 -39.93 -4.92 24.53
N TYR G 430 -40.92 -5.33 23.73
CA TYR G 430 -40.80 -6.50 22.87
C TYR G 430 -40.23 -6.05 21.53
N LYS G 431 -39.01 -6.48 21.22
CA LYS G 431 -38.30 -5.97 20.06
C LYS G 431 -37.58 -7.09 19.31
N ASN G 432 -37.02 -6.73 18.16
CA ASN G 432 -36.35 -7.68 17.28
C ASN G 432 -34.84 -7.65 17.49
N ASN G 433 -34.21 -8.81 17.37
CA ASN G 433 -32.76 -8.87 17.23
C ASN G 433 -32.37 -8.57 15.78
N TYR G 434 -31.30 -7.82 15.60
CA TYR G 434 -30.73 -7.58 14.28
C TYR G 434 -29.51 -8.47 14.11
N ASP G 435 -29.54 -9.32 13.09
CA ASP G 435 -28.45 -10.23 12.79
C ASP G 435 -28.06 -10.10 11.33
N GLY G 436 -26.79 -10.37 11.04
CA GLY G 436 -26.29 -10.21 9.69
C GLY G 436 -26.84 -11.27 8.76
N ASN G 437 -27.41 -10.82 7.64
CA ASN G 437 -27.95 -11.67 6.56
C ASN G 437 -29.08 -12.58 7.03
N LEU G 438 -29.73 -12.21 8.14
CA LEU G 438 -30.94 -12.85 8.68
C LEU G 438 -30.64 -14.33 8.95
N ASN G 439 -31.53 -15.25 8.61
CA ASN G 439 -31.32 -16.68 8.82
C ASN G 439 -31.27 -17.38 7.47
N ALA G 440 -30.17 -18.07 7.20
CA ALA G 440 -30.01 -18.73 5.91
C ALA G 440 -30.63 -20.12 5.92
N LYS G 441 -30.86 -20.69 7.11
CA LYS G 441 -31.44 -22.02 7.19
C LYS G 441 -32.91 -22.02 6.75
N ASN G 442 -33.65 -20.99 7.14
CA ASN G 442 -35.09 -20.99 6.90
C ASN G 442 -35.44 -20.76 5.44
N GLY G 443 -34.71 -19.86 4.78
CA GLY G 443 -35.10 -19.40 3.46
C GLY G 443 -36.11 -18.27 3.48
N PHE G 444 -36.42 -17.73 4.65
CA PHE G 444 -37.37 -16.65 4.84
C PHE G 444 -36.71 -15.56 5.68
N PRO G 445 -37.10 -14.29 5.48
CA PRO G 445 -36.48 -13.21 6.26
C PRO G 445 -37.07 -13.16 7.67
N VAL G 446 -36.59 -14.05 8.52
CA VAL G 446 -37.17 -14.31 9.83
C VAL G 446 -36.25 -13.70 10.90
N PHE G 447 -36.85 -12.94 11.81
CA PHE G 447 -36.12 -12.20 12.83
C PHE G 447 -36.30 -12.87 14.19
N ALA G 448 -35.25 -12.86 15.01
CA ALA G 448 -35.36 -13.28 16.39
C ALA G 448 -35.81 -12.13 17.26
N THR G 449 -36.52 -12.46 18.34
CA THR G 449 -37.11 -11.45 19.21
C THR G 449 -36.60 -11.58 20.64
N ILE G 450 -36.61 -10.45 21.34
CA ILE G 450 -36.21 -10.35 22.74
C ILE G 450 -37.15 -9.42 23.47
N ILE G 451 -37.07 -9.46 24.79
CA ILE G 451 -37.74 -8.51 25.67
C ILE G 451 -36.66 -7.75 26.43
N GLU G 452 -36.56 -6.44 26.17
CA GLU G 452 -35.68 -5.58 26.95
C GLU G 452 -36.47 -5.18 28.20
N ALA G 453 -36.04 -5.69 29.36
CA ALA G 453 -36.83 -5.58 30.57
C ALA G 453 -36.77 -4.16 31.12
N ASN G 454 -37.92 -3.50 31.19
CA ASN G 454 -38.00 -2.26 31.94
C ASN G 454 -38.09 -2.54 33.43
N SER G 455 -38.78 -3.61 33.82
CA SER G 455 -39.00 -3.90 35.23
C SER G 455 -39.14 -5.40 35.46
N ILE G 456 -38.66 -5.85 36.62
CA ILE G 456 -38.74 -7.24 37.05
C ILE G 456 -39.48 -7.27 38.37
N LYS G 457 -40.52 -8.11 38.47
CA LYS G 457 -41.23 -8.33 39.71
C LYS G 457 -41.33 -9.83 39.95
N ARG G 458 -41.07 -10.24 41.19
CA ARG G 458 -41.06 -11.66 41.55
C ARG G 458 -42.43 -12.06 42.08
N ARG G 459 -42.92 -13.20 41.62
CA ARG G 459 -44.20 -13.73 42.09
C ARG G 459 -44.00 -14.59 43.33
N VAL G 473 -36.36 -15.15 52.38
CA VAL G 473 -35.13 -14.52 52.85
C VAL G 473 -35.03 -14.66 54.37
N PHE G 474 -33.84 -14.98 54.87
CA PHE G 474 -33.61 -15.15 56.30
C PHE G 474 -32.98 -13.90 56.89
N SER G 475 -33.75 -12.82 56.85
CA SER G 475 -33.35 -11.56 57.46
C SER G 475 -34.31 -11.26 58.60
N TRP G 476 -33.76 -11.03 59.79
CA TRP G 476 -34.56 -10.75 60.98
C TRP G 476 -34.38 -9.29 61.36
N THR G 477 -35.48 -8.64 61.74
CA THR G 477 -35.40 -7.28 62.24
C THR G 477 -35.17 -7.28 63.75
N GLU G 478 -35.13 -6.08 64.33
CA GLU G 478 -34.97 -5.97 65.78
C GLU G 478 -36.22 -6.45 66.51
N GLU G 479 -37.40 -6.19 65.94
CA GLU G 479 -38.64 -6.69 66.52
C GLU G 479 -38.73 -8.20 66.43
N GLU G 480 -38.24 -8.79 65.34
CA GLU G 480 -38.30 -10.24 65.17
C GLU G 480 -37.37 -10.95 66.15
N GLU G 481 -36.24 -10.32 66.50
CA GLU G 481 -35.36 -10.89 67.51
C GLU G 481 -36.04 -10.93 68.88
N ARG G 482 -36.75 -9.86 69.24
CA ARG G 482 -37.47 -9.84 70.51
C ARG G 482 -38.61 -10.84 70.50
N GLU G 483 -39.27 -11.01 69.35
CA GLU G 483 -40.29 -12.05 69.22
C GLU G 483 -39.69 -13.44 69.38
N PHE G 484 -38.49 -13.65 68.84
CA PHE G 484 -37.80 -14.93 69.01
C PHE G 484 -37.48 -15.20 70.47
N ARG G 485 -37.00 -14.17 71.20
CA ARG G 485 -36.72 -14.34 72.62
C ARG G 485 -38.01 -14.62 73.40
N LYS G 486 -39.10 -13.93 73.03
CA LYS G 486 -40.37 -14.14 73.71
C LYS G 486 -40.88 -15.55 73.52
N ILE G 487 -40.77 -16.09 72.30
CA ILE G 487 -41.29 -17.43 72.05
C ILE G 487 -40.33 -18.48 72.59
N SER G 488 -39.05 -18.16 72.71
CA SER G 488 -38.10 -19.13 73.25
C SER G 488 -38.11 -19.14 74.77
N ARG G 489 -38.69 -18.10 75.39
CA ARG G 489 -38.80 -18.09 76.85
C ARG G 489 -39.81 -19.12 77.33
N ASP G 490 -40.74 -19.53 76.48
CA ASP G 490 -41.76 -20.50 76.86
C ASP G 490 -41.14 -21.86 77.15
N ARG G 491 -41.74 -22.57 78.11
CA ARG G 491 -41.19 -23.85 78.56
C ARG G 491 -41.32 -24.92 77.48
N GLY G 492 -42.45 -24.97 76.79
CA GLY G 492 -42.67 -25.99 75.78
C GLY G 492 -42.25 -25.57 74.39
N ILE G 493 -41.13 -24.85 74.29
CA ILE G 493 -40.67 -24.38 72.98
C ILE G 493 -40.18 -25.55 72.12
N ILE G 494 -39.53 -26.54 72.73
CA ILE G 494 -38.96 -27.64 71.98
C ILE G 494 -40.05 -28.52 71.38
N ASP G 495 -41.05 -28.87 72.18
CA ASP G 495 -42.16 -29.68 71.70
C ASP G 495 -42.96 -28.93 70.64
N LYS G 496 -43.10 -27.62 70.79
CA LYS G 496 -43.79 -26.81 69.79
C LYS G 496 -43.02 -26.77 68.47
N ILE G 497 -41.69 -26.66 68.54
CA ILE G 497 -40.86 -26.70 67.34
C ILE G 497 -40.98 -28.07 66.65
N ILE G 498 -40.93 -29.14 67.45
CA ILE G 498 -41.05 -30.49 66.89
C ILE G 498 -42.40 -30.71 66.23
N SER G 499 -43.47 -30.21 66.86
CA SER G 499 -44.80 -30.29 66.27
C SER G 499 -44.91 -29.42 65.02
N SER G 500 -44.10 -28.36 64.92
CA SER G 500 -44.15 -27.51 63.74
C SER G 500 -43.35 -28.12 62.58
N MET G 501 -42.56 -29.16 62.86
CA MET G 501 -41.82 -29.84 61.80
C MET G 501 -42.78 -30.63 60.91
N ALA G 502 -42.75 -30.32 59.61
CA ALA G 502 -43.46 -31.06 58.58
C ALA G 502 -44.96 -31.24 58.87
N PRO G 503 -45.76 -30.17 58.74
CA PRO G 503 -47.19 -30.28 59.05
C PRO G 503 -47.95 -31.26 58.17
N SER G 504 -47.48 -31.52 56.95
CA SER G 504 -48.15 -32.48 56.08
C SER G 504 -47.90 -33.91 56.54
N ILE G 505 -46.95 -34.11 57.44
CA ILE G 505 -46.60 -35.44 57.92
C ILE G 505 -47.32 -35.68 59.25
N TYR G 506 -47.97 -36.84 59.37
CA TYR G 506 -48.80 -37.14 60.53
C TYR G 506 -48.20 -38.29 61.33
N GLY G 507 -48.05 -38.08 62.64
CA GLY G 507 -47.79 -39.16 63.58
C GLY G 507 -46.35 -39.57 63.76
N HIS G 508 -45.40 -39.02 63.00
CA HIS G 508 -44.00 -39.40 63.10
C HIS G 508 -43.23 -38.39 63.95
N ARG G 509 -43.42 -38.52 65.27
CA ARG G 509 -42.82 -37.55 66.19
C ARG G 509 -41.31 -37.76 66.32
N ASP G 510 -40.85 -39.01 66.31
CA ASP G 510 -39.43 -39.29 66.45
C ASP G 510 -38.63 -38.77 65.26
N ILE G 511 -39.18 -38.95 64.05
CA ILE G 511 -38.53 -38.42 62.86
C ILE G 511 -38.49 -36.90 62.91
N LYS G 512 -39.58 -36.28 63.35
CA LYS G 512 -39.62 -34.83 63.44
C LYS G 512 -38.63 -34.30 64.46
N THR G 513 -38.45 -35.02 65.57
CA THR G 513 -37.43 -34.66 66.55
C THR G 513 -36.02 -34.76 65.95
N ALA G 514 -35.75 -35.82 65.20
CA ALA G 514 -34.43 -35.96 64.57
C ALA G 514 -34.21 -34.87 63.53
N VAL G 515 -35.26 -34.50 62.80
CA VAL G 515 -35.17 -33.40 61.84
C VAL G 515 -34.90 -32.08 62.55
N ALA G 516 -35.52 -31.87 63.72
CA ALA G 516 -35.27 -30.64 64.48
C ALA G 516 -33.83 -30.57 64.95
N CYS G 517 -33.29 -31.69 65.44
CA CYS G 517 -31.87 -31.72 65.84
C CYS G 517 -30.95 -31.48 64.64
N SER G 518 -31.28 -32.07 63.49
CA SER G 518 -30.43 -31.89 62.31
C SER G 518 -30.48 -30.46 61.80
N LEU G 519 -31.66 -29.84 61.82
CA LEU G 519 -31.79 -28.47 61.34
C LEU G 519 -31.10 -27.49 62.29
N PHE G 520 -31.25 -27.67 63.59
CA PHE G 520 -30.61 -26.76 64.53
C PHE G 520 -29.11 -27.01 64.63
N GLY G 521 -28.70 -28.27 64.70
CA GLY G 521 -27.29 -28.61 64.69
C GLY G 521 -26.60 -28.34 66.02
N GLY G 522 -25.37 -28.86 66.13
CA GLY G 522 -24.55 -28.66 67.30
C GLY G 522 -23.42 -27.68 67.03
N VAL G 523 -22.40 -27.76 67.87
CA VAL G 523 -21.23 -26.89 67.78
C VAL G 523 -20.04 -27.72 67.34
N PRO G 524 -19.48 -27.49 66.15
CA PRO G 524 -18.22 -28.13 65.79
C PRO G 524 -17.06 -27.51 66.55
N LYS G 525 -16.19 -28.35 67.10
CA LYS G 525 -15.14 -27.83 67.99
C LYS G 525 -13.77 -28.37 67.62
N ASN G 526 -12.82 -27.45 67.45
CA ASN G 526 -11.43 -27.77 67.20
C ASN G 526 -10.61 -27.35 68.42
N VAL G 527 -10.25 -28.33 69.24
CA VAL G 527 -9.57 -28.05 70.51
C VAL G 527 -8.06 -28.03 70.26
N ASN G 528 -7.45 -26.87 70.53
CA ASN G 528 -6.00 -26.65 70.44
C ASN G 528 -5.46 -26.94 69.04
N GLY G 529 -6.33 -26.84 68.04
CA GLY G 529 -5.92 -27.10 66.66
C GLY G 529 -5.79 -28.56 66.24
N LYS G 530 -5.26 -29.40 67.13
CA LYS G 530 -4.90 -30.76 66.74
C LYS G 530 -6.13 -31.65 66.57
N HIS G 531 -7.08 -31.57 67.50
CA HIS G 531 -8.21 -32.49 67.55
C HIS G 531 -9.47 -31.77 67.10
N SER G 532 -10.20 -32.39 66.17
CA SER G 532 -11.42 -31.82 65.62
C SER G 532 -12.60 -32.74 65.91
N ILE G 533 -13.74 -32.15 66.29
CA ILE G 533 -14.96 -32.87 66.60
C ILE G 533 -16.08 -32.28 65.76
N ARG G 534 -16.75 -33.15 65.01
CA ARG G 534 -17.87 -32.76 64.17
C ARG G 534 -19.03 -32.27 65.04
N GLY G 535 -19.70 -31.22 64.58
CA GLY G 535 -20.80 -30.62 65.29
C GLY G 535 -22.09 -30.49 64.52
N ASP G 536 -22.38 -31.39 63.60
CA ASP G 536 -23.68 -31.41 62.93
C ASP G 536 -24.24 -32.83 62.88
N ILE G 537 -25.55 -32.94 63.02
CA ILE G 537 -26.21 -34.23 63.23
C ILE G 537 -26.55 -34.86 61.89
N ASN G 538 -26.18 -36.14 61.73
CA ASN G 538 -26.49 -36.92 60.56
C ASN G 538 -27.63 -37.88 60.89
N VAL G 539 -28.70 -37.82 60.10
CA VAL G 539 -29.93 -38.57 60.38
C VAL G 539 -30.19 -39.51 59.21
N LEU G 540 -30.45 -40.78 59.51
CA LEU G 540 -30.77 -41.77 58.50
C LEU G 540 -32.18 -42.32 58.75
N LEU G 541 -33.09 -42.02 57.83
CA LEU G 541 -34.47 -42.50 57.87
C LEU G 541 -34.53 -43.81 57.07
N LEU G 542 -34.53 -44.94 57.77
CA LEU G 542 -34.65 -46.23 57.13
C LEU G 542 -36.09 -46.71 57.27
N GLY G 543 -36.80 -46.80 56.16
CA GLY G 543 -38.21 -47.14 56.25
C GLY G 543 -38.72 -47.92 55.07
N ASP G 544 -39.82 -48.65 55.33
CA ASP G 544 -40.57 -49.31 54.28
C ASP G 544 -41.23 -48.27 53.37
N PRO G 545 -41.45 -48.59 52.10
CA PRO G 545 -41.97 -47.54 51.19
C PRO G 545 -43.41 -47.15 51.51
N GLY G 546 -43.73 -45.89 51.22
CA GLY G 546 -45.00 -45.32 51.61
C GLY G 546 -45.05 -44.75 53.00
N THR G 547 -43.90 -44.54 53.64
CA THR G 547 -43.82 -43.98 54.99
C THR G 547 -43.45 -42.51 54.99
N ALA G 548 -43.56 -41.83 53.85
CA ALA G 548 -43.47 -40.38 53.72
C ALA G 548 -42.09 -39.83 54.10
N LYS G 549 -41.04 -40.54 53.75
CA LYS G 549 -39.69 -40.02 53.94
C LYS G 549 -39.37 -38.91 52.95
N SER G 550 -39.87 -39.06 51.71
CA SER G 550 -39.59 -38.07 50.67
C SER G 550 -40.19 -36.72 51.00
N GLN G 551 -41.42 -36.70 51.52
CA GLN G 551 -42.07 -35.44 51.86
C GLN G 551 -41.34 -34.75 53.00
N ILE G 552 -40.77 -35.54 53.92
CA ILE G 552 -39.93 -34.99 54.98
C ILE G 552 -38.68 -34.34 54.39
N LEU G 553 -38.08 -34.99 53.39
CA LEU G 553 -36.90 -34.42 52.74
C LEU G 553 -37.23 -33.11 52.02
N LYS G 554 -38.38 -33.07 51.31
CA LYS G 554 -38.77 -31.81 50.67
C LYS G 554 -39.09 -30.73 51.69
N TYR G 555 -39.66 -31.10 52.84
CA TYR G 555 -39.90 -30.11 53.89
C TYR G 555 -38.59 -29.53 54.39
N VAL G 556 -37.57 -30.37 54.58
CA VAL G 556 -36.27 -29.87 55.03
C VAL G 556 -35.67 -28.97 53.96
N GLU G 557 -35.83 -29.34 52.69
CA GLU G 557 -35.34 -28.49 51.59
C GLU G 557 -35.99 -27.12 51.59
N LYS G 558 -37.31 -27.06 51.79
CA LYS G 558 -37.96 -25.76 51.85
C LYS G 558 -37.57 -25.00 53.12
N THR G 559 -37.24 -25.71 54.19
CA THR G 559 -37.04 -25.05 55.48
C THR G 559 -35.59 -24.56 55.65
N ALA G 560 -34.61 -25.38 55.31
CA ALA G 560 -33.22 -25.07 55.62
C ALA G 560 -32.68 -23.95 54.74
N HIS G 561 -31.66 -23.25 55.26
CA HIS G 561 -31.04 -22.16 54.51
C HIS G 561 -30.38 -22.64 53.24
N ARG G 562 -29.50 -23.64 53.37
CA ARG G 562 -28.78 -24.18 52.23
C ARG G 562 -28.98 -25.69 52.26
N ALA G 563 -30.01 -26.15 51.57
CA ALA G 563 -30.32 -27.56 51.46
C ALA G 563 -30.18 -28.00 50.01
N VAL G 564 -29.38 -29.03 49.78
CA VAL G 564 -29.13 -29.56 48.45
C VAL G 564 -29.70 -30.97 48.38
N PHE G 565 -30.60 -31.20 47.42
CA PHE G 565 -31.22 -32.50 47.23
C PHE G 565 -30.39 -33.31 46.25
N ALA G 566 -30.07 -34.54 46.61
CA ALA G 566 -29.38 -35.48 45.74
C ALA G 566 -30.08 -36.82 45.83
N THR G 567 -29.98 -37.61 44.77
CA THR G 567 -30.58 -38.94 44.73
C THR G 567 -29.59 -39.92 44.14
N GLY G 568 -29.68 -41.18 44.56
CA GLY G 568 -28.79 -42.20 44.01
C GLY G 568 -29.33 -42.81 42.73
N GLN G 569 -30.59 -43.21 42.74
CA GLN G 569 -31.15 -43.92 41.59
C GLN G 569 -31.41 -42.96 40.43
N GLY G 570 -31.97 -41.79 40.71
CA GLY G 570 -32.35 -40.86 39.67
C GLY G 570 -31.16 -40.08 39.13
N ALA G 571 -31.43 -39.30 38.09
CA ALA G 571 -30.39 -38.56 37.38
C ALA G 571 -30.60 -37.06 37.37
N SER G 572 -31.84 -36.58 37.53
CA SER G 572 -32.13 -35.14 37.46
C SER G 572 -31.90 -34.52 38.84
N ALA G 573 -30.64 -34.50 39.24
CA ALA G 573 -30.24 -33.94 40.53
C ALA G 573 -28.76 -33.58 40.47
N VAL G 574 -28.33 -32.79 41.46
CA VAL G 574 -26.92 -32.48 41.60
C VAL G 574 -26.18 -33.71 42.12
N GLY G 575 -25.11 -34.09 41.42
CA GLY G 575 -24.34 -35.24 41.84
C GLY G 575 -23.60 -35.01 43.14
N LEU G 576 -23.30 -36.09 43.84
CA LEU G 576 -22.59 -35.99 45.11
C LEU G 576 -21.08 -36.03 44.90
N THR G 577 -20.62 -36.56 43.77
CA THR G 577 -19.20 -36.62 43.50
C THR G 577 -18.72 -35.30 42.89
N ALA G 578 -17.60 -34.80 43.40
CA ALA G 578 -16.97 -33.63 42.82
C ALA G 578 -16.35 -33.97 41.46
N SER G 579 -16.36 -33.00 40.56
CA SER G 579 -15.87 -33.24 39.21
C SER G 579 -15.28 -31.96 38.64
N VAL G 580 -14.44 -32.13 37.62
CA VAL G 580 -13.96 -31.05 36.78
C VAL G 580 -14.40 -31.38 35.37
N ARG G 581 -15.29 -30.58 34.80
CA ARG G 581 -15.90 -30.93 33.53
C ARG G 581 -15.72 -29.81 32.51
N LYS G 582 -15.63 -30.23 31.25
CA LYS G 582 -15.46 -29.34 30.11
C LYS G 582 -16.83 -29.14 29.47
N ASP G 583 -17.19 -27.89 29.21
CA ASP G 583 -18.46 -27.60 28.56
C ASP G 583 -18.38 -28.01 27.09
N PRO G 584 -19.33 -28.80 26.59
CA PRO G 584 -19.24 -29.22 25.17
C PRO G 584 -19.40 -28.09 24.17
N ILE G 585 -19.97 -26.94 24.58
CA ILE G 585 -20.15 -25.85 23.64
C ILE G 585 -19.15 -24.73 23.92
N THR G 586 -19.09 -24.26 25.16
CA THR G 586 -18.31 -23.08 25.50
C THR G 586 -16.81 -23.41 25.55
N LYS G 587 -16.49 -24.70 25.70
CA LYS G 587 -15.11 -25.19 25.80
C LYS G 587 -14.37 -24.60 27.00
N GLU G 588 -15.05 -24.47 28.14
CA GLU G 588 -14.45 -23.96 29.36
C GLU G 588 -14.57 -25.00 30.46
N TRP G 589 -13.53 -25.09 31.29
CA TRP G 589 -13.52 -26.06 32.38
C TRP G 589 -14.10 -25.45 33.65
N THR G 590 -14.96 -26.22 34.31
CA THR G 590 -15.57 -25.81 35.57
C THR G 590 -15.32 -26.89 36.63
N LEU G 591 -15.08 -26.44 37.85
CA LEU G 591 -14.90 -27.32 39.00
C LEU G 591 -16.17 -27.26 39.84
N GLU G 592 -16.83 -28.40 40.00
CA GLU G 592 -18.02 -28.51 40.83
C GLU G 592 -17.69 -29.43 42.00
N GLY G 593 -18.02 -28.99 43.22
CA GLY G 593 -17.72 -29.80 44.38
C GLY G 593 -18.73 -30.91 44.60
N GLY G 594 -19.84 -30.89 43.88
CA GLY G 594 -20.91 -31.82 44.14
C GLY G 594 -21.87 -31.31 45.19
N ALA G 595 -22.85 -32.15 45.52
CA ALA G 595 -23.90 -31.73 46.45
C ALA G 595 -23.37 -31.63 47.88
N LEU G 596 -22.35 -32.43 48.22
CA LEU G 596 -21.81 -32.40 49.58
C LEU G 596 -21.02 -31.11 49.83
N VAL G 597 -20.21 -30.69 48.87
CA VAL G 597 -19.47 -29.43 49.00
C VAL G 597 -20.42 -28.25 48.89
N LEU G 598 -21.43 -28.35 48.01
CA LEU G 598 -22.36 -27.24 47.80
C LEU G 598 -23.21 -27.00 49.04
N ALA G 599 -23.46 -28.04 49.83
CA ALA G 599 -24.20 -27.90 51.08
C ALA G 599 -23.31 -27.57 52.26
N ASP G 600 -22.14 -26.98 52.05
CA ASP G 600 -21.25 -26.61 53.14
C ASP G 600 -21.92 -25.57 54.04
N LYS G 601 -21.80 -25.79 55.35
CA LYS G 601 -22.54 -25.03 56.37
C LYS G 601 -24.04 -25.12 56.11
N GLY G 602 -24.51 -26.29 55.72
CA GLY G 602 -25.90 -26.46 55.37
C GLY G 602 -26.34 -27.89 55.53
N VAL G 603 -27.30 -28.29 54.68
CA VAL G 603 -27.96 -29.58 54.77
C VAL G 603 -27.91 -30.26 53.41
N CYS G 604 -27.51 -31.53 53.40
CA CYS G 604 -27.54 -32.36 52.21
C CYS G 604 -28.57 -33.46 52.40
N LEU G 605 -29.56 -33.50 51.52
CA LEU G 605 -30.68 -34.43 51.60
C LEU G 605 -30.51 -35.49 50.52
N ILE G 606 -30.14 -36.69 50.93
CA ILE G 606 -29.84 -37.76 50.00
C ILE G 606 -31.00 -38.75 50.04
N ASP G 607 -31.73 -38.84 48.94
CA ASP G 607 -32.87 -39.72 48.81
C ASP G 607 -32.42 -41.06 48.22
N GLU G 608 -33.07 -42.12 48.70
CA GLU G 608 -32.88 -43.49 48.24
C GLU G 608 -31.41 -43.91 48.46
N PHE G 609 -31.04 -44.02 49.74
CA PHE G 609 -29.64 -44.11 50.13
C PHE G 609 -29.04 -45.49 49.85
N ASP G 610 -29.87 -46.49 49.58
CA ASP G 610 -29.35 -47.86 49.54
C ASP G 610 -28.81 -48.22 48.16
N LYS G 611 -29.34 -47.63 47.09
CA LYS G 611 -28.91 -47.99 45.74
C LYS G 611 -27.81 -47.09 45.20
N MET G 612 -26.93 -46.59 46.06
CA MET G 612 -25.87 -45.68 45.63
C MET G 612 -24.83 -46.46 44.84
N ASN G 613 -24.05 -45.77 44.00
CA ASN G 613 -22.94 -46.46 43.34
C ASN G 613 -21.64 -46.23 44.09
N ASP G 614 -20.57 -46.86 43.59
CA ASP G 614 -19.32 -46.98 44.36
C ASP G 614 -18.63 -45.63 44.51
N GLN G 615 -18.55 -44.86 43.42
CA GLN G 615 -17.92 -43.54 43.46
C GLN G 615 -18.65 -42.62 44.45
N ASP G 616 -19.98 -42.62 44.40
CA ASP G 616 -20.75 -41.79 45.32
C ASP G 616 -20.61 -42.28 46.76
N ARG G 617 -20.58 -43.60 46.98
CA ARG G 617 -20.38 -44.09 48.34
C ARG G 617 -19.03 -43.66 48.90
N THR G 618 -17.99 -43.67 48.07
CA THR G 618 -16.71 -43.13 48.50
C THR G 618 -16.81 -41.64 48.79
N SER G 619 -17.61 -40.91 48.01
CA SER G 619 -17.77 -39.47 48.22
C SER G 619 -18.44 -39.16 49.55
N ILE G 620 -19.59 -39.78 49.84
CA ILE G 620 -20.24 -39.52 51.13
C ILE G 620 -19.43 -40.12 52.28
N HIS G 621 -18.68 -41.21 52.04
CA HIS G 621 -17.80 -41.71 53.09
C HIS G 621 -16.72 -40.71 53.45
N GLU G 622 -16.09 -40.09 52.45
CA GLU G 622 -15.07 -39.07 52.73
C GLU G 622 -15.69 -37.85 53.38
N ALA G 623 -16.89 -37.45 52.95
CA ALA G 623 -17.54 -36.28 53.50
C ALA G 623 -17.95 -36.48 54.96
N MET G 624 -18.42 -37.68 55.30
CA MET G 624 -18.78 -37.93 56.69
C MET G 624 -17.56 -38.28 57.53
N GLU G 625 -16.46 -38.63 56.89
CA GLU G 625 -15.25 -38.96 57.64
C GLU G 625 -14.48 -37.70 58.04
N GLN G 626 -14.08 -36.89 57.07
CA GLN G 626 -13.27 -35.73 57.37
C GLN G 626 -13.85 -34.39 56.91
N GLN G 627 -15.12 -34.35 56.50
CA GLN G 627 -15.83 -33.11 56.15
C GLN G 627 -15.11 -32.34 55.03
N SER G 628 -14.51 -33.08 54.11
CA SER G 628 -13.81 -32.45 52.99
C SER G 628 -13.82 -33.42 51.82
N ILE G 629 -13.57 -32.88 50.64
CA ILE G 629 -13.57 -33.63 49.40
C ILE G 629 -12.29 -33.32 48.64
N SER G 630 -11.52 -34.34 48.31
CA SER G 630 -10.24 -34.18 47.62
C SER G 630 -10.43 -34.43 46.13
N ILE G 631 -9.85 -33.57 45.31
CA ILE G 631 -9.92 -33.67 43.87
C ILE G 631 -8.51 -33.61 43.31
N SER G 632 -8.16 -34.59 42.47
CA SER G 632 -6.94 -34.55 41.67
C SER G 632 -7.33 -34.91 40.23
N LYS G 633 -7.78 -33.89 39.49
CA LYS G 633 -8.29 -34.08 38.14
C LYS G 633 -7.94 -32.88 37.27
N ALA G 634 -7.49 -33.16 36.04
CA ALA G 634 -7.25 -32.16 35.01
C ALA G 634 -6.27 -31.08 35.46
N GLY G 635 -5.26 -31.48 36.22
CA GLY G 635 -4.28 -30.55 36.74
C GLY G 635 -4.68 -29.85 38.03
N ILE G 636 -5.89 -30.07 38.51
CA ILE G 636 -6.38 -29.45 39.74
C ILE G 636 -6.17 -30.44 40.88
N VAL G 637 -5.38 -30.04 41.87
CA VAL G 637 -5.22 -30.79 43.11
C VAL G 637 -5.68 -29.88 44.23
N THR G 638 -6.79 -30.23 44.87
CA THR G 638 -7.40 -29.34 45.84
C THR G 638 -8.23 -30.14 46.83
N THR G 639 -8.57 -29.47 47.93
CA THR G 639 -9.48 -29.98 48.94
C THR G 639 -10.56 -28.94 49.18
N LEU G 640 -11.82 -29.36 49.07
CA LEU G 640 -12.96 -28.49 49.27
C LEU G 640 -13.63 -28.83 50.59
N GLN G 641 -14.11 -27.81 51.30
CA GLN G 641 -14.80 -28.05 52.57
C GLN G 641 -16.17 -28.66 52.33
N ALA G 642 -16.47 -29.72 53.09
CA ALA G 642 -17.73 -30.42 52.97
C ALA G 642 -18.31 -30.65 54.37
N ARG G 643 -18.32 -29.60 55.19
CA ARG G 643 -18.89 -29.65 56.53
C ARG G 643 -20.41 -29.50 56.41
N CYS G 644 -21.05 -30.56 55.97
CA CYS G 644 -22.49 -30.57 55.73
C CYS G 644 -23.16 -31.62 56.60
N SER G 645 -24.23 -31.21 57.27
CA SER G 645 -25.10 -32.17 57.91
C SER G 645 -25.84 -32.96 56.84
N ILE G 646 -26.08 -34.24 57.10
CA ILE G 646 -26.62 -35.15 56.09
C ILE G 646 -27.90 -35.77 56.63
N ILE G 647 -28.97 -35.68 55.87
CA ILE G 647 -30.21 -36.40 56.13
C ILE G 647 -30.47 -37.32 54.94
N ALA G 648 -30.59 -38.61 55.21
CA ALA G 648 -30.69 -39.61 54.16
C ALA G 648 -31.96 -40.42 54.35
N ALA G 649 -32.46 -40.95 53.23
CA ALA G 649 -33.63 -41.82 53.25
C ALA G 649 -33.27 -43.12 52.53
N ALA G 650 -33.63 -44.26 53.15
CA ALA G 650 -33.27 -45.56 52.61
C ALA G 650 -34.41 -46.56 52.86
N ASN G 651 -34.38 -47.65 52.10
CA ASN G 651 -35.30 -48.76 52.18
C ASN G 651 -34.58 -50.02 52.62
N PRO G 652 -35.24 -50.89 53.39
CA PRO G 652 -34.61 -52.16 53.77
C PRO G 652 -34.49 -53.10 52.59
N ASN G 653 -33.65 -54.12 52.73
CA ASN G 653 -33.49 -55.11 51.68
C ASN G 653 -34.77 -55.92 51.51
N GLY G 654 -35.14 -56.18 50.25
CA GLY G 654 -36.36 -56.88 49.96
C GLY G 654 -37.62 -56.03 50.01
N GLY G 655 -37.49 -54.74 50.30
CA GLY G 655 -38.62 -53.85 50.38
C GLY G 655 -39.35 -53.85 51.72
N ARG G 656 -38.91 -54.67 52.67
CA ARG G 656 -39.57 -54.78 53.96
C ARG G 656 -38.54 -54.94 55.05
N TYR G 657 -38.73 -54.22 56.15
CA TYR G 657 -37.86 -54.36 57.31
C TYR G 657 -38.18 -55.64 58.08
N ASN G 658 -37.13 -56.28 58.59
CA ASN G 658 -37.24 -57.53 59.33
C ASN G 658 -36.84 -57.27 60.77
N SER G 659 -37.74 -57.59 61.71
CA SER G 659 -37.48 -57.33 63.12
C SER G 659 -36.51 -58.34 63.71
N THR G 660 -36.55 -59.58 63.22
CA THR G 660 -35.67 -60.62 63.75
C THR G 660 -34.22 -60.36 63.38
N LEU G 661 -33.99 -59.70 62.25
CA LEU G 661 -32.63 -59.35 61.86
C LEU G 661 -32.29 -57.95 62.37
N PRO G 662 -31.03 -57.71 62.75
CA PRO G 662 -30.65 -56.37 63.18
C PRO G 662 -30.42 -55.42 62.01
N LEU G 663 -29.90 -54.24 62.33
CA LEU G 663 -29.87 -53.14 61.37
C LEU G 663 -28.90 -53.41 60.23
N ALA G 664 -27.75 -54.05 60.52
CA ALA G 664 -26.72 -54.22 59.52
C ALA G 664 -27.15 -55.13 58.38
N GLN G 665 -27.90 -56.19 58.71
CA GLN G 665 -28.36 -57.11 57.67
C GLN G 665 -29.57 -56.56 56.94
N ASN G 666 -30.24 -55.55 57.49
CA ASN G 666 -31.44 -55.02 56.86
C ASN G 666 -31.10 -54.04 55.74
N VAL G 667 -29.86 -53.58 55.69
CA VAL G 667 -29.44 -52.63 54.66
C VAL G 667 -28.19 -53.16 53.95
N SER G 668 -27.98 -52.65 52.74
CA SER G 668 -26.74 -52.94 52.02
C SER G 668 -25.60 -52.07 52.53
N LEU G 669 -25.90 -51.10 53.40
CA LEU G 669 -24.89 -50.21 53.94
C LEU G 669 -23.93 -50.96 54.85
N THR G 670 -22.63 -50.75 54.64
CA THR G 670 -21.61 -51.41 55.43
C THR G 670 -21.50 -50.68 56.78
N GLU G 671 -21.00 -51.39 57.80
CA GLU G 671 -20.97 -50.85 59.17
C GLU G 671 -20.28 -49.49 59.35
N PRO G 672 -19.11 -49.20 58.73
CA PRO G 672 -18.52 -47.85 58.95
C PRO G 672 -19.39 -46.69 58.49
N ILE G 673 -20.16 -46.85 57.42
CA ILE G 673 -21.01 -45.74 56.99
C ILE G 673 -22.27 -45.67 57.85
N LEU G 674 -22.65 -46.77 58.49
CA LEU G 674 -23.75 -46.74 59.43
C LEU G 674 -23.33 -46.11 60.75
N SER G 675 -22.03 -46.21 61.09
CA SER G 675 -21.56 -45.66 62.35
C SER G 675 -21.50 -44.14 62.32
N ARG G 676 -21.37 -43.55 61.14
CA ARG G 676 -21.19 -42.10 61.05
C ARG G 676 -22.49 -41.35 61.30
N PHE G 677 -23.63 -42.03 61.19
CA PHE G 677 -24.91 -41.38 61.44
C PHE G 677 -25.16 -41.24 62.94
N ASP G 678 -25.58 -40.04 63.35
CA ASP G 678 -25.89 -39.80 64.76
C ASP G 678 -27.21 -40.44 65.16
N ILE G 679 -28.25 -40.28 64.34
CA ILE G 679 -29.59 -40.76 64.65
C ILE G 679 -30.04 -41.69 63.53
N LEU G 680 -30.49 -42.89 63.91
CA LEU G 680 -31.02 -43.88 62.98
C LEU G 680 -32.49 -44.09 63.30
N CYS G 681 -33.36 -43.61 62.42
CA CYS G 681 -34.81 -43.72 62.59
C CYS G 681 -35.31 -44.88 61.76
N VAL G 682 -35.59 -45.99 62.43
CA VAL G 682 -36.17 -47.17 61.80
C VAL G 682 -37.68 -47.01 61.83
N VAL G 683 -38.31 -47.09 60.66
CA VAL G 683 -39.73 -46.83 60.51
C VAL G 683 -40.36 -48.04 59.84
N ARG G 684 -41.34 -48.64 60.51
CA ARG G 684 -42.10 -49.76 59.97
C ARG G 684 -43.57 -49.48 60.12
N ASP G 685 -44.35 -49.80 59.09
CA ASP G 685 -45.79 -49.54 59.09
C ASP G 685 -46.54 -50.79 59.54
N LEU G 686 -46.44 -51.05 60.85
CA LEU G 686 -47.19 -52.14 61.44
C LEU G 686 -48.68 -51.83 61.42
N VAL G 687 -49.47 -52.82 61.04
CA VAL G 687 -50.90 -52.61 60.83
C VAL G 687 -51.60 -52.50 62.18
N ASP G 688 -51.84 -51.27 62.61
CA ASP G 688 -52.63 -50.98 63.79
C ASP G 688 -53.87 -50.23 63.34
N GLU G 689 -55.05 -50.72 63.76
CA GLU G 689 -56.31 -50.21 63.23
C GLU G 689 -56.52 -48.74 63.62
N GLU G 690 -56.19 -48.38 64.86
CA GLU G 690 -56.36 -47.00 65.30
C GLU G 690 -55.41 -46.06 64.57
N ALA G 691 -54.16 -46.50 64.36
CA ALA G 691 -53.21 -45.68 63.61
C ALA G 691 -53.63 -45.54 62.16
N ASP G 692 -54.12 -46.63 61.56
CA ASP G 692 -54.58 -46.59 60.18
C ASP G 692 -55.77 -45.67 60.02
N GLU G 693 -56.69 -45.67 60.99
CA GLU G 693 -57.86 -44.80 60.93
C GLU G 693 -57.47 -43.33 60.95
N ARG G 694 -56.56 -42.95 61.87
CA ARG G 694 -56.14 -41.56 61.96
C ARG G 694 -55.34 -41.14 60.73
N LEU G 695 -54.47 -42.02 60.23
CA LEU G 695 -53.69 -41.72 59.03
C LEU G 695 -54.59 -41.56 57.81
N ALA G 696 -55.57 -42.46 57.65
CA ALA G 696 -56.49 -42.36 56.53
C ALA G 696 -57.36 -41.11 56.63
N THR G 697 -57.80 -40.76 57.84
CA THR G 697 -58.56 -39.54 58.04
C THR G 697 -57.73 -38.31 57.65
N PHE G 698 -56.45 -38.29 58.05
CA PHE G 698 -55.58 -37.19 57.69
C PHE G 698 -55.40 -37.07 56.18
N VAL G 699 -55.16 -38.20 55.51
CA VAL G 699 -54.94 -38.18 54.07
C VAL G 699 -56.19 -37.76 53.33
N VAL G 700 -57.36 -38.29 53.71
CA VAL G 700 -58.60 -37.95 53.04
C VAL G 700 -58.98 -36.50 53.29
N ASP G 701 -58.73 -35.99 54.51
CA ASP G 701 -59.02 -34.58 54.77
C ASP G 701 -58.10 -33.67 53.98
N SER G 702 -56.84 -34.08 53.78
CA SER G 702 -55.96 -33.31 52.90
C SER G 702 -56.48 -33.33 51.47
N HIS G 703 -56.96 -34.48 51.02
CA HIS G 703 -57.51 -34.62 49.67
C HIS G 703 -58.73 -33.72 49.47
N VAL G 704 -59.60 -33.64 50.48
CA VAL G 704 -60.83 -32.86 50.35
C VAL G 704 -60.54 -31.37 50.27
N ARG G 705 -59.67 -30.86 51.16
CA ARG G 705 -59.32 -29.44 51.09
C ARG G 705 -58.49 -29.13 49.84
N SER G 706 -57.80 -30.13 49.30
CA SER G 706 -56.94 -29.89 48.14
C SER G 706 -57.75 -29.77 46.85
N HIS G 707 -59.04 -30.09 46.90
CA HIS G 707 -59.84 -30.10 45.69
C HIS G 707 -60.09 -28.68 45.19
N PRO G 708 -59.85 -28.41 43.90
CA PRO G 708 -60.07 -27.04 43.39
C PRO G 708 -61.50 -26.54 43.52
N GLU G 709 -62.48 -27.44 43.38
CA GLU G 709 -63.88 -27.01 43.44
C GLU G 709 -64.29 -26.63 44.86
N ASN G 710 -63.57 -27.13 45.85
CA ASN G 710 -63.85 -26.81 47.24
C ASN G 710 -63.37 -25.40 47.58
N SER G 756 -50.84 -24.20 68.36
CA SER G 756 -49.60 -24.87 68.70
C SER G 756 -48.45 -24.75 67.66
N PRO G 757 -48.66 -25.03 66.37
CA PRO G 757 -47.53 -24.98 65.44
C PRO G 757 -47.12 -23.55 65.13
N ILE G 758 -45.81 -23.33 65.13
CA ILE G 758 -45.24 -22.03 64.71
C ILE G 758 -45.48 -21.83 63.23
N PRO G 759 -45.84 -20.63 62.78
CA PRO G 759 -45.86 -20.36 61.33
C PRO G 759 -44.49 -20.59 60.71
N GLN G 760 -44.49 -21.11 59.48
CA GLN G 760 -43.25 -21.58 58.87
C GLN G 760 -42.30 -20.42 58.58
N GLU G 761 -42.85 -19.24 58.25
CA GLU G 761 -42.01 -18.08 57.98
C GLU G 761 -41.25 -17.65 59.22
N LEU G 762 -41.89 -17.71 60.39
CA LEU G 762 -41.22 -17.36 61.64
C LEU G 762 -40.24 -18.46 62.03
N LEU G 763 -40.62 -19.72 61.83
CA LEU G 763 -39.79 -20.85 62.22
C LEU G 763 -38.49 -20.89 61.42
N MET G 764 -38.56 -20.55 60.13
CA MET G 764 -37.40 -20.58 59.27
C MET G 764 -36.34 -19.58 59.73
N LYS G 765 -36.75 -18.34 60.02
CA LYS G 765 -35.82 -17.35 60.53
C LYS G 765 -35.37 -17.66 61.96
N TYR G 766 -36.23 -18.29 62.77
CA TYR G 766 -35.81 -18.74 64.10
C TYR G 766 -34.70 -19.77 64.01
N ILE G 767 -34.84 -20.74 63.10
CA ILE G 767 -33.82 -21.74 62.85
C ILE G 767 -32.53 -21.12 62.35
N HIS G 768 -32.61 -20.17 61.40
CA HIS G 768 -31.42 -19.48 60.94
C HIS G 768 -30.74 -18.67 62.04
N TYR G 769 -31.50 -17.98 62.88
CA TYR G 769 -30.94 -17.19 63.97
C TYR G 769 -30.25 -18.06 65.00
N ALA G 770 -30.88 -19.16 65.41
CA ALA G 770 -30.29 -20.07 66.39
C ALA G 770 -29.04 -20.75 65.88
N ARG G 771 -28.96 -21.03 64.58
CA ARG G 771 -27.83 -21.70 63.99
C ARG G 771 -26.58 -20.82 63.92
N THR G 772 -26.75 -19.50 63.83
CA THR G 772 -25.63 -18.59 63.69
C THR G 772 -25.37 -17.70 64.89
N LYS G 773 -26.22 -17.73 65.92
CA LYS G 773 -26.07 -16.80 67.03
C LYS G 773 -25.76 -17.44 68.37
N ILE G 774 -26.14 -18.69 68.60
CA ILE G 774 -26.20 -19.21 69.97
C ILE G 774 -24.88 -19.82 70.41
N TYR G 775 -24.46 -20.92 69.75
CA TYR G 775 -23.29 -21.72 70.11
C TYR G 775 -23.32 -22.13 71.58
N PRO G 776 -24.19 -23.06 71.98
CA PRO G 776 -24.30 -23.41 73.40
C PRO G 776 -23.07 -24.14 73.91
N LYS G 777 -22.76 -23.93 75.18
CA LYS G 777 -21.67 -24.61 75.86
C LYS G 777 -22.21 -25.38 77.06
N LEU G 778 -21.34 -26.15 77.70
CA LEU G 778 -21.69 -26.88 78.91
C LEU G 778 -20.56 -26.74 79.93
N HIS G 779 -20.91 -26.92 81.20
CA HIS G 779 -19.99 -26.64 82.31
C HIS G 779 -19.46 -27.95 82.88
N GLN G 780 -18.52 -27.82 83.81
CA GLN G 780 -17.77 -28.95 84.34
C GLN G 780 -18.49 -29.71 85.44
N MET G 781 -19.55 -29.15 86.04
CA MET G 781 -20.26 -29.85 87.10
C MET G 781 -21.42 -30.69 86.60
N ASP G 782 -21.73 -30.63 85.30
CA ASP G 782 -22.68 -31.57 84.71
C ASP G 782 -22.00 -32.86 84.28
N MET G 783 -20.70 -32.99 84.54
CA MET G 783 -19.87 -34.10 84.11
C MET G 783 -20.21 -35.43 84.76
N ASP G 784 -20.42 -35.45 86.08
CA ASP G 784 -20.43 -36.67 86.88
C ASP G 784 -21.60 -37.60 86.55
N LYS G 785 -22.61 -37.13 85.82
CA LYS G 785 -23.75 -37.96 85.46
C LYS G 785 -23.60 -38.55 84.07
N VAL G 786 -22.97 -37.83 83.14
CA VAL G 786 -22.77 -38.34 81.78
C VAL G 786 -21.89 -39.58 81.77
N SER G 787 -20.80 -39.56 82.55
CA SER G 787 -20.01 -40.78 82.71
C SER G 787 -20.80 -41.87 83.44
N ARG G 788 -21.78 -41.46 84.25
CA ARG G 788 -22.60 -42.43 84.97
C ARG G 788 -23.51 -43.22 84.03
N VAL G 789 -24.21 -42.54 83.12
CA VAL G 789 -25.10 -43.22 82.19
C VAL G 789 -24.32 -44.01 81.14
N TYR G 790 -23.21 -43.45 80.64
CA TYR G 790 -22.44 -44.10 79.57
C TYR G 790 -21.86 -45.42 80.04
N ALA G 791 -21.29 -45.47 81.25
CA ALA G 791 -20.85 -46.74 81.82
C ALA G 791 -22.02 -47.67 82.06
N ASP G 792 -23.20 -47.11 82.36
CA ASP G 792 -24.39 -47.94 82.49
C ASP G 792 -24.89 -48.40 81.12
N LEU G 793 -24.46 -47.72 80.06
CA LEU G 793 -24.84 -48.14 78.71
C LEU G 793 -24.04 -49.36 78.28
N ARG G 794 -22.70 -49.23 78.27
CA ARG G 794 -21.83 -50.19 77.61
C ARG G 794 -21.96 -51.59 78.19
N ARG G 795 -21.99 -51.70 79.53
CA ARG G 795 -22.05 -53.02 80.14
C ARG G 795 -23.35 -53.74 79.79
N GLU G 796 -24.44 -52.97 79.57
CA GLU G 796 -25.68 -53.61 79.14
C GLU G 796 -25.54 -54.13 77.72
N SER G 797 -24.80 -53.40 76.87
CA SER G 797 -24.49 -53.91 75.55
C SER G 797 -23.59 -55.14 75.63
N ILE G 798 -22.85 -55.28 76.72
CA ILE G 798 -22.08 -56.50 76.96
C ILE G 798 -23.02 -57.65 77.30
N SER G 799 -24.12 -57.36 77.98
CA SER G 799 -24.98 -58.42 78.52
C SER G 799 -25.66 -59.22 77.40
N THR G 800 -26.09 -58.54 76.34
CA THR G 800 -26.87 -59.19 75.29
C THR G 800 -26.06 -59.55 74.05
N GLY G 801 -24.82 -59.08 73.95
CA GLY G 801 -23.98 -59.41 72.81
C GLY G 801 -24.34 -58.70 71.52
N SER G 802 -25.03 -57.57 71.59
CA SER G 802 -25.34 -56.79 70.41
C SER G 802 -24.13 -55.97 69.97
N PHE G 803 -24.32 -55.17 68.92
CA PHE G 803 -23.24 -54.30 68.47
C PHE G 803 -23.01 -53.20 69.51
N PRO G 804 -21.75 -52.85 69.78
CA PRO G 804 -21.44 -52.16 71.04
C PRO G 804 -21.81 -50.68 71.03
N ILE G 805 -21.89 -50.11 72.23
CA ILE G 805 -21.93 -48.67 72.41
C ILE G 805 -20.48 -48.17 72.38
N THR G 806 -20.14 -47.41 71.36
CA THR G 806 -18.79 -46.88 71.24
C THR G 806 -18.74 -45.45 71.78
N VAL G 807 -17.60 -44.79 71.57
CA VAL G 807 -17.45 -43.39 71.96
C VAL G 807 -18.29 -42.49 71.07
N ARG G 808 -18.62 -42.95 69.86
CA ARG G 808 -19.45 -42.16 68.96
C ARG G 808 -20.84 -41.93 69.52
N HIS G 809 -21.37 -42.90 70.27
CA HIS G 809 -22.67 -42.71 70.90
C HIS G 809 -22.60 -41.64 71.99
N LEU G 810 -21.50 -41.61 72.75
CA LEU G 810 -21.32 -40.57 73.75
C LEU G 810 -21.19 -39.20 73.11
N GLU G 811 -20.46 -39.11 72.00
CA GLU G 811 -20.36 -37.83 71.29
C GLU G 811 -21.69 -37.44 70.66
N SER G 812 -22.50 -38.42 70.25
CA SER G 812 -23.84 -38.12 69.78
C SER G 812 -24.72 -37.58 70.90
N ILE G 813 -24.56 -38.11 72.11
CA ILE G 813 -25.21 -37.53 73.28
C ILE G 813 -24.81 -36.07 73.45
N LEU G 814 -23.50 -35.82 73.43
CA LEU G 814 -23.00 -34.48 73.74
C LEU G 814 -23.22 -33.51 72.59
N ARG G 815 -23.56 -34.01 71.40
CA ARG G 815 -23.82 -33.17 70.25
C ARG G 815 -25.30 -32.87 70.08
N ILE G 816 -26.16 -33.86 70.34
CA ILE G 816 -27.60 -33.65 70.22
C ILE G 816 -28.08 -32.71 71.31
N ALA G 817 -27.50 -32.80 72.51
CA ALA G 817 -27.82 -31.91 73.61
C ALA G 817 -27.48 -30.45 73.32
N GLU G 818 -26.46 -30.19 72.49
CA GLU G 818 -26.13 -28.83 72.08
C GLU G 818 -27.09 -28.29 71.02
N SER G 819 -27.91 -29.16 70.41
CA SER G 819 -28.96 -28.71 69.51
C SER G 819 -30.28 -28.47 70.21
N PHE G 820 -30.56 -29.19 71.29
CA PHE G 820 -31.69 -28.92 72.15
C PHE G 820 -31.54 -27.60 72.90
N ALA G 821 -30.32 -27.22 73.27
CA ALA G 821 -30.06 -25.92 73.88
C ALA G 821 -30.11 -24.79 72.87
N LYS G 822 -30.01 -25.10 71.58
CA LYS G 822 -30.22 -24.12 70.52
C LYS G 822 -31.69 -23.86 70.24
N MET G 823 -32.55 -24.87 70.42
CA MET G 823 -33.98 -24.65 70.32
C MET G 823 -34.49 -23.75 71.43
N ARG G 824 -33.91 -23.85 72.62
CA ARG G 824 -34.23 -22.98 73.75
C ARG G 824 -33.58 -21.61 73.66
N LEU G 825 -32.73 -21.39 72.65
CA LEU G 825 -31.92 -20.19 72.50
C LEU G 825 -31.06 -19.92 73.73
N SER G 826 -30.56 -20.98 74.35
CA SER G 826 -29.85 -20.89 75.61
C SER G 826 -28.35 -21.04 75.38
N GLU G 827 -27.57 -20.18 76.05
CA GLU G 827 -26.12 -20.21 75.94
C GLU G 827 -25.49 -21.37 76.70
N PHE G 828 -26.22 -22.00 77.62
CA PHE G 828 -25.74 -23.16 78.36
C PHE G 828 -26.57 -24.37 77.98
N VAL G 829 -25.98 -25.55 78.17
CA VAL G 829 -26.70 -26.81 77.99
C VAL G 829 -27.18 -27.30 79.35
N SER G 830 -28.48 -27.40 79.51
CA SER G 830 -29.09 -27.75 80.78
C SER G 830 -29.14 -29.27 80.95
N SER G 831 -29.60 -29.70 82.13
CA SER G 831 -29.73 -31.12 82.39
C SER G 831 -30.93 -31.71 81.65
N TYR G 832 -31.96 -30.90 81.41
CA TYR G 832 -33.14 -31.41 80.71
C TYR G 832 -32.84 -31.65 79.23
N ASP G 833 -32.10 -30.74 78.59
CA ASP G 833 -31.68 -30.96 77.22
C ASP G 833 -30.76 -32.18 77.11
N LEU G 834 -29.88 -32.35 78.10
CA LEU G 834 -29.00 -33.50 78.14
C LEU G 834 -29.79 -34.80 78.29
N ASP G 835 -30.81 -34.80 79.15
CA ASP G 835 -31.64 -35.98 79.33
C ASP G 835 -32.45 -36.29 78.08
N ARG G 836 -32.93 -35.25 77.39
CA ARG G 836 -33.66 -35.46 76.14
C ARG G 836 -32.75 -36.03 75.05
N ALA G 837 -31.50 -35.56 75.00
CA ALA G 837 -30.52 -36.11 74.07
C ALA G 837 -30.23 -37.57 74.38
N ILE G 838 -30.07 -37.91 75.67
CA ILE G 838 -29.87 -39.29 76.07
C ILE G 838 -31.06 -40.14 75.66
N LYS G 839 -32.27 -39.60 75.84
CA LYS G 839 -33.47 -40.32 75.47
C LYS G 839 -33.51 -40.61 73.97
N VAL G 840 -33.21 -39.62 73.14
CA VAL G 840 -33.33 -39.82 71.69
C VAL G 840 -32.25 -40.76 71.18
N VAL G 841 -31.03 -40.67 71.73
CA VAL G 841 -29.97 -41.57 71.25
C VAL G 841 -30.22 -42.99 71.73
N VAL G 842 -30.78 -43.16 72.93
CA VAL G 842 -31.10 -44.50 73.42
C VAL G 842 -32.24 -45.11 72.62
N ASP G 843 -33.25 -44.29 72.28
CA ASP G 843 -34.34 -44.76 71.43
C ASP G 843 -33.83 -45.15 70.04
N SER G 844 -32.90 -44.39 69.46
CA SER G 844 -32.30 -44.77 68.20
C SER G 844 -31.46 -46.03 68.30
N PHE G 845 -30.77 -46.26 69.42
CA PHE G 845 -29.95 -47.44 69.59
C PHE G 845 -30.79 -48.70 69.77
N VAL G 846 -31.87 -48.61 70.56
CA VAL G 846 -32.72 -49.78 70.83
C VAL G 846 -33.51 -50.17 69.59
N ASP G 847 -34.00 -49.18 68.83
CA ASP G 847 -34.79 -49.46 67.64
C ASP G 847 -33.98 -50.17 66.57
N ALA G 848 -32.66 -49.98 66.58
CA ALA G 848 -31.79 -50.62 65.60
C ALA G 848 -31.50 -52.08 65.92
N GLN G 849 -31.94 -52.56 67.08
CA GLN G 849 -31.61 -53.92 67.50
C GLN G 849 -32.56 -54.94 66.89
N LYS G 850 -32.14 -56.21 66.98
CA LYS G 850 -33.02 -57.32 66.66
C LYS G 850 -34.06 -57.48 67.77
N VAL G 851 -35.07 -58.33 67.50
CA VAL G 851 -36.23 -58.41 68.38
C VAL G 851 -35.86 -59.04 69.71
N SER G 852 -34.89 -59.95 69.72
CA SER G 852 -34.46 -60.58 70.97
C SER G 852 -33.71 -59.58 71.85
N VAL G 853 -32.82 -58.80 71.25
CA VAL G 853 -32.04 -57.83 72.00
C VAL G 853 -32.90 -56.66 72.47
N ARG G 854 -33.87 -56.24 71.65
CA ARG G 854 -34.68 -55.06 71.94
C ARG G 854 -35.51 -55.23 73.20
N ARG G 855 -36.09 -56.41 73.40
CA ARG G 855 -36.94 -56.65 74.56
C ARG G 855 -36.14 -56.59 75.86
N GLN G 856 -34.91 -57.11 75.84
CA GLN G 856 -34.05 -57.03 77.01
C GLN G 856 -33.55 -55.61 77.23
N LEU G 857 -33.29 -54.87 76.15
CA LEU G 857 -32.70 -53.55 76.28
C LEU G 857 -33.74 -52.51 76.69
N ARG G 858 -35.02 -52.79 76.46
CA ARG G 858 -36.06 -51.81 76.78
C ARG G 858 -36.26 -51.68 78.29
N ARG G 859 -36.21 -52.79 79.02
CA ARG G 859 -36.44 -52.71 80.46
C ARG G 859 -35.26 -52.10 81.19
N SER G 860 -34.04 -52.32 80.70
CA SER G 860 -32.86 -51.83 81.41
C SER G 860 -32.71 -50.32 81.28
N PHE G 861 -33.07 -49.77 80.12
CA PHE G 861 -32.95 -48.34 79.87
C PHE G 861 -34.29 -47.62 79.98
N ALA G 862 -35.25 -48.19 80.70
CA ALA G 862 -36.56 -47.56 80.85
C ALA G 862 -36.46 -46.28 81.68
N ILE G 863 -35.43 -46.17 82.51
CA ILE G 863 -35.20 -44.94 83.26
C ILE G 863 -34.84 -43.81 82.31
N TYR G 864 -34.01 -44.09 81.31
CA TYR G 864 -33.59 -43.04 80.38
C TYR G 864 -34.67 -42.73 79.35
N THR G 865 -35.42 -43.75 78.91
CA THR G 865 -36.45 -43.52 77.91
C THR G 865 -37.67 -42.84 78.51
N LEU G 866 -38.00 -43.17 79.76
CA LEU G 866 -39.19 -42.68 80.46
C LEU G 866 -40.47 -42.94 79.68
N PRO H 17 31.23 -8.13 4.35
CA PRO H 17 32.35 -8.47 5.24
C PRO H 17 32.33 -7.69 6.55
N ASP H 18 32.17 -8.40 7.66
CA ASP H 18 32.08 -7.80 8.98
C ASP H 18 33.35 -8.08 9.76
N ALA H 19 33.93 -7.04 10.37
CA ALA H 19 35.24 -7.18 11.00
C ALA H 19 35.17 -8.01 12.27
N VAL H 20 34.14 -7.80 13.10
CA VAL H 20 34.03 -8.57 14.35
C VAL H 20 33.73 -10.03 14.05
N PHE H 21 32.99 -10.29 12.96
CA PHE H 21 32.79 -11.66 12.49
C PHE H 21 34.13 -12.32 12.12
N GLY H 22 34.99 -11.62 11.40
CA GLY H 22 36.29 -12.14 11.04
C GLY H 22 37.20 -12.36 12.23
N ASP H 23 37.13 -11.45 13.20
CA ASP H 23 37.91 -11.60 14.42
C ASP H 23 37.47 -12.84 15.20
N ARG H 24 36.15 -13.07 15.27
CA ARG H 24 35.65 -14.26 15.95
C ARG H 24 36.02 -15.53 15.18
N VAL H 25 36.03 -15.46 13.84
CA VAL H 25 36.47 -16.58 13.02
C VAL H 25 37.93 -16.91 13.31
N ARG H 26 38.78 -15.89 13.40
CA ARG H 26 40.20 -16.11 13.70
C ARG H 26 40.40 -16.65 15.10
N ARG H 27 39.60 -16.19 16.06
CA ARG H 27 39.70 -16.70 17.42
C ARG H 27 39.31 -18.18 17.48
N PHE H 28 38.29 -18.58 16.72
CA PHE H 28 37.93 -19.99 16.71
C PHE H 28 38.94 -20.83 15.92
N GLN H 29 39.61 -20.23 14.93
CA GLN H 29 40.80 -20.85 14.34
C GLN H 29 41.86 -21.13 15.40
N GLU H 30 42.14 -20.16 16.27
CA GLU H 30 43.13 -20.37 17.33
C GLU H 30 42.68 -21.47 18.28
N PHE H 31 41.39 -21.49 18.64
CA PHE H 31 40.90 -22.53 19.53
C PHE H 31 41.00 -23.92 18.89
N LEU H 32 40.68 -24.01 17.59
CA LEU H 32 40.75 -25.31 16.91
C LEU H 32 42.19 -25.76 16.72
N ASP H 33 43.12 -24.81 16.53
CA ASP H 33 44.52 -25.17 16.43
C ASP H 33 45.08 -25.61 17.77
N THR H 34 44.59 -25.03 18.86
CA THR H 34 45.09 -25.37 20.19
C THR H 34 44.66 -26.77 20.60
N PHE H 35 43.38 -27.10 20.44
CA PHE H 35 42.87 -28.40 20.81
C PHE H 35 42.85 -29.31 19.58
N THR H 36 43.72 -30.32 19.58
CA THR H 36 43.97 -31.07 18.36
C THR H 36 42.97 -32.21 18.17
N SER H 37 42.13 -32.45 19.18
CA SER H 37 41.16 -33.54 19.07
C SER H 37 40.12 -33.27 17.99
N TYR H 38 39.65 -32.03 17.90
CA TYR H 38 38.70 -31.68 16.84
C TYR H 38 39.36 -31.70 15.47
N ARG H 39 40.64 -31.31 15.43
CA ARG H 39 41.43 -31.39 14.21
C ARG H 39 41.55 -32.84 13.75
N ASP H 40 41.72 -33.78 14.69
CA ASP H 40 41.80 -35.18 14.35
C ASP H 40 40.44 -35.73 13.93
N SER H 41 39.36 -35.25 14.57
CA SER H 41 38.03 -35.75 14.29
C SER H 41 37.56 -35.35 12.90
N VAL H 42 37.93 -34.14 12.46
CA VAL H 42 37.60 -33.72 11.10
C VAL H 42 38.26 -34.64 10.07
N ARG H 43 39.54 -34.96 10.27
CA ARG H 43 40.20 -35.92 9.38
C ARG H 43 39.60 -37.32 9.48
N SER H 44 39.18 -37.73 10.69
CA SER H 44 38.56 -39.05 10.83
C SER H 44 37.26 -39.15 10.05
N ILE H 45 36.48 -38.06 10.03
CA ILE H 45 35.27 -38.03 9.20
C ILE H 45 35.63 -38.02 7.72
N GLN H 46 36.61 -37.20 7.34
CA GLN H 46 36.95 -37.03 5.93
C GLN H 46 37.53 -38.29 5.30
N VAL H 47 38.45 -38.98 5.99
CA VAL H 47 39.02 -40.19 5.43
C VAL H 47 38.01 -41.32 5.39
N TYR H 48 37.06 -41.36 6.34
CA TYR H 48 36.00 -42.35 6.27
C TYR H 48 35.11 -42.11 5.05
N ASN H 49 34.74 -40.85 4.82
CA ASN H 49 33.90 -40.55 3.66
C ASN H 49 34.63 -40.80 2.35
N SER H 50 35.92 -40.46 2.28
CA SER H 50 36.67 -40.69 1.05
C SER H 50 36.95 -42.17 0.83
N ASN H 51 37.15 -42.94 1.90
CA ASN H 51 37.33 -44.38 1.77
C ASN H 51 36.05 -45.06 1.28
N ASN H 52 34.90 -44.61 1.79
CA ASN H 52 33.64 -45.16 1.30
C ASN H 52 33.38 -44.76 -0.14
N ALA H 53 33.74 -43.53 -0.51
CA ALA H 53 33.61 -43.11 -1.91
C ALA H 53 34.52 -43.92 -2.82
N ALA H 54 35.75 -44.19 -2.37
CA ALA H 54 36.68 -44.99 -3.17
C ALA H 54 36.22 -46.44 -3.26
N ASN H 55 35.58 -46.95 -2.21
CA ASN H 55 35.00 -48.28 -2.27
C ASN H 55 33.84 -48.34 -3.25
N TYR H 56 33.01 -47.30 -3.29
CA TYR H 56 31.91 -47.25 -4.24
C TYR H 56 32.43 -47.08 -5.67
N ASN H 57 33.58 -46.40 -5.82
CA ASN H 57 34.18 -46.26 -7.15
C ASN H 57 34.80 -47.58 -7.62
N ASP H 58 35.53 -48.27 -6.73
CA ASP H 58 36.13 -49.54 -7.08
C ASP H 58 35.07 -50.64 -7.17
N ASP H 59 34.38 -50.90 -6.07
CA ASP H 59 33.26 -51.84 -6.08
C ASP H 59 31.97 -51.09 -6.34
N LEU H 89 27.21 -49.45 2.34
CA LEU H 89 28.07 -48.28 2.51
C LEU H 89 27.44 -47.32 3.50
N ASN H 90 28.19 -46.28 3.87
CA ASN H 90 27.70 -45.27 4.80
C ASN H 90 28.47 -43.98 4.58
N ILE H 91 27.88 -42.88 5.02
CA ILE H 91 28.48 -41.55 4.95
C ILE H 91 28.34 -40.88 6.30
N LEU H 92 29.38 -40.16 6.72
CA LEU H 92 29.30 -39.48 8.00
C LEU H 92 28.95 -38.00 7.80
N PRO H 93 28.07 -37.47 8.64
CA PRO H 93 27.72 -36.04 8.55
C PRO H 93 28.88 -35.15 8.96
N HIS H 94 28.83 -33.91 8.46
CA HIS H 94 29.88 -32.94 8.70
C HIS H 94 29.53 -32.07 9.90
N ARG H 95 29.65 -32.65 11.08
CA ARG H 95 29.51 -31.89 12.32
C ARG H 95 30.45 -32.44 13.38
N ILE H 96 30.89 -31.58 14.29
CA ILE H 96 31.91 -31.88 15.28
C ILE H 96 31.34 -31.62 16.66
N ILE H 97 31.55 -32.57 17.57
CA ILE H 97 31.19 -32.40 18.97
C ILE H 97 32.22 -31.46 19.60
N ILE H 98 31.76 -30.40 20.23
CA ILE H 98 32.64 -29.41 20.88
C ILE H 98 32.36 -29.40 22.37
N SER H 99 33.42 -29.51 23.16
CA SER H 99 33.30 -29.44 24.61
C SER H 99 33.28 -27.98 25.05
N LEU H 100 32.25 -27.62 25.83
CA LEU H 100 32.12 -26.24 26.29
C LEU H 100 33.15 -25.92 27.37
N ASP H 101 33.57 -26.93 28.15
CA ASP H 101 34.57 -26.71 29.18
C ASP H 101 35.93 -26.38 28.59
N ASP H 102 36.29 -27.04 27.49
CA ASP H 102 37.55 -26.73 26.81
C ASP H 102 37.55 -25.31 26.27
N LEU H 103 36.42 -24.88 25.69
CA LEU H 103 36.31 -23.51 25.20
C LEU H 103 36.37 -22.51 26.34
N ARG H 104 35.75 -22.85 27.48
CA ARG H 104 35.81 -21.97 28.65
C ARG H 104 37.24 -21.82 29.16
N GLU H 105 38.00 -22.92 29.18
CA GLU H 105 39.40 -22.82 29.58
C GLU H 105 40.21 -22.01 28.57
N PHE H 106 39.95 -22.20 27.27
CA PHE H 106 40.71 -21.46 26.26
C PHE H 106 40.32 -19.99 26.22
N ASP H 107 39.02 -19.69 26.16
CA ASP H 107 38.56 -18.32 25.95
C ASP H 107 37.21 -18.17 26.63
N ARG H 108 37.20 -17.50 27.79
CA ARG H 108 35.95 -17.33 28.52
C ARG H 108 35.00 -16.39 27.81
N SER H 109 35.54 -15.38 27.11
CA SER H 109 34.70 -14.46 26.37
C SER H 109 33.97 -15.15 25.22
N PHE H 110 34.68 -16.00 24.47
CA PHE H 110 34.04 -16.71 23.38
C PHE H 110 33.03 -17.74 23.89
N TRP H 111 33.35 -18.37 25.03
CA TRP H 111 32.45 -19.35 25.63
C TRP H 111 31.16 -18.69 26.11
N SER H 112 31.28 -17.53 26.76
CA SER H 112 30.09 -16.79 27.18
C SER H 112 29.35 -16.21 25.98
N GLY H 113 30.07 -15.91 24.90
CA GLY H 113 29.39 -15.53 23.68
C GLY H 113 28.58 -16.66 23.06
N ILE H 114 29.14 -17.87 23.07
CA ILE H 114 28.43 -19.05 22.58
C ILE H 114 27.16 -19.28 23.41
N LEU H 115 27.28 -19.17 24.74
CA LEU H 115 26.12 -19.44 25.59
C LEU H 115 25.07 -18.33 25.49
N VAL H 116 25.50 -17.07 25.53
CA VAL H 116 24.55 -15.97 25.75
C VAL H 116 24.08 -15.39 24.42
N GLU H 117 24.97 -15.23 23.44
CA GLU H 117 24.59 -14.75 22.11
C GLU H 117 25.05 -15.74 21.05
N PRO H 118 24.39 -16.90 20.93
CA PRO H 118 24.82 -17.88 19.93
C PRO H 118 24.67 -17.42 18.50
N ALA H 119 23.79 -16.43 18.23
CA ALA H 119 23.61 -15.95 16.87
C ALA H 119 24.84 -15.21 16.37
N TYR H 120 25.59 -14.59 17.28
CA TYR H 120 26.75 -13.81 16.87
C TYR H 120 28.05 -14.62 16.95
N PHE H 121 28.00 -15.80 17.58
CA PHE H 121 29.22 -16.54 17.87
C PHE H 121 29.28 -17.91 17.22
N ILE H 122 28.14 -18.61 17.11
CA ILE H 122 28.10 -19.91 16.44
C ILE H 122 28.37 -19.81 14.93
N PRO H 123 27.79 -18.89 14.16
CA PRO H 123 28.14 -18.81 12.72
C PRO H 123 29.61 -18.52 12.46
N PRO H 124 30.30 -17.63 13.23
CA PRO H 124 31.77 -17.54 13.03
C PRO H 124 32.51 -18.83 13.32
N ALA H 125 32.09 -19.58 14.33
CA ALA H 125 32.79 -20.81 14.67
C ALA H 125 32.54 -21.90 13.62
N GLU H 126 31.32 -21.94 13.06
CA GLU H 126 31.03 -22.87 11.98
C GLU H 126 31.79 -22.50 10.71
N LYS H 127 31.92 -21.19 10.43
CA LYS H 127 32.74 -20.75 9.31
C LYS H 127 34.20 -21.13 9.51
N ALA H 128 34.71 -21.01 10.74
CA ALA H 128 36.07 -21.42 11.05
C ALA H 128 36.26 -22.92 10.85
N LEU H 129 35.30 -23.72 11.31
CA LEU H 129 35.38 -25.16 11.13
C LEU H 129 35.33 -25.54 9.66
N THR H 130 34.51 -24.84 8.88
CA THR H 130 34.45 -25.09 7.44
C THR H 130 35.77 -24.72 6.76
N ASP H 131 36.40 -23.63 7.19
CA ASP H 131 37.69 -23.24 6.63
C ASP H 131 38.76 -24.28 6.94
N LEU H 132 38.77 -24.79 8.17
CA LEU H 132 39.72 -25.83 8.56
C LEU H 132 39.51 -27.11 7.75
N ALA H 133 38.24 -27.54 7.61
CA ALA H 133 37.96 -28.76 6.88
C ALA H 133 38.23 -28.60 5.39
N ASP H 134 38.03 -27.39 4.85
CA ASP H 134 38.33 -27.16 3.43
C ASP H 134 39.83 -27.10 3.19
N SER H 135 40.59 -26.61 4.16
CA SER H 135 42.05 -26.65 4.05
C SER H 135 42.55 -28.08 4.10
N MET H 136 41.87 -28.94 4.86
CA MET H 136 42.25 -30.35 4.88
C MET H 136 41.83 -31.09 3.61
N ASP H 137 40.61 -30.84 3.13
CA ASP H 137 40.00 -31.66 2.09
C ASP H 137 40.34 -31.20 0.68
N ASP H 138 41.25 -30.24 0.53
CA ASP H 138 41.67 -29.79 -0.80
C ASP H 138 42.38 -30.90 -1.56
N VAL H 139 43.23 -31.67 -0.87
CA VAL H 139 43.93 -32.78 -1.52
C VAL H 139 42.98 -33.90 -1.94
N PRO H 140 42.07 -34.41 -1.07
CA PRO H 140 41.21 -35.45 -1.63
C PRO H 140 40.07 -34.87 -2.47
N ARG H 150 31.86 -30.48 0.34
CA ARG H 150 31.34 -29.23 -0.19
C ARG H 150 30.30 -28.63 0.76
N HIS H 151 29.61 -29.49 1.50
CA HIS H 151 28.60 -29.03 2.45
C HIS H 151 29.28 -28.39 3.66
N PRO H 152 28.79 -27.24 4.12
CA PRO H 152 29.44 -26.56 5.25
C PRO H 152 29.32 -27.36 6.54
N TRP H 153 30.33 -27.24 7.39
CA TRP H 153 30.39 -28.05 8.61
C TRP H 153 29.55 -27.42 9.72
N LYS H 154 29.02 -28.28 10.58
CA LYS H 154 28.14 -27.88 11.65
C LYS H 154 28.80 -28.14 13.00
N LEU H 155 28.16 -27.67 14.06
CA LEU H 155 28.71 -27.74 15.40
C LEU H 155 27.71 -28.36 16.37
N SER H 156 28.23 -29.18 17.26
CA SER H 156 27.48 -29.72 18.38
C SER H 156 28.22 -29.38 19.67
N PHE H 157 27.48 -29.37 20.77
CA PHE H 157 28.01 -28.90 22.04
C PHE H 157 27.75 -29.90 23.15
N LYS H 158 28.76 -30.12 23.99
CA LYS H 158 28.64 -30.94 25.19
C LYS H 158 29.29 -30.22 26.34
N GLY H 159 29.09 -30.74 27.54
CA GLY H 159 29.69 -30.21 28.74
C GLY H 159 28.66 -29.56 29.66
N SER H 160 29.18 -28.93 30.70
CA SER H 160 28.32 -28.24 31.65
C SER H 160 27.77 -26.96 31.05
N PHE H 161 26.46 -26.74 31.22
CA PHE H 161 25.82 -25.52 30.76
C PHE H 161 25.50 -24.55 31.88
N GLY H 162 25.52 -24.99 33.14
CA GLY H 162 25.25 -24.14 34.26
C GLY H 162 23.79 -23.74 34.37
N ALA H 163 23.53 -22.44 34.25
CA ALA H 163 22.15 -21.93 34.30
C ALA H 163 21.38 -22.24 33.03
N HIS H 164 22.03 -22.72 31.99
CA HIS H 164 21.37 -23.05 30.73
C HIS H 164 20.96 -24.51 30.64
N ALA H 165 21.23 -25.31 31.68
CA ALA H 165 20.74 -26.68 31.76
C ALA H 165 19.35 -26.63 32.38
N LEU H 166 18.32 -26.74 31.54
CA LEU H 166 16.96 -26.43 31.94
C LEU H 166 16.03 -27.58 31.59
N SER H 167 14.76 -27.41 31.93
CA SER H 167 13.68 -28.33 31.64
C SER H 167 12.60 -27.55 30.90
N PRO H 168 11.66 -28.21 30.21
CA PRO H 168 10.60 -27.44 29.52
C PRO H 168 9.77 -26.56 30.43
N ARG H 169 9.63 -26.93 31.71
CA ARG H 169 9.00 -26.03 32.67
C ARG H 169 9.91 -24.85 32.98
N THR H 170 11.22 -25.08 33.03
CA THR H 170 12.15 -24.03 33.47
C THR H 170 12.51 -23.09 32.33
N LEU H 171 12.21 -23.48 31.08
CA LEU H 171 12.41 -22.58 29.95
C LEU H 171 11.49 -21.37 30.04
N THR H 172 12.09 -20.19 30.06
CA THR H 172 11.37 -18.94 30.18
C THR H 172 11.85 -17.99 29.08
N ALA H 173 11.26 -16.80 29.03
CA ALA H 173 11.53 -15.89 27.93
C ALA H 173 12.87 -15.17 28.11
N GLN H 174 13.47 -15.28 29.30
CA GLN H 174 14.82 -14.73 29.48
C GLN H 174 15.85 -15.58 28.77
N HIS H 175 15.52 -16.84 28.48
CA HIS H 175 16.43 -17.74 27.79
C HIS H 175 16.32 -17.66 26.29
N LEU H 176 15.47 -16.79 25.76
CA LEU H 176 15.36 -16.62 24.32
C LEU H 176 16.65 -16.06 23.75
N ASN H 177 16.97 -16.49 22.52
CA ASN H 177 18.22 -16.16 21.83
C ASN H 177 19.44 -16.59 22.62
N LYS H 178 19.34 -17.72 23.32
CA LYS H 178 20.45 -18.28 24.08
C LYS H 178 20.57 -19.76 23.79
N LEU H 179 21.78 -20.29 23.94
CA LEU H 179 22.00 -21.72 23.79
C LEU H 179 21.62 -22.43 25.08
N VAL H 180 20.66 -23.35 24.98
CA VAL H 180 20.13 -24.03 26.16
C VAL H 180 20.20 -25.54 25.95
N SER H 181 20.39 -26.26 27.05
CA SER H 181 20.36 -27.70 27.10
C SER H 181 19.15 -28.13 27.91
N VAL H 182 18.24 -28.88 27.27
CA VAL H 182 16.93 -29.18 27.84
C VAL H 182 16.74 -30.68 27.85
N GLU H 183 16.53 -31.25 29.04
CA GLU H 183 16.26 -32.67 29.16
C GLU H 183 14.78 -32.89 29.44
N GLY H 184 14.24 -33.95 28.86
CA GLY H 184 12.83 -34.26 29.01
C GLY H 184 12.50 -35.59 28.36
N ILE H 185 11.21 -35.75 28.06
CA ILE H 185 10.73 -36.94 27.37
C ILE H 185 10.14 -36.51 26.03
N VAL H 186 10.40 -37.30 24.99
CA VAL H 186 9.79 -37.08 23.69
C VAL H 186 8.40 -37.69 23.69
N THR H 187 7.39 -36.87 23.46
CA THR H 187 6.00 -37.34 23.43
C THR H 187 5.48 -37.49 22.01
N LYS H 188 5.80 -36.54 21.13
CA LYS H 188 5.34 -36.58 19.74
C LYS H 188 6.49 -36.21 18.81
N THR H 189 6.62 -36.99 17.74
CA THR H 189 7.51 -36.69 16.63
C THR H 189 6.68 -36.56 15.37
N SER H 190 6.94 -35.51 14.59
CA SER H 190 6.20 -35.33 13.35
C SER H 190 6.75 -36.25 12.27
N LEU H 191 6.05 -36.28 11.14
CA LEU H 191 6.56 -37.01 9.98
C LEU H 191 7.81 -36.32 9.45
N VAL H 192 8.78 -37.12 9.04
CA VAL H 192 9.99 -36.60 8.42
C VAL H 192 9.64 -36.08 7.04
N ARG H 193 9.87 -34.78 6.83
CA ARG H 193 9.48 -34.20 5.55
C ARG H 193 10.67 -33.58 4.86
N PRO H 194 10.86 -33.83 3.57
CA PRO H 194 11.90 -33.10 2.84
C PRO H 194 11.50 -31.65 2.64
N LYS H 195 12.51 -30.79 2.61
CA LYS H 195 12.35 -29.37 2.40
C LYS H 195 13.22 -28.96 1.23
N LEU H 196 12.61 -28.33 0.23
CA LEU H 196 13.34 -27.91 -0.96
C LEU H 196 14.30 -26.79 -0.60
N ILE H 197 15.57 -26.97 -0.94
CA ILE H 197 16.62 -25.98 -0.71
C ILE H 197 17.04 -25.31 -2.00
N ARG H 198 17.27 -26.10 -3.05
CA ARG H 198 17.55 -25.57 -4.38
C ARG H 198 16.73 -26.36 -5.39
N SER H 199 15.95 -25.66 -6.19
CA SER H 199 15.18 -26.27 -7.26
C SER H 199 15.93 -26.08 -8.57
N VAL H 200 16.04 -27.16 -9.33
CA VAL H 200 16.73 -27.18 -10.62
C VAL H 200 15.67 -27.38 -11.70
N HIS H 201 15.74 -26.56 -12.75
CA HIS H 201 14.74 -26.55 -13.82
C HIS H 201 15.46 -26.62 -15.15
N TYR H 202 14.75 -27.14 -16.15
CA TYR H 202 15.27 -27.29 -17.49
C TYR H 202 14.40 -26.51 -18.46
N ALA H 203 15.04 -25.73 -19.32
CA ALA H 203 14.38 -25.03 -20.41
C ALA H 203 14.73 -25.79 -21.68
N ALA H 204 13.71 -26.41 -22.29
CA ALA H 204 13.93 -27.26 -23.45
C ALA H 204 14.19 -26.43 -24.70
N LYS H 205 13.64 -25.21 -24.75
CA LYS H 205 13.84 -24.35 -25.91
C LYS H 205 15.29 -23.93 -26.05
N THR H 206 15.90 -23.50 -24.95
CA THR H 206 17.33 -23.17 -24.93
C THR H 206 18.19 -24.34 -24.51
N GLY H 207 17.59 -25.42 -24.03
CA GLY H 207 18.33 -26.58 -23.57
C GLY H 207 19.24 -26.30 -22.41
N ARG H 208 18.78 -25.50 -21.44
CA ARG H 208 19.65 -24.98 -20.40
C ARG H 208 19.03 -25.21 -19.03
N PHE H 209 19.89 -25.39 -18.03
CA PHE H 209 19.47 -25.66 -16.67
C PHE H 209 19.58 -24.40 -15.82
N HIS H 210 18.51 -24.07 -15.11
CA HIS H 210 18.47 -22.96 -14.17
C HIS H 210 18.26 -23.51 -12.77
N TYR H 211 18.48 -22.67 -11.77
CA TYR H 211 18.27 -23.08 -10.38
C TYR H 211 17.83 -21.88 -9.56
N ARG H 212 17.19 -22.18 -8.43
CA ARG H 212 16.78 -21.17 -7.47
C ARG H 212 16.95 -21.72 -6.06
N ASP H 213 17.52 -20.90 -5.18
CA ASP H 213 17.76 -21.28 -3.79
C ASP H 213 16.68 -20.70 -2.90
N TYR H 214 16.27 -21.48 -1.89
CA TYR H 214 15.22 -21.07 -0.96
C TYR H 214 15.75 -21.19 0.47
N THR H 215 15.44 -20.19 1.29
CA THR H 215 15.80 -20.18 2.69
C THR H 215 14.60 -19.76 3.53
N ASP H 216 14.61 -20.17 4.79
CA ASP H 216 13.59 -19.77 5.76
C ASP H 216 14.27 -19.35 7.05
N ALA H 217 13.46 -18.91 8.01
CA ALA H 217 14.00 -18.30 9.22
C ALA H 217 14.65 -19.32 10.15
N THR H 218 14.24 -20.59 10.04
CA THR H 218 14.80 -21.62 10.92
C THR H 218 16.19 -22.04 10.49
N THR H 219 16.59 -21.72 9.26
CA THR H 219 17.90 -22.17 8.77
C THR H 219 19.03 -21.34 9.36
N THR H 220 18.81 -20.05 9.55
CA THR H 220 19.84 -19.14 10.03
C THR H 220 19.57 -18.70 11.46
N LEU H 221 20.63 -18.62 12.26
CA LEU H 221 20.49 -18.12 13.63
C LEU H 221 20.19 -16.63 13.63
N THR H 222 20.87 -15.87 12.78
CA THR H 222 20.60 -14.43 12.64
C THR H 222 19.41 -14.24 11.72
N THR H 223 18.58 -13.26 12.02
CA THR H 223 17.47 -12.93 11.14
C THR H 223 18.00 -12.32 9.85
N ARG H 224 17.30 -12.60 8.76
CA ARG H 224 17.64 -12.03 7.46
C ARG H 224 16.39 -11.37 6.89
N ILE H 225 16.61 -10.49 5.93
CA ILE H 225 15.47 -9.84 5.28
C ILE H 225 14.73 -10.87 4.45
N PRO H 226 13.45 -11.14 4.72
CA PRO H 226 12.76 -12.23 4.02
C PRO H 226 12.44 -11.85 2.59
N THR H 227 13.15 -12.46 1.65
CA THR H 227 12.88 -12.28 0.22
C THR H 227 12.23 -13.54 -0.32
N PRO H 228 10.91 -13.63 -0.34
CA PRO H 228 10.28 -14.87 -0.82
C PRO H 228 10.29 -14.95 -2.35
N ALA H 229 11.16 -15.80 -2.87
CA ALA H 229 11.26 -16.00 -4.31
C ALA H 229 10.36 -17.16 -4.71
N ILE H 230 9.42 -16.89 -5.62
CA ILE H 230 8.45 -17.90 -5.99
C ILE H 230 9.11 -19.02 -6.78
N TYR H 231 8.38 -20.12 -6.93
CA TYR H 231 8.87 -21.25 -7.68
C TYR H 231 8.87 -20.90 -9.17
N PRO H 232 10.01 -20.91 -9.84
CA PRO H 232 10.05 -20.42 -11.23
C PRO H 232 9.46 -21.44 -12.20
N THR H 233 8.54 -20.97 -13.02
CA THR H 233 7.97 -21.76 -14.09
C THR H 233 8.28 -21.21 -15.47
N GLU H 234 8.79 -19.97 -15.55
CA GLU H 234 9.34 -19.40 -16.76
C GLU H 234 10.79 -19.06 -16.51
N ASP H 235 11.59 -19.03 -17.57
CA ASP H 235 12.85 -18.33 -17.46
C ASP H 235 12.60 -16.83 -17.68
N THR H 236 13.69 -16.07 -17.76
CA THR H 236 13.55 -14.63 -17.95
C THR H 236 13.05 -14.26 -19.34
N GLU H 237 13.15 -15.17 -20.30
CA GLU H 237 12.69 -14.93 -21.67
C GLU H 237 11.31 -15.49 -21.95
N GLY H 238 10.68 -16.16 -20.97
CA GLY H 238 9.34 -16.68 -21.14
C GLY H 238 9.24 -18.13 -21.54
N ASN H 239 10.35 -18.84 -21.71
CA ASN H 239 10.30 -20.25 -22.06
C ASN H 239 9.82 -21.09 -20.88
N LYS H 240 9.07 -22.14 -21.18
CA LYS H 240 8.54 -23.01 -20.14
C LYS H 240 9.67 -23.80 -19.48
N LEU H 241 9.57 -23.94 -18.16
CA LEU H 241 10.54 -24.67 -17.37
C LEU H 241 9.93 -25.97 -16.86
N THR H 242 10.69 -27.05 -16.93
CA THR H 242 10.28 -28.32 -16.34
C THR H 242 11.15 -28.62 -15.13
N THR H 243 10.52 -29.08 -14.05
CA THR H 243 11.26 -29.39 -12.83
C THR H 243 12.12 -30.63 -13.04
N GLU H 244 13.38 -30.52 -12.62
CA GLU H 244 14.33 -31.63 -12.66
C GLU H 244 14.41 -32.23 -11.27
N TYR H 245 13.45 -33.11 -10.97
CA TYR H 245 13.47 -33.90 -9.74
C TYR H 245 14.69 -34.81 -9.77
N GLY H 246 15.43 -34.86 -8.66
CA GLY H 246 16.65 -35.61 -8.62
C GLY H 246 17.90 -34.78 -8.79
N TYR H 247 17.80 -33.65 -9.49
CA TYR H 247 18.86 -32.66 -9.50
C TYR H 247 18.63 -31.56 -8.46
N SER H 248 17.38 -31.37 -8.05
CA SER H 248 17.05 -30.52 -6.92
C SER H 248 17.51 -31.16 -5.62
N THR H 249 17.74 -30.32 -4.61
CA THR H 249 18.17 -30.81 -3.31
C THR H 249 17.08 -30.57 -2.26
N PHE H 250 16.82 -31.62 -1.48
CA PHE H 250 15.83 -31.62 -0.42
C PHE H 250 16.52 -32.06 0.87
N ILE H 251 16.40 -31.24 1.90
CA ILE H 251 17.00 -31.53 3.21
C ILE H 251 15.89 -32.03 4.13
N ASP H 252 16.19 -33.12 4.84
CA ASP H 252 15.20 -33.69 5.75
C ASP H 252 14.93 -32.74 6.92
N HIS H 253 13.66 -32.67 7.32
CA HIS H 253 13.24 -31.77 8.38
C HIS H 253 12.28 -32.52 9.29
N GLN H 254 12.45 -32.34 10.59
CA GLN H 254 11.56 -32.96 11.56
C GLN H 254 11.24 -31.95 12.65
N ARG H 255 10.06 -32.11 13.25
CA ARG H 255 9.71 -31.38 14.46
C ARG H 255 9.28 -32.38 15.52
N ILE H 256 9.93 -32.33 16.68
CA ILE H 256 9.53 -33.12 17.81
C ILE H 256 9.03 -32.17 18.90
N THR H 257 8.39 -32.73 19.92
CA THR H 257 8.07 -31.96 21.11
C THR H 257 8.64 -32.69 22.32
N VAL H 258 9.22 -31.93 23.25
CA VAL H 258 9.88 -32.49 24.41
C VAL H 258 9.15 -32.02 25.66
N GLN H 259 8.47 -32.93 26.32
CA GLN H 259 7.80 -32.66 27.59
C GLN H 259 8.75 -33.00 28.73
N GLU H 260 8.61 -32.28 29.85
CA GLU H 260 9.42 -32.57 31.02
C GLU H 260 9.15 -33.97 31.55
N MET H 261 10.20 -34.61 32.06
CA MET H 261 10.15 -36.01 32.44
C MET H 261 9.13 -36.24 33.57
N PRO H 262 8.36 -37.32 33.50
CA PRO H 262 7.38 -37.62 34.54
C PRO H 262 7.99 -37.93 35.91
N GLU H 263 9.28 -38.24 35.97
CA GLU H 263 10.00 -38.31 37.23
C GLU H 263 10.37 -36.95 37.79
N MET H 264 10.69 -35.98 36.92
CA MET H 264 11.02 -34.63 37.33
C MET H 264 9.86 -33.67 37.19
N ALA H 265 8.68 -34.16 36.86
CA ALA H 265 7.54 -33.26 36.78
C ALA H 265 6.78 -33.25 38.10
N PRO H 266 6.12 -32.14 38.45
CA PRO H 266 5.28 -32.14 39.64
C PRO H 266 4.09 -33.09 39.50
N ALA H 267 3.69 -33.66 40.63
CA ALA H 267 2.83 -34.84 40.60
C ALA H 267 1.39 -34.55 40.20
N GLY H 268 0.94 -33.30 40.33
CA GLY H 268 -0.45 -33.02 40.03
C GLY H 268 -0.68 -32.11 38.84
N GLN H 269 0.37 -31.41 38.43
CA GLN H 269 0.23 -30.35 37.44
C GLN H 269 0.21 -30.92 36.01
N LEU H 270 -0.40 -30.15 35.11
CA LEU H 270 -0.29 -30.44 33.70
C LEU H 270 1.14 -30.23 33.22
N PRO H 271 1.64 -31.07 32.32
CA PRO H 271 3.06 -30.98 31.93
C PRO H 271 3.34 -29.83 30.98
N ARG H 272 4.60 -29.41 30.92
CA ARG H 272 5.04 -28.37 30.01
C ARG H 272 5.94 -28.97 28.94
N SER H 273 5.80 -28.48 27.71
CA SER H 273 6.50 -29.03 26.57
C SER H 273 7.03 -27.89 25.70
N ILE H 274 7.88 -28.25 24.75
CA ILE H 274 8.43 -27.29 23.79
C ILE H 274 8.75 -28.03 22.50
N ASP H 275 8.54 -27.35 21.37
CA ASP H 275 8.87 -27.88 20.06
C ASP H 275 10.36 -27.71 19.78
N VAL H 276 10.94 -28.72 19.14
CA VAL H 276 12.34 -28.73 18.72
C VAL H 276 12.34 -29.05 17.24
N ILE H 277 13.02 -28.22 16.45
CA ILE H 277 13.14 -28.44 15.01
C ILE H 277 14.51 -29.08 14.75
N LEU H 278 14.51 -30.20 14.03
CA LEU H 278 15.73 -30.92 13.68
C LEU H 278 15.92 -30.92 12.18
N ASP H 279 17.20 -30.88 11.79
CA ASP H 279 17.60 -30.73 10.40
C ASP H 279 18.34 -31.99 10.00
N ASP H 280 18.94 -31.97 8.81
CA ASP H 280 19.25 -33.15 7.98
C ASP H 280 19.79 -34.34 8.77
N ASP H 281 20.91 -34.16 9.46
CA ASP H 281 21.55 -35.27 10.15
C ASP H 281 21.03 -35.52 11.56
N LEU H 282 20.24 -34.62 12.12
CA LEU H 282 19.64 -34.83 13.43
C LEU H 282 18.26 -35.46 13.35
N VAL H 283 17.79 -35.77 12.14
CA VAL H 283 16.48 -36.35 11.92
C VAL H 283 16.49 -37.81 12.35
N ASP H 284 15.42 -38.24 13.03
CA ASP H 284 15.14 -39.64 13.34
C ASP H 284 16.17 -40.23 14.29
N LYS H 285 16.67 -39.40 15.19
CA LYS H 285 17.50 -39.85 16.29
C LYS H 285 16.68 -40.14 17.54
N THR H 286 15.35 -39.97 17.46
CA THR H 286 14.47 -40.15 18.59
C THR H 286 13.23 -40.91 18.16
N LYS H 287 12.61 -41.58 19.11
CA LYS H 287 11.26 -42.10 18.98
C LYS H 287 10.43 -41.57 20.14
N PRO H 288 9.10 -41.51 20.00
CA PRO H 288 8.27 -41.09 21.13
C PRO H 288 8.43 -42.00 22.33
N GLY H 289 8.49 -41.40 23.52
CA GLY H 289 8.78 -42.12 24.73
C GLY H 289 10.23 -42.06 25.18
N ASP H 290 11.15 -41.60 24.33
CA ASP H 290 12.55 -41.50 24.74
C ASP H 290 12.74 -40.37 25.74
N ARG H 291 13.67 -40.58 26.65
CA ARG H 291 14.25 -39.50 27.43
C ARG H 291 15.39 -38.90 26.60
N VAL H 292 15.40 -37.57 26.50
CA VAL H 292 16.35 -36.88 25.63
C VAL H 292 16.96 -35.69 26.34
N ASN H 293 18.14 -35.32 25.89
CA ASN H 293 18.73 -34.02 26.17
C ASN H 293 18.99 -33.34 24.83
N VAL H 294 18.30 -32.24 24.57
CA VAL H 294 18.44 -31.50 23.33
C VAL H 294 19.18 -30.20 23.63
N VAL H 295 20.27 -29.97 22.91
CA VAL H 295 21.04 -28.73 23.00
C VAL H 295 20.72 -27.92 21.75
N GLY H 296 20.32 -26.66 21.94
CA GLY H 296 20.01 -25.83 20.80
C GLY H 296 19.68 -24.42 21.22
N VAL H 297 19.41 -23.60 20.21
CA VAL H 297 19.14 -22.18 20.45
C VAL H 297 17.65 -21.98 20.64
N PHE H 298 17.28 -21.41 21.79
CA PHE H 298 15.89 -21.07 22.09
C PHE H 298 15.54 -19.82 21.30
N LYS H 299 14.77 -19.98 20.23
CA LYS H 299 14.55 -18.93 19.27
C LYS H 299 13.12 -18.41 19.30
N SER H 300 12.97 -17.15 18.91
CA SER H 300 11.67 -16.54 18.65
C SER H 300 11.59 -16.23 17.16
N LEU H 301 10.40 -16.40 16.60
CA LEU H 301 10.22 -16.29 15.16
C LEU H 301 9.03 -15.42 14.84
N GLY H 302 9.08 -14.79 13.67
CA GLY H 302 7.96 -14.02 13.15
C GLY H 302 7.67 -12.77 13.94
N ALA H 303 6.42 -12.34 13.83
CA ALA H 303 5.88 -11.23 14.61
C ALA H 303 4.68 -11.73 15.40
N GLY H 304 4.67 -11.46 16.69
CA GLY H 304 3.58 -11.91 17.54
C GLY H 304 2.33 -11.08 17.42
N GLY H 305 1.75 -11.03 16.21
CA GLY H 305 0.56 -10.26 15.95
C GLY H 305 0.76 -8.77 15.76
N MET H 306 2.01 -8.30 15.71
CA MET H 306 2.25 -6.87 15.62
C MET H 306 2.00 -6.35 14.21
N ASN H 307 2.02 -7.22 13.21
CA ASN H 307 1.70 -6.79 11.86
C ASN H 307 0.19 -6.54 11.73
N GLN H 308 -0.18 -5.70 10.76
CA GLN H 308 -1.57 -5.32 10.59
C GLN H 308 -2.43 -6.50 10.14
N SER H 309 -1.90 -7.33 9.24
CA SER H 309 -2.67 -8.48 8.75
C SER H 309 -2.94 -9.49 9.87
N ASN H 310 -1.93 -9.73 10.72
CA ASN H 310 -2.12 -10.66 11.83
C ASN H 310 -3.07 -10.09 12.87
N SER H 311 -2.89 -8.82 13.23
CA SER H 311 -3.69 -8.10 14.24
C SER H 311 -3.75 -8.82 15.58
N THR H 313 -4.31 -10.75 18.17
CA THR H 313 -4.22 -12.07 18.80
C THR H 313 -3.06 -12.12 19.78
N LEU H 314 -3.17 -13.00 20.77
CA LEU H 314 -2.11 -13.19 21.75
C LEU H 314 -1.67 -14.64 21.92
N ILE H 315 -1.36 -15.32 20.82
CA ILE H 315 -0.52 -16.51 20.92
C ILE H 315 0.86 -16.11 21.42
N GLY H 316 1.26 -14.86 21.15
CA GLY H 316 2.60 -14.39 21.43
C GLY H 316 3.53 -14.66 20.27
N PHE H 317 4.81 -14.39 20.51
CA PHE H 317 5.83 -14.84 19.56
C PHE H 317 5.99 -16.34 19.68
N LYS H 318 5.98 -17.02 18.54
CA LYS H 318 6.18 -18.46 18.56
C LYS H 318 7.62 -18.78 18.89
N THR H 319 7.81 -19.72 19.81
CA THR H 319 9.11 -20.05 20.36
C THR H 319 9.39 -21.53 20.17
N LEU H 320 10.62 -21.85 19.81
CA LEU H 320 11.06 -23.22 19.62
C LEU H 320 12.57 -23.28 19.76
N ILE H 321 13.10 -24.49 19.88
CA ILE H 321 14.53 -24.72 19.98
C ILE H 321 15.03 -25.21 18.63
N LEU H 322 15.96 -24.45 18.04
CA LEU H 322 16.69 -24.91 16.87
C LEU H 322 17.77 -25.88 17.34
N GLY H 323 17.47 -27.18 17.25
CA GLY H 323 18.33 -28.19 17.85
C GLY H 323 19.67 -28.30 17.14
N ASN H 324 20.74 -28.24 17.93
CA ASN H 324 22.07 -28.56 17.47
C ASN H 324 22.46 -29.98 17.81
N THR H 325 22.01 -30.50 18.95
CA THR H 325 22.50 -31.76 19.47
C THR H 325 21.35 -32.51 20.11
N VAL H 326 21.26 -33.81 19.85
CA VAL H 326 20.26 -34.67 20.48
C VAL H 326 20.98 -35.85 21.12
N TYR H 327 20.92 -35.94 22.45
CA TYR H 327 21.44 -37.08 23.18
C TYR H 327 20.29 -37.92 23.69
N PRO H 328 20.06 -39.12 23.17
CA PRO H 328 19.15 -40.05 23.85
C PRO H 328 19.75 -40.50 25.17
N LEU H 329 18.94 -40.42 26.23
CA LEU H 329 19.35 -40.74 27.58
C LEU H 329 18.73 -42.05 28.02
N HIS H 330 19.49 -42.84 28.77
CA HIS H 330 18.99 -44.06 29.37
C HIS H 330 18.46 -43.76 30.76
N ALA H 331 17.17 -44.01 30.95
CA ALA H 331 16.54 -43.93 32.27
C ALA H 331 15.99 -45.29 32.61
N ARG H 332 15.61 -45.45 33.88
CA ARG H 332 15.11 -46.73 34.36
C ARG H 332 13.74 -47.04 33.74
N SER H 333 13.61 -48.25 33.21
CA SER H 333 12.37 -48.76 32.62
C SER H 333 11.90 -47.89 31.46
N THR H 334 12.81 -47.61 30.53
CA THR H 334 12.50 -46.84 29.33
C THR H 334 12.96 -47.63 28.10
N GLY H 335 12.62 -47.10 26.93
CA GLY H 335 12.91 -47.81 25.69
C GLY H 335 14.33 -47.60 25.20
N VAL H 336 15.06 -46.66 25.81
CA VAL H 336 16.45 -46.43 25.42
C VAL H 336 17.35 -47.42 26.14
N ALA H 337 18.20 -48.11 25.36
CA ALA H 337 19.09 -49.11 25.91
C ALA H 337 20.36 -48.45 26.43
N ALA H 338 20.81 -48.88 27.61
CA ALA H 338 22.04 -48.36 28.18
C ALA H 338 23.24 -48.95 27.46
N ARG H 339 24.16 -48.09 27.06
CA ARG H 339 25.38 -48.49 26.39
C ARG H 339 26.57 -47.80 27.05
N GLN H 340 27.72 -48.48 27.03
CA GLN H 340 28.93 -47.97 27.66
C GLN H 340 30.06 -48.00 26.65
N MET H 341 30.85 -46.92 26.64
CA MET H 341 32.01 -46.84 25.76
C MET H 341 33.14 -47.67 26.36
N LEU H 342 33.60 -48.67 25.62
CA LEU H 342 34.61 -49.61 26.11
C LEU H 342 35.99 -49.08 25.80
N THR H 343 36.74 -48.73 26.84
CA THR H 343 38.16 -48.43 26.72
C THR H 343 38.92 -49.75 26.55
N ASP H 344 40.08 -49.69 25.89
CA ASP H 344 40.93 -50.87 25.70
C ASP H 344 41.32 -51.55 27.02
N PHE H 345 41.52 -50.77 28.09
CA PHE H 345 41.87 -51.35 29.38
C PHE H 345 40.76 -52.23 29.92
N ASP H 346 39.50 -51.79 29.78
CA ASP H 346 38.37 -52.62 30.14
C ASP H 346 38.25 -53.88 29.29
N ILE H 347 38.62 -53.81 28.01
CA ILE H 347 38.57 -54.96 27.12
C ILE H 347 39.60 -55.98 27.58
N ARG H 348 40.81 -55.51 27.90
CA ARG H 348 41.84 -56.40 28.42
C ARG H 348 41.45 -57.02 29.75
N ASN H 349 40.80 -56.25 30.63
CA ASN H 349 40.28 -56.81 31.87
C ASN H 349 39.23 -57.89 31.65
N ILE H 350 38.30 -57.67 30.72
CA ILE H 350 37.28 -58.66 30.40
C ILE H 350 37.93 -59.94 29.84
N ASN H 351 38.90 -59.77 28.94
CA ASN H 351 39.57 -60.93 28.37
C ASN H 351 40.41 -61.69 29.39
N LYS H 352 41.07 -60.99 30.32
CA LYS H 352 41.84 -61.72 31.32
C LYS H 352 40.96 -62.40 32.35
N LEU H 353 39.77 -61.87 32.62
CA LEU H 353 38.82 -62.63 33.42
C LEU H 353 38.22 -63.80 32.66
N SER H 354 38.13 -63.71 31.34
CA SER H 354 37.54 -64.78 30.54
C SER H 354 38.35 -66.06 30.58
N LYS H 355 39.67 -65.98 30.75
CA LYS H 355 40.53 -67.16 30.75
C LYS H 355 40.46 -67.95 32.04
N LYS H 356 39.86 -67.38 33.09
CA LYS H 356 39.81 -68.05 34.39
C LYS H 356 38.79 -69.19 34.35
N LYS H 357 38.86 -70.06 35.37
CA LYS H 357 37.95 -71.19 35.48
C LYS H 357 36.75 -70.90 36.37
N ASP H 358 36.86 -69.93 37.27
CA ASP H 358 35.80 -69.61 38.21
C ASP H 358 35.01 -68.37 37.81
N ILE H 359 35.06 -67.98 36.53
CA ILE H 359 34.37 -66.77 36.09
C ILE H 359 32.85 -66.89 36.18
N PHE H 360 32.31 -68.10 36.07
CA PHE H 360 30.87 -68.28 36.20
C PHE H 360 30.40 -68.16 37.64
N ASP H 361 31.23 -68.54 38.60
CA ASP H 361 30.90 -68.43 40.01
C ASP H 361 31.38 -67.11 40.61
N ILE H 362 32.00 -66.25 39.80
CA ILE H 362 32.46 -64.95 40.23
C ILE H 362 31.47 -63.85 39.82
N LEU H 363 31.01 -63.89 38.58
CA LEU H 363 30.00 -62.93 38.13
C LEU H 363 28.64 -63.19 38.76
N SER H 364 28.29 -64.45 39.00
CA SER H 364 27.00 -64.78 39.58
C SER H 364 26.87 -64.27 41.02
N GLN H 365 27.87 -64.53 41.85
CA GLN H 365 27.84 -64.07 43.23
C GLN H 365 28.01 -62.56 43.35
N SER H 366 28.45 -61.89 42.29
CA SER H 366 28.66 -60.44 42.30
C SER H 366 27.46 -59.69 41.73
N LEU H 367 26.36 -60.38 41.43
CA LEU H 367 25.19 -59.67 40.96
C LEU H 367 24.57 -58.88 42.09
N ALA H 368 24.01 -59.59 43.07
CA ALA H 368 23.39 -58.96 44.23
C ALA H 368 24.03 -59.58 45.46
N PRO H 369 25.24 -59.12 45.84
CA PRO H 369 25.88 -59.66 47.04
C PRO H 369 25.17 -59.31 48.32
N SER H 370 24.29 -58.31 48.31
CA SER H 370 23.50 -57.91 49.47
C SER H 370 22.29 -58.80 49.69
N ILE H 371 22.05 -59.78 48.81
CA ILE H 371 21.03 -60.79 49.01
C ILE H 371 21.72 -62.09 49.39
N TYR H 372 21.39 -62.62 50.56
CA TYR H 372 21.97 -63.89 50.99
C TYR H 372 21.31 -65.05 50.25
N GLY H 373 22.13 -66.00 49.80
CA GLY H 373 21.62 -67.18 49.15
C GLY H 373 21.14 -66.90 47.73
N HIS H 374 20.24 -67.76 47.25
CA HIS H 374 19.72 -67.72 45.88
C HIS H 374 20.85 -67.79 44.85
N ASP H 375 21.86 -68.59 45.14
CA ASP H 375 23.04 -68.69 44.28
C ASP H 375 22.73 -69.22 42.90
N HIS H 376 21.84 -70.21 42.78
CA HIS H 376 21.44 -70.73 41.49
C HIS H 376 20.59 -69.74 40.71
N ILE H 377 19.81 -68.90 41.40
CA ILE H 377 19.03 -67.87 40.72
C ILE H 377 19.93 -66.78 40.14
N LYS H 378 21.02 -66.44 40.84
CA LYS H 378 21.98 -65.47 40.30
C LYS H 378 22.63 -65.99 39.02
N LYS H 379 22.94 -67.29 38.97
CA LYS H 379 23.48 -67.90 37.76
C LYS H 379 22.47 -67.83 36.62
N ALA H 380 21.19 -68.10 36.90
CA ALA H 380 20.15 -68.05 35.88
C ALA H 380 19.97 -66.62 35.36
N ILE H 381 20.00 -65.63 36.26
CA ILE H 381 19.90 -64.24 35.86
C ILE H 381 21.09 -63.83 34.99
N LEU H 382 22.31 -64.24 35.35
CA LEU H 382 23.47 -63.97 34.52
C LEU H 382 23.36 -64.61 33.14
N LEU H 383 22.95 -65.88 33.07
CA LEU H 383 22.79 -66.53 31.78
C LEU H 383 21.68 -65.92 30.94
N MET H 384 20.61 -65.44 31.56
CA MET H 384 19.57 -64.76 30.81
C MET H 384 20.04 -63.38 30.33
N LEU H 385 20.85 -62.69 31.13
CA LEU H 385 21.49 -61.46 30.66
C LEU H 385 22.44 -61.70 29.49
N MET H 386 23.09 -62.86 29.44
CA MET H 386 23.87 -63.24 28.24
C MET H 386 22.91 -63.46 27.07
N GLY H 387 21.87 -64.25 27.29
CA GLY H 387 20.72 -64.28 26.41
C GLY H 387 20.70 -65.26 25.25
N GLY H 388 21.67 -66.17 25.17
CA GLY H 388 21.62 -67.18 24.11
C GLY H 388 21.83 -66.61 22.71
N VAL H 389 21.54 -67.44 21.71
CA VAL H 389 21.68 -67.06 20.31
C VAL H 389 20.36 -67.33 19.59
N GLU H 390 19.83 -66.30 18.94
CA GLU H 390 18.59 -66.41 18.17
C GLU H 390 18.89 -66.92 16.78
N LYS H 391 18.09 -67.89 16.32
CA LYS H 391 18.36 -68.57 15.06
C LYS H 391 17.21 -68.33 14.09
N ASN H 392 17.54 -67.88 12.88
CA ASN H 392 16.56 -67.60 11.83
C ASN H 392 16.94 -68.46 10.63
N LEU H 393 16.07 -69.39 10.27
CA LEU H 393 16.36 -70.34 9.22
C LEU H 393 16.10 -69.73 7.84
N GLU H 394 16.42 -70.51 6.80
CA GLU H 394 16.32 -70.02 5.42
C GLU H 394 14.88 -69.93 4.94
N ASN H 395 13.94 -70.64 5.57
CA ASN H 395 12.54 -70.62 5.17
C ASN H 395 11.70 -69.66 6.02
N GLY H 396 12.37 -68.78 6.78
CA GLY H 396 11.68 -67.81 7.61
C GLY H 396 11.28 -68.30 8.98
N SER H 397 11.55 -69.57 9.31
CA SER H 397 11.19 -70.09 10.62
C SER H 397 12.16 -69.57 11.67
N HIS H 398 11.63 -69.23 12.84
CA HIS H 398 12.39 -68.57 13.88
C HIS H 398 12.54 -69.47 15.10
N LEU H 399 13.70 -69.39 15.75
CA LEU H 399 13.97 -70.15 16.96
C LEU H 399 14.40 -69.19 18.06
N ARG H 400 13.91 -69.41 19.27
CA ARG H 400 14.18 -68.53 20.39
C ARG H 400 15.64 -68.57 20.81
N GLY H 401 16.11 -67.45 21.35
CA GLY H 401 17.45 -67.41 21.90
C GLY H 401 17.47 -67.06 23.38
N ASP H 402 16.52 -66.26 23.83
CA ASP H 402 16.52 -65.71 25.17
C ASP H 402 15.83 -66.63 26.17
N ILE H 403 16.15 -66.41 27.45
CA ILE H 403 15.81 -67.32 28.54
C ILE H 403 14.75 -66.65 29.41
N ASN H 404 13.71 -67.41 29.77
CA ASN H 404 12.66 -66.92 30.65
C ASN H 404 12.73 -67.60 32.01
N ILE H 405 12.66 -66.80 33.06
CA ILE H 405 12.79 -67.26 34.43
C ILE H 405 11.56 -66.88 35.22
N LEU H 406 10.94 -67.86 35.87
CA LEU H 406 9.86 -67.65 36.82
C LEU H 406 10.35 -68.00 38.22
N MET H 407 10.02 -67.13 39.17
CA MET H 407 10.30 -67.39 40.58
C MET H 407 8.98 -67.38 41.35
N VAL H 408 8.77 -68.43 42.15
CA VAL H 408 7.57 -68.54 42.96
C VAL H 408 7.98 -69.03 44.35
N GLY H 409 7.33 -68.50 45.37
CA GLY H 409 7.63 -68.97 46.70
C GLY H 409 7.10 -68.01 47.75
N ASP H 410 7.66 -68.16 48.96
CA ASP H 410 7.18 -67.48 50.15
C ASP H 410 7.45 -65.99 50.07
N PRO H 411 6.66 -65.18 50.78
CA PRO H 411 6.94 -63.74 50.85
C PRO H 411 8.22 -63.46 51.61
N SER H 412 8.75 -62.24 51.36
CA SER H 412 9.99 -61.75 51.96
C SER H 412 11.17 -62.67 51.65
N THR H 413 11.25 -63.12 50.40
CA THR H 413 12.36 -63.95 49.94
C THR H 413 13.19 -63.25 48.86
N ALA H 414 13.24 -61.91 48.88
CA ALA H 414 14.05 -61.08 48.00
C ALA H 414 13.72 -61.26 46.52
N LYS H 415 12.48 -61.61 46.18
CA LYS H 415 12.10 -61.70 44.77
C LYS H 415 11.97 -60.31 44.15
N SER H 416 11.20 -59.43 44.78
CA SER H 416 11.00 -58.08 44.25
C SER H 416 12.31 -57.32 44.22
N GLN H 417 13.19 -57.58 45.20
CA GLN H 417 14.52 -57.00 45.18
C GLN H 417 15.32 -57.50 43.98
N LEU H 418 15.14 -58.77 43.61
CA LEU H 418 15.86 -59.31 42.47
C LEU H 418 15.36 -58.73 41.14
N LEU H 419 14.04 -58.58 40.99
CA LEU H 419 13.53 -57.90 39.80
C LEU H 419 13.97 -56.44 39.75
N ARG H 420 14.01 -55.76 40.90
CA ARG H 420 14.52 -54.39 40.93
C ARG H 420 16.01 -54.34 40.59
N PHE H 421 16.76 -55.38 40.96
CA PHE H 421 18.14 -55.47 40.51
C PHE H 421 18.26 -55.62 39.01
N VAL H 422 17.48 -56.53 38.41
CA VAL H 422 17.54 -56.71 36.97
C VAL H 422 17.06 -55.46 36.23
N LEU H 423 16.14 -54.71 36.83
CA LEU H 423 15.72 -53.44 36.25
C LEU H 423 16.86 -52.42 36.23
N ASN H 424 17.78 -52.49 37.19
CA ASN H 424 18.90 -51.55 37.24
C ASN H 424 20.14 -52.04 36.51
N THR H 425 20.32 -53.36 36.35
CA THR H 425 21.54 -53.91 35.81
C THR H 425 21.42 -54.35 34.36
N ALA H 426 20.22 -54.44 33.81
CA ALA H 426 20.06 -54.78 32.42
C ALA H 426 20.02 -53.51 31.58
N SER H 427 20.48 -53.64 30.34
CA SER H 427 20.53 -52.51 29.43
C SER H 427 19.15 -52.00 29.01
N LEU H 428 18.18 -52.90 28.81
CA LEU H 428 16.87 -52.54 28.30
C LEU H 428 15.77 -53.24 29.10
N ALA H 429 15.79 -53.08 30.42
CA ALA H 429 14.79 -53.68 31.28
C ALA H 429 13.61 -52.73 31.49
N ILE H 430 12.40 -53.28 31.46
CA ILE H 430 11.16 -52.55 31.70
C ILE H 430 10.36 -53.31 32.75
N ALA H 431 9.89 -52.59 33.76
CA ALA H 431 9.19 -53.22 34.89
C ALA H 431 7.69 -53.05 34.75
N THR H 432 6.96 -54.16 34.86
CA THR H 432 5.50 -54.16 34.91
C THR H 432 5.04 -54.87 36.17
N THR H 433 3.80 -54.63 36.55
CA THR H 433 3.20 -55.29 37.70
C THR H 433 2.04 -56.15 37.25
N GLY H 434 1.39 -56.81 38.20
CA GLY H 434 0.35 -57.76 37.86
C GLY H 434 -0.91 -57.11 37.33
N ARG H 435 -1.64 -56.41 38.19
CA ARG H 435 -2.94 -55.90 37.80
C ARG H 435 -2.82 -54.51 37.19
N GLY H 436 -1.65 -53.87 37.36
CA GLY H 436 -1.45 -52.53 36.83
C GLY H 436 -1.46 -52.47 35.31
N SER H 437 -0.78 -53.41 34.67
CA SER H 437 -0.69 -53.41 33.22
C SER H 437 -1.80 -54.25 32.60
N SER H 438 -2.17 -53.90 31.37
CA SER H 438 -3.29 -54.53 30.66
C SER H 438 -2.83 -55.01 29.29
N GLY H 439 -3.80 -55.38 28.46
CA GLY H 439 -3.47 -55.93 27.14
C GLY H 439 -2.84 -54.92 26.22
N VAL H 440 -3.37 -53.69 26.22
CA VAL H 440 -2.75 -52.62 25.44
C VAL H 440 -1.53 -52.07 26.16
N GLY H 441 -1.46 -52.27 27.49
CA GLY H 441 -0.31 -51.82 28.25
C GLY H 441 0.94 -52.62 27.93
N LEU H 442 0.79 -53.92 27.65
CA LEU H 442 1.95 -54.77 27.39
C LEU H 442 2.26 -54.88 25.89
N THR H 443 1.24 -55.07 25.06
CA THR H 443 1.46 -55.44 23.68
C THR H 443 1.49 -54.20 22.81
N ALA H 444 0.35 -53.51 22.62
CA ALA H 444 0.23 -52.40 21.70
C ALA H 444 -1.17 -51.84 21.77
N ALA H 445 -1.33 -50.63 21.23
CA ALA H 445 -2.65 -50.01 21.14
C ALA H 445 -2.71 -49.16 19.88
N VAL H 446 -3.93 -48.82 19.49
CA VAL H 446 -4.16 -48.05 18.27
C VAL H 446 -4.77 -46.70 18.65
N THR H 447 -4.12 -45.63 18.22
CA THR H 447 -4.62 -44.28 18.43
C THR H 447 -4.69 -43.57 17.09
N THR H 448 -5.11 -42.30 17.13
CA THR H 448 -5.25 -41.48 15.93
C THR H 448 -4.45 -40.19 16.10
N ASP H 449 -3.60 -39.90 15.11
CA ASP H 449 -2.80 -38.68 15.16
C ASP H 449 -3.56 -37.54 14.48
N ARG H 450 -3.15 -36.30 14.81
CA ARG H 450 -3.97 -35.14 14.46
C ARG H 450 -3.85 -34.77 12.98
N GLU H 451 -2.66 -34.92 12.41
CA GLU H 451 -2.41 -34.40 11.06
C GLU H 451 -3.09 -35.25 10.00
N THR H 452 -2.66 -36.50 9.86
CA THR H 452 -3.17 -37.34 8.78
C THR H 452 -4.58 -37.86 9.09
N GLY H 453 -4.86 -38.09 10.37
CA GLY H 453 -6.15 -38.64 10.75
C GLY H 453 -6.27 -40.14 10.64
N GLU H 454 -5.22 -40.83 10.22
CA GLU H 454 -5.22 -42.28 10.11
C GLU H 454 -4.69 -42.89 11.40
N ARG H 455 -5.02 -44.16 11.62
CA ARG H 455 -4.65 -44.84 12.85
C ARG H 455 -3.18 -45.22 12.85
N ARG H 456 -2.52 -45.03 13.99
CA ARG H 456 -1.17 -45.50 14.21
C ARG H 456 -1.08 -46.26 15.54
N LEU H 457 0.11 -46.80 15.78
CA LEU H 457 0.34 -47.71 16.89
C LEU H 457 1.15 -47.06 18.00
N GLU H 458 0.78 -47.36 19.23
CA GLU H 458 1.59 -47.09 20.42
C GLU H 458 2.09 -48.42 20.98
N ALA H 459 3.39 -48.52 21.20
CA ALA H 459 4.03 -49.77 21.57
C ALA H 459 3.91 -50.01 23.07
N GLY H 460 3.46 -51.21 23.44
CA GLY H 460 3.35 -51.58 24.83
C GLY H 460 4.69 -51.97 25.44
N ALA H 461 4.60 -52.54 26.65
CA ALA H 461 5.80 -52.86 27.41
C ALA H 461 6.62 -53.96 26.74
N MET H 462 5.94 -54.95 26.15
CA MET H 462 6.66 -56.05 25.49
C MET H 462 7.38 -55.56 24.24
N VAL H 463 6.71 -54.74 23.43
CA VAL H 463 7.34 -54.26 22.19
C VAL H 463 8.47 -53.29 22.50
N LEU H 464 8.28 -52.42 23.50
CA LEU H 464 9.33 -51.47 23.88
C LEU H 464 10.56 -52.18 24.44
N ALA H 465 10.38 -53.36 25.02
CA ALA H 465 11.49 -54.16 25.53
C ALA H 465 12.00 -55.18 24.53
N ASP H 466 11.89 -54.89 23.22
CA ASP H 466 12.48 -55.75 22.20
C ASP H 466 13.99 -55.78 22.35
N ARG H 467 14.56 -56.99 22.21
CA ARG H 467 15.97 -57.26 22.50
C ARG H 467 16.35 -56.83 23.91
N GLY H 468 15.44 -57.01 24.86
CA GLY H 468 15.65 -56.52 26.21
C GLY H 468 15.05 -57.41 27.26
N VAL H 469 14.66 -56.80 28.38
CA VAL H 469 14.24 -57.51 29.58
C VAL H 469 12.89 -56.99 30.02
N VAL H 470 11.96 -57.90 30.32
CA VAL H 470 10.71 -57.56 30.96
C VAL H 470 10.69 -58.17 32.36
N CYS H 471 10.49 -57.33 33.37
CA CYS H 471 10.43 -57.77 34.77
C CYS H 471 8.99 -57.61 35.23
N ILE H 472 8.27 -58.73 35.32
CA ILE H 472 6.86 -58.73 35.68
C ILE H 472 6.77 -59.13 37.15
N ASP H 473 6.48 -58.17 38.01
CA ASP H 473 6.26 -58.48 39.41
C ASP H 473 4.82 -58.94 39.62
N GLU H 474 4.66 -59.92 40.51
CA GLU H 474 3.37 -60.52 40.85
C GLU H 474 2.67 -61.08 39.61
N PHE H 475 3.29 -62.10 39.04
CA PHE H 475 2.79 -62.72 37.81
C PHE H 475 1.50 -63.49 38.03
N ASP H 476 1.19 -63.84 39.29
CA ASP H 476 -0.01 -64.63 39.55
C ASP H 476 -1.28 -63.80 39.37
N LYS H 477 -1.16 -62.47 39.46
CA LYS H 477 -2.33 -61.61 39.36
C LYS H 477 -2.53 -61.03 37.97
N MET H 478 -1.97 -61.67 36.94
CA MET H 478 -2.26 -61.26 35.57
C MET H 478 -3.63 -61.80 35.16
N THR H 479 -4.35 -61.03 34.37
CA THR H 479 -5.64 -61.49 33.88
C THR H 479 -5.46 -62.43 32.69
N ASP H 480 -6.49 -63.23 32.41
CA ASP H 480 -6.36 -64.32 31.44
C ASP H 480 -6.14 -63.81 30.03
N VAL H 481 -6.74 -62.67 29.68
CA VAL H 481 -6.45 -62.03 28.40
C VAL H 481 -4.99 -61.63 28.32
N ASP H 482 -4.45 -61.08 29.42
CA ASP H 482 -3.04 -60.77 29.48
C ASP H 482 -2.19 -62.04 29.39
N ARG H 483 -2.66 -63.13 30.00
CA ARG H 483 -1.97 -64.40 29.90
C ARG H 483 -1.83 -64.84 28.45
N VAL H 484 -2.96 -64.89 27.73
CA VAL H 484 -2.94 -65.42 26.37
C VAL H 484 -2.27 -64.44 25.41
N ALA H 485 -2.14 -63.18 25.82
CA ALA H 485 -1.26 -62.28 25.08
C ALA H 485 0.20 -62.66 25.27
N ILE H 486 0.58 -62.99 26.51
CA ILE H 486 1.98 -63.29 26.81
C ILE H 486 2.39 -64.68 26.27
N HIS H 487 1.42 -65.58 26.05
CA HIS H 487 1.73 -66.85 25.39
C HIS H 487 2.44 -66.67 24.05
N GLU H 488 1.92 -65.77 23.20
CA GLU H 488 2.56 -65.56 21.91
C GLU H 488 3.89 -64.83 22.05
N VAL H 489 4.00 -63.94 23.04
CA VAL H 489 5.21 -63.15 23.21
C VAL H 489 6.38 -64.03 23.66
N MET H 490 6.14 -64.96 24.58
CA MET H 490 7.26 -65.70 25.13
C MET H 490 7.79 -66.79 24.22
N GLU H 491 7.03 -67.23 23.22
CA GLU H 491 7.50 -68.32 22.37
C GLU H 491 7.69 -67.91 20.92
N GLN H 492 6.67 -67.32 20.29
CA GLN H 492 6.82 -66.87 18.92
C GLN H 492 7.59 -65.55 18.82
N GLN H 493 7.76 -64.87 19.97
CA GLN H 493 8.59 -63.66 20.11
C GLN H 493 8.04 -62.52 19.26
N THR H 494 6.74 -62.55 18.98
CA THR H 494 6.08 -61.54 18.16
C THR H 494 4.74 -61.19 18.78
N VAL H 495 4.22 -60.02 18.42
CA VAL H 495 2.91 -59.55 18.84
C VAL H 495 2.10 -59.28 17.58
N THR H 496 0.98 -59.98 17.42
CA THR H 496 0.12 -59.78 16.27
C THR H 496 -1.09 -58.95 16.69
N ILE H 497 -1.28 -57.81 16.02
CA ILE H 497 -2.43 -56.95 16.24
C ILE H 497 -3.36 -57.09 15.04
N ALA H 498 -4.59 -57.53 15.31
CA ALA H 498 -5.63 -57.59 14.30
C ALA H 498 -6.84 -56.82 14.83
N LYS H 499 -6.80 -55.50 14.68
CA LYS H 499 -7.89 -54.65 15.13
C LYS H 499 -8.72 -54.20 13.94
N ALA H 500 -9.61 -53.24 14.19
CA ALA H 500 -10.47 -52.71 13.14
C ALA H 500 -9.62 -51.94 12.13
N GLY H 501 -9.37 -52.55 10.98
CA GLY H 501 -8.64 -51.92 9.89
C GLY H 501 -7.14 -52.16 9.85
N ILE H 502 -6.51 -52.37 11.01
CA ILE H 502 -5.07 -52.48 11.12
C ILE H 502 -4.70 -53.93 11.41
N HIS H 503 -3.69 -54.44 10.69
CA HIS H 503 -3.18 -55.80 10.88
C HIS H 503 -1.67 -55.75 10.80
N THR H 504 -1.01 -55.90 11.95
CA THR H 504 0.42 -55.64 12.04
C THR H 504 1.08 -56.72 12.89
N THR H 505 2.35 -56.99 12.60
CA THR H 505 3.17 -57.88 13.41
C THR H 505 4.37 -57.09 13.93
N LEU H 506 4.53 -57.08 15.26
CA LEU H 506 5.60 -56.33 15.92
C LEU H 506 6.58 -57.30 16.57
N ASN H 507 7.86 -56.93 16.57
CA ASN H 507 8.86 -57.75 17.23
C ASN H 507 8.78 -57.58 18.75
N ALA H 508 8.80 -58.70 19.46
CA ALA H 508 8.76 -58.70 20.91
C ALA H 508 9.79 -59.70 21.45
N ARG H 509 11.02 -59.61 20.95
CA ARG H 509 12.11 -60.50 21.37
C ARG H 509 12.56 -60.06 22.75
N CYS H 510 12.07 -60.78 23.77
CA CYS H 510 12.20 -60.35 25.16
C CYS H 510 12.62 -61.50 26.07
N SER H 511 13.41 -61.17 27.08
CA SER H 511 13.56 -62.01 28.25
C SER H 511 12.57 -61.56 29.32
N VAL H 512 12.04 -62.54 30.07
CA VAL H 512 10.98 -62.31 31.04
C VAL H 512 11.46 -62.83 32.40
N ILE H 513 11.41 -61.97 33.42
CA ILE H 513 11.53 -62.42 34.80
C ILE H 513 10.17 -62.23 35.44
N ALA H 514 9.62 -63.29 36.01
CA ALA H 514 8.35 -63.21 36.69
C ALA H 514 8.49 -63.68 38.12
N ALA H 515 7.89 -62.94 39.04
CA ALA H 515 7.80 -63.32 40.44
C ALA H 515 6.36 -63.68 40.72
N ALA H 516 6.14 -64.85 41.32
CA ALA H 516 4.80 -65.32 41.62
C ALA H 516 4.70 -65.75 43.08
N ASN H 517 3.48 -65.93 43.55
CA ASN H 517 3.21 -66.40 44.90
C ASN H 517 2.28 -67.59 44.82
N PRO H 518 2.39 -68.54 45.74
CA PRO H 518 1.43 -69.64 45.79
C PRO H 518 0.04 -69.15 46.20
N VAL H 519 -0.97 -69.94 45.83
CA VAL H 519 -2.35 -69.55 46.08
C VAL H 519 -2.70 -69.55 47.56
N PHE H 520 -1.96 -70.29 48.39
CA PHE H 520 -2.18 -70.25 49.83
C PHE H 520 -1.33 -69.19 50.53
N GLY H 521 -0.48 -68.48 49.80
CA GLY H 521 0.39 -67.48 50.35
C GLY H 521 1.73 -68.01 50.81
N GLN H 522 1.80 -69.32 51.05
CA GLN H 522 3.01 -69.99 51.49
C GLN H 522 3.11 -71.35 50.80
N TYR H 523 4.32 -71.71 50.40
CA TYR H 523 4.52 -72.98 49.71
C TYR H 523 4.43 -74.14 50.67
N ASP H 524 3.82 -75.23 50.22
CA ASP H 524 3.63 -76.43 51.03
C ASP H 524 4.34 -77.60 50.38
N VAL H 525 5.21 -78.27 51.14
CA VAL H 525 5.97 -79.39 50.61
C VAL H 525 5.07 -80.60 50.39
N ASN H 526 4.16 -80.87 51.32
CA ASN H 526 3.32 -82.07 51.23
C ASN H 526 2.30 -81.94 50.09
N ARG H 527 1.86 -80.72 49.80
CA ARG H 527 0.96 -80.50 48.67
C ARG H 527 1.74 -80.58 47.36
N ASP H 528 1.01 -80.87 46.29
CA ASP H 528 1.63 -81.02 44.98
C ASP H 528 2.14 -79.67 44.47
N PRO H 529 3.26 -79.64 43.74
CA PRO H 529 3.73 -78.37 43.17
C PRO H 529 2.76 -77.77 42.17
N HIS H 530 2.02 -78.59 41.43
CA HIS H 530 1.00 -78.07 40.53
C HIS H 530 -0.15 -77.44 41.32
N GLN H 531 -0.47 -77.99 42.48
CA GLN H 531 -1.48 -77.39 43.34
C GLN H 531 -0.95 -76.11 43.99
N ASN H 532 0.33 -76.09 44.34
CA ASN H 532 0.91 -74.92 45.00
C ASN H 532 1.00 -73.74 44.04
N ILE H 533 1.54 -73.98 42.84
CA ILE H 533 1.73 -72.88 41.89
C ILE H 533 0.40 -72.50 41.25
N ALA H 534 -0.37 -73.48 40.79
CA ALA H 534 -1.68 -73.30 40.16
C ALA H 534 -1.62 -72.34 38.98
N LEU H 535 -0.65 -72.58 38.11
CA LEU H 535 -0.50 -71.88 36.84
C LEU H 535 -0.76 -72.87 35.71
N PRO H 536 -1.35 -72.41 34.61
CA PRO H 536 -1.64 -73.34 33.51
C PRO H 536 -0.38 -73.90 32.87
N ASP H 537 -0.53 -75.09 32.28
CA ASP H 537 0.61 -75.86 31.80
C ASP H 537 1.36 -75.13 30.69
N SER H 538 0.64 -74.45 29.82
CA SER H 538 1.27 -73.80 28.67
C SER H 538 2.21 -72.67 29.11
N LEU H 539 1.81 -71.88 30.11
CA LEU H 539 2.72 -70.87 30.66
C LEU H 539 3.92 -71.50 31.34
N LEU H 540 3.70 -72.61 32.06
CA LEU H 540 4.80 -73.28 32.75
C LEU H 540 5.83 -73.79 31.75
N SER H 541 5.38 -74.23 30.57
CA SER H 541 6.32 -74.67 29.55
C SER H 541 7.10 -73.51 28.94
N ARG H 542 6.50 -72.31 28.89
CA ARG H 542 7.17 -71.17 28.27
C ARG H 542 8.41 -70.75 29.06
N PHE H 543 8.32 -70.77 30.39
CA PHE H 543 9.45 -70.34 31.20
C PHE H 543 10.57 -71.37 31.14
N ASP H 544 11.78 -70.90 30.86
CA ASP H 544 12.92 -71.80 30.75
C ASP H 544 13.31 -72.39 32.10
N LEU H 545 13.33 -71.55 33.15
CA LEU H 545 13.71 -72.01 34.48
C LEU H 545 12.67 -71.53 35.50
N LEU H 546 12.16 -72.46 36.30
CA LEU H 546 11.21 -72.16 37.36
C LEU H 546 11.85 -72.47 38.70
N PHE H 547 11.88 -71.48 39.60
CA PHE H 547 12.54 -71.63 40.89
C PHE H 547 11.51 -71.49 42.00
N VAL H 548 11.40 -72.52 42.83
CA VAL H 548 10.59 -72.49 44.04
C VAL H 548 11.48 -72.11 45.20
N VAL H 549 11.15 -71.01 45.86
CA VAL H 549 11.98 -70.44 46.92
C VAL H 549 11.13 -70.47 48.19
N THR H 550 11.34 -71.49 49.01
CA THR H 550 10.60 -71.62 50.26
C THR H 550 11.38 -70.95 51.38
N ASP H 551 10.65 -70.34 52.33
CA ASP H 551 11.29 -69.70 53.49
C ASP H 551 11.32 -70.70 54.66
N ASP H 552 11.99 -71.82 54.41
CA ASP H 552 12.29 -72.74 55.50
C ASP H 552 13.32 -72.10 56.42
N ILE H 553 13.14 -72.27 57.71
CA ILE H 553 13.95 -71.57 58.71
C ILE H 553 14.73 -72.59 59.53
N ASN H 554 16.05 -72.35 59.63
CA ASN H 554 16.94 -73.09 60.50
C ASN H 554 17.75 -72.09 61.30
N GLU H 555 18.23 -72.51 62.46
CA GLU H 555 18.93 -71.59 63.36
C GLU H 555 20.24 -71.09 62.77
N ILE H 556 21.00 -71.98 62.12
CA ILE H 556 22.26 -71.56 61.51
C ILE H 556 22.00 -70.63 60.33
N ARG H 557 21.00 -70.96 59.51
CA ARG H 557 20.69 -70.14 58.35
C ARG H 557 20.09 -68.80 58.77
N ASP H 558 19.20 -68.79 59.76
CA ASP H 558 18.64 -67.52 60.24
C ASP H 558 19.72 -66.67 60.90
N ARG H 559 20.64 -67.30 61.64
CA ARG H 559 21.79 -66.59 62.19
C ARG H 559 22.61 -65.93 61.09
N SER H 560 22.94 -66.68 60.03
CA SER H 560 23.76 -66.13 58.97
C SER H 560 23.06 -65.03 58.18
N ILE H 561 21.77 -65.20 57.88
CA ILE H 561 21.02 -64.17 57.17
C ILE H 561 20.87 -62.92 58.03
N SER H 562 20.62 -63.09 59.33
CA SER H 562 20.52 -61.95 60.23
C SER H 562 21.83 -61.19 60.33
N GLU H 563 22.96 -61.91 60.42
CA GLU H 563 24.26 -61.22 60.44
C GLU H 563 24.53 -60.51 59.12
N HIS H 564 24.17 -61.14 58.00
CA HIS H 564 24.39 -60.52 56.70
C HIS H 564 23.57 -59.24 56.52
N VAL H 565 22.29 -59.29 56.90
CA VAL H 565 21.42 -58.12 56.78
C VAL H 565 21.88 -56.99 57.70
N LEU H 566 22.24 -57.33 58.94
CA LEU H 566 22.74 -56.33 59.89
C LEU H 566 24.06 -55.70 59.43
N ARG H 567 24.98 -56.50 58.88
CA ARG H 567 26.21 -55.91 58.36
C ARG H 567 25.99 -55.18 57.05
N THR H 568 24.89 -55.45 56.34
CA THR H 568 24.55 -54.71 55.13
C THR H 568 23.99 -53.33 55.44
N HIS H 569 23.27 -53.18 56.55
CA HIS H 569 22.71 -51.90 56.96
C HIS H 569 23.73 -50.96 57.59
N ARG H 570 24.98 -51.39 57.75
CA ARG H 570 26.04 -50.57 58.33
C ARG H 570 27.01 -50.05 57.28
N TYR H 571 26.51 -49.67 56.11
CA TYR H 571 27.35 -49.25 55.00
C TYR H 571 27.34 -47.73 54.85
N LEU H 572 28.50 -47.16 54.54
CA LEU H 572 28.61 -45.76 54.16
C LEU H 572 29.11 -45.65 52.72
N PRO H 573 28.49 -44.80 51.90
CA PRO H 573 29.11 -44.44 50.63
C PRO H 573 30.38 -43.65 50.86
N PRO H 574 31.35 -43.73 49.96
CA PRO H 574 32.57 -42.92 50.11
C PRO H 574 32.26 -41.43 50.06
N GLY H 575 32.99 -40.67 50.88
CA GLY H 575 32.81 -39.24 50.94
C GLY H 575 31.62 -38.77 51.72
N TYR H 576 31.01 -39.63 52.54
CA TYR H 576 29.82 -39.29 53.31
C TYR H 576 30.14 -39.29 54.80
N LEU H 577 29.67 -38.26 55.49
CA LEU H 577 29.82 -38.20 56.93
C LEU H 577 28.90 -39.22 57.60
N GLU H 578 29.23 -39.57 58.83
CA GLU H 578 28.49 -40.61 59.55
C GLU H 578 27.05 -40.20 59.82
N GLY H 579 26.83 -38.94 60.21
CA GLY H 579 25.49 -38.51 60.54
C GLY H 579 24.69 -38.05 59.32
N GLU H 580 25.36 -37.80 58.21
CA GLU H 580 24.68 -37.23 57.05
C GLU H 580 23.84 -38.29 56.34
N PRO H 581 22.68 -37.90 55.79
CA PRO H 581 21.89 -38.84 55.00
C PRO H 581 22.34 -38.91 53.55
N VAL H 582 22.25 -40.09 52.94
CA VAL H 582 22.63 -40.23 51.54
C VAL H 582 21.57 -39.58 50.66
N ARG H 583 22.03 -38.79 49.70
CA ARG H 583 21.12 -38.11 48.79
C ARG H 583 20.83 -38.98 47.58
N GLU H 584 19.64 -38.79 47.01
CA GLU H 584 19.18 -39.55 45.86
C GLU H 584 19.25 -38.68 44.62
N ARG H 585 20.00 -39.14 43.63
CA ARG H 585 20.10 -38.48 42.33
C ARG H 585 19.62 -39.44 41.26
N LEU H 586 18.74 -38.96 40.38
CA LEU H 586 18.22 -39.82 39.32
C LEU H 586 19.31 -40.08 38.28
N ASN H 587 19.40 -41.34 37.86
CA ASN H 587 20.51 -41.81 37.03
C ASN H 587 20.09 -41.70 35.56
N LEU H 588 20.60 -40.68 34.88
CA LEU H 588 20.47 -40.55 33.44
C LEU H 588 21.83 -40.77 32.81
N SER H 589 21.98 -41.87 32.08
CA SER H 589 23.24 -42.26 31.49
C SER H 589 23.17 -42.05 29.98
N LEU H 590 24.22 -41.49 29.40
CA LEU H 590 24.27 -41.28 27.97
C LEU H 590 24.48 -42.62 27.26
N ALA H 591 23.64 -42.87 26.26
CA ALA H 591 23.69 -44.09 25.46
C ALA H 591 24.47 -43.80 24.18
N VAL H 592 25.66 -44.36 24.07
CA VAL H 592 26.52 -44.11 22.93
C VAL H 592 26.24 -45.17 21.85
N GLY H 593 26.56 -44.80 20.60
CA GLY H 593 26.39 -45.72 19.48
C GLY H 593 24.94 -46.01 19.14
N GLY H 640 29.69 -60.98 51.95
CA GLY H 640 29.35 -59.69 51.36
C GLY H 640 30.32 -58.58 51.73
N ASN H 641 31.25 -58.28 50.82
CA ASN H 641 32.25 -57.24 51.03
C ASN H 641 31.92 -56.01 50.17
N TYR H 642 32.05 -54.84 50.77
CA TYR H 642 31.76 -53.60 50.05
C TYR H 642 32.87 -53.25 49.08
N ASN H 643 34.12 -53.40 49.51
CA ASN H 643 35.27 -52.90 48.76
C ASN H 643 35.57 -53.82 47.59
N GLY H 644 34.76 -53.70 46.54
CA GLY H 644 35.09 -54.27 45.25
C GLY H 644 35.51 -53.14 44.33
N THR H 645 36.75 -53.17 43.86
CA THR H 645 37.32 -52.08 43.07
C THR H 645 38.00 -52.68 41.85
N GLU H 646 37.25 -52.81 40.74
CA GLU H 646 37.77 -53.28 39.46
C GLU H 646 38.39 -54.67 39.58
N ILE H 647 37.50 -55.66 39.73
CA ILE H 647 37.72 -57.11 39.71
C ILE H 647 38.73 -57.67 40.73
N PRO H 648 38.71 -57.24 42.02
CA PRO H 648 39.63 -57.88 42.98
C PRO H 648 39.25 -59.32 43.32
N LYS H 649 38.03 -59.55 43.80
CA LYS H 649 37.47 -60.87 43.98
C LYS H 649 36.16 -60.99 43.18
N LEU H 650 35.25 -60.06 43.41
CA LEU H 650 33.95 -60.04 42.73
C LEU H 650 33.78 -58.67 42.09
N VAL H 651 33.23 -58.65 40.87
CA VAL H 651 33.31 -57.47 40.05
C VAL H 651 32.28 -56.43 40.51
N THR H 652 32.52 -55.19 40.09
CA THR H 652 31.53 -54.14 40.32
C THR H 652 30.40 -54.25 39.31
N ILE H 653 29.26 -53.68 39.67
CA ILE H 653 28.10 -53.62 38.79
C ILE H 653 28.40 -52.80 37.53
N PRO H 654 29.05 -51.62 37.58
CA PRO H 654 29.44 -50.97 36.32
C PRO H 654 30.39 -51.78 35.46
N PHE H 655 31.29 -52.57 36.04
CA PHE H 655 32.14 -53.40 35.20
C PHE H 655 31.39 -54.60 34.66
N LEU H 656 30.47 -55.16 35.46
CA LEU H 656 29.74 -56.35 35.05
C LEU H 656 28.84 -56.08 33.85
N ARG H 657 28.33 -54.86 33.72
CA ARG H 657 27.57 -54.48 32.54
C ARG H 657 28.46 -54.19 31.35
N LYS H 658 29.76 -53.94 31.55
CA LYS H 658 30.70 -53.91 30.44
C LYS H 658 30.99 -55.32 29.94
N TYR H 659 31.15 -56.27 30.87
CA TYR H 659 31.36 -57.67 30.50
C TYR H 659 30.17 -58.23 29.74
N VAL H 660 28.95 -57.99 30.23
CA VAL H 660 27.75 -58.51 29.58
C VAL H 660 27.58 -57.89 28.20
N GLN H 661 27.80 -56.58 28.08
CA GLN H 661 27.70 -55.90 26.80
C GLN H 661 28.70 -56.46 25.81
N TYR H 662 29.94 -56.64 26.26
CA TYR H 662 31.01 -57.18 25.40
C TYR H 662 30.67 -58.59 24.94
N ALA H 663 30.20 -59.43 25.86
CA ALA H 663 29.86 -60.81 25.51
C ALA H 663 28.67 -60.87 24.56
N LYS H 664 27.76 -59.91 24.67
CA LYS H 664 26.60 -59.90 23.79
C LYS H 664 26.98 -59.45 22.38
N GLU H 665 27.81 -58.42 22.25
CA GLU H 665 28.12 -57.92 20.91
C GLU H 665 29.13 -58.82 20.21
N ARG H 666 30.09 -59.38 20.96
CA ARG H 666 31.28 -59.91 20.33
C ARG H 666 31.11 -61.38 19.96
N VAL H 667 30.87 -62.26 20.94
CA VAL H 667 30.92 -63.70 20.73
C VAL H 667 29.54 -64.22 20.37
N ILE H 668 29.49 -65.08 19.36
CA ILE H 668 28.28 -65.79 18.96
C ILE H 668 28.64 -67.28 18.96
N PRO H 669 28.56 -67.96 20.10
CA PRO H 669 29.04 -69.35 20.16
C PRO H 669 28.20 -70.30 19.33
N GLN H 670 28.87 -71.31 18.78
CA GLN H 670 28.25 -72.31 17.92
C GLN H 670 28.28 -73.65 18.63
N LEU H 671 27.17 -74.40 18.53
CA LEU H 671 27.07 -75.69 19.18
C LEU H 671 28.01 -76.70 18.55
N THR H 672 28.44 -77.68 19.34
CA THR H 672 29.30 -78.76 18.87
C THR H 672 28.79 -80.10 19.38
N GLN H 673 29.35 -81.17 18.81
CA GLN H 673 28.87 -82.52 19.05
C GLN H 673 29.06 -82.93 20.51
N GLU H 674 30.14 -82.48 21.14
CA GLU H 674 30.40 -82.85 22.52
C GLU H 674 29.39 -82.23 23.48
N ALA H 675 28.81 -81.09 23.09
CA ALA H 675 27.71 -80.52 23.87
C ALA H 675 26.39 -81.18 23.51
N ILE H 676 26.22 -81.55 22.23
CA ILE H 676 25.01 -82.21 21.76
C ILE H 676 24.79 -83.53 22.47
N ASN H 677 25.85 -84.33 22.63
CA ASN H 677 25.70 -85.62 23.29
C ASN H 677 25.21 -85.47 24.73
N VAL H 678 25.77 -84.50 25.45
CA VAL H 678 25.40 -84.26 26.84
C VAL H 678 23.95 -83.79 26.93
N ILE H 679 23.57 -82.83 26.09
CA ILE H 679 22.22 -82.28 26.20
C ILE H 679 21.17 -83.29 25.73
N VAL H 680 21.52 -84.13 24.74
CA VAL H 680 20.60 -85.17 24.28
C VAL H 680 20.39 -86.21 25.38
N LYS H 681 21.48 -86.66 26.00
CA LYS H 681 21.37 -87.64 27.08
C LYS H 681 20.58 -87.10 28.25
N ASN H 682 20.84 -85.85 28.65
CA ASN H 682 20.14 -85.26 29.78
C ASN H 682 18.67 -85.01 29.46
N TYR H 683 18.36 -84.61 28.22
CA TYR H 683 16.97 -84.38 27.84
C TYR H 683 16.19 -85.68 27.82
N THR H 684 16.79 -86.76 27.29
CA THR H 684 16.10 -88.06 27.31
C THR H 684 15.91 -88.57 28.73
N ASP H 685 16.92 -88.36 29.59
CA ASP H 685 16.80 -88.77 30.99
C ASP H 685 15.70 -87.98 31.70
N LEU H 686 15.59 -86.69 31.40
CA LEU H 686 14.55 -85.87 32.03
C LEU H 686 13.16 -86.23 31.51
N ARG H 687 13.07 -86.59 30.23
CA ARG H 687 11.80 -87.03 29.67
C ARG H 687 11.35 -88.34 30.30
N ASN H 688 12.28 -89.25 30.56
CA ASN H 688 11.93 -90.55 31.11
C ASN H 688 12.25 -90.69 32.59
N ASP H 689 12.34 -89.59 33.32
CA ASP H 689 12.58 -89.65 34.76
C ASP H 689 11.33 -90.06 35.50
N ASP H 690 11.51 -90.84 36.57
CA ASP H 690 10.37 -91.24 37.39
C ASP H 690 10.02 -90.18 38.43
N ASN H 691 10.94 -89.23 38.66
CA ASN H 691 10.75 -88.24 39.72
C ASN H 691 9.69 -87.22 39.34
N THR H 692 9.08 -86.63 40.37
CA THR H 692 8.17 -85.52 40.17
C THR H 692 8.94 -84.21 40.09
N LYS H 693 8.52 -83.34 39.18
CA LYS H 693 9.23 -82.11 38.89
C LYS H 693 8.32 -80.91 39.11
N LYS H 694 8.93 -79.78 39.50
CA LYS H 694 8.18 -78.53 39.58
C LYS H 694 7.71 -78.08 38.21
N SER H 695 8.54 -78.25 37.18
CA SER H 695 8.22 -77.84 35.83
C SER H 695 7.94 -79.07 34.97
N PRO H 696 6.90 -79.03 34.14
CA PRO H 696 6.64 -80.17 33.25
C PRO H 696 7.70 -80.29 32.17
N ILE H 697 7.85 -81.49 31.63
CA ILE H 697 8.90 -81.77 30.66
C ILE H 697 8.30 -81.87 29.27
N THR H 698 8.68 -80.94 28.40
CA THR H 698 8.22 -80.91 27.02
C THR H 698 9.45 -80.84 26.12
N ALA H 699 9.21 -80.54 24.84
CA ALA H 699 10.34 -80.36 23.92
C ALA H 699 11.06 -79.05 24.17
N ARG H 700 10.40 -78.10 24.86
CA ARG H 700 11.03 -76.82 25.14
C ARG H 700 12.16 -76.95 26.16
N THR H 701 12.17 -78.05 26.93
CA THR H 701 13.29 -78.30 27.83
C THR H 701 14.59 -78.49 27.06
N LEU H 702 14.51 -79.12 25.89
CA LEU H 702 15.69 -79.32 25.05
C LEU H 702 16.23 -77.99 24.52
N GLU H 703 15.35 -77.12 24.03
CA GLU H 703 15.80 -75.79 23.62
C GLU H 703 16.29 -74.96 24.79
N THR H 704 15.71 -75.15 25.98
CA THR H 704 16.24 -74.52 27.19
C THR H 704 17.67 -74.97 27.47
N LEU H 705 17.95 -76.27 27.32
CA LEU H 705 19.31 -76.78 27.46
C LEU H 705 20.25 -76.15 26.45
N ILE H 706 19.82 -76.05 25.18
CA ILE H 706 20.66 -75.43 24.16
C ILE H 706 20.93 -73.96 24.46
N ARG H 707 19.89 -73.20 24.85
CA ARG H 707 20.07 -71.78 25.18
C ARG H 707 20.96 -71.59 26.40
N LEU H 708 20.81 -72.46 27.41
CA LEU H 708 21.63 -72.34 28.61
C LEU H 708 23.09 -72.68 28.34
N ALA H 709 23.35 -73.70 27.52
CA ALA H 709 24.72 -74.01 27.13
C ALA H 709 25.35 -72.88 26.33
N THR H 710 24.59 -72.31 25.39
CA THR H 710 25.06 -71.17 24.61
C THR H 710 25.32 -69.95 25.49
N ALA H 711 24.45 -69.68 26.46
CA ALA H 711 24.64 -68.58 27.39
C ALA H 711 25.87 -68.78 28.28
N HIS H 712 26.12 -70.01 28.72
CA HIS H 712 27.34 -70.25 29.49
C HIS H 712 28.58 -70.09 28.62
N ALA H 713 28.50 -70.49 27.36
CA ALA H 713 29.61 -70.26 26.44
C ALA H 713 29.84 -68.77 26.21
N LYS H 714 28.78 -67.97 26.26
CA LYS H 714 28.91 -66.52 26.16
C LYS H 714 29.65 -65.94 27.36
N VAL H 715 29.49 -66.56 28.54
CA VAL H 715 30.18 -66.09 29.74
C VAL H 715 31.69 -66.27 29.59
N ARG H 716 32.09 -67.40 29.01
CA ARG H 716 33.51 -67.72 28.81
C ARG H 716 34.12 -67.01 27.61
N LEU H 717 33.32 -66.22 26.87
CA LEU H 717 33.73 -65.57 25.62
C LEU H 717 34.28 -66.60 24.62
N SER H 718 33.63 -67.76 24.55
CA SER H 718 34.03 -68.84 23.68
C SER H 718 33.20 -68.77 22.40
N LYS H 719 33.86 -68.94 21.26
CA LYS H 719 33.14 -68.99 19.99
C LYS H 719 32.54 -70.37 19.76
N THR H 720 32.85 -71.33 20.62
CA THR H 720 32.36 -72.68 20.50
C THR H 720 31.69 -73.11 21.80
N VAL H 721 30.64 -73.94 21.69
CA VAL H 721 29.99 -74.48 22.87
C VAL H 721 30.59 -75.83 23.21
N ASN H 722 31.05 -75.97 24.45
CA ASN H 722 31.81 -77.14 24.87
C ASN H 722 30.95 -78.06 25.73
N LYS H 723 31.52 -79.22 26.04
CA LYS H 723 30.83 -80.19 26.90
C LYS H 723 30.71 -79.65 28.33
N VAL H 724 31.70 -78.89 28.78
CA VAL H 724 31.65 -78.31 30.12
C VAL H 724 30.52 -77.27 30.21
N ASP H 725 30.21 -76.61 29.09
CA ASP H 725 29.06 -75.71 29.06
C ASP H 725 27.75 -76.47 29.15
N ALA H 726 27.65 -77.59 28.42
CA ALA H 726 26.43 -78.37 28.39
C ALA H 726 26.15 -79.01 29.75
N LYS H 727 27.19 -79.49 30.43
CA LYS H 727 26.97 -80.17 31.70
C LYS H 727 26.53 -79.19 32.80
N VAL H 728 27.09 -77.98 32.82
CA VAL H 728 26.67 -77.00 33.81
C VAL H 728 25.29 -76.46 33.46
N ALA H 729 24.97 -76.36 32.17
CA ALA H 729 23.61 -76.00 31.76
C ALA H 729 22.59 -77.05 32.16
N ALA H 730 22.92 -78.33 32.06
CA ALA H 730 22.05 -79.40 32.50
C ALA H 730 21.92 -79.49 34.02
N ASN H 731 23.00 -79.25 34.75
CA ASN H 731 22.97 -79.28 36.21
C ASN H 731 22.28 -78.08 36.82
N LEU H 732 22.28 -76.93 36.13
CA LEU H 732 21.47 -75.80 36.60
C LEU H 732 19.98 -76.09 36.43
N LEU H 733 19.61 -76.82 35.37
CA LEU H 733 18.21 -77.16 35.15
C LEU H 733 17.69 -78.14 36.19
N ARG H 734 18.56 -79.03 36.70
CA ARG H 734 18.12 -80.03 37.66
C ARG H 734 17.71 -79.39 38.98
N PHE H 735 18.38 -78.31 39.38
CA PHE H 735 18.00 -77.61 40.61
C PHE H 735 16.62 -77.00 40.49
N ALA H 736 16.32 -76.38 39.35
CA ALA H 736 15.01 -75.78 39.11
C ALA H 736 13.90 -76.81 38.96
N LEU H 737 14.23 -78.08 38.74
CA LEU H 737 13.26 -79.15 38.64
C LEU H 737 13.15 -80.00 39.89
N LEU H 738 14.21 -80.11 40.69
CA LEU H 738 14.16 -80.92 41.91
C LEU H 738 14.41 -80.06 43.15
N PRO I 176 -20.52 -37.73 -48.24
CA PRO I 176 -20.38 -39.17 -47.94
C PRO I 176 -21.14 -39.57 -46.67
N LEU I 177 -20.41 -39.96 -45.64
CA LEU I 177 -20.99 -40.44 -44.39
C LEU I 177 -20.69 -39.43 -43.28
N ARG I 178 -21.74 -38.95 -42.63
CA ARG I 178 -21.61 -37.95 -41.57
C ARG I 178 -21.57 -38.64 -40.22
N ILE I 179 -20.55 -38.32 -39.43
CA ILE I 179 -20.30 -38.97 -38.15
C ILE I 179 -20.25 -37.91 -37.05
N ILE I 180 -20.97 -38.16 -35.95
CA ILE I 180 -20.89 -37.30 -34.79
C ILE I 180 -19.47 -37.34 -34.23
N TRP I 181 -18.92 -36.16 -33.94
CA TRP I 181 -17.54 -36.06 -33.47
C TRP I 181 -17.36 -36.76 -32.13
N GLY I 182 -16.31 -37.58 -32.04
CA GLY I 182 -16.07 -38.39 -30.87
C GLY I 182 -16.74 -39.74 -30.88
N THR I 183 -17.60 -40.02 -31.85
CA THR I 183 -18.29 -41.30 -31.98
C THR I 183 -17.91 -41.93 -33.30
N ASN I 184 -18.46 -43.12 -33.54
CA ASN I 184 -18.52 -43.70 -34.88
C ASN I 184 -19.96 -43.78 -35.38
N VAL I 185 -20.83 -42.95 -34.84
CA VAL I 185 -22.27 -43.04 -35.05
C VAL I 185 -22.68 -42.11 -36.19
N SER I 186 -23.37 -42.67 -37.17
CA SER I 186 -24.03 -41.90 -38.21
C SER I 186 -25.52 -41.92 -37.90
N ILE I 187 -26.13 -40.73 -37.86
CA ILE I 187 -27.54 -40.61 -37.48
C ILE I 187 -28.43 -41.31 -38.50
N GLN I 188 -28.17 -41.09 -39.78
CA GLN I 188 -29.02 -41.66 -40.83
C GLN I 188 -28.90 -43.18 -40.87
N GLU I 189 -27.67 -43.69 -40.77
CA GLU I 189 -27.46 -45.14 -40.76
C GLU I 189 -28.10 -45.79 -39.55
N CYS I 190 -27.97 -45.16 -38.38
CA CYS I 190 -28.58 -45.71 -37.17
C CYS I 190 -30.10 -45.69 -37.26
N THR I 191 -30.69 -44.61 -37.79
CA THR I 191 -32.14 -44.57 -37.95
C THR I 191 -32.62 -45.65 -38.91
N THR I 192 -31.94 -45.83 -40.04
CA THR I 192 -32.37 -46.86 -41.00
C THR I 192 -32.22 -48.26 -40.42
N ASN I 193 -31.09 -48.53 -39.75
CA ASN I 193 -30.88 -49.85 -39.17
C ASN I 193 -31.89 -50.16 -38.07
N PHE I 194 -32.16 -49.17 -37.20
CA PHE I 194 -33.09 -49.40 -36.10
C PHE I 194 -34.53 -49.52 -36.61
N ARG I 195 -34.89 -48.75 -37.65
CA ARG I 195 -36.22 -48.88 -38.22
C ARG I 195 -36.41 -50.23 -38.89
N ASN I 196 -35.38 -50.72 -39.60
CA ASN I 196 -35.45 -52.05 -40.19
C ASN I 196 -35.54 -53.12 -39.11
N PHE I 197 -34.82 -52.92 -38.00
CA PHE I 197 -34.92 -53.84 -36.87
C PHE I 197 -36.32 -53.86 -36.29
N LEU I 198 -36.93 -52.68 -36.14
CA LEU I 198 -38.29 -52.61 -35.60
C LEU I 198 -39.30 -53.28 -36.53
N MET I 199 -39.13 -53.08 -37.83
CA MET I 199 -40.09 -53.63 -38.79
C MET I 199 -39.90 -55.13 -39.02
N SER I 200 -38.69 -55.64 -38.82
CA SER I 200 -38.39 -56.98 -39.31
C SER I 200 -37.96 -57.97 -38.24
N PHE I 201 -37.85 -57.58 -36.97
CA PHE I 201 -37.38 -58.51 -35.97
C PHE I 201 -38.46 -59.51 -35.58
N LYS I 202 -38.05 -60.76 -35.44
CA LYS I 202 -38.89 -61.82 -34.89
C LYS I 202 -38.13 -62.49 -33.75
N TYR I 203 -38.87 -63.03 -32.79
CA TYR I 203 -38.21 -63.64 -31.64
C TYR I 203 -37.52 -64.95 -31.98
N LYS I 204 -37.81 -65.54 -33.14
CA LYS I 204 -37.08 -66.72 -33.58
C LYS I 204 -35.62 -66.39 -33.83
N PHE I 205 -35.32 -65.14 -34.20
CA PHE I 205 -33.93 -64.71 -34.31
C PHE I 205 -33.23 -64.74 -32.96
N ARG I 206 -33.95 -64.33 -31.90
CA ARG I 206 -33.42 -64.43 -30.55
C ARG I 206 -33.23 -65.88 -30.14
N LYS I 207 -34.16 -66.75 -30.52
CA LYS I 207 -34.04 -68.17 -30.19
C LYS I 207 -32.83 -68.81 -30.88
N ILE I 208 -32.60 -68.48 -32.15
CA ILE I 208 -31.47 -69.10 -32.86
C ILE I 208 -30.16 -68.43 -32.47
N LEU I 209 -30.22 -67.21 -31.93
CA LEU I 209 -29.02 -66.60 -31.37
C LEU I 209 -28.59 -67.31 -30.09
N ASP I 210 -29.55 -67.64 -29.23
CA ASP I 210 -29.26 -68.29 -27.96
C ASP I 210 -29.09 -69.81 -28.08
N GLU I 211 -29.00 -70.33 -29.31
CA GLU I 211 -28.87 -71.76 -29.60
C GLU I 211 -30.03 -72.55 -28.98
N ARG I 212 -31.25 -72.06 -29.23
CA ARG I 212 -32.48 -72.71 -28.77
C ARG I 212 -33.33 -73.00 -30.01
N GLU I 213 -33.13 -74.16 -30.61
CA GLU I 213 -33.84 -74.50 -31.83
C GLU I 213 -35.09 -75.32 -31.54
N GLU I 214 -35.02 -76.19 -30.53
CA GLU I 214 -36.17 -77.04 -30.21
C GLU I 214 -37.28 -76.26 -29.53
N PHE I 215 -36.96 -75.07 -29.00
CA PHE I 215 -37.95 -74.28 -28.29
C PHE I 215 -38.69 -73.32 -29.21
N ILE I 216 -38.41 -73.36 -30.51
CA ILE I 216 -39.07 -72.45 -31.44
C ILE I 216 -40.49 -72.93 -31.72
N ASN I 217 -41.44 -72.03 -31.54
CA ASN I 217 -42.84 -72.29 -31.86
C ASN I 217 -43.34 -71.21 -32.81
N ASN I 218 -44.44 -71.50 -33.50
CA ASN I 218 -44.88 -70.62 -34.58
C ASN I 218 -45.51 -69.34 -34.08
N THR I 219 -46.53 -69.46 -33.20
CA THR I 219 -47.42 -68.34 -32.93
C THR I 219 -46.74 -67.25 -32.10
N THR I 220 -45.65 -67.58 -31.42
CA THR I 220 -44.95 -66.57 -30.64
C THR I 220 -43.83 -65.94 -31.44
N ASP I 221 -43.15 -66.73 -32.27
CA ASP I 221 -41.93 -66.25 -32.91
C ASP I 221 -42.20 -65.60 -34.25
N GLU I 222 -42.99 -66.25 -35.12
CA GLU I 222 -43.08 -65.78 -36.51
C GLU I 222 -43.96 -64.55 -36.66
N GLU I 223 -44.61 -64.12 -35.58
CA GLU I 223 -45.27 -62.82 -35.62
C GLU I 223 -44.26 -61.71 -35.37
N LEU I 224 -44.58 -60.51 -35.86
CA LEU I 224 -43.68 -59.38 -35.67
C LEU I 224 -43.74 -58.92 -34.22
N TYR I 225 -42.58 -58.90 -33.56
CA TYR I 225 -42.53 -58.71 -32.12
C TYR I 225 -42.65 -57.23 -31.75
N TYR I 226 -41.75 -56.41 -32.27
CA TYR I 226 -41.76 -55.01 -31.90
C TYR I 226 -42.92 -54.27 -32.56
N ILE I 227 -43.42 -54.77 -33.68
CA ILE I 227 -44.66 -54.23 -34.25
C ILE I 227 -45.83 -54.47 -33.31
N LYS I 228 -45.89 -55.68 -32.73
CA LYS I 228 -46.95 -55.97 -31.76
C LYS I 228 -46.83 -55.08 -30.53
N GLN I 229 -45.60 -54.88 -30.03
CA GLN I 229 -45.44 -54.00 -28.87
C GLN I 229 -45.76 -52.55 -29.20
N LEU I 230 -45.44 -52.09 -30.42
CA LEU I 230 -45.82 -50.75 -30.83
C LEU I 230 -47.33 -50.60 -30.92
N ASN I 231 -48.02 -51.62 -31.45
CA ASN I 231 -49.47 -51.58 -31.53
C ASN I 231 -50.11 -51.53 -30.14
N GLU I 232 -49.65 -52.40 -29.23
CA GLU I 232 -50.23 -52.40 -27.89
C GLU I 232 -49.84 -51.14 -27.12
N MET I 233 -48.69 -50.55 -27.46
CA MET I 233 -48.24 -49.33 -26.81
C MET I 233 -49.08 -48.13 -27.28
N ARG I 234 -49.49 -48.14 -28.54
CA ARG I 234 -50.46 -47.15 -29.01
C ARG I 234 -51.82 -47.37 -28.35
N GLU I 235 -52.25 -48.63 -28.22
CA GLU I 235 -53.59 -48.91 -27.69
C GLU I 235 -53.71 -48.53 -26.21
N LEU I 236 -52.71 -48.86 -25.40
CA LEU I 236 -52.76 -48.47 -24.00
C LEU I 236 -52.34 -47.03 -23.78
N GLY I 237 -51.76 -46.37 -24.79
CA GLY I 237 -51.34 -44.99 -24.63
C GLY I 237 -50.04 -44.80 -23.88
N THR I 238 -49.26 -45.87 -23.69
CA THR I 238 -47.98 -45.75 -23.01
C THR I 238 -46.94 -45.15 -23.95
N SER I 239 -45.88 -44.60 -23.36
CA SER I 239 -44.82 -43.96 -24.13
C SER I 239 -43.47 -44.65 -24.01
N ASN I 240 -43.35 -45.67 -23.15
CA ASN I 240 -42.07 -46.32 -22.94
C ASN I 240 -42.02 -47.66 -23.65
N LEU I 241 -40.93 -47.89 -24.38
CA LEU I 241 -40.67 -49.17 -25.01
C LEU I 241 -39.45 -49.80 -24.34
N ASN I 242 -39.61 -51.05 -23.90
CA ASN I 242 -38.51 -51.82 -23.32
C ASN I 242 -37.83 -52.58 -24.44
N LEU I 243 -36.53 -52.32 -24.62
CA LEU I 243 -35.74 -52.93 -25.69
C LEU I 243 -34.71 -53.86 -25.07
N ASP I 244 -34.76 -55.13 -25.45
CA ASP I 244 -33.72 -56.07 -25.07
C ASP I 244 -32.56 -55.91 -26.04
N ALA I 245 -31.40 -55.52 -25.50
CA ALA I 245 -30.25 -55.25 -26.36
C ALA I 245 -29.68 -56.53 -26.97
N ARG I 246 -29.97 -57.67 -26.36
CA ARG I 246 -29.55 -58.96 -26.90
C ARG I 246 -30.27 -59.24 -28.22
N ASN I 247 -31.49 -58.70 -28.38
CA ASN I 247 -32.22 -58.82 -29.63
C ASN I 247 -31.54 -58.05 -30.75
N LEU I 248 -30.90 -56.93 -30.44
CA LEU I 248 -30.14 -56.19 -31.43
C LEU I 248 -28.97 -57.02 -31.95
N LEU I 249 -28.32 -57.76 -31.05
CA LEU I 249 -27.23 -58.64 -31.45
C LEU I 249 -27.75 -59.85 -32.21
N ALA I 250 -29.01 -60.22 -31.98
CA ALA I 250 -29.63 -61.29 -32.75
C ALA I 250 -29.78 -60.91 -34.22
N TYR I 251 -30.24 -59.69 -34.49
CA TYR I 251 -30.42 -59.24 -35.87
C TYR I 251 -29.08 -58.97 -36.53
N LYS I 252 -29.00 -59.25 -37.84
CA LYS I 252 -27.73 -59.16 -38.55
C LYS I 252 -27.31 -57.72 -38.79
N GLN I 253 -28.25 -56.86 -39.23
CA GLN I 253 -27.88 -55.50 -39.61
C GLN I 253 -27.58 -54.63 -38.40
N THR I 254 -28.16 -54.94 -37.25
CA THR I 254 -27.96 -54.13 -36.05
C THR I 254 -26.94 -54.72 -35.09
N GLU I 255 -26.02 -55.55 -35.58
CA GLU I 255 -24.93 -56.02 -34.73
C GLU I 255 -23.99 -54.88 -34.34
N ASP I 256 -23.74 -53.97 -35.27
CA ASP I 256 -22.94 -52.80 -34.95
C ASP I 256 -23.71 -51.83 -34.08
N LEU I 257 -25.04 -51.79 -34.24
CA LEU I 257 -25.87 -50.89 -33.45
C LEU I 257 -25.85 -51.27 -31.97
N TYR I 258 -25.69 -52.56 -31.67
CA TYR I 258 -25.57 -52.99 -30.28
C TYR I 258 -24.34 -52.39 -29.63
N HIS I 259 -23.20 -52.46 -30.32
CA HIS I 259 -21.97 -51.90 -29.78
C HIS I 259 -22.03 -50.38 -29.72
N GLN I 260 -22.73 -49.76 -30.67
CA GLN I 260 -22.89 -48.31 -30.64
C GLN I 260 -23.79 -47.88 -29.48
N LEU I 261 -24.83 -48.66 -29.19
CA LEU I 261 -25.70 -48.36 -28.05
C LEU I 261 -24.94 -48.51 -26.74
N LEU I 262 -24.11 -49.55 -26.62
CA LEU I 262 -23.33 -49.71 -25.40
C LEU I 262 -22.29 -48.60 -25.27
N ASN I 263 -21.59 -48.28 -26.36
CA ASN I 263 -20.50 -47.31 -26.30
C ASN I 263 -21.01 -45.88 -26.25
N TYR I 264 -22.09 -45.58 -26.97
CA TYR I 264 -22.58 -44.21 -27.12
C TYR I 264 -24.08 -44.15 -26.85
N PRO I 265 -24.51 -44.38 -25.60
CA PRO I 265 -25.95 -44.40 -25.33
C PRO I 265 -26.63 -43.05 -25.48
N GLN I 266 -25.90 -41.95 -25.26
CA GLN I 266 -26.51 -40.63 -25.27
C GLN I 266 -27.05 -40.27 -26.65
N GLU I 267 -26.30 -40.58 -27.70
CA GLU I 267 -26.74 -40.26 -29.05
C GLU I 267 -27.64 -41.35 -29.62
N VAL I 268 -27.29 -42.61 -29.36
CA VAL I 268 -28.02 -43.73 -29.94
C VAL I 268 -29.42 -43.82 -29.34
N ILE I 269 -29.57 -43.53 -28.04
CA ILE I 269 -30.88 -43.58 -27.40
C ILE I 269 -31.80 -42.48 -27.96
N SER I 270 -31.26 -41.28 -28.18
CA SER I 270 -32.05 -40.21 -28.79
C SER I 270 -32.45 -40.57 -30.22
N ILE I 271 -31.53 -41.16 -30.98
CA ILE I 271 -31.84 -41.63 -32.33
C ILE I 271 -32.95 -42.68 -32.28
N MET I 272 -32.88 -43.57 -31.30
CA MET I 272 -33.89 -44.61 -31.16
C MET I 272 -35.25 -44.03 -30.80
N ASP I 273 -35.28 -43.01 -29.94
CA ASP I 273 -36.54 -42.35 -29.60
C ASP I 273 -37.16 -41.70 -30.83
N GLN I 274 -36.34 -41.03 -31.65
CA GLN I 274 -36.85 -40.46 -32.89
C GLN I 274 -37.38 -41.53 -33.83
N THR I 275 -36.69 -42.67 -33.92
CA THR I 275 -37.16 -43.76 -34.76
C THR I 275 -38.47 -44.37 -34.25
N ILE I 276 -38.63 -44.48 -32.93
CA ILE I 276 -39.89 -44.96 -32.37
C ILE I 276 -41.03 -43.99 -32.71
N LYS I 277 -40.78 -42.69 -32.62
CA LYS I 277 -41.81 -41.72 -32.98
C LYS I 277 -42.17 -41.80 -34.46
N ASP I 278 -41.16 -41.97 -35.32
CA ASP I 278 -41.41 -42.13 -36.75
C ASP I 278 -42.20 -43.39 -37.05
N CYS I 279 -41.90 -44.49 -36.36
CA CYS I 279 -42.67 -45.72 -36.56
C CYS I 279 -44.09 -45.57 -36.00
N MET I 280 -44.24 -44.79 -34.93
CA MET I 280 -45.56 -44.51 -34.38
C MET I 280 -46.44 -43.78 -35.38
N VAL I 281 -45.88 -42.77 -36.06
CA VAL I 281 -46.71 -42.05 -37.03
C VAL I 281 -46.89 -42.87 -38.30
N SER I 282 -45.89 -43.70 -38.65
CA SER I 282 -45.98 -44.48 -39.87
C SER I 282 -46.99 -45.62 -39.75
N LEU I 283 -47.15 -46.18 -38.56
CA LEU I 283 -48.08 -47.29 -38.36
C LEU I 283 -49.53 -46.82 -38.51
N ILE I 284 -49.80 -45.55 -38.19
CA ILE I 284 -51.18 -45.07 -38.28
C ILE I 284 -51.44 -44.42 -39.64
N VAL I 285 -50.41 -43.85 -40.27
CA VAL I 285 -50.60 -43.34 -41.63
C VAL I 285 -50.73 -44.50 -42.62
N ASP I 286 -49.91 -45.54 -42.48
CA ASP I 286 -49.88 -46.63 -43.45
C ASP I 286 -51.16 -47.46 -43.38
N ASN I 287 -51.61 -47.82 -42.19
CA ASN I 287 -52.78 -48.66 -42.03
C ASN I 287 -54.09 -47.87 -42.05
N ASN I 288 -54.01 -46.54 -42.18
CA ASN I 288 -55.18 -45.65 -42.22
C ASN I 288 -56.05 -45.83 -40.98
N LEU I 289 -55.42 -45.93 -39.82
CA LEU I 289 -56.16 -46.11 -38.57
C LEU I 289 -56.85 -44.82 -38.17
N ASP I 290 -57.81 -44.95 -37.25
CA ASP I 290 -58.62 -43.81 -36.85
C ASP I 290 -57.90 -42.93 -35.84
N TYR I 291 -56.74 -43.36 -35.36
CA TYR I 291 -55.97 -42.60 -34.39
C TYR I 291 -55.48 -41.29 -34.96
N ASP I 292 -55.65 -40.21 -34.21
CA ASP I 292 -55.28 -38.88 -34.68
C ASP I 292 -53.77 -38.70 -34.64
N LEU I 293 -53.23 -38.04 -35.67
CA LEU I 293 -51.79 -37.87 -35.77
C LEU I 293 -51.29 -36.82 -34.78
N ASP I 294 -52.12 -35.81 -34.48
CA ASP I 294 -51.72 -34.72 -33.60
C ASP I 294 -51.46 -35.22 -32.19
N GLU I 295 -52.29 -36.16 -31.70
CA GLU I 295 -52.12 -36.68 -30.35
C GLU I 295 -50.84 -37.51 -30.23
N ILE I 296 -50.47 -38.23 -31.30
CA ILE I 296 -49.23 -38.98 -31.29
C ILE I 296 -48.02 -38.05 -31.36
N GLU I 297 -48.13 -36.99 -32.17
CA GLU I 297 -46.99 -36.11 -32.39
C GLU I 297 -46.61 -35.33 -31.14
N THR I 298 -47.61 -34.93 -30.34
CA THR I 298 -47.31 -34.16 -29.12
C THR I 298 -46.65 -35.03 -28.06
N LYS I 299 -46.86 -36.35 -28.12
CA LYS I 299 -46.24 -37.24 -27.17
C LYS I 299 -44.74 -37.36 -27.42
N PHE I 300 -43.98 -37.50 -26.34
CA PHE I 300 -42.54 -37.77 -26.41
C PHE I 300 -42.32 -39.23 -26.09
N TYR I 301 -41.77 -39.96 -27.05
CA TYR I 301 -41.49 -41.39 -26.91
C TYR I 301 -40.03 -41.57 -26.54
N LYS I 302 -39.76 -42.48 -25.60
CA LYS I 302 -38.41 -42.82 -25.20
C LYS I 302 -38.31 -44.32 -25.02
N VAL I 303 -37.16 -44.88 -25.38
CA VAL I 303 -36.92 -46.32 -25.30
C VAL I 303 -36.06 -46.59 -24.07
N ARG I 304 -36.30 -47.72 -23.41
CA ARG I 304 -35.49 -48.12 -22.28
C ARG I 304 -34.76 -49.41 -22.62
N PRO I 305 -33.49 -49.35 -23.02
CA PRO I 305 -32.72 -50.58 -23.21
C PRO I 305 -32.45 -51.27 -21.89
N TYR I 306 -32.31 -52.59 -21.95
CA TYR I 306 -31.92 -53.40 -20.80
C TYR I 306 -31.25 -54.66 -21.31
N ASN I 307 -30.69 -55.44 -20.37
CA ASN I 307 -29.88 -56.62 -20.66
C ASN I 307 -28.75 -56.28 -21.61
N VAL I 308 -28.02 -55.22 -21.28
CA VAL I 308 -27.00 -54.66 -22.16
C VAL I 308 -25.68 -55.41 -22.09
N GLY I 309 -25.56 -56.38 -21.19
CA GLY I 309 -24.31 -57.11 -21.06
C GLY I 309 -24.26 -57.81 -19.71
N SER I 310 -23.11 -58.39 -19.43
CA SER I 310 -22.91 -59.05 -18.15
C SER I 310 -22.81 -58.03 -17.03
N CYS I 311 -23.30 -58.42 -15.85
CA CYS I 311 -23.21 -57.57 -14.66
C CYS I 311 -21.78 -57.63 -14.12
N LYS I 312 -20.91 -56.84 -14.74
CA LYS I 312 -19.53 -56.74 -14.28
C LYS I 312 -19.50 -55.98 -12.95
N GLY I 313 -18.45 -56.20 -12.18
CA GLY I 313 -18.29 -55.47 -10.93
C GLY I 313 -18.12 -53.99 -11.18
N MET I 314 -18.80 -53.19 -10.35
CA MET I 314 -18.76 -51.75 -10.51
C MET I 314 -17.37 -51.20 -10.21
N ARG I 315 -16.68 -51.80 -9.25
CA ARG I 315 -15.31 -51.40 -8.95
C ARG I 315 -14.30 -51.96 -9.95
N GLU I 316 -14.72 -52.85 -10.84
CA GLU I 316 -13.86 -53.31 -11.92
C GLU I 316 -13.93 -52.41 -13.15
N LEU I 317 -14.78 -51.39 -13.13
CA LEU I 317 -14.88 -50.46 -14.24
C LEU I 317 -13.72 -49.46 -14.20
N ASN I 318 -13.31 -49.05 -15.39
CA ASN I 318 -12.20 -48.13 -15.59
C ASN I 318 -12.72 -46.78 -16.07
N PRO I 319 -11.88 -45.73 -16.01
CA PRO I 319 -12.31 -44.42 -16.55
C PRO I 319 -12.63 -44.41 -18.03
N ASN I 320 -12.16 -45.39 -18.80
CA ASN I 320 -12.56 -45.46 -20.21
C ASN I 320 -13.97 -46.00 -20.36
N ASP I 321 -14.57 -46.50 -19.28
CA ASP I 321 -15.96 -46.94 -19.30
C ASP I 321 -16.94 -45.84 -18.96
N ILE I 322 -16.48 -44.60 -18.79
CA ILE I 322 -17.37 -43.49 -18.51
C ILE I 322 -18.27 -43.24 -19.72
N ASP I 323 -19.54 -42.93 -19.45
CA ASP I 323 -20.59 -42.69 -20.45
C ASP I 323 -20.87 -43.91 -21.29
N LYS I 324 -20.80 -45.09 -20.68
CA LYS I 324 -21.18 -46.35 -21.31
C LYS I 324 -22.36 -46.96 -20.55
N LEU I 325 -23.11 -47.81 -21.25
CA LEU I 325 -24.25 -48.52 -20.67
C LEU I 325 -23.75 -49.71 -19.87
N ILE I 326 -24.22 -49.83 -18.62
CA ILE I 326 -23.79 -50.91 -17.74
C ILE I 326 -25.01 -51.50 -17.03
N ASN I 327 -24.85 -52.75 -16.60
CA ASN I 327 -25.79 -53.47 -15.75
C ASN I 327 -25.21 -53.63 -14.35
N LEU I 328 -26.04 -53.44 -13.34
CA LEU I 328 -25.70 -53.69 -11.95
C LEU I 328 -26.86 -54.40 -11.27
N LYS I 329 -26.57 -55.52 -10.60
CA LYS I 329 -27.50 -56.11 -9.65
C LYS I 329 -27.27 -55.46 -8.30
N GLY I 330 -28.34 -55.19 -7.58
CA GLY I 330 -28.14 -54.57 -6.28
C GLY I 330 -29.33 -54.66 -5.36
N LEU I 331 -29.08 -54.26 -4.12
CA LEU I 331 -30.09 -54.13 -3.08
C LEU I 331 -30.21 -52.65 -2.71
N VAL I 332 -31.43 -52.15 -2.69
CA VAL I 332 -31.68 -50.75 -2.37
C VAL I 332 -31.65 -50.59 -0.86
N LEU I 333 -30.81 -49.69 -0.36
CA LEU I 333 -30.75 -49.42 1.07
C LEU I 333 -31.64 -48.24 1.44
N ARG I 334 -31.54 -47.14 0.70
CA ARG I 334 -32.35 -45.96 0.96
C ARG I 334 -32.37 -45.08 -0.27
N SER I 335 -33.28 -44.10 -0.26
CA SER I 335 -33.41 -43.12 -1.33
C SER I 335 -33.66 -41.76 -0.72
N THR I 336 -33.18 -40.72 -1.41
CA THR I 336 -33.43 -39.36 -0.99
C THR I 336 -34.88 -38.98 -1.28
N PRO I 337 -35.40 -37.94 -0.64
CA PRO I 337 -36.66 -37.35 -1.09
C PRO I 337 -36.52 -36.76 -2.48
N VAL I 338 -37.66 -36.48 -3.10
CA VAL I 338 -37.67 -35.98 -4.48
C VAL I 338 -37.05 -34.60 -4.53
N ILE I 339 -36.10 -34.43 -5.44
CA ILE I 339 -35.30 -33.21 -5.57
C ILE I 339 -35.77 -32.47 -6.80
N PRO I 340 -36.09 -31.17 -6.70
CA PRO I 340 -36.45 -30.39 -7.88
C PRO I 340 -35.20 -29.94 -8.64
N ASP I 341 -35.10 -30.36 -9.90
CA ASP I 341 -33.98 -30.03 -10.76
C ASP I 341 -34.47 -29.05 -11.82
N MET I 342 -33.87 -27.86 -11.86
CA MET I 342 -34.44 -26.78 -12.65
C MET I 342 -34.18 -27.02 -14.13
N LYS I 343 -35.24 -26.92 -14.94
CA LYS I 343 -35.16 -27.10 -16.38
C LYS I 343 -35.45 -25.83 -17.16
N VAL I 344 -36.46 -25.05 -16.77
CA VAL I 344 -36.70 -23.73 -17.33
C VAL I 344 -36.64 -22.74 -16.18
N ALA I 345 -35.98 -21.61 -16.42
CA ALA I 345 -35.84 -20.56 -15.43
C ALA I 345 -36.73 -19.38 -15.82
N PHE I 346 -37.44 -18.84 -14.84
CA PHE I 346 -38.41 -17.78 -15.06
C PHE I 346 -37.84 -16.47 -14.51
N PHE I 347 -37.67 -15.48 -15.38
CA PHE I 347 -37.15 -14.17 -15.00
C PHE I 347 -38.23 -13.12 -15.16
N LYS I 348 -38.29 -12.19 -14.21
CA LYS I 348 -39.22 -11.07 -14.24
C LYS I 348 -38.42 -9.78 -14.07
N CYS I 349 -38.82 -8.74 -14.80
CA CYS I 349 -38.21 -7.43 -14.59
C CYS I 349 -38.82 -6.76 -13.38
N ASN I 350 -37.97 -6.14 -12.57
CA ASN I 350 -38.45 -5.52 -11.33
C ASN I 350 -39.23 -4.25 -11.60
N VAL I 351 -38.95 -3.58 -12.72
CA VAL I 351 -39.51 -2.25 -12.94
C VAL I 351 -40.72 -2.31 -13.87
N CYS I 352 -40.69 -3.19 -14.87
CA CYS I 352 -41.74 -3.21 -15.88
C CYS I 352 -42.53 -4.52 -15.91
N ASP I 353 -42.20 -5.47 -15.01
CA ASP I 353 -42.92 -6.73 -14.85
C ASP I 353 -42.96 -7.54 -16.15
N HIS I 354 -41.87 -7.47 -16.91
CA HIS I 354 -41.74 -8.23 -18.15
C HIS I 354 -41.06 -9.56 -17.85
N THR I 355 -41.65 -10.65 -18.32
CA THR I 355 -41.23 -11.99 -17.96
C THR I 355 -40.65 -12.70 -19.17
N MET I 356 -39.62 -13.52 -18.93
CA MET I 356 -39.11 -14.43 -19.93
C MET I 356 -38.82 -15.79 -19.29
N ALA I 357 -38.77 -16.82 -20.13
CA ALA I 357 -38.44 -18.16 -19.71
C ALA I 357 -37.25 -18.65 -20.54
N VAL I 358 -36.19 -19.08 -19.87
CA VAL I 358 -34.98 -19.55 -20.53
C VAL I 358 -34.78 -21.02 -20.23
N GLU I 359 -34.49 -21.80 -21.26
CA GLU I 359 -34.39 -23.24 -21.11
C GLU I 359 -32.93 -23.62 -20.85
N ILE I 360 -32.72 -24.57 -19.93
CA ILE I 360 -31.38 -24.88 -19.46
C ILE I 360 -30.58 -25.55 -20.56
N ASP I 361 -29.27 -25.26 -20.60
CA ASP I 361 -28.38 -25.81 -21.60
C ASP I 361 -27.18 -26.41 -20.89
N ARG I 362 -27.16 -27.75 -20.80
CA ARG I 362 -26.04 -28.52 -20.23
C ARG I 362 -25.72 -28.08 -18.81
N GLY I 363 -26.75 -27.89 -17.99
CA GLY I 363 -26.60 -27.54 -16.60
C GLY I 363 -26.33 -26.07 -16.33
N VAL I 364 -26.42 -25.20 -17.33
CA VAL I 364 -26.12 -23.78 -17.18
C VAL I 364 -27.30 -22.97 -17.68
N ILE I 365 -27.74 -22.00 -16.88
CA ILE I 365 -28.77 -21.05 -17.26
C ILE I 365 -28.15 -19.66 -17.34
N GLN I 366 -28.31 -19.00 -18.49
CA GLN I 366 -27.74 -17.68 -18.72
C GLN I 366 -28.72 -16.62 -18.24
N GLU I 367 -28.36 -15.90 -17.19
CA GLU I 367 -29.16 -14.77 -16.75
C GLU I 367 -29.06 -13.63 -17.74
N PRO I 368 -30.19 -13.08 -18.18
CA PRO I 368 -30.15 -11.87 -19.02
C PRO I 368 -29.64 -10.68 -18.22
N ALA I 369 -28.60 -10.02 -18.74
CA ALA I 369 -28.02 -8.88 -18.05
C ALA I 369 -28.93 -7.67 -18.11
N ARG I 370 -29.76 -7.59 -19.15
CA ARG I 370 -30.64 -6.44 -19.36
C ARG I 370 -31.99 -6.93 -19.88
N CYS I 371 -33.00 -6.09 -19.68
CA CYS I 371 -34.34 -6.40 -20.14
C CYS I 371 -34.40 -6.39 -21.66
N GLU I 372 -35.01 -7.42 -22.24
CA GLU I 372 -34.96 -7.57 -23.70
C GLU I 372 -35.98 -6.67 -24.39
N ARG I 373 -36.91 -6.09 -23.64
CA ARG I 373 -37.94 -5.24 -24.23
C ARG I 373 -37.32 -3.97 -24.78
N ILE I 374 -37.90 -3.45 -25.87
CA ILE I 374 -37.35 -2.25 -26.50
C ILE I 374 -37.58 -1.02 -25.61
N ASP I 375 -38.65 -1.04 -24.81
CA ASP I 375 -38.94 0.12 -23.95
C ASP I 375 -38.03 0.15 -22.73
N CYS I 376 -37.80 -0.99 -22.09
CA CYS I 376 -37.05 -1.08 -20.84
C CYS I 376 -35.70 -1.73 -21.10
N ASN I 377 -34.63 -1.06 -20.69
CA ASN I 377 -33.28 -1.54 -20.91
C ASN I 377 -32.43 -1.40 -19.65
N GLU I 378 -33.04 -1.59 -18.50
CA GLU I 378 -32.32 -1.41 -17.24
C GLU I 378 -31.38 -2.58 -16.99
N PRO I 379 -30.09 -2.33 -16.75
CA PRO I 379 -29.17 -3.42 -16.45
C PRO I 379 -29.40 -3.98 -15.06
N ASN I 380 -29.16 -5.28 -14.92
CA ASN I 380 -29.32 -6.02 -13.65
C ASN I 380 -30.73 -5.88 -13.09
N SER I 381 -31.73 -5.91 -13.98
CA SER I 381 -33.11 -5.75 -13.59
C SER I 381 -33.93 -7.03 -13.66
N MET I 382 -33.37 -8.10 -14.23
CA MET I 382 -34.06 -9.38 -14.34
C MET I 382 -33.77 -10.21 -13.10
N SER I 383 -34.82 -10.53 -12.34
CA SER I 383 -34.71 -11.35 -11.15
C SER I 383 -35.39 -12.69 -11.42
N LEU I 384 -34.76 -13.77 -10.99
CA LEU I 384 -35.34 -15.10 -11.18
C LEU I 384 -36.40 -15.34 -10.12
N ILE I 385 -37.56 -15.83 -10.55
CA ILE I 385 -38.64 -16.21 -9.65
C ILE I 385 -38.62 -17.72 -9.52
N HIS I 386 -38.35 -18.19 -8.30
CA HIS I 386 -38.07 -19.61 -8.09
C HIS I 386 -39.32 -20.47 -8.19
N ASN I 387 -40.49 -19.91 -7.87
CA ASN I 387 -41.71 -20.73 -7.84
C ASN I 387 -42.46 -20.69 -9.17
N ARG I 388 -42.18 -19.67 -10.00
CA ARG I 388 -42.80 -19.62 -11.31
C ARG I 388 -42.13 -20.59 -12.28
N CYS I 389 -40.83 -20.82 -12.10
CA CYS I 389 -40.07 -21.63 -13.04
C CYS I 389 -40.35 -23.11 -12.83
N SER I 390 -40.09 -23.89 -13.88
CA SER I 390 -40.45 -25.30 -13.89
C SER I 390 -39.29 -26.17 -13.45
N PHE I 391 -39.62 -27.34 -12.90
CA PHE I 391 -38.65 -28.27 -12.35
C PHE I 391 -38.97 -29.68 -12.82
N ALA I 392 -37.98 -30.56 -12.70
CA ALA I 392 -38.11 -31.98 -13.00
C ALA I 392 -37.73 -32.78 -11.76
N ASP I 393 -38.25 -34.00 -11.67
CA ASP I 393 -37.97 -34.84 -10.51
C ASP I 393 -36.61 -35.51 -10.65
N LYS I 394 -35.81 -35.45 -9.58
CA LYS I 394 -34.53 -36.14 -9.52
C LYS I 394 -34.41 -36.83 -8.17
N GLN I 395 -34.00 -38.10 -8.18
CA GLN I 395 -33.87 -38.84 -6.93
C GLN I 395 -32.55 -39.60 -6.93
N VAL I 396 -31.92 -39.64 -5.75
CA VAL I 396 -30.66 -40.35 -5.55
C VAL I 396 -30.94 -41.55 -4.66
N ILE I 397 -30.53 -42.73 -5.11
CA ILE I 397 -30.78 -43.99 -4.42
C ILE I 397 -29.44 -44.66 -4.15
N LYS I 398 -29.25 -45.11 -2.91
CA LYS I 398 -28.05 -45.85 -2.54
C LYS I 398 -28.30 -47.33 -2.78
N LEU I 399 -27.50 -47.94 -3.65
CA LEU I 399 -27.66 -49.32 -4.04
C LEU I 399 -26.47 -50.13 -3.57
N GLN I 400 -26.73 -51.25 -2.92
CA GLN I 400 -25.69 -52.13 -2.41
C GLN I 400 -25.46 -53.22 -3.45
N GLU I 401 -24.33 -53.15 -4.15
CA GLU I 401 -24.09 -54.02 -5.28
C GLU I 401 -23.89 -55.47 -4.83
N THR I 402 -24.45 -56.39 -5.61
CA THR I 402 -24.28 -57.83 -5.41
C THR I 402 -23.80 -58.43 -6.72
N PRO I 403 -22.52 -58.26 -7.05
CA PRO I 403 -22.01 -58.76 -8.34
C PRO I 403 -21.87 -60.27 -8.35
N ASP I 404 -21.85 -60.83 -9.56
CA ASP I 404 -21.70 -62.27 -9.72
C ASP I 404 -20.31 -62.72 -9.31
N PHE I 405 -19.28 -61.96 -9.68
CA PHE I 405 -17.90 -62.31 -9.39
C PHE I 405 -17.32 -61.30 -8.42
N VAL I 406 -16.68 -61.80 -7.36
CA VAL I 406 -16.05 -60.98 -6.35
C VAL I 406 -14.58 -61.36 -6.26
N PRO I 407 -13.64 -60.44 -6.45
CA PRO I 407 -12.22 -60.77 -6.32
C PRO I 407 -11.81 -61.02 -4.87
N ASP I 408 -10.51 -61.26 -4.70
CA ASP I 408 -9.96 -61.62 -3.40
C ASP I 408 -10.07 -60.46 -2.41
N GLY I 409 -10.69 -60.73 -1.27
CA GLY I 409 -10.73 -59.78 -0.17
C GLY I 409 -11.48 -58.50 -0.46
N GLN I 410 -12.56 -58.58 -1.23
CA GLN I 410 -13.38 -57.41 -1.53
C GLN I 410 -14.56 -57.37 -0.58
N THR I 411 -14.82 -56.20 -0.03
CA THR I 411 -15.97 -55.95 0.81
C THR I 411 -17.09 -55.31 0.01
N PRO I 412 -18.35 -55.57 0.34
CA PRO I 412 -19.45 -54.96 -0.41
C PRO I 412 -19.47 -53.45 -0.24
N HIS I 413 -19.81 -52.75 -1.32
CA HIS I 413 -19.80 -51.30 -1.35
C HIS I 413 -21.11 -50.79 -1.91
N SER I 414 -21.47 -49.58 -1.52
CA SER I 414 -22.71 -48.95 -1.96
C SER I 414 -22.38 -47.86 -2.98
N ILE I 415 -23.17 -47.83 -4.04
CA ILE I 415 -23.01 -46.85 -5.12
C ILE I 415 -24.25 -45.97 -5.17
N SER I 416 -24.08 -44.73 -5.60
CA SER I 416 -25.19 -43.83 -5.79
C SER I 416 -25.71 -43.93 -7.22
N LEU I 417 -27.03 -44.04 -7.37
CA LEU I 417 -27.66 -44.06 -8.69
C LEU I 417 -28.73 -42.98 -8.75
N CYS I 418 -28.78 -42.27 -9.87
CA CYS I 418 -29.71 -41.17 -10.05
C CYS I 418 -30.83 -41.58 -11.00
N VAL I 419 -32.07 -41.41 -10.56
CA VAL I 419 -33.24 -41.64 -11.39
C VAL I 419 -33.92 -40.30 -11.62
N TYR I 420 -34.58 -40.18 -12.78
CA TYR I 420 -35.16 -38.92 -13.20
C TYR I 420 -36.58 -39.16 -13.69
N ASP I 421 -37.41 -38.13 -13.52
CA ASP I 421 -38.74 -38.02 -14.12
C ASP I 421 -39.63 -39.15 -13.61
N GLU I 422 -40.08 -40.07 -14.45
CA GLU I 422 -41.09 -41.04 -14.03
C GLU I 422 -40.47 -42.15 -13.17
N LEU I 423 -39.16 -42.37 -13.29
CA LEU I 423 -38.52 -43.44 -12.53
C LEU I 423 -38.29 -43.08 -11.07
N VAL I 424 -38.58 -41.84 -10.67
CA VAL I 424 -38.44 -41.42 -9.28
C VAL I 424 -39.45 -42.17 -8.43
N ASP I 425 -38.98 -42.66 -7.27
CA ASP I 425 -39.74 -43.40 -6.27
C ASP I 425 -40.26 -44.74 -6.78
N SER I 426 -39.69 -45.27 -7.85
CA SER I 426 -40.10 -46.59 -8.33
C SER I 426 -39.49 -47.70 -7.47
N CYS I 427 -38.34 -47.43 -6.85
CA CYS I 427 -37.58 -48.43 -6.11
C CYS I 427 -37.71 -48.16 -4.61
N ARG I 428 -38.14 -49.17 -3.86
CA ARG I 428 -38.22 -49.04 -2.41
C ARG I 428 -36.99 -49.67 -1.76
N ALA I 429 -36.77 -49.29 -0.50
CA ALA I 429 -35.65 -49.84 0.25
C ALA I 429 -35.86 -51.31 0.55
N GLY I 430 -34.83 -52.10 0.30
CA GLY I 430 -34.87 -53.52 0.62
C GLY I 430 -35.21 -54.45 -0.52
N ASP I 431 -35.45 -53.93 -1.72
CA ASP I 431 -35.75 -54.77 -2.88
C ASP I 431 -34.51 -54.96 -3.76
N ARG I 432 -34.47 -56.11 -4.43
CA ARG I 432 -33.33 -56.46 -5.28
C ARG I 432 -33.67 -56.14 -6.72
N ILE I 433 -32.84 -55.31 -7.36
CA ILE I 433 -33.15 -54.81 -8.69
C ILE I 433 -31.98 -54.99 -9.65
N GLU I 434 -32.34 -55.04 -10.94
CA GLU I 434 -31.42 -54.96 -12.07
C GLU I 434 -31.48 -53.54 -12.62
N VAL I 435 -30.40 -52.79 -12.49
CA VAL I 435 -30.31 -51.43 -12.97
C VAL I 435 -29.43 -51.43 -14.22
N THR I 436 -29.95 -50.87 -15.30
CA THR I 436 -29.09 -50.55 -16.45
C THR I 436 -29.11 -49.04 -16.66
N GLY I 437 -27.92 -48.49 -16.86
CA GLY I 437 -27.78 -47.04 -16.96
C GLY I 437 -26.39 -46.67 -17.41
N THR I 438 -26.20 -45.37 -17.63
CA THR I 438 -24.92 -44.89 -18.13
C THR I 438 -23.99 -44.54 -16.97
N PHE I 439 -22.71 -44.90 -17.15
CA PHE I 439 -21.69 -44.72 -16.12
C PHE I 439 -21.13 -43.31 -16.21
N ARG I 440 -21.45 -42.48 -15.22
CA ARG I 440 -21.15 -41.05 -15.26
C ARG I 440 -20.13 -40.68 -14.20
N SER I 441 -19.39 -39.60 -14.47
CA SER I 441 -18.46 -39.03 -13.52
C SER I 441 -18.59 -37.51 -13.52
N ILE I 442 -18.55 -36.92 -12.34
CA ILE I 442 -18.57 -35.46 -12.20
C ILE I 442 -17.50 -35.02 -11.24
N PRO I 443 -16.97 -33.82 -11.44
CA PRO I 443 -16.12 -33.20 -10.41
C PRO I 443 -16.96 -32.60 -9.29
N ILE I 444 -16.42 -32.69 -8.09
CA ILE I 444 -17.10 -32.20 -6.88
C ILE I 444 -16.39 -30.95 -6.42
N ARG I 445 -17.16 -29.92 -6.09
CA ARG I 445 -16.61 -28.70 -5.50
C ARG I 445 -15.97 -29.01 -4.16
N ALA I 446 -14.74 -28.51 -3.96
CA ALA I 446 -14.04 -28.74 -2.70
C ALA I 446 -14.68 -27.95 -1.56
N ASN I 447 -15.17 -26.76 -1.85
CA ASN I 447 -15.80 -25.91 -0.84
C ASN I 447 -17.10 -25.36 -1.41
N SER I 448 -18.02 -25.00 -0.50
CA SER I 448 -19.30 -24.45 -0.92
C SER I 448 -19.14 -23.04 -1.48
N ARG I 449 -18.32 -22.20 -0.83
CA ARG I 449 -18.17 -20.82 -1.29
C ARG I 449 -17.25 -20.73 -2.51
N GLN I 450 -16.34 -21.69 -2.66
CA GLN I 450 -15.40 -21.64 -3.76
C GLN I 450 -15.90 -22.45 -4.96
N ARG I 451 -15.50 -22.02 -6.15
CA ARG I 451 -15.79 -22.74 -7.39
C ARG I 451 -14.70 -23.71 -7.77
N VAL I 452 -13.70 -23.89 -6.90
CA VAL I 452 -12.62 -24.84 -7.15
C VAL I 452 -13.15 -26.26 -7.04
N LEU I 453 -12.88 -27.07 -8.06
CA LEU I 453 -13.33 -28.45 -8.11
C LEU I 453 -12.20 -29.40 -7.75
N LYS I 454 -12.58 -30.59 -7.30
CA LYS I 454 -11.60 -31.63 -6.99
C LYS I 454 -11.22 -32.39 -8.26
N SER I 455 -9.92 -32.72 -8.39
CA SER I 455 -9.43 -33.38 -9.59
C SER I 455 -9.91 -34.82 -9.65
N LEU I 456 -10.03 -35.49 -8.51
CA LEU I 456 -10.53 -36.85 -8.48
C LEU I 456 -12.05 -36.84 -8.61
N TYR I 457 -12.56 -37.53 -9.62
CA TYR I 457 -13.98 -37.44 -9.95
C TYR I 457 -14.79 -38.43 -9.13
N LYS I 458 -16.07 -38.11 -8.95
CA LYS I 458 -17.02 -38.98 -8.28
C LYS I 458 -17.85 -39.71 -9.33
N THR I 459 -17.94 -41.02 -9.20
CA THR I 459 -18.64 -41.87 -10.17
C THR I 459 -20.03 -42.22 -9.67
N TYR I 460 -20.96 -42.32 -10.61
CA TYR I 460 -22.34 -42.68 -10.31
C TYR I 460 -23.00 -43.21 -11.59
N VAL I 461 -24.22 -43.70 -11.45
CA VAL I 461 -24.97 -44.28 -12.56
C VAL I 461 -26.24 -43.47 -12.77
N ASP I 462 -26.44 -42.98 -13.99
CA ASP I 462 -27.69 -42.35 -14.38
C ASP I 462 -28.59 -43.45 -14.94
N VAL I 463 -29.67 -43.75 -14.20
CA VAL I 463 -30.45 -44.95 -14.46
C VAL I 463 -31.33 -44.75 -15.68
N VAL I 464 -31.31 -45.71 -16.58
CA VAL I 464 -32.18 -45.74 -17.74
C VAL I 464 -33.34 -46.71 -17.54
N HIS I 465 -33.07 -47.92 -17.08
CA HIS I 465 -34.11 -48.92 -16.89
C HIS I 465 -33.90 -49.68 -15.59
N VAL I 466 -35.00 -50.01 -14.92
CA VAL I 466 -35.02 -50.79 -13.70
C VAL I 466 -35.87 -52.03 -13.93
N LYS I 467 -35.32 -53.20 -13.58
CA LYS I 467 -36.03 -54.47 -13.61
C LYS I 467 -36.19 -54.95 -12.18
N LYS I 468 -37.44 -55.16 -11.76
CA LYS I 468 -37.75 -55.66 -10.43
C LYS I 468 -38.27 -57.08 -10.44
N VAL I 469 -38.22 -57.76 -11.58
CA VAL I 469 -38.78 -59.10 -11.74
C VAL I 469 -37.66 -60.05 -12.13
N SER I 470 -37.53 -61.14 -11.37
CA SER I 470 -36.62 -62.22 -11.71
C SER I 470 -37.41 -63.51 -11.83
N ASP I 471 -37.08 -64.31 -12.85
CA ASP I 471 -37.77 -65.59 -13.03
C ASP I 471 -37.33 -66.62 -12.00
N LYS I 472 -36.17 -66.41 -11.38
CA LYS I 472 -35.66 -67.38 -10.42
C LYS I 472 -36.35 -67.27 -9.06
N ARG I 473 -36.83 -66.07 -8.72
CA ARG I 473 -37.40 -65.82 -7.41
C ARG I 473 -38.84 -65.34 -7.52
N LEU I 474 -39.51 -65.31 -6.38
CA LEU I 474 -40.89 -64.84 -6.31
C LEU I 474 -40.95 -63.33 -6.53
N ASP I 475 -42.15 -62.85 -6.82
CA ASP I 475 -42.40 -61.43 -6.95
C ASP I 475 -42.91 -60.88 -5.62
N VAL I 476 -42.95 -59.55 -5.53
CA VAL I 476 -43.34 -58.91 -4.29
C VAL I 476 -44.82 -59.13 -4.01
N ASP I 477 -45.17 -59.19 -2.73
CA ASP I 477 -46.56 -59.33 -2.32
C ASP I 477 -47.29 -58.01 -2.54
N THR I 478 -48.34 -58.05 -3.37
CA THR I 478 -48.95 -56.81 -3.85
C THR I 478 -49.82 -56.15 -2.79
N SER I 479 -50.19 -56.90 -1.74
CA SER I 479 -50.96 -56.30 -0.65
C SER I 479 -50.13 -55.29 0.13
N THR I 480 -48.80 -55.40 0.05
CA THR I 480 -47.94 -54.44 0.71
C THR I 480 -47.69 -53.20 -0.15
N ILE I 481 -48.02 -53.26 -1.44
CA ILE I 481 -47.70 -52.15 -2.34
C ILE I 481 -48.92 -51.67 -3.13
N GLU I 482 -50.13 -51.80 -2.55
CA GLU I 482 -51.34 -51.37 -3.24
C GLU I 482 -51.32 -49.89 -3.55
N GLN I 483 -51.01 -49.07 -2.54
CA GLN I 483 -50.89 -47.62 -2.76
C GLN I 483 -49.70 -47.32 -3.67
N GLU I 484 -48.65 -48.13 -3.59
CA GLU I 484 -47.51 -47.95 -4.48
C GLU I 484 -47.86 -48.28 -5.92
N LEU I 485 -48.71 -49.30 -6.13
CA LEU I 485 -49.19 -49.60 -7.47
C LEU I 485 -50.08 -48.48 -8.00
N MET I 486 -50.92 -47.90 -7.13
CA MET I 486 -51.74 -46.76 -7.55
C MET I 486 -50.89 -45.56 -7.93
N GLN I 487 -49.85 -45.27 -7.15
CA GLN I 487 -48.98 -44.15 -7.48
C GLN I 487 -48.12 -44.45 -8.70
N ASN I 488 -47.81 -45.72 -8.95
CA ASN I 488 -47.15 -46.10 -10.19
C ASN I 488 -48.04 -45.83 -11.39
N LYS I 489 -49.34 -46.14 -11.27
CA LYS I 489 -50.27 -45.82 -12.36
C LYS I 489 -50.41 -44.32 -12.55
N VAL I 490 -50.43 -43.56 -11.46
CA VAL I 490 -50.51 -42.10 -11.56
C VAL I 490 -49.26 -41.52 -12.23
N ASP I 491 -48.08 -42.01 -11.83
CA ASP I 491 -46.83 -41.44 -12.34
C ASP I 491 -46.54 -41.88 -13.77
N HIS I 492 -47.22 -42.93 -14.25
CA HIS I 492 -47.01 -43.51 -15.58
C HIS I 492 -45.56 -43.94 -15.80
N ASN I 493 -44.94 -44.53 -14.78
CA ASN I 493 -43.55 -44.96 -14.91
C ASN I 493 -43.41 -46.19 -15.78
N GLU I 494 -44.47 -47.02 -15.84
CA GLU I 494 -44.51 -48.26 -16.63
C GLU I 494 -43.39 -49.22 -16.24
N VAL I 495 -43.13 -49.33 -14.94
CA VAL I 495 -42.24 -50.34 -14.38
C VAL I 495 -43.11 -51.43 -13.76
N GLU I 496 -42.74 -52.68 -14.01
CA GLU I 496 -43.55 -53.82 -13.57
C GLU I 496 -42.99 -54.40 -12.28
N GLU I 497 -43.82 -54.47 -11.25
CA GLU I 497 -43.43 -55.12 -10.02
C GLU I 497 -43.69 -56.62 -10.08
N VAL I 498 -44.61 -57.03 -10.93
CA VAL I 498 -45.05 -58.42 -11.02
C VAL I 498 -44.78 -58.93 -12.43
N ARG I 499 -44.51 -60.23 -12.55
CA ARG I 499 -44.33 -60.84 -13.86
C ARG I 499 -45.69 -61.05 -14.53
N GLN I 500 -45.69 -60.97 -15.85
CA GLN I 500 -46.93 -61.15 -16.59
C GLN I 500 -47.22 -62.63 -16.81
N ILE I 501 -48.48 -62.99 -16.64
CA ILE I 501 -48.94 -64.37 -16.75
C ILE I 501 -49.70 -64.51 -18.07
N THR I 502 -49.16 -65.31 -18.97
CA THR I 502 -49.83 -65.54 -20.25
C THR I 502 -50.89 -66.63 -20.10
N ASP I 503 -51.67 -66.82 -21.16
CA ASP I 503 -52.81 -67.73 -21.08
C ASP I 503 -52.36 -69.19 -21.05
N GLN I 504 -51.34 -69.54 -21.83
CA GLN I 504 -50.88 -70.92 -21.89
C GLN I 504 -50.25 -71.36 -20.57
N ASP I 505 -49.43 -70.50 -19.97
CA ASP I 505 -48.82 -70.85 -18.69
C ASP I 505 -49.84 -70.81 -17.55
N LEU I 506 -50.87 -69.96 -17.67
CA LEU I 506 -51.96 -70.02 -16.70
C LEU I 506 -52.75 -71.32 -16.82
N ALA I 507 -52.95 -71.80 -18.05
CA ALA I 507 -53.59 -73.09 -18.26
C ALA I 507 -52.73 -74.20 -17.68
N LYS I 508 -51.40 -74.11 -17.83
CA LYS I 508 -50.51 -75.07 -17.21
C LYS I 508 -50.59 -75.02 -15.69
N ILE I 509 -50.73 -73.82 -15.12
CA ILE I 509 -50.89 -73.67 -13.67
C ILE I 509 -52.16 -74.35 -13.21
N ARG I 510 -53.27 -74.12 -13.91
CA ARG I 510 -54.53 -74.78 -13.59
C ARG I 510 -54.48 -76.29 -13.77
N GLU I 511 -53.68 -76.78 -14.73
CA GLU I 511 -53.57 -78.22 -14.93
C GLU I 511 -52.73 -78.86 -13.82
N VAL I 512 -51.64 -78.19 -13.42
CA VAL I 512 -50.78 -78.70 -12.36
C VAL I 512 -51.51 -78.69 -11.02
N ALA I 513 -52.37 -77.68 -10.81
CA ALA I 513 -53.13 -77.61 -9.57
C ALA I 513 -54.15 -78.74 -9.46
N ALA I 514 -54.46 -79.38 -10.59
CA ALA I 514 -55.41 -80.50 -10.58
C ALA I 514 -54.75 -81.83 -10.25
N ARG I 515 -53.43 -81.85 -10.08
CA ARG I 515 -52.74 -83.10 -9.77
C ARG I 515 -53.07 -83.58 -8.36
N GLU I 516 -53.19 -84.91 -8.22
CA GLU I 516 -53.51 -85.47 -6.91
C GLU I 516 -52.30 -85.46 -5.98
N ASP I 517 -51.09 -85.46 -6.55
CA ASP I 517 -49.86 -85.40 -5.78
C ASP I 517 -49.28 -83.99 -5.70
N LEU I 518 -50.15 -82.97 -5.69
CA LEU I 518 -49.69 -81.59 -5.82
C LEU I 518 -48.86 -81.15 -4.62
N TYR I 519 -49.26 -81.56 -3.41
CA TYR I 519 -48.53 -81.20 -2.20
C TYR I 519 -47.13 -81.81 -2.20
N SER I 520 -47.03 -83.11 -2.49
CA SER I 520 -45.75 -83.78 -2.53
C SER I 520 -44.89 -83.27 -3.68
N LEU I 521 -45.50 -82.97 -4.82
CA LEU I 521 -44.74 -82.45 -5.96
C LEU I 521 -44.19 -81.07 -5.67
N LEU I 522 -44.98 -80.20 -5.02
CA LEU I 522 -44.50 -78.86 -4.74
C LEU I 522 -43.45 -78.86 -3.64
N ALA I 523 -43.63 -79.69 -2.61
CA ALA I 523 -42.64 -79.75 -1.54
C ALA I 523 -41.35 -80.42 -2.01
N ARG I 524 -41.45 -81.42 -2.88
CA ARG I 524 -40.28 -82.12 -3.38
C ARG I 524 -39.45 -81.22 -4.30
N SER I 525 -40.09 -80.29 -5.00
CA SER I 525 -39.41 -79.40 -5.92
C SER I 525 -38.85 -78.16 -5.24
N ILE I 526 -38.97 -78.06 -3.92
CA ILE I 526 -38.40 -76.92 -3.20
C ILE I 526 -36.89 -76.96 -3.27
N ALA I 527 -36.28 -77.97 -2.67
CA ALA I 527 -34.83 -78.07 -2.63
C ALA I 527 -34.43 -79.45 -3.15
N PRO I 528 -34.25 -79.59 -4.46
CA PRO I 528 -33.82 -80.89 -5.01
C PRO I 528 -32.46 -81.35 -4.49
N SER I 529 -31.56 -80.42 -4.20
CA SER I 529 -30.25 -80.80 -3.67
C SER I 529 -30.35 -81.34 -2.26
N ILE I 530 -31.39 -80.95 -1.52
CA ILE I 530 -31.58 -81.44 -0.17
C ILE I 530 -32.46 -82.68 -0.20
N TYR I 531 -32.00 -83.75 0.43
CA TYR I 531 -32.65 -85.04 0.28
C TYR I 531 -33.59 -85.31 1.45
N GLU I 532 -34.81 -85.75 1.13
CA GLU I 532 -35.93 -85.96 2.07
C GLU I 532 -36.20 -84.64 2.79
N LEU I 533 -36.33 -84.64 4.13
CA LEU I 533 -36.85 -83.50 4.89
C LEU I 533 -38.20 -83.07 4.33
N GLU I 534 -39.10 -84.05 4.18
CA GLU I 534 -40.37 -83.83 3.49
C GLU I 534 -41.28 -82.88 4.27
N ASP I 535 -41.43 -83.11 5.58
CA ASP I 535 -42.29 -82.25 6.38
C ASP I 535 -41.71 -80.85 6.52
N VAL I 536 -40.38 -80.75 6.62
CA VAL I 536 -39.73 -79.45 6.66
C VAL I 536 -39.97 -78.69 5.36
N LYS I 537 -39.85 -79.38 4.22
CA LYS I 537 -40.10 -78.74 2.94
C LYS I 537 -41.55 -78.35 2.78
N LYS I 538 -42.46 -79.16 3.32
CA LYS I 538 -43.88 -78.82 3.29
C LYS I 538 -44.16 -77.56 4.12
N GLY I 539 -43.54 -77.45 5.29
CA GLY I 539 -43.69 -76.24 6.09
C GLY I 539 -43.09 -75.01 5.42
N ILE I 540 -41.93 -75.19 4.78
CA ILE I 540 -41.29 -74.10 4.04
C ILE I 540 -42.16 -73.63 2.88
N LEU I 541 -42.77 -74.59 2.17
CA LEU I 541 -43.67 -74.26 1.08
C LEU I 541 -44.90 -73.52 1.57
N LEU I 542 -45.46 -73.94 2.71
CA LEU I 542 -46.62 -73.24 3.27
C LEU I 542 -46.24 -71.84 3.74
N GLN I 543 -45.02 -71.68 4.27
CA GLN I 543 -44.54 -70.35 4.62
C GLN I 543 -44.41 -69.46 3.38
N LEU I 544 -43.94 -70.03 2.27
CA LEU I 544 -43.86 -69.28 1.02
C LEU I 544 -45.25 -68.89 0.52
N PHE I 545 -46.21 -69.79 0.64
CA PHE I 545 -47.59 -69.45 0.25
C PHE I 545 -48.20 -68.44 1.22
N GLY I 546 -48.09 -68.69 2.52
CA GLY I 546 -48.66 -67.81 3.51
C GLY I 546 -50.17 -67.94 3.63
N GLY I 547 -50.68 -67.45 4.75
CA GLY I 547 -52.11 -67.40 4.97
C GLY I 547 -52.69 -66.14 4.36
N THR I 548 -54.01 -66.08 4.33
CA THR I 548 -54.68 -64.92 3.75
C THR I 548 -54.55 -63.71 4.67
N ASN I 549 -54.42 -62.54 4.06
CA ASN I 549 -54.28 -61.29 4.79
C ASN I 549 -55.65 -60.64 4.92
N LYS I 550 -56.07 -60.38 6.16
CA LYS I 550 -57.36 -59.78 6.44
C LYS I 550 -57.16 -58.41 7.06
N THR I 551 -57.72 -57.39 6.43
CA THR I 551 -57.66 -56.02 6.92
C THR I 551 -59.07 -55.58 7.30
N PHE I 552 -59.25 -55.24 8.57
CA PHE I 552 -60.55 -54.83 9.08
C PHE I 552 -60.90 -53.45 8.53
N THR I 553 -62.20 -53.25 8.25
CA THR I 553 -62.68 -51.94 7.86
C THR I 553 -62.60 -50.96 9.03
N LYS I 554 -62.74 -51.47 10.26
CA LYS I 554 -62.57 -50.64 11.44
C LYS I 554 -61.14 -50.14 11.58
N GLY I 555 -60.16 -50.98 11.25
CA GLY I 555 -58.77 -50.57 11.35
C GLY I 555 -57.80 -51.66 11.76
N GLY I 556 -58.34 -52.80 12.20
CA GLY I 556 -57.50 -53.92 12.54
C GLY I 556 -56.87 -54.57 11.32
N ARG I 557 -55.80 -55.33 11.56
CA ARG I 557 -55.09 -56.01 10.49
C ARG I 557 -54.63 -57.38 10.95
N TYR I 558 -54.93 -58.39 10.16
CA TYR I 558 -54.43 -59.75 10.35
C TYR I 558 -53.57 -60.13 9.17
N ARG I 559 -52.36 -60.63 9.43
CA ARG I 559 -51.42 -61.02 8.39
C ARG I 559 -51.23 -62.53 8.44
N GLY I 560 -51.22 -63.15 7.27
CA GLY I 560 -51.00 -64.59 7.19
C GLY I 560 -49.54 -64.96 7.07
N ASP I 561 -48.70 -64.38 7.90
CA ASP I 561 -47.26 -64.63 7.89
C ASP I 561 -46.95 -65.79 8.81
N ILE I 562 -46.21 -66.78 8.31
CA ILE I 562 -45.92 -68.02 9.02
C ILE I 562 -44.47 -67.99 9.46
N ASN I 563 -44.24 -68.16 10.75
CA ASN I 563 -42.90 -68.21 11.32
C ASN I 563 -42.52 -69.65 11.61
N ILE I 564 -41.32 -70.03 11.22
CA ILE I 564 -40.83 -71.41 11.37
C ILE I 564 -39.52 -71.38 12.13
N LEU I 565 -39.38 -72.27 13.11
CA LEU I 565 -38.12 -72.55 13.77
C LEU I 565 -37.68 -73.95 13.37
N LEU I 566 -36.40 -74.10 13.06
CA LEU I 566 -35.79 -75.39 12.73
C LEU I 566 -34.70 -75.64 13.78
N CYS I 567 -35.07 -76.34 14.85
CA CYS I 567 -34.12 -76.74 15.88
C CYS I 567 -33.62 -78.14 15.53
N GLY I 568 -32.32 -78.30 15.44
CA GLY I 568 -31.85 -79.59 14.98
C GLY I 568 -30.41 -79.89 15.33
N ASP I 569 -30.04 -81.14 15.07
CA ASP I 569 -28.66 -81.57 15.16
C ASP I 569 -27.85 -80.95 14.03
N PRO I 570 -26.52 -80.92 14.15
CA PRO I 570 -25.70 -80.51 13.02
C PRO I 570 -25.85 -81.46 11.85
N SER I 571 -25.58 -80.92 10.65
CA SER I 571 -25.67 -81.65 9.38
C SER I 571 -27.10 -82.10 9.09
N THR I 572 -28.01 -81.13 9.01
CA THR I 572 -29.41 -81.39 8.72
C THR I 572 -29.97 -80.51 7.60
N SER I 573 -29.09 -79.87 6.82
CA SER I 573 -29.40 -78.99 5.68
C SER I 573 -30.25 -77.78 6.03
N LYS I 574 -30.35 -77.39 7.30
CA LYS I 574 -31.21 -76.26 7.63
C LYS I 574 -30.58 -74.94 7.21
N SER I 575 -29.24 -74.84 7.27
CA SER I 575 -28.58 -73.66 6.70
C SER I 575 -28.79 -73.60 5.19
N GLN I 576 -28.75 -74.75 4.51
CA GLN I 576 -29.05 -74.78 3.09
C GLN I 576 -30.50 -74.40 2.82
N ILE I 577 -31.41 -74.76 3.73
CA ILE I 577 -32.82 -74.40 3.57
C ILE I 577 -33.01 -72.90 3.69
N LEU I 578 -32.40 -72.28 4.71
CA LEU I 578 -32.46 -70.82 4.83
C LEU I 578 -31.79 -70.13 3.65
N GLN I 579 -30.70 -70.71 3.11
CA GLN I 579 -30.07 -70.15 1.92
C GLN I 579 -31.01 -70.20 0.73
N TYR I 580 -31.69 -71.33 0.53
CA TYR I 580 -32.66 -71.44 -0.57
C TYR I 580 -33.80 -70.45 -0.42
N VAL I 581 -34.32 -70.31 0.79
CA VAL I 581 -35.44 -69.39 1.01
C VAL I 581 -34.99 -67.95 0.79
N HIS I 582 -33.78 -67.62 1.22
CA HIS I 582 -33.23 -66.29 0.98
C HIS I 582 -33.07 -66.02 -0.51
N LYS I 583 -32.69 -67.04 -1.28
CA LYS I 583 -32.59 -66.85 -2.73
C LYS I 583 -33.98 -66.76 -3.38
N ILE I 584 -34.98 -67.44 -2.82
CA ILE I 584 -36.26 -67.56 -3.50
C ILE I 584 -37.17 -66.36 -3.20
N THR I 585 -36.95 -65.68 -2.08
CA THR I 585 -37.86 -64.62 -1.69
C THR I 585 -37.52 -63.33 -2.45
N PRO I 586 -38.51 -62.47 -2.70
CA PRO I 586 -38.21 -61.23 -3.45
C PRO I 586 -37.37 -60.24 -2.68
N ARG I 587 -37.61 -60.03 -1.38
CA ARG I 587 -36.91 -58.98 -0.66
C ARG I 587 -36.56 -59.31 0.78
N GLY I 588 -36.23 -60.56 1.09
CA GLY I 588 -35.84 -60.90 2.44
C GLY I 588 -34.39 -60.56 2.76
N VAL I 589 -34.03 -60.73 4.04
CA VAL I 589 -32.69 -60.47 4.54
C VAL I 589 -32.22 -61.70 5.31
N TYR I 590 -30.97 -62.10 5.09
CA TYR I 590 -30.35 -63.22 5.79
C TYR I 590 -29.39 -62.67 6.85
N THR I 591 -29.60 -63.08 8.12
CA THR I 591 -28.78 -62.64 9.24
C THR I 591 -28.33 -63.84 10.06
N SER I 592 -27.37 -63.59 10.95
CA SER I 592 -26.78 -64.62 11.79
C SER I 592 -26.88 -64.23 13.26
N GLY I 593 -26.83 -65.22 14.14
CA GLY I 593 -26.77 -64.93 15.57
C GLY I 593 -25.42 -64.36 15.96
N LYS I 594 -25.46 -63.29 16.76
CA LYS I 594 -24.35 -62.44 17.21
C LYS I 594 -23.68 -61.68 16.07
N GLY I 595 -24.10 -61.85 14.82
CA GLY I 595 -23.77 -60.94 13.75
C GLY I 595 -24.76 -59.81 13.60
N SER I 596 -25.76 -59.73 14.48
CA SER I 596 -26.80 -58.72 14.39
C SER I 596 -27.07 -58.14 15.77
N SER I 597 -27.51 -56.88 15.79
CA SER I 597 -27.87 -56.20 17.03
C SER I 597 -29.33 -55.76 16.94
N ALA I 598 -29.84 -55.29 18.09
CA ALA I 598 -31.22 -54.80 18.13
C ALA I 598 -31.41 -53.56 17.26
N VAL I 599 -30.44 -52.65 17.27
CA VAL I 599 -30.52 -51.44 16.45
C VAL I 599 -30.40 -51.79 14.97
N GLY I 600 -29.52 -52.74 14.66
CA GLY I 600 -29.29 -53.10 13.26
C GLY I 600 -30.42 -53.88 12.65
N LEU I 601 -31.34 -54.39 13.48
CA LEU I 601 -32.48 -55.12 12.95
C LEU I 601 -33.65 -54.18 12.63
N THR I 602 -33.80 -53.10 13.39
CA THR I 602 -34.99 -52.26 13.22
C THR I 602 -34.76 -51.06 12.32
N ALA I 603 -33.91 -50.13 12.76
CA ALA I 603 -33.68 -48.87 12.07
C ALA I 603 -32.56 -48.13 12.79
N TYR I 604 -31.89 -47.24 12.06
CA TYR I 604 -30.82 -46.47 12.68
C TYR I 604 -30.62 -45.17 11.91
N ILE I 605 -29.69 -44.37 12.42
CA ILE I 605 -29.33 -43.08 11.84
C ILE I 605 -27.87 -43.16 11.42
N THR I 606 -27.60 -42.83 10.17
CA THR I 606 -26.23 -42.78 9.64
C THR I 606 -25.95 -41.37 9.14
N ARG I 607 -24.69 -41.12 8.81
CA ARG I 607 -24.32 -39.86 8.17
C ARG I 607 -24.10 -40.11 6.69
N ASP I 608 -24.84 -39.42 5.85
CA ASP I 608 -24.70 -39.56 4.41
C ASP I 608 -23.36 -38.99 3.96
N VAL I 609 -22.69 -39.69 3.05
CA VAL I 609 -21.39 -39.22 2.56
C VAL I 609 -21.55 -37.99 1.66
N ASP I 610 -22.60 -37.97 0.82
CA ASP I 610 -22.74 -36.90 -0.16
C ASP I 610 -23.19 -35.60 0.49
N THR I 611 -24.13 -35.67 1.44
CA THR I 611 -24.77 -34.49 1.98
C THR I 611 -24.28 -34.11 3.36
N LYS I 612 -23.53 -35.00 4.04
CA LYS I 612 -23.08 -34.81 5.42
C LYS I 612 -24.26 -34.55 6.36
N GLN I 613 -25.36 -35.24 6.10
CA GLN I 613 -26.60 -35.10 6.87
C GLN I 613 -26.88 -36.39 7.61
N LEU I 614 -27.66 -36.29 8.69
CA LEU I 614 -28.14 -37.47 9.37
C LEU I 614 -29.34 -38.03 8.63
N VAL I 615 -29.20 -39.26 8.14
CA VAL I 615 -30.20 -39.90 7.31
C VAL I 615 -30.68 -41.16 8.01
N LEU I 616 -31.95 -41.48 7.77
CA LEU I 616 -32.58 -42.64 8.40
C LEU I 616 -32.42 -43.85 7.50
N GLU I 617 -32.02 -44.98 8.07
CA GLU I 617 -31.84 -46.18 7.28
C GLU I 617 -32.46 -47.38 7.98
N SER I 618 -33.14 -48.20 7.18
CA SER I 618 -33.89 -49.33 7.72
C SER I 618 -32.95 -50.46 8.15
N GLY I 619 -33.34 -51.17 9.21
CA GLY I 619 -32.64 -52.36 9.63
C GLY I 619 -33.09 -53.59 8.87
N ALA I 620 -32.59 -54.74 9.32
CA ALA I 620 -32.79 -55.98 8.58
C ALA I 620 -34.25 -56.41 8.56
N LEU I 621 -34.98 -56.18 9.66
CA LEU I 621 -36.38 -56.61 9.72
C LEU I 621 -37.27 -55.76 8.82
N VAL I 622 -37.02 -54.44 8.80
CA VAL I 622 -37.80 -53.55 7.96
C VAL I 622 -37.46 -53.76 6.48
N LEU I 623 -36.19 -54.03 6.18
CA LEU I 623 -35.79 -54.31 4.81
C LEU I 623 -36.42 -55.60 4.30
N SER I 624 -36.64 -56.57 5.19
CA SER I 624 -37.19 -57.85 4.82
C SER I 624 -38.71 -57.88 4.84
N ASP I 625 -39.34 -56.73 5.05
CA ASP I 625 -40.81 -56.64 5.04
C ASP I 625 -41.36 -57.01 3.67
N GLY I 626 -42.42 -57.82 3.67
CA GLY I 626 -42.93 -58.38 2.43
C GLY I 626 -42.19 -59.60 1.95
N GLY I 627 -41.30 -60.16 2.77
CA GLY I 627 -40.52 -61.32 2.40
C GLY I 627 -40.28 -62.19 3.61
N VAL I 628 -39.20 -62.95 3.56
CA VAL I 628 -38.81 -63.83 4.66
C VAL I 628 -37.46 -63.39 5.20
N CYS I 629 -37.42 -63.13 6.50
CA CYS I 629 -36.17 -62.87 7.21
C CYS I 629 -35.65 -64.21 7.74
N CYS I 630 -34.51 -64.64 7.23
CA CYS I 630 -33.87 -65.87 7.66
C CYS I 630 -32.82 -65.53 8.70
N ILE I 631 -32.87 -66.22 9.83
CA ILE I 631 -31.94 -66.02 10.94
C ILE I 631 -31.26 -67.34 11.23
N ASP I 632 -29.99 -67.44 10.89
CA ASP I 632 -29.18 -68.59 11.23
C ASP I 632 -28.56 -68.40 12.61
N GLU I 633 -28.31 -69.52 13.29
CA GLU I 633 -27.79 -69.56 14.66
C GLU I 633 -28.67 -68.75 15.60
N PHE I 634 -29.96 -69.07 15.59
CA PHE I 634 -30.94 -68.33 16.37
C PHE I 634 -30.75 -68.54 17.87
N ASP I 635 -30.24 -69.71 18.26
CA ASP I 635 -30.04 -70.01 19.68
C ASP I 635 -28.91 -69.16 20.25
N LYS I 636 -27.98 -68.73 19.40
CA LYS I 636 -26.81 -68.01 19.87
C LYS I 636 -27.10 -66.52 20.03
N MET I 637 -28.25 -66.06 19.55
CA MET I 637 -28.59 -64.65 19.62
C MET I 637 -28.91 -64.24 21.06
N SER I 638 -28.53 -63.01 21.41
CA SER I 638 -28.69 -62.51 22.77
C SER I 638 -30.17 -62.26 23.10
N ASP I 639 -30.46 -62.17 24.40
CA ASP I 639 -31.83 -61.98 24.87
C ASP I 639 -32.39 -60.65 24.42
N SER I 640 -31.57 -59.61 24.48
CA SER I 640 -32.01 -58.28 24.06
C SER I 640 -32.30 -58.23 22.57
N THR I 641 -31.51 -58.95 21.77
CA THR I 641 -31.73 -58.95 20.33
C THR I 641 -32.94 -59.81 19.96
N ARG I 642 -33.10 -60.97 20.61
CA ARG I 642 -34.28 -61.80 20.37
C ARG I 642 -35.56 -61.13 20.86
N SER I 643 -35.46 -60.26 21.87
CA SER I 643 -36.66 -59.60 22.39
C SER I 643 -37.23 -58.59 21.39
N VAL I 644 -36.45 -58.25 20.37
CA VAL I 644 -36.96 -57.40 19.30
C VAL I 644 -38.03 -58.13 18.49
N LEU I 645 -37.86 -59.45 18.33
CA LEU I 645 -38.67 -60.20 17.37
C LEU I 645 -40.11 -60.41 17.84
N HIS I 646 -40.43 -60.05 19.09
CA HIS I 646 -41.77 -60.32 19.62
C HIS I 646 -42.84 -59.55 18.85
N GLU I 647 -42.64 -58.25 18.68
CA GLU I 647 -43.62 -57.43 17.98
C GLU I 647 -43.68 -57.77 16.50
N VAL I 648 -42.53 -58.14 15.91
CA VAL I 648 -42.50 -58.56 14.51
C VAL I 648 -43.29 -59.85 14.32
N MET I 649 -43.13 -60.79 15.25
CA MET I 649 -43.76 -62.09 15.08
C MET I 649 -45.26 -62.03 15.36
N GLU I 650 -45.70 -61.10 16.22
CA GLU I 650 -47.12 -61.12 16.56
C GLU I 650 -47.89 -60.05 15.81
N GLN I 651 -47.43 -58.79 15.81
CA GLN I 651 -48.13 -57.72 15.09
C GLN I 651 -47.62 -57.41 13.70
N GLN I 652 -46.51 -58.04 13.27
CA GLN I 652 -45.85 -57.74 11.99
C GLN I 652 -45.50 -56.26 11.86
N THR I 653 -45.05 -55.66 12.95
CA THR I 653 -44.62 -54.27 12.93
C THR I 653 -43.66 -54.02 14.08
N ILE I 654 -42.97 -52.88 14.02
CA ILE I 654 -42.04 -52.44 15.05
C ILE I 654 -42.41 -51.02 15.43
N SER I 655 -42.61 -50.77 16.72
CA SER I 655 -42.99 -49.44 17.21
C SER I 655 -41.77 -48.77 17.83
N ILE I 656 -41.13 -47.90 17.07
CA ILE I 656 -39.88 -47.25 17.45
C ILE I 656 -40.21 -45.95 18.17
N ALA I 657 -39.56 -45.73 19.32
CA ALA I 657 -39.61 -44.45 20.02
C ALA I 657 -38.18 -44.04 20.39
N LYS I 658 -37.47 -43.44 19.44
CA LYS I 658 -36.09 -43.02 19.64
C LYS I 658 -35.98 -41.52 19.38
N ALA I 659 -34.75 -41.03 19.44
CA ALA I 659 -34.50 -39.60 19.25
C ALA I 659 -34.85 -39.16 17.84
N GLY I 660 -34.56 -40.01 16.84
CA GLY I 660 -34.83 -39.62 15.47
C GLY I 660 -36.28 -39.83 15.06
N ILE I 661 -36.81 -41.01 15.36
CA ILE I 661 -38.16 -41.39 14.93
C ILE I 661 -38.99 -41.85 16.11
N ILE I 662 -40.26 -41.43 16.10
CA ILE I 662 -41.29 -41.98 16.97
C ILE I 662 -42.42 -42.37 16.03
N THR I 663 -42.45 -43.64 15.63
CA THR I 663 -43.38 -44.07 14.59
C THR I 663 -43.52 -45.58 14.64
N THR I 664 -44.52 -46.07 13.91
CA THR I 664 -44.79 -47.49 13.75
C THR I 664 -44.43 -47.91 12.33
N LEU I 665 -43.50 -48.85 12.21
CA LEU I 665 -42.98 -49.29 10.92
C LEU I 665 -43.50 -50.69 10.64
N ASN I 666 -44.03 -50.91 9.44
CA ASN I 666 -44.47 -52.25 9.06
C ASN I 666 -43.28 -53.17 8.85
N ALA I 667 -43.30 -54.32 9.52
CA ALA I 667 -42.35 -55.39 9.26
C ALA I 667 -43.15 -56.67 9.07
N ARG I 668 -43.69 -56.83 7.86
CA ARG I 668 -44.51 -58.00 7.52
C ARG I 668 -43.60 -59.07 6.91
N SER I 669 -42.65 -59.50 7.73
CA SER I 669 -41.66 -60.49 7.32
C SER I 669 -41.93 -61.78 8.07
N SER I 670 -42.10 -62.87 7.31
CA SER I 670 -42.13 -64.19 7.90
C SER I 670 -40.72 -64.55 8.34
N ILE I 671 -40.59 -65.06 9.55
CA ILE I 671 -39.28 -65.35 10.11
C ILE I 671 -39.00 -66.84 10.00
N LEU I 672 -37.88 -67.18 9.39
CA LEU I 672 -37.38 -68.56 9.32
C LEU I 672 -36.07 -68.62 10.10
N ALA I 673 -36.10 -69.28 11.25
CA ALA I 673 -34.96 -69.32 12.15
C ALA I 673 -34.41 -70.74 12.21
N SER I 674 -33.09 -70.85 12.36
CA SER I 674 -32.40 -72.12 12.51
C SER I 674 -31.63 -72.12 13.82
N ALA I 675 -31.67 -73.24 14.55
CA ALA I 675 -31.09 -73.29 15.89
C ALA I 675 -30.59 -74.68 16.21
N ASN I 676 -29.72 -74.74 17.22
CA ASN I 676 -29.12 -75.94 17.77
C ASN I 676 -29.56 -76.11 19.22
N PRO I 677 -29.46 -77.33 19.77
CA PRO I 677 -29.69 -77.49 21.22
C PRO I 677 -28.55 -76.90 22.05
N ILE I 678 -28.71 -77.00 23.37
CA ILE I 678 -27.72 -76.43 24.29
C ILE I 678 -26.39 -77.15 24.17
N GLY I 679 -26.41 -78.47 24.16
CA GLY I 679 -25.19 -79.24 24.04
C GLY I 679 -24.69 -79.42 22.64
N SER I 680 -25.23 -78.64 21.70
CA SER I 680 -25.01 -78.63 20.25
C SER I 680 -25.55 -79.89 19.58
N ARG I 681 -26.06 -80.85 20.34
CA ARG I 681 -26.67 -82.06 19.80
C ARG I 681 -27.88 -82.36 20.66
N TYR I 682 -28.90 -82.97 20.07
CA TYR I 682 -30.11 -83.27 20.81
C TYR I 682 -29.85 -84.36 21.84
N ASN I 683 -30.24 -84.08 23.08
CA ASN I 683 -30.10 -85.04 24.17
C ASN I 683 -31.45 -85.66 24.49
N PRO I 684 -31.64 -86.96 24.23
CA PRO I 684 -32.93 -87.58 24.58
C PRO I 684 -33.22 -87.61 26.07
N ASN I 685 -32.19 -87.46 26.91
CA ASN I 685 -32.39 -87.43 28.35
C ASN I 685 -33.16 -86.19 28.78
N LEU I 686 -32.93 -85.07 28.11
CA LEU I 686 -33.61 -83.84 28.47
C LEU I 686 -34.92 -83.70 27.69
N PRO I 687 -35.89 -82.96 28.23
CA PRO I 687 -37.15 -82.75 27.50
C PRO I 687 -36.96 -81.80 26.32
N VAL I 688 -38.07 -81.65 25.57
CA VAL I 688 -38.06 -80.86 24.34
C VAL I 688 -37.79 -79.37 24.65
N THR I 689 -38.43 -78.85 25.71
CA THR I 689 -38.30 -77.44 26.04
C THR I 689 -36.88 -77.09 26.46
N GLU I 690 -36.23 -77.98 27.23
CA GLU I 690 -34.85 -77.74 27.62
C GLU I 690 -33.92 -77.81 26.41
N ASN I 691 -34.16 -78.76 25.51
CA ASN I 691 -33.33 -78.89 24.31
C ASN I 691 -33.45 -77.66 23.41
N ILE I 692 -34.67 -77.16 23.23
CA ILE I 692 -34.85 -75.96 22.40
C ILE I 692 -34.25 -74.73 23.09
N ASP I 693 -34.49 -74.61 24.40
CA ASP I 693 -33.96 -73.52 25.23
C ASP I 693 -34.37 -72.15 24.70
N LEU I 694 -35.68 -71.96 24.56
CA LEU I 694 -36.23 -70.66 24.24
C LEU I 694 -37.25 -70.27 25.29
N PRO I 695 -37.36 -68.99 25.61
CA PRO I 695 -38.44 -68.54 26.49
C PRO I 695 -39.79 -68.79 25.85
N PRO I 696 -40.80 -69.16 26.65
CA PRO I 696 -42.13 -69.47 26.09
C PRO I 696 -42.77 -68.30 25.34
N PRO I 697 -42.60 -67.03 25.76
CA PRO I 697 -43.14 -65.95 24.91
C PRO I 697 -42.59 -65.93 23.50
N LEU I 698 -41.30 -66.22 23.32
CA LEU I 698 -40.73 -66.22 21.98
C LEU I 698 -41.12 -67.49 21.22
N LEU I 699 -41.13 -68.64 21.90
CA LEU I 699 -41.36 -69.90 21.21
C LEU I 699 -42.82 -70.10 20.87
N SER I 700 -43.72 -69.41 21.58
CA SER I 700 -45.14 -69.51 21.26
C SER I 700 -45.46 -68.79 19.95
N ARG I 701 -44.62 -67.83 19.55
CA ARG I 701 -44.91 -67.04 18.37
C ARG I 701 -44.53 -67.76 17.09
N PHE I 702 -43.80 -68.87 17.20
CA PHE I 702 -43.48 -69.66 16.03
C PHE I 702 -44.66 -70.55 15.65
N ASP I 703 -45.09 -70.44 14.38
CA ASP I 703 -46.20 -71.27 13.90
C ASP I 703 -45.80 -72.74 13.83
N LEU I 704 -44.61 -73.01 13.32
CA LEU I 704 -44.11 -74.38 13.19
C LEU I 704 -42.75 -74.47 13.87
N VAL I 705 -42.58 -75.50 14.70
CA VAL I 705 -41.31 -75.81 15.33
C VAL I 705 -40.90 -77.20 14.90
N TYR I 706 -39.77 -77.30 14.21
CA TYR I 706 -39.29 -78.55 13.64
C TYR I 706 -38.12 -79.06 14.45
N LEU I 707 -38.25 -80.26 14.99
CA LEU I 707 -37.14 -80.95 15.63
C LEU I 707 -36.52 -81.90 14.61
N VAL I 708 -35.46 -81.45 13.96
CA VAL I 708 -34.82 -82.20 12.88
C VAL I 708 -33.74 -83.06 13.52
N LEU I 709 -33.93 -84.37 13.50
CA LEU I 709 -33.10 -85.28 14.26
C LEU I 709 -32.34 -86.20 13.32
N ASP I 710 -31.16 -86.64 13.78
CA ASP I 710 -30.29 -87.53 13.02
C ASP I 710 -30.41 -88.93 13.60
N LYS I 711 -31.20 -89.78 12.94
CA LYS I 711 -31.32 -91.18 13.30
C LYS I 711 -30.50 -92.00 12.33
N VAL I 712 -29.61 -92.83 12.86
CA VAL I 712 -28.72 -93.64 12.02
C VAL I 712 -29.42 -94.93 11.62
N ASP I 713 -29.55 -95.16 10.31
CA ASP I 713 -30.13 -96.37 9.74
C ASP I 713 -29.25 -96.82 8.59
N GLU I 714 -29.38 -98.10 8.21
CA GLU I 714 -28.68 -98.58 7.02
C GLU I 714 -29.20 -97.89 5.77
N LYS I 715 -30.52 -97.95 5.55
CA LYS I 715 -31.09 -97.50 4.29
C LYS I 715 -31.06 -95.97 4.18
N ASN I 716 -31.27 -95.28 5.30
CA ASN I 716 -31.30 -93.82 5.26
C ASN I 716 -29.92 -93.24 5.01
N ASP I 717 -28.90 -93.75 5.72
CA ASP I 717 -27.54 -93.30 5.50
C ASP I 717 -27.05 -93.69 4.11
N ARG I 718 -27.43 -94.88 3.64
CA ARG I 718 -27.04 -95.30 2.29
C ARG I 718 -27.64 -94.38 1.24
N GLU I 719 -28.94 -94.08 1.35
CA GLU I 719 -29.60 -93.21 0.38
C GLU I 719 -29.04 -91.79 0.42
N LEU I 720 -28.78 -91.27 1.63
CA LEU I 720 -28.23 -89.92 1.75
C LEU I 720 -26.82 -89.85 1.18
N ALA I 721 -25.99 -90.86 1.45
CA ALA I 721 -24.64 -90.89 0.90
C ALA I 721 -24.64 -90.99 -0.62
N LYS I 722 -25.54 -91.82 -1.16
CA LYS I 722 -25.67 -91.89 -2.62
C LYS I 722 -26.12 -90.56 -3.19
N HIS I 723 -27.07 -89.88 -2.53
CA HIS I 723 -27.57 -88.60 -3.01
C HIS I 723 -26.47 -87.56 -3.04
N LEU I 724 -25.63 -87.53 -2.02
CA LEU I 724 -24.53 -86.57 -2.02
C LEU I 724 -23.45 -86.94 -3.03
N THR I 725 -23.25 -88.25 -3.29
CA THR I 725 -22.18 -88.63 -4.21
C THR I 725 -22.61 -88.48 -5.68
N ASN I 726 -23.93 -88.50 -5.96
CA ASN I 726 -24.34 -88.24 -7.34
C ASN I 726 -24.08 -86.81 -7.78
N LEU I 727 -23.91 -85.89 -6.83
CA LEU I 727 -23.63 -84.50 -7.19
C LEU I 727 -22.28 -84.36 -7.88
N TYR I 728 -21.27 -85.09 -7.42
CA TYR I 728 -19.91 -84.96 -7.93
C TYR I 728 -19.59 -85.87 -9.10
N LEU I 729 -20.58 -86.55 -9.69
CA LEU I 729 -20.30 -87.32 -10.90
C LEU I 729 -19.93 -86.42 -12.07
N GLU I 730 -20.62 -85.28 -12.20
CA GLU I 730 -20.41 -84.37 -13.32
C GLU I 730 -20.07 -82.99 -12.78
N ASP I 731 -19.48 -82.17 -13.65
CA ASP I 731 -19.07 -80.82 -13.25
C ASP I 731 -20.28 -79.94 -12.95
N LYS I 732 -21.33 -80.05 -13.76
CA LYS I 732 -22.55 -79.27 -13.56
C LYS I 732 -23.72 -80.22 -13.37
N PRO I 733 -24.25 -80.35 -12.14
CA PRO I 733 -25.40 -81.22 -11.85
C PRO I 733 -26.73 -80.49 -11.96
N ASP I 739 -37.43 -88.79 -9.05
CA ASP I 739 -38.78 -88.40 -9.44
C ASP I 739 -38.76 -87.18 -10.34
N ASP I 740 -39.91 -86.52 -10.47
CA ASP I 740 -40.06 -85.35 -11.30
C ASP I 740 -40.35 -84.14 -10.42
N VAL I 741 -39.59 -83.07 -10.62
CA VAL I 741 -39.74 -81.83 -9.87
C VAL I 741 -40.12 -80.71 -10.84
N LEU I 742 -40.87 -79.74 -10.36
CA LEU I 742 -41.21 -78.60 -11.19
C LEU I 742 -40.02 -77.66 -11.29
N PRO I 743 -39.83 -76.98 -12.43
CA PRO I 743 -38.71 -76.02 -12.53
C PRO I 743 -38.94 -74.83 -11.63
N VAL I 744 -37.84 -74.14 -11.27
CA VAL I 744 -37.90 -73.06 -10.30
C VAL I 744 -38.72 -71.89 -10.85
N GLU I 745 -38.68 -71.68 -12.17
CA GLU I 745 -39.47 -70.61 -12.77
C GLU I 745 -40.96 -70.90 -12.64
N PHE I 746 -41.37 -72.12 -12.97
CA PHE I 746 -42.78 -72.48 -12.87
C PHE I 746 -43.22 -72.53 -11.42
N LEU I 747 -42.36 -73.00 -10.52
CA LEU I 747 -42.66 -72.98 -9.08
C LEU I 747 -42.90 -71.57 -8.58
N THR I 748 -42.01 -70.64 -8.94
CA THR I 748 -42.15 -69.26 -8.50
C THR I 748 -43.41 -68.61 -9.06
N MET I 749 -43.71 -68.85 -10.34
CA MET I 749 -44.89 -68.20 -10.91
C MET I 749 -46.18 -68.84 -10.39
N TYR I 750 -46.15 -70.13 -10.06
CA TYR I 750 -47.33 -70.77 -9.49
C TYR I 750 -47.62 -70.25 -8.09
N ILE I 751 -46.58 -70.15 -7.25
CA ILE I 751 -46.75 -69.56 -5.93
C ILE I 751 -47.16 -68.10 -6.03
N SER I 752 -46.62 -67.38 -7.03
CA SER I 752 -46.98 -65.98 -7.24
C SER I 752 -48.45 -65.83 -7.60
N TYR I 753 -48.95 -66.65 -8.53
CA TYR I 753 -50.35 -66.60 -8.91
C TYR I 753 -51.26 -66.95 -7.74
N ALA I 754 -50.88 -67.96 -6.96
CA ALA I 754 -51.70 -68.36 -5.82
C ALA I 754 -51.74 -67.28 -4.75
N LYS I 755 -50.61 -66.62 -4.49
CA LYS I 755 -50.60 -65.53 -3.51
C LYS I 755 -51.40 -64.34 -4.02
N GLU I 756 -51.35 -64.07 -5.32
CA GLU I 756 -52.01 -62.89 -5.87
C GLU I 756 -53.53 -63.07 -5.94
N HIS I 757 -53.99 -64.25 -6.35
CA HIS I 757 -55.38 -64.41 -6.78
C HIS I 757 -56.23 -65.31 -5.89
N ILE I 758 -55.65 -65.96 -4.89
CA ILE I 758 -56.38 -66.89 -4.03
C ILE I 758 -56.37 -66.33 -2.61
N HIS I 759 -57.57 -66.08 -2.07
CA HIS I 759 -57.73 -65.59 -0.70
C HIS I 759 -58.78 -66.46 -0.01
N PRO I 760 -58.39 -67.63 0.47
CA PRO I 760 -59.38 -68.58 0.99
C PRO I 760 -60.00 -68.10 2.31
N ILE I 761 -61.24 -68.54 2.55
CA ILE I 761 -61.98 -68.17 3.75
C ILE I 761 -62.29 -69.42 4.54
N ILE I 762 -62.44 -69.27 5.86
CA ILE I 762 -62.76 -70.40 6.71
C ILE I 762 -64.25 -70.70 6.65
N THR I 763 -64.59 -71.98 6.63
CA THR I 763 -65.98 -72.42 6.58
C THR I 763 -66.39 -72.99 7.94
N GLU I 764 -67.65 -73.41 8.03
CA GLU I 764 -68.18 -73.93 9.29
C GLU I 764 -67.52 -75.26 9.64
N ALA I 765 -67.37 -76.15 8.66
CA ALA I 765 -66.75 -77.45 8.91
C ALA I 765 -65.29 -77.31 9.29
N ALA I 766 -64.62 -76.30 8.74
CA ALA I 766 -63.25 -76.01 9.16
C ALA I 766 -63.23 -75.41 10.57
N LYS I 767 -64.18 -74.51 10.85
CA LYS I 767 -64.23 -73.86 12.16
C LYS I 767 -64.42 -74.86 13.29
N THR I 768 -65.37 -75.79 13.12
CA THR I 768 -65.69 -76.71 14.21
C THR I 768 -64.53 -77.67 14.50
N GLU I 769 -63.78 -78.08 13.47
CA GLU I 769 -62.74 -79.06 13.73
C GLU I 769 -61.45 -78.34 14.15
N LEU I 770 -61.28 -77.08 13.74
CA LEU I 770 -60.26 -76.22 14.36
C LEU I 770 -60.48 -76.11 15.85
N VAL I 771 -61.72 -75.82 16.26
CA VAL I 771 -62.04 -75.68 17.68
C VAL I 771 -61.81 -77.01 18.40
N ARG I 772 -62.22 -78.12 17.79
CA ARG I 772 -62.04 -79.43 18.40
C ARG I 772 -60.57 -79.78 18.57
N ALA I 773 -59.74 -79.48 17.57
CA ALA I 773 -58.31 -79.75 17.67
C ALA I 773 -57.65 -78.89 18.73
N TYR I 774 -58.02 -77.61 18.80
CA TYR I 774 -57.44 -76.73 19.82
C TYR I 774 -57.83 -77.17 21.22
N VAL I 775 -59.11 -77.55 21.41
CA VAL I 775 -59.56 -78.04 22.71
C VAL I 775 -58.85 -79.34 23.06
N GLY I 776 -58.67 -80.22 22.08
CA GLY I 776 -57.99 -81.48 22.33
C GLY I 776 -56.55 -81.31 22.75
N MET I 777 -55.83 -80.39 22.11
CA MET I 777 -54.44 -80.18 22.50
C MET I 777 -54.31 -79.38 23.80
N ARG I 778 -55.30 -78.52 24.10
CA ARG I 778 -55.34 -77.93 25.44
C ARG I 778 -55.59 -78.99 26.52
N LYS I 779 -56.41 -79.99 26.21
CA LYS I 779 -56.61 -81.11 27.13
C LYS I 779 -55.35 -81.97 27.25
N MET I 780 -54.59 -82.13 26.16
CA MET I 780 -53.31 -82.82 26.24
C MET I 780 -52.33 -82.04 27.12
N GLY I 781 -52.43 -80.71 27.09
CA GLY I 781 -51.58 -79.88 27.93
C GLY I 781 -51.96 -79.90 29.41
N ASP I 782 -53.08 -80.54 29.77
CA ASP I 782 -53.47 -80.62 31.16
C ASP I 782 -52.51 -81.50 31.97
N ASP I 783 -51.91 -82.49 31.32
CA ASP I 783 -51.03 -83.42 32.01
C ASP I 783 -49.73 -82.75 32.41
N SER I 784 -49.21 -83.11 33.57
CA SER I 784 -47.96 -82.55 34.08
C SER I 784 -46.76 -83.13 33.33
N GLU I 788 -41.38 -75.70 31.04
CA GLU I 788 -41.55 -76.93 31.80
C GLU I 788 -40.99 -78.12 31.03
N LYS I 789 -41.58 -79.29 31.24
CA LYS I 789 -41.15 -80.48 30.50
C LYS I 789 -41.69 -80.48 29.08
N ARG I 790 -42.92 -80.00 28.90
CA ARG I 790 -43.58 -80.02 27.61
C ARG I 790 -44.00 -78.61 27.21
N ILE I 791 -44.16 -78.40 25.91
CA ILE I 791 -44.71 -77.14 25.39
C ILE I 791 -46.23 -77.29 25.37
N THR I 792 -46.90 -76.59 26.29
CA THR I 792 -48.35 -76.66 26.35
C THR I 792 -48.95 -75.90 25.18
N ALA I 793 -50.19 -76.26 24.84
CA ALA I 793 -50.88 -75.58 23.75
C ALA I 793 -51.26 -74.17 24.17
N THR I 794 -51.29 -73.27 23.19
CA THR I 794 -51.48 -71.86 23.44
C THR I 794 -52.37 -71.31 22.33
N THR I 795 -52.96 -70.13 22.56
CA THR I 795 -53.85 -69.50 21.59
C THR I 795 -53.14 -69.19 20.27
N ARG I 796 -51.84 -68.85 20.32
CA ARG I 796 -51.09 -68.62 19.10
C ARG I 796 -51.00 -69.88 18.25
N GLN I 797 -51.09 -71.06 18.89
CA GLN I 797 -51.15 -72.29 18.11
C GLN I 797 -52.48 -72.42 17.36
N LEU I 798 -53.56 -71.89 17.92
CA LEU I 798 -54.81 -71.84 17.18
C LEU I 798 -54.71 -70.87 16.00
N GLU I 799 -54.07 -69.71 16.23
CA GLU I 799 -53.82 -68.77 15.14
C GLU I 799 -52.95 -69.40 14.06
N SER I 800 -51.96 -70.19 14.46
CA SER I 800 -51.08 -70.86 13.52
C SER I 800 -51.82 -71.95 12.74
N MET I 801 -52.75 -72.65 13.40
CA MET I 801 -53.58 -73.61 12.68
C MET I 801 -54.40 -72.92 11.61
N ILE I 802 -54.98 -71.76 11.94
CA ILE I 802 -55.75 -71.00 10.96
C ILE I 802 -54.87 -70.57 9.79
N ARG I 803 -53.68 -70.05 10.09
CA ARG I 803 -52.79 -69.56 9.04
C ARG I 803 -52.30 -70.70 8.15
N LEU I 804 -51.97 -71.85 8.74
CA LEU I 804 -51.47 -72.97 7.95
C LEU I 804 -52.58 -73.59 7.10
N ALA I 805 -53.81 -73.65 7.64
CA ALA I 805 -54.93 -74.12 6.85
C ALA I 805 -55.23 -73.20 5.68
N GLU I 806 -55.14 -71.89 5.91
CA GLU I 806 -55.31 -70.93 4.81
C GLU I 806 -54.21 -71.08 3.77
N ALA I 807 -52.97 -71.33 4.21
CA ALA I 807 -51.86 -71.54 3.27
C ALA I 807 -52.07 -72.81 2.45
N HIS I 808 -52.55 -73.88 3.10
CA HIS I 808 -52.81 -75.13 2.38
C HIS I 808 -53.96 -74.98 1.39
N ALA I 809 -54.99 -74.21 1.75
CA ALA I 809 -56.07 -73.96 0.81
C ALA I 809 -55.61 -73.09 -0.36
N LYS I 810 -54.74 -72.11 -0.07
CA LYS I 810 -54.21 -71.26 -1.12
C LYS I 810 -53.31 -72.04 -2.08
N MET I 811 -52.64 -73.07 -1.55
CA MET I 811 -51.79 -73.92 -2.38
C MET I 811 -52.58 -74.62 -3.48
N LYS I 812 -53.74 -75.19 -3.15
CA LYS I 812 -54.53 -75.96 -4.10
C LYS I 812 -55.48 -75.11 -4.93
N LEU I 813 -55.31 -73.78 -4.90
CA LEU I 813 -56.08 -72.76 -5.61
C LEU I 813 -57.54 -72.73 -5.16
N LYS I 814 -57.86 -73.31 -4.00
CA LYS I 814 -59.23 -73.29 -3.51
C LYS I 814 -59.52 -71.99 -2.76
N ASN I 815 -60.71 -71.44 -2.98
CA ASN I 815 -61.11 -70.17 -2.39
C ASN I 815 -61.78 -70.33 -1.04
N VAL I 816 -61.87 -71.56 -0.52
CA VAL I 816 -62.45 -71.81 0.79
C VAL I 816 -61.52 -72.75 1.55
N VAL I 817 -61.47 -72.58 2.87
CA VAL I 817 -60.75 -73.48 3.75
C VAL I 817 -61.77 -74.47 4.30
N GLU I 818 -61.63 -75.74 3.94
CA GLU I 818 -62.51 -76.78 4.44
C GLU I 818 -61.73 -77.72 5.33
N LEU I 819 -62.37 -78.83 5.72
CA LEU I 819 -61.91 -79.66 6.83
C LEU I 819 -60.55 -80.29 6.57
N GLU I 820 -60.32 -80.78 5.35
CA GLU I 820 -59.08 -81.52 5.09
C GLU I 820 -57.85 -80.63 5.16
N ASP I 821 -58.00 -79.35 4.77
CA ASP I 821 -56.88 -78.43 4.90
C ASP I 821 -56.52 -78.19 6.36
N VAL I 822 -57.52 -78.09 7.22
CA VAL I 822 -57.27 -77.91 8.64
C VAL I 822 -56.64 -79.17 9.24
N GLN I 823 -57.10 -80.35 8.82
CA GLN I 823 -56.46 -81.59 9.27
C GLN I 823 -55.01 -81.67 8.82
N GLU I 824 -54.71 -81.22 7.60
CA GLU I 824 -53.32 -81.22 7.16
C GLU I 824 -52.48 -80.24 7.97
N ALA I 825 -53.04 -79.08 8.32
CA ALA I 825 -52.33 -78.12 9.17
C ALA I 825 -52.03 -78.73 10.54
N VAL I 826 -53.02 -79.39 11.12
CA VAL I 826 -52.86 -80.03 12.44
C VAL I 826 -51.82 -81.14 12.36
N ARG I 827 -51.88 -81.94 11.28
CA ARG I 827 -50.93 -83.04 11.08
C ARG I 827 -49.51 -82.52 10.95
N LEU I 828 -49.32 -81.41 10.21
CA LEU I 828 -48.00 -80.83 10.05
C LEU I 828 -47.48 -80.30 11.38
N ILE I 829 -48.36 -79.70 12.19
CA ILE I 829 -47.95 -79.20 13.50
C ILE I 829 -47.51 -80.34 14.40
N ARG I 830 -48.28 -81.44 14.40
CA ARG I 830 -47.92 -82.60 15.21
C ARG I 830 -46.60 -83.24 14.75
N SER I 831 -46.43 -83.37 13.43
CA SER I 831 -45.26 -84.07 12.92
C SER I 831 -44.00 -83.23 12.98
N ALA I 832 -44.15 -81.90 12.99
CA ALA I 832 -42.98 -81.01 13.01
C ALA I 832 -42.19 -81.15 14.31
N ILE I 833 -42.89 -81.08 15.45
CA ILE I 833 -42.23 -81.20 16.74
C ILE I 833 -42.08 -82.66 17.17
N LYS I 834 -42.53 -83.61 16.32
CA LYS I 834 -42.55 -85.04 16.63
C LYS I 834 -43.33 -85.32 17.92
N ASP I 835 -44.60 -84.91 17.92
CA ASP I 835 -45.44 -85.13 19.09
C ASP I 835 -45.83 -86.60 19.21
N TYR I 836 -45.82 -87.33 18.10
CA TYR I 836 -46.09 -88.76 18.15
C TYR I 836 -44.95 -89.52 18.80
N ALA I 837 -43.71 -89.03 18.62
CA ALA I 837 -42.55 -89.73 19.17
C ALA I 837 -42.40 -89.49 20.66
N THR I 838 -42.79 -88.31 21.13
CA THR I 838 -42.55 -87.97 22.53
C THR I 838 -43.59 -88.59 23.44
N ASP I 839 -43.19 -88.84 24.68
CA ASP I 839 -44.04 -89.30 25.77
C ASP I 839 -44.70 -88.09 26.43
N PRO I 840 -46.04 -88.01 26.44
CA PRO I 840 -46.70 -86.81 27.00
C PRO I 840 -46.41 -86.56 28.46
N LYS I 841 -46.20 -87.62 29.25
CA LYS I 841 -45.98 -87.43 30.69
C LYS I 841 -44.57 -86.91 30.96
N THR I 842 -43.55 -87.62 30.45
CA THR I 842 -42.17 -87.21 30.72
C THR I 842 -41.76 -86.02 29.86
N GLY I 843 -42.20 -85.98 28.61
CA GLY I 843 -41.71 -85.00 27.66
C GLY I 843 -40.47 -85.42 26.90
N LYS I 844 -39.92 -86.59 27.20
CA LYS I 844 -38.73 -87.09 26.54
C LYS I 844 -39.06 -87.65 25.16
N ILE I 845 -38.03 -87.75 24.32
CA ILE I 845 -38.14 -88.35 23.00
C ILE I 845 -37.20 -89.55 22.95
N ASP I 846 -37.74 -90.70 22.55
CA ASP I 846 -36.95 -91.91 22.37
C ASP I 846 -36.72 -92.14 20.89
N MET I 847 -35.47 -92.45 20.51
CA MET I 847 -35.07 -92.43 19.12
C MET I 847 -35.58 -93.66 18.36
N ASN I 848 -35.65 -94.80 19.02
CA ASN I 848 -35.86 -96.06 18.30
C ASN I 848 -37.35 -96.37 18.14
N LEU I 849 -38.14 -96.16 19.19
CA LEU I 849 -39.39 -96.91 19.34
C LEU I 849 -40.50 -96.41 18.41
N VAL I 850 -40.45 -95.14 18.00
CA VAL I 850 -41.40 -94.64 17.01
C VAL I 850 -40.73 -94.05 15.76
N GLN I 851 -39.56 -93.43 15.89
CA GLN I 851 -39.07 -92.54 14.84
C GLN I 851 -38.69 -93.29 13.55
N THR I 852 -39.07 -92.68 12.42
CA THR I 852 -38.85 -93.26 11.09
C THR I 852 -38.15 -92.22 10.22
N GLY I 853 -36.86 -92.44 9.97
CA GLY I 853 -36.09 -91.54 9.14
C GLY I 853 -36.21 -91.86 7.66
N SER J 2 27.14 14.88 3.36
CA SER J 2 27.08 13.58 4.02
C SER J 2 27.09 13.73 5.53
N PHE J 3 26.29 14.68 6.03
CA PHE J 3 26.43 15.10 7.41
C PHE J 3 25.63 14.19 8.36
N ASP J 4 25.94 14.32 9.65
CA ASP J 4 25.35 13.49 10.70
C ASP J 4 24.02 14.08 11.17
N ARG J 5 23.47 13.49 12.22
CA ARG J 5 22.22 14.01 12.77
C ARG J 5 22.47 15.36 13.44
N PRO J 6 21.52 16.30 13.35
CA PRO J 6 21.40 17.31 14.39
C PRO J 6 20.96 16.65 15.69
N GLU J 7 21.48 17.15 16.81
CA GLU J 7 21.17 16.61 18.12
C GLU J 7 20.35 17.62 18.92
N ILE J 8 19.42 17.11 19.71
CA ILE J 8 18.57 17.93 20.58
C ILE J 8 18.84 17.54 22.02
N TYR J 9 19.07 18.53 22.87
CA TYR J 9 19.34 18.33 24.28
C TYR J 9 18.86 19.54 25.07
N SER J 10 18.67 19.34 26.37
CA SER J 10 18.09 20.36 27.23
C SER J 10 18.86 20.42 28.54
N ALA J 11 18.69 21.55 29.25
CA ALA J 11 19.30 21.76 30.55
C ALA J 11 18.39 22.66 31.38
N PRO J 12 18.18 22.32 32.66
CA PRO J 12 17.30 23.15 33.50
C PRO J 12 17.97 24.47 33.87
N VAL J 13 17.24 25.56 33.67
CA VAL J 13 17.77 26.89 33.95
C VAL J 13 16.87 27.62 34.94
N LEU J 14 15.62 27.85 34.54
CA LEU J 14 14.70 28.63 35.37
C LEU J 14 13.80 27.70 36.17
N GLN J 15 13.08 28.31 37.13
CA GLN J 15 12.20 27.53 37.99
C GLN J 15 10.98 27.02 37.22
N GLY J 16 10.49 27.79 36.27
CA GLY J 16 9.31 27.41 35.53
C GLY J 16 8.05 27.69 36.32
N GLU J 17 6.95 27.12 35.83
CA GLU J 17 5.67 27.25 36.51
C GLU J 17 5.67 26.43 37.79
N SER J 18 4.77 26.77 38.70
CA SER J 18 4.69 26.06 39.97
C SER J 18 4.21 24.63 39.74
N PRO J 19 4.72 23.67 40.52
CA PRO J 19 4.33 22.26 40.31
C PRO J 19 2.86 22.02 40.62
N ASN J 20 2.28 21.06 39.92
CA ASN J 20 0.88 20.70 40.08
C ASN J 20 0.80 19.25 40.55
N ASP J 21 -0.19 18.97 41.40
CA ASP J 21 -0.33 17.64 41.97
C ASP J 21 -0.71 16.61 40.91
N ASP J 22 -1.46 17.02 39.89
CA ASP J 22 -1.87 16.10 38.84
C ASP J 22 -0.78 15.88 37.78
N ASP J 23 0.32 16.63 37.86
CA ASP J 23 1.41 16.44 36.92
C ASP J 23 2.10 15.11 37.18
N ASN J 24 2.56 14.46 36.10
CA ASN J 24 3.17 13.14 36.22
C ASN J 24 4.47 13.19 37.02
N THR J 25 5.27 14.24 36.82
CA THR J 25 6.56 14.35 37.49
C THR J 25 6.39 14.47 39.00
N GLU J 26 5.40 15.22 39.45
CA GLU J 26 5.17 15.36 40.89
C GLU J 26 4.66 14.06 41.50
N ILE J 27 3.86 13.31 40.75
CA ILE J 27 3.40 12.00 41.22
C ILE J 27 4.58 11.04 41.34
N ILE J 28 5.49 11.08 40.36
CA ILE J 28 6.69 10.25 40.41
C ILE J 28 7.57 10.63 41.59
N LYS J 29 7.71 11.94 41.85
CA LYS J 29 8.50 12.40 42.99
C LYS J 29 7.88 11.96 44.32
N SER J 30 6.55 12.04 44.44
CA SER J 30 5.88 11.60 45.66
C SER J 30 6.04 10.10 45.86
N PHE J 31 5.96 9.33 44.78
CA PHE J 31 6.18 7.89 44.87
C PHE J 31 7.61 7.57 45.28
N LYS J 32 8.58 8.32 44.74
CA LYS J 32 9.98 8.14 45.10
C LYS J 32 10.21 8.46 46.57
N ASN J 33 9.59 9.54 47.06
CA ASN J 33 9.69 9.89 48.47
C ASN J 33 9.04 8.82 49.36
N PHE J 34 7.94 8.24 48.90
CA PHE J 34 7.33 7.14 49.65
C PHE J 34 8.24 5.93 49.72
N ILE J 35 8.92 5.62 48.61
CA ILE J 35 9.84 4.48 48.61
C ILE J 35 11.01 4.73 49.56
N LEU J 36 11.57 5.94 49.51
CA LEU J 36 12.78 6.22 50.28
C LEU J 36 12.49 6.38 51.77
N GLU J 37 11.41 7.09 52.12
CA GLU J 37 11.27 7.59 53.48
C GLU J 37 10.27 6.84 54.34
N PHE J 38 9.61 5.80 53.83
CA PHE J 38 8.60 5.12 54.62
C PHE J 38 9.25 4.30 55.74
N ARG J 39 8.63 4.33 56.91
CA ARG J 39 9.10 3.58 58.08
C ARG J 39 7.95 2.73 58.60
N LEU J 40 8.18 1.43 58.73
CA LEU J 40 7.14 0.55 59.28
C LEU J 40 7.14 0.58 60.80
N ASP J 41 8.23 0.10 61.40
CA ASP J 41 8.39 0.21 62.85
C ASP J 41 9.59 1.10 63.16
N SER J 42 10.77 0.69 62.67
CA SER J 42 11.98 1.49 62.78
C SER J 42 12.86 1.41 61.54
N GLN J 43 12.43 0.73 60.49
CA GLN J 43 13.28 0.43 59.36
C GLN J 43 12.68 0.96 58.06
N PHE J 44 13.57 1.25 57.10
CA PHE J 44 13.18 1.62 55.73
C PHE J 44 12.90 0.32 54.98
N ILE J 45 11.65 -0.15 55.07
CA ILE J 45 11.33 -1.50 54.61
C ILE J 45 11.38 -1.59 53.10
N TYR J 46 10.88 -0.58 52.40
CA TYR J 46 10.85 -0.63 50.94
C TYR J 46 12.22 -0.34 50.33
N ARG J 47 12.99 0.54 50.94
CA ARG J 47 14.36 0.79 50.49
C ARG J 47 15.23 -0.45 50.65
N ASP J 48 15.16 -1.09 51.83
CA ASP J 48 15.92 -2.30 52.07
C ASP J 48 15.44 -3.46 51.22
N GLN J 49 14.12 -3.55 51.02
CA GLN J 49 13.56 -4.57 50.13
C GLN J 49 14.05 -4.39 48.70
N LEU J 50 14.07 -3.15 48.22
CA LEU J 50 14.55 -2.88 46.86
C LEU J 50 16.03 -3.22 46.72
N ARG J 51 16.84 -2.87 47.73
CA ARG J 51 18.26 -3.20 47.68
C ARG J 51 18.48 -4.72 47.69
N ASN J 52 17.74 -5.44 48.54
CA ASN J 52 17.87 -6.89 48.59
C ASN J 52 17.40 -7.53 47.28
N ASN J 53 16.34 -6.99 46.69
CA ASN J 53 15.84 -7.50 45.42
C ASN J 53 16.84 -7.29 44.30
N ILE J 54 17.53 -6.14 44.32
CA ILE J 54 18.58 -5.90 43.33
C ILE J 54 19.76 -6.85 43.54
N LEU J 55 20.07 -7.15 44.81
CA LEU J 55 21.12 -8.12 45.11
C LEU J 55 20.76 -9.50 44.57
N VAL J 56 19.49 -9.91 44.69
CA VAL J 56 19.03 -11.20 44.20
C VAL J 56 18.67 -11.14 42.71
N LYS J 57 18.81 -9.96 42.08
CA LYS J 57 18.42 -9.70 40.69
C LYS J 57 16.94 -9.96 40.45
N ASN J 58 16.11 -9.62 41.44
CA ASN J 58 14.66 -9.63 41.31
C ASN J 58 14.22 -8.20 41.04
N TYR J 59 13.87 -7.91 39.79
CA TYR J 59 13.57 -6.53 39.39
C TYR J 59 12.07 -6.26 39.58
N SER J 60 11.66 -6.27 40.84
CA SER J 60 10.30 -5.95 41.21
C SER J 60 10.28 -5.46 42.66
N LEU J 61 9.23 -4.74 43.01
CA LEU J 61 9.01 -4.24 44.36
C LEU J 61 7.63 -4.65 44.82
N THR J 62 7.54 -5.22 46.02
CA THR J 62 6.27 -5.59 46.62
C THR J 62 5.87 -4.54 47.64
N VAL J 63 4.73 -3.89 47.42
CA VAL J 63 4.29 -2.75 48.21
C VAL J 63 2.91 -3.07 48.79
N ASN J 64 2.78 -2.97 50.10
CA ASN J 64 1.45 -3.06 50.72
C ASN J 64 0.70 -1.75 50.55
N MET J 65 -0.54 -1.84 50.04
CA MET J 65 -1.35 -0.64 49.85
C MET J 65 -1.72 0.05 51.14
N GLU J 66 -1.81 -0.68 52.25
CA GLU J 66 -2.25 -0.08 53.51
C GLU J 66 -1.23 0.93 54.02
N HIS J 67 0.01 0.82 53.54
CA HIS J 67 1.04 1.80 53.86
C HIS J 67 0.82 3.11 53.11
N LEU J 68 0.19 3.03 51.94
CA LEU J 68 -0.04 4.22 51.12
C LEU J 68 -1.04 5.17 51.76
N ILE J 69 -2.07 4.63 52.40
CA ILE J 69 -3.03 5.49 53.12
C ILE J 69 -2.32 6.21 54.25
N GLY J 70 -1.45 5.49 54.97
CA GLY J 70 -0.71 6.11 56.06
C GLY J 70 0.24 7.20 55.58
N TYR J 71 0.80 7.01 54.38
CA TYR J 71 1.81 7.95 53.91
C TYR J 71 1.17 9.12 53.16
N ASN J 72 0.41 8.83 52.10
CA ASN J 72 -0.13 9.89 51.23
C ASN J 72 -1.49 9.45 50.72
N GLU J 73 -2.54 10.15 51.15
CA GLU J 73 -3.90 9.79 50.76
C GLU J 73 -4.17 10.05 49.29
N ASP J 74 -3.63 11.15 48.76
CA ASP J 74 -3.96 11.58 47.40
C ASP J 74 -3.40 10.60 46.37
N ILE J 75 -2.17 10.15 46.56
CA ILE J 75 -1.57 9.18 45.63
C ILE J 75 -2.31 7.85 45.70
N TYR J 76 -2.84 7.49 46.88
CA TYR J 76 -3.62 6.26 46.98
C TYR J 76 -4.95 6.38 46.26
N LYS J 77 -5.61 7.54 46.38
CA LYS J 77 -6.85 7.75 45.63
C LYS J 77 -6.60 7.76 44.12
N LYS J 78 -5.49 8.37 43.68
CA LYS J 78 -5.16 8.37 42.26
C LYS J 78 -4.85 6.96 41.77
N LEU J 79 -4.15 6.16 42.57
CA LEU J 79 -3.85 4.79 42.19
C LEU J 79 -5.10 3.92 42.14
N SER J 80 -6.01 4.12 43.10
CA SER J 80 -7.23 3.32 43.14
C SER J 80 -8.18 3.68 42.00
N ASP J 81 -8.33 4.98 41.73
CA ASP J 81 -9.35 5.42 40.78
C ASP J 81 -8.95 5.11 39.34
N GLU J 82 -7.70 5.41 38.96
CA GLU J 82 -7.22 5.14 37.61
C GLU J 82 -5.83 4.53 37.68
N PRO J 83 -5.74 3.21 37.93
CA PRO J 83 -4.41 2.59 38.08
C PRO J 83 -3.61 2.50 36.79
N SER J 84 -4.27 2.55 35.63
CA SER J 84 -3.58 2.30 34.37
C SER J 84 -2.58 3.39 34.03
N ASP J 85 -2.77 4.59 34.56
CA ASP J 85 -1.82 5.68 34.30
C ASP J 85 -0.90 5.90 35.50
N ILE J 86 -1.33 5.47 36.69
CA ILE J 86 -0.55 5.72 37.90
C ILE J 86 0.51 4.65 38.11
N ILE J 87 0.18 3.39 37.76
CA ILE J 87 1.15 2.29 37.92
C ILE J 87 2.42 2.50 37.11
N PRO J 88 2.39 2.92 35.84
CA PRO J 88 3.66 3.24 35.15
C PRO J 88 4.48 4.31 35.85
N LEU J 89 3.85 5.30 36.47
CA LEU J 89 4.60 6.31 37.23
C LEU J 89 5.31 5.74 38.44
N PHE J 90 4.66 4.86 39.21
CA PHE J 90 5.32 4.26 40.36
C PHE J 90 6.39 3.27 39.92
N GLU J 91 6.18 2.58 38.80
CA GLU J 91 7.22 1.74 38.22
C GLU J 91 8.43 2.55 37.77
N THR J 92 8.20 3.72 37.17
CA THR J 92 9.28 4.64 36.86
C THR J 92 10.03 5.10 38.10
N ALA J 93 9.30 5.41 39.18
CA ALA J 93 9.93 5.76 40.45
C ALA J 93 10.78 4.63 41.02
N ILE J 94 10.29 3.39 40.98
CA ILE J 94 11.10 2.26 41.44
C ILE J 94 12.35 2.12 40.59
N THR J 95 12.20 2.19 39.27
CA THR J 95 13.34 2.09 38.36
C THR J 95 14.34 3.21 38.56
N GLN J 96 13.88 4.42 38.86
CA GLN J 96 14.77 5.54 39.12
C GLN J 96 15.51 5.41 40.44
N VAL J 97 14.86 4.91 41.49
CA VAL J 97 15.57 4.66 42.75
C VAL J 97 16.56 3.53 42.57
N ALA J 98 16.16 2.47 41.86
CA ALA J 98 16.99 1.29 41.68
C ALA J 98 18.25 1.55 40.88
N LYS J 99 18.24 2.54 39.98
CA LYS J 99 19.46 2.90 39.26
C LYS J 99 20.51 3.47 40.19
N ARG J 100 20.11 4.27 41.17
CA ARG J 100 21.03 4.74 42.19
C ARG J 100 21.57 3.61 43.07
N ILE J 101 20.85 2.51 43.20
CA ILE J 101 21.30 1.39 44.02
C ILE J 101 22.19 0.50 43.16
N SER J 102 21.83 0.35 41.88
CA SER J 102 22.54 -0.54 40.97
C SER J 102 23.89 0.01 40.53
N ILE J 103 24.17 1.29 40.79
CA ILE J 103 25.46 1.90 40.53
C ILE J 103 26.33 1.93 41.78
N LEU J 104 25.73 2.31 42.91
CA LEU J 104 26.46 2.43 44.16
C LEU J 104 26.72 1.09 44.84
N SER J 105 26.21 -0.01 44.32
CA SER J 105 26.47 -1.35 44.89
C SER J 105 27.68 -2.00 44.25
N ARG J 106 27.65 -2.24 42.95
CA ARG J 106 28.69 -3.00 42.27
C ARG J 106 29.98 -2.21 42.10
N ALA J 107 29.95 -0.90 42.31
CA ALA J 107 31.16 -0.10 42.28
C ALA J 107 31.85 0.01 43.64
N GLN J 108 31.30 -0.63 44.67
CA GLN J 108 31.85 -0.54 46.02
C GLN J 108 32.10 -1.88 46.69
N SER J 109 31.36 -2.93 46.34
CA SER J 109 31.49 -4.23 46.99
C SER J 109 32.33 -5.21 46.16
N ALA J 110 33.33 -4.70 45.44
CA ALA J 110 34.19 -5.55 44.63
C ALA J 110 35.22 -6.26 45.51
N LEU J 129 29.03 -4.23 30.58
CA LEU J 129 28.03 -3.25 30.98
C LEU J 129 26.80 -3.93 31.56
N ASN J 130 26.04 -3.19 32.36
CA ASN J 130 24.84 -3.70 33.01
C ASN J 130 23.64 -2.90 32.56
N SER J 131 22.60 -3.60 32.09
CA SER J 131 21.37 -2.98 31.63
C SER J 131 20.27 -3.30 32.64
N LEU J 132 19.54 -2.28 33.07
CA LEU J 132 18.55 -2.44 34.12
C LEU J 132 17.15 -2.18 33.57
N PRO J 133 16.26 -3.16 33.61
CA PRO J 133 14.93 -2.97 33.01
C PRO J 133 14.00 -2.17 33.91
N THR J 134 12.82 -1.86 33.36
CA THR J 134 11.78 -1.24 34.15
C THR J 134 11.25 -2.22 35.18
N PHE J 135 11.19 -1.79 36.44
CA PHE J 135 10.78 -2.67 37.52
C PHE J 135 9.28 -2.90 37.48
N GLN J 136 8.87 -4.04 38.02
CA GLN J 136 7.46 -4.42 38.08
C GLN J 136 6.89 -4.00 39.43
N LEU J 137 5.72 -3.39 39.42
CA LEU J 137 4.99 -3.09 40.63
C LEU J 137 4.10 -4.27 40.97
N ILE J 138 4.43 -4.95 42.06
CA ILE J 138 3.57 -5.95 42.67
C ILE J 138 3.02 -5.33 43.95
N LEU J 139 1.70 -5.31 44.10
CA LEU J 139 1.14 -4.64 45.25
C LEU J 139 -0.03 -5.45 45.80
N ASN J 140 0.00 -5.65 47.12
CA ASN J 140 -0.95 -6.50 47.83
C ASN J 140 -1.75 -5.64 48.80
N SER J 141 -2.97 -6.07 49.08
CA SER J 141 -3.89 -5.32 49.93
C SER J 141 -4.49 -6.23 50.98
N ASN J 142 -4.87 -5.65 52.12
CA ASN J 142 -5.61 -6.33 53.17
C ASN J 142 -7.03 -5.83 53.30
N ALA J 143 -7.52 -5.07 52.32
CA ALA J 143 -8.83 -4.46 52.43
C ALA J 143 -9.93 -5.48 52.11
N ASN J 144 -11.14 -4.97 51.96
CA ASN J 144 -12.31 -5.82 51.75
C ASN J 144 -12.22 -6.54 50.41
N GLN J 145 -12.54 -7.82 50.43
CA GLN J 145 -12.47 -8.69 49.26
C GLN J 145 -13.83 -8.70 48.58
N ILE J 146 -13.87 -8.24 47.33
CA ILE J 146 -15.13 -8.27 46.57
C ILE J 146 -15.42 -9.71 46.17
N PRO J 147 -16.64 -10.21 46.35
CA PRO J 147 -17.00 -11.50 45.77
C PRO J 147 -17.04 -11.40 44.25
N LEU J 148 -16.78 -12.54 43.60
CA LEU J 148 -16.58 -12.54 42.16
C LEU J 148 -17.86 -12.20 41.40
N ARG J 149 -19.00 -12.65 41.90
CA ARG J 149 -20.28 -12.34 41.25
C ARG J 149 -20.84 -10.99 41.66
N ASP J 150 -20.21 -10.29 42.61
CA ASP J 150 -20.58 -8.92 42.93
C ASP J 150 -19.77 -7.89 42.16
N LEU J 151 -18.96 -8.32 41.19
CA LEU J 151 -18.26 -7.37 40.33
C LEU J 151 -19.27 -6.64 39.45
N ASP J 152 -18.99 -5.36 39.21
CA ASP J 152 -19.96 -4.46 38.60
C ASP J 152 -19.25 -3.63 37.56
N SER J 153 -20.04 -2.88 36.77
CA SER J 153 -19.47 -1.95 35.82
C SER J 153 -18.83 -0.75 36.52
N GLU J 154 -19.16 -0.53 37.80
CA GLU J 154 -18.53 0.54 38.56
C GLU J 154 -17.08 0.21 38.90
N HIS J 155 -16.71 -1.08 38.83
CA HIS J 155 -15.35 -1.49 39.12
C HIS J 155 -14.46 -1.51 37.88
N VAL J 156 -14.99 -1.15 36.71
CA VAL J 156 -14.21 -1.20 35.48
C VAL J 156 -13.08 -0.18 35.53
N SER J 157 -11.87 -0.63 35.14
CA SER J 157 -10.64 0.16 35.13
C SER J 157 -10.24 0.64 36.52
N LYS J 158 -10.57 -0.13 37.54
CA LYS J 158 -10.23 0.20 38.92
C LYS J 158 -9.65 -1.02 39.61
N ILE J 159 -8.88 -0.77 40.65
CA ILE J 159 -8.26 -1.85 41.40
C ILE J 159 -9.32 -2.56 42.24
N VAL J 160 -9.38 -3.88 42.11
CA VAL J 160 -10.29 -4.73 42.85
C VAL J 160 -9.46 -5.79 43.56
N ARG J 161 -9.90 -6.11 44.78
CA ARG J 161 -9.37 -7.22 45.55
C ARG J 161 -10.44 -8.28 45.62
N LEU J 162 -10.12 -9.49 45.17
CA LEU J 162 -11.13 -10.53 45.06
C LEU J 162 -10.50 -11.91 45.24
N SER J 163 -11.29 -12.81 45.82
CA SER J 163 -10.80 -14.12 46.21
C SER J 163 -11.45 -15.19 45.32
N GLY J 164 -10.82 -16.35 45.27
CA GLY J 164 -11.38 -17.44 44.51
C GLY J 164 -10.43 -18.63 44.47
N ILE J 165 -10.76 -19.58 43.61
CA ILE J 165 -9.93 -20.74 43.36
C ILE J 165 -9.54 -20.74 41.87
N ILE J 166 -8.32 -21.19 41.62
CA ILE J 166 -7.74 -21.16 40.28
C ILE J 166 -7.93 -22.51 39.62
N ILE J 167 -8.56 -22.51 38.44
CA ILE J 167 -8.89 -23.72 37.71
C ILE J 167 -7.79 -24.12 36.74
N SER J 168 -7.25 -23.16 36.00
CA SER J 168 -6.22 -23.46 35.01
C SER J 168 -5.18 -22.36 34.99
N THR J 169 -3.94 -22.77 34.74
CA THR J 169 -2.84 -21.88 34.45
C THR J 169 -2.30 -22.25 33.08
N SER J 170 -2.27 -21.29 32.16
CA SER J 170 -1.87 -21.59 30.80
C SER J 170 -0.35 -21.70 30.69
N VAL J 171 0.11 -22.03 29.49
CA VAL J 171 1.55 -22.01 29.24
C VAL J 171 2.02 -20.57 29.10
N LEU J 172 3.32 -20.37 29.31
CA LEU J 172 3.93 -19.04 29.26
C LEU J 172 4.05 -18.60 27.81
N SER J 173 3.46 -17.45 27.48
CA SER J 173 3.69 -16.82 26.20
C SER J 173 4.82 -15.79 26.32
N SER J 174 5.41 -15.46 25.18
CA SER J 174 6.54 -14.52 25.13
C SER J 174 6.08 -13.21 24.51
N ARG J 175 6.03 -12.16 25.31
CA ARG J 175 5.73 -10.82 24.85
C ARG J 175 7.01 -9.99 24.78
N ALA J 176 7.07 -9.12 23.78
CA ALA J 176 8.24 -8.30 23.54
C ALA J 176 8.23 -7.06 24.42
N THR J 177 9.33 -6.83 25.13
CA THR J 177 9.56 -5.59 25.85
C THR J 177 10.39 -4.61 25.02
N TYR J 178 11.60 -5.02 24.64
CA TYR J 178 12.44 -4.25 23.73
C TYR J 178 12.59 -5.08 22.47
N LEU J 179 12.32 -4.46 21.33
CA LEU J 179 12.56 -5.11 20.05
C LEU J 179 13.20 -4.12 19.08
N SER J 180 14.25 -4.57 18.40
CA SER J 180 14.94 -3.77 17.40
C SER J 180 14.40 -4.19 16.03
N ILE J 181 13.96 -3.21 15.26
CA ILE J 181 13.30 -3.43 13.99
C ILE J 181 14.10 -2.75 12.89
N MET J 182 14.02 -3.30 11.68
CA MET J 182 14.76 -2.77 10.54
C MET J 182 13.83 -2.72 9.33
N CYS J 183 13.93 -1.64 8.56
CA CYS J 183 13.09 -1.49 7.38
C CYS J 183 13.52 -2.50 6.30
N ARG J 184 12.54 -2.97 5.52
CA ARG J 184 12.77 -4.09 4.61
C ARG J 184 13.70 -3.71 3.46
N ASN J 185 13.44 -2.60 2.80
CA ASN J 185 14.28 -2.13 1.70
C ASN J 185 15.06 -0.88 2.06
N CYS J 186 14.47 -0.04 2.91
CA CYS J 186 15.10 1.19 3.35
C CYS J 186 16.29 0.91 4.28
N ARG J 187 16.20 -0.16 5.06
CA ARG J 187 17.16 -0.57 6.09
C ARG J 187 17.30 0.44 7.22
N HIS J 188 16.27 1.24 7.46
CA HIS J 188 16.24 2.12 8.61
C HIS J 188 16.07 1.31 9.89
N THR J 189 16.88 1.61 10.90
CA THR J 189 16.91 0.84 12.13
C THR J 189 16.25 1.63 13.26
N THR J 190 15.33 0.97 13.98
CA THR J 190 14.54 1.63 15.00
C THR J 190 14.43 0.65 16.18
N SER J 191 14.15 1.17 17.36
CA SER J 191 13.90 0.32 18.52
C SER J 191 12.58 0.72 19.15
N ILE J 192 11.82 -0.28 19.59
CA ILE J 192 10.56 -0.07 20.31
C ILE J 192 10.69 -0.69 21.70
N THR J 193 10.35 0.09 22.72
CA THR J 193 10.38 -0.34 24.11
C THR J 193 8.94 -0.43 24.60
N ILE J 194 8.57 -1.59 25.13
CA ILE J 194 7.24 -1.82 25.69
C ILE J 194 7.40 -2.15 27.17
N ASN J 195 6.74 -1.37 28.02
CA ASN J 195 6.72 -1.61 29.45
C ASN J 195 5.32 -1.90 29.98
N ASN J 196 4.33 -2.01 29.10
CA ASN J 196 2.92 -2.17 29.49
C ASN J 196 2.40 -3.41 28.79
N PHE J 197 1.82 -4.34 29.56
CA PHE J 197 1.38 -5.63 29.04
C PHE J 197 -0.01 -6.02 29.51
N ASN J 198 -0.85 -5.05 29.90
CA ASN J 198 -2.12 -5.39 30.53
C ASN J 198 -3.15 -5.85 29.51
N SER J 199 -3.05 -5.38 28.27
CA SER J 199 -4.09 -5.61 27.29
C SER J 199 -4.15 -7.07 26.88
N ILE J 200 -5.37 -7.61 26.80
CA ILE J 200 -5.61 -8.95 26.29
C ILE J 200 -6.46 -8.81 25.03
N THR J 201 -6.23 -9.72 24.07
CA THR J 201 -6.89 -9.72 22.75
C THR J 201 -6.73 -8.36 22.07
N GLY J 202 -5.49 -8.00 21.75
CA GLY J 202 -5.21 -6.76 21.06
C GLY J 202 -3.74 -6.43 21.10
N ASN J 203 -3.26 -5.85 19.99
CA ASN J 203 -1.91 -5.31 19.93
C ASN J 203 -1.96 -3.80 20.16
N THR J 204 -1.93 -3.44 21.45
CA THR J 204 -1.97 -2.03 21.82
C THR J 204 -0.70 -1.30 21.40
N VAL J 205 0.40 -2.02 21.26
CA VAL J 205 1.63 -1.52 20.65
C VAL J 205 2.02 -2.49 19.55
N SER J 206 2.25 -1.96 18.35
CA SER J 206 2.55 -2.78 17.19
C SER J 206 3.69 -2.16 16.40
N LEU J 207 4.07 -2.84 15.33
CA LEU J 207 5.05 -2.28 14.41
C LEU J 207 4.41 -1.11 13.65
N PRO J 208 5.17 -0.06 13.37
CA PRO J 208 4.61 1.09 12.65
C PRO J 208 4.21 0.73 11.22
N ARG J 209 3.16 1.40 10.74
CA ARG J 209 2.56 1.10 9.45
C ARG J 209 3.37 1.61 8.28
N SER J 210 4.32 2.51 8.51
CA SER J 210 5.15 3.03 7.44
C SER J 210 6.54 3.32 8.02
N CYS J 211 7.52 3.44 7.13
CA CYS J 211 8.89 3.67 7.54
C CYS J 211 9.02 5.05 8.20
N LEU J 212 9.78 5.09 9.29
CA LEU J 212 9.96 6.32 10.07
C LEU J 212 11.18 7.12 9.62
N SER J 213 11.87 6.71 8.56
CA SER J 213 13.05 7.44 8.12
C SER J 213 12.69 8.78 7.49
N THR J 214 11.59 8.81 6.73
CA THR J 214 11.24 10.01 5.98
C THR J 214 10.76 11.14 6.88
N ILE J 215 9.89 10.82 7.85
CA ILE J 215 9.33 11.86 8.71
C ILE J 215 10.39 12.41 9.65
N GLU J 216 11.34 11.57 10.08
CA GLU J 216 12.43 12.05 10.92
C GLU J 216 13.34 13.01 10.15
N SER J 217 13.71 12.64 8.92
CA SER J 217 14.63 13.41 8.07
C SER J 217 15.94 13.70 8.81
N GLU J 218 16.51 12.65 9.41
CA GLU J 218 17.63 12.85 10.32
C GLU J 218 18.93 13.14 9.56
N SER J 219 19.10 12.52 8.41
CA SER J 219 20.30 12.70 7.60
C SER J 219 20.09 13.87 6.65
N SER J 220 21.17 14.60 6.37
CA SER J 220 21.07 15.78 5.51
C SER J 220 20.84 15.39 4.05
N MET J 221 21.39 14.25 3.62
CA MET J 221 21.31 13.88 2.22
C MET J 221 19.90 13.44 1.84
N ALA J 222 19.28 12.60 2.67
CA ALA J 222 17.93 12.04 2.43
C ALA J 222 17.84 11.35 1.07
N ASN J 223 18.76 10.41 0.83
CA ASN J 223 18.80 9.68 -0.42
C ASN J 223 17.60 8.73 -0.56
N LYS J 233 9.82 9.88 -5.89
CA LYS J 233 9.20 9.53 -4.61
C LYS J 233 9.48 8.08 -4.24
N LYS J 234 10.12 7.89 -3.09
CA LYS J 234 10.50 6.56 -2.60
C LYS J 234 9.61 6.21 -1.41
N ASN J 235 8.93 5.08 -1.50
CA ASN J 235 8.06 4.61 -0.43
C ASN J 235 8.40 3.16 -0.11
N CYS J 236 8.66 2.91 1.18
CA CYS J 236 9.12 1.59 1.60
C CYS J 236 7.98 0.57 1.61
N GLY J 237 6.75 1.03 1.75
CA GLY J 237 5.60 0.15 1.70
C GLY J 237 4.90 0.02 3.04
N PRO J 238 3.70 -0.56 3.02
CA PRO J 238 2.99 -0.83 4.28
C PRO J 238 3.66 -1.95 5.05
N ASP J 239 3.79 -1.75 6.37
CA ASP J 239 4.46 -2.64 7.31
C ASP J 239 5.86 -3.05 6.84
N PRO J 240 6.78 -2.10 6.67
CA PRO J 240 8.09 -2.49 6.11
C PRO J 240 9.05 -3.05 7.16
N TYR J 241 8.73 -2.92 8.43
CA TYR J 241 9.69 -3.26 9.47
C TYR J 241 9.71 -4.76 9.77
N ILE J 242 10.90 -5.26 10.04
CA ILE J 242 11.16 -6.66 10.37
C ILE J 242 11.83 -6.68 11.74
N ILE J 243 11.34 -7.55 12.62
CA ILE J 243 11.90 -7.68 13.96
C ILE J 243 13.23 -8.43 13.89
N ILE J 244 14.26 -7.86 14.50
CA ILE J 244 15.55 -8.51 14.64
C ILE J 244 15.53 -9.24 15.97
N HIS J 245 15.33 -10.56 15.91
CA HIS J 245 15.04 -11.35 17.10
C HIS J 245 16.26 -11.55 18.00
N GLU J 246 17.46 -11.64 17.42
CA GLU J 246 18.66 -11.88 18.21
C GLU J 246 19.04 -10.68 19.07
N SER J 247 18.47 -9.50 18.80
CA SER J 247 18.71 -8.31 19.62
C SER J 247 17.43 -7.80 20.28
N SER J 248 16.36 -8.58 20.26
CA SER J 248 15.12 -8.20 20.92
C SER J 248 15.00 -8.88 22.28
N LYS J 249 14.20 -8.28 23.16
CA LYS J 249 14.04 -8.74 24.53
C LYS J 249 12.59 -9.12 24.79
N PHE J 250 12.37 -10.11 25.65
CA PHE J 250 11.06 -10.68 25.86
C PHE J 250 10.82 -10.96 27.35
N ILE J 251 9.55 -11.03 27.72
CA ILE J 251 9.14 -11.47 29.05
C ILE J 251 8.10 -12.57 28.93
N ASP J 252 7.63 -13.05 30.08
CA ASP J 252 6.70 -14.15 30.16
C ASP J 252 5.32 -13.62 30.54
N GLN J 253 4.31 -14.10 29.83
CA GLN J 253 2.92 -13.77 30.13
C GLN J 253 2.17 -15.07 30.37
N GLN J 254 1.30 -15.07 31.37
CA GLN J 254 0.53 -16.26 31.73
C GLN J 254 -0.94 -15.89 31.87
N PHE J 255 -1.78 -16.80 31.39
CA PHE J 255 -3.23 -16.71 31.54
C PHE J 255 -3.65 -17.63 32.67
N LEU J 256 -4.43 -17.09 33.60
CA LEU J 256 -4.99 -17.86 34.70
C LEU J 256 -6.51 -17.79 34.62
N LYS J 257 -7.17 -18.81 35.16
CA LYS J 257 -8.64 -18.82 35.21
C LYS J 257 -9.06 -18.93 36.66
N LEU J 258 -9.79 -17.94 37.14
CA LEU J 258 -10.21 -17.88 38.54
C LEU J 258 -11.71 -18.13 38.63
N GLN J 259 -12.10 -19.04 39.51
CA GLN J 259 -13.49 -19.38 39.72
C GLN J 259 -13.88 -19.00 41.14
N GLU J 260 -15.16 -18.70 41.33
CA GLU J 260 -15.69 -18.56 42.68
C GLU J 260 -15.63 -19.91 43.38
N ILE J 261 -15.48 -19.88 44.70
CA ILE J 261 -15.30 -21.13 45.43
C ILE J 261 -16.57 -21.96 45.36
N PRO J 262 -16.49 -23.29 45.22
CA PRO J 262 -17.71 -24.08 45.00
C PRO J 262 -18.53 -24.30 46.25
N GLU J 263 -18.01 -23.94 47.43
CA GLU J 263 -18.79 -24.08 48.66
C GLU J 263 -19.96 -23.10 48.68
N LEU J 264 -19.77 -21.90 48.10
CA LEU J 264 -20.83 -20.89 48.04
C LEU J 264 -21.14 -20.61 46.56
N VAL J 265 -22.01 -21.46 46.00
CA VAL J 265 -22.51 -21.34 44.63
C VAL J 265 -23.99 -21.65 44.71
N PRO J 266 -24.86 -20.92 44.00
CA PRO J 266 -26.28 -21.29 43.96
C PRO J 266 -26.45 -22.68 43.34
N VAL J 267 -27.49 -23.39 43.80
CA VAL J 267 -27.62 -24.81 43.53
C VAL J 267 -27.90 -25.06 42.05
N GLY J 268 -28.72 -24.22 41.43
CA GLY J 268 -29.06 -24.42 40.04
C GLY J 268 -28.18 -23.73 39.03
N GLU J 269 -27.09 -23.11 39.46
CA GLU J 269 -26.29 -22.24 38.60
C GLU J 269 -24.89 -22.81 38.35
N MET J 270 -24.40 -22.60 37.14
CA MET J 270 -23.02 -22.92 36.82
C MET J 270 -22.10 -21.93 37.52
N PRO J 271 -20.99 -22.41 38.10
CA PRO J 271 -20.04 -21.48 38.75
C PRO J 271 -19.42 -20.53 37.73
N ARG J 272 -19.28 -19.26 38.14
CA ARG J 272 -18.81 -18.22 37.25
C ARG J 272 -17.32 -17.98 37.46
N ASN J 273 -16.63 -17.66 36.38
CA ASN J 273 -15.18 -17.55 36.37
C ASN J 273 -14.73 -16.38 35.51
N LEU J 274 -13.48 -15.97 35.71
CA LEU J 274 -12.87 -14.88 34.97
C LEU J 274 -11.49 -15.29 34.48
N THR J 275 -11.11 -14.72 33.34
CA THR J 275 -9.78 -14.86 32.78
C THR J 275 -8.91 -13.73 33.32
N MET J 276 -7.70 -14.07 33.76
CA MET J 276 -6.76 -13.08 34.28
C MET J 276 -5.42 -13.25 33.59
N THR J 277 -4.66 -12.15 33.56
CA THR J 277 -3.34 -12.12 32.94
C THR J 277 -2.31 -11.67 33.96
N CYS J 278 -1.19 -12.38 34.03
CA CYS J 278 -0.06 -11.95 34.83
C CYS J 278 1.19 -11.97 33.96
N ASP J 279 2.20 -11.19 34.35
CA ASP J 279 3.44 -11.12 33.59
C ASP J 279 4.63 -11.03 34.54
N ARG J 280 5.79 -11.40 34.01
CA ARG J 280 7.11 -11.26 34.66
C ARG J 280 7.12 -12.06 35.95
N TYR J 281 7.33 -11.46 37.12
CA TYR J 281 7.53 -12.22 38.34
C TYR J 281 6.22 -12.72 38.93
N LEU J 282 5.09 -12.32 38.36
CA LEU J 282 3.81 -12.83 38.84
C LEU J 282 3.46 -14.17 38.19
N THR J 283 4.17 -14.58 37.15
CA THR J 283 3.89 -15.84 36.51
C THR J 283 4.48 -17.00 37.32
N ASN J 284 3.83 -18.17 37.19
CA ASN J 284 4.26 -19.43 37.81
C ASN J 284 4.33 -19.34 39.34
N LYS J 285 3.57 -18.43 39.93
CA LYS J 285 3.53 -18.28 41.38
C LYS J 285 2.42 -19.09 42.04
N VAL J 286 1.58 -19.76 41.25
CA VAL J 286 0.40 -20.42 41.77
C VAL J 286 0.05 -21.59 40.86
N ILE J 287 -0.43 -22.66 41.45
CA ILE J 287 -0.84 -23.86 40.72
C ILE J 287 -2.37 -23.95 40.75
N PRO J 288 -3.01 -24.62 39.79
CA PRO J 288 -4.46 -24.80 39.87
C PRO J 288 -4.87 -25.61 41.09
N GLY J 289 -6.02 -25.26 41.66
CA GLY J 289 -6.46 -25.82 42.91
C GLY J 289 -6.17 -24.95 44.12
N THR J 290 -5.35 -23.92 43.98
CA THR J 290 -4.98 -23.04 45.09
C THR J 290 -6.02 -21.94 45.26
N ARG J 291 -6.41 -21.71 46.51
CA ARG J 291 -7.32 -20.64 46.88
C ARG J 291 -6.50 -19.37 47.09
N VAL J 292 -6.86 -18.29 46.39
CA VAL J 292 -6.04 -17.10 46.32
C VAL J 292 -6.89 -15.85 46.56
N THR J 293 -6.22 -14.83 47.06
CA THR J 293 -6.69 -13.45 47.04
C THR J 293 -5.86 -12.67 46.04
N ILE J 294 -6.51 -12.04 45.08
CA ILE J 294 -5.84 -11.41 43.96
C ILE J 294 -6.22 -9.96 43.90
N VAL J 295 -5.21 -9.10 43.78
CA VAL J 295 -5.39 -7.67 43.56
C VAL J 295 -5.12 -7.42 42.08
N GLY J 296 -6.06 -6.78 41.40
CA GLY J 296 -5.86 -6.52 39.98
C GLY J 296 -6.80 -5.48 39.45
N ILE J 297 -6.60 -5.14 38.17
CA ILE J 297 -7.44 -4.15 37.51
C ILE J 297 -8.55 -4.89 36.76
N TYR J 298 -9.79 -4.60 37.13
CA TYR J 298 -10.94 -5.09 36.38
C TYR J 298 -11.00 -4.39 35.03
N SER J 299 -10.70 -5.14 33.97
CA SER J 299 -10.43 -4.54 32.68
C SER J 299 -11.35 -5.11 31.60
N ILE J 300 -11.13 -4.64 30.37
CA ILE J 300 -12.06 -4.77 29.26
C ILE J 300 -11.31 -5.28 28.03
N TYR J 301 -11.90 -6.25 27.33
CA TYR J 301 -11.46 -6.60 25.99
C TYR J 301 -12.65 -6.99 25.14
N ASN J 302 -12.50 -6.84 23.83
CA ASN J 302 -13.52 -7.18 22.85
C ASN J 302 -13.12 -8.47 22.15
N SER J 303 -14.01 -9.46 22.16
CA SER J 303 -13.77 -10.76 21.57
C SER J 303 -14.70 -10.95 20.38
N LYS J 304 -14.12 -11.23 19.22
CA LYS J 304 -14.89 -11.44 18.01
C LYS J 304 -14.97 -12.92 17.65
N SER J 319 -24.92 -11.49 20.47
CA SER J 319 -24.92 -11.47 21.93
C SER J 319 -24.80 -10.06 22.48
N GLY J 320 -25.41 -9.10 21.78
CA GLY J 320 -25.34 -7.71 22.20
C GLY J 320 -24.46 -6.88 21.29
N VAL J 321 -24.91 -5.66 21.01
CA VAL J 321 -24.24 -4.81 20.04
C VAL J 321 -22.90 -4.30 20.59
N ALA J 322 -22.86 -3.91 21.86
CA ALA J 322 -21.64 -3.42 22.49
C ALA J 322 -21.44 -4.15 23.81
N ILE J 323 -20.88 -5.36 23.74
CA ILE J 323 -20.66 -6.20 24.91
C ILE J 323 -19.18 -6.57 24.94
N ARG J 324 -18.56 -6.35 26.09
CA ARG J 324 -17.15 -6.64 26.28
C ARG J 324 -17.00 -7.71 27.36
N THR J 325 -16.09 -8.63 27.15
CA THR J 325 -15.84 -9.65 28.15
C THR J 325 -14.91 -9.11 29.23
N PRO J 326 -15.29 -9.20 30.50
CA PRO J 326 -14.40 -8.72 31.56
C PRO J 326 -13.20 -9.64 31.77
N TYR J 327 -12.12 -9.03 32.27
CA TYR J 327 -10.92 -9.77 32.63
C TYR J 327 -10.14 -8.94 33.65
N ILE J 328 -9.15 -9.57 34.27
CA ILE J 328 -8.37 -8.96 35.34
C ILE J 328 -6.91 -8.92 34.92
N LYS J 329 -6.30 -7.74 34.99
CA LYS J 329 -4.84 -7.64 34.90
C LYS J 329 -4.30 -7.79 36.33
N ILE J 330 -3.59 -8.89 36.58
CA ILE J 330 -3.17 -9.23 37.93
C ILE J 330 -2.09 -8.27 38.39
N LEU J 331 -2.29 -7.67 39.57
CA LEU J 331 -1.24 -6.84 40.16
C LEU J 331 -0.55 -7.56 41.32
N GLY J 332 -1.27 -8.45 41.99
CA GLY J 332 -0.70 -9.21 43.08
C GLY J 332 -1.48 -10.48 43.36
N ILE J 333 -0.75 -11.54 43.70
CA ILE J 333 -1.34 -12.82 44.07
C ILE J 333 -0.91 -13.16 45.48
N GLN J 334 -1.87 -13.53 46.33
CA GLN J 334 -1.59 -13.99 47.68
C GLN J 334 -2.26 -15.33 47.89
N SER J 335 -1.45 -16.35 48.16
CA SER J 335 -1.97 -17.70 48.42
C SER J 335 -2.43 -17.75 49.87
N ASP J 336 -3.73 -18.02 50.06
CA ASP J 336 -4.31 -18.07 51.39
C ASP J 336 -3.71 -19.20 52.22
N VAL J 337 -3.56 -20.38 51.60
CA VAL J 337 -2.85 -21.50 52.20
C VAL J 337 -1.86 -22.03 51.16
N GLU J 338 -0.81 -22.68 51.64
CA GLU J 338 0.23 -23.21 50.78
C GLU J 338 0.22 -24.73 50.83
N THR J 339 0.04 -25.36 49.67
CA THR J 339 0.03 -26.81 49.60
C THR J 339 1.44 -27.35 49.82
N SER J 340 1.50 -28.59 50.31
CA SER J 340 2.75 -29.20 50.71
C SER J 340 3.11 -30.34 49.76
N SER J 341 4.33 -30.30 49.24
CA SER J 341 4.85 -31.32 48.35
C SER J 341 6.37 -31.24 48.38
N ILE J 342 7.02 -32.12 47.60
CA ILE J 342 8.47 -32.12 47.53
C ILE J 342 8.96 -30.85 46.83
N TRP J 343 8.21 -30.35 45.84
CA TRP J 343 8.66 -29.19 45.09
C TRP J 343 8.49 -27.90 45.90
N ASN J 344 7.43 -27.82 46.68
CA ASN J 344 7.17 -26.65 47.52
C ASN J 344 7.81 -26.76 48.90
N SER J 345 8.52 -27.84 49.17
CA SER J 345 9.20 -28.00 50.46
C SER J 345 10.36 -27.04 50.57
N VAL J 346 10.63 -26.59 51.80
CA VAL J 346 11.69 -25.63 52.07
C VAL J 346 12.79 -26.36 52.84
N THR J 347 14.04 -26.13 52.43
CA THR J 347 15.17 -26.78 53.10
C THR J 347 15.93 -25.80 53.96
N MET J 348 15.71 -24.49 53.77
CA MET J 348 16.45 -23.48 54.50
C MET J 348 15.97 -23.39 55.94
N PHE J 349 16.92 -23.18 56.86
CA PHE J 349 16.62 -23.03 58.27
C PHE J 349 17.38 -21.83 58.82
N THR J 350 16.71 -21.08 59.70
CA THR J 350 17.35 -19.96 60.36
C THR J 350 18.21 -20.47 61.53
N GLU J 351 19.10 -19.59 62.01
CA GLU J 351 20.03 -20.00 63.06
C GLU J 351 19.34 -20.17 64.41
N GLU J 352 18.37 -19.31 64.72
CA GLU J 352 17.69 -19.42 66.00
C GLU J 352 16.78 -20.63 66.06
N GLU J 353 16.15 -20.99 64.92
CA GLU J 353 15.29 -22.16 64.89
C GLU J 353 16.14 -23.43 64.95
N GLU J 354 17.30 -23.41 64.29
CA GLU J 354 18.25 -24.52 64.37
C GLU J 354 18.75 -24.72 65.79
N GLU J 355 19.08 -23.63 66.49
CA GLU J 355 19.53 -23.76 67.88
C GLU J 355 18.41 -24.22 68.81
N GLU J 356 17.19 -23.72 68.60
CA GLU J 356 16.03 -24.17 69.34
C GLU J 356 15.74 -25.65 69.16
N PHE J 357 15.91 -26.18 67.95
CA PHE J 357 15.80 -27.62 67.72
C PHE J 357 16.95 -28.42 68.31
N LEU J 358 18.15 -27.85 68.40
CA LEU J 358 19.23 -28.50 69.11
C LEU J 358 18.96 -28.57 70.61
N GLN J 359 18.30 -27.56 71.16
CA GLN J 359 17.91 -27.63 72.58
C GLN J 359 16.90 -28.74 72.84
N LEU J 360 16.13 -29.14 71.82
CA LEU J 360 15.19 -30.25 72.01
C LEU J 360 15.91 -31.60 72.14
N SER J 361 16.98 -31.80 71.36
CA SER J 361 17.61 -33.11 71.30
C SER J 361 18.38 -33.44 72.57
N ARG J 362 18.78 -32.42 73.34
CA ARG J 362 19.51 -32.65 74.58
C ARG J 362 18.60 -33.08 75.73
N ASN J 363 17.29 -32.98 75.56
CA ASN J 363 16.37 -33.40 76.62
C ASN J 363 16.34 -34.92 76.69
N PRO J 364 16.68 -35.53 77.83
CA PRO J 364 16.56 -37.00 77.94
C PRO J 364 15.12 -37.48 77.86
N LYS J 365 14.14 -36.66 78.22
CA LYS J 365 12.73 -37.02 78.10
C LYS J 365 12.09 -36.41 76.86
N LEU J 366 12.86 -36.25 75.77
CA LEU J 366 12.28 -35.80 74.52
C LEU J 366 11.31 -36.83 73.96
N TYR J 367 11.63 -38.12 74.14
CA TYR J 367 10.76 -39.20 73.70
C TYR J 367 9.40 -39.13 74.38
N GLU J 368 9.39 -38.93 75.70
CA GLU J 368 8.13 -38.92 76.44
C GLU J 368 7.27 -37.71 76.07
N ILE J 369 7.88 -36.53 76.00
CA ILE J 369 7.11 -35.33 75.68
C ILE J 369 6.64 -35.36 74.23
N LEU J 370 7.41 -36.01 73.34
CA LEU J 370 7.00 -36.09 71.95
C LEU J 370 5.88 -37.10 71.76
N THR J 371 5.88 -38.18 72.56
CA THR J 371 4.76 -39.11 72.53
C THR J 371 3.50 -38.50 73.13
N ASN J 372 3.66 -37.68 74.18
CA ASN J 372 2.51 -36.96 74.71
C ASN J 372 2.03 -35.88 73.75
N SER J 373 2.93 -35.40 72.88
CA SER J 373 2.54 -34.43 71.88
C SER J 373 1.71 -35.08 70.77
N ILE J 374 1.83 -36.40 70.62
CA ILE J 374 1.03 -37.13 69.63
C ILE J 374 -0.37 -37.33 70.18
N ALA J 375 -1.35 -36.66 69.53
CA ALA J 375 -2.77 -36.80 69.85
C ALA J 375 -3.08 -36.63 71.34
N PRO J 376 -2.97 -35.40 71.86
CA PRO J 376 -3.22 -35.21 73.30
C PRO J 376 -4.64 -35.50 73.72
N SER J 377 -5.60 -35.34 72.81
CA SER J 377 -7.01 -35.59 73.10
C SER J 377 -7.42 -37.03 72.87
N ILE J 378 -6.47 -37.96 72.86
CA ILE J 378 -6.75 -39.38 72.73
C ILE J 378 -6.24 -40.08 73.99
N PHE J 379 -7.13 -40.83 74.65
CA PHE J 379 -6.83 -41.47 75.92
C PHE J 379 -6.27 -42.86 75.66
N GLY J 380 -5.16 -43.18 76.29
CA GLY J 380 -4.54 -44.48 76.11
C GLY J 380 -3.78 -44.59 74.81
N ASN J 381 -3.54 -45.85 74.39
CA ASN J 381 -2.83 -46.19 73.16
C ASN J 381 -1.43 -45.56 73.11
N GLU J 382 -0.69 -45.70 74.22
CA GLU J 382 0.64 -45.10 74.30
C GLU J 382 1.62 -45.80 73.36
N ASP J 383 1.50 -47.12 73.22
CA ASP J 383 2.36 -47.86 72.30
C ASP J 383 2.11 -47.44 70.86
N ILE J 384 0.85 -47.21 70.49
CA ILE J 384 0.52 -46.74 69.15
C ILE J 384 1.08 -45.34 68.94
N LYS J 385 1.04 -44.49 69.96
CA LYS J 385 1.60 -43.15 69.85
C LYS J 385 3.12 -43.19 69.70
N LYS J 386 3.77 -44.13 70.38
CA LYS J 386 5.22 -44.31 70.21
C LYS J 386 5.54 -44.80 68.80
N ALA J 387 4.74 -45.73 68.27
CA ALA J 387 4.92 -46.20 66.90
C ALA J 387 4.69 -45.09 65.88
N ILE J 388 3.73 -44.19 66.14
CA ILE J 388 3.53 -43.02 65.28
C ILE J 388 4.73 -42.07 65.33
N VAL J 389 5.34 -41.89 66.50
CA VAL J 389 6.58 -41.12 66.60
C VAL J 389 7.68 -41.75 65.75
N CYS J 390 7.84 -43.08 65.83
CA CYS J 390 8.83 -43.77 65.02
C CYS J 390 8.51 -43.67 63.53
N LEU J 391 7.24 -43.73 63.16
CA LEU J 391 6.83 -43.65 61.76
C LEU J 391 7.08 -42.27 61.18
N LEU J 392 6.85 -41.21 61.96
CA LEU J 392 6.97 -39.84 61.46
C LEU J 392 8.40 -39.50 61.06
N MET J 393 9.39 -39.92 61.85
CA MET J 393 10.79 -39.65 61.52
C MET J 393 11.33 -40.54 60.42
N GLY J 394 10.90 -41.79 60.38
CA GLY J 394 11.46 -42.76 59.46
C GLY J 394 12.83 -43.22 59.91
N GLY J 395 13.54 -43.93 59.04
CA GLY J 395 14.88 -44.38 59.36
C GLY J 395 15.88 -44.01 58.28
N SER J 396 17.13 -44.39 58.48
CA SER J 396 18.16 -44.09 57.49
C SER J 396 18.00 -44.98 56.27
N LYS J 397 17.97 -44.34 55.11
CA LYS J 397 17.87 -45.03 53.83
C LYS J 397 19.26 -45.40 53.35
N LYS J 398 19.39 -46.59 52.77
CA LYS J 398 20.68 -47.11 52.33
C LYS J 398 20.66 -47.32 50.83
N ILE J 399 21.70 -46.82 50.16
CA ILE J 399 21.97 -47.13 48.76
C ILE J 399 23.32 -47.85 48.71
N LEU J 400 23.31 -49.04 48.14
CA LEU J 400 24.42 -49.98 48.21
C LEU J 400 25.22 -49.95 46.91
N PRO J 401 26.49 -50.37 46.94
CA PRO J 401 27.30 -50.35 45.70
C PRO J 401 26.78 -51.24 44.58
N ASP J 402 26.01 -52.29 44.89
CA ASP J 402 25.36 -53.09 43.87
C ASP J 402 24.07 -52.45 43.37
N GLY J 403 23.65 -51.35 43.98
CA GLY J 403 22.48 -50.62 43.56
C GLY J 403 21.20 -51.00 44.27
N MET J 404 21.23 -51.99 45.16
CA MET J 404 20.00 -52.48 45.76
C MET J 404 19.61 -51.53 46.90
N ARG J 405 18.47 -50.85 46.73
CA ARG J 405 18.09 -49.79 47.65
C ARG J 405 17.33 -50.36 48.85
N LEU J 406 17.74 -49.95 50.04
CA LEU J 406 17.11 -50.38 51.28
C LEU J 406 16.29 -49.23 51.85
N ARG J 407 15.00 -49.48 52.07
CA ARG J 407 14.10 -48.44 52.52
C ARG J 407 14.24 -48.20 54.02
N GLY J 408 13.90 -46.99 54.44
CA GLY J 408 13.99 -46.61 55.84
C GLY J 408 12.68 -46.15 56.42
N ASP J 409 11.66 -46.03 55.58
CA ASP J 409 10.34 -45.60 56.02
C ASP J 409 9.60 -46.77 56.68
N ILE J 410 8.84 -46.46 57.73
CA ILE J 410 8.14 -47.46 58.53
C ILE J 410 6.66 -47.41 58.19
N ASN J 411 6.09 -48.57 57.90
CA ASN J 411 4.66 -48.72 57.65
C ASN J 411 4.01 -49.41 58.84
N VAL J 412 2.93 -48.83 59.35
CA VAL J 412 2.25 -49.32 60.54
C VAL J 412 0.79 -49.58 60.22
N LEU J 413 0.30 -50.76 60.57
CA LEU J 413 -1.11 -51.13 60.46
C LEU J 413 -1.76 -51.08 61.82
N LEU J 414 -2.98 -50.54 61.88
CA LEU J 414 -3.79 -50.46 63.10
C LEU J 414 -5.14 -51.08 62.76
N LEU J 415 -5.40 -52.30 63.23
CA LEU J 415 -6.69 -52.93 62.94
C LEU J 415 -7.39 -53.19 64.25
N GLY J 416 -8.69 -52.95 64.29
CA GLY J 416 -9.39 -53.13 65.55
C GLY J 416 -10.86 -52.76 65.49
N ASP J 417 -11.47 -52.76 66.68
CA ASP J 417 -12.90 -52.54 66.80
C ASP J 417 -13.26 -51.10 66.45
N PRO J 418 -14.48 -50.88 65.94
CA PRO J 418 -14.91 -49.51 65.61
C PRO J 418 -14.99 -48.63 66.86
N GLY J 419 -14.73 -47.34 66.65
CA GLY J 419 -14.84 -46.37 67.72
C GLY J 419 -13.65 -46.33 68.67
N THR J 420 -12.47 -46.73 68.22
CA THR J 420 -11.28 -46.75 69.06
C THR J 420 -10.21 -45.77 68.61
N ALA J 421 -10.60 -44.68 67.95
CA ALA J 421 -9.74 -43.52 67.67
C ALA J 421 -8.56 -43.85 66.76
N LYS J 422 -8.67 -44.88 65.93
CA LYS J 422 -7.62 -45.11 64.95
C LYS J 422 -7.73 -44.15 63.77
N SER J 423 -8.97 -43.84 63.36
CA SER J 423 -9.16 -42.83 62.32
C SER J 423 -8.76 -41.45 62.82
N GLN J 424 -9.02 -41.17 64.11
CA GLN J 424 -8.56 -39.92 64.70
C GLN J 424 -7.04 -39.83 64.71
N LEU J 425 -6.36 -40.95 64.96
CA LEU J 425 -4.90 -40.97 64.89
C LEU J 425 -4.42 -40.72 63.47
N LEU J 426 -5.11 -41.29 62.47
CA LEU J 426 -4.76 -41.01 61.08
C LEU J 426 -4.93 -39.53 60.75
N LYS J 427 -6.02 -38.92 61.21
CA LYS J 427 -6.23 -37.49 60.97
C LYS J 427 -5.15 -36.65 61.64
N PHE J 428 -4.75 -37.01 62.86
CA PHE J 428 -3.71 -36.24 63.54
C PHE J 428 -2.37 -36.39 62.82
N VAL J 429 -2.08 -37.60 62.32
CA VAL J 429 -0.83 -37.80 61.56
C VAL J 429 -0.87 -37.00 60.26
N GLU J 430 -2.04 -36.90 59.63
CA GLU J 430 -2.18 -36.05 58.45
C GLU J 430 -1.91 -34.59 58.80
N LYS J 431 -2.41 -34.13 59.95
CA LYS J 431 -2.22 -32.74 60.34
C LYS J 431 -0.77 -32.44 60.71
N VAL J 432 -0.10 -33.38 61.38
CA VAL J 432 1.20 -33.06 61.97
C VAL J 432 2.33 -33.30 60.97
N SER J 433 2.11 -34.15 59.98
CA SER J 433 3.18 -34.45 59.03
C SER J 433 3.38 -33.28 58.08
N PRO J 434 4.64 -32.96 57.73
CA PRO J 434 4.87 -31.88 56.75
C PRO J 434 4.25 -32.17 55.39
N ILE J 435 4.37 -33.40 54.91
CA ILE J 435 3.68 -33.84 53.71
C ILE J 435 2.87 -35.07 54.09
N ALA J 436 1.56 -35.02 53.83
CA ALA J 436 0.68 -36.10 54.21
C ALA J 436 -0.57 -36.09 53.34
N VAL J 437 -1.08 -37.27 53.05
CA VAL J 437 -2.33 -37.43 52.32
C VAL J 437 -3.19 -38.45 53.06
N TYR J 438 -4.40 -38.06 53.44
CA TYR J 438 -5.37 -38.95 54.07
C TYR J 438 -6.37 -39.39 53.02
N THR J 439 -6.47 -40.70 52.80
CA THR J 439 -7.43 -41.26 51.86
C THR J 439 -8.02 -42.53 52.43
N SER J 440 -9.07 -43.01 51.78
CA SER J 440 -9.62 -44.33 52.08
C SER J 440 -8.91 -45.39 51.24
N GLY J 441 -9.36 -46.64 51.40
CA GLY J 441 -8.81 -47.72 50.60
C GLY J 441 -9.14 -47.59 49.14
N LYS J 442 -10.34 -47.11 48.82
CA LYS J 442 -10.75 -46.88 47.45
C LYS J 442 -10.40 -45.47 46.97
N GLY J 443 -9.70 -44.69 47.79
CA GLY J 443 -9.30 -43.36 47.40
C GLY J 443 -10.24 -42.29 47.93
N SER J 444 -10.31 -41.16 47.23
CA SER J 444 -11.17 -40.05 47.60
C SER J 444 -12.31 -39.93 46.59
N SER J 445 -13.10 -38.87 46.76
CA SER J 445 -14.25 -38.65 45.88
C SER J 445 -13.81 -38.43 44.44
N ALA J 446 -12.78 -37.61 44.22
CA ALA J 446 -12.26 -37.40 42.88
C ALA J 446 -10.74 -37.50 42.84
N ALA J 447 -10.11 -37.99 43.90
CA ALA J 447 -8.67 -38.22 43.92
C ALA J 447 -8.43 -39.70 44.14
N GLY J 448 -7.75 -40.34 43.19
CA GLY J 448 -7.51 -41.76 43.28
C GLY J 448 -6.36 -42.10 44.22
N LEU J 449 -6.20 -43.40 44.44
CA LEU J 449 -5.08 -43.92 45.20
C LEU J 449 -3.93 -44.26 44.26
N THR J 450 -2.74 -44.38 44.84
CA THR J 450 -1.50 -44.82 44.17
C THR J 450 -1.18 -43.82 43.06
N ALA J 451 -1.20 -44.21 41.78
CA ALA J 451 -0.81 -43.33 40.69
C ALA J 451 -1.82 -43.43 39.55
N SER J 452 -2.20 -42.27 39.02
CA SER J 452 -3.11 -42.18 37.88
C SER J 452 -2.39 -41.48 36.74
N VAL J 453 -2.20 -42.19 35.64
CA VAL J 453 -1.59 -41.63 34.44
C VAL J 453 -2.66 -41.56 33.37
N GLN J 454 -3.05 -40.35 33.00
CA GLN J 454 -4.07 -40.09 32.00
C GLN J 454 -3.52 -39.08 31.01
N ARG J 455 -4.37 -38.68 30.06
CA ARG J 455 -3.94 -37.80 28.98
C ARG J 455 -4.24 -36.34 29.32
N ASP J 456 -3.39 -35.46 28.80
CA ASP J 456 -3.57 -34.02 28.98
C ASP J 456 -4.86 -33.60 28.29
N PRO J 457 -5.73 -32.84 28.96
CA PRO J 457 -6.99 -32.41 28.31
C PRO J 457 -6.81 -31.58 27.05
N MET J 458 -5.69 -30.88 26.89
CA MET J 458 -5.50 -30.07 25.69
C MET J 458 -4.67 -30.81 24.63
N THR J 459 -3.52 -31.38 25.03
CA THR J 459 -2.59 -31.94 24.05
C THR J 459 -2.72 -33.44 23.87
N ARG J 460 -3.59 -34.11 24.62
CA ARG J 460 -3.81 -35.55 24.61
C ARG J 460 -2.55 -36.36 24.91
N GLU J 461 -1.59 -35.77 25.63
CA GLU J 461 -0.37 -36.48 25.97
C GLU J 461 -0.43 -36.98 27.41
N PHE J 462 0.29 -38.07 27.67
CA PHE J 462 0.24 -38.72 28.97
C PHE J 462 0.87 -37.85 30.05
N TYR J 463 0.21 -37.80 31.20
CA TYR J 463 0.71 -37.08 32.36
C TYR J 463 0.15 -37.74 33.60
N LEU J 464 0.77 -37.44 34.73
CA LEU J 464 0.39 -38.02 36.02
C LEU J 464 -0.69 -37.15 36.62
N GLU J 465 -1.94 -37.63 36.59
CA GLU J 465 -3.05 -36.82 37.08
C GLU J 465 -3.00 -36.63 38.59
N GLY J 466 -2.59 -37.66 39.31
CA GLY J 466 -2.50 -37.56 40.74
C GLY J 466 -2.46 -38.94 41.38
N GLY J 467 -2.85 -38.97 42.65
CA GLY J 467 -2.85 -40.20 43.41
C GLY J 467 -2.30 -39.99 44.81
N ALA J 468 -2.83 -40.73 45.78
CA ALA J 468 -2.49 -40.51 47.17
C ALA J 468 -1.02 -40.82 47.46
N MET J 469 -0.52 -41.93 46.92
CA MET J 469 0.82 -42.38 47.29
C MET J 469 1.89 -41.55 46.58
N VAL J 470 1.50 -40.86 45.52
CA VAL J 470 2.47 -40.11 44.72
C VAL J 470 2.54 -38.67 45.20
N LEU J 471 1.37 -38.09 45.53
CA LEU J 471 1.32 -36.70 45.99
C LEU J 471 2.00 -36.53 47.33
N ALA J 472 2.04 -37.60 48.14
CA ALA J 472 2.70 -37.57 49.44
C ALA J 472 4.09 -38.18 49.40
N ASP J 473 4.81 -38.03 48.30
CA ASP J 473 6.19 -38.50 48.22
C ASP J 473 7.05 -37.74 49.23
N GLY J 474 7.91 -38.47 49.94
CA GLY J 474 8.64 -37.86 51.02
C GLY J 474 7.79 -37.54 52.24
N GLY J 475 6.65 -38.20 52.38
CA GLY J 475 5.74 -37.94 53.49
C GLY J 475 5.01 -39.17 53.97
N VAL J 476 3.77 -39.00 54.41
CA VAL J 476 2.96 -40.07 55.00
C VAL J 476 1.65 -40.18 54.23
N VAL J 477 1.25 -41.41 53.92
CA VAL J 477 -0.07 -41.70 53.38
C VAL J 477 -0.86 -42.43 54.45
N CYS J 478 -1.97 -41.83 54.86
CA CYS J 478 -2.87 -42.40 55.86
C CYS J 478 -4.05 -43.05 55.15
N ILE J 479 -4.06 -44.38 55.13
CA ILE J 479 -5.07 -45.14 54.41
C ILE J 479 -6.06 -45.70 55.42
N ASP J 480 -7.24 -45.11 55.48
CA ASP J 480 -8.33 -45.61 56.30
C ASP J 480 -9.10 -46.67 55.52
N GLU J 481 -9.69 -47.62 56.26
CA GLU J 481 -10.41 -48.76 55.69
C GLU J 481 -9.53 -49.50 54.67
N PHE J 482 -8.39 -50.00 55.17
CA PHE J 482 -7.37 -50.58 54.31
C PHE J 482 -7.83 -51.92 53.73
N ASP J 483 -8.79 -52.57 54.37
CA ASP J 483 -9.25 -53.88 53.91
C ASP J 483 -9.99 -53.78 52.57
N LYS J 484 -10.83 -52.75 52.42
CA LYS J 484 -11.59 -52.57 51.18
C LYS J 484 -10.75 -51.78 50.19
N MET J 485 -10.26 -52.48 49.16
CA MET J 485 -9.39 -51.88 48.16
C MET J 485 -9.58 -52.59 46.83
N ARG J 486 -9.35 -51.86 45.74
CA ARG J 486 -9.40 -52.46 44.42
C ARG J 486 -8.13 -53.28 44.15
N ASP J 487 -8.18 -54.08 43.08
CA ASP J 487 -7.11 -55.03 42.81
C ASP J 487 -5.84 -54.35 42.33
N GLU J 488 -5.96 -53.40 41.40
CA GLU J 488 -4.78 -52.70 40.90
C GLU J 488 -4.18 -51.79 41.98
N ASP J 489 -5.04 -51.22 42.81
CA ASP J 489 -4.57 -50.42 43.94
C ASP J 489 -3.78 -51.28 44.91
N ARG J 490 -4.20 -52.53 45.13
CA ARG J 490 -3.48 -53.41 46.05
C ARG J 490 -2.06 -53.69 45.57
N VAL J 491 -1.89 -54.00 44.28
CA VAL J 491 -0.57 -54.33 43.78
C VAL J 491 0.32 -53.10 43.73
N ALA J 492 -0.26 -51.93 43.40
CA ALA J 492 0.52 -50.70 43.41
C ALA J 492 0.92 -50.32 44.84
N ILE J 493 0.02 -50.54 45.80
CA ILE J 493 0.34 -50.30 47.21
C ILE J 493 1.48 -51.22 47.66
N HIS J 494 1.43 -52.49 47.27
CA HIS J 494 2.47 -53.44 47.67
C HIS J 494 3.83 -53.03 47.12
N GLU J 495 3.88 -52.68 45.83
CA GLU J 495 5.12 -52.24 45.22
C GLU J 495 5.63 -50.94 45.85
N ALA J 496 4.73 -50.03 46.18
CA ALA J 496 5.16 -48.75 46.74
C ALA J 496 5.57 -48.87 48.22
N MET J 497 5.01 -49.85 48.93
CA MET J 497 5.44 -50.07 50.32
C MET J 497 6.81 -50.73 50.37
N GLU J 498 7.04 -51.75 49.55
CA GLU J 498 8.35 -52.40 49.65
C GLU J 498 9.42 -51.67 48.85
N GLN J 499 9.11 -51.29 47.63
CA GLN J 499 10.07 -50.77 46.68
C GLN J 499 10.24 -49.26 46.78
N GLN J 500 9.28 -48.56 47.38
CA GLN J 500 9.21 -47.09 47.43
C GLN J 500 9.15 -46.48 46.04
N THR J 501 8.71 -47.26 45.05
CA THR J 501 8.56 -46.81 43.68
C THR J 501 7.26 -47.40 43.13
N ILE J 502 6.77 -46.79 42.05
CA ILE J 502 5.59 -47.25 41.33
C ILE J 502 5.98 -47.43 39.87
N SER J 503 5.76 -48.63 39.34
CA SER J 503 6.02 -48.91 37.94
C SER J 503 4.75 -48.76 37.13
N ILE J 504 4.82 -47.99 36.05
CA ILE J 504 3.68 -47.76 35.18
C ILE J 504 4.11 -48.13 33.77
N ALA J 505 3.38 -49.07 33.15
CA ALA J 505 3.69 -49.55 31.81
C ALA J 505 2.40 -49.56 30.99
N LYS J 506 2.11 -48.44 30.34
CA LYS J 506 0.97 -48.32 29.46
C LYS J 506 1.44 -48.34 28.00
N ALA J 507 0.47 -48.12 27.10
CA ALA J 507 0.77 -48.18 25.67
C ALA J 507 1.60 -47.00 25.22
N GLY J 508 1.46 -45.86 25.89
CA GLY J 508 2.21 -44.68 25.48
C GLY J 508 3.46 -44.45 26.30
N ILE J 509 3.37 -44.65 27.61
CA ILE J 509 4.43 -44.26 28.54
C ILE J 509 4.81 -45.44 29.42
N THR J 510 6.11 -45.63 29.61
CA THR J 510 6.65 -46.56 30.58
C THR J 510 7.60 -45.80 31.49
N THR J 511 7.42 -45.96 32.79
CA THR J 511 8.21 -45.20 33.76
C THR J 511 8.22 -45.93 35.09
N VAL J 512 9.22 -45.60 35.91
CA VAL J 512 9.26 -45.97 37.31
C VAL J 512 9.41 -44.67 38.08
N LEU J 513 8.43 -44.35 38.90
CA LEU J 513 8.37 -43.05 39.56
C LEU J 513 8.43 -43.21 41.08
N ASN J 514 8.87 -42.15 41.75
CA ASN J 514 9.14 -42.23 43.18
C ASN J 514 7.85 -42.16 43.99
N SER J 515 7.73 -43.05 44.97
CA SER J 515 6.64 -43.05 45.92
C SER J 515 7.21 -43.32 47.31
N ARG J 516 8.29 -42.59 47.64
CA ARG J 516 9.04 -42.80 48.88
C ARG J 516 8.27 -42.21 50.05
N THR J 517 7.29 -42.97 50.52
CA THR J 517 6.39 -42.51 51.56
C THR J 517 6.12 -43.61 52.57
N SER J 518 5.81 -43.21 53.80
CA SER J 518 5.47 -44.16 54.84
C SER J 518 3.95 -44.35 54.92
N VAL J 519 3.53 -45.59 55.09
CA VAL J 519 2.12 -45.96 55.05
C VAL J 519 1.64 -46.17 56.48
N LEU J 520 0.61 -45.43 56.87
CA LEU J 520 -0.10 -45.66 58.12
C LEU J 520 -1.52 -46.06 57.77
N ALA J 521 -1.87 -47.31 58.04
CA ALA J 521 -3.13 -47.88 57.58
C ALA J 521 -4.00 -48.26 58.76
N ALA J 522 -5.31 -48.19 58.58
CA ALA J 522 -6.28 -48.58 59.60
C ALA J 522 -7.29 -49.53 59.00
N ALA J 523 -7.72 -50.51 59.79
CA ALA J 523 -8.60 -51.56 59.30
C ALA J 523 -9.54 -52.03 60.40
N ASN J 524 -10.67 -52.59 59.96
CA ASN J 524 -11.65 -53.20 60.82
C ASN J 524 -11.77 -54.68 60.48
N PRO J 525 -12.05 -55.55 61.46
CA PRO J 525 -12.17 -56.98 61.15
C PRO J 525 -13.59 -57.34 60.71
N ILE J 526 -13.72 -58.58 60.23
CA ILE J 526 -15.03 -59.05 59.76
C ILE J 526 -15.95 -59.31 60.94
N TYR J 527 -17.25 -59.41 60.63
CA TYR J 527 -18.32 -59.63 61.62
C TYR J 527 -18.31 -58.57 62.70
N GLY J 528 -18.03 -57.32 62.30
CA GLY J 528 -18.04 -56.23 63.27
C GLY J 528 -16.79 -56.26 64.13
N ARG J 529 -16.98 -56.61 65.39
CA ARG J 529 -15.88 -56.56 66.36
C ARG J 529 -14.89 -57.68 66.14
N TYR J 530 -13.68 -57.50 66.68
CA TYR J 530 -12.67 -58.55 66.65
C TYR J 530 -13.09 -59.70 67.55
N ASP J 531 -12.83 -60.93 67.09
CA ASP J 531 -13.22 -62.13 67.81
C ASP J 531 -11.97 -62.82 68.36
N ASP J 532 -11.98 -63.13 69.65
CA ASP J 532 -10.83 -63.78 70.27
C ASP J 532 -10.70 -65.23 69.83
N LEU J 533 -11.83 -65.88 69.54
CA LEU J 533 -11.78 -67.27 69.09
C LEU J 533 -11.15 -67.39 67.71
N LYS J 534 -11.44 -66.44 66.82
CA LYS J 534 -10.90 -66.48 65.48
C LYS J 534 -9.43 -66.04 65.47
N SER J 535 -8.71 -66.48 64.43
CA SER J 535 -7.33 -66.10 64.25
C SER J 535 -7.25 -64.63 63.81
N PRO J 536 -6.11 -63.96 64.07
CA PRO J 536 -5.92 -62.62 63.51
C PRO J 536 -6.00 -62.56 61.99
N GLY J 537 -5.52 -63.59 61.31
CA GLY J 537 -5.68 -63.64 59.86
C GLY J 537 -7.09 -63.99 59.45
N ASP J 538 -7.84 -64.65 60.34
CA ASP J 538 -9.23 -64.96 60.05
C ASP J 538 -10.12 -63.74 60.20
N ASN J 539 -9.73 -62.80 61.06
CA ASN J 539 -10.54 -61.61 61.28
C ASN J 539 -10.41 -60.61 60.13
N ILE J 540 -9.24 -60.54 59.51
CA ILE J 540 -9.03 -59.57 58.45
C ILE J 540 -9.67 -60.06 57.15
N ASP J 541 -10.23 -59.12 56.39
CA ASP J 541 -10.82 -59.44 55.09
C ASP J 541 -9.83 -59.18 53.95
N PHE J 542 -8.63 -59.73 54.08
CA PHE J 542 -7.62 -59.67 53.01
C PHE J 542 -6.57 -60.74 53.28
N GLN J 543 -5.62 -60.84 52.35
CA GLN J 543 -4.63 -61.91 52.41
C GLN J 543 -3.69 -61.72 53.60
N THR J 544 -3.25 -62.86 54.15
CA THR J 544 -2.37 -62.81 55.33
C THR J 544 -0.97 -62.35 54.96
N THR J 545 -0.60 -62.47 53.68
CA THR J 545 0.73 -62.03 53.25
C THR J 545 0.84 -60.51 53.26
N ILE J 546 -0.29 -59.81 53.26
CA ILE J 546 -0.27 -58.35 53.38
C ILE J 546 0.26 -57.94 54.75
N LEU J 547 -0.04 -58.74 55.78
CA LEU J 547 0.43 -58.45 57.13
C LEU J 547 1.95 -58.49 57.23
N SER J 548 2.59 -59.29 56.38
CA SER J 548 4.05 -59.31 56.35
C SER J 548 4.63 -57.98 55.91
N ARG J 549 3.89 -57.24 55.09
CA ARG J 549 4.41 -56.03 54.47
C ARG J 549 4.42 -54.85 55.44
N PHE J 550 3.75 -54.98 56.58
CA PHE J 550 3.71 -53.92 57.58
C PHE J 550 4.75 -54.16 58.67
N ASP J 551 5.44 -53.10 59.06
CA ASP J 551 6.51 -53.22 60.04
C ASP J 551 5.96 -53.46 61.45
N MET J 552 4.95 -52.70 61.85
CA MET J 552 4.30 -52.87 63.14
C MET J 552 2.80 -52.94 62.94
N ILE J 553 2.19 -53.99 63.49
CA ILE J 553 0.75 -54.22 63.41
C ILE J 553 0.20 -54.12 64.82
N PHE J 554 -0.86 -53.34 65.01
CA PHE J 554 -1.52 -53.22 66.30
C PHE J 554 -2.92 -53.79 66.24
N ILE J 555 -3.23 -54.61 67.23
CA ILE J 555 -4.54 -55.23 67.40
C ILE J 555 -5.25 -54.42 68.47
N VAL J 556 -6.16 -53.57 68.07
CA VAL J 556 -6.81 -52.65 69.02
C VAL J 556 -8.01 -53.35 69.62
N LYS J 557 -8.08 -53.35 70.95
CA LYS J 557 -9.02 -54.17 71.71
C LYS J 557 -10.12 -53.32 72.32
N ASP J 558 -11.31 -53.92 72.45
CA ASP J 558 -12.36 -53.38 73.29
C ASP J 558 -12.20 -53.97 74.68
N ASP J 559 -11.75 -53.16 75.63
CA ASP J 559 -11.45 -53.61 76.99
C ASP J 559 -12.69 -54.09 77.73
N HIS J 560 -13.83 -53.41 77.54
CA HIS J 560 -15.09 -53.73 78.21
C HIS J 560 -14.93 -53.71 79.73
N ASN J 561 -14.22 -52.71 80.24
CA ASN J 561 -14.01 -52.54 81.67
C ASN J 561 -14.70 -51.27 82.13
N GLU J 562 -15.33 -51.34 83.31
CA GLU J 562 -16.11 -50.22 83.82
C GLU J 562 -15.21 -49.05 84.21
N GLU J 563 -14.08 -49.34 84.85
CA GLU J 563 -13.17 -48.28 85.28
C GLU J 563 -12.49 -47.61 84.10
N ARG J 564 -12.26 -48.36 83.01
CA ARG J 564 -11.70 -47.76 81.80
C ARG J 564 -12.75 -46.93 81.07
N ASP J 565 -14.00 -47.40 81.07
CA ASP J 565 -15.08 -46.65 80.43
C ASP J 565 -15.33 -45.33 81.14
N ILE J 566 -15.26 -45.33 82.47
CA ILE J 566 -15.43 -44.09 83.24
C ILE J 566 -14.33 -43.09 82.88
N SER J 567 -13.07 -43.56 82.79
CA SER J 567 -11.95 -42.68 82.49
C SER J 567 -12.05 -42.13 81.07
N ILE J 568 -12.41 -42.98 80.10
CA ILE J 568 -12.48 -42.50 78.72
C ILE J 568 -13.65 -41.55 78.54
N ALA J 569 -14.78 -41.78 79.24
CA ALA J 569 -15.89 -40.84 79.19
C ALA J 569 -15.52 -39.51 79.82
N ASN J 570 -14.78 -39.55 80.94
CA ASN J 570 -14.30 -38.33 81.57
C ASN J 570 -13.38 -37.56 80.63
N HIS J 571 -12.52 -38.27 79.91
CA HIS J 571 -11.62 -37.61 78.96
C HIS J 571 -12.40 -36.96 77.82
N VAL J 572 -13.41 -37.64 77.30
CA VAL J 572 -14.23 -37.07 76.23
C VAL J 572 -14.98 -35.84 76.71
N ILE J 573 -15.43 -35.86 77.97
CA ILE J 573 -16.10 -34.68 78.53
C ILE J 573 -15.11 -33.54 78.74
N ASN J 574 -13.85 -33.86 79.08
CA ASN J 574 -12.81 -32.83 79.09
C ASN J 574 -12.64 -32.19 77.72
N ILE J 575 -12.64 -33.00 76.66
CA ILE J 575 -12.47 -32.46 75.31
C ILE J 575 -13.67 -31.58 74.93
N HIS J 576 -14.88 -32.04 75.24
CA HIS J 576 -16.06 -31.30 74.79
C HIS J 576 -16.30 -30.05 75.63
N THR J 577 -15.97 -30.09 76.92
CA THR J 577 -16.22 -28.94 77.79
C THR J 577 -15.28 -27.79 77.46
N GLY J 578 -14.01 -28.10 77.17
CA GLY J 578 -12.98 -27.10 77.02
C GLY J 578 -11.91 -27.15 78.07
N ASN J 579 -12.03 -28.04 79.06
CA ASN J 579 -10.98 -28.23 80.04
C ASN J 579 -9.73 -28.83 79.40
N ALA J 580 -9.92 -29.69 78.40
CA ALA J 580 -8.77 -30.32 77.74
C ALA J 580 -7.95 -29.30 76.96
N ASN J 581 -8.60 -28.32 76.34
CA ASN J 581 -7.86 -27.28 75.61
C ASN J 581 -7.02 -26.44 76.56
N ALA J 582 -7.58 -26.05 77.71
CA ALA J 582 -6.83 -25.29 78.70
C ALA J 582 -5.69 -26.11 79.28
N MET J 583 -5.94 -27.40 79.54
CA MET J 583 -4.88 -28.27 80.06
C MET J 583 -3.76 -28.43 79.05
N GLN J 584 -4.11 -28.59 77.76
CA GLN J 584 -3.10 -28.71 76.73
C GLN J 584 -2.30 -27.43 76.56
N ASN J 585 -2.96 -26.27 76.66
CA ASN J 585 -2.26 -25.00 76.61
C ASN J 585 -1.31 -24.84 77.79
N GLN J 586 -1.75 -25.23 78.99
CA GLN J 586 -0.89 -25.14 80.16
C GLN J 586 0.31 -26.09 80.04
N GLN J 587 0.10 -27.29 79.49
CA GLN J 587 1.20 -28.23 79.34
C GLN J 587 2.15 -27.78 78.22
N GLU J 588 1.63 -27.08 77.21
CA GLU J 588 2.49 -26.55 76.17
C GLU J 588 3.31 -25.36 76.67
N GLU J 589 2.74 -24.58 77.58
CA GLU J 589 3.53 -23.56 78.27
C GLU J 589 4.59 -24.22 79.16
N ASN J 590 4.22 -25.31 79.82
CA ASN J 590 5.16 -26.05 80.66
C ASN J 590 6.28 -26.67 79.83
N GLY J 591 5.93 -27.26 78.68
CA GLY J 591 6.90 -27.92 77.84
C GLY J 591 6.80 -29.42 77.79
N SER J 592 5.82 -30.02 78.46
CA SER J 592 5.67 -31.48 78.43
C SER J 592 4.96 -31.92 77.16
N GLU J 593 4.38 -30.99 76.43
CA GLU J 593 3.80 -31.22 75.11
C GLU J 593 4.21 -30.06 74.22
N ILE J 594 4.69 -30.35 73.02
CA ILE J 594 5.13 -29.27 72.15
C ILE J 594 4.17 -29.12 70.98
N SER J 595 4.19 -27.95 70.34
CA SER J 595 3.13 -27.55 69.43
C SER J 595 3.23 -28.27 68.08
N ILE J 596 2.09 -28.36 67.39
CA ILE J 596 1.96 -29.22 66.21
C ILE J 596 2.76 -28.68 65.02
N GLU J 597 2.71 -27.37 64.78
CA GLU J 597 3.53 -26.80 63.71
C GLU J 597 5.02 -26.92 64.04
N LYS J 598 5.35 -26.80 65.31
CA LYS J 598 6.73 -26.99 65.74
C LYS J 598 7.16 -28.45 65.60
N MET J 599 6.22 -29.38 65.84
CA MET J 599 6.49 -30.79 65.58
C MET J 599 6.74 -31.04 64.10
N LYS J 600 5.94 -30.42 63.24
CA LYS J 600 6.11 -30.58 61.79
C LYS J 600 7.47 -30.07 61.34
N ARG J 601 7.85 -28.88 61.82
CA ARG J 601 9.12 -28.29 61.43
C ARG J 601 10.30 -29.09 62.00
N TYR J 602 10.13 -29.63 63.21
CA TYR J 602 11.17 -30.47 63.81
C TYR J 602 11.32 -31.79 63.08
N ILE J 603 10.20 -32.36 62.62
CA ILE J 603 10.25 -33.60 61.86
C ILE J 603 10.99 -33.36 60.55
N THR J 604 10.70 -32.25 59.88
CA THR J 604 11.42 -31.88 58.66
C THR J 604 12.92 -31.70 58.93
N TYR J 605 13.26 -31.01 60.02
CA TYR J 605 14.66 -30.79 60.35
C TYR J 605 15.40 -32.09 60.61
N CYS J 606 14.79 -32.98 61.39
CA CYS J 606 15.45 -34.25 61.72
C CYS J 606 15.52 -35.15 60.49
N ARG J 607 14.56 -35.04 59.59
CA ARG J 607 14.59 -35.87 58.39
C ARG J 607 15.71 -35.43 57.43
N LEU J 608 15.91 -34.11 57.28
CA LEU J 608 17.00 -33.66 56.42
C LEU J 608 18.38 -33.79 57.07
N LYS J 609 18.47 -33.64 58.40
CA LYS J 609 19.80 -33.58 59.01
C LYS J 609 20.34 -34.95 59.39
N CYS J 610 19.56 -35.76 60.10
CA CYS J 610 20.09 -36.94 60.79
C CYS J 610 19.71 -38.22 60.05
N ALA J 611 20.67 -39.14 59.96
CA ALA J 611 20.45 -40.51 59.47
C ALA J 611 21.36 -41.42 60.28
N PRO J 612 20.85 -41.99 61.38
CA PRO J 612 21.72 -42.73 62.29
C PRO J 612 22.20 -44.05 61.72
N ARG J 613 23.32 -44.53 62.28
CA ARG J 613 23.82 -45.87 62.05
C ARG J 613 23.72 -46.68 63.32
N LEU J 614 23.49 -47.98 63.17
CA LEU J 614 23.58 -48.91 64.28
C LEU J 614 25.04 -49.22 64.60
N SER J 615 25.32 -49.31 65.90
CA SER J 615 26.68 -49.64 66.31
C SER J 615 26.92 -51.14 66.15
N PRO J 616 28.19 -51.56 65.99
CA PRO J 616 28.47 -53.01 65.92
C PRO J 616 28.09 -53.78 67.17
N GLN J 617 28.16 -53.17 68.35
CA GLN J 617 27.71 -53.81 69.57
C GLN J 617 26.20 -53.92 69.66
N ALA J 618 25.47 -53.18 68.83
CA ALA J 618 24.02 -53.25 68.76
C ALA J 618 23.52 -54.26 67.74
N ALA J 619 24.43 -54.90 66.99
CA ALA J 619 24.03 -55.84 65.96
C ALA J 619 23.80 -57.24 66.49
N GLU J 620 24.66 -57.74 67.41
CA GLU J 620 24.51 -59.13 67.85
C GLU J 620 23.25 -59.33 68.68
N LYS J 621 22.79 -58.29 69.40
CA LYS J 621 21.55 -58.40 70.15
C LYS J 621 20.33 -58.55 69.25
N LEU J 622 20.28 -57.79 68.16
CA LEU J 622 19.21 -57.97 67.19
C LEU J 622 19.29 -59.33 66.51
N SER J 623 20.49 -59.79 66.20
CA SER J 623 20.65 -61.09 65.57
C SER J 623 20.28 -62.24 66.49
N SER J 624 20.35 -62.04 67.81
CA SER J 624 19.90 -63.07 68.74
C SER J 624 18.39 -62.98 68.99
N ASN J 625 17.87 -61.76 69.19
CA ASN J 625 16.46 -61.53 69.46
C ASN J 625 15.59 -61.69 68.23
N PHE J 626 16.18 -61.81 67.05
CA PHE J 626 15.47 -62.16 65.84
C PHE J 626 15.45 -63.66 65.58
N VAL J 627 16.48 -64.39 65.99
CA VAL J 627 16.47 -65.83 65.77
C VAL J 627 15.75 -66.57 66.89
N THR J 628 15.62 -65.97 68.09
CA THR J 628 14.84 -66.65 69.11
C THR J 628 13.34 -66.70 68.77
N ILE J 629 12.83 -65.66 68.11
CA ILE J 629 11.45 -65.66 67.64
C ILE J 629 11.23 -66.78 66.62
N ARG J 630 12.17 -66.94 65.69
CA ARG J 630 12.07 -68.01 64.71
C ARG J 630 12.28 -69.39 65.32
N LYS J 631 13.11 -69.50 66.37
CA LYS J 631 13.23 -70.76 67.09
C LYS J 631 11.92 -71.15 67.76
N GLN J 632 11.22 -70.18 68.37
CA GLN J 632 9.92 -70.48 68.96
C GLN J 632 8.89 -70.81 67.90
N LEU J 633 8.87 -70.04 66.80
CA LEU J 633 7.93 -70.26 65.71
C LEU J 633 8.12 -71.60 65.02
N LEU J 634 9.37 -72.04 64.84
CA LEU J 634 9.66 -73.31 64.19
C LEU J 634 9.12 -74.48 64.99
N ILE J 635 9.37 -74.50 66.30
CA ILE J 635 8.90 -75.62 67.11
C ILE J 635 7.38 -75.56 67.28
N ASN J 636 6.79 -74.35 67.33
CA ASN J 636 5.34 -74.25 67.37
C ASN J 636 4.70 -74.79 66.09
N GLU J 637 5.27 -74.44 64.93
CA GLU J 637 4.70 -74.88 63.67
C GLU J 637 5.00 -76.36 63.41
N LEU J 638 6.07 -76.88 64.02
CA LEU J 638 6.35 -78.31 63.91
C LEU J 638 5.41 -79.13 64.78
N GLU J 639 5.09 -78.63 65.98
CA GLU J 639 4.14 -79.32 66.85
C GLU J 639 2.74 -79.26 66.29
N SER J 640 2.32 -78.09 65.81
CA SER J 640 0.94 -77.92 65.34
C SER J 640 0.72 -78.55 63.98
N THR J 641 1.78 -78.61 63.16
CA THR J 641 1.79 -79.05 61.74
C THR J 641 0.89 -78.17 60.86
N GLU J 642 0.47 -77.01 61.36
CA GLU J 642 -0.30 -76.03 60.60
C GLU J 642 0.49 -74.73 60.62
N ARG J 643 0.59 -74.08 59.46
CA ARG J 643 1.37 -72.85 59.37
C ARG J 643 0.64 -71.70 60.06
N SER J 644 1.41 -70.86 60.74
CA SER J 644 0.84 -69.73 61.46
C SER J 644 0.29 -68.69 60.48
N SER J 645 -0.84 -68.08 60.86
CA SER J 645 -1.47 -67.09 60.00
C SER J 645 -0.68 -65.80 59.93
N ILE J 646 0.04 -65.46 61.00
CA ILE J 646 0.93 -64.31 61.00
C ILE J 646 2.38 -64.79 61.01
N PRO J 647 3.14 -64.53 59.95
CA PRO J 647 4.52 -65.01 59.88
C PRO J 647 5.54 -63.98 60.35
N ILE J 648 6.72 -64.45 60.73
CA ILE J 648 7.85 -63.58 61.08
C ILE J 648 8.93 -63.80 60.02
N THR J 649 9.35 -62.73 59.37
CA THR J 649 10.24 -62.82 58.22
C THR J 649 11.43 -61.89 58.38
N ILE J 650 12.28 -61.88 57.35
CA ILE J 650 13.46 -61.01 57.32
C ILE J 650 13.03 -59.54 57.21
N ARG J 651 11.89 -59.29 56.57
CA ARG J 651 11.35 -57.94 56.51
C ARG J 651 11.02 -57.42 57.91
N GLN J 652 10.66 -58.32 58.82
CA GLN J 652 10.47 -57.92 60.22
C GLN J 652 11.79 -57.56 60.87
N LEU J 653 12.88 -58.26 60.51
CA LEU J 653 14.20 -57.87 61.01
C LEU J 653 14.59 -56.48 60.54
N GLU J 654 14.40 -56.19 59.26
CA GLU J 654 14.67 -54.84 58.77
C GLU J 654 13.71 -53.83 59.37
N ALA J 655 12.51 -54.28 59.74
CA ALA J 655 11.56 -53.41 60.44
C ALA J 655 12.09 -53.00 61.81
N ILE J 656 12.62 -53.96 62.57
CA ILE J 656 13.21 -53.63 63.87
C ILE J 656 14.43 -52.74 63.69
N ILE J 657 15.20 -52.97 62.62
CA ILE J 657 16.33 -52.10 62.29
C ILE J 657 15.85 -50.68 62.04
N ARG J 658 14.75 -50.53 61.29
CA ARG J 658 14.21 -49.21 60.98
C ARG J 658 13.69 -48.52 62.23
N ILE J 659 13.03 -49.25 63.13
CA ILE J 659 12.57 -48.66 64.38
C ILE J 659 13.74 -48.19 65.22
N THR J 660 14.80 -49.01 65.31
CA THR J 660 15.97 -48.65 66.10
C THR J 660 16.66 -47.40 65.54
N GLU J 661 16.85 -47.34 64.23
CA GLU J 661 17.48 -46.17 63.64
C GLU J 661 16.55 -44.96 63.61
N SER J 662 15.25 -45.17 63.80
CA SER J 662 14.30 -44.08 63.98
C SER J 662 14.36 -43.47 65.37
N LEU J 663 14.58 -44.30 66.40
CA LEU J 663 14.67 -43.77 67.76
C LEU J 663 15.91 -42.91 67.95
N ALA J 664 17.02 -43.25 67.29
CA ALA J 664 18.21 -42.42 67.39
C ALA J 664 18.09 -41.13 66.59
N LYS J 665 17.22 -41.10 65.57
CA LYS J 665 16.95 -39.88 64.83
C LYS J 665 16.20 -38.85 65.67
N LEU J 666 15.51 -39.30 66.71
CA LEU J 666 14.83 -38.41 67.64
C LEU J 666 15.82 -37.50 68.36
N GLU J 667 16.95 -38.06 68.79
CA GLU J 667 17.94 -37.37 69.60
C GLU J 667 18.96 -36.61 68.76
N LEU J 668 18.80 -36.61 67.43
CA LEU J 668 19.79 -36.10 66.49
C LEU J 668 21.14 -36.78 66.71
N SER J 669 21.09 -38.07 67.00
CA SER J 669 22.19 -38.97 67.30
C SER J 669 22.62 -39.72 66.04
N PRO J 670 23.85 -39.51 65.56
CA PRO J 670 24.34 -40.26 64.41
C PRO J 670 24.60 -41.73 64.67
N ILE J 671 24.59 -42.17 65.93
CA ILE J 671 24.87 -43.55 66.29
C ILE J 671 23.68 -44.11 67.05
N ALA J 672 23.18 -45.26 66.61
CA ALA J 672 22.14 -45.98 67.34
C ALA J 672 22.80 -46.94 68.31
N GLN J 673 22.44 -46.83 69.59
CA GLN J 673 23.11 -47.54 70.66
C GLN J 673 22.29 -48.74 71.11
N GLU J 674 22.75 -49.41 72.17
CA GLU J 674 22.04 -50.56 72.71
C GLU J 674 20.74 -50.14 73.39
N ARG J 675 20.71 -48.93 73.96
CA ARG J 675 19.50 -48.44 74.63
C ARG J 675 18.36 -48.22 73.65
N HIS J 676 18.65 -47.92 72.38
CA HIS J 676 17.61 -47.85 71.37
C HIS J 676 17.14 -49.24 70.94
N VAL J 677 18.06 -50.20 70.89
CA VAL J 677 17.74 -51.58 70.49
C VAL J 677 16.73 -52.20 71.45
N ASP J 678 16.95 -52.03 72.75
CA ASP J 678 16.05 -52.62 73.74
C ASP J 678 14.64 -52.05 73.66
N GLU J 679 14.49 -50.73 73.50
CA GLU J 679 13.15 -50.17 73.47
C GLU J 679 12.48 -50.43 72.12
N ALA J 680 13.28 -50.56 71.05
CA ALA J 680 12.72 -50.98 69.76
C ALA J 680 12.22 -52.42 69.83
N ILE J 681 12.96 -53.30 70.50
CA ILE J 681 12.51 -54.67 70.70
C ILE J 681 11.25 -54.69 71.57
N ARG J 682 11.18 -53.83 72.58
CA ARG J 682 9.97 -53.72 73.39
C ARG J 682 8.77 -53.25 72.55
N LEU J 683 9.00 -52.30 71.64
CA LEU J 683 7.95 -51.84 70.74
C LEU J 683 7.49 -52.96 69.82
N PHE J 684 8.43 -53.77 69.32
CA PHE J 684 8.06 -54.90 68.48
C PHE J 684 7.30 -55.95 69.28
N GLN J 685 7.65 -56.12 70.56
CA GLN J 685 6.90 -57.02 71.42
C GLN J 685 5.48 -56.52 71.61
N ALA J 686 5.31 -55.21 71.79
CA ALA J 686 4.00 -54.66 72.11
C ALA J 686 3.06 -54.65 70.92
N SER J 687 3.60 -54.74 69.70
CA SER J 687 2.77 -54.65 68.51
C SER J 687 2.68 -55.96 67.74
N THR J 688 3.80 -56.48 67.25
CA THR J 688 3.72 -57.63 66.36
C THR J 688 3.68 -58.94 67.15
N MET J 689 4.41 -58.99 68.26
CA MET J 689 4.55 -60.25 68.98
C MET J 689 3.30 -60.62 69.78
N ASP J 690 2.63 -59.64 70.38
CA ASP J 690 1.39 -59.98 71.08
C ASP J 690 0.27 -60.28 70.08
N ALA J 691 0.33 -59.65 68.90
CA ALA J 691 -0.56 -60.04 67.81
C ALA J 691 -0.30 -61.48 67.37
N ALA J 692 0.96 -61.89 67.35
CA ALA J 692 1.30 -63.26 67.00
C ALA J 692 0.88 -64.23 68.12
N SER J 693 0.93 -63.78 69.37
CA SER J 693 0.49 -64.62 70.47
C SER J 693 -1.02 -64.75 70.49
N GLN J 694 -1.72 -63.77 69.91
CA GLN J 694 -3.16 -63.89 69.73
C GLN J 694 -3.50 -64.99 68.74
N ASP J 695 -2.61 -65.22 67.77
CA ASP J 695 -2.72 -66.41 66.94
C ASP J 695 -2.39 -67.64 67.77
N PRO J 696 -3.30 -68.63 67.85
CA PRO J 696 -2.99 -69.84 68.63
C PRO J 696 -1.79 -70.62 68.11
N ILE J 697 -1.56 -70.58 66.80
CA ILE J 697 -0.39 -71.26 66.24
C ILE J 697 0.90 -70.53 66.64
N GLY J 698 0.86 -69.19 66.64
CA GLY J 698 2.04 -68.43 67.01
C GLY J 698 2.30 -68.41 68.51
N GLY J 699 1.33 -68.88 69.29
CA GLY J 699 1.49 -68.95 70.73
C GLY J 699 2.00 -70.30 71.19
N LEU J 700 1.19 -71.01 71.97
CA LEU J 700 1.51 -72.33 72.52
C LEU J 700 2.83 -72.35 73.28
N LYS K 101 -43.93 2.06 -18.95
CA LYS K 101 -45.06 1.55 -18.19
C LYS K 101 -44.96 0.04 -17.99
N LYS K 102 -45.56 -0.43 -16.89
CA LYS K 102 -45.56 -1.86 -16.61
C LYS K 102 -46.52 -2.59 -17.55
N VAL K 103 -46.17 -3.82 -17.90
CA VAL K 103 -47.02 -4.69 -18.69
C VAL K 103 -47.82 -5.56 -17.75
N ASP K 104 -49.07 -5.84 -18.11
CA ASP K 104 -49.95 -6.63 -17.26
C ASP K 104 -50.05 -8.07 -17.75
N ASP K 105 -50.59 -8.93 -16.90
CA ASP K 105 -50.84 -10.32 -17.23
C ASP K 105 -52.32 -10.48 -17.54
N VAL K 106 -52.65 -10.72 -18.81
CA VAL K 106 -54.04 -10.73 -19.26
C VAL K 106 -54.81 -11.89 -18.64
N THR K 107 -54.19 -13.06 -18.58
CA THR K 107 -54.78 -14.20 -17.89
C THR K 107 -54.97 -13.92 -16.40
N GLY K 108 -53.99 -13.26 -15.78
CA GLY K 108 -54.15 -12.84 -14.40
C GLY K 108 -55.28 -11.83 -14.22
N GLU K 109 -55.46 -10.95 -15.20
CA GLU K 109 -56.58 -10.00 -15.15
C GLU K 109 -57.92 -10.72 -15.23
N LYS K 110 -58.05 -11.69 -16.14
CA LYS K 110 -59.29 -12.46 -16.22
C LYS K 110 -59.53 -13.26 -14.95
N VAL K 111 -58.47 -13.80 -14.35
CA VAL K 111 -58.59 -14.50 -13.08
C VAL K 111 -59.08 -13.54 -12.00
N ARG K 112 -58.56 -12.32 -11.98
CA ARG K 112 -58.98 -11.32 -10.99
C ARG K 112 -60.46 -10.97 -11.15
N GLU K 113 -60.92 -10.72 -12.38
CA GLU K 113 -62.32 -10.39 -12.60
C GLU K 113 -63.24 -11.56 -12.25
N ALA K 114 -62.85 -12.79 -12.63
CA ALA K 114 -63.67 -13.95 -12.32
C ALA K 114 -63.74 -14.19 -10.81
N PHE K 115 -62.63 -13.99 -10.10
CA PHE K 115 -62.62 -14.22 -8.66
C PHE K 115 -63.41 -13.14 -7.92
N GLU K 116 -63.30 -11.88 -8.35
CA GLU K 116 -64.06 -10.84 -7.66
C GLU K 116 -65.54 -10.96 -7.97
N GLN K 117 -65.89 -11.47 -9.16
CA GLN K 117 -67.28 -11.77 -9.45
C GLN K 117 -67.78 -12.96 -8.62
N PHE K 118 -66.91 -13.94 -8.41
CA PHE K 118 -67.22 -15.07 -7.52
C PHE K 118 -67.48 -14.63 -6.10
N LEU K 119 -66.76 -13.62 -5.63
CA LEU K 119 -66.89 -13.20 -4.23
C LEU K 119 -68.29 -12.65 -3.91
N GLU K 120 -68.98 -12.09 -4.91
CA GLU K 120 -70.36 -11.70 -4.68
C GLU K 120 -71.36 -12.73 -5.20
N ASP K 121 -71.25 -13.09 -6.48
CA ASP K 121 -72.30 -13.77 -7.23
C ASP K 121 -72.65 -15.16 -6.71
N PHE K 122 -71.75 -15.84 -6.01
CA PHE K 122 -71.99 -17.22 -5.59
C PHE K 122 -73.03 -17.24 -4.47
N SER K 123 -73.97 -18.19 -4.55
CA SER K 123 -75.06 -18.32 -3.60
C SER K 123 -75.39 -19.78 -3.40
N VAL K 124 -75.97 -20.10 -2.24
CA VAL K 124 -76.51 -21.42 -1.96
C VAL K 124 -77.93 -21.25 -1.43
N GLN K 125 -78.75 -22.28 -1.60
CA GLN K 125 -80.08 -22.26 -1.00
C GLN K 125 -80.00 -22.69 0.46
N SER K 126 -80.79 -22.04 1.30
CA SER K 126 -80.77 -22.34 2.73
C SER K 126 -81.35 -23.72 3.00
N THR K 127 -80.73 -24.44 3.93
CA THR K 127 -81.21 -25.78 4.27
C THR K 127 -82.52 -25.71 5.04
N ASP K 128 -82.62 -24.78 5.99
CA ASP K 128 -83.79 -24.72 6.86
C ASP K 128 -85.00 -24.14 6.12
N THR K 129 -84.78 -23.09 5.32
CA THR K 129 -85.88 -22.36 4.70
C THR K 129 -85.89 -22.43 3.18
N GLY K 130 -84.72 -22.41 2.53
CA GLY K 130 -84.67 -22.31 1.10
C GLY K 130 -84.35 -20.93 0.56
N GLU K 131 -84.02 -19.99 1.44
CA GLU K 131 -83.65 -18.65 1.00
C GLU K 131 -82.32 -18.67 0.26
N VAL K 132 -82.21 -17.81 -0.74
CA VAL K 132 -80.99 -17.69 -1.55
C VAL K 132 -80.04 -16.76 -0.83
N GLU K 133 -79.06 -17.33 -0.12
CA GLU K 133 -78.08 -16.52 0.60
C GLU K 133 -76.71 -16.68 -0.04
N LYS K 134 -75.97 -15.58 -0.07
CA LYS K 134 -74.66 -15.53 -0.71
C LYS K 134 -73.60 -15.52 0.38
N VAL K 135 -72.86 -16.63 0.48
CA VAL K 135 -72.11 -16.95 1.70
C VAL K 135 -70.90 -16.03 1.88
N TYR K 136 -70.35 -15.50 0.80
CA TYR K 136 -69.09 -14.79 0.92
C TYR K 136 -69.29 -13.31 1.25
N ARG K 137 -70.42 -12.71 0.84
CA ARG K 137 -70.75 -11.41 1.42
C ARG K 137 -71.04 -11.53 2.91
N ALA K 138 -71.72 -12.60 3.31
CA ALA K 138 -71.92 -12.88 4.74
C ALA K 138 -70.58 -13.08 5.44
N GLN K 139 -69.64 -13.74 4.79
CA GLN K 139 -68.31 -13.95 5.36
C GLN K 139 -67.58 -12.62 5.56
N ILE K 140 -67.61 -11.75 4.54
CA ILE K 140 -66.91 -10.47 4.63
C ILE K 140 -67.56 -9.56 5.68
N GLU K 141 -68.90 -9.54 5.75
CA GLU K 141 -69.53 -8.71 6.77
C GLU K 141 -69.37 -9.32 8.16
N PHE K 142 -69.06 -10.62 8.24
CA PHE K 142 -68.74 -11.21 9.53
C PHE K 142 -67.32 -10.86 9.95
N MET K 143 -66.38 -10.84 9.02
CA MET K 143 -65.02 -10.41 9.33
C MET K 143 -64.95 -8.93 9.66
N LYS K 144 -65.88 -8.14 9.10
CA LYS K 144 -65.89 -6.71 9.39
C LYS K 144 -66.31 -6.45 10.84
N ILE K 145 -67.02 -7.40 11.45
CA ILE K 145 -67.43 -7.24 12.85
C ILE K 145 -66.26 -7.53 13.78
N TYR K 146 -65.56 -8.64 13.54
CA TYR K 146 -64.55 -9.15 14.47
C TYR K 146 -63.12 -8.84 14.04
N ASP K 147 -62.93 -8.00 13.02
CA ASP K 147 -61.62 -7.60 12.49
C ASP K 147 -60.76 -8.79 12.07
N LEU K 148 -61.36 -9.81 11.47
CA LEU K 148 -60.60 -10.97 11.01
C LEU K 148 -59.81 -10.62 9.76
N ASN K 149 -58.61 -11.18 9.64
CA ASN K 149 -57.76 -10.99 8.47
C ASN K 149 -57.91 -12.09 7.44
N THR K 150 -58.65 -13.15 7.75
CA THR K 150 -58.67 -14.37 6.94
C THR K 150 -60.07 -14.64 6.43
N ILE K 151 -60.19 -14.84 5.12
CA ILE K 151 -61.42 -15.29 4.50
C ILE K 151 -61.23 -16.75 4.08
N TYR K 152 -62.23 -17.58 4.39
CA TYR K 152 -62.18 -19.01 4.09
C TYR K 152 -63.07 -19.29 2.90
N ILE K 153 -62.49 -19.87 1.84
CA ILE K 153 -63.21 -20.16 0.61
C ILE K 153 -63.19 -21.66 0.38
N ASP K 154 -64.39 -22.24 0.23
CA ASP K 154 -64.51 -23.65 -0.11
C ASP K 154 -64.06 -23.86 -1.55
N TYR K 155 -63.33 -24.94 -1.80
CA TYR K 155 -62.83 -25.20 -3.14
C TYR K 155 -63.94 -25.72 -4.05
N GLN K 156 -64.90 -26.45 -3.48
CA GLN K 156 -66.02 -26.95 -4.28
C GLN K 156 -66.89 -25.80 -4.79
N HIS K 157 -67.08 -24.77 -3.96
CA HIS K 157 -67.84 -23.60 -4.38
C HIS K 157 -67.17 -22.90 -5.55
N LEU K 158 -65.85 -22.77 -5.51
CA LEU K 158 -65.11 -22.21 -6.64
C LEU K 158 -65.16 -23.14 -7.85
N SER K 159 -65.26 -24.45 -7.61
CA SER K 159 -65.27 -25.41 -8.70
C SER K 159 -66.62 -25.41 -9.42
N MET K 160 -67.68 -25.00 -8.73
CA MET K 160 -69.00 -24.95 -9.37
C MET K 160 -69.06 -23.87 -10.45
N ARG K 161 -68.21 -22.85 -10.35
CA ARG K 161 -68.29 -21.69 -11.23
C ARG K 161 -67.86 -22.05 -12.66
N GLU K 162 -68.59 -21.49 -13.62
CA GLU K 162 -68.34 -21.64 -15.07
C GLU K 162 -68.40 -23.14 -15.38
N ASN K 163 -67.47 -23.67 -16.18
CA ASN K 163 -67.36 -25.10 -16.42
C ASN K 163 -66.25 -25.73 -15.58
N GLY K 164 -65.71 -25.00 -14.61
CA GLY K 164 -64.58 -25.47 -13.83
C GLY K 164 -63.24 -24.90 -14.25
N ALA K 165 -63.22 -23.93 -15.17
CA ALA K 165 -61.95 -23.40 -15.65
C ALA K 165 -61.28 -22.52 -14.61
N LEU K 166 -62.07 -21.78 -13.83
CA LEU K 166 -61.50 -20.88 -12.82
C LEU K 166 -60.81 -21.66 -11.71
N ALA K 167 -61.42 -22.76 -11.27
CA ALA K 167 -60.80 -23.58 -10.23
C ALA K 167 -59.52 -24.23 -10.72
N MET K 168 -59.52 -24.72 -11.96
CA MET K 168 -58.30 -25.31 -12.54
C MET K 168 -57.20 -24.29 -12.70
N ALA K 169 -57.55 -23.07 -13.14
CA ALA K 169 -56.55 -22.03 -13.31
C ALA K 169 -55.99 -21.59 -11.97
N ILE K 170 -56.83 -21.51 -10.94
CA ILE K 170 -56.37 -21.11 -9.61
C ILE K 170 -55.50 -22.19 -9.00
N SER K 171 -55.89 -23.46 -9.14
CA SER K 171 -55.13 -24.54 -8.53
C SER K 171 -53.81 -24.79 -9.24
N GLU K 172 -53.79 -24.67 -10.57
CA GLU K 172 -52.58 -25.00 -11.32
C GLU K 172 -51.48 -23.97 -11.11
N GLN K 173 -51.84 -22.69 -11.10
CA GLN K 173 -50.86 -21.60 -11.08
C GLN K 173 -51.17 -20.67 -9.89
N TYR K 174 -51.29 -21.28 -8.71
CA TYR K 174 -51.68 -20.55 -7.51
C TYR K 174 -50.68 -19.47 -7.15
N TYR K 175 -49.38 -19.76 -7.28
CA TYR K 175 -48.36 -18.78 -6.95
C TYR K 175 -48.42 -17.58 -7.90
N ARG K 176 -48.68 -17.83 -9.18
CA ARG K 176 -48.79 -16.73 -10.14
C ARG K 176 -50.04 -15.90 -9.90
N PHE K 177 -51.18 -16.55 -9.66
CA PHE K 177 -52.46 -15.86 -9.59
C PHE K 177 -52.81 -15.35 -8.20
N LEU K 178 -51.98 -15.65 -7.19
CA LEU K 178 -52.30 -15.21 -5.83
C LEU K 178 -52.35 -13.69 -5.65
N PRO K 179 -51.41 -12.87 -6.16
CA PRO K 179 -51.60 -11.41 -6.03
C PRO K 179 -52.86 -10.89 -6.72
N PHE K 180 -53.27 -11.51 -7.82
CA PHE K 180 -54.54 -11.13 -8.46
C PHE K 180 -55.71 -11.48 -7.55
N LEU K 181 -55.64 -12.62 -6.86
CA LEU K 181 -56.66 -12.95 -5.88
C LEU K 181 -56.70 -11.92 -4.76
N GLN K 182 -55.53 -11.46 -4.31
CA GLN K 182 -55.47 -10.44 -3.28
C GLN K 182 -56.10 -9.14 -3.76
N LYS K 183 -55.80 -8.71 -4.99
CA LYS K 183 -56.38 -7.47 -5.50
C LYS K 183 -57.89 -7.57 -5.67
N GLY K 184 -58.37 -8.73 -6.15
CA GLY K 184 -59.80 -8.92 -6.26
C GLY K 184 -60.51 -8.89 -4.92
N LEU K 185 -59.91 -9.51 -3.90
CA LEU K 185 -60.49 -9.47 -2.56
C LEU K 185 -60.46 -8.05 -2.00
N ARG K 186 -59.38 -7.31 -2.25
CA ARG K 186 -59.29 -5.92 -1.79
C ARG K 186 -60.38 -5.07 -2.43
N ARG K 187 -60.63 -5.24 -3.72
CA ARG K 187 -61.67 -4.46 -4.38
C ARG K 187 -63.06 -4.85 -3.87
N VAL K 188 -63.30 -6.14 -3.66
CA VAL K 188 -64.61 -6.59 -3.18
C VAL K 188 -64.86 -6.07 -1.76
N VAL K 189 -63.82 -6.09 -0.92
CA VAL K 189 -63.94 -5.55 0.44
C VAL K 189 -64.14 -4.04 0.39
N ARG K 190 -63.47 -3.36 -0.54
CA ARG K 190 -63.63 -1.91 -0.68
C ARG K 190 -65.05 -1.55 -1.08
N LYS K 191 -65.68 -2.37 -1.92
CA LYS K 191 -67.03 -2.08 -2.38
C LYS K 191 -68.04 -2.19 -1.24
N TYR K 192 -67.77 -3.03 -0.23
CA TYR K 192 -68.80 -3.31 0.76
C TYR K 192 -68.38 -2.86 2.16
N ALA K 193 -67.18 -3.22 2.60
CA ALA K 193 -66.71 -2.91 3.96
C ALA K 193 -65.37 -2.18 3.89
N PRO K 194 -65.40 -0.86 3.63
CA PRO K 194 -64.13 -0.12 3.50
C PRO K 194 -63.36 0.01 4.81
N GLU K 195 -63.99 -0.28 5.95
CA GLU K 195 -63.32 -0.11 7.23
C GLU K 195 -62.26 -1.19 7.45
N LEU K 196 -62.41 -2.34 6.79
CA LEU K 196 -61.41 -3.40 6.90
C LEU K 196 -60.08 -3.00 6.26
N LEU K 197 -60.13 -2.08 5.30
CA LEU K 197 -58.93 -1.74 4.55
C LEU K 197 -57.97 -0.89 5.37
N ASN K 198 -58.49 -0.15 6.35
CA ASN K 198 -57.74 0.93 6.98
C ASN K 198 -56.64 0.41 7.88
N THR K 199 -56.94 -0.58 8.72
CA THR K 199 -55.97 -1.06 9.70
C THR K 199 -55.20 -2.26 9.18
N GLU K 260 -52.48 -0.58 6.14
CA GLU K 260 -53.28 -1.50 5.35
C GLU K 260 -53.31 -2.89 5.99
N ARG K 261 -54.51 -3.44 6.14
CA ARG K 261 -54.66 -4.78 6.70
C ARG K 261 -54.25 -5.82 5.67
N VAL K 262 -53.42 -6.77 6.12
CA VAL K 262 -52.97 -7.85 5.25
C VAL K 262 -54.01 -8.96 5.24
N PHE K 263 -54.51 -9.29 4.06
CA PHE K 263 -55.58 -10.26 3.88
C PHE K 263 -54.99 -11.60 3.47
N GLN K 264 -55.59 -12.68 3.96
CA GLN K 264 -55.17 -14.04 3.63
C GLN K 264 -56.38 -14.84 3.19
N ILE K 265 -56.27 -15.52 2.05
CA ILE K 265 -57.30 -16.41 1.56
C ILE K 265 -56.91 -17.84 1.90
N SER K 266 -57.78 -18.54 2.60
CA SER K 266 -57.59 -19.93 2.96
C SER K 266 -58.54 -20.80 2.16
N PHE K 267 -57.99 -21.73 1.39
CA PHE K 267 -58.78 -22.71 0.66
C PHE K 267 -58.82 -24.01 1.44
N PHE K 268 -59.94 -24.72 1.37
CA PHE K 268 -60.10 -25.99 2.04
C PHE K 268 -61.05 -26.86 1.23
N ASN K 269 -61.24 -28.09 1.71
CA ASN K 269 -62.10 -29.09 1.08
C ASN K 269 -61.68 -29.37 -0.37
N LEU K 270 -60.38 -29.58 -0.56
CA LEU K 270 -59.88 -30.04 -1.85
C LEU K 270 -60.36 -31.46 -2.11
N PRO K 271 -60.63 -31.82 -3.37
CA PRO K 271 -61.20 -33.16 -3.65
C PRO K 271 -60.29 -34.31 -3.25
N THR K 272 -58.97 -34.15 -3.38
CA THR K 272 -58.02 -35.20 -3.05
C THR K 272 -56.98 -34.65 -2.09
N VAL K 273 -56.49 -35.53 -1.21
CA VAL K 273 -55.37 -35.22 -0.33
C VAL K 273 -54.18 -36.08 -0.75
N HIS K 274 -53.03 -35.46 -0.91
CA HIS K 274 -51.87 -36.15 -1.44
C HIS K 274 -50.95 -36.61 -0.31
N ARG K 275 -50.34 -37.77 -0.52
CA ARG K 275 -49.35 -38.30 0.40
C ARG K 275 -48.06 -37.48 0.32
N ILE K 276 -47.26 -37.55 1.38
CA ILE K 276 -46.02 -36.78 1.42
C ILE K 276 -45.01 -37.31 0.41
N ARG K 277 -45.14 -38.58 0.02
CA ARG K 277 -44.27 -39.15 -1.01
C ARG K 277 -44.83 -38.94 -2.41
N ASP K 278 -46.07 -38.47 -2.53
CA ASP K 278 -46.62 -38.19 -3.85
C ASP K 278 -46.23 -36.81 -4.36
N ILE K 279 -45.46 -36.06 -3.56
CA ILE K 279 -45.05 -34.72 -3.94
C ILE K 279 -44.04 -34.81 -5.08
N ARG K 280 -44.33 -34.11 -6.18
CA ARG K 280 -43.48 -34.12 -7.36
C ARG K 280 -43.18 -32.69 -7.77
N SER K 281 -42.23 -32.55 -8.68
CA SER K 281 -41.75 -31.21 -9.04
C SER K 281 -42.72 -30.46 -9.94
N GLU K 282 -43.64 -31.16 -10.61
CA GLU K 282 -44.56 -30.49 -11.51
C GLU K 282 -45.64 -29.73 -10.74
N LYS K 283 -45.81 -30.05 -9.45
CA LYS K 283 -46.80 -29.37 -8.62
C LYS K 283 -46.24 -28.15 -7.92
N ILE K 284 -45.01 -27.73 -8.22
CA ILE K 284 -44.44 -26.56 -7.56
C ILE K 284 -45.17 -25.31 -8.05
N GLY K 285 -45.63 -24.50 -7.11
CA GLY K 285 -46.40 -23.33 -7.43
C GLY K 285 -47.88 -23.57 -7.62
N SER K 286 -48.42 -24.67 -7.08
CA SER K 286 -49.79 -25.06 -7.29
C SER K 286 -50.48 -25.29 -5.96
N LEU K 287 -51.78 -25.00 -5.93
CA LEU K 287 -52.59 -25.29 -4.75
C LEU K 287 -52.81 -26.79 -4.62
N LEU K 288 -52.64 -27.30 -3.39
CA LEU K 288 -52.60 -28.74 -3.19
C LEU K 288 -52.81 -29.02 -1.70
N SER K 289 -53.25 -30.24 -1.41
CA SER K 289 -53.51 -30.69 -0.05
C SER K 289 -52.63 -31.86 0.31
N ILE K 290 -52.02 -31.81 1.49
CA ILE K 290 -51.21 -32.89 2.03
C ILE K 290 -51.70 -33.21 3.44
N SER K 291 -51.32 -34.38 3.94
CA SER K 291 -51.60 -34.77 5.32
C SER K 291 -50.33 -35.31 5.95
N GLY K 292 -50.18 -35.12 7.25
CA GLY K 292 -48.99 -35.60 7.92
C GLY K 292 -49.08 -35.45 9.43
N THR K 293 -48.16 -36.15 10.11
CA THR K 293 -48.09 -36.08 11.56
C THR K 293 -47.10 -35.00 11.99
N VAL K 294 -47.56 -34.07 12.80
CA VAL K 294 -46.73 -32.96 13.25
C VAL K 294 -45.79 -33.51 14.33
N THR K 295 -44.48 -33.36 14.09
CA THR K 295 -43.50 -33.85 15.06
C THR K 295 -42.81 -32.70 15.78
N ARG K 296 -42.52 -31.61 15.07
CA ARG K 296 -41.88 -30.46 15.68
C ARG K 296 -42.59 -29.19 15.23
N THR K 297 -42.69 -28.24 16.15
CA THR K 297 -43.23 -26.92 15.87
C THR K 297 -42.28 -25.88 16.43
N SER K 298 -42.23 -24.72 15.78
CA SER K 298 -41.29 -23.68 16.14
C SER K 298 -42.00 -22.52 16.84
N GLU K 299 -41.20 -21.63 17.41
CA GLU K 299 -41.70 -20.41 18.00
C GLU K 299 -42.32 -19.52 16.93
N VAL K 300 -43.38 -18.80 17.30
CA VAL K 300 -43.94 -17.80 16.39
C VAL K 300 -42.93 -16.67 16.22
N ARG K 301 -42.60 -16.36 14.97
CA ARG K 301 -41.53 -15.43 14.64
C ARG K 301 -42.05 -14.38 13.67
N PRO K 302 -41.41 -13.21 13.65
CA PRO K 302 -41.78 -12.19 12.66
C PRO K 302 -41.02 -12.39 11.36
N GLU K 303 -41.72 -12.20 10.24
CA GLU K 303 -41.15 -12.31 8.91
C GLU K 303 -41.27 -10.96 8.20
N LEU K 304 -40.20 -10.58 7.51
CA LEU K 304 -40.14 -9.29 6.82
C LEU K 304 -41.08 -9.32 5.62
N TYR K 305 -42.27 -8.75 5.82
CA TYR K 305 -43.24 -8.67 4.73
C TYR K 305 -43.02 -7.43 3.88
N LYS K 306 -43.15 -6.24 4.49
CA LYS K 306 -43.03 -4.96 3.79
C LYS K 306 -41.91 -4.17 4.47
N ALA K 307 -40.72 -4.22 3.90
CA ALA K 307 -39.57 -3.61 4.54
C ALA K 307 -39.49 -2.11 4.25
N SER K 308 -38.72 -1.41 5.07
CA SER K 308 -38.41 0.00 4.86
C SER K 308 -36.90 0.16 4.85
N PHE K 309 -36.38 0.85 3.84
CA PHE K 309 -34.95 1.08 3.69
C PHE K 309 -34.68 2.56 3.62
N THR K 310 -33.44 2.92 3.91
CA THR K 310 -32.91 4.24 3.59
C THR K 310 -31.68 4.06 2.72
N CYS K 311 -31.61 4.85 1.63
CA CYS K 311 -30.42 4.88 0.80
C CYS K 311 -29.28 5.47 1.62
N ASP K 312 -28.07 4.91 1.45
CA ASP K 312 -26.99 5.20 2.38
C ASP K 312 -26.52 6.64 2.26
N MET K 313 -26.51 7.20 1.05
CA MET K 313 -25.99 8.55 0.88
C MET K 313 -27.11 9.55 0.62
N CYS K 314 -28.26 9.09 0.13
CA CYS K 314 -29.45 9.94 0.10
C CYS K 314 -29.97 10.21 1.51
N ARG K 315 -30.04 9.16 2.32
CA ARG K 315 -30.59 9.18 3.69
C ARG K 315 -32.02 9.68 3.75
N ALA K 316 -32.85 9.27 2.79
CA ALA K 316 -34.28 9.49 2.81
C ALA K 316 -34.98 8.15 2.96
N ILE K 317 -36.15 8.16 3.57
CA ILE K 317 -36.86 6.94 3.92
C ILE K 317 -37.76 6.51 2.78
N VAL K 318 -37.82 5.20 2.54
CA VAL K 318 -38.74 4.58 1.61
C VAL K 318 -39.36 3.38 2.33
N ASP K 319 -40.57 3.01 1.93
CA ASP K 319 -41.32 1.98 2.64
C ASP K 319 -42.14 1.15 1.65
N ASN K 320 -42.73 0.07 2.20
CA ASN K 320 -43.65 -0.81 1.48
C ASN K 320 -42.98 -1.45 0.26
N VAL K 321 -41.78 -2.01 0.47
CA VAL K 321 -41.09 -2.75 -0.57
C VAL K 321 -41.37 -4.24 -0.35
N GLU K 322 -41.95 -4.89 -1.35
CA GLU K 322 -42.35 -6.28 -1.20
C GLU K 322 -41.14 -7.20 -1.13
N GLN K 323 -41.25 -8.24 -0.31
CA GLN K 323 -40.20 -9.24 -0.15
C GLN K 323 -40.69 -10.55 -0.75
N SER K 324 -39.91 -11.09 -1.68
CA SER K 324 -40.22 -12.35 -2.36
C SER K 324 -39.32 -13.43 -1.78
N PHE K 325 -39.80 -14.06 -0.70
CA PHE K 325 -39.08 -15.09 0.06
C PHE K 325 -37.77 -14.48 0.54
N LYS K 326 -36.61 -14.87 -0.01
CA LYS K 326 -35.33 -14.41 0.52
C LYS K 326 -35.20 -12.90 0.42
N TYR K 327 -34.35 -12.34 1.30
CA TYR K 327 -34.32 -10.91 1.54
C TYR K 327 -33.86 -10.14 0.30
N THR K 328 -34.62 -9.12 -0.07
CA THR K 328 -34.36 -8.32 -1.26
C THR K 328 -34.13 -6.87 -0.86
N GLU K 329 -33.40 -6.16 -1.72
CA GLU K 329 -33.19 -4.73 -1.60
C GLU K 329 -33.59 -4.04 -2.90
N PRO K 330 -34.17 -2.84 -2.82
CA PRO K 330 -34.62 -2.16 -4.05
C PRO K 330 -33.44 -1.56 -4.80
N THR K 331 -33.56 -1.51 -6.13
CA THR K 331 -32.58 -0.85 -6.97
C THR K 331 -33.14 0.37 -7.70
N PHE K 332 -34.40 0.73 -7.43
CA PHE K 332 -35.00 1.87 -8.12
C PHE K 332 -34.52 3.18 -7.52
N CYS K 333 -34.78 3.39 -6.22
CA CYS K 333 -34.46 4.63 -5.50
C CYS K 333 -35.03 5.86 -6.21
N PRO K 334 -36.33 6.11 -6.07
CA PRO K 334 -36.92 7.28 -6.77
C PRO K 334 -36.44 8.62 -6.24
N ASN K 335 -35.64 8.64 -5.18
CA ASN K 335 -35.01 9.88 -4.74
C ASN K 335 -34.02 10.34 -5.81
N PRO K 336 -34.04 11.62 -6.19
CA PRO K 336 -33.15 12.08 -7.27
C PRO K 336 -31.75 12.39 -6.80
N SER K 337 -31.46 12.24 -5.51
CA SER K 337 -30.17 12.66 -4.97
C SER K 337 -29.05 11.73 -5.43
N CYS K 338 -29.30 10.42 -5.44
CA CYS K 338 -28.22 9.47 -5.67
C CYS K 338 -28.05 9.17 -7.14
N GLU K 339 -26.93 8.55 -7.47
CA GLU K 339 -26.76 7.84 -8.73
C GLU K 339 -26.34 6.39 -8.50
N ASN K 340 -26.49 5.89 -7.26
CA ASN K 340 -26.09 4.54 -6.88
C ASN K 340 -27.33 3.77 -6.47
N ARG K 341 -27.51 2.57 -7.06
CA ARG K 341 -28.72 1.81 -6.80
C ARG K 341 -28.51 0.75 -5.72
N ALA K 342 -27.31 0.19 -5.63
CA ALA K 342 -27.11 -1.05 -4.88
C ALA K 342 -27.07 -0.81 -3.37
N PHE K 343 -26.52 0.32 -2.93
CA PHE K 343 -26.21 0.54 -1.52
C PHE K 343 -27.44 1.03 -0.77
N TRP K 344 -27.83 0.30 0.27
CA TRP K 344 -28.98 0.62 1.11
C TRP K 344 -28.69 0.18 2.53
N THR K 345 -29.57 0.58 3.45
CA THR K 345 -29.62 -0.04 4.77
C THR K 345 -31.07 -0.20 5.19
N LEU K 346 -31.31 -1.21 6.03
CA LEU K 346 -32.64 -1.61 6.45
C LEU K 346 -32.83 -1.31 7.92
N ASN K 347 -33.95 -0.69 8.28
CA ASN K 347 -34.32 -0.46 9.68
C ASN K 347 -35.44 -1.42 10.05
N VAL K 348 -35.34 -2.00 11.25
CA VAL K 348 -36.26 -3.06 11.63
C VAL K 348 -37.52 -2.48 12.28
N THR K 349 -37.42 -1.26 12.82
CA THR K 349 -38.56 -0.70 13.55
C THR K 349 -39.66 -0.24 12.60
N ARG K 350 -39.31 0.44 11.51
CA ARG K 350 -40.34 0.95 10.61
C ARG K 350 -40.85 -0.13 9.68
N SER K 351 -40.18 -1.26 9.62
CA SER K 351 -40.57 -2.33 8.72
C SER K 351 -41.85 -3.00 9.21
N ARG K 352 -42.58 -3.59 8.26
CA ARG K 352 -43.82 -4.31 8.55
C ARG K 352 -43.56 -5.80 8.50
N PHE K 353 -44.13 -6.53 9.46
CA PHE K 353 -43.85 -7.94 9.63
C PHE K 353 -45.12 -8.77 9.58
N LEU K 354 -44.94 -10.08 9.44
CA LEU K 354 -46.02 -11.05 9.38
C LEU K 354 -45.68 -12.19 10.33
N ASP K 355 -46.70 -12.91 10.76
CA ASP K 355 -46.47 -14.05 11.64
C ASP K 355 -45.96 -15.24 10.83
N TRP K 356 -45.03 -15.99 11.41
CA TRP K 356 -44.33 -17.05 10.70
C TRP K 356 -44.07 -18.20 11.66
N GLN K 357 -44.37 -19.41 11.22
CA GLN K 357 -44.05 -20.60 11.99
C GLN K 357 -43.64 -21.71 11.04
N LYS K 358 -42.60 -22.46 11.41
CA LYS K 358 -42.19 -23.63 10.66
C LYS K 358 -42.54 -24.86 11.47
N VAL K 359 -43.39 -25.72 10.92
CA VAL K 359 -43.75 -26.96 11.59
C VAL K 359 -43.29 -28.13 10.71
N ARG K 360 -42.65 -29.10 11.34
CA ARG K 360 -42.13 -30.27 10.66
C ARG K 360 -43.15 -31.39 10.76
N ILE K 361 -43.48 -31.99 9.62
CA ILE K 361 -44.44 -33.07 9.57
C ILE K 361 -43.75 -34.30 9.00
N GLN K 362 -44.34 -35.45 9.31
CA GLN K 362 -43.79 -36.75 9.00
C GLN K 362 -44.87 -37.56 8.30
N GLU K 363 -44.41 -38.57 7.55
CA GLU K 363 -45.32 -39.53 6.94
C GLU K 363 -46.14 -40.23 8.01
N ASN K 364 -47.44 -40.41 7.73
CA ASN K 364 -48.28 -41.21 8.61
C ASN K 364 -47.87 -42.67 8.54
N ALA K 365 -48.22 -43.41 9.60
CA ALA K 365 -47.75 -44.79 9.73
C ALA K 365 -48.30 -45.69 8.63
N ASN K 366 -49.58 -45.51 8.28
CA ASN K 366 -50.18 -46.35 7.25
C ASN K 366 -49.76 -45.92 5.84
N GLU K 367 -49.18 -44.71 5.72
CA GLU K 367 -48.81 -44.20 4.41
C GLU K 367 -47.41 -44.65 4.01
N ILE K 368 -46.63 -45.14 4.97
CA ILE K 368 -45.23 -45.52 4.76
C ILE K 368 -45.15 -46.75 3.85
N PRO K 369 -44.27 -46.76 2.85
CA PRO K 369 -44.12 -47.95 1.99
C PRO K 369 -43.48 -49.11 2.73
N THR K 370 -43.24 -50.18 1.98
CA THR K 370 -42.98 -51.50 2.56
C THR K 370 -41.67 -51.54 3.35
N GLY K 371 -40.60 -50.93 2.85
CA GLY K 371 -39.33 -51.03 3.53
C GLY K 371 -38.69 -49.69 3.79
N SER K 372 -39.38 -48.62 3.41
CA SER K 372 -38.80 -47.29 3.46
C SER K 372 -38.90 -46.71 4.87
N MET K 373 -38.00 -45.79 5.17
CA MET K 373 -38.09 -45.01 6.38
C MET K 373 -39.03 -43.82 6.16
N PRO K 374 -39.65 -43.31 7.21
CA PRO K 374 -40.48 -42.11 7.04
C PRO K 374 -39.63 -40.90 6.67
N ARG K 375 -40.20 -40.04 5.83
CA ARG K 375 -39.53 -38.82 5.39
C ARG K 375 -40.33 -37.61 5.86
N THR K 376 -39.62 -36.52 6.14
CA THR K 376 -40.23 -35.35 6.75
C THR K 376 -40.37 -34.22 5.73
N LEU K 377 -41.13 -33.20 6.12
CA LEU K 377 -41.38 -32.03 5.30
C LEU K 377 -41.62 -30.83 6.21
N ASP K 378 -40.99 -29.72 5.87
CA ASP K 378 -41.13 -28.48 6.64
C ASP K 378 -42.18 -27.61 5.96
N VAL K 379 -43.29 -27.36 6.65
CA VAL K 379 -44.38 -26.55 6.11
C VAL K 379 -44.51 -25.27 6.94
N ILE K 380 -44.67 -24.16 6.24
CA ILE K 380 -44.67 -22.82 6.81
C ILE K 380 -46.11 -22.35 6.99
N LEU K 381 -46.44 -21.90 8.19
CA LEU K 381 -47.74 -21.34 8.50
C LEU K 381 -47.58 -19.83 8.73
N ARG K 382 -48.49 -19.06 8.15
CA ARG K 382 -48.44 -17.61 8.25
C ARG K 382 -49.79 -17.05 8.66
N GLY K 383 -49.76 -15.95 9.38
CA GLY K 383 -50.98 -15.23 9.74
C GLY K 383 -51.80 -15.98 10.79
N ASP K 384 -53.06 -16.23 10.46
CA ASP K 384 -53.96 -16.82 11.45
C ASP K 384 -53.79 -18.33 11.54
N SER K 385 -53.09 -18.93 10.57
CA SER K 385 -52.89 -20.37 10.60
C SER K 385 -51.81 -20.77 11.59
N VAL K 386 -51.06 -19.79 12.11
CA VAL K 386 -49.99 -20.07 13.05
C VAL K 386 -50.56 -20.59 14.36
N GLU K 387 -49.88 -21.61 14.92
CA GLU K 387 -50.16 -22.29 16.19
C GLU K 387 -51.43 -23.13 16.15
N ARG K 388 -51.95 -23.45 14.97
CA ARG K 388 -53.04 -24.40 14.84
C ARG K 388 -52.55 -25.84 14.68
N ALA K 389 -51.23 -26.04 14.69
CA ALA K 389 -50.61 -27.35 14.62
C ALA K 389 -49.86 -27.62 15.91
N LYS K 390 -50.03 -28.83 16.43
CA LYS K 390 -49.49 -29.26 17.71
C LYS K 390 -48.69 -30.54 17.50
N PRO K 391 -47.58 -30.73 18.22
CA PRO K 391 -46.80 -31.95 18.03
C PRO K 391 -47.58 -33.21 18.39
N GLY K 392 -47.51 -34.21 17.51
CA GLY K 392 -48.10 -35.50 17.77
C GLY K 392 -49.48 -35.74 17.23
N ASP K 393 -50.03 -34.82 16.43
CA ASP K 393 -51.35 -35.02 15.84
C ASP K 393 -51.26 -35.06 14.33
N ARG K 394 -52.33 -35.54 13.71
CA ARG K 394 -52.40 -35.66 12.26
C ARG K 394 -53.14 -34.44 11.70
N CYS K 395 -52.49 -33.73 10.79
CA CYS K 395 -53.02 -32.48 10.27
C CYS K 395 -53.07 -32.56 8.75
N LYS K 396 -54.12 -31.96 8.20
CA LYS K 396 -54.28 -31.77 6.77
C LYS K 396 -53.99 -30.32 6.43
N PHE K 397 -52.95 -30.10 5.64
CA PHE K 397 -52.54 -28.76 5.22
C PHE K 397 -52.95 -28.55 3.78
N THR K 398 -53.59 -27.42 3.52
CA THR K 398 -53.88 -26.97 2.16
C THR K 398 -53.02 -25.74 1.88
N GLY K 399 -52.29 -25.77 0.78
CA GLY K 399 -51.41 -24.66 0.48
C GLY K 399 -50.68 -24.86 -0.82
N VAL K 400 -49.65 -24.05 -1.00
CA VAL K 400 -48.87 -24.02 -2.23
C VAL K 400 -47.56 -24.78 -2.01
N GLU K 401 -47.20 -25.60 -2.98
CA GLU K 401 -45.90 -26.25 -2.98
C GLU K 401 -44.84 -25.26 -3.45
N ILE K 402 -43.92 -24.89 -2.55
CA ILE K 402 -42.90 -23.91 -2.85
C ILE K 402 -41.55 -24.60 -2.89
N VAL K 403 -40.53 -23.85 -3.26
CA VAL K 403 -39.19 -24.39 -3.42
C VAL K 403 -38.23 -23.46 -2.68
N VAL K 404 -37.25 -24.06 -2.00
CA VAL K 404 -36.43 -23.35 -1.01
C VAL K 404 -34.96 -23.63 -1.31
N PRO K 405 -34.08 -22.62 -1.30
CA PRO K 405 -32.66 -22.87 -1.59
C PRO K 405 -32.02 -23.82 -0.58
N ASP K 406 -31.14 -24.68 -1.09
CA ASP K 406 -30.58 -25.79 -0.31
C ASP K 406 -29.12 -25.98 -0.70
N VAL K 407 -28.21 -25.67 0.21
CA VAL K 407 -26.77 -25.88 -0.01
C VAL K 407 -26.34 -27.31 0.29
N THR K 408 -27.25 -28.14 0.79
CA THR K 408 -26.99 -29.54 1.10
C THR K 408 -26.63 -30.36 -0.13
N GLN K 409 -27.18 -30.04 -1.30
CA GLN K 409 -27.05 -30.87 -2.50
C GLN K 409 -25.71 -30.69 -3.20
N LEU K 410 -24.70 -30.12 -2.54
CA LEU K 410 -23.43 -29.85 -3.20
C LEU K 410 -22.69 -31.14 -3.55
N GLY K 411 -22.67 -32.11 -2.63
CA GLY K 411 -21.93 -33.33 -2.85
C GLY K 411 -22.72 -34.44 -3.51
N LEU K 412 -23.96 -34.16 -3.91
CA LEU K 412 -24.80 -35.19 -4.52
C LEU K 412 -24.31 -35.51 -5.93
N PRO K 413 -24.50 -36.74 -6.39
CA PRO K 413 -24.18 -37.06 -7.78
C PRO K 413 -25.16 -36.42 -8.75
N GLY K 414 -24.70 -36.24 -9.98
CA GLY K 414 -25.51 -35.60 -10.99
C GLY K 414 -25.12 -34.15 -11.23
N VAL K 415 -25.51 -33.63 -12.39
CA VAL K 415 -25.19 -32.26 -12.74
C VAL K 415 -26.16 -31.32 -12.04
N LYS K 416 -25.61 -30.41 -11.22
CA LYS K 416 -26.39 -29.42 -10.53
C LYS K 416 -26.48 -28.16 -11.37
N PRO K 417 -27.68 -27.64 -11.61
CA PRO K 417 -27.80 -26.42 -12.44
C PRO K 417 -27.14 -25.22 -11.80
N SER K 418 -26.43 -24.46 -12.63
CA SER K 418 -25.78 -23.23 -12.23
C SER K 418 -26.34 -22.09 -13.05
N SER K 419 -26.01 -20.87 -12.65
CA SER K 419 -26.61 -19.68 -13.25
C SER K 419 -25.52 -18.64 -13.51
N THR K 420 -25.08 -18.54 -14.76
CA THR K 420 -24.12 -17.51 -15.14
C THR K 420 -24.85 -16.30 -15.70
N LEU K 421 -24.22 -15.13 -15.59
CA LEU K 421 -24.75 -13.93 -16.22
C LEU K 421 -24.30 -13.86 -17.67
N ASP K 422 -25.26 -13.68 -18.57
CA ASP K 422 -24.98 -13.69 -20.00
C ASP K 422 -24.32 -12.39 -20.42
N THR K 423 -23.23 -12.50 -21.17
CA THR K 423 -22.46 -11.34 -21.64
C THR K 423 -22.36 -11.42 -23.17
N ARG K 424 -23.39 -10.89 -23.85
CA ARG K 424 -23.38 -10.77 -25.30
C ARG K 424 -23.61 -9.36 -25.80
N GLY K 425 -24.31 -8.53 -25.02
CA GLY K 425 -24.59 -7.16 -25.43
C GLY K 425 -23.84 -6.12 -24.61
N ILE K 426 -22.66 -6.50 -24.10
CA ILE K 426 -21.82 -5.60 -23.33
C ILE K 426 -20.57 -5.28 -24.14
N SER K 427 -20.38 -4.01 -24.43
CA SER K 427 -19.16 -3.56 -25.09
C SER K 427 -18.02 -3.48 -24.09
N LYS K 428 -16.86 -4.02 -24.47
CA LYS K 428 -15.71 -4.10 -23.58
C LYS K 428 -14.48 -3.56 -24.30
N THR K 429 -13.48 -3.14 -23.52
CA THR K 429 -12.17 -2.76 -24.04
C THR K 429 -11.08 -3.47 -23.24
N THR K 430 -9.98 -3.80 -23.91
CA THR K 430 -8.84 -4.43 -23.27
C THR K 430 -7.79 -3.38 -22.87
N GLU K 431 -8.28 -2.37 -22.14
CA GLU K 431 -7.42 -1.28 -21.69
C GLU K 431 -6.44 -1.76 -20.62
N GLY K 432 -6.87 -2.66 -19.75
CA GLY K 432 -6.01 -3.22 -18.73
C GLY K 432 -5.95 -2.39 -17.46
N LEU K 433 -5.26 -2.95 -16.47
CA LEU K 433 -5.13 -2.32 -15.16
C LEU K 433 -3.78 -2.65 -14.52
N ARG K 441 -11.34 -9.48 -15.31
CA ARG K 441 -12.02 -10.60 -15.95
C ARG K 441 -12.60 -11.55 -14.91
N SER K 442 -13.46 -11.02 -14.05
CA SER K 442 -14.09 -11.79 -12.98
C SER K 442 -15.60 -11.72 -13.15
N LEU K 443 -16.26 -12.86 -12.99
CA LEU K 443 -17.72 -12.97 -13.11
C LEU K 443 -18.26 -13.83 -11.98
N GLY K 444 -19.53 -13.61 -11.66
CA GLY K 444 -20.20 -14.31 -10.57
C GLY K 444 -21.22 -15.31 -11.08
N VAL K 445 -21.17 -16.51 -10.54
CA VAL K 445 -22.09 -17.60 -10.89
C VAL K 445 -22.70 -18.14 -9.60
N ARG K 446 -24.01 -18.39 -9.61
CA ARG K 446 -24.74 -18.81 -8.43
C ARG K 446 -25.38 -20.17 -8.67
N ASP K 447 -25.44 -20.97 -7.61
CA ASP K 447 -25.94 -22.33 -7.69
C ASP K 447 -27.46 -22.36 -7.66
N LEU K 448 -28.05 -23.27 -8.42
CA LEU K 448 -29.49 -23.47 -8.44
C LEU K 448 -29.78 -24.84 -7.84
N THR K 449 -29.78 -24.90 -6.51
CA THR K 449 -30.05 -26.14 -5.79
C THR K 449 -31.15 -25.86 -4.80
N TYR K 450 -32.18 -26.71 -4.80
CA TYR K 450 -33.41 -26.41 -4.11
C TYR K 450 -34.01 -27.69 -3.52
N LYS K 451 -34.86 -27.48 -2.51
CA LYS K 451 -35.65 -28.55 -1.91
C LYS K 451 -37.10 -28.12 -1.83
N ILE K 452 -38.00 -29.10 -1.86
CA ILE K 452 -39.43 -28.80 -1.92
C ILE K 452 -39.96 -28.56 -0.52
N SER K 453 -40.65 -27.44 -0.33
CA SER K 453 -41.32 -27.14 0.93
C SER K 453 -42.78 -26.83 0.64
N PHE K 454 -43.52 -26.55 1.71
CA PHE K 454 -44.95 -26.29 1.61
C PHE K 454 -45.27 -25.00 2.36
N LEU K 455 -46.16 -24.19 1.81
CA LEU K 455 -46.68 -23.00 2.47
C LEU K 455 -48.18 -23.16 2.59
N ALA K 456 -48.67 -23.45 3.78
CA ALA K 456 -50.05 -23.82 4.03
C ALA K 456 -50.84 -22.57 4.41
N CYS K 457 -51.94 -22.32 3.69
CA CYS K 457 -52.84 -21.24 4.06
C CYS K 457 -53.89 -21.71 5.04
N HIS K 458 -54.23 -23.00 5.00
CA HIS K 458 -55.25 -23.58 5.86
C HIS K 458 -54.70 -24.80 6.58
N VAL K 459 -55.00 -24.90 7.88
CA VAL K 459 -54.62 -26.04 8.69
C VAL K 459 -55.85 -26.58 9.38
N ILE K 460 -56.11 -27.88 9.24
CA ILE K 460 -57.17 -28.56 9.95
C ILE K 460 -56.58 -29.81 10.60
N SER K 461 -56.97 -30.06 11.85
CA SER K 461 -56.39 -31.15 12.63
C SER K 461 -57.33 -32.35 12.60
N ILE K 462 -56.99 -33.35 11.78
CA ILE K 462 -57.70 -34.61 11.82
C ILE K 462 -57.39 -35.32 13.14
N GLY K 463 -58.34 -36.15 13.59
CA GLY K 463 -58.11 -36.91 14.80
C GLY K 463 -56.97 -37.90 14.64
N SER K 464 -56.13 -37.98 15.68
CA SER K 464 -55.02 -38.94 15.67
C SER K 464 -55.56 -40.37 15.72
N ASN K 465 -56.74 -40.54 16.30
CA ASN K 465 -57.44 -41.82 16.33
C ASN K 465 -57.94 -42.19 14.94
N ILE K 466 -58.39 -43.44 14.81
CA ILE K 466 -58.93 -43.92 13.53
C ILE K 466 -60.23 -43.20 13.20
N GLY K 467 -61.11 -43.05 14.18
CA GLY K 467 -62.37 -42.37 13.97
C GLY K 467 -62.27 -40.86 14.00
N GLU K 498 -61.47 -26.31 26.47
CA GLU K 498 -62.33 -27.45 26.18
C GLU K 498 -62.60 -28.27 27.43
N ARG K 499 -62.10 -27.79 28.58
CA ARG K 499 -62.34 -28.48 29.83
C ARG K 499 -63.76 -28.22 30.34
N ASP K 500 -64.28 -27.02 30.12
CA ASP K 500 -65.64 -26.70 30.55
C ASP K 500 -66.66 -27.47 29.72
N GLN K 501 -67.70 -27.98 30.40
CA GLN K 501 -68.71 -28.76 29.69
C GLN K 501 -69.61 -27.87 28.84
N GLU K 502 -69.76 -26.60 29.22
CA GLU K 502 -70.58 -25.68 28.44
C GLU K 502 -69.96 -25.40 27.08
N VAL K 503 -68.63 -25.32 27.02
CA VAL K 503 -67.94 -25.20 25.75
C VAL K 503 -68.11 -26.45 24.89
N PHE K 504 -67.99 -27.63 25.49
CA PHE K 504 -68.10 -28.90 24.78
C PHE K 504 -69.50 -29.15 24.24
N LEU K 505 -70.54 -28.85 25.00
CA LEU K 505 -71.91 -29.12 24.54
C LEU K 505 -72.32 -28.18 23.42
N ASN K 506 -71.72 -27.00 23.36
CA ASN K 506 -72.04 -26.05 22.29
C ASN K 506 -71.54 -26.55 20.94
N SER K 507 -70.46 -27.33 20.93
CA SER K 507 -69.95 -27.87 19.67
C SER K 507 -70.87 -28.94 19.10
N LEU K 508 -71.46 -29.77 19.97
CA LEU K 508 -72.36 -30.81 19.52
C LEU K 508 -73.68 -30.23 19.06
N SER K 509 -74.29 -30.87 18.07
CA SER K 509 -75.63 -30.49 17.63
C SER K 509 -76.68 -31.08 18.58
N SER K 510 -77.91 -30.57 18.46
CA SER K 510 -78.97 -30.93 19.41
C SER K 510 -79.34 -32.40 19.32
N ASP K 511 -79.31 -32.97 18.11
CA ASP K 511 -79.63 -34.39 17.94
C ASP K 511 -78.60 -35.28 18.63
N GLU K 512 -77.33 -34.90 18.57
CA GLU K 512 -76.29 -35.68 19.24
C GLU K 512 -76.30 -35.45 20.75
N ILE K 513 -76.69 -34.26 21.19
CA ILE K 513 -76.89 -34.02 22.62
C ILE K 513 -78.04 -34.87 23.14
N ASN K 514 -79.07 -35.09 22.32
CA ASN K 514 -80.14 -36.01 22.71
C ASN K 514 -79.63 -37.42 22.91
N GLU K 515 -78.75 -37.90 22.01
CA GLU K 515 -78.17 -39.22 22.16
C GLU K 515 -77.27 -39.31 23.38
N LEU K 516 -76.51 -38.24 23.66
CA LEU K 516 -75.66 -38.20 24.83
C LEU K 516 -76.49 -38.27 26.12
N LYS K 517 -77.58 -37.51 26.19
CA LYS K 517 -78.42 -37.55 27.37
C LYS K 517 -79.17 -38.87 27.47
N GLU K 518 -79.44 -39.52 26.33
CA GLU K 518 -80.02 -40.86 26.35
C GLU K 518 -79.05 -41.87 26.95
N MET K 519 -77.77 -41.78 26.58
CA MET K 519 -76.77 -42.66 27.20
C MET K 519 -76.62 -42.37 28.68
N VAL K 520 -76.67 -41.08 29.07
CA VAL K 520 -76.57 -40.71 30.48
C VAL K 520 -77.77 -41.26 31.26
N LYS K 521 -78.95 -41.27 30.62
CA LYS K 521 -80.18 -41.64 31.32
C LYS K 521 -80.22 -43.14 31.64
N ASP K 522 -79.42 -43.93 30.93
CA ASP K 522 -79.43 -45.39 31.12
C ASP K 522 -78.94 -45.76 32.51
N GLU K 523 -79.69 -46.66 33.17
CA GLU K 523 -79.31 -47.11 34.50
C GLU K 523 -78.18 -48.12 34.45
N HIS K 524 -78.03 -48.85 33.35
CA HIS K 524 -76.96 -49.81 33.17
C HIS K 524 -75.83 -49.27 32.31
N ILE K 525 -75.52 -47.98 32.43
CA ILE K 525 -74.51 -47.35 31.59
C ILE K 525 -73.13 -47.93 31.88
N TYR K 526 -72.84 -48.26 33.14
CA TYR K 526 -71.53 -48.79 33.50
C TYR K 526 -71.28 -50.15 32.84
N ASP K 527 -72.31 -51.01 32.82
CA ASP K 527 -72.18 -52.32 32.18
C ASP K 527 -71.96 -52.18 30.68
N LYS K 528 -72.64 -51.21 30.05
CA LYS K 528 -72.44 -50.97 28.63
C LYS K 528 -71.04 -50.46 28.35
N LEU K 529 -70.53 -49.57 29.20
CA LEU K 529 -69.19 -49.03 29.01
C LEU K 529 -68.13 -50.11 29.15
N VAL K 530 -68.23 -50.94 30.19
CA VAL K 530 -67.18 -51.92 30.44
C VAL K 530 -67.22 -53.06 29.43
N ARG K 531 -68.37 -53.24 28.77
CA ARG K 531 -68.44 -54.24 27.69
C ARG K 531 -68.05 -53.61 26.35
N SER K 532 -68.10 -52.29 26.24
CA SER K 532 -67.73 -51.64 24.99
C SER K 532 -66.22 -51.48 24.87
N ILE K 533 -65.49 -51.64 25.97
CA ILE K 533 -64.03 -51.50 25.92
C ILE K 533 -63.42 -52.77 25.35
N ALA K 534 -62.67 -52.62 24.26
CA ALA K 534 -61.95 -53.71 23.60
C ALA K 534 -62.83 -54.92 23.29
N PRO K 535 -63.75 -54.82 22.32
CA PRO K 535 -64.65 -55.94 22.05
C PRO K 535 -63.95 -57.13 21.42
N ALA K 536 -62.74 -56.94 20.85
CA ALA K 536 -62.00 -58.06 20.30
C ALA K 536 -61.51 -59.00 21.39
N VAL K 537 -61.27 -58.46 22.59
CA VAL K 537 -60.86 -59.29 23.71
C VAL K 537 -62.08 -59.97 24.33
N PHE K 538 -61.98 -61.28 24.52
CA PHE K 538 -63.01 -62.09 25.14
C PHE K 538 -62.69 -62.23 26.62
N GLY K 539 -63.65 -61.85 27.47
CA GLY K 539 -63.42 -61.90 28.90
C GLY K 539 -62.61 -60.72 29.41
N HIS K 540 -61.98 -60.94 30.57
CA HIS K 540 -61.14 -59.93 31.24
C HIS K 540 -61.91 -58.63 31.51
N GLU K 541 -62.95 -58.74 32.32
CA GLU K 541 -63.79 -57.57 32.60
C GLU K 541 -63.09 -56.59 33.53
N ALA K 542 -62.22 -57.10 34.42
CA ALA K 542 -61.51 -56.23 35.35
C ALA K 542 -60.52 -55.33 34.63
N VAL K 543 -59.83 -55.87 33.62
CA VAL K 543 -58.89 -55.06 32.84
C VAL K 543 -59.64 -54.01 32.04
N LYS K 544 -60.81 -54.37 31.49
CA LYS K 544 -61.62 -53.40 30.76
C LYS K 544 -62.13 -52.29 31.68
N LYS K 545 -62.51 -52.66 32.92
CA LYS K 545 -62.87 -51.66 33.92
C LYS K 545 -61.71 -50.71 34.21
N GLY K 546 -60.52 -51.27 34.41
CA GLY K 546 -59.35 -50.44 34.70
C GLY K 546 -58.99 -49.53 33.54
N ILE K 547 -59.12 -50.04 32.31
CA ILE K 547 -58.79 -49.25 31.13
C ILE K 547 -59.81 -48.12 30.94
N LEU K 548 -61.09 -48.41 31.19
CA LEU K 548 -62.12 -47.37 31.13
C LEU K 548 -61.87 -46.29 32.17
N LEU K 549 -61.49 -46.68 33.39
CA LEU K 549 -61.20 -45.69 34.43
C LEU K 549 -59.92 -44.93 34.12
N GLN K 550 -58.96 -45.58 33.47
CA GLN K 550 -57.75 -44.89 33.03
C GLN K 550 -58.08 -43.82 31.99
N MET K 551 -58.97 -44.14 31.04
CA MET K 551 -59.36 -43.15 30.04
C MET K 551 -60.15 -42.01 30.69
N LEU K 552 -60.99 -42.32 31.69
CA LEU K 552 -61.71 -41.26 32.38
C LEU K 552 -60.78 -40.47 33.30
N GLY K 553 -59.96 -41.16 34.10
CA GLY K 553 -59.00 -40.49 34.95
C GLY K 553 -59.61 -39.86 36.19
N GLY K 554 -58.74 -39.21 36.95
CA GLY K 554 -59.17 -38.51 38.15
C GLY K 554 -58.81 -37.04 38.07
N VAL K 555 -59.19 -36.31 39.12
CA VAL K 555 -58.95 -34.87 39.16
C VAL K 555 -57.55 -34.59 39.68
N HIS K 556 -56.94 -33.51 39.18
CA HIS K 556 -55.62 -33.09 39.61
C HIS K 556 -55.77 -32.03 40.70
N LYS K 557 -55.20 -32.29 41.87
CA LYS K 557 -55.41 -31.48 43.06
C LYS K 557 -54.07 -30.97 43.58
N SER K 558 -54.09 -29.77 44.16
CA SER K 558 -52.90 -29.11 44.65
C SER K 558 -53.14 -28.59 46.06
N THR K 559 -52.18 -28.82 46.95
CA THR K 559 -52.30 -28.36 48.33
C THR K 559 -51.83 -26.92 48.46
N VAL K 560 -51.93 -26.40 49.69
CA VAL K 560 -51.47 -25.04 49.95
C VAL K 560 -49.95 -24.99 49.97
N GLU K 561 -49.29 -26.13 50.21
CA GLU K 561 -47.84 -26.18 50.18
C GLU K 561 -47.33 -26.05 48.75
N GLY K 562 -48.12 -26.49 47.77
CA GLY K 562 -47.70 -26.54 46.38
C GLY K 562 -47.51 -27.95 45.85
N ILE K 563 -47.71 -28.97 46.69
CA ILE K 563 -47.59 -30.35 46.23
C ILE K 563 -48.79 -30.71 45.36
N LYS K 564 -48.51 -31.27 44.19
CA LYS K 564 -49.54 -31.61 43.22
C LYS K 564 -49.93 -33.07 43.37
N LEU K 565 -51.23 -33.33 43.47
CA LEU K 565 -51.72 -34.70 43.56
C LEU K 565 -52.13 -35.19 42.17
N ARG K 566 -51.59 -36.35 41.80
CA ARG K 566 -51.75 -36.88 40.45
C ARG K 566 -53.15 -37.45 40.29
N GLY K 567 -53.83 -37.04 39.21
CA GLY K 567 -55.13 -37.62 38.90
C GLY K 567 -55.06 -38.73 37.87
N ASP K 568 -53.90 -38.87 37.21
CA ASP K 568 -53.74 -39.94 36.23
C ASP K 568 -53.64 -41.29 36.92
N ILE K 569 -54.26 -42.29 36.29
CA ILE K 569 -54.27 -43.66 36.82
C ILE K 569 -53.38 -44.51 35.92
N ASN K 570 -52.39 -45.16 36.53
CA ASN K 570 -51.43 -45.99 35.82
C ASN K 570 -51.79 -47.46 36.01
N ILE K 571 -51.85 -48.20 34.91
CA ILE K 571 -52.24 -49.60 34.91
C ILE K 571 -51.06 -50.42 34.39
N CYS K 572 -50.79 -51.55 35.04
CA CYS K 572 -49.82 -52.50 34.54
C CYS K 572 -50.45 -53.88 34.45
N VAL K 573 -50.30 -54.52 33.31
CA VAL K 573 -50.88 -55.84 33.04
C VAL K 573 -49.75 -56.84 32.90
N VAL K 574 -49.73 -57.85 33.77
CA VAL K 574 -48.69 -58.86 33.84
C VAL K 574 -49.37 -60.21 33.76
N GLY K 575 -48.71 -61.20 33.16
CA GLY K 575 -49.28 -62.53 33.23
C GLY K 575 -48.61 -63.49 32.28
N ASP K 576 -49.27 -64.63 32.09
CA ASP K 576 -48.79 -65.68 31.22
C ASP K 576 -48.83 -65.21 29.77
N PRO K 577 -48.02 -65.81 28.89
CA PRO K 577 -48.04 -65.42 27.47
C PRO K 577 -49.38 -65.71 26.81
N SER K 578 -49.68 -64.88 25.80
CA SER K 578 -50.89 -65.01 24.96
C SER K 578 -52.17 -64.88 25.78
N THR K 579 -52.19 -63.90 26.68
CA THR K 579 -53.39 -63.58 27.44
C THR K 579 -54.02 -62.26 27.00
N SER K 580 -53.83 -61.89 25.73
CA SER K 580 -54.37 -60.69 25.10
C SER K 580 -53.92 -59.39 25.78
N LYS K 581 -52.72 -59.37 26.36
CA LYS K 581 -52.22 -58.16 27.00
C LYS K 581 -51.93 -57.07 25.97
N SER K 582 -51.35 -57.44 24.83
CA SER K 582 -51.02 -56.46 23.81
C SER K 582 -52.28 -56.00 23.08
N GLN K 583 -53.34 -56.82 23.10
CA GLN K 583 -54.60 -56.43 22.47
C GLN K 583 -55.21 -55.21 23.16
N PHE K 584 -55.12 -55.15 24.49
CA PHE K 584 -55.60 -53.99 25.22
C PHE K 584 -54.87 -52.72 24.81
N LEU K 585 -53.55 -52.79 24.72
CA LEU K 585 -52.76 -51.62 24.35
C LEU K 585 -53.04 -51.19 22.92
N LYS K 586 -53.18 -52.17 22.01
CA LYS K 586 -53.49 -51.84 20.62
C LYS K 586 -54.89 -51.23 20.49
N TYR K 587 -55.84 -51.69 21.32
CA TYR K 587 -57.15 -51.06 21.31
C TYR K 587 -57.09 -49.64 21.84
N VAL K 588 -56.31 -49.42 22.90
CA VAL K 588 -56.24 -48.09 23.52
C VAL K 588 -55.59 -47.08 22.58
N VAL K 589 -54.48 -47.47 21.92
CA VAL K 589 -53.81 -46.53 21.03
C VAL K 589 -54.67 -46.26 19.79
N GLY K 590 -55.47 -47.23 19.38
CA GLY K 590 -56.34 -47.02 18.24
C GLY K 590 -57.55 -46.15 18.58
N PHE K 591 -58.05 -46.28 19.81
CA PHE K 591 -59.30 -45.62 20.17
C PHE K 591 -59.07 -44.28 20.85
N ALA K 592 -58.24 -44.26 21.90
CA ALA K 592 -58.08 -43.08 22.74
C ALA K 592 -57.33 -41.98 21.99
N PRO K 593 -57.79 -40.74 22.09
CA PRO K 593 -57.04 -39.62 21.49
C PRO K 593 -55.79 -39.28 22.29
N ARG K 594 -54.81 -38.73 21.58
CA ARG K 594 -53.52 -38.34 22.14
C ARG K 594 -52.84 -39.52 22.85
N SER K 595 -52.81 -40.66 22.18
CA SER K 595 -52.25 -41.88 22.73
C SER K 595 -51.17 -42.42 21.78
N VAL K 596 -50.04 -42.82 22.36
CA VAL K 596 -48.94 -43.38 21.59
C VAL K 596 -48.67 -44.80 22.08
N TYR K 597 -48.21 -45.65 21.17
CA TYR K 597 -47.85 -47.03 21.47
C TYR K 597 -46.36 -47.20 21.29
N THR K 598 -45.68 -47.67 22.34
CA THR K 598 -44.25 -47.89 22.28
C THR K 598 -43.94 -49.30 22.76
N SER K 599 -42.82 -49.83 22.28
CA SER K 599 -42.29 -51.08 22.77
C SER K 599 -41.13 -50.80 23.72
N GLY K 600 -40.91 -51.73 24.65
CA GLY K 600 -39.85 -51.53 25.63
C GLY K 600 -38.45 -51.54 25.02
N LYS K 601 -38.19 -52.50 24.13
CA LYS K 601 -36.86 -52.60 23.53
C LYS K 601 -36.62 -51.51 22.50
N ALA K 602 -37.66 -51.15 21.74
CA ALA K 602 -37.48 -50.19 20.65
C ALA K 602 -37.44 -48.76 21.16
N SER K 603 -37.79 -48.55 22.43
CA SER K 603 -37.78 -47.20 22.97
C SER K 603 -36.40 -46.81 23.48
N SER K 604 -36.22 -45.51 23.70
CA SER K 604 -35.01 -44.96 24.27
C SER K 604 -35.39 -43.89 25.28
N ALA K 605 -34.44 -43.53 26.14
CA ALA K 605 -34.71 -42.54 27.18
C ALA K 605 -35.02 -41.17 26.58
N ALA K 606 -34.31 -40.78 25.53
CA ALA K 606 -34.62 -39.53 24.85
C ALA K 606 -35.86 -39.69 23.97
N GLY K 607 -36.10 -40.89 23.46
CA GLY K 607 -37.28 -41.11 22.63
C GLY K 607 -38.56 -41.18 23.42
N LEU K 608 -38.45 -41.45 24.73
CA LEU K 608 -39.64 -41.53 25.57
C LEU K 608 -40.06 -40.19 26.15
N THR K 609 -39.11 -39.31 26.48
CA THR K 609 -39.43 -38.07 27.18
C THR K 609 -39.26 -36.86 26.27
N ALA K 610 -38.05 -36.60 25.78
CA ALA K 610 -37.73 -35.47 24.91
C ALA K 610 -36.27 -35.61 24.51
N ALA K 611 -35.94 -35.14 23.32
CA ALA K 611 -34.58 -35.24 22.83
C ALA K 611 -34.10 -33.89 22.31
N VAL K 612 -32.84 -33.57 22.61
CA VAL K 612 -32.17 -32.42 22.02
C VAL K 612 -31.47 -32.89 20.75
N VAL K 613 -31.77 -32.23 19.63
CA VAL K 613 -31.39 -32.71 18.30
C VAL K 613 -30.54 -31.65 17.61
N ARG K 614 -29.44 -32.11 17.03
CA ARG K 614 -28.59 -31.36 16.12
C ARG K 614 -29.20 -31.43 14.73
N ASP K 615 -29.36 -30.28 14.07
CA ASP K 615 -30.01 -30.23 12.76
C ASP K 615 -29.04 -29.71 11.71
N GLU K 616 -28.75 -30.56 10.71
CA GLU K 616 -27.96 -30.21 9.53
C GLU K 616 -26.55 -29.72 9.89
N GLU K 617 -26.03 -30.20 11.03
CA GLU K 617 -24.74 -29.78 11.59
C GLU K 617 -24.66 -28.27 11.75
N GLY K 618 -25.80 -27.67 12.11
CA GLY K 618 -25.89 -26.23 12.29
C GLY K 618 -25.90 -25.90 13.77
N GLY K 619 -25.47 -24.66 14.09
CA GLY K 619 -25.25 -24.29 15.48
C GLY K 619 -26.49 -24.28 16.35
N ASP K 620 -27.66 -24.23 15.73
CA ASP K 620 -28.90 -24.29 16.48
C ASP K 620 -29.14 -25.71 16.98
N TYR K 621 -29.77 -25.82 18.14
CA TYR K 621 -30.25 -27.08 18.69
C TYR K 621 -31.77 -27.01 18.83
N THR K 622 -32.42 -28.17 18.75
CA THR K 622 -33.88 -28.17 18.88
C THR K 622 -34.31 -29.25 19.86
N ILE K 623 -35.57 -29.19 20.26
CA ILE K 623 -36.19 -30.19 21.13
C ILE K 623 -37.28 -30.88 20.34
N GLU K 624 -37.25 -32.20 20.29
CA GLU K 624 -38.38 -32.96 19.76
C GLU K 624 -39.01 -33.71 20.91
N ALA K 625 -40.34 -33.70 20.96
CA ALA K 625 -41.06 -34.29 22.09
C ALA K 625 -41.02 -35.81 22.01
N GLY K 626 -40.77 -36.44 23.16
CA GLY K 626 -40.79 -37.88 23.26
C GLY K 626 -42.19 -38.43 23.36
N ALA K 627 -42.27 -39.73 23.63
CA ALA K 627 -43.56 -40.43 23.63
C ALA K 627 -44.48 -39.92 24.72
N LEU K 628 -43.95 -39.64 25.92
CA LEU K 628 -44.79 -39.19 27.01
C LEU K 628 -45.29 -37.76 26.80
N MET K 629 -44.55 -36.94 26.05
CA MET K 629 -45.05 -35.61 25.73
C MET K 629 -46.14 -35.67 24.65
N LEU K 630 -45.98 -36.57 23.68
CA LEU K 630 -47.01 -36.76 22.65
C LEU K 630 -48.29 -37.34 23.23
N ALA K 631 -48.20 -38.00 24.39
CA ALA K 631 -49.36 -38.55 25.07
C ALA K 631 -49.74 -37.75 26.31
N ASP K 632 -49.40 -36.46 26.34
CA ASP K 632 -49.74 -35.63 27.49
C ASP K 632 -51.24 -35.42 27.55
N ASN K 633 -51.80 -35.54 28.76
CA ASN K 633 -53.25 -35.65 28.98
C ASN K 633 -53.85 -36.76 28.13
N GLY K 634 -53.13 -37.88 28.06
CA GLY K 634 -53.54 -39.05 27.32
C GLY K 634 -52.92 -40.28 27.93
N ILE K 635 -52.81 -41.36 27.17
CA ILE K 635 -52.26 -42.62 27.66
C ILE K 635 -51.06 -43.00 26.82
N CYS K 636 -49.94 -43.28 27.48
CA CYS K 636 -48.76 -43.85 26.86
C CYS K 636 -48.79 -45.35 27.08
N CYS K 637 -48.83 -46.12 26.00
CA CYS K 637 -48.91 -47.58 26.06
C CYS K 637 -47.50 -48.14 25.85
N ILE K 638 -46.95 -48.73 26.90
CA ILE K 638 -45.61 -49.29 26.83
C ILE K 638 -45.71 -50.81 26.89
N ASP K 639 -45.56 -51.45 25.73
CA ASP K 639 -45.54 -52.91 25.67
C ASP K 639 -44.13 -53.42 25.92
N GLU K 640 -44.05 -54.65 26.46
CA GLU K 640 -42.79 -55.29 26.84
C GLU K 640 -41.99 -54.41 27.80
N PHE K 641 -42.61 -54.11 28.94
CA PHE K 641 -42.00 -53.21 29.91
C PHE K 641 -40.77 -53.82 30.55
N ASP K 642 -40.73 -55.15 30.68
CA ASP K 642 -39.61 -55.81 31.33
C ASP K 642 -38.35 -55.75 30.47
N LYS K 643 -38.52 -55.65 29.14
CA LYS K 643 -37.36 -55.66 28.24
C LYS K 643 -36.65 -54.32 28.16
N MET K 644 -37.20 -53.27 28.74
CA MET K 644 -36.60 -51.95 28.61
C MET K 644 -35.39 -51.81 29.51
N ASP K 645 -34.43 -51.00 29.06
CA ASP K 645 -33.18 -50.79 29.79
C ASP K 645 -33.44 -50.04 31.10
N ILE K 646 -32.58 -50.28 32.09
CA ILE K 646 -32.77 -49.75 33.43
C ILE K 646 -32.64 -48.22 33.44
N SER K 647 -31.76 -47.68 32.61
CA SER K 647 -31.60 -46.23 32.52
C SER K 647 -32.85 -45.58 31.93
N ASP K 648 -33.49 -46.25 30.99
CA ASP K 648 -34.77 -45.76 30.46
C ASP K 648 -35.84 -45.75 31.54
N GLN K 649 -35.82 -46.78 32.40
CA GLN K 649 -36.75 -46.83 33.52
C GLN K 649 -36.50 -45.67 34.49
N VAL K 650 -35.23 -45.32 34.69
CA VAL K 650 -34.91 -44.15 35.52
C VAL K 650 -35.46 -42.87 34.88
N ALA K 651 -35.22 -42.71 33.58
CA ALA K 651 -35.64 -41.50 32.87
C ALA K 651 -37.17 -41.39 32.84
N ILE K 652 -37.88 -42.52 32.91
CA ILE K 652 -39.32 -42.39 32.88
C ILE K 652 -39.89 -42.19 34.28
N HIS K 653 -39.32 -42.78 35.34
CA HIS K 653 -40.01 -42.54 36.60
C HIS K 653 -39.65 -41.17 37.15
N GLU K 654 -38.58 -40.55 36.63
CA GLU K 654 -38.41 -39.12 36.90
C GLU K 654 -39.66 -38.33 36.51
N ALA K 655 -40.22 -38.64 35.34
CA ALA K 655 -41.50 -38.05 34.95
C ALA K 655 -42.66 -38.64 35.74
N MET K 656 -42.53 -39.87 36.23
CA MET K 656 -43.67 -40.48 36.92
C MET K 656 -43.92 -39.85 38.29
N GLU K 657 -42.88 -39.62 39.09
CA GLU K 657 -43.11 -38.77 40.26
C GLU K 657 -43.33 -37.32 39.84
N GLN K 658 -42.44 -36.74 39.04
CA GLN K 658 -42.40 -35.28 38.97
C GLN K 658 -43.47 -34.71 38.04
N GLN K 659 -44.08 -35.56 37.20
CA GLN K 659 -45.04 -35.19 36.15
C GLN K 659 -44.42 -34.21 35.15
N THR K 660 -43.09 -34.10 35.12
CA THR K 660 -42.38 -33.17 34.28
C THR K 660 -41.10 -33.83 33.77
N ILE K 661 -40.54 -33.24 32.73
CA ILE K 661 -39.30 -33.69 32.12
C ILE K 661 -38.31 -32.54 32.16
N SER K 662 -37.12 -32.81 32.69
CA SER K 662 -36.07 -31.81 32.82
C SER K 662 -35.04 -32.03 31.72
N ILE K 663 -34.65 -30.95 31.05
CA ILE K 663 -33.62 -30.98 30.02
C ILE K 663 -32.51 -30.02 30.44
N ALA K 664 -31.30 -30.56 30.58
CA ALA K 664 -30.12 -29.77 30.87
C ALA K 664 -28.98 -30.07 29.91
N LYS K 665 -29.24 -30.80 28.83
CA LYS K 665 -28.19 -31.16 27.89
C LYS K 665 -27.80 -29.95 27.05
N ALA K 666 -26.48 -29.77 26.90
CA ALA K 666 -25.84 -28.74 26.08
C ALA K 666 -26.32 -27.37 26.57
N GLY K 667 -26.66 -26.44 25.68
CA GLY K 667 -27.12 -25.12 26.05
C GLY K 667 -28.60 -24.99 26.23
N ILE K 668 -29.35 -26.09 26.21
CA ILE K 668 -30.80 -26.06 26.37
C ILE K 668 -31.16 -26.55 27.75
N HIS K 669 -31.83 -25.69 28.52
CA HIS K 669 -32.41 -26.03 29.83
C HIS K 669 -33.92 -25.81 29.65
N ALA K 670 -34.72 -26.77 30.06
CA ALA K 670 -36.17 -26.66 29.91
C ALA K 670 -36.89 -27.60 30.86
N THR K 671 -38.08 -27.18 31.28
CA THR K 671 -39.01 -28.02 32.02
C THR K 671 -40.24 -28.21 31.16
N LEU K 672 -40.57 -29.47 30.88
CA LEU K 672 -41.66 -29.81 29.97
C LEU K 672 -42.71 -30.63 30.72
N ASN K 673 -43.96 -30.50 30.30
CA ASN K 673 -45.05 -31.20 30.96
C ASN K 673 -45.10 -32.65 30.52
N ALA K 674 -45.36 -33.55 31.46
CA ALA K 674 -45.47 -34.98 31.19
C ALA K 674 -46.66 -35.55 31.98
N ARG K 675 -47.78 -34.82 31.94
CA ARG K 675 -49.00 -35.24 32.62
C ARG K 675 -49.68 -36.31 31.78
N THR K 676 -49.14 -37.52 31.86
CA THR K 676 -49.60 -38.63 31.04
C THR K 676 -49.89 -39.83 31.93
N SER K 677 -50.92 -40.59 31.57
CA SER K 677 -51.15 -41.89 32.20
C SER K 677 -50.32 -42.95 31.48
N ILE K 678 -50.02 -44.03 32.20
CA ILE K 678 -49.17 -45.08 31.67
C ILE K 678 -49.95 -46.39 31.71
N LEU K 679 -50.10 -47.02 30.55
CA LEU K 679 -50.64 -48.37 30.43
C LEU K 679 -49.50 -49.27 29.98
N ALA K 680 -49.04 -50.14 30.87
CA ALA K 680 -47.86 -50.95 30.63
C ALA K 680 -48.25 -52.42 30.54
N ALA K 681 -47.57 -53.14 29.65
CA ALA K 681 -47.69 -54.59 29.58
C ALA K 681 -46.33 -55.20 29.87
N ALA K 682 -46.30 -56.15 30.80
CA ALA K 682 -45.05 -56.73 31.26
C ALA K 682 -45.13 -58.25 31.22
N ASN K 683 -43.96 -58.86 31.06
CA ASN K 683 -43.81 -60.31 31.12
C ASN K 683 -42.97 -60.68 32.33
N PRO K 684 -43.34 -61.72 33.07
CA PRO K 684 -42.54 -62.10 34.24
C PRO K 684 -41.22 -62.73 33.85
N VAL K 685 -40.29 -62.76 34.80
CA VAL K 685 -39.01 -63.42 34.57
C VAL K 685 -39.24 -64.91 34.39
N GLY K 686 -38.62 -65.47 33.34
CA GLY K 686 -38.83 -66.85 32.98
C GLY K 686 -40.00 -67.12 32.06
N GLY K 687 -40.72 -66.08 31.65
CA GLY K 687 -41.84 -66.24 30.75
C GLY K 687 -43.16 -66.46 31.46
N ARG K 688 -43.28 -67.56 32.19
CA ARG K 688 -44.50 -67.85 32.92
C ARG K 688 -44.55 -67.09 34.23
N TYR K 689 -45.75 -66.77 34.67
CA TYR K 689 -45.94 -66.15 35.98
C TYR K 689 -45.87 -67.22 37.06
N ASN K 690 -44.98 -67.01 38.03
CA ASN K 690 -44.77 -67.97 39.10
C ASN K 690 -45.78 -67.69 40.21
N ARG K 691 -46.58 -68.69 40.55
CA ARG K 691 -47.57 -68.53 41.61
C ARG K 691 -46.90 -68.47 42.98
N LYS K 692 -45.75 -69.15 43.12
CA LYS K 692 -45.10 -69.24 44.42
C LYS K 692 -44.49 -67.90 44.84
N LEU K 693 -44.00 -67.12 43.89
CA LEU K 693 -43.34 -65.86 44.20
C LEU K 693 -44.35 -64.73 44.33
N SER K 694 -43.87 -63.60 44.84
CA SER K 694 -44.68 -62.41 44.96
C SER K 694 -44.68 -61.64 43.64
N LEU K 695 -45.34 -60.48 43.66
CA LEU K 695 -45.37 -59.64 42.46
C LEU K 695 -44.00 -59.04 42.18
N ARG K 696 -43.25 -58.68 43.22
CA ARG K 696 -41.91 -58.13 43.01
C ARG K 696 -40.94 -59.19 42.53
N GLY K 697 -41.16 -60.45 42.91
CA GLY K 697 -40.30 -61.52 42.42
C GLY K 697 -40.47 -61.77 40.93
N ASN K 698 -41.71 -61.67 40.44
CA ASN K 698 -41.97 -61.93 39.03
C ASN K 698 -41.52 -60.78 38.15
N LEU K 699 -41.60 -59.55 38.66
CA LEU K 699 -41.32 -58.38 37.84
C LEU K 699 -39.87 -57.92 38.01
N ASN K 700 -39.23 -57.67 36.88
CA ASN K 700 -37.85 -57.17 36.85
C ASN K 700 -37.84 -55.64 36.97
N MET K 701 -39.01 -55.03 36.95
CA MET K 701 -39.12 -53.57 37.00
C MET K 701 -38.69 -53.03 38.36
N THR K 702 -38.28 -51.76 38.36
CA THR K 702 -37.74 -51.12 39.55
C THR K 702 -38.88 -50.86 40.54
N ALA K 703 -38.54 -50.81 41.83
CA ALA K 703 -39.57 -50.56 42.83
C ALA K 703 -40.20 -49.17 42.75
N PRO K 704 -39.47 -48.07 42.46
CA PRO K 704 -40.17 -46.82 42.10
C PRO K 704 -41.08 -46.93 40.89
N ILE K 705 -40.78 -47.80 39.92
CA ILE K 705 -41.75 -48.08 38.86
C ILE K 705 -43.00 -48.72 39.45
N MET K 706 -42.82 -49.71 40.33
CA MET K 706 -43.93 -50.52 40.81
C MET K 706 -44.84 -49.73 41.75
N SER K 707 -44.29 -48.74 42.45
CA SER K 707 -45.09 -48.02 43.44
C SER K 707 -46.10 -47.08 42.79
N ARG K 708 -45.80 -46.58 41.58
CA ARG K 708 -46.69 -45.58 40.97
C ARG K 708 -47.86 -46.22 40.24
N PHE K 709 -47.79 -47.53 39.99
CA PHE K 709 -48.90 -48.18 39.30
C PHE K 709 -50.07 -48.37 40.26
N ASP K 710 -51.23 -47.83 39.87
CA ASP K 710 -52.42 -47.93 40.71
C ASP K 710 -52.96 -49.35 40.73
N LEU K 711 -53.01 -50.00 39.57
CA LEU K 711 -53.55 -51.34 39.45
C LEU K 711 -52.56 -52.25 38.75
N PHE K 712 -52.36 -53.44 39.31
CA PHE K 712 -51.61 -54.52 38.70
C PHE K 712 -52.59 -55.64 38.39
N PHE K 713 -52.82 -55.91 37.11
CA PHE K 713 -53.72 -56.96 36.67
C PHE K 713 -52.90 -58.17 36.25
N VAL K 714 -52.94 -59.22 37.06
CA VAL K 714 -52.26 -60.48 36.78
C VAL K 714 -53.24 -61.41 36.10
N ILE K 715 -53.01 -61.70 34.83
CA ILE K 715 -53.87 -62.55 34.03
C ILE K 715 -53.18 -63.90 33.87
N LEU K 716 -53.80 -64.94 34.41
CA LEU K 716 -53.20 -66.26 34.42
C LEU K 716 -53.89 -67.14 33.40
N ASP K 717 -53.11 -68.04 32.80
CA ASP K 717 -53.63 -68.99 31.83
C ASP K 717 -53.89 -70.32 32.50
N ASP K 718 -55.17 -70.67 32.60
CA ASP K 718 -55.60 -71.94 33.14
C ASP K 718 -56.39 -72.70 32.08
N CYS K 719 -56.02 -73.96 31.87
CA CYS K 719 -56.61 -74.77 30.80
C CYS K 719 -57.86 -75.46 31.32
N ASN K 720 -59.02 -74.93 30.94
CA ASN K 720 -60.31 -75.56 31.19
C ASN K 720 -60.98 -75.78 29.84
N GLU K 721 -61.72 -76.88 29.71
CA GLU K 721 -62.29 -77.26 28.42
C GLU K 721 -63.31 -76.24 27.93
N LYS K 722 -64.21 -75.81 28.82
CA LYS K 722 -65.31 -74.94 28.41
C LYS K 722 -64.81 -73.55 28.01
N ILE K 723 -63.98 -72.93 28.85
CA ILE K 723 -63.50 -71.58 28.59
C ILE K 723 -62.64 -71.55 27.34
N ASP K 724 -61.79 -72.56 27.16
CA ASP K 724 -61.03 -72.70 25.93
C ASP K 724 -61.94 -72.88 24.73
N THR K 725 -63.06 -73.59 24.91
CA THR K 725 -63.98 -73.83 23.81
C THR K 725 -64.62 -72.53 23.33
N GLU K 726 -65.20 -71.74 24.25
CA GLU K 726 -65.79 -70.48 23.80
C GLU K 726 -64.74 -69.48 23.35
N LEU K 727 -63.54 -69.51 23.93
CA LEU K 727 -62.49 -68.60 23.48
C LEU K 727 -62.03 -68.93 22.05
N ALA K 728 -61.86 -70.23 21.76
CA ALA K 728 -61.50 -70.66 20.42
C ALA K 728 -62.60 -70.34 19.42
N SER K 729 -63.86 -70.54 19.82
CA SER K 729 -64.99 -70.20 18.96
C SER K 729 -65.01 -68.71 18.66
N HIS K 730 -64.76 -67.88 19.68
CA HIS K 730 -64.74 -66.43 19.48
C HIS K 730 -63.61 -66.02 18.53
N ILE K 731 -62.43 -66.60 18.68
CA ILE K 731 -61.28 -66.19 17.87
C ILE K 731 -61.47 -66.63 16.41
N VAL K 732 -61.94 -67.87 16.19
CA VAL K 732 -62.18 -68.31 14.83
C VAL K 732 -63.33 -67.54 14.21
N ASP K 733 -64.33 -67.16 15.01
CA ASP K 733 -65.41 -66.33 14.49
C ASP K 733 -64.94 -64.94 14.11
N LEU K 734 -63.99 -64.37 14.88
CA LEU K 734 -63.36 -63.12 14.47
C LEU K 734 -62.67 -63.28 13.12
N HIS K 735 -61.84 -64.32 12.97
CA HIS K 735 -61.13 -64.55 11.72
C HIS K 735 -62.09 -64.82 10.56
N MET K 736 -63.26 -65.37 10.87
CA MET K 736 -64.24 -65.69 9.83
C MET K 736 -65.04 -64.47 9.40
N LYS K 737 -65.40 -63.61 10.35
CA LYS K 737 -66.45 -62.63 10.11
C LYS K 737 -65.98 -61.18 10.16
N ARG K 738 -64.72 -60.91 10.49
CA ARG K 738 -64.09 -59.59 10.36
C ARG K 738 -64.81 -58.61 11.28
N ASP K 739 -65.45 -57.56 10.77
CA ASP K 739 -66.03 -56.54 11.63
C ASP K 739 -67.31 -56.98 12.31
N GLU K 740 -68.13 -57.78 11.61
CA GLU K 740 -69.47 -58.05 12.15
C GLU K 740 -69.45 -59.15 13.19
N ALA K 741 -68.28 -59.73 13.49
CA ALA K 741 -68.13 -60.56 14.68
C ALA K 741 -67.92 -59.73 15.94
N ILE K 742 -67.82 -58.42 15.81
CA ILE K 742 -67.66 -57.50 16.93
C ILE K 742 -69.00 -56.83 17.19
N GLU K 743 -69.53 -57.00 18.40
CA GLU K 743 -70.84 -56.45 18.78
C GLU K 743 -70.70 -55.67 20.08
N PRO K 744 -70.24 -54.42 20.01
CA PRO K 744 -70.19 -53.61 21.23
C PRO K 744 -71.53 -52.95 21.49
N PRO K 745 -71.88 -52.75 22.76
CA PRO K 745 -73.06 -51.93 23.06
C PRO K 745 -72.99 -50.51 22.49
N PHE K 746 -71.81 -49.91 22.50
CA PHE K 746 -71.60 -48.57 21.96
C PHE K 746 -70.54 -48.63 20.85
N SER K 747 -70.76 -47.86 19.79
CA SER K 747 -69.74 -47.71 18.77
C SER K 747 -68.60 -46.85 19.32
N ALA K 748 -67.48 -46.84 18.57
CA ALA K 748 -66.29 -46.12 19.03
C ALA K 748 -66.54 -44.61 19.10
N GLU K 749 -67.29 -44.07 18.15
CA GLU K 749 -67.56 -42.64 18.13
C GLU K 749 -68.40 -42.20 19.32
N GLN K 750 -69.47 -42.92 19.61
CA GLN K 750 -70.33 -42.53 20.74
C GLN K 750 -69.66 -42.82 22.08
N LEU K 751 -68.85 -43.88 22.17
CA LEU K 751 -68.06 -44.12 23.37
C LEU K 751 -67.06 -42.99 23.61
N ARG K 752 -66.40 -42.53 22.55
CA ARG K 752 -65.45 -41.43 22.67
C ARG K 752 -66.17 -40.13 23.04
N ARG K 753 -67.36 -39.90 22.47
CA ARG K 753 -68.14 -38.73 22.83
C ARG K 753 -68.55 -38.76 24.30
N TYR K 754 -68.96 -39.93 24.79
CA TYR K 754 -69.35 -40.05 26.19
C TYR K 754 -68.16 -39.85 27.12
N ILE K 755 -66.98 -40.37 26.74
CA ILE K 755 -65.79 -40.18 27.57
C ILE K 755 -65.38 -38.71 27.59
N LYS K 756 -65.45 -38.04 26.43
CA LYS K 756 -65.12 -36.62 26.36
C LYS K 756 -66.10 -35.78 27.17
N TYR K 757 -67.38 -36.18 27.18
CA TYR K 757 -68.37 -35.52 28.03
C TYR K 757 -68.07 -35.76 29.51
N ALA K 758 -67.69 -36.98 29.86
CA ALA K 758 -67.55 -37.36 31.26
C ALA K 758 -66.28 -36.76 31.87
N ARG K 759 -65.27 -36.48 31.04
CA ARG K 759 -64.03 -35.91 31.56
C ARG K 759 -64.23 -34.48 32.05
N THR K 760 -65.33 -33.84 31.66
CA THR K 760 -65.57 -32.46 32.09
C THR K 760 -65.99 -32.39 33.55
N PHE K 761 -66.60 -33.45 34.06
CA PHE K 761 -67.06 -33.45 35.44
C PHE K 761 -65.89 -33.57 36.42
N LYS K 762 -66.00 -32.86 37.53
CA LYS K 762 -65.00 -32.93 38.59
C LYS K 762 -65.66 -33.40 39.89
N PRO K 763 -65.65 -34.70 40.18
CA PRO K 763 -66.36 -35.20 41.37
C PRO K 763 -65.68 -34.77 42.65
N ILE K 764 -66.48 -34.67 43.72
CA ILE K 764 -66.00 -34.34 45.06
C ILE K 764 -66.58 -35.36 46.03
N LEU K 765 -65.92 -35.53 47.17
CA LEU K 765 -66.35 -36.51 48.16
C LEU K 765 -67.40 -35.93 49.09
N THR K 766 -68.23 -36.81 49.65
CA THR K 766 -69.25 -36.42 50.62
C THR K 766 -68.74 -36.67 52.04
N LYS K 767 -69.60 -36.36 53.02
CA LYS K 767 -69.28 -36.66 54.41
C LYS K 767 -69.28 -38.16 54.67
N GLU K 768 -70.26 -38.88 54.12
CA GLU K 768 -70.33 -40.32 54.30
C GLU K 768 -69.24 -41.03 53.50
N ALA K 769 -68.88 -40.45 52.35
CA ALA K 769 -67.88 -41.04 51.47
C ALA K 769 -66.53 -41.15 52.14
N ARG K 770 -66.13 -40.10 52.89
CA ARG K 770 -64.84 -40.12 53.56
C ARG K 770 -64.76 -41.21 54.62
N SER K 771 -65.83 -41.36 55.42
CA SER K 771 -65.84 -42.40 56.45
C SER K 771 -65.85 -43.78 55.84
N TYR K 772 -66.63 -43.99 54.78
CA TYR K 772 -66.66 -45.29 54.11
C TYR K 772 -65.30 -45.61 53.50
N LEU K 773 -64.64 -44.60 52.94
CA LEU K 773 -63.31 -44.77 52.36
C LEU K 773 -62.29 -45.16 53.42
N VAL K 774 -62.34 -44.51 54.59
CA VAL K 774 -61.44 -44.83 55.68
C VAL K 774 -61.67 -46.27 56.16
N GLU K 775 -62.94 -46.67 56.28
CA GLU K 775 -63.23 -48.04 56.70
C GLU K 775 -62.75 -49.07 55.69
N LYS K 776 -62.90 -48.79 54.40
CA LYS K 776 -62.40 -49.73 53.39
C LYS K 776 -60.88 -49.82 53.40
N TYR K 777 -60.20 -48.70 53.62
CA TYR K 777 -58.74 -48.75 53.73
C TYR K 777 -58.32 -49.56 54.95
N LYS K 778 -59.04 -49.40 56.06
CA LYS K 778 -58.75 -50.19 57.26
C LYS K 778 -58.96 -51.68 57.02
N GLU K 779 -60.03 -52.02 56.29
CA GLU K 779 -60.27 -53.43 55.98
C GLU K 779 -59.19 -54.01 55.08
N LEU K 780 -58.72 -53.24 54.10
CA LEU K 780 -57.62 -53.70 53.26
C LEU K 780 -56.34 -53.92 54.07
N ARG K 781 -56.03 -52.98 54.97
CA ARG K 781 -54.83 -53.12 55.79
C ARG K 781 -54.94 -54.33 56.72
N LYS K 782 -56.11 -54.53 57.33
CA LYS K 782 -56.29 -55.68 58.21
C LYS K 782 -56.23 -57.00 57.44
N ASP K 783 -56.74 -56.99 56.20
CA ASP K 783 -56.67 -58.20 55.37
C ASP K 783 -55.23 -58.56 55.04
N ASP K 784 -54.40 -57.56 54.70
CA ASP K 784 -52.99 -57.87 54.45
C ASP K 784 -52.27 -58.29 55.73
N ALA K 785 -52.66 -57.70 56.86
CA ALA K 785 -52.07 -58.10 58.15
C ALA K 785 -52.38 -59.55 58.47
N GLN K 786 -53.62 -59.99 58.20
CA GLN K 786 -53.97 -61.39 58.41
C GLN K 786 -53.31 -62.30 57.38
N GLY K 787 -53.14 -61.80 56.15
CA GLY K 787 -52.63 -62.66 55.09
C GLY K 787 -51.15 -62.92 55.17
N PHE K 788 -50.37 -61.90 55.58
CA PHE K 788 -48.90 -61.95 55.65
C PHE K 788 -48.37 -62.22 54.24
N SER K 789 -47.64 -63.32 54.01
CA SER K 789 -46.93 -63.50 52.75
C SER K 789 -47.85 -64.01 51.64
N ARG K 790 -49.10 -64.34 51.98
CA ARG K 790 -50.03 -64.82 50.96
C ARG K 790 -50.48 -63.69 50.04
N SER K 791 -50.28 -62.45 50.45
CA SER K 791 -50.64 -61.32 49.62
C SER K 791 -49.57 -61.07 48.55
N SER K 792 -50.03 -60.64 47.37
CA SER K 792 -49.08 -60.30 46.30
C SER K 792 -48.26 -59.07 46.67
N TYR K 793 -48.90 -58.05 47.22
CA TYR K 793 -48.21 -56.86 47.72
C TYR K 793 -49.08 -56.20 48.79
N ARG K 794 -48.42 -55.59 49.76
CA ARG K 794 -49.13 -54.99 50.88
C ARG K 794 -49.77 -53.67 50.47
N ILE K 795 -50.84 -53.31 51.17
CA ILE K 795 -51.48 -52.00 51.01
C ILE K 795 -50.70 -50.98 51.82
N THR K 796 -50.39 -49.85 51.17
CA THR K 796 -49.80 -48.69 51.83
C THR K 796 -50.75 -47.51 51.65
N VAL K 797 -50.32 -46.31 52.00
CA VAL K 797 -51.13 -45.11 51.78
C VAL K 797 -51.34 -44.86 50.30
N ARG K 798 -50.37 -45.26 49.46
CA ARG K 798 -50.48 -45.04 48.02
C ARG K 798 -51.67 -45.81 47.42
N GLN K 799 -51.97 -46.98 47.97
CA GLN K 799 -53.16 -47.70 47.52
C GLN K 799 -54.44 -47.02 47.98
N LEU K 800 -54.40 -46.33 49.13
CA LEU K 800 -55.55 -45.52 49.52
C LEU K 800 -55.76 -44.36 48.56
N GLU K 801 -54.67 -43.70 48.15
CA GLU K 801 -54.77 -42.62 47.16
C GLU K 801 -55.26 -43.14 45.81
N SER K 802 -54.80 -44.34 45.42
CA SER K 802 -55.27 -44.93 44.18
C SER K 802 -56.75 -45.30 44.27
N MET K 803 -57.21 -45.72 45.45
CA MET K 803 -58.62 -46.01 45.63
C MET K 803 -59.46 -44.74 45.55
N ILE K 804 -58.96 -43.63 46.09
CA ILE K 804 -59.62 -42.33 45.93
C ILE K 804 -59.71 -41.95 44.45
N ARG K 805 -58.59 -42.11 43.72
CA ARG K 805 -58.55 -41.77 42.30
C ARG K 805 -59.51 -42.64 41.49
N LEU K 806 -59.57 -43.93 41.81
CA LEU K 806 -60.47 -44.84 41.10
C LEU K 806 -61.93 -44.52 41.40
N SER K 807 -62.23 -44.12 42.64
CA SER K 807 -63.59 -43.72 42.98
C SER K 807 -63.98 -42.45 42.23
N GLU K 808 -63.05 -41.51 42.08
CA GLU K 808 -63.32 -40.33 41.27
C GLU K 808 -63.55 -40.69 39.80
N ALA K 809 -62.79 -41.65 39.28
CA ALA K 809 -62.99 -42.10 37.90
C ALA K 809 -64.35 -42.77 37.73
N ILE K 810 -64.75 -43.58 38.71
CA ILE K 810 -66.05 -44.25 38.66
C ILE K 810 -67.18 -43.22 38.73
N ALA K 811 -67.02 -42.19 39.56
CA ALA K 811 -67.99 -41.11 39.60
C ALA K 811 -68.04 -40.35 38.28
N ARG K 812 -66.90 -40.25 37.59
CA ARG K 812 -66.91 -39.65 36.26
C ARG K 812 -67.64 -40.55 35.26
N ALA K 813 -67.54 -41.87 35.44
CA ALA K 813 -68.20 -42.80 34.52
C ALA K 813 -69.72 -42.64 34.53
N ASN K 814 -70.29 -42.37 35.70
CA ASN K 814 -71.73 -42.21 35.85
C ASN K 814 -72.16 -40.75 35.69
N CYS K 815 -71.23 -39.86 35.37
CA CYS K 815 -71.49 -38.43 35.10
C CYS K 815 -72.17 -37.74 36.27
N VAL K 816 -71.65 -37.98 37.48
CA VAL K 816 -72.15 -37.33 38.69
C VAL K 816 -71.07 -36.41 39.22
N ASP K 817 -71.49 -35.31 39.85
CA ASP K 817 -70.54 -34.35 40.39
C ASP K 817 -70.16 -34.71 41.83
N GLU K 818 -70.78 -35.75 42.37
CA GLU K 818 -70.63 -36.10 43.78
C GLU K 818 -70.39 -37.60 43.89
N ILE K 819 -69.42 -37.98 44.73
CA ILE K 819 -69.02 -39.38 44.83
C ILE K 819 -69.91 -40.10 45.84
N THR K 820 -70.53 -41.18 45.38
CA THR K 820 -71.40 -42.04 46.16
C THR K 820 -70.55 -43.04 46.90
N PRO K 821 -70.94 -43.42 48.13
CA PRO K 821 -70.23 -44.51 48.82
C PRO K 821 -70.25 -45.83 48.06
N SER K 822 -71.27 -46.07 47.24
CA SER K 822 -71.28 -47.26 46.40
C SER K 822 -70.16 -47.23 45.36
N PHE K 823 -69.85 -46.05 44.84
CA PHE K 823 -68.76 -45.93 43.88
C PHE K 823 -67.42 -46.22 44.55
N ILE K 824 -67.25 -45.75 45.78
CA ILE K 824 -66.06 -46.08 46.56
C ILE K 824 -65.99 -47.57 46.82
N ALA K 825 -67.14 -48.20 47.09
CA ALA K 825 -67.17 -49.65 47.29
C ALA K 825 -66.76 -50.39 46.03
N GLU K 826 -67.22 -49.91 44.86
CA GLU K 826 -66.84 -50.55 43.61
C GLU K 826 -65.35 -50.39 43.32
N ALA K 827 -64.81 -49.20 43.61
CA ALA K 827 -63.37 -48.99 43.43
C ALA K 827 -62.56 -49.87 44.38
N TYR K 828 -63.02 -50.00 45.62
CA TYR K 828 -62.37 -50.89 46.59
C TYR K 828 -62.44 -52.34 46.14
N ASP K 829 -63.58 -52.75 45.58
CA ASP K 829 -63.72 -54.10 45.06
C ASP K 829 -62.75 -54.35 43.93
N LEU K 830 -62.66 -53.43 42.97
CA LEU K 830 -61.76 -53.58 41.83
C LEU K 830 -60.31 -53.67 42.27
N LEU K 831 -59.92 -52.82 43.22
CA LEU K 831 -58.58 -52.92 43.80
C LEU K 831 -58.41 -54.23 44.55
N ARG K 832 -59.51 -54.81 45.04
CA ARG K 832 -59.40 -56.08 45.77
C ARG K 832 -59.12 -57.25 44.83
N GLN K 833 -59.86 -57.38 43.71
CA GLN K 833 -59.49 -58.52 42.85
C GLN K 833 -58.32 -58.18 41.95
N SER K 834 -57.82 -56.94 41.98
CA SER K 834 -56.54 -56.66 41.33
C SER K 834 -55.42 -57.45 42.01
N ILE K 835 -55.46 -57.53 43.33
CA ILE K 835 -54.50 -58.34 44.08
C ILE K 835 -54.95 -59.80 44.07
N ILE K 836 -54.02 -60.71 43.80
CA ILE K 836 -54.30 -62.13 43.79
C ILE K 836 -53.57 -62.76 44.97
N ARG K 837 -54.04 -63.91 45.44
CA ARG K 837 -53.44 -64.61 46.57
C ARG K 837 -52.25 -65.46 46.12
N VAL K 838 -51.15 -65.38 46.85
CA VAL K 838 -49.96 -66.16 46.53
C VAL K 838 -50.13 -67.58 47.06
N ASP K 839 -49.93 -68.57 46.19
CA ASP K 839 -50.00 -69.96 46.61
C ASP K 839 -48.76 -70.34 47.42
N VAL K 840 -48.97 -71.12 48.47
CA VAL K 840 -47.89 -71.59 49.34
C VAL K 840 -47.91 -73.12 49.32
N ASP K 841 -46.73 -73.72 49.17
CA ASP K 841 -46.62 -75.17 49.21
C ASP K 841 -46.91 -75.70 50.62
N ASP K 842 -47.53 -76.88 50.69
CA ASP K 842 -47.86 -77.48 51.97
C ASP K 842 -46.61 -77.92 52.71
N VAL K 843 -46.66 -77.84 54.03
CA VAL K 843 -45.53 -78.22 54.87
C VAL K 843 -45.73 -79.64 55.40
N SER L 2 18.66 -13.10 -16.96
CA SER L 2 18.93 -12.22 -15.84
C SER L 2 19.66 -12.95 -14.73
N ALA L 3 19.94 -12.23 -13.64
CA ALA L 3 20.59 -12.84 -12.48
C ALA L 3 19.61 -13.49 -11.53
N ALA L 4 18.31 -13.34 -11.76
CA ALA L 4 17.32 -13.95 -10.87
C ALA L 4 17.29 -15.46 -11.04
N LEU L 5 17.38 -15.95 -12.27
CA LEU L 5 17.50 -17.37 -12.56
C LEU L 5 18.85 -17.61 -13.21
N PRO L 6 19.90 -17.79 -12.41
CA PRO L 6 21.21 -18.13 -12.98
C PRO L 6 21.20 -19.53 -13.56
N SER L 7 22.08 -19.74 -14.52
CA SER L 7 22.21 -21.03 -15.19
C SER L 7 23.24 -21.89 -14.48
N ILE L 8 23.07 -23.19 -14.58
CA ILE L 8 24.00 -24.16 -14.03
C ILE L 8 24.36 -25.15 -15.13
N GLN L 9 25.54 -25.75 -15.01
CA GLN L 9 26.01 -26.73 -15.98
C GLN L 9 25.91 -28.12 -15.36
N LEU L 10 25.18 -29.01 -16.03
CA LEU L 10 24.99 -30.37 -15.56
C LEU L 10 25.57 -31.35 -16.55
N PRO L 11 26.09 -32.49 -16.09
CA PRO L 11 26.66 -33.48 -17.03
C PRO L 11 25.63 -34.08 -17.97
N VAL L 12 24.35 -34.04 -17.61
CA VAL L 12 23.31 -34.60 -18.47
C VAL L 12 23.09 -33.72 -19.69
N ASP L 13 22.99 -34.36 -20.86
CA ASP L 13 22.63 -33.69 -22.10
C ASP L 13 21.50 -34.46 -22.75
N TYR L 14 20.37 -33.78 -22.97
CA TYR L 14 19.14 -34.43 -23.39
C TYR L 14 19.03 -34.58 -24.90
N ASN L 15 20.05 -34.15 -25.65
CA ASN L 15 20.06 -34.29 -27.10
C ASN L 15 20.59 -35.65 -27.54
N ASN L 16 21.77 -36.04 -27.06
CA ASN L 16 22.35 -37.33 -27.42
C ASN L 16 21.78 -38.47 -26.59
N LEU L 17 21.08 -38.15 -25.50
CA LEU L 17 20.32 -39.15 -24.78
C LEU L 17 19.02 -39.50 -25.47
N PHE L 18 18.34 -38.51 -26.08
CA PHE L 18 17.17 -38.80 -26.89
C PHE L 18 17.54 -39.60 -28.13
N ASN L 19 18.67 -39.25 -28.77
CA ASN L 19 19.14 -40.02 -29.91
C ASN L 19 19.57 -41.43 -29.54
N GLU L 20 20.15 -41.60 -28.35
CA GLU L 20 20.44 -42.94 -27.83
C GLU L 20 19.17 -43.73 -27.52
N ILE L 21 18.14 -43.07 -26.96
CA ILE L 21 16.87 -43.74 -26.71
C ILE L 21 16.24 -44.19 -28.02
N THR L 22 16.22 -43.31 -29.02
CA THR L 22 15.65 -43.62 -30.32
C THR L 22 16.37 -44.76 -31.02
N ASP L 23 17.70 -44.76 -30.99
CA ASP L 23 18.47 -45.85 -31.55
C ASP L 23 18.32 -47.15 -30.76
N PHE L 24 18.08 -47.06 -29.46
CA PHE L 24 17.85 -48.25 -28.65
C PHE L 24 16.54 -48.94 -29.01
N LEU L 25 15.48 -48.17 -29.26
CA LEU L 25 14.17 -48.74 -29.52
C LEU L 25 14.05 -49.40 -30.89
N VAL L 26 14.97 -49.10 -31.82
CA VAL L 26 14.90 -49.66 -33.16
C VAL L 26 15.93 -50.75 -33.38
N THR L 27 17.03 -50.74 -32.62
CA THR L 27 18.13 -51.67 -32.87
C THR L 27 18.32 -52.71 -31.77
N PHE L 28 17.50 -52.70 -30.72
CA PHE L 28 17.67 -53.70 -29.67
C PHE L 28 17.02 -55.01 -30.13
N LYS L 29 17.86 -55.98 -30.47
CA LYS L 29 17.41 -57.31 -30.87
C LYS L 29 17.87 -58.27 -29.77
N GLN L 30 16.93 -58.68 -28.91
CA GLN L 30 17.25 -59.54 -27.78
C GLN L 30 17.66 -60.93 -28.28
N ASP L 31 18.59 -61.55 -27.56
CA ASP L 31 19.08 -62.87 -27.92
C ASP L 31 19.60 -63.61 -26.68
N LYS L 59 10.10 -61.46 -33.54
CA LYS L 59 10.33 -61.03 -34.92
C LYS L 59 10.98 -59.65 -34.96
N GLY L 60 12.25 -59.60 -35.34
CA GLY L 60 12.98 -58.37 -35.46
C GLY L 60 13.24 -57.72 -34.10
N PRO L 61 13.27 -56.39 -34.09
CA PRO L 61 13.49 -55.67 -32.83
C PRO L 61 12.34 -55.84 -31.86
N LYS L 62 12.68 -55.81 -30.57
CA LYS L 62 11.72 -56.11 -29.50
C LYS L 62 10.68 -55.01 -29.36
N TYR L 63 11.14 -53.79 -29.11
CA TYR L 63 10.24 -52.66 -28.88
C TYR L 63 9.58 -52.17 -30.17
N MET L 64 10.12 -52.51 -31.33
CA MET L 64 9.42 -52.23 -32.59
C MET L 64 8.27 -53.18 -32.84
N ALA L 65 8.42 -54.46 -32.47
CA ALA L 65 7.31 -55.40 -32.51
C ALA L 65 6.29 -55.14 -31.43
N MET L 66 6.71 -54.66 -30.26
CA MET L 66 5.79 -54.25 -29.22
C MET L 66 4.96 -53.03 -29.61
N LEU L 67 5.58 -52.07 -30.31
CA LEU L 67 4.84 -50.89 -30.74
C LEU L 67 3.85 -51.23 -31.85
N GLN L 68 4.10 -52.31 -32.60
CA GLN L 68 3.10 -52.78 -33.56
C GLN L 68 1.86 -53.29 -32.85
N LYS L 69 2.04 -54.02 -31.75
CA LYS L 69 0.89 -54.47 -30.95
C LYS L 69 0.19 -53.29 -30.29
N VAL L 70 0.95 -52.27 -29.89
CA VAL L 70 0.34 -51.06 -29.35
C VAL L 70 -0.50 -50.37 -30.41
N ALA L 71 0.02 -50.27 -31.63
CA ALA L 71 -0.70 -49.60 -32.71
C ALA L 71 -1.92 -50.39 -33.18
N ASN L 72 -1.89 -51.72 -33.04
CA ASN L 72 -3.01 -52.55 -33.43
C ASN L 72 -4.09 -52.65 -32.35
N ARG L 73 -4.04 -51.79 -31.33
CA ARG L 73 -4.95 -51.78 -30.18
C ARG L 73 -4.92 -53.09 -29.40
N GLU L 74 -3.83 -53.84 -29.50
CA GLU L 74 -3.71 -55.13 -28.82
C GLU L 74 -2.94 -55.05 -27.52
N LEU L 75 -2.16 -53.99 -27.32
CA LEU L 75 -1.40 -53.80 -26.09
C LEU L 75 -1.61 -52.39 -25.58
N ASN L 76 -1.74 -52.27 -24.26
CA ASN L 76 -2.13 -51.02 -23.63
C ASN L 76 -0.97 -50.36 -22.90
N SER L 77 0.01 -51.14 -22.43
CA SER L 77 1.12 -50.59 -21.66
C SER L 77 2.44 -50.99 -22.29
N VAL L 78 3.40 -50.07 -22.24
CA VAL L 78 4.76 -50.28 -22.73
C VAL L 78 5.69 -50.33 -21.52
N ILE L 79 6.37 -51.45 -21.34
CA ILE L 79 7.28 -51.62 -20.22
C ILE L 79 8.70 -51.52 -20.75
N ILE L 80 9.43 -50.51 -20.29
CA ILE L 80 10.83 -50.32 -20.65
C ILE L 80 11.69 -50.96 -19.57
N ASP L 81 12.42 -52.01 -19.94
CA ASP L 81 13.26 -52.72 -19.00
C ASP L 81 14.68 -52.16 -19.05
N LEU L 82 15.20 -51.81 -17.87
CA LEU L 82 16.56 -51.25 -17.81
C LEU L 82 17.61 -52.31 -18.06
N ASP L 83 17.26 -53.59 -17.91
CA ASP L 83 18.16 -54.67 -18.31
C ASP L 83 18.43 -54.64 -19.80
N ASP L 84 17.40 -54.36 -20.60
CA ASP L 84 17.57 -54.23 -22.04
C ASP L 84 18.49 -53.07 -22.38
N ILE L 85 18.35 -51.94 -21.66
CA ILE L 85 19.20 -50.78 -21.91
C ILE L 85 20.64 -51.07 -21.49
N LEU L 86 20.82 -51.80 -20.40
CA LEU L 86 22.17 -52.20 -19.98
C LEU L 86 22.82 -53.12 -21.00
N GLN L 87 22.05 -54.07 -21.55
CA GLN L 87 22.58 -54.94 -22.60
C GLN L 87 22.92 -54.14 -23.86
N TYR L 88 22.07 -53.16 -24.20
CA TYR L 88 22.35 -52.29 -25.33
C TYR L 88 23.64 -51.49 -25.14
N GLN L 89 23.86 -50.97 -23.93
CA GLN L 89 25.09 -50.25 -23.63
C GLN L 89 26.30 -51.19 -23.68
N ASN L 90 26.14 -52.43 -23.22
CA ASN L 90 27.24 -53.40 -23.30
C ASN L 90 27.60 -53.70 -24.76
N GLU L 91 26.59 -53.88 -25.61
CA GLU L 91 26.87 -54.15 -27.03
C GLU L 91 27.49 -52.95 -27.70
N LYS L 92 27.05 -51.74 -27.36
CA LYS L 92 27.68 -50.54 -27.91
C LYS L 92 29.12 -50.41 -27.45
N PHE L 93 29.41 -50.79 -26.21
CA PHE L 93 30.78 -50.74 -25.70
C PHE L 93 31.66 -51.78 -26.38
N LEU L 94 31.12 -52.97 -26.63
CA LEU L 94 31.90 -54.00 -27.34
C LEU L 94 32.12 -53.62 -28.79
N GLN L 95 31.18 -52.89 -29.39
CA GLN L 95 31.39 -52.37 -30.74
C GLN L 95 32.50 -51.32 -30.76
N GLY L 96 32.72 -50.63 -29.65
CA GLY L 96 33.72 -49.59 -29.56
C GLY L 96 33.19 -48.18 -29.63
N THR L 97 31.95 -47.98 -30.06
CA THR L 97 31.38 -46.65 -30.10
C THR L 97 31.05 -46.16 -28.69
N GLN L 98 30.96 -44.85 -28.54
CA GLN L 98 30.74 -44.22 -27.25
C GLN L 98 29.25 -44.03 -27.02
N ALA L 99 28.77 -44.53 -25.87
CA ALA L 99 27.36 -44.39 -25.50
C ALA L 99 27.28 -43.78 -24.11
N ASP L 100 26.32 -42.87 -23.95
CA ASP L 100 26.05 -42.29 -22.64
C ASP L 100 25.44 -43.34 -21.71
N ASP L 101 25.63 -43.14 -20.41
CA ASP L 101 25.05 -44.02 -19.41
C ASP L 101 23.57 -43.68 -19.30
N LEU L 102 22.76 -44.35 -20.13
CA LEU L 102 21.33 -44.09 -20.11
C LEU L 102 20.66 -44.68 -18.88
N VAL L 103 21.19 -45.80 -18.38
CA VAL L 103 20.60 -46.46 -17.21
C VAL L 103 20.71 -45.57 -15.98
N SER L 104 21.89 -45.01 -15.74
CA SER L 104 22.09 -44.13 -14.58
C SER L 104 21.29 -42.84 -14.71
N ALA L 105 21.23 -42.28 -15.92
CA ALA L 105 20.47 -41.06 -16.14
C ALA L 105 18.98 -41.28 -15.92
N ILE L 106 18.46 -42.43 -16.36
CA ILE L 106 17.07 -42.77 -16.07
C ILE L 106 16.87 -42.97 -14.57
N GLN L 107 17.81 -43.65 -13.91
CA GLN L 107 17.67 -43.91 -12.49
C GLN L 107 17.70 -42.62 -11.66
N GLN L 108 18.36 -41.58 -12.18
CA GLN L 108 18.47 -40.34 -11.42
C GLN L 108 17.30 -39.40 -11.68
N ASN L 109 16.79 -39.38 -12.92
CA ASN L 109 15.84 -38.35 -13.36
C ASN L 109 14.70 -38.98 -14.18
N ALA L 110 14.05 -40.00 -13.61
CA ALA L 110 13.13 -40.85 -14.38
C ALA L 110 11.91 -40.09 -14.87
N ASN L 111 11.50 -39.03 -14.15
CA ASN L 111 10.30 -38.29 -14.51
C ASN L 111 10.47 -37.59 -15.86
N HIS L 112 11.69 -37.12 -16.15
CA HIS L 112 11.97 -36.54 -17.47
C HIS L 112 12.05 -37.62 -18.54
N PHE L 113 12.62 -38.78 -18.20
CA PHE L 113 12.85 -39.80 -19.20
C PHE L 113 11.57 -40.53 -19.59
N THR L 114 10.54 -40.47 -18.75
CA THR L 114 9.23 -40.94 -19.18
C THR L 114 8.73 -40.16 -20.40
N GLU L 115 8.81 -38.83 -20.33
CA GLU L 115 8.37 -38.01 -21.46
C GLU L 115 9.32 -38.14 -22.65
N LEU L 116 10.63 -38.29 -22.38
CA LEU L 116 11.57 -38.51 -23.48
C LEU L 116 11.28 -39.82 -24.22
N PHE L 117 11.01 -40.89 -23.49
CA PHE L 117 10.70 -42.16 -24.11
C PHE L 117 9.36 -42.10 -24.85
N CYS L 118 8.39 -41.37 -24.31
CA CYS L 118 7.11 -41.19 -25.01
C CYS L 118 7.30 -40.43 -26.32
N ARG L 119 8.15 -39.40 -26.31
CA ARG L 119 8.46 -38.67 -27.54
C ARG L 119 9.15 -39.57 -28.56
N ALA L 120 10.11 -40.38 -28.11
CA ALA L 120 10.82 -41.28 -29.01
C ALA L 120 9.88 -42.33 -29.60
N ILE L 121 8.97 -42.85 -28.77
CA ILE L 121 8.00 -43.83 -29.24
C ILE L 121 7.04 -43.21 -30.26
N ASP L 122 6.55 -42.01 -29.97
CA ASP L 122 5.62 -41.34 -30.88
C ASP L 122 6.30 -40.95 -32.19
N ASN L 123 7.61 -40.72 -32.16
CA ASN L 123 8.33 -40.43 -33.39
C ASN L 123 8.37 -41.65 -34.32
N ASN L 124 8.53 -42.84 -33.77
CA ASN L 124 8.60 -44.06 -34.55
C ASN L 124 7.50 -45.04 -34.14
N MET L 125 6.30 -44.77 -34.65
CA MET L 125 5.13 -45.59 -34.35
C MET L 125 4.67 -46.27 -35.63
N PRO L 126 4.64 -47.60 -35.69
CA PRO L 126 4.21 -48.28 -36.91
C PRO L 126 2.74 -48.05 -37.19
N LEU L 127 2.39 -48.08 -38.47
CA LEU L 127 1.00 -48.00 -38.87
C LEU L 127 0.26 -49.25 -38.42
N PRO L 128 -1.01 -49.11 -38.02
CA PRO L 128 -1.78 -50.28 -37.61
C PRO L 128 -2.16 -51.15 -38.80
N THR L 129 -1.86 -52.45 -38.70
CA THR L 129 -2.31 -53.39 -39.71
C THR L 129 -3.82 -53.58 -39.65
N LYS L 130 -4.38 -53.61 -38.44
CA LYS L 130 -5.83 -53.70 -38.26
C LYS L 130 -6.48 -52.36 -38.56
N GLU L 131 -7.76 -52.42 -38.94
CA GLU L 131 -8.56 -51.23 -39.19
C GLU L 131 -9.54 -51.01 -38.05
N ILE L 132 -10.05 -49.78 -37.97
CA ILE L 132 -11.01 -49.43 -36.94
C ILE L 132 -12.36 -50.06 -37.27
N ASP L 133 -12.93 -50.78 -36.31
CA ASP L 133 -14.25 -51.36 -36.44
C ASP L 133 -15.14 -50.90 -35.29
N TYR L 134 -16.37 -51.40 -35.28
CA TYR L 134 -17.34 -50.97 -34.27
C TYR L 134 -17.12 -51.63 -32.92
N LYS L 135 -16.21 -52.60 -32.83
CA LYS L 135 -15.90 -53.26 -31.57
C LYS L 135 -14.68 -52.65 -30.88
N ASP L 136 -14.13 -51.56 -31.43
CA ASP L 136 -12.99 -50.91 -30.81
C ASP L 136 -13.44 -50.03 -29.65
N ASP L 137 -12.45 -49.59 -28.86
CA ASP L 137 -12.73 -48.73 -27.70
C ASP L 137 -13.10 -47.33 -28.15
N VAL L 138 -13.83 -46.62 -27.28
CA VAL L 138 -14.20 -45.24 -27.56
C VAL L 138 -12.98 -44.33 -27.57
N LEU L 139 -12.00 -44.62 -26.72
CA LEU L 139 -10.78 -43.83 -26.67
C LEU L 139 -9.98 -44.01 -27.96
N ASP L 140 -9.98 -45.23 -28.50
CA ASP L 140 -9.24 -45.50 -29.73
C ASP L 140 -9.84 -44.74 -30.92
N VAL L 141 -11.17 -44.70 -31.03
CA VAL L 141 -11.77 -44.00 -32.16
C VAL L 141 -11.67 -42.49 -31.97
N ILE L 142 -11.67 -42.02 -30.71
CA ILE L 142 -11.42 -40.61 -30.45
C ILE L 142 -10.01 -40.21 -30.88
N LEU L 143 -9.03 -41.04 -30.55
CA LEU L 143 -7.65 -40.76 -30.92
C LEU L 143 -7.46 -40.86 -32.44
N ASN L 144 -8.13 -41.81 -33.07
CA ASN L 144 -8.07 -41.93 -34.52
C ASN L 144 -8.67 -40.71 -35.21
N GLN L 145 -9.80 -40.21 -34.68
CA GLN L 145 -10.41 -39.01 -35.24
C GLN L 145 -9.53 -37.79 -35.01
N ARG L 146 -8.83 -37.74 -33.88
CA ARG L 146 -7.90 -36.63 -33.63
C ARG L 146 -6.72 -36.66 -34.59
N ARG L 147 -6.19 -37.85 -34.87
CA ARG L 147 -5.09 -37.97 -35.83
C ARG L 147 -5.54 -37.59 -37.24
N LEU L 148 -6.74 -38.03 -37.64
CA LEU L 148 -7.27 -37.68 -38.95
C LEU L 148 -7.54 -36.17 -39.04
N ARG L 149 -8.02 -35.58 -37.95
CA ARG L 149 -8.21 -34.14 -37.90
C ARG L 149 -6.89 -33.40 -38.05
N ASN L 150 -5.83 -33.85 -37.36
CA ASN L 150 -4.53 -33.21 -37.47
C ASN L 150 -4.00 -33.27 -38.90
N GLU L 151 -4.16 -34.43 -39.54
CA GLU L 151 -3.76 -34.56 -40.94
C GLU L 151 -4.56 -33.63 -41.84
N ARG L 152 -5.86 -33.49 -41.58
CA ARG L 152 -6.70 -32.68 -42.45
C ARG L 152 -6.38 -31.19 -42.31
N MET L 153 -6.16 -30.70 -41.09
CA MET L 153 -5.75 -29.30 -40.93
C MET L 153 -4.37 -29.04 -41.52
N LEU L 154 -3.44 -29.99 -41.38
CA LEU L 154 -2.13 -29.82 -42.02
C LEU L 154 -2.27 -29.69 -43.53
N SER L 155 -3.04 -30.60 -44.15
CA SER L 155 -3.23 -30.57 -45.58
C SER L 155 -3.96 -29.30 -46.04
N ASP L 156 -4.98 -28.87 -45.28
CA ASP L 156 -5.74 -27.68 -45.65
C ASP L 156 -4.89 -26.43 -45.56
N ARG L 157 -4.09 -26.30 -44.50
CA ARG L 157 -3.22 -25.14 -44.38
C ARG L 157 -2.17 -25.11 -45.48
N THR L 158 -1.58 -26.28 -45.80
CA THR L 158 -0.62 -26.35 -46.89
C THR L 158 -1.26 -25.98 -48.23
N ASN L 159 -2.47 -26.46 -48.48
CA ASN L 159 -3.14 -26.19 -49.74
C ASN L 159 -3.51 -24.70 -49.86
N GLU L 160 -3.97 -24.09 -48.77
CA GLU L 160 -4.30 -22.67 -48.81
C GLU L 160 -3.05 -21.82 -49.04
N ILE L 161 -1.94 -22.17 -48.39
CA ILE L 161 -0.71 -21.39 -48.56
C ILE L 161 -0.16 -21.56 -49.97
N ARG L 162 -0.24 -22.77 -50.53
CA ARG L 162 0.14 -22.96 -51.93
C ARG L 162 -0.79 -22.20 -52.87
N SER L 163 -2.07 -22.09 -52.51
CA SER L 163 -3.01 -21.36 -53.35
C SER L 163 -2.73 -19.86 -53.32
N GLU L 164 -2.12 -19.37 -52.23
CA GLU L 164 -1.78 -17.95 -52.17
C GLU L 164 -0.69 -17.59 -53.17
N ASN L 165 0.36 -18.41 -53.28
CA ASN L 165 1.52 -18.17 -54.15
C ASN L 165 2.13 -16.79 -53.88
N LEU L 166 2.68 -16.66 -52.67
CA LEU L 166 2.95 -15.33 -52.13
C LEU L 166 4.28 -14.77 -52.60
N MET L 167 5.04 -15.52 -53.38
CA MET L 167 6.19 -14.94 -54.08
C MET L 167 6.38 -15.48 -55.50
N ASP L 168 5.54 -16.42 -55.93
CA ASP L 168 5.51 -16.93 -57.31
C ASP L 168 6.86 -17.52 -57.74
N THR L 169 7.53 -18.20 -56.81
CA THR L 169 8.80 -18.84 -57.13
C THR L 169 8.72 -20.35 -56.89
N PRO L 173 13.78 -24.02 -57.13
CA PRO L 173 14.05 -24.75 -55.89
C PRO L 173 12.79 -25.38 -55.27
N PRO L 174 12.38 -26.54 -55.78
CA PRO L 174 11.16 -27.16 -55.25
C PRO L 174 11.31 -27.71 -53.85
N SER L 175 12.41 -28.42 -53.57
CA SER L 175 12.58 -29.07 -52.27
C SER L 175 12.74 -28.07 -51.13
N SER L 176 13.51 -27.01 -51.34
CA SER L 176 13.62 -25.95 -50.34
C SER L 176 12.28 -25.26 -50.13
N MET L 177 11.51 -25.11 -51.21
CA MET L 177 10.16 -24.55 -51.12
C MET L 177 9.27 -25.42 -50.24
N ASN L 178 9.33 -26.75 -50.43
CA ASN L 178 8.51 -27.64 -49.61
C ASN L 178 8.99 -27.65 -48.16
N ASP L 179 10.29 -27.51 -47.93
CA ASP L 179 10.80 -27.49 -46.57
C ASP L 179 10.33 -26.23 -45.83
N ALA L 180 10.48 -25.06 -46.45
CA ALA L 180 9.98 -23.83 -45.84
C ALA L 180 8.45 -23.84 -45.72
N LEU L 181 7.79 -24.51 -46.66
CA LEU L 181 6.34 -24.62 -46.64
C LEU L 181 5.85 -25.44 -45.45
N ARG L 182 6.44 -26.62 -45.23
CA ARG L 182 6.04 -27.42 -44.09
C ARG L 182 6.45 -26.73 -42.79
N GLU L 183 7.56 -25.98 -42.81
CA GLU L 183 7.98 -25.23 -41.62
C GLU L 183 6.95 -24.16 -41.25
N VAL L 184 6.42 -23.43 -42.24
CA VAL L 184 5.45 -22.38 -41.91
C VAL L 184 4.09 -22.99 -41.59
N VAL L 185 3.73 -24.10 -42.25
CA VAL L 185 2.43 -24.71 -41.99
C VAL L 185 2.36 -25.29 -40.58
N GLU L 186 3.38 -26.05 -40.17
CA GLU L 186 3.35 -26.65 -38.84
C GLU L 186 3.50 -25.60 -37.74
N ASP L 187 4.02 -24.42 -38.10
CA ASP L 187 4.12 -23.34 -37.12
C ASP L 187 2.81 -22.59 -36.98
N GLU L 188 2.01 -22.49 -38.05
CA GLU L 188 0.78 -21.70 -37.96
C GLU L 188 -0.39 -22.49 -37.40
N THR L 189 -0.66 -23.68 -37.93
CA THR L 189 -1.87 -24.40 -37.55
C THR L 189 -1.76 -24.99 -36.15
N GLU L 190 -2.92 -25.28 -35.54
CA GLU L 190 -3.00 -25.83 -34.19
C GLU L 190 -3.40 -27.29 -34.31
N LEU L 191 -2.61 -28.17 -33.70
CA LEU L 191 -2.88 -29.60 -33.71
C LEU L 191 -3.23 -30.08 -32.32
N PHE L 192 -3.85 -31.26 -32.26
CA PHE L 192 -3.90 -32.00 -31.02
C PHE L 192 -2.48 -32.45 -30.68
N PRO L 193 -1.97 -32.13 -29.50
CA PRO L 193 -0.59 -32.49 -29.16
C PRO L 193 -0.46 -34.00 -28.96
N PRO L 194 0.76 -34.54 -28.97
CA PRO L 194 0.91 -36.00 -28.78
C PRO L 194 0.41 -36.51 -27.44
N ASN L 195 0.31 -35.66 -26.43
CA ASN L 195 -0.27 -36.07 -25.15
C ASN L 195 -1.75 -36.43 -25.31
N LEU L 196 -2.43 -35.84 -26.29
CA LEU L 196 -3.83 -36.12 -26.56
C LEU L 196 -4.06 -37.22 -27.58
N THR L 197 -3.00 -37.80 -28.15
CA THR L 197 -3.15 -38.85 -29.15
C THR L 197 -2.43 -40.14 -28.74
N ARG L 198 -2.08 -40.29 -27.46
CA ARG L 198 -1.38 -41.47 -26.98
C ARG L 198 -2.37 -42.45 -26.37
N ARG L 199 -2.29 -43.71 -26.80
CA ARG L 199 -3.15 -44.77 -26.29
C ARG L 199 -2.42 -45.72 -25.35
N TYR L 200 -1.19 -45.40 -24.97
CA TYR L 200 -0.36 -46.33 -24.22
C TYR L 200 0.14 -45.67 -22.93
N PHE L 201 0.46 -46.52 -21.96
CA PHE L 201 1.09 -46.12 -20.72
C PHE L 201 2.51 -46.66 -20.70
N LEU L 202 3.44 -45.87 -20.20
CA LEU L 202 4.85 -46.22 -20.24
C LEU L 202 5.37 -46.36 -18.81
N TYR L 203 6.03 -47.50 -18.54
CA TYR L 203 6.53 -47.81 -17.23
C TYR L 203 7.98 -48.30 -17.33
N PHE L 204 8.73 -48.08 -16.26
CA PHE L 204 10.14 -48.45 -16.20
C PHE L 204 10.29 -49.67 -15.29
N LYS L 205 10.60 -50.80 -15.88
CA LYS L 205 10.95 -51.98 -15.09
C LYS L 205 12.37 -51.84 -14.59
N PRO L 206 12.64 -52.03 -13.29
CA PRO L 206 14.00 -51.87 -12.78
C PRO L 206 14.93 -52.94 -13.32
N LEU L 207 16.20 -52.58 -13.47
CA LEU L 207 17.21 -53.55 -13.84
C LEU L 207 17.42 -54.54 -12.70
N SER L 208 17.59 -55.81 -13.05
CA SER L 208 17.73 -56.85 -12.04
C SER L 208 19.11 -56.80 -11.40
N GLN L 209 19.20 -57.37 -10.20
CA GLN L 209 20.50 -57.48 -9.54
C GLN L 209 21.42 -58.45 -10.29
N ASN L 210 20.85 -59.55 -10.79
CA ASN L 210 21.65 -60.57 -11.46
C ASN L 210 22.25 -60.04 -12.76
N CYS L 211 21.46 -59.29 -13.54
CA CYS L 211 21.99 -58.69 -14.76
C CYS L 211 23.01 -57.59 -14.44
N ALA L 212 22.79 -56.88 -13.34
CA ALA L 212 23.73 -55.83 -12.95
C ALA L 212 25.06 -56.42 -12.47
N ARG L 213 25.02 -57.65 -11.96
CA ARG L 213 26.25 -58.30 -11.51
C ARG L 213 27.15 -58.67 -12.68
N ARG L 214 26.56 -58.96 -13.84
CA ARG L 214 27.36 -59.40 -14.99
C ARG L 214 28.27 -58.29 -15.50
N TYR L 215 27.78 -57.06 -15.54
CA TYR L 215 28.49 -55.96 -16.18
C TYR L 215 29.19 -55.06 -15.18
N ARG L 216 29.32 -55.51 -13.93
CA ARG L 216 29.88 -54.73 -12.82
C ARG L 216 29.15 -53.40 -12.64
N LYS L 217 27.84 -53.43 -12.84
CA LYS L 217 26.98 -52.28 -12.64
C LYS L 217 26.33 -52.37 -11.27
N LYS L 218 26.30 -51.24 -10.56
CA LYS L 218 25.77 -51.20 -9.20
C LYS L 218 24.44 -50.46 -9.24
N ALA L 219 23.35 -51.21 -9.04
CA ALA L 219 22.00 -50.73 -9.32
C ALA L 219 21.37 -50.20 -8.03
N ILE L 220 21.20 -48.88 -7.97
CA ILE L 220 20.41 -48.28 -6.90
C ILE L 220 18.95 -48.65 -7.04
N SER L 221 18.47 -48.75 -8.29
CA SER L 221 17.07 -49.02 -8.56
C SER L 221 16.67 -50.43 -8.13
N SER L 222 17.60 -51.38 -8.21
CA SER L 222 17.25 -52.77 -7.91
C SER L 222 17.13 -53.01 -6.41
N LYS L 223 17.97 -52.36 -5.61
CA LYS L 223 18.09 -52.71 -4.20
C LYS L 223 16.83 -52.32 -3.45
N PRO L 224 16.13 -53.27 -2.82
CA PRO L 224 14.89 -52.93 -2.11
C PRO L 224 15.19 -52.22 -0.80
N LEU L 225 14.62 -51.04 -0.64
CA LEU L 225 14.80 -50.22 0.54
C LEU L 225 13.59 -50.37 1.47
N SER L 226 13.83 -50.18 2.75
CA SER L 226 12.73 -50.07 3.70
C SER L 226 12.18 -48.65 3.66
N VAL L 227 11.01 -48.48 4.29
CA VAL L 227 10.34 -47.17 4.32
C VAL L 227 11.19 -46.15 5.07
N ARG L 228 11.92 -46.59 6.09
CA ARG L 228 12.74 -45.67 6.88
C ARG L 228 13.90 -45.11 6.06
N GLN L 229 14.45 -45.90 5.14
CA GLN L 229 15.66 -45.50 4.43
C GLN L 229 15.38 -44.61 3.22
N ILE L 230 14.12 -44.32 2.92
CA ILE L 230 13.76 -43.46 1.79
C ILE L 230 13.80 -42.03 2.32
N LYS L 231 14.92 -41.36 2.11
CA LYS L 231 15.11 -40.00 2.58
C LYS L 231 14.94 -39.01 1.44
N GLY L 232 15.21 -37.73 1.74
CA GLY L 232 14.94 -36.68 0.78
C GLY L 232 15.89 -36.70 -0.41
N ASP L 233 17.06 -37.30 -0.24
CA ASP L 233 18.02 -37.36 -1.34
C ASP L 233 17.67 -38.40 -2.38
N PHE L 234 16.67 -39.24 -2.13
CA PHE L 234 16.18 -40.20 -3.11
C PHE L 234 15.06 -39.63 -3.98
N LEU L 235 14.69 -38.38 -3.78
CA LEU L 235 13.59 -37.79 -4.53
C LEU L 235 13.97 -37.63 -6.00
N GLY L 236 13.03 -37.97 -6.88
CA GLY L 236 13.28 -37.93 -8.31
C GLY L 236 13.92 -39.18 -8.88
N GLN L 237 14.28 -40.14 -8.04
CA GLN L 237 14.97 -41.34 -8.49
C GLN L 237 14.00 -42.49 -8.66
N LEU L 238 14.40 -43.46 -9.49
CA LEU L 238 13.67 -44.71 -9.65
C LEU L 238 14.19 -45.69 -8.61
N ILE L 239 13.37 -46.01 -7.61
CA ILE L 239 13.78 -46.82 -6.48
C ILE L 239 12.76 -47.92 -6.24
N THR L 240 13.21 -48.98 -5.57
CA THR L 240 12.38 -50.12 -5.23
C THR L 240 12.25 -50.23 -3.72
N VAL L 241 11.01 -50.39 -3.25
CA VAL L 241 10.69 -50.51 -1.83
C VAL L 241 9.98 -51.84 -1.62
N ARG L 242 10.46 -52.63 -0.66
CA ARG L 242 9.74 -53.83 -0.27
C ARG L 242 8.95 -53.60 0.99
N GLY L 243 7.73 -54.12 1.02
CA GLY L 243 6.91 -53.97 2.20
C GLY L 243 5.56 -54.62 2.00
N ILE L 244 4.75 -54.59 3.06
CA ILE L 244 3.42 -55.17 3.04
C ILE L 244 2.42 -54.06 2.74
N ILE L 245 1.48 -54.35 1.84
CA ILE L 245 0.44 -53.40 1.49
C ILE L 245 -0.65 -53.46 2.56
N THR L 246 -0.98 -52.30 3.14
CA THR L 246 -1.98 -52.24 4.20
C THR L 246 -3.33 -51.74 3.70
N ARG L 247 -3.35 -50.66 2.93
CA ARG L 247 -4.59 -50.06 2.46
C ARG L 247 -4.50 -49.78 0.97
N VAL L 248 -5.59 -50.06 0.26
CA VAL L 248 -5.71 -49.77 -1.16
C VAL L 248 -7.02 -49.05 -1.40
N SER L 249 -6.96 -47.87 -2.01
CA SER L 249 -8.18 -47.14 -2.33
C SER L 249 -8.86 -47.75 -3.55
N ASP L 250 -10.11 -47.37 -3.75
CA ASP L 250 -10.83 -47.79 -4.95
C ASP L 250 -10.34 -46.99 -6.15
N VAL L 251 -10.41 -47.63 -7.33
CA VAL L 251 -9.97 -46.99 -8.56
C VAL L 251 -10.91 -45.85 -8.91
N LYS L 252 -10.35 -44.67 -9.15
CA LYS L 252 -11.14 -43.50 -9.45
C LYS L 252 -10.56 -42.79 -10.65
N PRO L 253 -11.38 -42.07 -11.43
CA PRO L 253 -10.86 -41.30 -12.56
C PRO L 253 -10.24 -39.99 -12.11
N ALA L 254 -8.93 -39.87 -12.24
CA ALA L 254 -8.22 -38.62 -12.00
C ALA L 254 -7.99 -37.93 -13.32
N VAL L 255 -8.50 -36.72 -13.46
CA VAL L 255 -8.44 -36.01 -14.74
C VAL L 255 -7.04 -35.43 -14.91
N GLU L 256 -6.43 -35.67 -16.06
CA GLU L 256 -5.10 -35.16 -16.33
C GLU L 256 -5.18 -33.90 -17.17
N VAL L 257 -6.09 -33.87 -18.14
CA VAL L 257 -6.39 -32.67 -18.92
C VAL L 257 -7.89 -32.64 -19.18
N ILE L 258 -8.48 -31.45 -19.04
CA ILE L 258 -9.92 -31.25 -19.15
C ILE L 258 -10.21 -30.67 -20.52
N ALA L 259 -11.22 -31.22 -21.18
CA ALA L 259 -11.67 -30.76 -22.50
C ALA L 259 -12.94 -29.95 -22.37
N TYR L 260 -12.96 -28.80 -23.03
CA TYR L 260 -14.12 -27.92 -23.13
C TYR L 260 -14.44 -27.71 -24.60
N THR L 261 -15.72 -27.57 -24.90
CA THR L 261 -16.19 -27.19 -26.22
C THR L 261 -16.72 -25.77 -26.16
N CYS L 262 -16.45 -25.01 -27.22
CA CYS L 262 -16.99 -23.67 -27.39
C CYS L 262 -17.96 -23.68 -28.57
N ASP L 263 -19.18 -23.21 -28.33
CA ASP L 263 -20.17 -23.13 -29.40
C ASP L 263 -19.86 -21.97 -30.34
N GLN L 264 -19.20 -20.93 -29.83
CA GLN L 264 -18.95 -19.74 -30.63
C GLN L 264 -17.95 -19.99 -31.75
N CYS L 265 -16.82 -20.62 -31.42
CA CYS L 265 -15.74 -20.79 -32.39
C CYS L 265 -15.58 -22.22 -32.88
N GLY L 266 -16.14 -23.20 -32.16
CA GLY L 266 -16.01 -24.59 -32.54
C GLY L 266 -14.72 -25.24 -32.09
N TYR L 267 -13.85 -24.53 -31.39
CA TYR L 267 -12.61 -25.10 -30.91
C TYR L 267 -12.86 -25.99 -29.68
N GLU L 268 -11.93 -26.90 -29.44
CA GLU L 268 -11.86 -27.65 -28.19
C GLU L 268 -10.66 -27.16 -27.39
N VAL L 269 -10.93 -26.66 -26.18
CA VAL L 269 -9.90 -26.11 -25.30
C VAL L 269 -9.53 -27.16 -24.27
N PHE L 270 -8.24 -27.35 -24.06
CA PHE L 270 -7.76 -28.35 -23.11
C PHE L 270 -6.90 -27.67 -22.06
N GLN L 271 -7.20 -27.92 -20.80
CA GLN L 271 -6.38 -27.40 -19.70
C GLN L 271 -5.83 -28.56 -18.88
N GLU L 272 -4.52 -28.57 -18.69
CA GLU L 272 -3.89 -29.64 -17.93
C GLU L 272 -4.17 -29.49 -16.45
N VAL L 273 -4.12 -30.60 -15.74
CA VAL L 273 -4.34 -30.63 -14.29
C VAL L 273 -3.24 -31.48 -13.67
N ASN L 274 -2.48 -30.89 -12.74
CA ASN L 274 -1.42 -31.59 -12.05
C ASN L 274 -1.51 -31.47 -10.54
N SER L 275 -2.65 -31.02 -10.02
CA SER L 275 -2.85 -30.85 -8.59
C SER L 275 -4.12 -31.56 -8.16
N ARG L 276 -4.35 -31.56 -6.84
CA ARG L 276 -5.53 -32.24 -6.29
C ARG L 276 -6.80 -31.44 -6.57
N THR L 277 -6.65 -30.14 -6.81
CA THR L 277 -7.78 -29.27 -7.10
C THR L 277 -7.47 -28.41 -8.32
N PHE L 278 -8.52 -28.00 -9.01
CA PHE L 278 -8.41 -27.13 -10.17
C PHE L 278 -9.57 -26.13 -10.17
N THR L 279 -9.37 -25.04 -10.91
CA THR L 279 -10.44 -24.11 -11.18
C THR L 279 -10.88 -24.32 -12.63
N PRO L 280 -12.15 -24.61 -12.88
CA PRO L 280 -12.59 -24.87 -14.26
C PRO L 280 -12.52 -23.61 -15.11
N LEU L 281 -12.22 -23.80 -16.38
CA LEU L 281 -12.25 -22.68 -17.31
C LEU L 281 -13.69 -22.32 -17.61
N SER L 282 -13.99 -21.02 -17.55
CA SER L 282 -15.34 -20.54 -17.74
C SER L 282 -15.52 -19.96 -19.14
N GLU L 283 -14.62 -19.08 -19.55
CA GLU L 283 -14.84 -18.25 -20.70
C GLU L 283 -13.76 -18.64 -21.72
N CYS L 284 -14.08 -18.59 -23.02
CA CYS L 284 -13.25 -19.29 -24.01
C CYS L 284 -11.91 -18.59 -24.25
N THR L 285 -10.86 -19.39 -24.49
CA THR L 285 -9.50 -18.89 -24.68
C THR L 285 -8.86 -19.35 -25.99
N SER L 286 -9.63 -19.76 -26.99
CA SER L 286 -9.04 -20.07 -28.28
C SER L 286 -8.64 -18.79 -29.00
N GLU L 287 -7.89 -18.94 -30.10
CA GLU L 287 -7.37 -17.77 -30.81
C GLU L 287 -8.50 -17.01 -31.50
N GLU L 288 -9.58 -17.70 -31.85
CA GLU L 288 -10.67 -17.04 -32.55
C GLU L 288 -11.48 -16.17 -31.60
N CYS L 289 -11.78 -16.67 -30.41
CA CYS L 289 -12.53 -15.86 -29.45
C CYS L 289 -11.65 -14.80 -28.81
N SER L 290 -10.34 -15.04 -28.71
CA SER L 290 -9.44 -14.08 -28.07
C SER L 290 -9.40 -12.76 -28.85
N GLN L 291 -9.35 -12.83 -30.18
CA GLN L 291 -9.35 -11.61 -30.98
C GLN L 291 -10.73 -10.98 -31.04
N ASN L 292 -11.77 -11.81 -31.04
CA ASN L 292 -13.13 -11.31 -31.17
C ASN L 292 -13.59 -10.62 -29.89
N GLN L 293 -14.50 -9.66 -30.05
CA GLN L 293 -15.03 -8.93 -28.90
C GLN L 293 -16.02 -9.77 -28.11
N THR L 294 -16.68 -10.72 -28.76
CA THR L 294 -17.61 -11.63 -28.09
C THR L 294 -16.90 -12.97 -27.86
N LYS L 295 -16.58 -13.25 -26.62
CA LYS L 295 -15.89 -14.48 -26.23
C LYS L 295 -16.96 -15.55 -25.96
N GLY L 296 -16.68 -16.78 -26.39
CA GLY L 296 -17.61 -17.86 -26.19
C GLY L 296 -17.60 -18.39 -24.75
N GLN L 297 -18.59 -19.23 -24.45
CA GLN L 297 -18.69 -19.87 -23.15
C GLN L 297 -18.32 -21.35 -23.30
N LEU L 298 -17.41 -21.81 -22.45
CA LEU L 298 -16.91 -23.18 -22.51
C LEU L 298 -17.81 -24.12 -21.73
N PHE L 299 -18.09 -25.27 -22.32
CA PHE L 299 -18.79 -26.35 -21.64
C PHE L 299 -17.90 -27.57 -21.61
N MET L 300 -17.65 -28.10 -20.42
CA MET L 300 -16.75 -29.25 -20.29
C MET L 300 -17.40 -30.52 -20.81
N SER L 301 -16.60 -31.34 -21.48
CA SER L 301 -17.02 -32.64 -22.01
C SER L 301 -16.16 -33.72 -21.38
N THR L 302 -16.82 -34.72 -20.78
CA THR L 302 -16.09 -35.75 -20.07
C THR L 302 -15.41 -36.72 -21.03
N ARG L 303 -16.07 -37.04 -22.14
CA ARG L 303 -15.56 -38.07 -23.04
C ARG L 303 -14.32 -37.59 -23.81
N ALA L 304 -14.25 -36.30 -24.13
CA ALA L 304 -13.08 -35.78 -24.82
C ALA L 304 -11.92 -35.51 -23.86
N SER L 305 -12.20 -35.42 -22.56
CA SER L 305 -11.13 -35.18 -21.60
C SER L 305 -10.39 -36.46 -21.26
N LYS L 306 -9.17 -36.32 -20.75
CA LYS L 306 -8.29 -37.45 -20.51
C LYS L 306 -8.25 -37.77 -19.02
N PHE L 307 -8.47 -39.04 -18.70
CA PHE L 307 -8.46 -39.51 -17.32
C PHE L 307 -7.43 -40.62 -17.16
N SER L 308 -6.91 -40.75 -15.96
CA SER L 308 -6.13 -41.90 -15.56
C SER L 308 -6.87 -42.65 -14.47
N ALA L 309 -6.83 -43.97 -14.57
CA ALA L 309 -7.26 -44.81 -13.45
C ALA L 309 -6.30 -44.59 -12.30
N PHE L 310 -6.81 -44.17 -11.15
CA PHE L 310 -5.97 -43.74 -10.05
C PHE L 310 -6.29 -44.55 -8.81
N GLN L 311 -5.24 -44.99 -8.12
CA GLN L 311 -5.34 -45.65 -6.84
C GLN L 311 -4.27 -45.08 -5.92
N GLU L 312 -4.60 -44.95 -4.64
CA GLU L 312 -3.62 -44.58 -3.63
C GLU L 312 -3.49 -45.75 -2.66
N CYS L 313 -2.26 -46.18 -2.42
CA CYS L 313 -1.98 -47.34 -1.59
C CYS L 313 -1.02 -46.96 -0.47
N LYS L 314 -1.06 -47.72 0.61
CA LYS L 314 -0.15 -47.58 1.72
C LYS L 314 0.72 -48.83 1.78
N ILE L 315 2.03 -48.64 1.82
CA ILE L 315 2.96 -49.75 2.01
C ILE L 315 3.61 -49.57 3.37
N GLN L 316 3.72 -50.67 4.12
CA GLN L 316 4.21 -50.64 5.48
C GLN L 316 5.53 -51.37 5.57
N GLU L 317 6.40 -50.90 6.45
CA GLU L 317 7.69 -51.53 6.69
C GLU L 317 7.49 -52.93 7.26
N LEU L 318 8.26 -53.88 6.73
CA LEU L 318 8.21 -55.27 7.19
C LEU L 318 8.85 -55.38 8.58
N SER L 319 8.46 -56.43 9.30
CA SER L 319 8.85 -56.57 10.70
C SER L 319 10.36 -56.77 10.85
N GLN L 320 11.00 -57.45 9.90
CA GLN L 320 12.45 -57.60 9.96
C GLN L 320 13.16 -56.30 9.60
N GLN L 321 12.49 -55.40 8.88
CA GLN L 321 13.10 -54.13 8.51
C GLN L 321 13.06 -53.14 9.67
N VAL L 322 12.08 -53.28 10.55
CA VAL L 322 11.89 -52.30 11.64
C VAL L 322 13.02 -52.44 12.65
N PRO L 323 13.68 -51.35 13.03
CA PRO L 323 14.74 -51.45 14.06
C PRO L 323 14.16 -51.77 15.43
N VAL L 324 15.07 -51.94 16.39
CA VAL L 324 14.69 -52.44 17.71
C VAL L 324 13.92 -51.38 18.48
N GLY L 325 12.74 -51.76 18.95
CA GLY L 325 11.91 -50.86 19.74
C GLY L 325 11.21 -49.78 18.95
N HIS L 326 11.04 -49.97 17.64
CA HIS L 326 10.43 -48.96 16.79
C HIS L 326 9.10 -49.46 16.24
N ILE L 327 8.31 -48.51 15.75
CA ILE L 327 7.00 -48.77 15.15
C ILE L 327 7.20 -48.76 13.63
N PRO L 328 6.62 -49.69 12.89
CA PRO L 328 6.75 -49.67 11.42
C PRO L 328 6.16 -48.40 10.83
N ARG L 329 6.82 -47.89 9.79
CA ARG L 329 6.41 -46.69 9.10
C ARG L 329 5.82 -47.02 7.74
N SER L 330 5.10 -46.06 7.16
CA SER L 330 4.33 -46.27 5.95
C SER L 330 4.71 -45.24 4.89
N LEU L 331 4.45 -45.62 3.64
CA LEU L 331 4.72 -44.80 2.47
C LEU L 331 3.49 -44.80 1.56
N ASN L 332 3.20 -43.64 0.98
CA ASN L 332 2.13 -43.51 0.00
C ASN L 332 2.63 -43.92 -1.38
N ILE L 333 1.84 -44.76 -2.06
CA ILE L 333 2.12 -45.17 -3.43
C ILE L 333 0.97 -44.70 -4.31
N HIS L 334 1.32 -43.99 -5.38
CA HIS L 334 0.36 -43.56 -6.39
C HIS L 334 0.42 -44.52 -7.55
N VAL L 335 -0.73 -45.10 -7.90
CA VAL L 335 -0.83 -46.07 -8.98
C VAL L 335 -1.72 -45.47 -10.07
N ASN L 336 -1.19 -45.39 -11.28
CA ASN L 336 -1.90 -44.79 -12.40
C ASN L 336 -1.86 -45.72 -13.60
N GLY L 337 -2.88 -45.61 -14.45
CA GLY L 337 -2.86 -46.30 -15.72
C GLY L 337 -3.17 -47.78 -15.58
N THR L 338 -2.37 -48.60 -16.26
CA THR L 338 -2.63 -50.03 -16.34
C THR L 338 -2.32 -50.73 -15.02
N LEU L 339 -1.45 -50.15 -14.19
CA LEU L 339 -0.98 -50.84 -12.99
C LEU L 339 -2.02 -50.92 -11.89
N VAL L 340 -3.20 -50.32 -12.07
CA VAL L 340 -4.20 -50.34 -11.02
C VAL L 340 -4.72 -51.76 -10.81
N ARG L 341 -5.19 -52.04 -9.60
CA ARG L 341 -5.68 -53.33 -9.12
C ARG L 341 -4.60 -54.41 -9.10
N SER L 342 -3.34 -54.04 -9.22
CA SER L 342 -2.24 -54.99 -9.04
C SER L 342 -1.74 -55.04 -7.60
N LEU L 343 -2.25 -54.16 -6.74
CA LEU L 343 -1.90 -54.18 -5.33
C LEU L 343 -3.16 -54.44 -4.50
N SER L 344 -3.05 -55.37 -3.56
CA SER L 344 -4.12 -55.75 -2.66
C SER L 344 -3.58 -55.71 -1.23
N PRO L 345 -4.43 -55.41 -0.25
CA PRO L 345 -3.95 -55.37 1.14
C PRO L 345 -3.44 -56.73 1.60
N GLY L 346 -2.33 -56.70 2.32
CA GLY L 346 -1.70 -57.91 2.83
C GLY L 346 -0.63 -58.52 1.97
N ASP L 347 -0.39 -58.00 0.76
CA ASP L 347 0.66 -58.55 -0.08
C ASP L 347 2.01 -57.96 0.28
N ILE L 348 3.00 -58.83 0.42
CA ILE L 348 4.40 -58.41 0.57
C ILE L 348 4.98 -58.28 -0.83
N VAL L 349 5.39 -57.07 -1.19
CA VAL L 349 5.72 -56.73 -2.57
C VAL L 349 7.02 -55.94 -2.66
N ASP L 350 7.62 -56.00 -3.85
CA ASP L 350 8.62 -55.04 -4.31
C ASP L 350 7.91 -54.07 -5.25
N VAL L 351 7.74 -52.84 -4.81
CA VAL L 351 7.18 -51.78 -5.64
C VAL L 351 8.31 -50.89 -6.10
N THR L 352 8.54 -50.84 -7.40
CA THR L 352 9.50 -49.94 -8.01
C THR L 352 8.77 -48.75 -8.58
N GLY L 353 9.23 -47.55 -8.24
CA GLY L 353 8.63 -46.35 -8.78
C GLY L 353 9.51 -45.15 -8.58
N ILE L 354 9.01 -44.01 -9.06
CA ILE L 354 9.73 -42.75 -8.97
C ILE L 354 9.31 -42.03 -7.69
N PHE L 355 10.28 -41.72 -6.85
CA PHE L 355 10.04 -41.01 -5.59
C PHE L 355 9.88 -39.53 -5.87
N LEU L 356 8.69 -39.00 -5.64
CA LEU L 356 8.35 -37.65 -6.05
C LEU L 356 7.80 -36.83 -4.88
N PRO L 357 8.01 -35.53 -4.89
CA PRO L 357 7.43 -34.68 -3.84
C PRO L 357 6.02 -34.24 -4.18
N ALA L 358 5.29 -33.85 -3.15
CA ALA L 358 3.91 -33.42 -3.23
C ALA L 358 3.75 -32.15 -2.44
N PRO L 359 2.73 -31.34 -2.74
CA PRO L 359 2.47 -30.14 -1.93
C PRO L 359 2.17 -30.49 -0.48
N TYR L 360 2.57 -29.59 0.41
CA TYR L 360 2.53 -29.84 1.85
C TYR L 360 1.10 -29.97 2.36
N THR L 361 0.85 -31.03 3.13
CA THR L 361 -0.39 -31.20 3.86
C THR L 361 -0.09 -31.19 5.34
N GLY L 362 -0.89 -30.46 6.09
CA GLY L 362 -0.65 -30.29 7.52
C GLY L 362 -0.97 -28.88 7.92
N PHE L 363 -0.78 -28.62 9.22
CA PHE L 363 -1.04 -27.28 9.74
C PHE L 363 -0.01 -26.29 9.21
N LYS L 364 -0.48 -25.08 8.90
CA LYS L 364 0.40 -24.06 8.36
C LYS L 364 1.38 -23.55 9.40
N ALA L 365 0.97 -23.56 10.67
CA ALA L 365 1.84 -23.07 11.73
C ALA L 365 3.06 -23.97 11.94
N LEU L 366 2.89 -25.27 11.70
CA LEU L 366 3.97 -26.21 11.96
C LEU L 366 5.02 -26.19 10.86
N LYS L 367 4.64 -25.76 9.66
CA LYS L 367 5.57 -25.81 8.54
C LYS L 367 6.62 -24.70 8.66
N ALA L 368 7.85 -25.01 8.27
CA ALA L 368 8.95 -24.07 8.41
C ALA L 368 9.31 -23.40 7.09
N GLY L 369 9.67 -24.18 6.08
CA GLY L 369 10.04 -23.63 4.79
C GLY L 369 9.25 -24.23 3.65
N LEU L 370 9.96 -24.76 2.65
CA LEU L 370 9.32 -25.39 1.50
C LEU L 370 9.18 -26.89 1.76
N LEU L 371 8.40 -27.20 2.79
CA LEU L 371 8.14 -28.58 3.16
C LEU L 371 7.25 -29.25 2.12
N THR L 372 7.52 -30.53 1.86
CA THR L 372 6.78 -31.28 0.86
C THR L 372 6.39 -32.64 1.44
N GLU L 373 5.23 -33.12 1.01
CA GLU L 373 4.86 -34.51 1.21
C GLU L 373 5.56 -35.37 0.16
N THR L 374 5.58 -36.67 0.40
CA THR L 374 6.21 -37.61 -0.51
C THR L 374 5.25 -38.71 -0.90
N TYR L 375 5.46 -39.24 -2.11
CA TYR L 375 4.73 -40.40 -2.59
C TYR L 375 5.60 -41.12 -3.61
N LEU L 376 5.24 -42.37 -3.88
CA LEU L 376 5.94 -43.18 -4.87
C LEU L 376 4.98 -43.40 -6.04
N GLU L 377 5.33 -42.88 -7.20
CA GLU L 377 4.56 -43.12 -8.42
C GLU L 377 4.97 -44.47 -8.97
N ALA L 378 4.09 -45.46 -8.84
CA ALA L 378 4.46 -46.85 -9.09
C ALA L 378 4.75 -47.10 -10.56
N GLN L 379 5.81 -47.87 -10.81
CA GLN L 379 6.25 -48.25 -12.15
C GLN L 379 6.16 -49.75 -12.37
N PHE L 380 6.47 -50.54 -11.36
CA PHE L 380 6.52 -51.99 -11.48
C PHE L 380 6.25 -52.63 -10.13
N VAL L 381 5.61 -53.80 -10.14
CA VAL L 381 5.31 -54.55 -8.93
C VAL L 381 5.78 -55.98 -9.13
N ARG L 382 6.51 -56.51 -8.15
CA ARG L 382 6.82 -57.93 -8.11
C ARG L 382 6.31 -58.51 -6.81
N GLN L 383 5.62 -59.64 -6.91
CA GLN L 383 5.01 -60.32 -5.76
C GLN L 383 6.02 -61.29 -5.16
N HIS L 384 6.26 -61.18 -3.85
CA HIS L 384 7.04 -62.20 -3.17
C HIS L 384 6.34 -63.55 -3.18
N LYS L 385 5.03 -63.54 -2.99
CA LYS L 385 4.20 -64.73 -3.11
C LYS L 385 3.27 -64.55 -4.30
N LYS L 386 3.33 -65.47 -5.25
CA LYS L 386 2.50 -65.42 -6.45
C LYS L 386 1.11 -65.98 -6.11
N LYS L 387 0.08 -65.28 -6.56
CA LYS L 387 -1.28 -65.72 -6.31
C LYS L 387 -1.61 -66.94 -7.15
N PHE L 388 -2.49 -67.79 -6.61
CA PHE L 388 -2.86 -69.02 -7.30
C PHE L 388 -3.69 -68.73 -8.54
N ALA L 389 -4.53 -67.69 -8.50
CA ALA L 389 -5.36 -67.35 -9.64
C ALA L 389 -4.52 -66.76 -10.77
N SER L 390 -3.39 -66.16 -10.44
CA SER L 390 -2.53 -65.56 -11.46
C SER L 390 -1.66 -66.60 -12.16
N PHE L 391 -1.74 -67.87 -11.75
CA PHE L 391 -0.93 -68.91 -12.36
C PHE L 391 -1.33 -69.17 -13.80
N SER L 392 -0.34 -69.23 -14.68
CA SER L 392 -0.54 -69.55 -16.08
C SER L 392 0.49 -70.57 -16.51
N LEU L 393 0.12 -71.42 -17.46
CA LEU L 393 1.00 -72.48 -17.96
C LEU L 393 1.99 -71.91 -18.97
N THR L 394 2.93 -71.12 -18.46
CA THR L 394 4.03 -70.64 -19.28
C THR L 394 5.02 -71.78 -19.52
N SER L 395 5.91 -71.56 -20.51
CA SER L 395 6.85 -72.61 -20.91
C SER L 395 7.83 -72.95 -19.79
N ASP L 396 8.32 -71.94 -19.07
CA ASP L 396 9.33 -72.17 -18.05
C ASP L 396 8.77 -72.89 -16.83
N VAL L 397 7.47 -72.72 -16.56
CA VAL L 397 6.83 -73.42 -15.45
C VAL L 397 6.72 -74.91 -15.76
N GLU L 398 6.48 -75.25 -17.03
CA GLU L 398 6.18 -76.63 -17.41
C GLU L 398 7.35 -77.57 -17.15
N GLU L 399 8.59 -77.14 -17.41
CA GLU L 399 9.72 -78.05 -17.20
C GLU L 399 9.96 -78.30 -15.71
N ARG L 400 9.71 -77.29 -14.87
CA ARG L 400 9.84 -77.51 -13.42
C ARG L 400 8.75 -78.44 -12.90
N VAL L 401 7.53 -78.29 -13.43
CA VAL L 401 6.44 -79.18 -13.03
C VAL L 401 6.73 -80.61 -13.48
N MET L 402 7.21 -80.78 -14.71
CA MET L 402 7.57 -82.10 -15.20
C MET L 402 8.72 -82.70 -14.42
N GLU L 403 9.69 -81.88 -14.00
CA GLU L 403 10.79 -82.38 -13.18
C GLU L 403 10.29 -82.86 -11.82
N LEU L 404 9.39 -82.10 -11.20
CA LEU L 404 8.84 -82.51 -9.91
C LEU L 404 8.01 -83.78 -10.04
N ILE L 405 7.29 -83.94 -11.15
CA ILE L 405 6.52 -85.16 -11.37
C ILE L 405 7.45 -86.35 -11.60
N THR L 406 8.46 -86.17 -12.46
CA THR L 406 9.32 -87.29 -12.84
C THR L 406 10.28 -87.68 -11.72
N SER L 407 10.48 -86.77 -10.75
CA SER L 407 11.17 -87.17 -9.53
C SER L 407 10.38 -88.22 -8.77
N GLY L 408 9.05 -88.16 -8.87
CA GLY L 408 8.20 -89.16 -8.26
C GLY L 408 7.99 -88.94 -6.78
N ASP L 409 7.00 -89.67 -6.24
CA ASP L 409 6.64 -89.61 -4.82
C ASP L 409 6.31 -88.18 -4.40
N VAL L 410 5.48 -87.51 -5.19
CA VAL L 410 5.27 -86.07 -5.06
C VAL L 410 4.52 -85.75 -3.77
N TYR L 411 3.56 -86.60 -3.40
CA TYR L 411 2.72 -86.34 -2.24
C TYR L 411 3.53 -86.30 -0.96
N ASN L 412 4.31 -87.34 -0.69
CA ASN L 412 5.17 -87.39 0.48
C ASN L 412 6.31 -86.37 0.41
N ARG L 413 6.88 -86.14 -0.78
CA ARG L 413 7.95 -85.15 -0.92
C ARG L 413 7.46 -83.75 -0.56
N LEU L 414 6.28 -83.36 -1.06
CA LEU L 414 5.72 -82.06 -0.72
C LEU L 414 5.29 -81.98 0.74
N ALA L 415 4.70 -83.05 1.28
CA ALA L 415 4.26 -83.03 2.67
C ALA L 415 5.43 -82.94 3.65
N LYS L 416 6.49 -83.72 3.42
CA LYS L 416 7.61 -83.76 4.34
C LYS L 416 8.49 -82.51 4.24
N SER L 417 8.33 -81.71 3.18
CA SER L 417 9.13 -80.51 2.98
C SER L 417 8.36 -79.24 3.35
N ILE L 418 7.23 -79.38 4.04
CA ILE L 418 6.44 -78.21 4.42
C ILE L 418 7.12 -77.44 5.55
N ALA L 419 7.40 -78.12 6.66
CA ALA L 419 8.11 -77.53 7.79
C ALA L 419 9.24 -78.48 8.16
N PRO L 420 10.31 -78.53 7.37
CA PRO L 420 11.30 -79.60 7.54
C PRO L 420 12.13 -79.48 8.81
N GLU L 421 12.12 -78.30 9.45
CA GLU L 421 12.80 -78.15 10.73
C GLU L 421 12.00 -78.79 11.85
N ILE L 422 10.76 -79.17 11.59
CA ILE L 422 9.95 -79.90 12.55
C ILE L 422 10.08 -81.39 12.28
N TYR L 423 10.53 -82.14 13.28
CA TYR L 423 10.75 -83.57 13.14
C TYR L 423 9.42 -84.31 13.18
N GLY L 424 9.27 -85.31 12.31
CA GLY L 424 8.10 -86.16 12.37
C GLY L 424 6.84 -85.44 11.90
N ASN L 425 5.71 -85.83 12.50
CA ASN L 425 4.39 -85.27 12.21
C ASN L 425 4.05 -85.37 10.72
N LEU L 426 4.31 -86.55 10.14
CA LEU L 426 4.16 -86.71 8.70
C LEU L 426 2.69 -86.64 8.28
N ASP L 427 1.80 -87.29 9.03
CA ASP L 427 0.38 -87.26 8.69
C ASP L 427 -0.21 -85.87 8.87
N VAL L 428 0.25 -85.14 9.90
CA VAL L 428 -0.18 -83.76 10.12
C VAL L 428 0.22 -82.90 8.93
N LYS L 429 1.46 -83.06 8.45
CA LYS L 429 1.92 -82.28 7.30
C LYS L 429 1.21 -82.70 6.01
N LYS L 430 0.84 -83.98 5.90
CA LYS L 430 0.05 -84.42 4.76
C LYS L 430 -1.32 -83.75 4.74
N ALA L 431 -1.97 -83.69 5.89
CA ALA L 431 -3.26 -83.00 5.96
C ALA L 431 -3.09 -81.49 5.77
N LEU L 432 -1.93 -80.95 6.15
CA LEU L 432 -1.65 -79.53 5.91
C LEU L 432 -1.47 -79.26 4.42
N LEU L 433 -0.83 -80.18 3.70
CA LEU L 433 -0.72 -80.04 2.24
C LEU L 433 -2.09 -80.13 1.58
N LEU L 434 -2.93 -81.05 2.05
CA LEU L 434 -4.31 -81.13 1.54
C LEU L 434 -5.10 -79.87 1.90
N LEU L 435 -4.79 -79.27 3.05
CA LEU L 435 -5.35 -77.98 3.43
C LEU L 435 -4.95 -76.91 2.42
N LEU L 436 -3.68 -76.89 2.02
CA LEU L 436 -3.20 -75.93 1.03
C LEU L 436 -3.88 -76.14 -0.32
N VAL L 437 -4.08 -77.40 -0.72
CA VAL L 437 -4.68 -77.67 -2.02
C VAL L 437 -6.20 -77.52 -1.95
N GLY L 438 -6.84 -78.32 -1.11
CA GLY L 438 -8.28 -78.27 -0.97
C GLY L 438 -9.01 -79.06 -2.05
N GLY L 439 -10.31 -79.24 -1.83
CA GLY L 439 -11.15 -79.92 -2.80
C GLY L 439 -11.76 -78.97 -3.80
N VAL L 440 -12.62 -79.49 -4.70
CA VAL L 440 -13.21 -78.62 -5.70
C VAL L 440 -14.45 -77.95 -5.14
N ASP L 441 -14.67 -76.70 -5.54
CA ASP L 441 -15.86 -75.98 -5.11
C ASP L 441 -17.06 -76.46 -5.91
N LYS L 442 -18.13 -76.79 -5.20
CA LYS L 442 -19.29 -77.44 -5.81
C LYS L 442 -20.43 -76.43 -5.97
N ARG L 443 -20.94 -76.32 -7.20
CA ARG L 443 -22.08 -75.46 -7.52
C ARG L 443 -23.19 -76.32 -8.08
N VAL L 444 -24.37 -76.21 -7.48
CA VAL L 444 -25.54 -76.88 -7.98
C VAL L 444 -26.34 -75.89 -8.81
N GLY L 445 -27.09 -76.40 -9.80
CA GLY L 445 -27.87 -75.53 -10.66
C GLY L 445 -28.98 -74.81 -9.93
N ASP L 446 -29.37 -75.32 -8.75
CA ASP L 446 -30.31 -74.63 -7.87
C ASP L 446 -29.70 -73.41 -7.19
N GLY L 447 -28.38 -73.22 -7.29
CA GLY L 447 -27.71 -72.15 -6.61
C GLY L 447 -27.06 -72.54 -5.30
N MET L 448 -27.37 -73.74 -4.79
CA MET L 448 -26.78 -74.19 -3.54
C MET L 448 -25.32 -74.56 -3.73
N LYS L 449 -24.50 -74.22 -2.73
CA LYS L 449 -23.05 -74.33 -2.84
C LYS L 449 -22.53 -75.24 -1.75
N ILE L 450 -21.60 -76.13 -2.13
CA ILE L 450 -20.84 -76.94 -1.20
C ILE L 450 -19.38 -76.53 -1.33
N ARG L 451 -18.77 -76.17 -0.21
CA ARG L 451 -17.42 -75.61 -0.23
C ARG L 451 -16.39 -76.68 -0.59
N GLY L 452 -15.36 -76.25 -1.30
CA GLY L 452 -14.21 -77.10 -1.56
C GLY L 452 -13.06 -76.92 -0.60
N ASP L 453 -13.14 -75.94 0.29
CA ASP L 453 -12.06 -75.68 1.22
C ASP L 453 -12.12 -76.64 2.40
N ILE L 454 -10.95 -77.05 2.86
CA ILE L 454 -10.79 -77.99 3.97
C ILE L 454 -10.44 -77.18 5.21
N ASN L 455 -10.99 -77.57 6.35
CA ASN L 455 -10.68 -76.94 7.64
C ASN L 455 -9.97 -77.96 8.52
N VAL L 456 -8.87 -77.55 9.14
CA VAL L 456 -8.03 -78.47 9.91
C VAL L 456 -7.82 -77.88 11.31
N CYS L 457 -8.07 -78.69 12.33
CA CYS L 457 -7.75 -78.36 13.71
C CYS L 457 -6.58 -79.23 14.17
N LEU L 458 -5.64 -78.62 14.88
CA LEU L 458 -4.48 -79.27 15.46
C LEU L 458 -4.56 -79.01 16.96
N MET L 459 -5.04 -79.98 17.72
CA MET L 459 -5.17 -79.81 19.16
C MET L 459 -4.23 -80.80 19.85
N GLY L 460 -3.46 -80.31 20.81
CA GLY L 460 -2.51 -81.18 21.47
C GLY L 460 -1.85 -80.55 22.66
N ASP L 461 -0.95 -81.34 23.25
CA ASP L 461 -0.19 -80.91 24.42
C ASP L 461 0.77 -79.78 24.04
N PRO L 462 1.13 -78.92 24.98
CA PRO L 462 2.08 -77.84 24.67
C PRO L 462 3.45 -78.39 24.29
N GLY L 463 4.12 -77.71 23.37
CA GLY L 463 5.43 -78.14 22.92
C GLY L 463 5.44 -79.16 21.81
N VAL L 464 4.40 -79.20 20.98
CA VAL L 464 4.36 -80.14 19.86
C VAL L 464 4.65 -79.38 18.57
N ALA L 465 5.06 -78.11 18.71
CA ALA L 465 5.43 -77.22 17.60
C ALA L 465 4.31 -77.04 16.59
N LYS L 466 3.07 -76.96 17.06
CA LYS L 466 1.97 -76.75 16.12
C LYS L 466 1.82 -75.28 15.75
N SER L 467 2.26 -74.37 16.64
CA SER L 467 2.36 -72.96 16.26
C SER L 467 3.41 -72.78 15.16
N GLN L 468 4.51 -73.55 15.24
CA GLN L 468 5.49 -73.56 14.17
C GLN L 468 4.89 -74.05 12.87
N LEU L 469 4.02 -75.06 12.94
CA LEU L 469 3.39 -75.59 11.74
C LEU L 469 2.41 -74.58 11.14
N LEU L 470 1.63 -73.89 11.97
CA LEU L 470 0.76 -72.83 11.48
C LEU L 470 1.55 -71.73 10.81
N LYS L 471 2.65 -71.29 11.43
CA LYS L 471 3.46 -70.25 10.80
C LYS L 471 4.10 -70.74 9.50
N ALA L 472 4.48 -72.02 9.44
CA ALA L 472 5.07 -72.57 8.21
C ALA L 472 4.05 -72.59 7.07
N ILE L 473 2.88 -73.18 7.30
CA ILE L 473 1.79 -73.15 6.33
C ILE L 473 1.45 -71.73 5.92
N CYS L 474 1.51 -70.82 6.88
CA CYS L 474 0.81 -69.58 6.70
C CYS L 474 1.75 -68.52 6.15
N LYS L 475 3.06 -68.85 6.12
CA LYS L 475 3.99 -68.19 5.20
C LYS L 475 3.99 -68.84 3.84
N ILE L 476 3.76 -70.16 3.77
CA ILE L 476 3.73 -70.85 2.48
C ILE L 476 2.57 -70.35 1.61
N SER L 477 1.38 -70.24 2.18
CA SER L 477 0.22 -69.86 1.40
C SER L 477 0.30 -68.38 1.02
N PRO L 478 -0.07 -68.02 -0.22
CA PRO L 478 0.07 -66.61 -0.64
C PRO L 478 -0.85 -65.64 0.07
N ARG L 479 -1.97 -66.11 0.62
CA ARG L 479 -2.95 -65.25 1.30
C ARG L 479 -3.22 -65.81 2.70
N GLY L 480 -2.14 -66.08 3.43
CA GLY L 480 -2.23 -66.59 4.79
C GLY L 480 -2.18 -65.47 5.80
N VAL L 481 -3.12 -65.49 6.74
CA VAL L 481 -3.25 -64.48 7.77
C VAL L 481 -3.18 -65.17 9.13
N TYR L 482 -2.19 -64.81 9.93
CA TYR L 482 -1.97 -65.42 11.23
C TYR L 482 -2.63 -64.59 12.31
N THR L 483 -3.43 -65.24 13.16
CA THR L 483 -4.21 -64.55 14.18
C THR L 483 -3.96 -65.23 15.54
N THR L 484 -4.33 -64.51 16.59
CA THR L 484 -4.23 -64.98 17.96
C THR L 484 -5.64 -65.01 18.53
N GLY L 485 -5.85 -65.85 19.56
CA GLY L 485 -7.19 -66.06 20.08
C GLY L 485 -7.84 -64.80 20.62
N LYS L 486 -7.12 -64.03 21.42
CA LYS L 486 -7.64 -62.77 21.94
C LYS L 486 -6.98 -61.54 21.32
N GLY L 487 -5.85 -61.72 20.61
CA GLY L 487 -5.25 -60.60 19.92
C GLY L 487 -6.09 -60.11 18.75
N SER L 488 -6.88 -61.01 18.16
CA SER L 488 -7.78 -60.67 17.07
C SER L 488 -9.21 -60.61 17.61
N SER L 489 -9.77 -59.40 17.65
CA SER L 489 -11.12 -59.21 18.18
C SER L 489 -12.16 -59.53 17.10
N GLY L 490 -13.43 -59.29 17.45
CA GLY L 490 -14.50 -59.52 16.50
C GLY L 490 -14.47 -58.57 15.33
N VAL L 491 -14.24 -57.27 15.60
CA VAL L 491 -14.19 -56.29 14.52
C VAL L 491 -12.90 -56.45 13.72
N GLY L 492 -11.87 -57.04 14.35
CA GLY L 492 -10.66 -57.35 13.61
C GLY L 492 -10.78 -58.63 12.79
N LEU L 493 -11.90 -59.33 12.95
CA LEU L 493 -12.15 -60.52 12.13
C LEU L 493 -13.07 -60.21 10.97
N THR L 494 -14.17 -59.49 11.21
CA THR L 494 -15.20 -59.40 10.18
C THR L 494 -15.08 -58.17 9.29
N ALA L 495 -15.31 -56.98 9.84
CA ALA L 495 -15.44 -55.76 9.04
C ALA L 495 -15.66 -54.56 9.94
N ALA L 496 -15.42 -53.38 9.37
CA ALA L 496 -15.70 -52.11 10.03
C ALA L 496 -15.96 -51.03 8.98
N VAL L 497 -16.90 -50.15 9.27
CA VAL L 497 -17.29 -49.09 8.33
C VAL L 497 -16.41 -47.87 8.63
N MET L 498 -15.54 -47.51 7.69
CA MET L 498 -14.63 -46.39 7.88
C MET L 498 -14.59 -45.50 6.65
N LYS L 499 -14.25 -44.23 6.87
CA LYS L 499 -14.17 -43.28 5.77
C LYS L 499 -12.83 -43.36 5.07
N ASP L 500 -12.86 -43.40 3.75
CA ASP L 500 -11.67 -43.29 2.91
C ASP L 500 -11.58 -41.87 2.39
N PRO L 501 -10.56 -41.11 2.80
CA PRO L 501 -10.56 -39.68 2.49
C PRO L 501 -10.07 -39.35 1.09
N VAL L 502 -9.23 -40.20 0.49
CA VAL L 502 -8.72 -39.90 -0.85
C VAL L 502 -9.82 -40.01 -1.89
N THR L 503 -10.69 -41.03 -1.78
CA THR L 503 -11.87 -41.12 -2.61
C THR L 503 -13.10 -40.52 -1.96
N ASP L 504 -12.99 -40.13 -0.68
CA ASP L 504 -14.00 -39.35 0.04
C ASP L 504 -15.33 -40.10 0.15
N GLU L 505 -15.30 -41.31 0.69
CA GLU L 505 -16.52 -42.08 0.87
C GLU L 505 -16.34 -43.11 1.97
N MET L 506 -17.43 -43.44 2.65
CA MET L 506 -17.41 -44.47 3.68
C MET L 506 -17.50 -45.84 3.05
N ILE L 507 -16.53 -46.69 3.34
CA ILE L 507 -16.42 -48.02 2.77
C ILE L 507 -16.25 -49.04 3.89
N LEU L 508 -16.56 -50.29 3.56
CA LEU L 508 -16.35 -51.39 4.49
C LEU L 508 -14.92 -51.91 4.37
N GLU L 509 -14.22 -51.95 5.49
CA GLU L 509 -12.84 -52.39 5.56
C GLU L 509 -12.81 -53.72 6.28
N GLY L 510 -12.23 -54.73 5.63
CA GLY L 510 -12.29 -56.09 6.12
C GLY L 510 -11.35 -56.40 7.27
N GLY L 511 -11.70 -57.43 8.04
CA GLY L 511 -10.85 -57.91 9.11
C GLY L 511 -9.90 -58.99 8.64
N ALA L 512 -9.54 -59.87 9.58
CA ALA L 512 -8.57 -60.92 9.27
C ALA L 512 -9.14 -61.96 8.31
N LEU L 513 -10.43 -62.29 8.45
CA LEU L 513 -11.04 -63.27 7.58
C LEU L 513 -11.18 -62.76 6.15
N VAL L 514 -11.45 -61.47 5.99
CA VAL L 514 -11.51 -60.88 4.65
C VAL L 514 -10.11 -60.83 4.04
N LEU L 515 -9.09 -60.57 4.85
CA LEU L 515 -7.72 -60.56 4.36
C LEU L 515 -7.27 -61.93 3.88
N ALA L 516 -7.85 -63.00 4.45
CA ALA L 516 -7.52 -64.36 4.04
C ALA L 516 -8.52 -64.94 3.07
N ASP L 517 -9.26 -64.10 2.34
CA ASP L 517 -10.25 -64.57 1.39
C ASP L 517 -9.58 -65.35 0.26
N ASN L 518 -10.09 -66.56 0.01
CA ASN L 518 -9.44 -67.54 -0.86
C ASN L 518 -7.99 -67.78 -0.42
N GLY L 519 -7.79 -67.86 0.89
CA GLY L 519 -6.51 -68.16 1.48
C GLY L 519 -6.76 -68.97 2.74
N ILE L 520 -5.79 -68.93 3.65
CA ILE L 520 -5.85 -69.69 4.89
C ILE L 520 -5.80 -68.74 6.07
N CYS L 521 -6.77 -68.86 6.97
CA CYS L 521 -6.81 -68.10 8.21
C CYS L 521 -6.21 -68.96 9.31
N CYS L 522 -5.24 -68.40 10.03
CA CYS L 522 -4.29 -69.17 10.82
C CYS L 522 -4.55 -68.86 12.29
N ILE L 523 -5.47 -69.58 12.93
CA ILE L 523 -5.98 -69.20 14.24
C ILE L 523 -5.23 -70.00 15.31
N ASP L 524 -4.25 -69.35 15.94
CA ASP L 524 -3.57 -69.93 17.09
C ASP L 524 -4.36 -69.63 18.37
N GLU L 525 -4.20 -70.51 19.36
CA GLU L 525 -4.93 -70.46 20.63
C GLU L 525 -6.44 -70.45 20.38
N PHE L 526 -6.92 -71.54 19.78
CA PHE L 526 -8.29 -71.60 19.30
C PHE L 526 -9.30 -71.63 20.45
N ASP L 527 -8.95 -72.28 21.56
CA ASP L 527 -9.88 -72.42 22.66
C ASP L 527 -9.96 -71.15 23.50
N LYS L 528 -9.05 -70.20 23.27
CA LYS L 528 -9.04 -68.98 24.08
C LYS L 528 -9.98 -67.91 23.50
N MET L 529 -10.61 -68.19 22.36
CA MET L 529 -11.43 -67.18 21.71
C MET L 529 -12.76 -66.99 22.42
N ASP L 530 -13.30 -65.78 22.33
CA ASP L 530 -14.62 -65.51 22.88
C ASP L 530 -15.71 -66.03 21.95
N GLU L 531 -16.96 -65.91 22.40
CA GLU L 531 -18.06 -66.58 21.72
C GLU L 531 -18.46 -65.84 20.43
N SER L 532 -18.24 -64.52 20.39
CA SER L 532 -18.60 -63.76 19.19
C SER L 532 -17.73 -64.15 18.00
N ASP L 533 -16.42 -64.28 18.22
CA ASP L 533 -15.53 -64.74 17.16
C ASP L 533 -15.85 -66.19 16.78
N ARG L 534 -16.30 -66.99 17.75
CA ARG L 534 -16.70 -68.35 17.46
C ARG L 534 -17.94 -68.40 16.57
N THR L 535 -18.88 -67.48 16.80
CA THR L 535 -20.04 -67.39 15.90
C THR L 535 -19.63 -66.93 14.51
N ALA L 536 -18.68 -65.98 14.45
CA ALA L 536 -18.19 -65.51 13.16
C ALA L 536 -17.55 -66.63 12.35
N ILE L 537 -16.64 -67.38 12.96
CA ILE L 537 -16.00 -68.50 12.25
C ILE L 537 -16.99 -69.62 12.03
N HIS L 538 -18.03 -69.71 12.87
CA HIS L 538 -19.07 -70.71 12.71
C HIS L 538 -19.83 -70.47 11.41
N GLU L 539 -20.11 -69.21 11.10
CA GLU L 539 -20.72 -68.89 9.81
C GLU L 539 -19.70 -69.02 8.67
N VAL L 540 -18.42 -68.71 8.95
CA VAL L 540 -17.40 -68.74 7.90
C VAL L 540 -17.13 -70.17 7.42
N MET L 541 -17.11 -71.12 8.35
CA MET L 541 -16.53 -72.43 8.09
C MET L 541 -17.36 -73.24 7.10
N GLU L 542 -18.66 -72.98 7.02
CA GLU L 542 -19.53 -73.72 6.12
C GLU L 542 -20.13 -72.86 5.01
N GLN L 543 -20.78 -71.75 5.36
CA GLN L 543 -21.42 -70.89 4.37
C GLN L 543 -20.42 -69.99 3.64
N GLN L 544 -19.22 -69.83 4.19
CA GLN L 544 -18.17 -68.99 3.61
C GLN L 544 -18.61 -67.54 3.43
N THR L 545 -19.50 -67.08 4.32
CA THR L 545 -19.96 -65.70 4.32
C THR L 545 -20.01 -65.21 5.76
N ILE L 546 -19.92 -63.89 5.91
CA ILE L 546 -20.14 -63.22 7.18
C ILE L 546 -21.33 -62.28 7.00
N SER L 547 -22.37 -62.49 7.79
CA SER L 547 -23.57 -61.66 7.76
C SER L 547 -23.55 -60.71 8.95
N ILE L 548 -23.45 -59.42 8.66
CA ILE L 548 -23.38 -58.38 9.67
C ILE L 548 -24.61 -57.50 9.54
N SER L 549 -25.38 -57.38 10.62
CA SER L 549 -26.54 -56.49 10.66
C SER L 549 -26.45 -55.63 11.92
N LYS L 550 -25.66 -54.56 11.84
CA LYS L 550 -25.47 -53.66 12.96
C LYS L 550 -26.01 -52.27 12.58
N ALA L 551 -25.80 -51.32 13.49
CA ALA L 551 -26.18 -49.94 13.22
C ALA L 551 -25.38 -49.38 12.04
N GLY L 552 -24.11 -49.76 11.95
CA GLY L 552 -23.31 -49.28 10.84
C GLY L 552 -23.71 -49.83 9.48
N ILE L 553 -24.03 -51.13 9.42
CA ILE L 553 -24.01 -51.84 8.15
C ILE L 553 -25.04 -52.97 8.17
N ASN L 554 -25.61 -53.27 6.99
CA ASN L 554 -26.48 -54.44 6.77
C ASN L 554 -25.98 -55.17 5.52
N THR L 555 -24.98 -56.06 5.69
CA THR L 555 -24.39 -56.75 4.55
C THR L 555 -24.18 -58.22 4.85
N THR L 556 -23.95 -58.96 3.76
CA THR L 556 -23.23 -60.22 3.79
C THR L 556 -21.97 -60.04 2.94
N LEU L 557 -20.87 -60.60 3.41
CA LEU L 557 -19.59 -60.47 2.74
C LEU L 557 -18.93 -61.83 2.57
N ASN L 558 -18.19 -61.97 1.48
CA ASN L 558 -17.57 -63.25 1.16
C ASN L 558 -16.32 -63.46 2.01
N ALA L 559 -16.30 -64.55 2.76
CA ALA L 559 -15.14 -64.98 3.55
C ALA L 559 -14.92 -66.44 3.21
N ARG L 560 -14.17 -66.68 2.14
CA ARG L 560 -13.95 -68.02 1.60
C ARG L 560 -12.69 -68.66 2.15
N THR L 561 -12.39 -68.43 3.44
CA THR L 561 -11.14 -68.88 4.02
C THR L 561 -11.18 -70.38 4.30
N SER L 562 -10.06 -71.03 4.05
CA SER L 562 -9.78 -72.31 4.68
C SER L 562 -9.11 -72.04 6.02
N ILE L 563 -9.60 -72.70 7.07
CA ILE L 563 -9.24 -72.35 8.45
C ILE L 563 -8.33 -73.43 9.02
N LEU L 564 -7.18 -73.00 9.53
CA LEU L 564 -6.26 -73.88 10.26
C LEU L 564 -6.16 -73.38 11.69
N ALA L 565 -6.67 -74.18 12.63
CA ALA L 565 -6.76 -73.78 14.03
C ALA L 565 -5.80 -74.62 14.85
N ALA L 566 -5.26 -74.03 15.92
CA ALA L 566 -4.40 -74.72 16.86
C ALA L 566 -4.95 -74.54 18.26
N ALA L 567 -5.04 -75.64 19.02
CA ALA L 567 -5.71 -75.59 20.31
C ALA L 567 -5.08 -76.57 21.30
N ASN L 568 -5.33 -76.31 22.57
CA ASN L 568 -4.96 -77.09 23.73
C ASN L 568 -6.18 -77.77 24.32
N PRO L 569 -6.02 -78.87 25.04
CA PRO L 569 -7.15 -79.46 25.76
C PRO L 569 -7.62 -78.56 26.89
N LEU L 570 -8.73 -78.97 27.52
CA LEU L 570 -9.37 -78.14 28.54
C LEU L 570 -8.48 -77.97 29.76
N TYR L 571 -7.81 -79.05 30.18
CA TYR L 571 -6.89 -78.96 31.31
C TYR L 571 -5.53 -78.44 30.91
N GLY L 572 -5.30 -78.19 29.62
CA GLY L 572 -4.00 -77.83 29.11
C GLY L 572 -3.10 -79.01 28.79
N ARG L 573 -3.17 -80.07 29.58
CA ARG L 573 -2.47 -81.31 29.33
C ARG L 573 -3.51 -82.40 29.14
N TYR L 574 -3.35 -83.20 28.09
CA TYR L 574 -4.30 -84.28 27.82
C TYR L 574 -4.17 -85.35 28.88
N ASN L 575 -5.31 -85.85 29.36
CA ASN L 575 -5.34 -86.93 30.33
C ASN L 575 -6.23 -88.06 29.82
N PRO L 576 -5.74 -89.31 29.86
CA PRO L 576 -6.57 -90.43 29.36
C PRO L 576 -7.76 -90.77 30.24
N ARG L 577 -7.83 -90.22 31.46
CA ARG L 577 -8.95 -90.51 32.35
C ARG L 577 -10.25 -89.98 31.78
N LEU L 578 -10.24 -88.76 31.23
CA LEU L 578 -11.44 -88.16 30.69
C LEU L 578 -11.71 -88.68 29.27
N SER L 579 -12.95 -88.50 28.84
CA SER L 579 -13.31 -88.80 27.47
C SER L 579 -12.66 -87.77 26.54
N PRO L 580 -12.30 -88.17 25.30
CA PRO L 580 -11.81 -87.16 24.35
C PRO L 580 -12.84 -86.11 23.97
N LEU L 581 -14.13 -86.36 24.21
CA LEU L 581 -15.09 -85.26 24.13
C LEU L 581 -14.98 -84.35 25.36
N ASP L 582 -14.65 -84.93 26.52
CA ASP L 582 -14.70 -84.16 27.76
C ASP L 582 -13.57 -83.15 27.84
N ASN L 583 -12.34 -83.57 27.51
CA ASN L 583 -11.20 -82.66 27.64
C ASN L 583 -11.00 -81.79 26.41
N ILE L 584 -11.76 -82.01 25.35
CA ILE L 584 -11.79 -81.12 24.20
C ILE L 584 -13.01 -80.21 24.38
N ASN L 585 -12.76 -78.93 24.63
CA ASN L 585 -13.84 -77.99 24.94
C ASN L 585 -14.36 -77.36 23.63
N LEU L 586 -14.96 -78.22 22.80
CA LEU L 586 -15.54 -77.78 21.55
C LEU L 586 -16.97 -78.30 21.43
N PRO L 587 -17.92 -77.46 21.02
CA PRO L 587 -19.28 -77.96 20.76
C PRO L 587 -19.31 -78.88 19.55
N ALA L 588 -20.39 -79.66 19.45
CA ALA L 588 -20.51 -80.65 18.39
C ALA L 588 -20.64 -79.98 17.01
N ALA L 589 -21.33 -78.85 16.94
CA ALA L 589 -21.47 -78.16 15.66
C ALA L 589 -20.14 -77.60 15.18
N LEU L 590 -19.36 -77.01 16.09
CA LEU L 590 -18.03 -76.52 15.71
C LEU L 590 -17.08 -77.67 15.42
N LEU L 591 -17.24 -78.78 16.14
CA LEU L 591 -16.40 -79.96 15.89
C LEU L 591 -16.68 -80.55 14.52
N SER L 592 -17.95 -80.53 14.09
CA SER L 592 -18.31 -81.13 12.81
C SER L 592 -17.82 -80.29 11.64
N ARG L 593 -17.60 -78.98 11.85
CA ARG L 593 -17.09 -78.15 10.77
C ARG L 593 -15.68 -78.58 10.35
N PHE L 594 -14.85 -78.96 11.31
CA PHE L 594 -13.47 -79.33 11.00
C PHE L 594 -13.45 -80.67 10.26
N ASP L 595 -12.87 -80.65 9.05
CA ASP L 595 -12.76 -81.88 8.28
C ASP L 595 -11.78 -82.85 8.91
N ILE L 596 -10.67 -82.33 9.46
CA ILE L 596 -9.66 -83.16 10.13
C ILE L 596 -9.35 -82.48 11.45
N LEU L 597 -9.39 -83.24 12.53
CA LEU L 597 -8.85 -82.78 13.82
C LEU L 597 -7.75 -83.77 14.21
N PHE L 598 -6.53 -83.25 14.34
CA PHE L 598 -5.40 -84.04 14.81
C PHE L 598 -5.22 -83.84 16.30
N LEU L 599 -5.43 -84.91 17.06
CA LEU L 599 -4.87 -84.99 18.40
C LEU L 599 -3.37 -85.21 18.28
N MET L 600 -2.60 -84.35 18.93
CA MET L 600 -1.15 -84.42 18.87
C MET L 600 -0.63 -84.60 20.29
N LEU L 601 -0.40 -85.84 20.68
CA LEU L 601 -0.04 -86.20 22.06
C LEU L 601 1.46 -86.13 22.25
N ASP L 602 1.87 -85.57 23.39
CA ASP L 602 3.28 -85.53 23.79
C ASP L 602 3.46 -86.65 24.81
N ILE L 603 3.77 -87.85 24.31
CA ILE L 603 3.93 -89.05 25.13
C ILE L 603 5.42 -89.32 25.26
N PRO L 604 5.99 -89.30 26.47
CA PRO L 604 7.43 -89.51 26.61
C PRO L 604 7.79 -90.98 26.37
N SER L 605 8.83 -91.19 25.56
CA SER L 605 9.38 -92.50 25.29
C SER L 605 10.88 -92.36 25.07
N ARG L 606 11.63 -93.44 25.34
CA ARG L 606 13.08 -93.34 25.26
C ARG L 606 13.56 -93.22 23.82
N ASP L 607 13.03 -94.04 22.91
CA ASP L 607 13.54 -94.06 21.55
C ASP L 607 13.10 -92.86 20.73
N ASP L 608 11.84 -92.44 20.87
CA ASP L 608 11.31 -91.39 20.00
C ASP L 608 11.85 -90.02 20.38
N ASP L 609 12.15 -89.81 21.66
CA ASP L 609 12.75 -88.54 22.08
C ASP L 609 14.18 -88.38 21.59
N GLU L 610 14.92 -89.48 21.41
CA GLU L 610 16.29 -89.39 20.92
C GLU L 610 16.35 -88.80 19.52
N LYS L 611 15.49 -89.26 18.62
CA LYS L 611 15.50 -88.78 17.24
C LYS L 611 15.10 -87.31 17.18
N LEU L 612 14.14 -86.92 18.00
CA LEU L 612 13.77 -85.51 18.12
C LEU L 612 14.93 -84.66 18.63
N ALA L 613 15.66 -85.17 19.62
CA ALA L 613 16.79 -84.44 20.17
C ALA L 613 17.91 -84.26 19.16
N GLU L 614 18.25 -85.31 18.42
CA GLU L 614 19.25 -85.19 17.36
C GLU L 614 18.79 -84.24 16.26
N HIS L 615 17.51 -84.31 15.87
CA HIS L 615 16.97 -83.43 14.84
C HIS L 615 17.10 -81.97 15.26
N VAL L 616 16.68 -81.65 16.49
CA VAL L 616 16.70 -80.28 16.96
C VAL L 616 18.13 -79.77 17.13
N THR L 617 19.03 -80.61 17.66
CA THR L 617 20.41 -80.18 17.84
C THR L 617 21.10 -79.95 16.50
N TYR L 618 20.81 -80.80 15.49
CA TYR L 618 21.40 -80.60 14.18
C TYR L 618 20.89 -79.30 13.57
N VAL L 619 19.59 -79.03 13.74
CA VAL L 619 19.00 -77.79 13.24
C VAL L 619 19.62 -76.58 13.92
N HIS L 620 19.90 -76.68 15.21
CA HIS L 620 20.54 -75.56 15.90
C HIS L 620 22.00 -75.38 15.49
N MET L 621 22.68 -76.47 15.11
CA MET L 621 24.13 -76.34 14.90
C MET L 621 24.48 -76.04 13.45
N HIS L 622 23.85 -76.71 12.48
CA HIS L 622 24.07 -76.37 11.08
C HIS L 622 23.04 -75.43 10.48
N ASN L 623 22.05 -74.97 11.25
CA ASN L 623 21.04 -74.00 10.80
C ASN L 623 20.23 -74.55 9.61
N LYS L 624 20.09 -75.87 9.53
CA LYS L 624 19.38 -76.51 8.42
C LYS L 624 18.93 -77.90 8.84
N GLN L 625 18.42 -78.64 7.87
CA GLN L 625 17.69 -79.87 8.16
C GLN L 625 18.63 -81.07 8.23
N PRO L 626 18.32 -82.07 9.07
CA PRO L 626 19.26 -83.20 9.23
C PRO L 626 19.41 -84.11 8.00
N ASP L 627 18.32 -84.67 7.50
CA ASP L 627 18.43 -85.79 6.56
C ASP L 627 18.87 -85.29 5.19
N LEU L 628 20.01 -85.80 4.71
CA LEU L 628 20.59 -85.39 3.44
C LEU L 628 20.23 -86.35 2.30
N ASP L 629 19.30 -87.27 2.54
CA ASP L 629 18.81 -88.18 1.50
C ASP L 629 17.62 -87.60 0.74
N PHE L 630 17.14 -86.42 1.10
CA PHE L 630 16.07 -85.78 0.34
C PHE L 630 16.26 -84.27 0.41
N THR L 631 15.95 -83.59 -0.70
CA THR L 631 16.03 -82.15 -0.75
C THR L 631 14.64 -81.53 -0.60
N PRO L 632 14.44 -80.68 0.40
CA PRO L 632 13.16 -79.97 0.54
C PRO L 632 12.83 -79.16 -0.71
N VAL L 633 11.54 -79.16 -1.07
CA VAL L 633 11.07 -78.27 -2.11
C VAL L 633 10.96 -76.86 -1.53
N GLU L 634 11.68 -75.92 -2.12
CA GLU L 634 11.61 -74.55 -1.66
C GLU L 634 10.25 -73.94 -2.00
N PRO L 635 9.74 -73.03 -1.15
CA PRO L 635 8.31 -72.69 -1.18
C PRO L 635 7.80 -72.07 -2.47
N SER L 636 8.67 -71.48 -3.30
CA SER L 636 8.22 -70.97 -4.59
C SER L 636 7.80 -72.11 -5.52
N LYS L 637 8.60 -73.20 -5.56
CA LYS L 637 8.25 -74.32 -6.41
C LYS L 637 7.03 -75.05 -5.87
N MET L 638 6.92 -75.18 -4.55
CA MET L 638 5.73 -75.74 -3.92
C MET L 638 4.50 -74.90 -4.24
N ARG L 639 4.65 -73.58 -4.21
CA ARG L 639 3.54 -72.68 -4.52
C ARG L 639 3.07 -72.86 -5.95
N GLU L 640 4.00 -72.96 -6.91
CA GLU L 640 3.53 -73.09 -8.29
C GLU L 640 2.99 -74.50 -8.56
N TYR L 641 3.51 -75.52 -7.87
CA TYR L 641 2.93 -76.86 -8.04
C TYR L 641 1.52 -76.92 -7.46
N ILE L 642 1.30 -76.30 -6.31
CA ILE L 642 -0.04 -76.24 -5.74
C ILE L 642 -0.96 -75.40 -6.62
N ALA L 643 -0.41 -74.35 -7.24
CA ALA L 643 -1.18 -73.53 -8.16
C ALA L 643 -1.62 -74.34 -9.38
N TYR L 644 -0.75 -75.19 -9.90
CA TYR L 644 -1.14 -76.06 -11.01
C TYR L 644 -2.13 -77.13 -10.55
N ALA L 645 -2.00 -77.60 -9.31
CA ALA L 645 -2.91 -78.61 -8.78
C ALA L 645 -4.31 -78.04 -8.57
N LYS L 646 -4.40 -76.75 -8.23
CA LYS L 646 -5.71 -76.15 -7.97
C LYS L 646 -6.49 -75.93 -9.26
N THR L 647 -5.81 -75.95 -10.41
CA THR L 647 -6.50 -75.78 -11.68
C THR L 647 -7.31 -77.01 -12.04
N LYS L 648 -6.87 -78.19 -11.60
CA LYS L 648 -7.57 -79.43 -11.92
C LYS L 648 -8.89 -79.52 -11.15
N ARG L 649 -9.90 -80.09 -11.80
CA ARG L 649 -11.20 -80.34 -11.18
C ARG L 649 -11.56 -81.81 -11.36
N PRO L 650 -11.06 -82.68 -10.49
CA PRO L 650 -11.36 -84.11 -10.62
C PRO L 650 -12.82 -84.42 -10.31
N VAL L 651 -13.33 -85.49 -10.93
CA VAL L 651 -14.70 -85.94 -10.73
C VAL L 651 -14.67 -87.41 -10.34
N MET L 652 -15.68 -87.85 -9.59
CA MET L 652 -15.73 -89.22 -9.13
C MET L 652 -16.60 -90.09 -10.02
N SER L 653 -16.20 -91.36 -10.15
CA SER L 653 -16.92 -92.36 -10.92
C SER L 653 -17.84 -93.18 -10.01
N GLU L 654 -18.41 -94.25 -10.59
CA GLU L 654 -19.38 -95.05 -9.86
C GLU L 654 -18.71 -95.91 -8.78
N ALA L 655 -17.54 -96.48 -9.10
CA ALA L 655 -16.89 -97.39 -8.16
C ALA L 655 -16.39 -96.67 -6.92
N VAL L 656 -15.74 -95.52 -7.11
CA VAL L 656 -15.25 -94.75 -5.96
C VAL L 656 -16.43 -94.22 -5.14
N ASN L 657 -17.55 -93.89 -5.80
CA ASN L 657 -18.73 -93.46 -5.07
C ASN L 657 -19.30 -94.59 -4.22
N ASP L 658 -19.34 -95.81 -4.77
CA ASP L 658 -19.81 -96.95 -4.00
C ASP L 658 -18.92 -97.24 -2.81
N TYR L 659 -17.59 -97.16 -3.02
CA TYR L 659 -16.65 -97.38 -1.92
C TYR L 659 -16.79 -96.31 -0.85
N VAL L 660 -16.99 -95.06 -1.27
CA VAL L 660 -17.19 -93.95 -0.33
C VAL L 660 -18.47 -94.13 0.47
N VAL L 661 -19.55 -94.56 -0.19
CA VAL L 661 -20.83 -94.79 0.48
C VAL L 661 -20.69 -95.89 1.53
N GLN L 662 -20.03 -96.99 1.15
CA GLN L 662 -19.83 -98.10 2.10
C GLN L 662 -18.98 -97.66 3.28
N ALA L 663 -17.93 -96.87 3.02
CA ALA L 663 -17.09 -96.36 4.10
C ALA L 663 -17.87 -95.46 5.05
N TYR L 664 -18.75 -94.62 4.49
CA TYR L 664 -19.56 -93.73 5.32
C TYR L 664 -20.53 -94.52 6.19
N ILE L 665 -21.14 -95.57 5.62
CA ILE L 665 -22.04 -96.43 6.38
C ILE L 665 -21.30 -97.10 7.54
N ARG L 666 -20.11 -97.63 7.25
CA ARG L 666 -19.30 -98.26 8.30
C ARG L 666 -18.90 -97.26 9.37
N LEU L 667 -18.56 -96.03 8.97
CA LEU L 667 -18.20 -95.01 9.94
C LEU L 667 -19.37 -94.64 10.84
N ARG L 668 -20.57 -94.52 10.27
CA ARG L 668 -21.75 -94.19 11.06
C ARG L 668 -22.07 -95.29 12.06
N GLN L 669 -22.03 -96.55 11.62
CA GLN L 669 -22.31 -97.66 12.54
C GLN L 669 -21.24 -97.76 13.64
N ASP L 670 -19.98 -97.55 13.27
CA ASP L 670 -18.90 -97.62 14.25
C ASP L 670 -19.05 -96.50 15.28
N SER L 671 -19.44 -95.30 14.84
CA SER L 671 -19.65 -94.20 15.77
C SER L 671 -20.83 -94.47 16.71
N LYS L 672 -21.90 -95.07 16.18
CA LYS L 672 -23.03 -95.47 17.03
C LYS L 672 -22.58 -96.49 18.06
N ARG L 673 -21.70 -97.42 17.68
CA ARG L 673 -21.17 -98.36 18.67
C ARG L 673 -20.32 -97.65 19.71
N GLU L 674 -19.47 -96.71 19.30
CA GLU L 674 -18.57 -96.04 20.21
C GLU L 674 -19.25 -94.99 21.08
N MET L 675 -20.51 -94.65 20.81
CA MET L 675 -21.17 -93.54 21.50
C MET L 675 -21.21 -93.73 23.02
N ASP L 676 -21.54 -94.94 23.48
CA ASP L 676 -21.62 -95.17 24.92
C ASP L 676 -20.24 -95.29 25.55
N SER L 677 -19.26 -95.76 24.77
CA SER L 677 -17.94 -96.02 25.32
C SER L 677 -17.13 -94.73 25.44
N LYS L 678 -15.97 -94.85 26.08
CA LYS L 678 -15.07 -93.71 26.22
C LYS L 678 -14.24 -93.48 24.95
N PHE L 679 -14.32 -94.41 24.00
CA PHE L 679 -13.52 -94.29 22.78
C PHE L 679 -14.13 -93.29 21.80
N SER L 680 -15.30 -92.75 22.11
CA SER L 680 -16.04 -91.88 21.18
C SER L 680 -15.25 -90.62 20.87
N PHE L 681 -15.23 -90.25 19.59
CA PHE L 681 -14.69 -88.98 19.12
C PHE L 681 -15.75 -88.07 18.56
N GLY L 682 -17.02 -88.35 18.82
CA GLY L 682 -18.14 -87.60 18.30
C GLY L 682 -19.10 -88.54 17.59
N GLN L 683 -19.99 -87.96 16.80
CA GLN L 683 -20.88 -88.73 15.94
C GLN L 683 -20.58 -88.39 14.49
N ALA L 684 -20.48 -89.42 13.66
CA ALA L 684 -20.27 -89.21 12.24
C ALA L 684 -21.49 -88.54 11.62
N THR L 685 -21.23 -87.57 10.77
CA THR L 685 -22.27 -86.75 10.15
C THR L 685 -22.07 -86.81 8.63
N PRO L 686 -23.02 -86.30 7.84
CA PRO L 686 -22.73 -86.13 6.40
C PRO L 686 -21.56 -85.21 6.09
N ARG L 687 -21.19 -84.33 7.03
CA ARG L 687 -19.97 -83.54 6.85
C ARG L 687 -18.72 -84.40 6.88
N THR L 688 -18.74 -85.51 7.63
CA THR L 688 -17.63 -86.45 7.56
C THR L 688 -17.52 -87.04 6.17
N LEU L 689 -18.66 -87.38 5.56
CA LEU L 689 -18.70 -87.87 4.19
C LEU L 689 -18.18 -86.82 3.21
N LEU L 690 -18.60 -85.56 3.39
CA LEU L 690 -18.16 -84.50 2.49
C LEU L 690 -16.69 -84.18 2.67
N GLY L 691 -16.19 -84.31 3.90
CA GLY L 691 -14.77 -84.14 4.14
C GLY L 691 -13.94 -85.24 3.50
N ILE L 692 -14.44 -86.47 3.54
CA ILE L 692 -13.78 -87.58 2.85
C ILE L 692 -13.74 -87.31 1.34
N ILE L 693 -14.86 -86.86 0.78
CA ILE L 693 -14.92 -86.51 -0.64
C ILE L 693 -13.95 -85.39 -0.97
N ARG L 694 -13.91 -84.35 -0.12
CA ARG L 694 -13.03 -83.21 -0.34
C ARG L 694 -11.56 -83.59 -0.27
N LEU L 695 -11.18 -84.42 0.70
CA LEU L 695 -9.81 -84.91 0.79
C LEU L 695 -9.43 -85.78 -0.38
N SER L 696 -10.35 -86.63 -0.85
CA SER L 696 -10.09 -87.44 -2.03
C SER L 696 -9.87 -86.57 -3.26
N GLN L 697 -10.67 -85.51 -3.41
CA GLN L 697 -10.49 -84.62 -4.54
C GLN L 697 -9.18 -83.85 -4.45
N ALA L 698 -8.78 -83.46 -3.24
CA ALA L 698 -7.49 -82.80 -3.06
C ALA L 698 -6.34 -83.74 -3.42
N LEU L 699 -6.42 -84.99 -3.00
CA LEU L 699 -5.38 -85.97 -3.32
C LEU L 699 -5.34 -86.25 -4.82
N ALA L 700 -6.50 -86.23 -5.48
CA ALA L 700 -6.52 -86.36 -6.94
C ALA L 700 -5.93 -85.13 -7.61
N LYS L 701 -6.12 -83.95 -7.00
CA LYS L 701 -5.54 -82.72 -7.52
C LYS L 701 -4.02 -82.75 -7.44
N LEU L 702 -3.46 -83.33 -6.37
CA LEU L 702 -2.01 -83.44 -6.25
C LEU L 702 -1.41 -84.32 -7.34
N ARG L 703 -2.13 -85.34 -7.77
CA ARG L 703 -1.66 -86.19 -8.86
C ARG L 703 -1.96 -85.61 -10.23
N LEU L 704 -2.60 -84.43 -10.28
CA LEU L 704 -2.95 -83.74 -11.52
C LEU L 704 -3.83 -84.61 -12.42
N ALA L 705 -4.75 -85.34 -11.80
CA ALA L 705 -5.64 -86.23 -12.52
C ALA L 705 -7.03 -85.62 -12.57
N ASP L 706 -7.78 -85.97 -13.62
CA ASP L 706 -9.16 -85.50 -13.78
C ASP L 706 -10.17 -86.44 -13.15
N MET L 707 -9.73 -87.50 -12.48
CA MET L 707 -10.62 -88.45 -11.83
C MET L 707 -10.06 -88.82 -10.46
N VAL L 708 -10.94 -89.28 -9.59
CA VAL L 708 -10.57 -89.70 -8.24
C VAL L 708 -10.46 -91.22 -8.24
N ASP L 709 -9.37 -91.74 -7.67
CA ASP L 709 -9.11 -93.17 -7.67
C ASP L 709 -9.52 -93.81 -6.35
N ILE L 710 -9.44 -95.14 -6.30
CA ILE L 710 -9.63 -95.88 -5.06
C ILE L 710 -8.54 -95.52 -4.06
N ASP L 711 -7.30 -95.41 -4.52
CA ASP L 711 -6.18 -95.20 -3.62
C ASP L 711 -6.24 -93.84 -2.95
N ASP L 712 -6.73 -92.82 -3.66
CA ASP L 712 -6.89 -91.50 -3.07
C ASP L 712 -7.93 -91.53 -1.94
N VAL L 713 -9.04 -92.25 -2.16
CA VAL L 713 -10.06 -92.38 -1.13
C VAL L 713 -9.52 -93.15 0.07
N GLU L 714 -8.74 -94.21 -0.18
CA GLU L 714 -8.17 -94.97 0.93
C GLU L 714 -7.17 -94.13 1.71
N GLU L 715 -6.41 -93.27 1.03
CA GLU L 715 -5.49 -92.39 1.71
C GLU L 715 -6.24 -91.35 2.54
N ALA L 716 -7.36 -90.82 2.02
CA ALA L 716 -8.18 -89.91 2.81
C ALA L 716 -8.74 -90.61 4.04
N LEU L 717 -9.22 -91.84 3.89
CA LEU L 717 -9.76 -92.59 5.02
C LEU L 717 -8.69 -92.88 6.05
N ARG L 718 -7.48 -93.24 5.61
CA ARG L 718 -6.42 -93.55 6.57
C ARG L 718 -5.95 -92.29 7.28
N LEU L 719 -5.92 -91.14 6.58
CA LEU L 719 -5.59 -89.88 7.24
C LEU L 719 -6.62 -89.53 8.30
N VAL L 720 -7.91 -89.70 7.98
CA VAL L 720 -8.97 -89.42 8.94
C VAL L 720 -8.85 -90.34 10.16
N ARG L 721 -8.56 -91.63 9.94
CA ARG L 721 -8.55 -92.54 11.09
C ARG L 721 -7.26 -92.39 11.92
N VAL L 722 -6.15 -91.97 11.31
CA VAL L 722 -4.95 -91.77 12.12
C VAL L 722 -4.96 -90.40 12.76
N SER L 723 -5.89 -89.53 12.33
CA SER L 723 -5.99 -88.21 12.93
C SER L 723 -6.37 -88.27 14.41
N LYS L 724 -7.38 -89.08 14.74
CA LYS L 724 -7.91 -89.13 16.10
C LYS L 724 -7.76 -90.48 16.76
N GLU L 725 -8.23 -91.56 16.12
CA GLU L 725 -8.36 -92.84 16.82
C GLU L 725 -7.02 -93.49 17.08
N SER L 726 -6.09 -93.40 16.12
CA SER L 726 -4.86 -94.19 16.18
C SER L 726 -3.94 -93.73 17.30
N LEU L 727 -3.78 -92.41 17.46
CA LEU L 727 -2.86 -91.92 18.48
C LEU L 727 -3.46 -92.06 19.88
N TYR L 728 -4.77 -91.90 20.01
CA TYR L 728 -5.41 -92.08 21.30
C TYR L 728 -5.40 -93.55 21.71
N GLN L 729 -5.47 -94.46 20.74
CA GLN L 729 -5.38 -95.88 21.03
C GLN L 729 -4.00 -96.25 21.60
N GLU L 730 -2.95 -95.67 21.05
CA GLU L 730 -1.59 -95.95 21.50
C GLU L 730 -1.32 -95.35 22.87
#